data_9QCM
#
_entry.id   9QCM
#
_cell.length_a   1.00
_cell.length_b   1.00
_cell.length_c   1.00
_cell.angle_alpha   90.00
_cell.angle_beta   90.00
_cell.angle_gamma   90.00
#
_symmetry.space_group_name_H-M   'P 1'
#
loop_
_entity.id
_entity.type
_entity.pdbx_description
1 polymer 'Botulinum neurotoxin type B'
2 polymer 'Botulinum neurotoxin type B1, nontoxic-nonhemagglutinin component, NTNH'
3 polymer 'Hemagglutinin component HA70'
4 polymer 'Hemagglutinin component HA17'
5 polymer 'Hemagglutinin component HA33'
#
loop_
_entity_poly.entity_id
_entity_poly.type
_entity_poly.pdbx_seq_one_letter_code
_entity_poly.pdbx_strand_id
1 'polypeptide(L)'
;MGPVTINNFNYNDPIDNNNIIMMEPPFARGTGRYYKAFKITDRIWIIPERYTFGYKPEDFNKSSGIFNRDVCEYYDPDYL
NTNDKKNIFLQTMIKLFNRIKSKPLGEKLLEMIINGIPYLGDRRVPLEEFNTNIASVTVNKLISNPGEVERKKGIFANLI
IFGPGPVLNENETIDIGIQNHFASREGFGGIMQMKFCPEYVSVFNNVQENKGASIFNRRGYFSDPALILMHQLIYVLHGL
YGIKVDDLPIVPNEKKFFMQSTDAIQAEELYTFGGQDPSIITPSTDKSIYDKVLQNFRGIVDRLNKVLVCISDPNININI
YKNKFKDKYKFVEDSEGKYSIDVESFDKLYKSLMFGFTETNIAENYKIKTRASYFSDSLPPVKIKNLLDNEIYTIEEGFN
ISDKDMEKEYRGQNKAINKQAYEEISKEHLAVYKIQMCKSVKAPGICIDVDNEDLFFIADKNSFSDDLSKNERIEYNTQS
NYIENDFPINELILDTDLISKIELPSENTESLTDFNVDVPVYEKQPAIKKIFTDENTIFQYLYSQTFPLDIRDISLTSSF
DDALLFSNKVYSFFSMDYIKTANKVVEAGLFAGWVKQIVNDFVIEANKSNTMDKIADISLIVPYIGLALNVGNETAKGNF
ENAFEIAGASILLEFIPELLIPVVGAFLLESYIDNKNKIIKTIDNALTKRNEKWSDMYGLIVAQWLSTVNTQFYTIKEGM
YKALNYQAQALEEIIKYRYNIYSEKEKSNINIDFNDINSKLNEGINQAIDNINNFINGCSVSYLMKKMIPLAVEKLLDFD
NTLKKNLLNYIDENKLYLIGSAEYEKSKVNKYLKTIMPFDLSIYTNDTILIEMFNKYNSEILNNIILNLRYKDNNLIDLS
GYGAKVEVYDGVELNDKNQFKLTSSANSKIRVTQNQNIIFNSVFLDFSVSFWIRIPKYKNDGIQNYIHNEYTIINCMKNN
SGWKISIRGNRIIWTLIDINGKTKSVFFEYNIREDISEYINRWFFVTITNNLNNAKIYINGKLESNTDIKDIREVIANGE
IIFKLDGDIDRTQFIWMKYFSIFNTELSQSNIEERYKIQSYSEYLKDFWGNPLMYNKEYYMFNAGNKNSYIKLKKDSPVG
EILTRSKYNQNSKYINYRDLYIGEKFIIRRKSNSQSINDDIVRKEDYIYLDFFNLNQEWRVYTYKYFKKEEEKLFLAPIS
DSDEFYNTIQIKEYDEQPTYSCQLLFKKDEESTDEIGLIGIHRFYESGIVFEEYKDYFCISKWYLKEVKRKPYNLKLGCN
WQFIPKDEGWTEHHHHHHHHHH
;
A
2 'polypeptide(L)'
;MNINDNLSINSPVDNKNVVVVRARKTDTVFKAFKVAPNIWVAPERYYGESLSIDEEYKVDGGIYDSNFLSQDSEKDKFLQ
AIITLLKRINSTNAGEKLLSLISTAIPFPYGYIGGGYYAPNMITFGSAPKSNKKLNSLISSTIPFPYAGYRETNYLSSED
NKSFYASNIVIFGPGANIVENNTVFYKKEDAENGMGTMTEIWFQPFLTYKYDEFYIDPAIELIKCLIKSLYFLYGIKPSD
DLVIPYRLRSELENIEYSQLNIVDLLVSGGIDPKFINTDPYWFTDNYFSNAKKVFEDHRNIYETQIEGNNAIGNDIKLRL
KQKFRININDIWELNLNYFSKEFSIMMPDRFNNALKHFYRKQYYKIDYPENYSINGFVNGQINVQLSLSDRNQDIINKPE
EIINLLNGNNVSLMRSNIYGDGLKSTVDDFYSNYKIPYNRAYEYHFNNSNDSSLDNVNIGVIDNIPEIIDVNPYKENCDK
FSPVQKITSTREINTNIPWPINYLQAQNTNNEKFSLSSDFVEVVSSKDKSLVYSFLSNVMFYLDSIKDNSPIDTDKKYYL
WLREIFRNYSFDITATQEINTDCGINKVVTWFGKALNILNTSDSFVEEFQNLGPISLINKKENLSMPIIEIYGIPNDMLG
LPLNDLNEKLFNIYLKNILYFKKVYFNFLDQWWTEYYSQYFDLICMAKQSILAQEKLIKQIIQNKLQDLFKADISMDKLN
LMNLATEKTFIDLSNESQIAINNINDFLNKSAICVFDTNIYPKFISFMEQCINSVNSNVTAFIQKCTNITEDEKLQLIKL
NTFMNIDFEFFDIQSIKDLITSETDLIKEEKESDYNLFLFTLQEDNNKVIEDISGKNTLVKYSDSISLVYGVNGDALYLK
EPDESVSFSNKAFENGLTNSFSICFWLRNLGEDIITSKLIENKADNCGWEIYFENNGLVFSIVDCNGNEENIYLSDVISK
NWYYISISIDRLRNQLLIFINDKLIANQSIEQILNIYSSNTISLVNENNPIYIEGLSILNRSITSEEVVNNYFSYLNNSY
IRDISGERLEYNKTYELYNYVFPENSLYEVTENNNIYLSIKDTNNLNIQGAKFKLINIDANKQYVQKWDEGVVCLLGDEE
KYVDISSENNRIQLVNSKDTAKRIIFNNDIFMPNCLTFAYNNKYLSLSLRDRNYNWMICNNNDNIPKAAHLWALKGI
;
B
3 'polypeptide(L)'
;MNSSIKKIYNHIQEKVINYSDTIDLADGNYVVSRGDGWILSRQNQILGGSVISNGSTGIVGDLRVNDNAIPYYYPTPSFN
EEYIKNNIQTVFANFTEANQIPIGFEFSKTAPSNKNLYMYLQYTYIRYEIIKVLQHEIIERAVLYVPSLGYVKSIEFNPG
EKINKDFYFLTNDKCILNEQFLYKKILETTKNIPTNNIFNSKVSSTQRVLPYSNGLYVINKGDGYIRTNDKDLIGTLLIE
AGSSGSIIQPRLRNTTRPLFTTSNDAKFSQQYTEERLKDAFNVQLFNTSTSLFKFVEEAPSNKNICIKAYNTYEKYELID
YQNGSIVNKAEYYLPSLGYCEVTNAPSPESEVVKTQVAEDGFIQNGPEEEIVVGVIDPSENIQEINTAISDNYTYNIPGI
VNNNPFYILFTVNTTGIYKINAQNNLPSLKIYEAIGSGNRNFQSGNLCDDDIKAINYITGFDSPNAKSYLVVLLNKDKNY
YIRVPQTSSNIENQIKFKREEGDLRNLMNSSVNIIDNLNSTGAHYYTRQSPDVHDYISYEFTIPGNFNNKDTSNIRLYTS
YNQGIGTLFRVTETIDGYNLINIQQNLNLLNSTKSIRLLNGAIYILKVEVTELNNYNIKLHIDITN
;
C,D,E
4 'polypeptide(L)'
;MSAERTFLPNGNYNIKSIFSGSLYLSPVSGSLTFSNESSANNQKWNVEYMAENRCFKISNVAEPNKYLSYDNFGFISLDS
LSNRCYWFPIKIAVNTYIMLSLNKVNELDYAWDIYDTNENILSQPLLLLPNFDIYNSNQMFKLEKI
;
F,G,H
5 'polypeptide(L)'
;MEHYSTIQNSLNDKIVTISCKANTDLFFYQVPGNGNVSLFQQTRNYLERWRIIYDSNKAAYKIKSMNIYNTNLVLTWNAP
THNISAQQDSNADNQYWLLLKDIGNNSFIIASYKNPNLVLYADTVARNLKLSTLNNSSYIKFIIEDYVISDFKNFTCRIS
PILAGGKVVQQVSMTNLAVNLYIWNNDLNQKWTIIYNEEKAAYQFFNKILSNGVLTWIFSDGNTVRVSSSAQNNDAQYWL
INPVSDNYDRYTITNLRDKTKVLDLYGGQTADGTTIQVFNSNGGDNQIWTMSNP
;
I,J,K,L,M,N
#
# COMPACT_ATOMS: atom_id res chain seq x y z
N PRO A 3 69.53 77.83 -4.69
CA PRO A 3 70.04 78.35 -5.96
C PRO A 3 69.61 79.78 -6.21
N VAL A 4 68.39 80.12 -5.81
CA VAL A 4 67.84 81.46 -5.96
C VAL A 4 67.51 81.99 -4.58
N THR A 5 68.07 83.17 -4.25
CA THR A 5 67.87 83.79 -2.95
C THR A 5 67.20 85.14 -3.13
N ILE A 6 66.31 85.49 -2.21
CA ILE A 6 65.61 86.76 -2.21
C ILE A 6 66.08 87.56 -1.00
N ASN A 7 66.62 88.76 -1.26
CA ASN A 7 67.13 89.59 -0.19
C ASN A 7 66.02 90.46 0.39
N ASN A 8 66.32 91.10 1.52
CA ASN A 8 65.38 91.98 2.21
C ASN A 8 65.95 93.39 2.19
N PHE A 9 65.17 94.34 1.72
CA PHE A 9 65.58 95.72 1.58
C PHE A 9 64.58 96.65 2.25
N ASN A 10 64.93 97.93 2.29
CA ASN A 10 64.03 99.01 2.65
C ASN A 10 64.33 100.20 1.76
N TYR A 11 63.31 101.01 1.49
CA TYR A 11 63.52 102.15 0.58
C TYR A 11 64.42 103.21 1.17
N ASN A 12 64.64 103.20 2.48
CA ASN A 12 65.52 104.16 3.14
C ASN A 12 66.89 103.57 3.44
N ASP A 13 67.19 102.39 2.93
CA ASP A 13 68.51 101.80 3.14
C ASP A 13 69.57 102.62 2.41
N PRO A 14 70.69 102.92 3.06
CA PRO A 14 71.72 103.72 2.39
C PRO A 14 72.30 102.98 1.19
N ILE A 15 72.68 103.76 0.17
CA ILE A 15 73.19 103.19 -1.07
C ILE A 15 74.57 102.61 -0.82
N ASP A 16 74.72 101.30 -1.01
CA ASP A 16 75.99 100.63 -0.85
C ASP A 16 76.64 100.24 -2.18
N ASN A 17 75.98 100.54 -3.30
CA ASN A 17 76.55 100.34 -4.64
C ASN A 17 76.87 98.87 -4.92
N ASN A 18 76.26 97.97 -4.16
CA ASN A 18 76.39 96.54 -4.45
C ASN A 18 75.02 95.92 -4.63
N ASN A 19 74.06 96.31 -3.79
CA ASN A 19 72.67 95.87 -3.91
C ASN A 19 71.72 97.04 -4.12
N ILE A 20 71.84 98.08 -3.30
CA ILE A 20 71.03 99.29 -3.46
C ILE A 20 71.88 100.30 -4.21
N ILE A 21 71.52 100.55 -5.47
CA ILE A 21 72.33 101.43 -6.32
C ILE A 21 71.48 102.53 -6.92
N MET A 22 72.13 103.46 -7.63
CA MET A 22 71.44 104.48 -8.41
C MET A 22 71.73 104.19 -9.88
N MET A 23 70.69 103.85 -10.63
CA MET A 23 70.82 103.35 -11.99
C MET A 23 70.03 104.22 -12.95
N GLU A 24 70.60 104.42 -14.14
CA GLU A 24 69.91 105.11 -15.22
C GLU A 24 69.30 104.08 -16.15
N PRO A 25 67.97 104.05 -16.32
CA PRO A 25 67.37 103.03 -17.18
C PRO A 25 67.75 103.25 -18.63
N PRO A 26 67.72 102.20 -19.45
CA PRO A 26 68.08 102.36 -20.87
C PRO A 26 67.20 103.34 -21.62
N PHE A 27 65.95 103.54 -21.18
CA PHE A 27 65.07 104.47 -21.86
C PHE A 27 65.30 105.92 -21.46
N ALA A 28 66.19 106.18 -20.50
CA ALA A 28 66.56 107.54 -20.16
C ALA A 28 67.50 108.16 -21.18
N ARG A 29 68.14 107.34 -22.03
CA ARG A 29 69.03 107.80 -23.09
C ARG A 29 70.18 108.64 -22.53
N GLY A 30 70.62 108.31 -21.32
CA GLY A 30 71.72 109.04 -20.72
C GLY A 30 71.45 110.50 -20.47
N THR A 31 70.21 110.84 -20.12
CA THR A 31 69.80 112.22 -19.86
C THR A 31 69.65 112.49 -18.37
N GLY A 32 70.54 111.91 -17.55
CA GLY A 32 70.41 112.09 -16.12
C GLY A 32 69.20 111.35 -15.57
N ARG A 33 68.63 111.90 -14.50
CA ARG A 33 67.44 111.35 -13.85
C ARG A 33 67.68 109.91 -13.40
N TYR A 34 68.64 109.76 -12.49
CA TYR A 34 68.95 108.45 -11.96
C TYR A 34 67.86 107.99 -10.98
N TYR A 35 67.64 106.69 -10.91
CA TYR A 35 66.61 106.10 -10.07
C TYR A 35 67.23 105.18 -9.04
N LYS A 36 66.61 105.10 -7.87
CA LYS A 36 67.06 104.18 -6.84
C LYS A 36 66.58 102.77 -7.16
N ALA A 37 67.51 101.83 -7.26
CA ALA A 37 67.19 100.46 -7.65
C ALA A 37 67.75 99.48 -6.62
N PHE A 38 67.09 98.34 -6.51
CA PHE A 38 67.43 97.32 -5.52
C PHE A 38 67.59 95.98 -6.24
N LYS A 39 68.68 95.28 -5.95
CA LYS A 39 68.96 93.97 -6.54
C LYS A 39 68.29 92.90 -5.69
N ILE A 40 67.01 92.65 -5.99
CA ILE A 40 66.27 91.62 -5.28
C ILE A 40 66.89 90.24 -5.52
N THR A 41 67.27 89.97 -6.77
CA THR A 41 67.92 88.73 -7.14
C THR A 41 68.95 89.04 -8.22
N ASP A 42 69.80 88.08 -8.52
CA ASP A 42 70.86 88.29 -9.51
C ASP A 42 70.26 88.69 -10.84
N ARG A 43 70.80 89.75 -11.44
CA ARG A 43 70.39 90.26 -12.74
C ARG A 43 68.93 90.70 -12.78
N ILE A 44 68.32 90.91 -11.62
CA ILE A 44 66.95 91.39 -11.52
C ILE A 44 66.93 92.58 -10.57
N TRP A 45 66.40 93.71 -11.04
CA TRP A 45 66.42 94.95 -10.28
C TRP A 45 65.01 95.50 -10.17
N ILE A 46 64.73 96.15 -9.05
CA ILE A 46 63.43 96.76 -8.78
C ILE A 46 63.63 98.26 -8.64
N ILE A 47 62.91 99.02 -9.46
CA ILE A 47 62.88 100.47 -9.37
C ILE A 47 61.46 100.89 -9.02
N PRO A 48 61.20 101.22 -7.75
CA PRO A 48 59.83 101.56 -7.31
C PRO A 48 59.43 102.97 -7.69
N GLU A 49 59.33 103.22 -8.99
CA GLU A 49 58.94 104.53 -9.51
C GLU A 49 57.97 104.32 -10.65
N ARG A 50 57.11 105.32 -10.87
CA ARG A 50 56.16 105.24 -11.97
C ARG A 50 56.89 105.20 -13.31
N TYR A 51 56.32 104.45 -14.24
CA TYR A 51 56.89 104.30 -15.58
C TYR A 51 56.48 105.50 -16.41
N THR A 52 57.32 106.53 -16.41
CA THR A 52 57.04 107.77 -17.11
C THR A 52 57.60 107.83 -18.52
N PHE A 53 58.39 106.85 -18.93
CA PHE A 53 59.01 106.87 -20.25
C PHE A 53 57.95 106.75 -21.33
N GLY A 54 58.03 107.63 -22.34
CA GLY A 54 57.09 107.63 -23.42
C GLY A 54 55.71 108.11 -23.07
N TYR A 55 55.50 108.60 -21.85
CA TYR A 55 54.19 109.03 -21.39
C TYR A 55 54.25 110.50 -20.99
N LYS A 56 53.35 111.29 -21.57
CA LYS A 56 53.24 112.68 -21.16
C LYS A 56 52.70 112.75 -19.73
N PRO A 57 53.28 113.61 -18.87
CA PRO A 57 52.79 113.70 -17.50
C PRO A 57 51.34 114.16 -17.39
N GLU A 58 50.81 114.83 -18.41
CA GLU A 58 49.41 115.25 -18.40
C GLU A 58 48.46 114.08 -18.64
N ASP A 59 48.95 112.96 -19.17
CA ASP A 59 48.11 111.81 -19.46
C ASP A 59 47.93 110.88 -18.27
N PHE A 60 48.64 111.11 -17.17
CA PHE A 60 48.50 110.26 -15.99
C PHE A 60 47.17 110.46 -15.27
N ASN A 61 46.40 111.47 -15.64
CA ASN A 61 45.09 111.69 -15.06
C ASN A 61 44.00 111.15 -15.98
N LYS A 62 42.86 110.83 -15.39
CA LYS A 62 41.73 110.35 -16.17
C LYS A 62 41.18 111.48 -17.03
N SER A 63 40.85 111.15 -18.28
CA SER A 63 40.32 112.13 -19.21
C SER A 63 39.38 111.42 -20.18
N SER A 64 38.92 112.14 -21.21
CA SER A 64 38.10 111.54 -22.23
C SER A 64 38.88 110.59 -23.14
N GLY A 65 40.21 110.58 -23.03
CA GLY A 65 41.02 109.68 -23.81
C GLY A 65 41.16 108.31 -23.16
N ILE A 66 41.83 107.42 -23.88
CA ILE A 66 42.05 106.06 -23.41
C ILE A 66 43.28 105.51 -24.13
N PHE A 67 43.98 104.59 -23.49
CA PHE A 67 45.19 104.02 -24.05
C PHE A 67 44.92 102.74 -24.82
N ASN A 68 44.11 101.84 -24.25
CA ASN A 68 43.75 100.59 -24.87
C ASN A 68 42.24 100.50 -25.04
N ARG A 69 41.81 99.69 -26.01
CA ARG A 69 40.40 99.55 -26.35
C ARG A 69 39.83 98.21 -25.91
N ASP A 70 40.46 97.56 -24.93
CA ASP A 70 40.01 96.24 -24.50
C ASP A 70 40.07 96.16 -22.98
N VAL A 71 40.52 97.20 -22.29
CA VAL A 71 40.65 97.19 -20.85
C VAL A 71 40.01 98.36 -20.12
N CYS A 72 39.29 98.07 -19.04
CA CYS A 72 38.72 99.12 -18.19
C CYS A 72 39.91 99.72 -17.46
N GLU A 73 40.36 100.89 -17.89
CA GLU A 73 41.59 101.49 -17.37
C GLU A 73 41.30 102.33 -16.14
N TYR A 74 42.11 102.16 -15.11
CA TYR A 74 41.99 102.92 -13.87
C TYR A 74 43.24 103.79 -13.69
N TYR A 75 43.02 105.07 -13.42
CA TYR A 75 44.10 106.04 -13.28
C TYR A 75 44.18 106.54 -11.85
N ASP A 76 45.41 106.79 -11.39
CA ASP A 76 45.63 107.34 -10.06
C ASP A 76 47.00 108.01 -10.01
N PRO A 77 47.10 109.27 -10.44
CA PRO A 77 48.41 109.95 -10.43
C PRO A 77 49.01 110.07 -9.05
N ASP A 78 48.18 110.22 -8.01
CA ASP A 78 48.69 110.35 -6.65
C ASP A 78 49.34 109.09 -6.12
N TYR A 79 49.12 107.94 -6.78
CA TYR A 79 49.72 106.70 -6.35
C TYR A 79 51.24 106.75 -6.52
N LEU A 80 51.95 106.14 -5.57
CA LEU A 80 53.42 106.10 -5.56
C LEU A 80 54.00 107.51 -5.57
N ASN A 81 53.68 108.28 -4.53
CA ASN A 81 54.14 109.65 -4.40
C ASN A 81 54.98 109.91 -3.17
N THR A 82 55.05 108.98 -2.23
CA THR A 82 55.80 109.16 -0.99
C THR A 82 56.80 108.03 -0.83
N ASN A 83 57.68 108.18 0.17
CA ASN A 83 58.67 107.14 0.45
C ASN A 83 58.04 105.92 1.12
N ASP A 84 57.02 106.13 1.94
CA ASP A 84 56.34 105.00 2.57
C ASP A 84 55.67 104.11 1.53
N LYS A 85 55.06 104.72 0.52
CA LYS A 85 54.46 103.94 -0.57
C LYS A 85 55.52 103.14 -1.32
N LYS A 86 56.68 103.74 -1.54
CA LYS A 86 57.77 103.01 -2.19
C LYS A 86 58.22 101.83 -1.34
N ASN A 87 58.32 102.04 -0.02
CA ASN A 87 58.75 100.95 0.85
C ASN A 87 57.74 99.81 0.87
N ILE A 88 56.44 100.14 0.93
CA ILE A 88 55.44 99.07 0.94
C ILE A 88 55.39 98.37 -0.41
N PHE A 89 55.61 99.10 -1.51
CA PHE A 89 55.71 98.47 -2.82
C PHE A 89 56.86 97.49 -2.87
N LEU A 90 58.02 97.89 -2.32
CA LEU A 90 59.17 97.01 -2.29
C LEU A 90 58.88 95.77 -1.45
N GLN A 91 58.23 95.94 -0.30
CA GLN A 91 57.89 94.80 0.54
C GLN A 91 56.93 93.85 -0.17
N THR A 92 55.93 94.40 -0.86
CA THR A 92 54.99 93.57 -1.60
C THR A 92 55.70 92.79 -2.68
N MET A 93 56.62 93.44 -3.41
CA MET A 93 57.35 92.72 -4.45
C MET A 93 58.22 91.62 -3.87
N ILE A 94 58.84 91.88 -2.71
CA ILE A 94 59.64 90.86 -2.05
C ILE A 94 58.77 89.66 -1.70
N LYS A 95 57.58 89.92 -1.14
CA LYS A 95 56.67 88.83 -0.79
C LYS A 95 56.25 88.05 -2.03
N LEU A 96 55.94 88.74 -3.12
CA LEU A 96 55.54 88.07 -4.34
C LEU A 96 56.65 87.18 -4.88
N PHE A 97 57.89 87.67 -4.86
CA PHE A 97 59.00 86.86 -5.34
C PHE A 97 59.26 85.66 -4.44
N ASN A 98 59.07 85.83 -3.12
CA ASN A 98 59.19 84.71 -2.22
C ASN A 98 58.15 83.64 -2.54
N ARG A 99 56.90 84.07 -2.78
CA ARG A 99 55.86 83.12 -3.12
C ARG A 99 56.15 82.42 -4.44
N ILE A 100 56.69 83.16 -5.42
CA ILE A 100 57.04 82.56 -6.70
C ILE A 100 58.10 81.48 -6.50
N LYS A 101 59.14 81.80 -5.72
CA LYS A 101 60.20 80.83 -5.49
C LYS A 101 59.79 79.71 -4.53
N SER A 102 58.62 79.82 -3.90
CA SER A 102 58.20 78.82 -2.92
C SER A 102 58.05 77.44 -3.54
N LYS A 103 57.73 77.34 -4.83
CA LYS A 103 57.46 76.08 -5.48
C LYS A 103 58.52 75.77 -6.54
N PRO A 104 58.74 74.49 -6.85
CA PRO A 104 59.78 74.14 -7.82
C PRO A 104 59.59 74.76 -9.20
N LEU A 105 58.35 74.89 -9.66
CA LEU A 105 58.13 75.49 -10.97
C LEU A 105 58.58 76.95 -11.00
N GLY A 106 58.23 77.72 -9.97
CA GLY A 106 58.69 79.09 -9.90
C GLY A 106 60.19 79.20 -9.74
N GLU A 107 60.78 78.29 -8.97
CA GLU A 107 62.24 78.29 -8.83
C GLU A 107 62.91 78.02 -10.17
N LYS A 108 62.38 77.08 -10.94
CA LYS A 108 62.93 76.80 -12.27
C LYS A 108 62.75 78.00 -13.19
N LEU A 109 61.60 78.67 -13.12
CA LEU A 109 61.38 79.86 -13.93
C LEU A 109 62.40 80.94 -13.60
N LEU A 110 62.63 81.17 -12.30
CA LEU A 110 63.59 82.19 -11.90
C LEU A 110 65.01 81.78 -12.29
N GLU A 111 65.33 80.49 -12.22
CA GLU A 111 66.64 80.03 -12.62
C GLU A 111 66.86 80.25 -14.12
N MET A 112 65.83 79.97 -14.93
CA MET A 112 65.93 80.24 -16.36
C MET A 112 66.07 81.73 -16.64
N ILE A 113 65.35 82.58 -15.89
CA ILE A 113 65.45 84.02 -16.09
C ILE A 113 66.85 84.51 -15.73
N ILE A 114 67.40 84.03 -14.62
CA ILE A 114 68.71 84.49 -14.17
C ILE A 114 69.80 83.99 -15.11
N ASN A 115 69.77 82.71 -15.46
CA ASN A 115 70.82 82.12 -16.29
C ASN A 115 70.67 82.49 -17.76
N GLY A 116 69.57 83.10 -18.16
CA GLY A 116 69.39 83.52 -19.54
C GLY A 116 69.96 84.89 -19.80
N ILE A 117 71.25 85.07 -19.49
CA ILE A 117 71.88 86.38 -19.67
C ILE A 117 71.89 86.73 -21.15
N PRO A 118 71.65 87.98 -21.53
CA PRO A 118 71.58 88.32 -22.96
C PRO A 118 72.92 88.14 -23.65
N TYR A 119 72.85 87.79 -24.94
CA TYR A 119 74.06 87.66 -25.73
C TYR A 119 74.71 89.03 -25.93
N LEU A 120 76.04 89.03 -25.97
CA LEU A 120 76.81 90.28 -26.10
C LEU A 120 76.99 90.60 -27.57
N GLY A 121 76.01 91.31 -28.13
CA GLY A 121 76.05 91.74 -29.51
C GLY A 121 74.69 91.63 -30.17
N ASP A 122 74.53 92.34 -31.29
CA ASP A 122 73.28 92.39 -32.03
C ASP A 122 73.60 92.27 -33.51
N ARG A 123 72.61 92.58 -34.35
CA ARG A 123 72.82 92.58 -35.79
C ARG A 123 73.86 93.61 -36.23
N ARG A 124 74.12 94.62 -35.41
CA ARG A 124 75.12 95.64 -35.69
C ARG A 124 76.47 95.32 -35.04
N VAL A 125 76.79 94.04 -34.88
CA VAL A 125 78.02 93.62 -34.24
C VAL A 125 78.69 92.57 -35.13
N PRO A 126 80.01 92.66 -35.35
CA PRO A 126 80.68 91.65 -36.17
C PRO A 126 80.58 90.27 -35.56
N LEU A 127 80.54 89.25 -36.44
CA LEU A 127 80.34 87.89 -35.99
C LEU A 127 81.52 87.33 -35.20
N GLU A 128 82.70 87.93 -35.32
CA GLU A 128 83.90 87.40 -34.71
C GLU A 128 84.30 88.12 -33.43
N GLU A 129 83.43 88.97 -32.89
CA GLU A 129 83.78 89.73 -31.70
C GLU A 129 82.53 90.05 -30.90
N PHE A 130 82.74 90.35 -29.62
CA PHE A 130 81.69 90.79 -28.73
C PHE A 130 81.66 92.31 -28.65
N ASN A 131 80.58 92.84 -28.07
CA ASN A 131 80.45 94.28 -27.90
C ASN A 131 79.45 94.53 -26.77
N THR A 132 79.95 95.05 -25.65
CA THR A 132 79.11 95.32 -24.48
C THR A 132 78.78 96.80 -24.35
N ASN A 133 78.96 97.57 -25.41
CA ASN A 133 78.65 98.99 -25.41
C ASN A 133 77.27 99.28 -25.99
N ILE A 134 76.31 98.38 -25.78
CA ILE A 134 74.97 98.49 -26.35
C ILE A 134 73.98 98.70 -25.21
N ALA A 135 72.99 99.55 -25.46
CA ALA A 135 72.01 99.87 -24.42
C ALA A 135 71.19 98.68 -23.98
N SER A 136 71.11 97.64 -24.82
CA SER A 136 70.34 96.45 -24.49
C SER A 136 71.15 95.39 -23.77
N VAL A 137 72.41 95.67 -23.44
CA VAL A 137 73.30 94.72 -22.79
C VAL A 137 73.80 95.24 -21.45
N THR A 138 74.32 96.47 -21.44
CA THR A 138 74.91 97.06 -20.25
C THR A 138 74.14 98.31 -19.86
N VAL A 139 74.07 98.58 -18.56
CA VAL A 139 73.35 99.74 -18.05
C VAL A 139 74.23 100.47 -17.05
N ASN A 140 74.13 101.80 -17.06
CA ASN A 140 74.99 102.67 -16.27
C ASN A 140 74.47 102.88 -14.85
N LYS A 141 75.40 102.96 -13.91
CA LYS A 141 75.10 103.28 -12.52
C LYS A 141 76.07 104.36 -12.04
N LEU A 142 75.64 105.12 -11.05
CA LEU A 142 76.43 106.23 -10.52
C LEU A 142 77.05 105.85 -9.18
N ILE A 143 78.33 106.17 -9.02
CA ILE A 143 79.06 105.91 -7.80
C ILE A 143 79.28 107.17 -6.98
N SER A 144 79.60 108.28 -7.63
CA SER A 144 79.86 109.53 -6.92
C SER A 144 78.58 110.04 -6.28
N ASN A 145 78.70 110.49 -5.03
CA ASN A 145 77.55 110.99 -4.28
C ASN A 145 77.14 112.37 -4.79
N ARG A 151 81.55 109.77 -11.58
CA ARG A 151 82.12 108.43 -11.67
C ARG A 151 81.03 107.38 -11.90
N LYS A 152 80.82 107.02 -13.15
CA LYS A 152 79.79 106.06 -13.53
C LYS A 152 80.43 104.74 -13.97
N LYS A 153 79.70 103.66 -13.77
CA LYS A 153 80.16 102.32 -14.13
C LYS A 153 79.06 101.62 -14.92
N GLY A 154 79.43 100.52 -15.55
CA GLY A 154 78.49 99.73 -16.34
C GLY A 154 78.30 98.36 -15.73
N ILE A 155 77.05 97.89 -15.69
CA ILE A 155 76.72 96.59 -15.11
C ILE A 155 75.82 95.83 -16.07
N PHE A 156 75.78 94.51 -15.86
CA PHE A 156 74.94 93.61 -16.63
C PHE A 156 73.64 93.36 -15.89
N ALA A 157 72.52 93.52 -16.58
CA ALA A 157 71.21 93.28 -16.01
C ALA A 157 70.38 92.46 -16.99
N ASN A 158 69.41 91.72 -16.45
CA ASN A 158 68.50 90.94 -17.28
C ASN A 158 67.07 91.44 -17.23
N LEU A 159 66.59 91.89 -16.08
CA LEU A 159 65.22 92.37 -15.95
C LEU A 159 65.18 93.53 -14.98
N ILE A 160 64.46 94.59 -15.34
CA ILE A 160 64.24 95.73 -14.47
C ILE A 160 62.73 95.87 -14.30
N ILE A 161 62.29 95.96 -13.04
CA ILE A 161 60.87 96.03 -12.71
C ILE A 161 60.56 97.44 -12.24
N PHE A 162 59.76 98.15 -13.03
CA PHE A 162 59.32 99.49 -12.67
C PHE A 162 57.95 99.41 -12.02
N GLY A 163 57.35 100.57 -11.75
CA GLY A 163 56.00 100.63 -11.24
C GLY A 163 55.01 100.78 -12.37
N PRO A 164 53.74 100.94 -12.03
CA PRO A 164 52.72 101.11 -13.07
C PRO A 164 52.89 102.42 -13.82
N GLY A 165 52.42 102.43 -15.07
CA GLY A 165 52.40 103.63 -15.87
C GLY A 165 51.18 104.46 -15.55
N PRO A 166 50.61 105.11 -16.57
CA PRO A 166 49.36 105.85 -16.34
C PRO A 166 48.23 104.97 -15.84
N VAL A 167 48.15 103.73 -16.32
CA VAL A 167 47.13 102.78 -15.90
C VAL A 167 47.73 101.84 -14.89
N LEU A 168 47.08 101.72 -13.73
CA LEU A 168 47.61 100.87 -12.67
C LEU A 168 47.39 99.39 -13.00
N ASN A 169 46.23 99.05 -13.57
CA ASN A 169 45.87 97.67 -13.84
C ASN A 169 46.22 97.23 -15.25
N GLU A 170 47.27 97.79 -15.84
CA GLU A 170 47.71 97.41 -17.19
C GLU A 170 49.21 97.11 -17.13
N ASN A 171 49.54 95.87 -16.79
CA ASN A 171 50.93 95.42 -16.76
C ASN A 171 51.42 95.15 -18.17
N GLU A 172 52.73 95.34 -18.38
CA GLU A 172 53.30 95.15 -19.69
C GLU A 172 54.79 94.87 -19.58
N THR A 173 55.36 94.34 -20.65
CA THR A 173 56.78 94.06 -20.74
C THR A 173 57.31 94.58 -22.06
N ILE A 174 58.38 95.38 -22.00
CA ILE A 174 58.93 96.06 -23.16
C ILE A 174 60.38 95.65 -23.34
N ASP A 175 60.79 95.51 -24.59
CA ASP A 175 62.18 95.25 -24.95
C ASP A 175 62.81 96.51 -25.53
N ILE A 176 64.11 96.43 -25.80
CA ILE A 176 64.89 97.55 -26.32
C ILE A 176 65.12 97.33 -27.81
N GLY A 177 64.75 98.32 -28.61
CA GLY A 177 64.96 98.27 -30.05
C GLY A 177 65.86 99.39 -30.52
N ILE A 178 66.72 99.09 -31.48
CA ILE A 178 67.67 100.05 -32.03
C ILE A 178 67.46 100.09 -33.54
N GLN A 179 67.06 101.25 -34.06
CA GLN A 179 66.77 101.43 -35.48
C GLN A 179 65.75 100.40 -35.95
N ASN A 180 64.70 100.19 -35.14
CA ASN A 180 63.64 99.23 -35.44
C ASN A 180 64.21 97.82 -35.64
N HIS A 181 65.21 97.47 -34.82
CA HIS A 181 65.84 96.15 -34.87
C HIS A 181 66.01 95.67 -33.43
N PHE A 182 65.01 94.98 -32.92
CA PHE A 182 65.05 94.49 -31.54
C PHE A 182 65.99 93.30 -31.43
N ALA A 183 66.84 93.30 -30.40
CA ALA A 183 67.74 92.19 -30.17
C ALA A 183 67.03 90.97 -29.60
N SER A 184 65.89 91.16 -28.95
CA SER A 184 65.15 90.06 -28.36
C SER A 184 64.31 89.29 -29.36
N ARG A 185 64.16 89.80 -30.59
CA ARG A 185 63.44 89.10 -31.63
C ARG A 185 64.35 88.41 -32.62
N GLU A 186 65.67 88.40 -32.37
CA GLU A 186 66.63 87.86 -33.32
C GLU A 186 67.57 86.85 -32.68
N GLY A 187 67.21 86.31 -31.52
CA GLY A 187 67.99 85.28 -30.87
C GLY A 187 69.09 85.78 -29.97
N PHE A 188 69.33 87.09 -29.93
CA PHE A 188 70.36 87.63 -29.04
C PHE A 188 69.82 87.79 -27.63
N GLY A 189 68.70 88.49 -27.48
CA GLY A 189 68.13 88.77 -26.19
C GLY A 189 68.71 90.03 -25.57
N GLY A 190 67.94 90.62 -24.66
CA GLY A 190 68.37 91.84 -24.00
C GLY A 190 67.57 92.06 -22.74
N ILE A 191 67.87 93.17 -22.07
CA ILE A 191 67.14 93.52 -20.86
C ILE A 191 65.69 93.81 -21.22
N MET A 192 64.79 93.55 -20.26
CA MET A 192 63.38 93.80 -20.45
C MET A 192 62.84 94.59 -19.27
N GLN A 193 61.93 95.51 -19.57
CA GLN A 193 61.36 96.42 -18.57
C GLN A 193 59.91 96.06 -18.31
N MET A 194 59.54 96.00 -17.04
CA MET A 194 58.22 95.55 -16.62
C MET A 194 57.45 96.69 -15.96
N LYS A 195 56.21 96.88 -16.40
CA LYS A 195 55.25 97.75 -15.72
C LYS A 195 54.26 96.84 -15.00
N PHE A 196 54.26 96.88 -13.67
CA PHE A 196 53.48 95.95 -12.88
C PHE A 196 53.09 96.57 -11.55
N CYS A 197 51.79 96.68 -11.29
CA CYS A 197 51.29 97.17 -10.01
C CYS A 197 50.63 96.03 -9.25
N PRO A 198 51.21 95.57 -8.15
CA PRO A 198 50.63 94.41 -7.45
C PRO A 198 49.34 94.72 -6.71
N GLU A 199 49.08 95.99 -6.37
CA GLU A 199 47.90 96.31 -5.57
C GLU A 199 46.60 96.19 -6.37
N TYR A 200 46.67 96.32 -7.69
CA TYR A 200 45.49 96.29 -8.54
C TYR A 200 45.56 95.07 -9.44
N VAL A 201 44.51 94.24 -9.41
CA VAL A 201 44.47 92.99 -10.15
C VAL A 201 43.18 92.94 -10.95
N SER A 202 43.22 92.15 -12.03
CA SER A 202 42.06 91.99 -12.88
C SER A 202 41.07 91.02 -12.26
N VAL A 203 39.82 91.10 -12.71
CA VAL A 203 38.73 90.26 -12.25
C VAL A 203 38.12 89.54 -13.44
N PHE A 204 37.88 88.24 -13.28
CA PHE A 204 37.31 87.45 -14.37
C PHE A 204 36.10 86.66 -13.91
N ASN A 205 35.59 85.79 -14.79
CA ASN A 205 34.44 84.95 -14.47
C ASN A 205 34.71 83.54 -15.01
N ASN A 206 33.84 82.61 -14.64
CA ASN A 206 33.97 81.21 -15.03
C ASN A 206 32.64 80.66 -15.53
N VAL A 207 32.00 81.40 -16.44
CA VAL A 207 30.72 80.96 -16.98
C VAL A 207 30.87 79.64 -17.72
N GLN A 208 32.05 79.36 -18.25
CA GLN A 208 32.28 78.13 -19.01
C GLN A 208 32.48 76.91 -18.11
N GLU A 209 32.59 77.09 -16.80
CA GLU A 209 32.83 76.00 -15.88
C GLU A 209 31.55 75.66 -15.13
N ASN A 210 31.20 74.37 -15.10
CA ASN A 210 29.98 73.90 -14.46
C ASN A 210 30.32 73.33 -13.09
N LYS A 211 29.67 73.84 -12.06
CA LYS A 211 29.86 73.36 -10.69
C LYS A 211 28.51 73.05 -10.03
N GLY A 212 27.54 72.62 -10.82
CA GLY A 212 26.23 72.30 -10.27
C GLY A 212 25.43 73.53 -9.91
N ALA A 213 24.43 73.32 -9.08
CA ALA A 213 23.56 74.40 -8.62
C ALA A 213 24.11 75.06 -7.35
N SER A 214 25.37 75.49 -7.41
CA SER A 214 25.99 76.13 -6.26
C SER A 214 25.42 77.54 -6.07
N ILE A 215 25.67 78.11 -4.89
CA ILE A 215 25.27 79.47 -4.59
C ILE A 215 26.39 80.45 -4.92
N PHE A 216 27.59 80.18 -4.43
CA PHE A 216 28.75 81.05 -4.66
C PHE A 216 29.58 80.55 -5.83
N ASN A 217 28.98 80.58 -7.02
CA ASN A 217 29.64 80.19 -8.24
C ASN A 217 29.34 81.23 -9.33
N ARG A 218 30.32 81.43 -10.21
CA ARG A 218 30.20 82.42 -11.29
C ARG A 218 29.95 83.82 -10.77
N ARG A 219 30.43 84.10 -9.56
CA ARG A 219 30.28 85.41 -8.94
C ARG A 219 31.47 86.31 -9.17
N GLY A 220 32.42 85.88 -9.98
CA GLY A 220 33.61 86.68 -10.23
C GLY A 220 34.74 86.34 -9.28
N TYR A 221 35.96 86.37 -9.82
CA TYR A 221 37.15 86.06 -9.07
C TYR A 221 38.22 87.10 -9.36
N PHE A 222 38.99 87.46 -8.34
CA PHE A 222 40.10 88.39 -8.52
C PHE A 222 41.41 87.60 -8.64
N SER A 223 42.25 88.02 -9.58
CA SER A 223 43.44 87.25 -9.91
C SER A 223 44.48 87.34 -8.80
N ASP A 224 45.34 86.34 -8.76
CA ASP A 224 46.45 86.34 -7.82
C ASP A 224 47.58 87.21 -8.36
N PRO A 225 48.06 88.21 -7.58
CA PRO A 225 49.14 89.06 -8.08
C PRO A 225 50.39 88.28 -8.44
N ALA A 226 50.70 87.22 -7.69
CA ALA A 226 51.84 86.39 -8.03
C ALA A 226 51.66 85.73 -9.40
N LEU A 227 50.43 85.33 -9.72
CA LEU A 227 50.18 84.74 -11.03
C LEU A 227 50.41 85.74 -12.16
N ILE A 228 49.98 87.00 -11.97
CA ILE A 228 50.21 88.01 -12.99
C ILE A 228 51.70 88.30 -13.12
N LEU A 229 52.40 88.37 -11.99
CA LEU A 229 53.84 88.57 -12.03
C LEU A 229 54.53 87.43 -12.77
N MET A 230 54.09 86.19 -12.54
CA MET A 230 54.70 85.05 -13.23
C MET A 230 54.35 85.05 -14.71
N HIS A 231 53.15 85.52 -15.08
CA HIS A 231 52.81 85.66 -16.49
C HIS A 231 53.75 86.66 -17.17
N GLN A 232 53.94 87.82 -16.55
CA GLN A 232 54.88 88.79 -17.11
C GLN A 232 56.30 88.25 -17.10
N LEU A 233 56.64 87.40 -16.12
CA LEU A 233 57.96 86.78 -16.10
C LEU A 233 58.12 85.79 -17.24
N ILE A 234 57.04 85.10 -17.64
CA ILE A 234 57.10 84.26 -18.84
C ILE A 234 57.36 85.11 -20.06
N TYR A 235 56.71 86.27 -20.15
CA TYR A 235 57.00 87.21 -21.23
C TYR A 235 58.47 87.60 -21.22
N VAL A 236 59.02 87.90 -20.04
CA VAL A 236 60.42 88.28 -19.91
C VAL A 236 61.32 87.13 -20.34
N LEU A 237 60.97 85.90 -19.96
CA LEU A 237 61.77 84.75 -20.32
C LEU A 237 61.78 84.54 -21.83
N HIS A 238 60.64 84.75 -22.48
CA HIS A 238 60.62 84.73 -23.94
C HIS A 238 61.53 85.80 -24.51
N GLY A 239 61.53 86.99 -23.92
CA GLY A 239 62.35 88.07 -24.44
C GLY A 239 63.84 87.79 -24.30
N LEU A 240 64.26 87.29 -23.13
CA LEU A 240 65.69 87.15 -22.84
C LEU A 240 66.34 86.13 -23.75
N TYR A 241 65.67 85.01 -24.01
CA TYR A 241 66.24 83.96 -24.84
C TYR A 241 66.18 84.29 -26.32
N GLY A 242 65.55 85.40 -26.70
CA GLY A 242 65.51 85.80 -28.09
C GLY A 242 64.53 85.02 -28.94
N ILE A 243 63.43 84.56 -28.36
CA ILE A 243 62.41 83.82 -29.09
C ILE A 243 61.15 84.64 -29.30
N LYS A 244 61.20 85.94 -29.03
CA LYS A 244 60.04 86.80 -29.21
C LYS A 244 59.90 87.27 -30.65
N VAL A 245 59.88 86.31 -31.58
CA VAL A 245 59.78 86.65 -32.99
C VAL A 245 58.35 87.09 -33.31
N ASP A 246 58.20 87.77 -34.45
CA ASP A 246 56.92 88.27 -34.91
C ASP A 246 56.50 87.49 -36.16
N ASP A 247 55.29 86.94 -36.12
CA ASP A 247 54.73 86.20 -37.25
C ASP A 247 53.38 86.78 -37.60
N LEU A 248 52.62 86.08 -38.45
CA LEU A 248 51.31 86.56 -38.84
C LEU A 248 50.41 86.65 -37.61
N PRO A 249 49.88 87.84 -37.28
CA PRO A 249 49.09 88.00 -36.07
C PRO A 249 47.61 87.75 -36.31
N ILE A 250 46.87 87.71 -35.21
CA ILE A 250 45.42 87.56 -35.25
C ILE A 250 44.84 88.97 -35.28
N VAL A 251 44.44 89.41 -36.47
CA VAL A 251 43.87 90.74 -36.66
C VAL A 251 42.34 90.62 -36.61
N PRO A 252 41.68 91.24 -35.64
CA PRO A 252 40.22 91.15 -35.59
C PRO A 252 39.57 91.87 -36.76
N ASN A 253 38.42 91.36 -37.17
CA ASN A 253 37.63 91.97 -38.22
C ASN A 253 36.64 92.94 -37.59
N GLU A 254 36.58 94.16 -38.13
CA GLU A 254 35.73 95.21 -37.59
C GLU A 254 34.82 95.80 -38.65
N LYS A 255 34.55 95.06 -39.71
CA LYS A 255 33.70 95.57 -40.79
C LYS A 255 32.27 95.81 -40.29
N LYS A 256 31.73 94.88 -39.51
CA LYS A 256 30.39 95.04 -38.97
C LYS A 256 30.41 95.88 -37.71
N PHE A 257 29.23 96.35 -37.31
CA PHE A 257 29.14 97.22 -36.14
C PHE A 257 29.27 96.45 -34.83
N PHE A 258 28.76 95.23 -34.77
CA PHE A 258 28.80 94.45 -33.54
C PHE A 258 30.17 93.85 -33.27
N MET A 259 31.08 93.88 -34.24
CA MET A 259 32.40 93.28 -34.05
C MET A 259 33.22 94.10 -33.07
N GLN A 260 34.11 93.41 -32.35
CA GLN A 260 34.97 94.04 -31.37
C GLN A 260 36.29 94.44 -32.02
N SER A 261 36.69 95.68 -31.82
CA SER A 261 37.90 96.23 -32.44
C SER A 261 38.99 96.32 -31.40
N THR A 262 40.16 95.77 -31.73
CA THR A 262 41.30 95.78 -30.82
C THR A 262 42.57 95.59 -31.64
N ASP A 263 43.71 95.80 -30.99
CA ASP A 263 44.99 95.64 -31.66
C ASP A 263 45.26 94.17 -31.97
N ALA A 264 46.15 93.95 -32.92
CA ALA A 264 46.48 92.59 -33.35
C ALA A 264 47.15 91.83 -32.21
N ILE A 265 46.88 90.52 -32.18
CA ILE A 265 47.39 89.63 -31.13
C ILE A 265 48.48 88.77 -31.74
N GLN A 266 49.70 88.93 -31.26
CA GLN A 266 50.80 88.11 -31.75
C GLN A 266 50.69 86.70 -31.18
N ALA A 267 51.29 85.76 -31.92
CA ALA A 267 51.20 84.35 -31.53
C ALA A 267 51.89 84.07 -30.21
N GLU A 268 52.90 84.87 -29.85
CA GLU A 268 53.63 84.64 -28.62
C GLU A 268 52.73 84.81 -27.40
N GLU A 269 51.84 85.81 -27.44
CA GLU A 269 50.92 86.01 -26.32
C GLU A 269 50.00 84.81 -26.13
N LEU A 270 49.45 84.29 -27.23
CA LEU A 270 48.58 83.13 -27.13
C LEU A 270 49.34 81.90 -26.66
N TYR A 271 50.57 81.72 -27.13
CA TYR A 271 51.41 80.64 -26.61
C TYR A 271 51.61 80.78 -25.12
N THR A 272 51.87 82.00 -24.64
CA THR A 272 52.10 82.23 -23.23
C THR A 272 50.86 81.94 -22.41
N PHE A 273 49.68 82.31 -22.93
CA PHE A 273 48.45 82.09 -22.18
C PHE A 273 48.21 80.61 -21.93
N GLY A 274 48.45 79.78 -22.94
CA GLY A 274 48.32 78.35 -22.78
C GLY A 274 46.88 77.88 -22.81
N GLY A 275 46.72 76.56 -22.74
CA GLY A 275 45.40 75.97 -22.79
C GLY A 275 44.95 75.83 -24.22
N GLN A 276 43.70 76.21 -24.49
CA GLN A 276 43.15 76.19 -25.84
C GLN A 276 43.64 77.34 -26.69
N ASP A 277 44.29 78.34 -26.10
CA ASP A 277 44.74 79.51 -26.86
C ASP A 277 45.73 79.16 -27.97
N PRO A 278 46.77 78.34 -27.74
CA PRO A 278 47.70 78.04 -28.84
C PRO A 278 47.04 77.33 -30.02
N SER A 279 45.88 76.71 -29.83
CA SER A 279 45.18 76.10 -30.95
C SER A 279 44.63 77.14 -31.91
N ILE A 280 44.52 78.40 -31.49
CA ILE A 280 44.10 79.46 -32.38
C ILE A 280 45.16 79.71 -33.45
N ILE A 281 46.43 79.57 -33.10
CA ILE A 281 47.51 79.71 -34.07
C ILE A 281 47.55 78.43 -34.89
N THR A 282 47.40 78.56 -36.20
CA THR A 282 47.33 77.40 -37.08
C THR A 282 48.69 76.71 -37.13
N PRO A 283 48.73 75.42 -37.44
CA PRO A 283 50.02 74.72 -37.53
C PRO A 283 51.02 75.29 -38.52
N SER A 284 50.55 75.90 -39.61
CA SER A 284 51.46 76.53 -40.55
C SER A 284 52.24 77.66 -39.88
N THR A 285 51.54 78.51 -39.13
CA THR A 285 52.22 79.56 -38.38
C THR A 285 53.12 78.98 -37.30
N ASP A 286 52.73 77.85 -36.70
CA ASP A 286 53.57 77.20 -35.71
C ASP A 286 54.90 76.79 -36.33
N LYS A 287 54.84 76.16 -37.51
CA LYS A 287 56.07 75.77 -38.20
C LYS A 287 56.87 76.99 -38.61
N SER A 288 56.20 78.05 -39.04
CA SER A 288 56.90 79.28 -39.41
C SER A 288 57.71 79.82 -38.24
N ILE A 289 57.07 79.94 -37.07
CA ILE A 289 57.77 80.44 -35.89
C ILE A 289 58.90 79.49 -35.49
N TYR A 290 58.65 78.18 -35.59
CA TYR A 290 59.68 77.21 -35.22
C TYR A 290 60.92 77.37 -36.09
N ASP A 291 60.73 77.49 -37.42
CA ASP A 291 61.89 77.61 -38.28
C ASP A 291 62.55 78.97 -38.13
N LYS A 292 61.78 80.02 -37.83
CA LYS A 292 62.39 81.32 -37.58
C LYS A 292 63.30 81.28 -36.36
N VAL A 293 62.83 80.67 -35.27
CA VAL A 293 63.65 80.55 -34.07
C VAL A 293 64.85 79.65 -34.33
N LEU A 294 64.66 78.59 -35.14
CA LEU A 294 65.77 77.73 -35.48
C LEU A 294 66.84 78.47 -36.26
N GLN A 295 66.43 79.32 -37.20
CA GLN A 295 67.39 80.13 -37.94
C GLN A 295 68.10 81.12 -37.03
N ASN A 296 67.37 81.72 -36.10
CA ASN A 296 68.01 82.63 -35.14
C ASN A 296 69.04 81.90 -34.30
N PHE A 297 68.72 80.70 -33.82
CA PHE A 297 69.68 79.95 -33.02
C PHE A 297 70.86 79.48 -33.87
N ARG A 298 70.64 79.17 -35.14
CA ARG A 298 71.74 78.83 -36.03
C ARG A 298 72.69 80.03 -36.18
N GLY A 299 72.13 81.22 -36.36
CA GLY A 299 72.97 82.41 -36.40
C GLY A 299 73.72 82.63 -35.10
N ILE A 300 73.06 82.36 -33.97
CA ILE A 300 73.71 82.51 -32.67
C ILE A 300 74.88 81.54 -32.53
N VAL A 301 74.68 80.29 -32.93
CA VAL A 301 75.76 79.31 -32.81
C VAL A 301 76.89 79.63 -33.77
N ASP A 302 76.58 80.15 -34.97
CA ASP A 302 77.64 80.58 -35.87
C ASP A 302 78.44 81.72 -35.27
N ARG A 303 77.75 82.68 -34.65
CA ARG A 303 78.45 83.78 -33.98
C ARG A 303 79.32 83.24 -32.84
N LEU A 304 78.79 82.30 -32.07
CA LEU A 304 79.53 81.76 -30.95
C LEU A 304 80.79 81.01 -31.42
N ASN A 305 80.68 80.29 -32.52
CA ASN A 305 81.84 79.60 -33.06
C ASN A 305 82.84 80.53 -33.72
N LYS A 306 82.38 81.67 -34.25
CA LYS A 306 83.26 82.55 -34.99
C LYS A 306 84.11 83.45 -34.10
N VAL A 307 83.63 83.78 -32.89
CA VAL A 307 84.34 84.72 -32.04
C VAL A 307 85.63 84.10 -31.53
N LEU A 308 86.66 84.92 -31.40
CA LEU A 308 87.97 84.48 -30.90
C LEU A 308 88.48 85.35 -29.76
N VAL A 309 88.22 86.66 -29.80
CA VAL A 309 88.70 87.59 -28.78
C VAL A 309 87.68 88.72 -28.65
N CYS A 310 87.76 89.45 -27.54
CA CYS A 310 86.86 90.56 -27.24
C CYS A 310 87.64 91.86 -27.20
N ILE A 311 87.05 92.91 -27.77
CA ILE A 311 87.67 94.23 -27.82
C ILE A 311 86.93 95.25 -26.98
N SER A 312 85.69 94.98 -26.58
CA SER A 312 84.95 95.95 -25.77
C SER A 312 85.53 96.07 -24.37
N ASP A 313 85.89 94.94 -23.75
CA ASP A 313 86.47 94.94 -22.41
C ASP A 313 87.36 93.72 -22.29
N PRO A 314 88.68 93.90 -22.31
CA PRO A 314 89.59 92.74 -22.19
C PRO A 314 89.47 92.01 -20.87
N ASN A 315 88.95 92.65 -19.82
CA ASN A 315 88.76 91.98 -18.54
C ASN A 315 87.69 90.90 -18.59
N ILE A 316 86.86 90.88 -19.63
CA ILE A 316 85.80 89.89 -19.75
C ILE A 316 86.39 88.60 -20.30
N ASN A 317 86.19 87.51 -19.57
CA ASN A 317 86.67 86.21 -20.02
C ASN A 317 85.90 85.73 -21.24
N ILE A 318 86.58 84.98 -22.10
CA ILE A 318 85.96 84.48 -23.33
C ILE A 318 85.43 83.06 -23.13
N ASN A 319 86.26 82.18 -22.58
CA ASN A 319 85.85 80.78 -22.41
C ASN A 319 84.68 80.66 -21.44
N ILE A 320 84.71 81.42 -20.35
CA ILE A 320 83.64 81.34 -19.36
C ILE A 320 82.31 81.77 -19.99
N TYR A 321 82.32 82.88 -20.73
CA TYR A 321 81.09 83.36 -21.35
C TYR A 321 80.62 82.42 -22.45
N LYS A 322 81.55 81.83 -23.21
CA LYS A 322 81.16 80.86 -24.24
C LYS A 322 80.50 79.64 -23.61
N ASN A 323 81.07 79.13 -22.51
CA ASN A 323 80.47 78.00 -21.81
C ASN A 323 79.11 78.37 -21.26
N LYS A 324 78.97 79.56 -20.70
CA LYS A 324 77.69 80.00 -20.16
C LYS A 324 76.63 80.09 -21.25
N PHE A 325 76.99 80.61 -22.42
CA PHE A 325 76.03 80.71 -23.51
C PHE A 325 75.69 79.34 -24.06
N LYS A 326 76.67 78.43 -24.11
CA LYS A 326 76.39 77.07 -24.53
C LYS A 326 75.40 76.40 -23.58
N ASP A 327 75.57 76.62 -22.28
CA ASP A 327 74.61 76.10 -21.31
C ASP A 327 73.25 76.76 -21.45
N LYS A 328 73.23 78.06 -21.78
CA LYS A 328 71.96 78.76 -21.92
C LYS A 328 71.16 78.25 -23.11
N TYR A 329 71.80 78.10 -24.26
CA TYR A 329 71.10 77.71 -25.49
C TYR A 329 71.07 76.20 -25.71
N LYS A 330 71.63 75.41 -24.79
CA LYS A 330 71.65 73.95 -24.89
C LYS A 330 72.30 73.50 -26.20
N PHE A 331 73.57 73.85 -26.35
CA PHE A 331 74.35 73.46 -27.50
C PHE A 331 75.19 72.22 -27.19
N VAL A 332 75.67 71.58 -28.26
CA VAL A 332 76.47 70.36 -28.15
C VAL A 332 77.92 70.73 -28.43
N GLU A 333 78.80 70.40 -27.49
CA GLU A 333 80.22 70.72 -27.60
C GLU A 333 80.94 69.52 -28.22
N ASP A 334 81.41 69.69 -29.45
CA ASP A 334 82.17 68.63 -30.12
C ASP A 334 83.56 68.50 -29.50
N SER A 335 84.18 67.35 -29.76
CA SER A 335 85.53 67.11 -29.22
C SER A 335 86.54 68.07 -29.81
N GLU A 336 86.39 68.44 -31.09
CA GLU A 336 87.31 69.40 -31.70
C GLU A 336 87.22 70.77 -31.02
N GLY A 337 86.01 71.20 -30.68
CA GLY A 337 85.82 72.49 -30.05
C GLY A 337 84.64 73.26 -30.60
N LYS A 338 84.23 72.91 -31.82
CA LYS A 338 83.08 73.57 -32.43
C LYS A 338 81.80 73.20 -31.70
N TYR A 339 80.86 74.15 -31.68
CA TYR A 339 79.56 73.95 -31.06
C TYR A 339 78.50 73.74 -32.13
N SER A 340 77.73 72.67 -31.99
CA SER A 340 76.69 72.32 -32.93
C SER A 340 75.33 72.38 -32.25
N ILE A 341 74.29 72.23 -33.06
CA ILE A 341 72.91 72.26 -32.58
C ILE A 341 72.34 70.85 -32.68
N ASP A 342 71.87 70.32 -31.55
CA ASP A 342 71.16 69.05 -31.54
C ASP A 342 69.70 69.43 -31.67
N VAL A 343 69.02 68.84 -32.66
CA VAL A 343 67.61 69.18 -32.88
C VAL A 343 66.67 68.65 -31.79
N GLU A 344 67.03 67.51 -31.21
CA GLU A 344 66.24 66.94 -30.12
C GLU A 344 66.37 67.91 -28.95
N SER A 345 67.59 68.33 -28.63
CA SER A 345 67.79 69.26 -27.52
C SER A 345 67.12 70.60 -27.79
N PHE A 346 67.30 71.13 -28.99
CA PHE A 346 66.67 72.40 -29.34
C PHE A 346 65.15 72.27 -29.33
N ASP A 347 64.63 71.16 -29.84
CA ASP A 347 63.18 70.96 -29.83
C ASP A 347 62.64 70.92 -28.42
N LYS A 348 63.32 70.20 -27.52
CA LYS A 348 62.87 70.16 -26.13
C LYS A 348 62.93 71.54 -25.49
N LEU A 349 64.01 72.29 -25.74
CA LEU A 349 64.12 73.62 -25.15
C LEU A 349 63.04 74.56 -25.68
N TYR A 350 62.78 74.52 -26.99
CA TYR A 350 61.76 75.37 -27.56
C TYR A 350 60.37 75.02 -27.03
N LYS A 351 60.07 73.73 -26.95
CA LYS A 351 58.77 73.32 -26.44
C LYS A 351 58.60 73.69 -24.97
N SER A 352 59.66 73.57 -24.18
CA SER A 352 59.56 73.93 -22.77
C SER A 352 59.46 75.45 -22.59
N LEU A 353 60.09 76.22 -23.47
CA LEU A 353 60.02 77.68 -23.35
C LEU A 353 58.67 78.22 -23.79
N MET A 354 58.12 77.70 -24.89
CA MET A 354 56.87 78.23 -25.43
C MET A 354 55.65 77.56 -24.82
N PHE A 355 55.55 76.23 -24.94
CA PHE A 355 54.40 75.48 -24.45
C PHE A 355 54.61 74.92 -23.05
N GLY A 356 55.79 75.06 -22.47
CA GLY A 356 56.04 74.55 -21.14
C GLY A 356 55.63 75.53 -20.06
N PHE A 357 56.20 76.73 -20.11
CA PHE A 357 55.85 77.80 -19.17
C PHE A 357 54.68 78.57 -19.74
N THR A 358 53.49 78.28 -19.22
CA THR A 358 52.27 78.97 -19.63
C THR A 358 51.50 79.39 -18.38
N GLU A 359 50.57 80.32 -18.58
CA GLU A 359 49.73 80.76 -17.46
C GLU A 359 48.86 79.62 -16.96
N THR A 360 48.34 78.80 -17.87
CA THR A 360 47.46 77.70 -17.45
C THR A 360 48.21 76.68 -16.61
N ASN A 361 49.40 76.26 -17.07
CA ASN A 361 50.17 75.26 -16.33
C ASN A 361 50.59 75.79 -14.97
N ILE A 362 51.05 77.03 -14.91
CA ILE A 362 51.48 77.62 -13.64
C ILE A 362 50.30 77.76 -12.69
N ALA A 363 49.15 78.23 -13.20
CA ALA A 363 47.99 78.38 -12.35
C ALA A 363 47.51 77.03 -11.81
N GLU A 364 47.53 75.99 -12.65
CA GLU A 364 47.16 74.66 -12.19
C GLU A 364 48.14 74.15 -11.15
N ASN A 365 49.44 74.43 -11.34
CA ASN A 365 50.44 73.91 -10.41
C ASN A 365 50.36 74.60 -9.05
N TYR A 366 49.98 75.87 -9.03
CA TYR A 366 49.89 76.63 -7.79
C TYR A 366 48.49 76.65 -7.18
N LYS A 367 47.55 75.92 -7.78
CA LYS A 367 46.16 75.89 -7.32
C LYS A 367 45.57 77.30 -7.28
N ILE A 368 45.76 78.04 -8.36
CA ILE A 368 45.27 79.40 -8.51
C ILE A 368 44.28 79.45 -9.66
N LYS A 369 43.11 80.03 -9.42
CA LYS A 369 42.13 80.21 -10.48
C LYS A 369 42.57 81.33 -11.41
N THR A 370 42.28 81.15 -12.70
CA THR A 370 42.66 82.11 -13.72
C THR A 370 41.61 82.11 -14.82
N ARG A 371 41.80 83.00 -15.80
CA ARG A 371 40.85 83.10 -16.91
C ARG A 371 40.83 81.81 -17.71
N ALA A 372 39.62 81.42 -18.14
CA ALA A 372 39.49 80.21 -18.94
C ALA A 372 40.20 80.33 -20.28
N SER A 373 40.10 81.49 -20.93
CA SER A 373 40.70 81.68 -22.24
C SER A 373 41.12 83.13 -22.40
N TYR A 374 42.00 83.36 -23.37
CA TYR A 374 42.49 84.72 -23.62
C TYR A 374 41.36 85.64 -24.06
N PHE A 375 40.32 85.10 -24.67
CA PHE A 375 39.21 85.90 -25.17
C PHE A 375 38.05 85.95 -24.20
N SER A 376 38.22 85.44 -22.99
CA SER A 376 37.17 85.51 -21.98
C SER A 376 36.98 86.95 -21.53
N ASP A 377 35.73 87.29 -21.22
CA ASP A 377 35.40 88.65 -20.81
C ASP A 377 36.08 88.98 -19.48
N SER A 378 36.38 90.26 -19.29
CA SER A 378 37.06 90.75 -18.10
C SER A 378 36.17 91.73 -17.36
N LEU A 379 36.06 91.55 -16.05
CA LEU A 379 35.31 92.42 -15.16
C LEU A 379 36.16 93.60 -14.72
N PRO A 380 35.54 94.68 -14.27
CA PRO A 380 36.32 95.83 -13.78
C PRO A 380 37.22 95.43 -12.62
N PRO A 381 38.42 95.99 -12.56
CA PRO A 381 39.39 95.57 -11.54
C PRO A 381 39.01 96.06 -10.15
N VAL A 382 39.68 95.47 -9.16
CA VAL A 382 39.51 95.83 -7.75
C VAL A 382 40.88 96.05 -7.15
N LYS A 383 40.91 96.64 -5.95
CA LYS A 383 42.14 96.93 -5.25
C LYS A 383 42.27 96.04 -4.02
N ILE A 384 43.40 95.34 -3.91
CA ILE A 384 43.63 94.49 -2.74
C ILE A 384 43.84 95.38 -1.52
N LYS A 385 43.08 95.12 -0.45
CA LYS A 385 43.12 95.98 0.72
C LYS A 385 44.50 95.98 1.36
N ASN A 386 45.10 94.80 1.53
CA ASN A 386 46.41 94.70 2.16
C ASN A 386 47.03 93.38 1.76
N LEU A 387 48.11 93.42 0.99
CA LEU A 387 48.77 92.22 0.51
C LEU A 387 49.84 91.71 1.47
N LEU A 388 50.16 92.46 2.52
CA LEU A 388 51.20 92.07 3.47
C LEU A 388 50.64 91.40 4.72
N ASP A 389 49.33 91.25 4.83
CA ASP A 389 48.72 90.60 5.98
C ASP A 389 48.70 89.10 5.77
N ASN A 390 49.36 88.36 6.67
CA ASN A 390 49.41 86.91 6.54
C ASN A 390 48.07 86.24 6.84
N GLU A 391 47.11 86.98 7.38
CA GLU A 391 45.77 86.46 7.60
C GLU A 391 44.88 86.60 6.38
N ILE A 392 45.39 87.21 5.30
CA ILE A 392 44.66 87.37 4.05
C ILE A 392 45.42 86.74 2.89
N TYR A 393 46.71 87.06 2.76
CA TYR A 393 47.53 86.61 1.65
C TYR A 393 48.86 86.14 2.21
N THR A 394 49.16 84.85 2.03
CA THR A 394 50.38 84.26 2.57
C THR A 394 51.29 83.80 1.43
N ILE A 395 52.53 83.49 1.79
CA ILE A 395 53.53 83.10 0.81
C ILE A 395 53.20 81.74 0.21
N GLU A 396 52.86 80.77 1.06
CA GLU A 396 52.72 79.39 0.60
C GLU A 396 51.35 79.16 -0.04
N GLU A 397 50.28 79.33 0.74
CA GLU A 397 48.94 79.04 0.25
C GLU A 397 48.42 80.12 -0.67
N GLY A 398 48.85 81.36 -0.48
CA GLY A 398 48.37 82.46 -1.28
C GLY A 398 47.03 82.99 -0.80
N PHE A 399 46.16 83.37 -1.73
CA PHE A 399 44.84 83.86 -1.34
C PHE A 399 44.01 82.76 -0.71
N ASN A 400 44.09 81.53 -1.22
CA ASN A 400 43.29 80.41 -0.73
C ASN A 400 44.00 79.81 0.49
N ILE A 401 43.69 80.37 1.65
CA ILE A 401 44.26 79.89 2.90
C ILE A 401 43.50 78.65 3.33
N SER A 402 44.23 77.55 3.52
CA SER A 402 43.58 76.30 3.94
C SER A 402 43.12 76.38 5.38
N ASP A 403 43.88 77.06 6.24
CA ASP A 403 43.53 77.12 7.65
C ASP A 403 42.25 77.91 7.89
N LYS A 404 41.96 78.89 7.02
CA LYS A 404 40.77 79.72 7.15
C LYS A 404 39.60 79.18 6.34
N ASP A 405 39.65 77.91 5.93
CA ASP A 405 38.58 77.27 5.16
C ASP A 405 38.31 78.03 3.87
N MET A 406 39.37 78.25 3.09
CA MET A 406 39.27 79.02 1.86
C MET A 406 40.00 78.36 0.70
N GLU A 407 40.41 77.11 0.83
CA GLU A 407 41.18 76.41 -0.19
C GLU A 407 40.32 75.48 -1.03
N LYS A 408 39.00 75.52 -0.87
CA LYS A 408 38.10 74.66 -1.63
C LYS A 408 37.47 75.46 -2.75
N GLU A 409 37.60 74.95 -3.98
CA GLU A 409 37.03 75.59 -5.17
C GLU A 409 37.51 77.03 -5.32
N TYR A 410 38.74 77.30 -4.86
CA TYR A 410 39.33 78.63 -4.91
C TYR A 410 38.44 79.65 -4.20
N ARG A 411 37.84 79.23 -3.09
CA ARG A 411 36.95 80.11 -2.34
C ARG A 411 37.67 81.37 -1.88
N GLY A 412 38.99 81.31 -1.73
CA GLY A 412 39.75 82.47 -1.33
C GLY A 412 39.81 83.57 -2.36
N GLN A 413 39.49 83.27 -3.62
CA GLN A 413 39.51 84.27 -4.68
C GLN A 413 38.09 84.66 -5.12
N ASN A 414 37.06 84.13 -4.48
CA ASN A 414 35.70 84.45 -4.85
C ASN A 414 35.33 85.85 -4.38
N LYS A 415 34.75 86.63 -5.28
CA LYS A 415 34.35 87.99 -4.94
C LYS A 415 33.24 88.02 -3.89
N ALA A 416 32.29 87.10 -4.00
CA ALA A 416 31.16 87.05 -3.07
C ALA A 416 31.48 86.34 -1.77
N ILE A 417 32.66 85.76 -1.64
CA ILE A 417 33.07 85.03 -0.44
C ILE A 417 34.10 85.81 0.36
N ASN A 418 35.23 86.16 -0.25
CA ASN A 418 36.30 86.87 0.42
C ASN A 418 36.12 88.38 0.27
N LYS A 419 34.97 88.86 0.74
CA LYS A 419 34.66 90.28 0.66
C LYS A 419 35.55 91.13 1.56
N GLN A 420 36.25 90.53 2.52
CA GLN A 420 37.13 91.24 3.42
C GLN A 420 38.58 91.27 2.94
N ALA A 421 38.81 91.17 1.63
CA ALA A 421 40.17 91.19 1.11
C ALA A 421 40.30 92.05 -0.15
N TYR A 422 39.25 92.75 -0.56
CA TYR A 422 39.32 93.57 -1.76
C TYR A 422 38.35 94.73 -1.61
N GLU A 423 38.60 95.78 -2.40
CA GLU A 423 37.76 96.97 -2.42
C GLU A 423 37.43 97.30 -3.87
N GLU A 424 36.17 97.65 -4.11
CA GLU A 424 35.73 98.00 -5.45
C GLU A 424 36.30 99.34 -5.88
N ILE A 425 36.32 99.55 -7.19
CA ILE A 425 36.83 100.79 -7.77
C ILE A 425 35.65 101.62 -8.25
N SER A 426 35.61 102.89 -7.82
CA SER A 426 34.53 103.78 -8.19
C SER A 426 34.52 104.00 -9.70
N LYS A 427 33.32 104.00 -10.29
CA LYS A 427 33.17 104.17 -11.72
C LYS A 427 33.62 105.53 -12.21
N GLU A 428 33.75 106.51 -11.32
CA GLU A 428 34.24 107.83 -11.71
C GLU A 428 35.71 107.87 -12.05
N HIS A 429 36.45 106.78 -11.79
CA HIS A 429 37.89 106.73 -12.06
C HIS A 429 38.25 105.67 -13.09
N LEU A 430 37.26 105.07 -13.75
CA LEU A 430 37.48 103.99 -14.71
C LEU A 430 37.03 104.46 -16.08
N ALA A 431 37.91 104.32 -17.07
CA ALA A 431 37.63 104.69 -18.45
C ALA A 431 37.53 103.44 -19.31
N VAL A 432 36.46 103.34 -20.08
CA VAL A 432 36.23 102.22 -20.98
C VAL A 432 35.94 102.76 -22.37
N TYR A 433 36.42 102.05 -23.38
CA TYR A 433 36.22 102.45 -24.78
C TYR A 433 34.83 101.99 -25.20
N LYS A 434 33.83 102.82 -24.89
CA LYS A 434 32.45 102.48 -25.15
C LYS A 434 32.04 102.83 -26.57
N ILE A 435 31.11 102.04 -27.11
CA ILE A 435 30.49 102.29 -28.40
C ILE A 435 29.04 102.67 -28.13
N GLN A 436 28.62 103.81 -28.65
CA GLN A 436 27.25 104.29 -28.49
C GLN A 436 26.41 103.95 -29.71
N MET A 437 25.49 103.01 -29.54
CA MET A 437 24.55 102.66 -30.62
C MET A 437 23.28 103.51 -30.68
N CYS A 438 23.24 104.45 -31.62
CA CYS A 438 22.15 105.40 -31.74
C CYS A 438 21.18 104.99 -32.84
N LYS A 439 19.89 105.14 -32.54
CA LYS A 439 18.85 104.80 -33.49
C LYS A 439 18.85 105.75 -34.68
N ILE A 446 16.83 106.25 -29.60
CA ILE A 446 17.69 106.51 -28.46
C ILE A 446 19.07 105.89 -28.69
N CYS A 447 19.99 106.17 -27.77
CA CYS A 447 21.35 105.66 -27.85
C CYS A 447 21.64 104.71 -26.69
N ILE A 448 22.39 103.67 -26.98
CA ILE A 448 22.78 102.67 -26.01
C ILE A 448 24.31 102.57 -26.01
N ASP A 449 24.91 102.67 -24.83
CA ASP A 449 26.36 102.60 -24.69
C ASP A 449 26.73 101.19 -24.24
N VAL A 450 27.59 100.53 -25.02
CA VAL A 450 28.05 99.18 -24.74
C VAL A 450 29.57 99.17 -24.74
N ASP A 451 30.16 98.54 -23.73
CA ASP A 451 31.62 98.45 -23.68
C ASP A 451 32.14 97.62 -24.84
N ASN A 452 33.34 97.96 -25.30
CA ASN A 452 33.94 97.21 -26.40
C ASN A 452 34.23 95.78 -26.00
N GLU A 453 34.41 95.52 -24.70
CA GLU A 453 34.64 94.15 -24.24
C GLU A 453 33.41 93.27 -24.36
N ASP A 454 32.24 93.84 -24.64
CA ASP A 454 31.00 93.09 -24.77
C ASP A 454 30.58 92.94 -26.22
N LEU A 455 31.53 92.78 -27.12
CA LEU A 455 31.26 92.64 -28.55
C LEU A 455 31.88 91.36 -29.08
N PHE A 456 31.25 90.81 -30.12
CA PHE A 456 31.73 89.57 -30.71
C PHE A 456 33.13 89.77 -31.29
N PHE A 457 34.05 88.88 -30.95
CA PHE A 457 35.42 88.94 -31.46
C PHE A 457 35.53 87.98 -32.62
N ILE A 458 35.27 88.48 -33.83
CA ILE A 458 35.36 87.67 -35.04
C ILE A 458 36.66 88.04 -35.74
N ALA A 459 37.57 87.08 -35.85
CA ALA A 459 38.84 87.33 -36.51
C ALA A 459 38.65 87.44 -38.01
N ASP A 460 39.52 88.24 -38.63
CA ASP A 460 39.48 88.43 -40.07
C ASP A 460 40.19 87.29 -40.79
N LYS A 461 39.83 87.10 -42.05
CA LYS A 461 40.42 86.02 -42.84
C LYS A 461 41.91 86.24 -43.13
N ASN A 462 42.43 87.44 -42.88
CA ASN A 462 43.84 87.72 -43.13
C ASN A 462 44.75 87.21 -42.03
N SER A 463 44.21 86.79 -40.88
CA SER A 463 45.04 86.36 -39.78
C SER A 463 45.52 84.93 -39.90
N PHE A 464 44.93 84.15 -40.81
CA PHE A 464 45.31 82.76 -41.00
C PHE A 464 46.14 82.62 -42.27
N SER A 465 47.29 81.97 -42.15
CA SER A 465 48.17 81.79 -43.30
C SER A 465 47.58 80.79 -44.28
N ASP A 466 48.18 80.74 -45.47
CA ASP A 466 47.79 79.81 -46.51
C ASP A 466 49.01 79.10 -47.09
N ASP A 467 49.91 78.65 -46.23
CA ASP A 467 51.09 77.94 -46.67
C ASP A 467 50.78 76.56 -47.23
N LEU A 468 49.55 76.07 -47.06
CA LEU A 468 49.18 74.78 -47.62
C LEU A 468 49.23 74.80 -49.14
N SER A 469 48.79 75.90 -49.76
CA SER A 469 48.77 76.00 -51.22
C SER A 469 50.17 76.01 -51.83
N LYS A 470 51.20 76.29 -51.05
CA LYS A 470 52.56 76.26 -51.59
C LYS A 470 52.97 74.85 -51.93
N ASN A 471 53.66 74.69 -53.06
CA ASN A 471 54.16 73.38 -53.45
C ASN A 471 55.27 72.93 -52.51
N GLU A 472 55.39 71.62 -52.36
CA GLU A 472 56.37 71.02 -51.47
C GLU A 472 57.28 70.09 -52.25
N ARG A 473 58.59 70.20 -52.00
CA ARG A 473 59.58 69.36 -52.65
C ARG A 473 59.82 68.12 -51.82
N ILE A 474 59.65 66.95 -52.44
CA ILE A 474 59.81 65.66 -51.77
C ILE A 474 61.14 65.07 -52.21
N GLU A 475 61.98 64.74 -51.25
CA GLU A 475 63.29 64.14 -51.50
C GLU A 475 63.42 62.87 -50.69
N TYR A 476 64.54 62.18 -50.86
CA TYR A 476 64.79 60.93 -50.15
C TYR A 476 65.07 61.14 -48.68
N ASN A 477 65.43 62.36 -48.26
CA ASN A 477 65.71 62.66 -46.86
C ASN A 477 64.69 63.61 -46.26
N THR A 478 63.60 63.92 -46.96
CA THR A 478 62.60 64.84 -46.45
C THR A 478 61.91 64.24 -45.24
N GLN A 479 61.93 64.98 -44.13
CA GLN A 479 61.31 64.53 -42.89
C GLN A 479 60.03 65.30 -42.66
N SER A 480 58.95 64.59 -42.35
CA SER A 480 57.66 65.20 -42.09
C SER A 480 57.68 65.82 -40.70
N ASN A 481 57.91 67.14 -40.63
CA ASN A 481 57.98 67.83 -39.36
C ASN A 481 56.58 68.13 -38.84
N TYR A 482 56.39 67.93 -37.53
CA TYR A 482 55.11 68.19 -36.90
C TYR A 482 55.37 68.70 -35.49
N ILE A 483 55.11 69.97 -35.26
CA ILE A 483 55.27 70.58 -33.95
C ILE A 483 54.01 70.32 -33.14
N GLU A 484 54.16 70.16 -31.84
CA GLU A 484 53.06 69.87 -30.94
C GLU A 484 52.93 70.98 -29.91
N ASN A 485 51.72 71.54 -29.79
CA ASN A 485 51.49 72.65 -28.87
C ASN A 485 51.26 72.17 -27.45
N ASP A 486 52.18 71.36 -26.93
CA ASP A 486 52.04 70.85 -25.58
C ASP A 486 53.39 70.38 -25.06
N PHE A 487 53.57 70.48 -23.75
CA PHE A 487 54.77 70.02 -23.09
C PHE A 487 54.36 69.53 -21.71
N PRO A 488 54.74 68.32 -21.32
CA PRO A 488 54.35 67.80 -20.00
C PRO A 488 54.98 68.62 -18.88
N ILE A 489 54.13 69.15 -17.99
CA ILE A 489 54.63 69.99 -16.91
C ILE A 489 55.42 69.16 -15.91
N ASN A 490 55.13 67.86 -15.80
CA ASN A 490 55.88 67.02 -14.88
C ASN A 490 57.34 66.90 -15.29
N GLU A 491 57.60 66.82 -16.59
CA GLU A 491 58.98 66.79 -17.06
C GLU A 491 59.71 68.08 -16.70
N LEU A 492 59.02 69.22 -16.81
CA LEU A 492 59.62 70.48 -16.42
C LEU A 492 59.90 70.52 -14.92
N ILE A 493 58.97 70.04 -14.11
CA ILE A 493 59.16 70.07 -12.66
C ILE A 493 60.31 69.18 -12.24
N LEU A 494 60.36 67.96 -12.79
CA LEU A 494 61.40 67.02 -12.42
C LEU A 494 62.78 67.44 -12.90
N ASP A 495 62.87 68.35 -13.85
CA ASP A 495 64.15 68.88 -14.31
C ASP A 495 64.65 70.03 -13.46
N THR A 496 63.87 70.48 -12.47
CA THR A 496 64.30 71.56 -11.60
C THR A 496 65.41 71.07 -10.67
N ASP A 497 66.44 71.88 -10.52
CA ASP A 497 67.53 71.60 -9.60
C ASP A 497 67.50 72.59 -8.45
N LEU A 498 67.49 72.08 -7.22
CA LEU A 498 67.41 72.91 -6.03
C LEU A 498 68.68 72.87 -5.19
N ILE A 499 69.69 72.15 -5.63
CA ILE A 499 70.93 71.99 -4.86
C ILE A 499 72.07 72.80 -5.46
N SER A 500 72.33 72.63 -6.76
CA SER A 500 73.44 73.32 -7.38
C SER A 500 73.18 74.83 -7.41
N LYS A 501 74.22 75.60 -7.07
CA LYS A 501 74.11 77.04 -7.00
C LYS A 501 74.34 77.67 -8.38
N ILE A 502 73.93 78.92 -8.51
CA ILE A 502 74.07 79.66 -9.76
C ILE A 502 75.49 80.20 -9.85
N GLU A 503 76.19 79.82 -10.92
CA GLU A 503 77.56 80.28 -11.17
C GLU A 503 77.51 81.28 -12.31
N LEU A 504 77.37 82.56 -11.97
CA LEU A 504 77.28 83.61 -12.97
C LEU A 504 78.54 84.46 -12.97
N PRO A 505 78.97 84.95 -14.14
CA PRO A 505 80.11 85.87 -14.17
C PRO A 505 79.75 87.21 -13.54
N SER A 506 80.79 87.92 -13.11
CA SER A 506 80.60 89.22 -12.46
C SER A 506 79.90 90.19 -13.40
N GLU A 507 78.95 90.95 -12.86
CA GLU A 507 78.18 91.89 -13.65
C GLU A 507 78.94 93.19 -13.94
N ASN A 508 80.02 93.46 -13.23
CA ASN A 508 80.74 94.72 -13.42
C ASN A 508 81.50 94.71 -14.74
N THR A 509 81.48 95.84 -15.43
CA THR A 509 82.14 96.00 -16.71
C THR A 509 82.31 97.49 -16.97
N GLU A 510 82.88 97.82 -18.14
CA GLU A 510 83.07 99.21 -18.51
C GLU A 510 81.73 99.90 -18.69
N SER A 511 81.72 101.20 -18.43
CA SER A 511 80.48 101.98 -18.51
C SER A 511 79.98 102.04 -19.95
N LEU A 512 78.68 102.25 -20.08
CA LEU A 512 78.04 102.30 -21.39
C LEU A 512 78.51 103.52 -22.17
N THR A 513 78.68 103.34 -23.48
CA THR A 513 79.10 104.42 -24.37
C THR A 513 78.00 104.85 -25.32
N ASP A 514 77.42 103.91 -26.07
CA ASP A 514 76.32 104.22 -26.97
C ASP A 514 75.02 104.40 -26.18
N PHE A 515 74.15 105.27 -26.69
CA PHE A 515 72.86 105.51 -26.07
C PHE A 515 71.75 105.53 -27.12
N ASN A 516 71.95 104.85 -28.23
CA ASN A 516 70.92 104.76 -29.26
C ASN A 516 69.82 103.80 -28.81
N VAL A 517 68.60 104.32 -28.68
CA VAL A 517 67.48 103.52 -28.21
C VAL A 517 66.19 104.15 -28.74
N ASP A 518 65.20 103.32 -29.00
CA ASP A 518 63.93 103.75 -29.57
C ASP A 518 62.87 103.71 -28.48
N VAL A 519 62.66 104.84 -27.83
CA VAL A 519 61.62 104.94 -26.81
C VAL A 519 60.26 105.08 -27.50
N PRO A 520 59.31 104.19 -27.22
CA PRO A 520 58.00 104.30 -27.86
C PRO A 520 57.24 105.52 -27.37
N VAL A 521 56.33 106.00 -28.22
CA VAL A 521 55.48 107.15 -27.93
C VAL A 521 54.05 106.66 -27.80
N TYR A 522 53.40 107.01 -26.70
CA TYR A 522 52.04 106.57 -26.41
C TYR A 522 51.11 107.77 -26.44
N GLU A 523 50.05 107.68 -27.25
CA GLU A 523 49.06 108.74 -27.38
C GLU A 523 47.68 108.17 -27.13
N LYS A 524 46.88 108.92 -26.36
CA LYS A 524 45.52 108.50 -26.06
C LYS A 524 44.62 108.67 -27.30
N GLN A 525 43.44 108.08 -27.21
CA GLN A 525 42.44 108.13 -28.27
C GLN A 525 41.08 108.30 -27.63
N PRO A 526 40.09 108.83 -28.38
CA PRO A 526 38.77 109.03 -27.79
C PRO A 526 38.19 107.73 -27.25
N ALA A 527 37.55 107.82 -26.08
CA ALA A 527 37.00 106.67 -25.39
C ALA A 527 35.56 106.39 -25.74
N ILE A 528 34.95 107.17 -26.64
CA ILE A 528 33.58 106.96 -27.08
C ILE A 528 33.57 106.94 -28.60
N LYS A 529 32.97 105.90 -29.17
CA LYS A 529 32.78 105.83 -30.62
C LYS A 529 31.28 105.76 -30.90
N LYS A 530 30.77 106.71 -31.68
CA LYS A 530 29.36 106.77 -31.98
C LYS A 530 29.09 106.11 -33.32
N ILE A 531 28.14 105.16 -33.33
CA ILE A 531 27.71 104.49 -34.54
C ILE A 531 26.20 104.56 -34.61
N PHE A 532 25.66 104.42 -35.81
CA PHE A 532 24.23 104.53 -36.05
C PHE A 532 23.71 103.25 -36.68
N THR A 533 22.68 102.67 -36.08
CA THR A 533 22.06 101.46 -36.59
C THR A 533 20.65 101.37 -36.03
N ASP A 534 19.84 100.50 -36.65
CA ASP A 534 18.46 100.29 -36.24
C ASP A 534 18.14 98.81 -36.20
N GLU A 535 19.07 98.01 -35.68
CA GLU A 535 18.88 96.56 -35.55
C GLU A 535 18.76 96.21 -34.07
N ASN A 536 17.67 95.51 -33.73
CA ASN A 536 17.43 95.07 -32.36
C ASN A 536 18.13 93.74 -32.17
N THR A 537 19.36 93.79 -31.69
CA THR A 537 20.20 92.63 -31.47
C THR A 537 20.49 92.39 -29.99
N ILE A 538 21.46 91.53 -29.71
CA ILE A 538 21.74 91.08 -28.34
C ILE A 538 21.84 92.27 -27.38
N PHE A 539 22.58 93.29 -27.78
CA PHE A 539 22.76 94.45 -26.91
C PHE A 539 21.48 95.20 -26.55
N GLN A 540 20.61 95.45 -27.54
CA GLN A 540 19.37 96.16 -27.28
C GLN A 540 18.45 95.37 -26.37
N TYR A 541 18.34 94.06 -26.59
CA TYR A 541 17.48 93.24 -25.76
C TYR A 541 18.01 93.19 -24.32
N LEU A 542 19.33 93.10 -24.16
CA LEU A 542 19.90 93.15 -22.82
C LEU A 542 19.63 94.49 -22.14
N TYR A 543 19.73 95.58 -22.90
CA TYR A 543 19.44 96.90 -22.33
C TYR A 543 17.98 97.01 -21.90
N SER A 544 17.07 96.45 -22.70
CA SER A 544 15.65 96.59 -22.42
C SER A 544 15.24 95.88 -21.13
N GLN A 545 16.07 94.98 -20.61
CA GLN A 545 15.77 94.28 -19.38
C GLN A 545 16.29 94.99 -18.14
N THR A 546 16.88 96.17 -18.30
CA THR A 546 17.39 96.95 -17.18
C THR A 546 16.46 98.13 -16.88
N PHE A 547 16.59 98.65 -15.67
CA PHE A 547 15.83 99.82 -15.24
C PHE A 547 16.75 100.76 -14.48
N PRO A 548 16.50 102.06 -14.54
CA PRO A 548 17.31 103.00 -13.77
C PRO A 548 17.08 102.83 -12.27
N LEU A 549 18.10 103.18 -11.49
CA LEU A 549 18.04 103.03 -10.05
C LEU A 549 16.97 103.90 -9.41
N ASP A 550 16.60 105.01 -10.04
CA ASP A 550 15.60 105.90 -9.47
C ASP A 550 14.20 105.29 -9.51
N ILE A 551 13.92 104.39 -10.44
CA ILE A 551 12.61 103.77 -10.54
C ILE A 551 12.43 102.79 -9.41
N ARG A 552 11.28 102.85 -8.74
CA ARG A 552 10.96 101.97 -7.62
C ARG A 552 9.74 101.10 -7.84
N ASP A 553 8.84 101.45 -8.76
CA ASP A 553 7.66 100.67 -9.07
C ASP A 553 7.75 100.26 -10.54
N ILE A 554 8.17 99.01 -10.77
CA ILE A 554 8.38 98.50 -12.12
C ILE A 554 7.56 97.23 -12.30
N SER A 555 7.17 96.98 -13.54
CA SER A 555 6.39 95.80 -13.88
C SER A 555 7.00 95.13 -15.10
N LEU A 556 6.87 93.80 -15.15
CA LEU A 556 7.41 93.02 -16.24
C LEU A 556 6.43 92.99 -17.42
N THR A 557 6.97 93.11 -18.62
CA THR A 557 6.19 93.12 -19.84
C THR A 557 6.74 92.09 -20.81
N SER A 558 5.85 91.43 -21.54
CA SER A 558 6.24 90.43 -22.52
C SER A 558 6.60 91.04 -23.88
N SER A 559 6.45 92.35 -24.04
CA SER A 559 6.74 93.03 -25.28
C SER A 559 8.07 93.76 -25.17
N PHE A 560 8.98 93.49 -26.11
CA PHE A 560 10.30 94.12 -26.07
C PHE A 560 10.20 95.62 -26.32
N ASP A 561 9.41 96.03 -27.32
CA ASP A 561 9.31 97.45 -27.66
C ASP A 561 8.66 98.25 -26.53
N ASP A 562 7.64 97.67 -25.88
CA ASP A 562 6.98 98.38 -24.80
C ASP A 562 7.93 98.66 -23.64
N ALA A 563 8.77 97.68 -23.30
CA ALA A 563 9.73 97.89 -22.22
C ALA A 563 10.88 98.78 -22.67
N LEU A 564 11.21 98.77 -23.96
CA LEU A 564 12.27 99.64 -24.46
C LEU A 564 11.84 101.10 -24.46
N LEU A 565 10.55 101.37 -24.72
CA LEU A 565 10.08 102.74 -24.78
C LEU A 565 10.04 103.38 -23.40
N PHE A 566 9.30 102.78 -22.48
CA PHE A 566 9.12 103.36 -21.15
C PHE A 566 10.22 102.90 -20.20
N SER A 567 10.30 103.55 -19.06
CA SER A 567 11.30 103.25 -18.05
C SER A 567 10.75 102.44 -16.88
N ASN A 568 9.43 102.39 -16.70
CA ASN A 568 8.81 101.63 -15.63
C ASN A 568 8.40 100.22 -16.06
N LYS A 569 8.63 99.86 -17.32
CA LYS A 569 8.34 98.53 -17.83
C LYS A 569 9.64 97.82 -18.16
N VAL A 570 9.81 96.61 -17.65
CA VAL A 570 11.03 95.83 -17.80
C VAL A 570 10.72 94.60 -18.64
N TYR A 571 11.55 94.34 -19.65
CA TYR A 571 11.34 93.21 -20.52
C TYR A 571 11.58 91.90 -19.79
N SER A 572 10.89 90.85 -20.25
CA SER A 572 11.10 89.51 -19.72
C SER A 572 10.86 88.52 -20.85
N PHE A 573 11.50 87.35 -20.74
CA PHE A 573 11.44 86.32 -21.76
C PHE A 573 10.91 85.01 -21.19
N PHE A 574 10.10 85.08 -20.14
CA PHE A 574 9.52 83.90 -19.52
C PHE A 574 8.06 83.76 -19.93
N SER A 575 7.41 82.72 -19.42
CA SER A 575 6.03 82.45 -19.77
C SER A 575 5.12 83.55 -19.23
N MET A 576 4.00 83.76 -19.94
CA MET A 576 3.06 84.79 -19.54
C MET A 576 2.49 84.53 -18.15
N ASP A 577 2.42 83.25 -17.75
CA ASP A 577 1.98 82.94 -16.40
C ASP A 577 2.91 83.51 -15.35
N TYR A 578 4.23 83.42 -15.60
CA TYR A 578 5.19 84.01 -14.67
C TYR A 578 5.03 85.52 -14.57
N ILE A 579 4.82 86.19 -15.71
CA ILE A 579 4.62 87.62 -15.71
C ILE A 579 3.36 87.99 -14.93
N LYS A 580 2.27 87.25 -15.16
CA LYS A 580 1.03 87.53 -14.46
C LYS A 580 1.19 87.33 -12.95
N THR A 581 1.89 86.26 -12.55
CA THR A 581 2.10 86.03 -11.12
C THR A 581 2.97 87.13 -10.51
N ALA A 582 4.03 87.54 -11.21
CA ALA A 582 4.91 88.57 -10.68
C ALA A 582 4.19 89.91 -10.55
N ASN A 583 3.37 90.27 -11.54
CA ASN A 583 2.66 91.54 -11.50
C ASN A 583 1.51 91.53 -10.50
N LYS A 584 1.09 90.36 -10.02
CA LYS A 584 -0.04 90.29 -9.12
C LYS A 584 0.30 90.91 -7.77
N VAL A 585 -0.68 91.61 -7.19
CA VAL A 585 -0.57 92.21 -5.87
C VAL A 585 -1.56 91.50 -4.97
N VAL A 586 -1.06 90.98 -3.85
CA VAL A 586 -1.88 90.19 -2.94
C VAL A 586 -1.96 90.91 -1.60
N GLU A 587 -2.79 90.37 -0.70
CA GLU A 587 -2.92 90.92 0.63
C GLU A 587 -1.69 90.57 1.47
N ALA A 588 -1.55 91.28 2.60
CA ALA A 588 -0.42 91.03 3.48
C ALA A 588 -0.46 89.66 4.13
N GLY A 589 -1.63 89.03 4.18
CA GLY A 589 -1.74 87.69 4.76
C GLY A 589 -1.21 86.57 3.91
N LEU A 590 -1.05 86.80 2.61
CA LEU A 590 -0.55 85.78 1.69
C LEU A 590 0.71 86.28 0.96
N PHE A 591 1.44 87.20 1.58
CA PHE A 591 2.62 87.75 0.92
C PHE A 591 3.77 86.75 0.89
N ALA A 592 4.03 86.07 2.00
CA ALA A 592 5.13 85.11 2.04
C ALA A 592 4.87 83.94 1.11
N GLY A 593 3.65 83.42 1.09
CA GLY A 593 3.31 82.36 0.16
C GLY A 593 3.46 82.80 -1.29
N TRP A 594 3.05 84.02 -1.60
CA TRP A 594 3.19 84.53 -2.96
C TRP A 594 4.66 84.68 -3.33
N VAL A 595 5.50 85.13 -2.39
CA VAL A 595 6.92 85.24 -2.66
C VAL A 595 7.52 83.88 -2.95
N LYS A 596 7.18 82.89 -2.12
CA LYS A 596 7.67 81.53 -2.36
C LYS A 596 7.21 81.02 -3.72
N GLN A 597 5.95 81.25 -4.06
CA GLN A 597 5.42 80.79 -5.35
C GLN A 597 6.13 81.47 -6.51
N ILE A 598 6.36 82.77 -6.41
CA ILE A 598 6.97 83.49 -7.53
C ILE A 598 8.43 83.08 -7.70
N VAL A 599 9.14 82.83 -6.60
CA VAL A 599 10.52 82.39 -6.73
C VAL A 599 10.59 80.99 -7.32
N ASN A 600 9.71 80.09 -6.87
CA ASN A 600 9.68 78.76 -7.46
C ASN A 600 9.31 78.81 -8.93
N ASP A 601 8.37 79.69 -9.30
CA ASP A 601 8.01 79.84 -10.70
C ASP A 601 9.15 80.41 -11.53
N PHE A 602 9.94 81.31 -10.95
CA PHE A 602 11.12 81.83 -11.65
C PHE A 602 12.12 80.71 -11.89
N VAL A 603 12.38 79.90 -10.87
CA VAL A 603 13.34 78.80 -11.04
C VAL A 603 12.83 77.79 -12.06
N ILE A 604 11.55 77.46 -12.01
CA ILE A 604 10.97 76.53 -12.96
C ILE A 604 10.96 77.10 -14.37
N GLU A 605 10.81 78.43 -14.50
CA GLU A 605 10.93 79.06 -15.81
C GLU A 605 12.31 78.87 -16.39
N ALA A 606 13.34 79.00 -15.55
CA ALA A 606 14.68 78.56 -15.93
C ALA A 606 14.72 77.03 -15.90
N ASN A 607 15.88 76.46 -16.23
CA ASN A 607 16.06 75.01 -16.30
C ASN A 607 15.11 74.38 -17.31
N LYS A 608 14.52 75.18 -18.20
CA LYS A 608 13.59 74.69 -19.20
C LYS A 608 14.41 74.12 -20.36
N SER A 609 14.53 72.80 -20.41
CA SER A 609 15.31 72.12 -21.42
C SER A 609 14.50 70.97 -22.00
N ASN A 610 14.61 70.78 -23.31
CA ASN A 610 13.97 69.68 -24.02
C ASN A 610 15.04 68.82 -24.66
N THR A 611 14.99 67.51 -24.41
CA THR A 611 16.00 66.60 -24.93
C THR A 611 15.95 66.56 -26.46
N MET A 612 17.12 66.39 -27.08
CA MET A 612 17.25 66.33 -28.52
C MET A 612 17.78 64.97 -28.92
N ASP A 613 17.16 64.35 -29.92
CA ASP A 613 17.59 63.05 -30.43
C ASP A 613 17.87 63.04 -31.92
N LYS A 614 17.48 64.07 -32.66
CA LYS A 614 17.66 64.12 -34.10
C LYS A 614 18.98 64.72 -34.53
N ILE A 615 19.83 65.13 -33.58
CA ILE A 615 21.12 65.74 -33.88
C ILE A 615 22.20 65.03 -33.08
N ALA A 616 23.34 64.78 -33.73
CA ALA A 616 24.46 64.12 -33.08
C ALA A 616 25.03 65.02 -31.98
N ILE A 618 24.38 67.41 -29.36
CA ILE A 618 23.31 68.23 -28.83
C ILE A 618 22.32 67.31 -28.12
N SER A 619 22.36 67.31 -26.79
CA SER A 619 21.51 66.44 -25.99
C SER A 619 20.31 67.19 -25.41
N LEU A 620 20.43 68.50 -25.21
CA LEU A 620 19.33 69.29 -24.67
C LEU A 620 19.30 70.63 -25.38
N ILE A 621 18.10 71.19 -25.51
CA ILE A 621 17.89 72.48 -26.16
C ILE A 621 17.08 73.38 -25.21
N VAL A 622 17.58 74.58 -24.99
CA VAL A 622 16.87 75.58 -24.19
C VAL A 622 16.10 76.48 -25.15
N PRO A 623 14.78 76.63 -24.98
CA PRO A 623 14.00 77.41 -25.96
C PRO A 623 14.04 78.92 -25.74
N TYR A 624 14.31 79.39 -24.53
CA TYR A 624 14.20 80.83 -24.26
C TYR A 624 15.51 81.58 -24.48
N ILE A 625 16.14 81.34 -25.64
CA ILE A 625 17.35 82.04 -26.02
C ILE A 625 17.07 83.11 -27.08
N GLY A 626 16.30 82.75 -28.11
CA GLY A 626 15.87 83.76 -29.06
C GLY A 626 15.00 84.82 -28.42
N LEU A 627 14.16 84.42 -27.46
CA LEU A 627 13.33 85.38 -26.75
C LEU A 627 14.13 86.24 -25.79
N ALA A 628 15.35 85.82 -25.43
CA ALA A 628 16.16 86.54 -24.46
C ALA A 628 17.20 87.44 -25.10
N LEU A 629 17.79 87.04 -26.22
CA LEU A 629 18.82 87.83 -26.88
C LEU A 629 18.46 88.25 -28.29
N ASN A 630 17.70 87.44 -29.03
CA ASN A 630 17.36 87.72 -30.42
C ASN A 630 18.63 87.94 -31.25
N VAL A 631 19.51 86.94 -31.19
CA VAL A 631 20.81 86.99 -31.86
C VAL A 631 20.76 86.06 -33.07
N GLY A 632 21.27 86.54 -34.19
CA GLY A 632 21.29 85.76 -35.42
C GLY A 632 20.27 86.28 -36.41
N ASN A 633 19.50 85.37 -36.99
CA ASN A 633 18.49 85.73 -37.99
C ASN A 633 17.13 85.95 -37.34
N GLU A 634 17.09 86.92 -36.42
CA GLU A 634 15.89 87.30 -35.70
C GLU A 634 15.24 86.09 -35.03
N THR A 635 15.98 85.49 -34.11
CA THR A 635 15.55 84.27 -33.45
C THR A 635 14.35 84.47 -32.52
N ALA A 636 14.01 85.71 -32.19
CA ALA A 636 12.87 85.94 -31.30
C ALA A 636 11.54 85.67 -32.00
N LYS A 637 11.51 85.75 -33.32
CA LYS A 637 10.28 85.56 -34.08
C LYS A 637 9.97 84.06 -34.21
N GLY A 638 8.70 83.71 -33.98
CA GLY A 638 8.27 82.35 -34.15
C GLY A 638 8.77 81.43 -33.04
N ASN A 639 8.63 80.13 -33.30
CA ASN A 639 9.06 79.11 -32.35
C ASN A 639 10.56 78.88 -32.52
N PHE A 640 11.31 79.10 -31.43
CA PHE A 640 12.76 78.95 -31.49
C PHE A 640 13.15 77.50 -31.75
N GLU A 641 12.47 76.54 -31.11
CA GLU A 641 12.80 75.14 -31.29
C GLU A 641 12.56 74.68 -32.72
N ASN A 642 11.42 75.08 -33.29
CA ASN A 642 11.12 74.70 -34.67
C ASN A 642 12.13 75.30 -35.64
N ALA A 643 12.50 76.57 -35.45
CA ALA A 643 13.49 77.20 -36.31
C ALA A 643 14.84 76.50 -36.18
N PHE A 644 15.24 76.16 -34.95
CA PHE A 644 16.52 75.48 -34.76
C PHE A 644 16.51 74.11 -35.43
N GLU A 645 15.41 73.38 -35.32
CA GLU A 645 15.31 72.07 -35.97
C GLU A 645 15.35 72.21 -37.49
N ILE A 646 14.66 73.20 -38.03
CA ILE A 646 14.55 73.33 -39.48
C ILE A 646 15.87 73.79 -40.09
N ALA A 647 16.47 74.85 -39.53
CA ALA A 647 17.62 75.49 -40.14
C ALA A 647 18.95 75.10 -39.50
N GLY A 648 18.94 74.12 -38.60
CA GLY A 648 20.18 73.67 -38.01
C GLY A 648 20.70 74.61 -36.93
N ALA A 649 22.00 74.48 -36.65
CA ALA A 649 22.66 75.22 -35.58
C ALA A 649 23.35 76.49 -36.07
N SER A 650 22.82 77.11 -37.12
CA SER A 650 23.40 78.33 -37.66
C SER A 650 22.58 79.57 -37.36
N ILE A 651 21.30 79.42 -36.97
CA ILE A 651 20.47 80.58 -36.69
C ILE A 651 20.97 81.35 -35.48
N LEU A 652 21.71 80.71 -34.58
CA LEU A 652 22.22 81.41 -33.41
C LEU A 652 23.46 82.23 -33.72
N LEU A 653 24.09 82.00 -34.86
CA LEU A 653 25.30 82.73 -35.21
C LEU A 653 24.95 84.14 -35.67
N GLU A 654 25.61 85.14 -35.07
CA GLU A 654 25.34 86.53 -35.44
C GLU A 654 25.81 86.83 -36.86
N PHE A 655 26.97 86.29 -37.25
CA PHE A 655 27.54 86.55 -38.56
C PHE A 655 28.24 85.29 -39.04
N ILE A 656 27.73 84.71 -40.13
CA ILE A 656 28.34 83.51 -40.70
C ILE A 656 29.64 83.92 -41.39
N PRO A 657 30.77 83.36 -40.98
CA PRO A 657 32.05 83.76 -41.56
C PRO A 657 32.42 82.95 -42.80
N GLU A 658 33.26 83.55 -43.63
CA GLU A 658 33.79 82.89 -44.80
C GLU A 658 34.99 82.02 -44.40
N LEU A 659 34.97 80.77 -44.82
CA LEU A 659 35.99 79.81 -44.43
C LEU A 659 37.11 79.78 -45.45
N LEU A 660 38.34 79.98 -44.99
CA LEU A 660 39.51 79.97 -45.86
C LEU A 660 40.04 78.55 -45.98
N ILE A 661 39.74 77.90 -47.08
CA ILE A 661 40.15 76.53 -47.33
C ILE A 661 41.08 76.51 -48.54
N PRO A 662 42.39 76.51 -48.32
CA PRO A 662 43.32 76.53 -49.44
C PRO A 662 43.29 75.23 -50.23
N VAL A 663 43.63 75.34 -51.51
CA VAL A 663 43.83 74.16 -52.35
C VAL A 663 45.28 73.72 -52.19
N VAL A 664 45.47 72.49 -51.70
CA VAL A 664 46.81 72.01 -51.38
C VAL A 664 47.62 71.87 -52.66
N GLY A 665 48.84 72.40 -52.66
CA GLY A 665 49.66 72.37 -53.84
C GLY A 665 50.20 70.98 -54.15
N ALA A 666 50.65 70.82 -55.38
CA ALA A 666 51.19 69.54 -55.82
C ALA A 666 52.55 69.29 -55.17
N PHE A 667 52.97 68.03 -55.20
CA PHE A 667 54.25 67.61 -54.65
C PHE A 667 55.25 67.45 -55.79
N LEU A 668 56.34 68.20 -55.72
CA LEU A 668 57.41 68.09 -56.70
C LEU A 668 58.39 67.03 -56.21
N LEU A 669 58.37 65.86 -56.86
CA LEU A 669 59.20 64.74 -56.44
C LEU A 669 60.53 64.74 -57.19
N GLU A 670 61.61 64.63 -56.43
CA GLU A 670 62.95 64.57 -57.00
C GLU A 670 63.21 63.18 -57.56
N SER A 671 63.77 63.13 -58.77
CA SER A 671 64.04 61.88 -59.45
C SER A 671 65.52 61.55 -59.40
N TYR A 672 65.84 60.38 -58.89
CA TYR A 672 67.26 60.00 -58.82
C TYR A 672 67.52 58.93 -59.86
N ASP A 674 68.27 56.54 -61.75
CA ASP A 674 69.45 56.06 -60.99
C ASP A 674 69.01 55.52 -59.65
N ASN A 675 69.27 56.24 -58.56
CA ASN A 675 68.87 55.84 -57.18
C ASN A 675 68.69 54.33 -57.02
N LYS A 676 67.50 53.80 -57.35
CA LYS A 676 67.20 52.35 -57.20
C LYS A 676 67.14 52.07 -55.71
N ASN A 677 67.99 52.73 -54.93
CA ASN A 677 67.96 52.65 -53.48
C ASN A 677 67.28 53.83 -52.83
N LYS A 678 67.46 55.04 -53.37
CA LYS A 678 66.83 56.24 -52.85
C LYS A 678 65.50 56.55 -53.51
N ILE A 679 65.06 55.73 -54.47
CA ILE A 679 63.79 55.96 -55.16
C ILE A 679 62.63 55.28 -54.44
N ILE A 680 62.89 54.48 -53.41
CA ILE A 680 61.81 53.88 -52.65
C ILE A 680 61.42 54.74 -51.44
N LYS A 681 62.41 55.32 -50.76
CA LYS A 681 62.13 56.15 -49.59
C LYS A 681 61.38 57.42 -49.93
N THR A 682 61.51 57.93 -51.16
CA THR A 682 60.82 59.15 -51.53
C THR A 682 59.30 58.96 -51.56
N ILE A 683 58.84 57.76 -51.95
CA ILE A 683 57.41 57.49 -51.96
C ILE A 683 56.86 57.55 -50.54
N ASP A 684 57.56 56.90 -49.60
CA ASP A 684 57.14 56.93 -48.20
C ASP A 684 57.18 58.35 -47.65
N ASN A 685 58.21 59.12 -48.02
CA ASN A 685 58.27 60.51 -47.57
C ASN A 685 57.10 61.31 -48.11
N ALA A 686 56.72 61.09 -49.36
CA ALA A 686 55.56 61.76 -49.92
C ALA A 686 54.28 61.38 -49.18
N LEU A 687 54.13 60.10 -48.82
CA LEU A 687 52.96 59.68 -48.09
C LEU A 687 52.89 60.33 -46.71
N THR A 688 54.02 60.37 -46.00
CA THR A 688 54.03 61.01 -44.68
C THR A 688 53.76 62.51 -44.81
N LYS A 689 54.28 63.14 -45.87
CA LYS A 689 53.97 64.54 -46.11
C LYS A 689 52.49 64.75 -46.37
N ARG A 690 51.85 63.82 -47.08
CA ARG A 690 50.41 63.92 -47.30
C ARG A 690 49.65 63.82 -45.98
N ASN A 691 50.07 62.92 -45.10
CA ASN A 691 49.45 62.85 -43.78
C ASN A 691 49.64 64.16 -43.02
N GLU A 692 50.83 64.74 -43.11
CA GLU A 692 51.10 66.01 -42.45
C GLU A 692 50.21 67.12 -43.01
N LYS A 693 49.99 67.11 -44.32
CA LYS A 693 49.10 68.11 -44.92
C LYS A 693 47.67 67.93 -44.42
N TRP A 694 47.22 66.69 -44.30
CA TRP A 694 45.90 66.44 -43.71
C TRP A 694 45.81 67.05 -42.32
N SER A 695 46.82 66.77 -41.48
CA SER A 695 46.81 67.29 -40.12
C SER A 695 46.83 68.81 -40.10
N ASP A 696 47.63 69.42 -40.97
CA ASP A 696 47.72 70.88 -41.01
C ASP A 696 46.40 71.49 -41.45
N MET A 697 45.72 70.89 -42.43
CA MET A 697 44.41 71.40 -42.84
C MET A 697 43.41 71.31 -41.70
N TYR A 698 43.41 70.18 -40.99
CA TYR A 698 42.52 70.04 -39.84
C TYR A 698 42.81 71.11 -38.79
N GLY A 699 44.09 71.35 -38.52
CA GLY A 699 44.44 72.36 -37.54
C GLY A 699 44.04 73.75 -37.95
N LEU A 700 44.18 74.06 -39.24
CA LEU A 700 43.75 75.36 -39.74
C LEU A 700 42.25 75.55 -39.59
N ILE A 701 41.48 74.52 -39.92
CA ILE A 701 40.02 74.62 -39.76
C ILE A 701 39.66 74.79 -38.29
N VAL A 702 40.35 74.05 -37.40
CA VAL A 702 40.08 74.17 -35.97
C VAL A 702 40.39 75.58 -35.48
N ALA A 703 41.51 76.15 -35.95
CA ALA A 703 41.87 77.51 -35.56
C ALA A 703 40.81 78.51 -36.02
N GLN A 704 40.32 78.33 -37.25
CA GLN A 704 39.26 79.22 -37.74
C GLN A 704 38.00 79.09 -36.90
N TRP A 705 37.65 77.87 -36.52
CA TRP A 705 36.47 77.67 -35.66
C TRP A 705 36.65 78.35 -34.31
N LEU A 706 37.84 78.20 -33.72
CA LEU A 706 38.08 78.78 -32.41
C LEU A 706 38.10 80.30 -32.46
N SER A 707 38.55 80.88 -33.57
CA SER A 707 38.62 82.33 -33.67
C SER A 707 37.29 82.98 -34.03
N THR A 708 36.59 82.44 -35.03
CA THR A 708 35.44 83.15 -35.60
C THR A 708 34.10 82.67 -35.07
N VAL A 709 33.91 81.37 -34.84
CA VAL A 709 32.61 80.83 -34.47
C VAL A 709 32.47 80.66 -32.97
N ASN A 710 33.50 80.12 -32.30
CA ASN A 710 33.40 79.85 -30.87
C ASN A 710 33.25 81.13 -30.06
N THR A 711 33.86 82.22 -30.51
CA THR A 711 33.76 83.48 -29.79
C THR A 711 32.34 84.02 -29.80
N GLN A 712 31.63 83.87 -30.93
CA GLN A 712 30.24 84.29 -30.97
C GLN A 712 29.39 83.52 -29.96
N PHE A 713 29.61 82.21 -29.86
CA PHE A 713 28.88 81.41 -28.89
C PHE A 713 29.24 81.78 -27.46
N TYR A 714 30.52 82.11 -27.21
CA TYR A 714 30.90 82.57 -25.89
C TYR A 714 30.20 83.87 -25.53
N THR A 715 30.11 84.79 -26.49
CA THR A 715 29.39 86.03 -26.27
C THR A 715 27.91 85.75 -26.00
N ILE A 716 27.34 84.77 -26.70
CA ILE A 716 25.94 84.40 -26.46
C ILE A 716 25.78 83.86 -25.04
N LYS A 717 26.73 83.05 -24.57
CA LYS A 717 26.68 82.54 -23.20
C LYS A 717 26.73 83.67 -22.19
N GLU A 718 27.64 84.62 -22.41
CA GLU A 718 27.75 85.76 -21.49
C GLU A 718 26.47 86.59 -21.51
N GLY A 719 25.89 86.78 -22.69
CA GLY A 719 24.63 87.52 -22.78
C GLY A 719 23.50 86.82 -22.06
N MET A 720 23.43 85.49 -22.17
CA MET A 720 22.40 84.75 -21.45
C MET A 720 22.58 84.88 -19.95
N TYR A 721 23.83 84.79 -19.48
CA TYR A 721 24.09 84.96 -18.05
C TYR A 721 23.67 86.35 -17.59
N LYS A 722 24.00 87.39 -18.37
CA LYS A 722 23.63 88.74 -18.00
C LYS A 722 22.11 88.91 -18.00
N ALA A 723 21.42 88.30 -18.97
CA ALA A 723 19.97 88.41 -19.01
C ALA A 723 19.33 87.75 -17.80
N LEU A 724 19.82 86.58 -17.41
CA LEU A 724 19.28 85.92 -16.23
C LEU A 724 19.56 86.74 -14.97
N ASN A 725 20.75 87.34 -14.89
CA ASN A 725 21.05 88.21 -13.75
C ASN A 725 20.12 89.41 -13.71
N TYR A 726 19.84 90.00 -14.87
CA TYR A 726 18.91 91.14 -14.93
C TYR A 726 17.52 90.73 -14.47
N GLN A 727 17.06 89.55 -14.92
CA GLN A 727 15.75 89.07 -14.48
C GLN A 727 15.71 88.88 -12.97
N ALA A 728 16.77 88.28 -12.40
CA ALA A 728 16.81 88.08 -10.96
C ALA A 728 16.82 89.41 -10.22
N GLN A 729 17.57 90.38 -10.72
CA GLN A 729 17.61 91.70 -10.08
C GLN A 729 16.26 92.38 -10.14
N ALA A 730 15.58 92.29 -11.27
CA ALA A 730 14.25 92.89 -11.39
C ALA A 730 13.27 92.22 -10.43
N LEU A 731 13.31 90.90 -10.33
CA LEU A 731 12.42 90.21 -9.39
C LEU A 731 12.72 90.61 -7.95
N GLU A 732 14.00 90.71 -7.59
CA GLU A 732 14.37 91.13 -6.25
C GLU A 732 13.89 92.54 -5.95
N GLU A 733 14.03 93.44 -6.92
CA GLU A 733 13.55 94.81 -6.74
C GLU A 733 12.05 94.85 -6.56
N ILE A 734 11.32 94.05 -7.34
CA ILE A 734 9.86 94.00 -7.19
C ILE A 734 9.49 93.48 -5.81
N ILE A 735 10.18 92.43 -5.35
CA ILE A 735 9.91 91.87 -4.04
C ILE A 735 10.14 92.91 -2.95
N LYS A 736 11.27 93.62 -3.04
CA LYS A 736 11.59 94.63 -2.03
C LYS A 736 10.57 95.75 -2.04
N TYR A 737 10.17 96.22 -3.22
CA TYR A 737 9.20 97.29 -3.31
C TYR A 737 7.84 96.86 -2.73
N ARG A 738 7.40 95.64 -3.05
CA ARG A 738 6.14 95.17 -2.51
C ARG A 738 6.20 95.00 -1.00
N TYR A 739 7.33 94.51 -0.48
CA TYR A 739 7.47 94.33 0.96
C TYR A 739 7.50 95.68 1.68
N ASN A 740 8.14 96.69 1.08
CA ASN A 740 8.21 98.00 1.70
C ASN A 740 6.94 98.82 1.49
N ILE A 741 6.07 98.42 0.56
CA ILE A 741 4.83 99.15 0.33
C ILE A 741 3.75 98.81 1.36
N TYR A 742 4.02 97.88 2.28
CA TYR A 742 3.06 97.52 3.30
C TYR A 742 3.19 98.44 4.51
N SER A 743 2.21 98.35 5.41
CA SER A 743 2.24 99.09 6.65
C SER A 743 3.27 98.49 7.60
N GLU A 744 3.57 99.24 8.67
CA GLU A 744 4.53 98.77 9.65
C GLU A 744 4.03 97.52 10.36
N LYS A 745 2.74 97.48 10.72
CA LYS A 745 2.19 96.32 11.38
C LYS A 745 2.21 95.10 10.45
N GLU A 746 1.82 95.29 9.18
CA GLU A 746 1.84 94.18 8.23
C GLU A 746 3.25 93.67 8.01
N LYS A 747 4.22 94.58 7.89
CA LYS A 747 5.61 94.17 7.72
C LYS A 747 6.13 93.45 8.95
N SER A 748 5.71 93.87 10.14
CA SER A 748 6.09 93.15 11.36
C SER A 748 5.45 91.77 11.43
N ASN A 749 4.25 91.63 10.86
CA ASN A 749 3.59 90.33 10.86
C ASN A 749 4.27 89.33 9.93
N ILE A 750 4.88 89.80 8.85
CA ILE A 750 5.49 88.94 7.85
C ILE A 750 6.98 88.82 8.14
N ASN A 751 7.48 87.58 8.17
CA ASN A 751 8.89 87.30 8.38
C ASN A 751 9.47 86.72 7.09
N ILE A 752 10.29 87.49 6.40
CA ILE A 752 10.92 87.07 5.15
C ILE A 752 12.40 87.46 5.21
N ASP A 753 13.25 86.54 4.80
CA ASP A 753 14.69 86.75 4.75
C ASP A 753 15.12 86.95 3.30
N PHE A 754 15.73 88.09 3.02
CA PHE A 754 16.15 88.38 1.65
C PHE A 754 17.41 87.63 1.24
N ASN A 755 18.24 87.24 2.21
CA ASN A 755 19.39 86.40 1.89
C ASN A 755 18.95 85.07 1.30
N ASP A 756 17.89 84.48 1.85
CA ASP A 756 17.41 83.19 1.36
C ASP A 756 16.89 83.29 -0.07
N ILE A 757 16.09 84.32 -0.37
CA ILE A 757 15.58 84.46 -1.72
C ILE A 757 16.70 84.77 -2.70
N ASN A 758 17.69 85.56 -2.27
CA ASN A 758 18.83 85.82 -3.13
C ASN A 758 19.60 84.55 -3.43
N SER A 759 19.80 83.71 -2.41
CA SER A 759 20.52 82.45 -2.61
C SER A 759 19.76 81.52 -3.54
N LYS A 760 18.44 81.42 -3.36
CA LYS A 760 17.66 80.57 -4.25
C LYS A 760 17.70 81.07 -5.68
N LEU A 761 17.61 82.38 -5.88
CA LEU A 761 17.70 82.94 -7.22
C LEU A 761 19.06 82.64 -7.85
N ASN A 762 20.13 82.79 -7.06
CA ASN A 762 21.47 82.51 -7.59
C ASN A 762 21.63 81.04 -7.95
N GLU A 763 21.09 80.14 -7.13
CA GLU A 763 21.18 78.71 -7.44
C GLU A 763 20.43 78.39 -8.73
N GLY A 764 19.23 78.96 -8.89
CA GLY A 764 18.50 78.75 -10.13
C GLY A 764 19.24 79.31 -11.33
N ILE A 765 19.86 80.48 -11.17
CA ILE A 765 20.63 81.08 -12.25
C ILE A 765 21.79 80.17 -12.63
N ASN A 766 22.50 79.63 -11.65
CA ASN A 766 23.63 78.76 -11.94
C ASN A 766 23.19 77.48 -12.64
N GLN A 767 22.07 76.90 -12.22
CA GLN A 767 21.57 75.70 -12.90
C GLN A 767 21.19 76.00 -14.34
N ALA A 768 20.49 77.12 -14.56
CA ALA A 768 20.12 77.49 -15.92
C ALA A 768 21.35 77.75 -16.77
N ILE A 769 22.38 78.36 -16.18
CA ILE A 769 23.61 78.63 -16.90
C ILE A 769 24.32 77.33 -17.24
N ASP A 770 24.26 76.34 -16.35
CA ASP A 770 24.81 75.03 -16.68
C ASP A 770 24.13 74.45 -17.91
N ASN A 771 22.80 74.48 -17.93
CA ASN A 771 22.08 73.96 -19.09
C ASN A 771 22.42 74.74 -20.35
N ILE A 772 22.48 76.07 -20.25
CA ILE A 772 22.80 76.91 -21.40
C ILE A 772 24.20 76.60 -21.91
N ASN A 773 25.15 76.44 -20.99
CA ASN A 773 26.52 76.14 -21.37
C ASN A 773 26.61 74.83 -22.12
N ASN A 774 25.95 73.80 -21.60
CA ASN A 774 25.95 72.51 -22.29
C ASN A 774 25.35 72.63 -23.69
N PHE A 775 24.20 73.30 -23.78
CA PHE A 775 23.53 73.43 -25.08
C PHE A 775 24.39 74.20 -26.07
N ILE A 776 25.01 75.29 -25.64
CA ILE A 776 25.79 76.12 -26.54
C ILE A 776 27.07 75.40 -26.98
N ASN A 777 27.73 74.69 -26.06
CA ASN A 777 28.88 73.90 -26.46
C ASN A 777 28.49 72.84 -27.47
N GLY A 778 27.36 72.17 -27.25
CA GLY A 778 26.90 71.20 -28.22
C GLY A 778 26.67 71.80 -29.58
N CYS A 779 26.02 72.97 -29.61
CA CYS A 779 25.76 73.64 -30.89
C CYS A 779 27.05 74.03 -31.58
N SER A 780 28.02 74.54 -30.82
CA SER A 780 29.28 74.97 -31.43
C SER A 780 30.04 73.79 -32.02
N VAL A 781 30.15 72.70 -31.27
CA VAL A 781 30.85 71.53 -31.79
C VAL A 781 30.10 70.94 -32.97
N SER A 782 28.77 70.96 -32.93
CA SER A 782 27.99 70.47 -34.07
C SER A 782 28.22 71.32 -35.31
N TYR A 783 28.28 72.64 -35.13
CA TYR A 783 28.57 73.51 -36.27
C TYR A 783 29.95 73.22 -36.85
N LEU A 784 30.95 73.05 -35.99
CA LEU A 784 32.28 72.72 -36.49
C LEU A 784 32.36 71.44 -37.30
N MET A 785 31.68 70.38 -36.82
CA MET A 785 31.75 69.10 -37.50
C MET A 785 30.92 69.03 -38.78
N LYS A 786 29.78 69.73 -38.80
CA LYS A 786 28.80 69.55 -39.86
C LYS A 786 28.77 70.74 -40.82
N LYS A 787 29.59 71.77 -40.60
CA LYS A 787 29.59 72.92 -41.49
C LYS A 787 31.01 73.32 -41.87
N MET A 788 32.02 73.00 -41.07
CA MET A 788 33.39 73.25 -41.38
C MET A 788 34.26 72.07 -41.90
N ILE A 789 34.29 71.00 -41.12
CA ILE A 789 34.98 69.77 -41.51
C ILE A 789 34.66 69.11 -42.85
N PRO A 790 33.38 68.97 -43.26
CA PRO A 790 33.13 68.33 -44.56
C PRO A 790 33.79 69.02 -45.74
N LEU A 791 33.83 70.35 -45.75
CA LEU A 791 34.43 71.06 -46.87
C LEU A 791 35.93 70.84 -46.91
N ALA A 792 36.60 70.89 -45.76
CA ALA A 792 38.02 70.59 -45.70
C ALA A 792 38.30 69.16 -46.12
N VAL A 793 37.40 68.24 -45.75
CA VAL A 793 37.56 66.85 -46.16
C VAL A 793 37.43 66.70 -47.66
N GLU A 794 36.48 67.43 -48.27
CA GLU A 794 36.33 67.38 -49.72
C GLU A 794 37.58 67.93 -50.42
N LYS A 795 38.11 69.04 -49.93
CA LYS A 795 39.33 69.59 -50.52
C LYS A 795 40.50 68.63 -50.36
N LEU A 796 40.61 67.99 -49.19
CA LEU A 796 41.68 67.03 -48.97
C LEU A 796 41.52 65.80 -49.84
N LEU A 797 40.29 65.39 -50.14
CA LEU A 797 40.07 64.27 -51.04
C LEU A 797 40.46 64.63 -52.47
N ASP A 798 40.16 65.86 -52.89
CA ASP A 798 40.62 66.32 -54.20
C ASP A 798 42.15 66.32 -54.26
N PHE A 799 42.79 66.80 -53.20
CA PHE A 799 44.25 66.75 -53.13
C PHE A 799 44.76 65.32 -53.15
N ASP A 800 44.05 64.40 -52.49
CA ASP A 800 44.44 63.00 -52.50
C ASP A 800 44.37 62.42 -53.90
N ASN A 801 43.32 62.73 -54.65
CA ASN A 801 43.22 62.28 -56.04
C ASN A 801 44.35 62.84 -56.88
N THR A 802 44.64 64.14 -56.72
CA THR A 802 45.72 64.75 -57.48
C THR A 802 47.06 64.10 -57.15
N LEU A 803 47.32 63.85 -55.87
CA LEU A 803 48.57 63.22 -55.48
C LEU A 803 48.65 61.78 -55.98
N LYS A 804 47.54 61.07 -55.98
CA LYS A 804 47.54 59.72 -56.52
C LYS A 804 47.89 59.72 -58.00
N LYS A 805 47.29 60.64 -58.77
CA LYS A 805 47.63 60.73 -60.19
C LYS A 805 49.09 61.09 -60.39
N ASN A 806 49.60 62.04 -59.59
CA ASN A 806 50.99 62.44 -59.71
C ASN A 806 51.94 61.29 -59.40
N LEU A 807 51.64 60.53 -58.33
CA LEU A 807 52.50 59.40 -57.98
C LEU A 807 52.42 58.30 -59.04
N LEU A 808 51.24 58.08 -59.62
CA LEU A 808 51.11 57.08 -60.66
C LEU A 808 51.94 57.45 -61.89
N ASN A 809 51.86 58.72 -62.32
CA ASN A 809 52.65 59.12 -63.46
C ASN A 809 54.14 59.21 -63.14
N TYR A 810 54.48 59.39 -61.86
CA TYR A 810 55.89 59.34 -61.46
C TYR A 810 56.43 57.92 -61.53
N ILE A 811 55.64 56.96 -61.07
CA ILE A 811 56.04 55.55 -61.18
C ILE A 811 56.15 55.15 -62.64
N ASP A 812 55.20 55.58 -63.46
CA ASP A 812 55.27 55.28 -64.90
C ASP A 812 56.49 55.92 -65.53
N GLU A 813 56.81 57.15 -65.17
CA GLU A 813 57.95 57.87 -65.74
C GLU A 813 59.28 57.37 -65.23
N ASN A 814 59.30 56.51 -64.20
CA ASN A 814 60.53 55.96 -63.66
C ASN A 814 60.38 54.47 -63.40
N LYS A 815 59.67 53.78 -64.30
CA LYS A 815 59.41 52.35 -64.13
C LYS A 815 60.61 51.48 -64.46
N LEU A 816 61.66 52.04 -65.06
CA LEU A 816 62.83 51.25 -65.41
C LEU A 816 63.49 50.68 -64.15
N TYR A 817 63.92 51.56 -63.24
CA TYR A 817 64.46 51.12 -61.97
C TYR A 817 63.32 50.71 -61.04
N LEU A 818 63.69 50.30 -59.83
CA LEU A 818 62.73 49.93 -58.78
C LEU A 818 61.78 48.83 -59.29
N SER A 821 59.47 45.48 -59.63
CA SER A 821 58.22 45.17 -58.92
C SER A 821 57.49 46.47 -58.56
N ALA A 822 57.34 47.35 -59.55
CA ALA A 822 56.61 48.59 -59.34
C ALA A 822 55.12 48.36 -59.13
N GLU A 823 54.61 47.18 -59.48
CA GLU A 823 53.22 46.87 -59.20
C GLU A 823 52.95 46.86 -57.70
N TYR A 824 53.90 46.35 -56.92
CA TYR A 824 53.76 46.38 -55.47
C TYR A 824 53.70 47.82 -54.96
N GLU A 825 54.55 48.69 -55.50
CA GLU A 825 54.52 50.09 -55.09
C GLU A 825 53.19 50.75 -55.46
N LYS A 826 52.67 50.45 -56.66
CA LYS A 826 51.39 51.01 -57.06
C LYS A 826 50.27 50.52 -56.15
N SER A 827 50.28 49.24 -55.80
CA SER A 827 49.27 48.71 -54.89
C SER A 827 49.37 49.36 -53.52
N LYS A 828 50.59 49.53 -53.01
CA LYS A 828 50.76 50.19 -51.71
C LYS A 828 50.27 51.62 -51.75
N VAL A 829 50.57 52.34 -52.82
CA VAL A 829 50.13 53.74 -52.95
C VAL A 829 48.61 53.81 -52.99
N ASN A 830 47.99 52.93 -53.78
CA ASN A 830 46.53 52.94 -53.88
C ASN A 830 45.89 52.61 -52.54
N LYS A 831 46.43 51.60 -51.84
CA LYS A 831 45.87 51.22 -50.54
C LYS A 831 46.03 52.34 -49.53
N TYR A 832 47.18 53.02 -49.52
CA TYR A 832 47.41 54.07 -48.53
C TYR A 832 46.56 55.32 -48.69
N LEU A 833 46.33 55.76 -49.93
CA LEU A 833 45.51 56.94 -50.16
C LEU A 833 44.02 56.62 -50.35
N LYS A 834 43.66 55.34 -50.26
CA LYS A 834 42.25 54.96 -50.32
C LYS A 834 41.64 55.29 -48.97
N THR A 835 42.46 55.39 -47.92
CA THR A 835 41.97 55.62 -46.57
C THR A 835 42.20 57.08 -46.18
N ILE A 836 41.32 57.58 -45.32
CA ILE A 836 41.38 58.96 -44.86
C ILE A 836 41.85 58.98 -43.41
N MET A 837 42.33 60.14 -42.98
CA MET A 837 42.75 60.33 -41.60
C MET A 837 41.61 60.91 -40.79
N PRO A 838 41.16 60.24 -39.73
CA PRO A 838 40.02 60.75 -38.97
C PRO A 838 40.36 62.05 -38.24
N PHE A 839 39.35 62.88 -38.05
CA PHE A 839 39.50 64.14 -37.35
C PHE A 839 39.23 63.93 -35.86
N ASP A 840 40.20 64.29 -35.03
CA ASP A 840 40.08 64.22 -33.58
C ASP A 840 40.10 65.62 -33.02
N LEU A 841 39.13 65.92 -32.14
CA LEU A 841 39.07 67.24 -31.51
C LEU A 841 39.83 67.29 -30.20
N SER A 842 40.11 66.14 -29.59
CA SER A 842 40.75 66.13 -28.28
C SER A 842 42.17 66.64 -28.52
N ILE A 843 42.70 66.46 -29.73
CA ILE A 843 44.03 66.98 -30.04
C ILE A 843 44.15 68.51 -29.78
N TYR A 844 43.25 69.26 -30.40
CA TYR A 844 43.18 70.70 -30.18
C TYR A 844 42.45 71.25 -28.96
N THR A 845 41.80 70.38 -28.17
CA THR A 845 41.19 70.79 -26.92
C THR A 845 42.16 70.52 -25.77
N ASN A 846 41.68 70.68 -24.55
CA ASN A 846 42.52 70.45 -23.38
C ASN A 846 41.77 69.66 -22.31
N ILE A 861 32.04 62.39 -7.16
CA ILE A 861 31.52 63.31 -6.15
C ILE A 861 30.66 64.37 -6.80
N LEU A 862 29.57 64.75 -6.11
CA LEU A 862 28.67 65.78 -6.61
C LEU A 862 29.18 67.19 -6.38
N ASN A 863 30.17 67.36 -5.50
CA ASN A 863 30.81 68.66 -5.26
C ASN A 863 29.80 69.72 -4.80
N ASN A 864 28.66 69.27 -4.26
CA ASN A 864 27.64 70.16 -3.71
C ASN A 864 27.49 69.94 -2.22
N ILE A 865 28.53 69.43 -1.58
CA ILE A 865 28.50 69.03 -0.18
C ILE A 865 28.76 70.24 0.70
N ILE A 866 28.23 70.19 1.93
CA ILE A 866 28.45 71.25 2.91
C ILE A 866 28.92 70.63 4.22
N LEU A 867 28.91 69.29 4.28
CA LEU A 867 29.38 68.59 5.46
C LEU A 867 29.76 67.18 5.06
N ASN A 868 30.95 66.74 5.48
CA ASN A 868 31.45 65.42 5.09
C ASN A 868 32.35 64.92 6.21
N LEU A 869 31.80 64.07 7.08
CA LEU A 869 32.55 63.52 8.19
C LEU A 869 33.40 62.34 7.72
N ARG A 870 34.68 62.36 8.08
CA ARG A 870 35.60 61.30 7.67
C ARG A 870 36.61 61.05 8.79
N TYR A 871 37.29 59.92 8.68
CA TYR A 871 38.28 59.50 9.67
C TYR A 871 39.67 59.81 9.13
N LYS A 872 40.46 60.56 9.89
CA LYS A 872 41.81 60.93 9.48
C LYS A 872 42.88 60.31 10.37
N ASP A 873 42.85 60.58 11.67
CA ASP A 873 43.84 60.00 12.59
C ASP A 873 43.20 59.91 13.97
N ASN A 874 42.63 58.75 14.28
CA ASN A 874 42.00 58.50 15.58
C ASN A 874 40.98 59.57 15.94
N ASN A 875 40.38 60.20 14.92
CA ASN A 875 39.44 61.29 15.15
C ASN A 875 38.60 61.47 13.90
N LEU A 876 37.47 62.16 14.07
CA LEU A 876 36.58 62.49 12.97
C LEU A 876 36.74 63.96 12.61
N ILE A 877 37.01 64.24 11.34
CA ILE A 877 37.14 65.60 10.86
C ILE A 877 36.17 65.81 9.71
N ASP A 878 36.13 67.05 9.19
CA ASP A 878 35.21 67.42 8.12
C ASP A 878 36.02 67.73 6.88
N LEU A 879 35.84 66.93 5.83
CA LEU A 879 36.52 67.13 4.56
C LEU A 879 35.72 67.97 3.58
N SER A 880 34.58 68.52 3.99
CA SER A 880 33.78 69.33 3.10
C SER A 880 34.52 70.59 2.65
N GLY A 881 35.51 71.04 3.40
CA GLY A 881 36.23 72.24 3.08
C GLY A 881 35.67 73.52 3.67
N TYR A 882 34.51 73.45 4.31
CA TYR A 882 33.90 74.62 4.96
C TYR A 882 34.33 74.76 6.41
N GLY A 883 35.10 73.82 6.94
CA GLY A 883 35.64 73.95 8.28
C GLY A 883 34.61 73.95 9.38
N ALA A 884 33.96 72.82 9.60
CA ALA A 884 33.01 72.66 10.69
C ALA A 884 33.71 71.98 11.86
N LYS A 885 33.56 72.54 13.06
CA LYS A 885 34.23 72.02 14.23
C LYS A 885 33.55 70.73 14.67
N VAL A 886 34.31 69.64 14.71
CA VAL A 886 33.79 68.33 15.09
C VAL A 886 34.45 67.91 16.39
N GLU A 887 33.64 67.74 17.43
CA GLU A 887 34.10 67.27 18.73
C GLU A 887 33.57 65.86 18.94
N VAL A 888 34.49 64.91 19.06
CA VAL A 888 34.15 63.50 19.27
C VAL A 888 34.63 63.13 20.67
N TYR A 889 33.72 62.61 21.48
CA TYR A 889 34.03 62.28 22.86
C TYR A 889 34.51 60.84 22.98
N ASP A 890 35.00 60.49 24.17
CA ASP A 890 35.61 59.18 24.39
C ASP A 890 34.62 58.03 24.28
N GLY A 891 33.32 58.29 24.39
CA GLY A 891 32.34 57.22 24.31
C GLY A 891 32.11 56.67 22.92
N VAL A 892 32.53 57.41 21.89
CA VAL A 892 32.32 56.99 20.51
C VAL A 892 33.49 56.11 20.08
N GLU A 893 33.17 54.92 19.59
CA GLU A 893 34.19 53.99 19.11
C GLU A 893 34.45 54.23 17.64
N LEU A 894 35.73 54.32 17.27
CA LEU A 894 36.14 54.59 15.91
C LEU A 894 36.91 53.40 15.34
N ASN A 895 37.09 53.41 14.02
CA ASN A 895 37.91 52.42 13.34
C ASN A 895 38.41 53.03 12.04
N ASP A 896 39.32 52.32 11.39
CA ASP A 896 39.93 52.79 10.15
C ASP A 896 38.97 52.80 8.97
N LYS A 897 37.79 52.20 9.10
CA LYS A 897 36.84 52.09 8.00
C LYS A 897 35.74 53.15 8.07
N ASN A 898 35.99 54.26 8.75
CA ASN A 898 35.05 55.39 8.82
C ASN A 898 33.71 54.99 9.42
N GLN A 899 33.70 54.01 10.31
CA GLN A 899 32.51 53.62 11.03
C GLN A 899 32.62 54.04 12.49
N PHE A 900 31.57 54.66 13.01
CA PHE A 900 31.54 55.02 14.42
C PHE A 900 30.26 54.51 15.06
N LYS A 901 30.38 53.99 16.27
CA LYS A 901 29.27 53.38 16.99
C LYS A 901 28.88 54.28 18.14
N LEU A 902 27.59 54.62 18.20
CA LEU A 902 27.03 55.40 19.30
C LEU A 902 26.32 54.46 20.25
N THR A 903 26.71 54.48 21.52
CA THR A 903 26.12 53.64 22.56
C THR A 903 25.19 54.49 23.42
N SER A 904 24.68 53.89 24.49
CA SER A 904 23.75 54.54 25.39
C SER A 904 24.43 55.35 26.50
N SER A 905 25.76 55.34 26.54
CA SER A 905 26.47 56.08 27.57
C SER A 905 26.27 57.58 27.40
N ALA A 906 26.37 58.31 28.51
CA ALA A 906 26.18 59.76 28.48
C ALA A 906 27.34 60.48 27.81
N ASN A 907 28.50 59.82 27.67
CA ASN A 907 29.66 60.41 27.04
C ASN A 907 29.87 59.90 25.61
N SER A 908 28.87 59.25 25.04
CA SER A 908 28.92 58.80 23.64
C SER A 908 28.10 59.80 22.82
N LYS A 909 28.77 60.89 22.43
CA LYS A 909 28.10 61.97 21.72
C LYS A 909 29.11 62.64 20.79
N ILE A 910 28.64 63.10 19.64
CA ILE A 910 29.45 63.87 18.70
C ILE A 910 28.77 65.20 18.47
N ARG A 911 29.51 66.29 18.61
CA ARG A 911 28.97 67.63 18.40
C ARG A 911 29.63 68.24 17.17
N VAL A 912 28.80 68.65 16.20
CA VAL A 912 29.29 69.27 14.98
C VAL A 912 28.74 70.68 14.93
N THR A 913 29.63 71.66 14.84
CA THR A 913 29.27 73.08 14.74
C THR A 913 29.65 73.55 13.35
N GLN A 914 28.65 73.91 12.56
CA GLN A 914 28.86 74.33 11.19
C GLN A 914 29.14 75.83 11.12
N ASN A 915 29.75 76.25 10.02
CA ASN A 915 30.01 77.65 9.79
C ASN A 915 28.70 78.42 9.64
N GLN A 916 28.70 79.65 10.15
CA GLN A 916 27.48 80.47 10.11
C GLN A 916 27.08 80.84 8.70
N ASN A 917 27.98 80.73 7.73
CA ASN A 917 27.67 81.08 6.36
C ASN A 917 27.25 79.89 5.50
N ILE A 918 27.66 78.68 5.87
CA ILE A 918 27.35 77.49 5.09
C ILE A 918 26.29 76.66 5.81
N ILE A 919 25.02 76.90 5.48
CA ILE A 919 23.89 76.16 6.03
C ILE A 919 22.84 76.02 4.94
N PHE A 920 21.89 75.11 5.16
CA PHE A 920 20.84 74.92 4.18
C PHE A 920 19.85 76.09 4.21
N ASN A 921 19.17 76.28 3.09
CA ASN A 921 18.23 77.38 2.96
C ASN A 921 17.08 77.22 3.96
N SER A 922 16.74 78.31 4.64
CA SER A 922 15.76 78.29 5.72
C SER A 922 14.34 78.59 5.24
N VAL A 923 14.14 78.85 3.95
CA VAL A 923 12.81 79.17 3.44
C VAL A 923 12.38 78.11 2.44
N PHE A 924 13.19 77.90 1.40
CA PHE A 924 12.83 76.96 0.35
C PHE A 924 13.23 75.53 0.69
N LEU A 925 14.21 75.35 1.59
CA LEU A 925 14.45 74.07 2.24
C LEU A 925 14.75 72.96 1.23
N ASP A 926 15.87 73.13 0.54
CA ASP A 926 16.35 72.14 -0.43
C ASP A 926 17.71 71.62 0.02
N PHE A 927 17.73 70.42 0.60
CA PHE A 927 18.97 69.83 1.07
C PHE A 927 18.76 68.33 1.27
N SER A 928 19.88 67.61 1.32
CA SER A 928 19.85 66.16 1.47
C SER A 928 20.83 65.71 2.53
N VAL A 929 20.54 64.57 3.13
CA VAL A 929 21.38 63.95 4.16
C VAL A 929 21.53 62.49 3.81
N SER A 930 22.77 62.02 3.66
CA SER A 930 23.03 60.64 3.28
C SER A 930 24.03 60.01 4.23
N PHE A 931 23.84 58.72 4.50
CA PHE A 931 24.77 57.98 5.35
C PHE A 931 24.51 56.49 5.18
N TRP A 932 25.37 55.70 5.81
CA TRP A 932 25.18 54.26 5.96
C TRP A 932 24.92 53.98 7.42
N ILE A 933 23.92 53.13 7.69
CA ILE A 933 23.53 52.86 9.06
C ILE A 933 23.46 51.35 9.29
N ARG A 934 23.61 50.96 10.54
CA ARG A 934 23.51 49.57 10.97
C ARG A 934 22.84 49.55 12.35
N ILE A 935 21.71 48.86 12.42
CA ILE A 935 20.91 48.77 13.64
C ILE A 935 20.91 47.32 14.11
N PRO A 936 21.00 47.03 15.40
CA PRO A 936 20.96 45.64 15.86
C PRO A 936 19.54 45.10 15.89
N LYS A 937 19.45 43.78 16.05
CA LYS A 937 18.17 43.12 16.16
C LYS A 937 17.47 43.50 17.48
N TYR A 938 16.14 43.46 17.45
CA TYR A 938 15.35 43.67 18.65
C TYR A 938 15.69 42.63 19.71
N LYS A 939 15.33 42.94 20.94
CA LYS A 939 15.43 41.96 22.03
C LYS A 939 14.18 41.09 22.03
N ASN A 940 14.37 39.77 22.05
CA ASN A 940 13.24 38.85 21.99
C ASN A 940 12.34 39.04 23.20
N ASP A 941 12.92 39.23 24.38
CA ASP A 941 12.16 39.46 25.60
C ASP A 941 11.72 40.90 25.77
N GLY A 942 12.25 41.82 24.98
CA GLY A 942 11.90 43.23 25.12
C GLY A 942 11.22 43.79 23.90
N ILE A 943 10.29 43.03 23.31
CA ILE A 943 9.63 43.47 22.08
C ILE A 943 8.79 44.71 22.34
N GLN A 944 8.04 44.73 23.44
CA GLN A 944 7.17 45.86 23.73
C GLN A 944 7.98 47.14 23.91
N ASN A 945 9.06 47.07 24.68
CA ASN A 945 9.91 48.25 24.88
C ASN A 945 10.62 48.66 23.60
N TYR A 946 11.05 47.68 22.79
CA TYR A 946 11.68 47.98 21.52
C TYR A 946 10.72 48.66 20.56
N ILE A 947 9.43 48.34 20.64
CA ILE A 947 8.45 48.90 19.71
C ILE A 947 8.01 50.28 20.15
N HIS A 948 7.64 50.42 21.43
CA HIS A 948 7.01 51.67 21.87
C HIS A 948 8.00 52.81 21.99
N ASN A 949 9.26 52.51 22.26
CA ASN A 949 10.26 53.56 22.48
C ASN A 949 10.69 54.18 21.17
N GLU A 950 10.74 55.51 21.12
CA GLU A 950 11.27 56.25 19.99
C GLU A 950 12.32 57.22 20.50
N TYR A 951 13.56 57.05 20.04
CA TYR A 951 14.68 57.83 20.54
C TYR A 951 15.39 58.52 19.38
N THR A 952 15.57 59.83 19.51
CA THR A 952 16.28 60.61 18.50
C THR A 952 17.76 60.24 18.51
N ILE A 953 18.33 60.07 17.32
CA ILE A 953 19.74 59.75 17.19
C ILE A 953 20.55 60.87 16.53
N ILE A 954 19.92 61.77 15.79
CA ILE A 954 20.59 62.95 15.24
C ILE A 954 19.66 64.14 15.40
N ASN A 955 20.19 65.25 15.88
CA ASN A 955 19.40 66.43 16.21
C ASN A 955 20.00 67.67 15.56
N CYS A 956 19.14 68.55 15.05
CA CYS A 956 19.58 69.87 14.59
C CYS A 956 18.57 70.93 15.01
N MET A 957 18.15 70.88 16.26
CA MET A 957 17.16 71.80 16.80
C MET A 957 17.82 72.83 17.72
N LYS A 958 17.40 74.07 17.61
CA LYS A 958 17.88 75.16 18.47
C LYS A 958 16.78 75.74 19.35
N ASN A 959 15.65 76.09 18.76
CA ASN A 959 14.53 76.71 19.47
C ASN A 959 13.25 75.92 19.22
N ASN A 960 13.34 74.59 19.41
CA ASN A 960 12.25 73.66 19.09
C ASN A 960 11.86 73.76 17.62
N SER A 961 12.87 73.87 16.76
CA SER A 961 12.67 73.91 15.32
C SER A 961 13.93 73.41 14.65
N GLY A 962 13.77 72.73 13.53
CA GLY A 962 14.88 72.14 12.81
C GLY A 962 14.49 70.78 12.25
N TRP A 963 15.47 69.89 12.18
CA TRP A 963 15.25 68.53 11.70
C TRP A 963 15.95 67.54 12.61
N LYS A 964 15.35 66.36 12.72
CA LYS A 964 15.92 65.29 13.53
C LYS A 964 15.73 63.95 12.83
N ILE A 965 16.64 63.03 13.12
CA ILE A 965 16.56 61.65 12.67
C ILE A 965 16.43 60.79 13.91
N SER A 966 15.31 60.08 14.03
CA SER A 966 15.01 59.23 15.17
C SER A 966 14.76 57.81 14.70
N ILE A 967 14.85 56.87 15.62
CA ILE A 967 14.67 55.45 15.32
C ILE A 967 13.64 54.91 16.32
N ARG A 968 12.39 54.83 15.89
CA ARG A 968 11.41 54.05 16.63
C ARG A 968 11.63 52.57 16.35
N GLY A 969 10.81 51.72 16.95
CA GLY A 969 10.89 50.31 16.65
C GLY A 969 10.58 50.04 15.19
N ASN A 970 11.55 49.47 14.47
CA ASN A 970 11.44 49.02 13.09
C ASN A 970 11.41 50.16 12.08
N ARG A 971 11.42 51.42 12.50
CA ARG A 971 11.30 52.55 11.60
C ARG A 971 12.46 53.50 11.79
N ILE A 972 12.79 54.23 10.72
CA ILE A 972 13.77 55.32 10.75
C ILE A 972 13.05 56.58 10.30
N ILE A 973 12.72 57.45 11.25
CA ILE A 973 11.88 58.61 11.00
C ILE A 973 12.77 59.84 10.82
N TRP A 974 12.47 60.63 9.79
CA TRP A 974 13.10 61.93 9.57
C TRP A 974 12.02 62.98 9.75
N THR A 975 12.24 63.92 10.66
CA THR A 975 11.23 64.88 11.08
C THR A 975 11.73 66.30 10.88
N LEU A 976 10.85 67.15 10.35
CA LEU A 976 11.08 68.58 10.27
C LEU A 976 10.01 69.30 11.06
N ILE A 977 10.43 70.23 11.92
CA ILE A 977 9.52 71.07 12.69
C ILE A 977 9.87 72.52 12.41
N ASP A 978 8.93 73.27 11.85
CA ASP A 978 9.16 74.66 11.52
C ASP A 978 9.05 75.53 12.77
N ILE A 979 9.12 76.84 12.56
CA ILE A 979 9.10 77.78 13.68
C ILE A 979 7.75 77.76 14.38
N ASN A 980 6.66 77.71 13.60
CA ASN A 980 5.32 77.77 14.19
C ASN A 980 5.05 76.55 15.06
N GLY A 981 5.46 75.37 14.60
CA GLY A 981 5.24 74.16 15.37
C GLY A 981 4.74 72.99 14.54
N LYS A 982 4.23 73.29 13.34
CA LYS A 982 3.77 72.23 12.45
C LYS A 982 4.91 71.28 12.11
N THR A 983 4.64 69.99 12.21
CA THR A 983 5.65 68.96 12.00
C THR A 983 5.34 68.14 10.77
N LYS A 984 6.39 67.57 10.18
CA LYS A 984 6.24 66.69 9.02
C LYS A 984 7.31 65.62 9.07
N SER A 985 6.89 64.37 8.97
CA SER A 985 7.80 63.24 9.12
C SER A 985 7.68 62.30 7.93
N VAL A 986 8.79 61.65 7.59
CA VAL A 986 8.81 60.60 6.60
C VAL A 986 9.71 59.49 7.11
N PHE A 987 9.27 58.24 6.98
CA PHE A 987 9.96 57.13 7.62
C PHE A 987 10.14 55.99 6.63
N PHE A 988 10.75 54.91 7.12
CA PHE A 988 10.97 53.70 6.33
C PHE A 988 10.98 52.51 7.29
N GLU A 989 10.06 51.58 7.09
CA GLU A 989 9.92 50.41 7.93
C GLU A 989 10.33 49.16 7.17
N TYR A 990 11.29 48.42 7.71
CA TYR A 990 11.75 47.20 7.09
C TYR A 990 11.06 46.00 7.74
N ASN A 991 10.66 45.04 6.91
CA ASN A 991 9.88 43.91 7.40
C ASN A 991 10.66 43.12 8.44
N ILE A 992 9.98 42.74 9.51
CA ILE A 992 10.57 41.92 10.57
C ILE A 992 10.08 40.47 10.52
N ARG A 993 9.10 40.16 9.68
CA ARG A 993 8.58 38.82 9.54
C ARG A 993 9.30 38.02 8.46
N GLU A 994 10.24 38.62 7.74
CA GLU A 994 10.96 37.91 6.70
C GLU A 994 11.90 36.87 7.30
N ASP A 995 12.15 35.81 6.56
CA ASP A 995 13.06 34.77 7.02
C ASP A 995 14.48 35.31 7.13
N ILE A 996 15.04 35.77 6.01
CA ILE A 996 16.36 36.38 5.99
C ILE A 996 16.18 37.80 5.48
N SER A 997 16.16 38.76 6.40
CA SER A 997 15.97 40.17 6.05
C SER A 997 17.30 40.80 5.67
N GLU A 998 17.23 41.79 4.77
CA GLU A 998 18.41 42.47 4.27
C GLU A 998 18.70 43.78 5.00
N TYR A 999 17.91 44.13 6.01
CA TYR A 999 18.09 45.39 6.72
C TYR A 999 18.17 45.24 8.23
N ILE A 1000 17.99 44.03 8.76
CA ILE A 1000 17.80 43.87 10.20
C ILE A 1000 19.07 44.25 10.96
N ASN A 1001 20.22 43.72 10.54
CA ASN A 1001 21.46 44.00 11.25
C ASN A 1001 22.62 44.21 10.28
N ARG A 1002 22.33 44.69 9.07
CA ARG A 1002 23.36 44.89 8.06
C ARG A 1002 23.37 46.34 7.63
N TRP A 1003 24.55 46.80 7.18
CA TRP A 1003 24.70 48.16 6.70
C TRP A 1003 23.74 48.42 5.55
N PHE A 1004 23.10 49.60 5.57
CA PHE A 1004 22.34 50.01 4.40
C PHE A 1004 22.36 51.52 4.27
N PHE A 1005 22.15 51.98 3.04
CA PHE A 1005 22.27 53.38 2.67
C PHE A 1005 20.95 54.10 2.89
N VAL A 1006 21.00 55.23 3.58
CA VAL A 1006 19.83 56.07 3.81
C VAL A 1006 20.11 57.44 3.22
N THR A 1007 19.17 57.95 2.44
CA THR A 1007 19.29 59.29 1.88
C THR A 1007 17.94 60.00 1.98
N ILE A 1008 17.93 61.15 2.63
CA ILE A 1008 16.72 61.94 2.82
C ILE A 1008 16.90 63.25 2.07
N THR A 1009 16.00 63.53 1.14
CA THR A 1009 16.06 64.74 0.32
C THR A 1009 14.83 65.59 0.59
N ASN A 1010 15.03 66.91 0.63
CA ASN A 1010 13.95 67.86 0.90
C ASN A 1010 14.01 69.00 -0.09
N ASN A 1011 12.87 69.29 -0.71
CA ASN A 1011 12.72 70.48 -1.53
C ASN A 1011 11.48 71.25 -1.11
N LEU A 1012 11.07 72.24 -1.90
CA LEU A 1012 9.95 73.10 -1.50
C LEU A 1012 8.62 72.37 -1.41
N ASN A 1013 8.51 71.17 -1.96
CA ASN A 1013 7.23 70.49 -2.03
C ASN A 1013 7.19 69.16 -1.29
N ASN A 1014 8.23 68.35 -1.38
CA ASN A 1014 8.21 66.99 -0.87
C ASN A 1014 9.44 66.68 -0.05
N ALA A 1015 9.31 65.67 0.81
CA ALA A 1015 10.43 65.08 1.53
C ALA A 1015 10.45 63.60 1.21
N LYS A 1016 11.58 63.13 0.68
CA LYS A 1016 11.71 61.76 0.18
C LYS A 1016 12.82 61.06 0.95
N ILE A 1017 12.65 59.75 1.13
CA ILE A 1017 13.67 58.91 1.75
C ILE A 1017 13.90 57.71 0.83
N TYR A 1018 15.17 57.51 0.47
CA TYR A 1018 15.64 56.42 -0.37
C TYR A 1018 16.50 55.49 0.48
N ILE A 1019 16.30 54.19 0.32
CA ILE A 1019 17.10 53.18 0.98
C ILE A 1019 17.80 52.36 -0.09
N ASN A 1020 19.13 52.31 -0.02
CA ASN A 1020 19.94 51.54 -0.96
C ASN A 1020 19.67 51.96 -2.41
N GLY A 1021 19.49 53.26 -2.61
CA GLY A 1021 19.23 53.82 -3.93
C GLY A 1021 17.77 53.91 -4.31
N LYS A 1022 17.03 52.81 -4.11
CA LYS A 1022 15.63 52.77 -4.49
C LYS A 1022 14.80 53.68 -3.59
N LEU A 1023 13.88 54.42 -4.19
CA LEU A 1023 13.00 55.29 -3.41
C LEU A 1023 12.07 54.46 -2.56
N GLU A 1024 11.98 54.79 -1.28
CA GLU A 1024 11.14 54.06 -0.34
C GLU A 1024 9.90 54.84 0.09
N SER A 1025 10.04 56.09 0.50
CA SER A 1025 8.86 56.81 0.96
C SER A 1025 8.96 58.29 0.61
N ASN A 1026 7.75 58.93 0.69
CA ASN A 1026 7.64 60.32 0.24
C ASN A 1026 6.48 60.97 0.94
N THR A 1027 6.64 62.23 1.45
CA THR A 1027 5.56 62.96 2.09
C THR A 1027 5.54 64.38 1.54
N ASP A 1028 4.37 65.01 1.64
CA ASP A 1028 4.19 66.39 1.18
C ASP A 1028 4.44 67.35 2.33
N ILE A 1029 5.29 68.35 2.10
CA ILE A 1029 5.62 69.33 3.12
C ILE A 1029 5.30 70.73 2.63
N LYS A 1030 4.30 70.84 1.75
CA LYS A 1030 3.92 72.12 1.20
C LYS A 1030 3.31 73.06 2.23
N ASP A 1031 2.93 72.55 3.41
CA ASP A 1031 2.32 73.34 4.46
C ASP A 1031 3.29 73.63 5.60
N ILE A 1032 4.58 73.77 5.30
CA ILE A 1032 5.60 74.12 6.28
C ILE A 1032 6.03 75.56 6.04
N ARG A 1033 5.95 76.38 7.07
CA ARG A 1033 6.19 77.81 6.90
C ARG A 1033 7.66 78.12 6.72
N GLU A 1034 8.48 77.84 7.74
CA GLU A 1034 9.91 78.16 7.69
C GLU A 1034 10.68 77.42 8.76
N VAL A 1035 11.78 76.78 8.38
CA VAL A 1035 12.60 75.99 9.30
C VAL A 1035 13.92 76.72 9.48
N ILE A 1036 14.30 76.97 10.74
CA ILE A 1036 15.56 77.63 11.05
C ILE A 1036 16.61 76.57 11.34
N ALA A 1037 17.85 76.87 11.00
CA ALA A 1037 18.95 75.93 11.14
C ALA A 1037 19.69 76.18 12.45
N ASN A 1038 19.75 75.15 13.30
CA ASN A 1038 20.45 75.27 14.57
C ASN A 1038 21.95 75.46 14.37
N GLY A 1039 22.54 74.74 13.42
CA GLY A 1039 23.97 74.77 13.23
C GLY A 1039 24.75 73.91 14.20
N GLU A 1040 24.07 73.15 15.05
CA GLU A 1040 24.73 72.27 16.01
C GLU A 1040 24.09 70.89 15.89
N ILE A 1041 24.79 69.98 15.24
CA ILE A 1041 24.32 68.61 15.05
C ILE A 1041 24.85 67.74 16.18
N ILE A 1042 23.95 66.98 16.80
CA ILE A 1042 24.30 66.15 17.95
C ILE A 1042 24.04 64.69 17.58
N PHE A 1043 25.12 63.93 17.49
CA PHE A 1043 25.04 62.47 17.31
C PHE A 1043 25.04 61.85 18.70
N LYS A 1044 23.86 61.49 19.19
CA LYS A 1044 23.71 60.95 20.53
C LYS A 1044 22.36 60.27 20.66
N LEU A 1045 22.36 59.01 21.09
CA LEU A 1045 21.13 58.26 21.30
C LEU A 1045 20.46 58.77 22.56
N ASP A 1046 19.50 59.69 22.41
CA ASP A 1046 18.77 60.23 23.54
C ASP A 1046 17.32 59.80 23.48
N GLY A 1047 16.79 59.38 24.62
CA GLY A 1047 15.44 58.86 24.73
C GLY A 1047 15.40 57.60 25.55
N ASP A 1048 14.22 56.99 25.58
CA ASP A 1048 14.00 55.76 26.34
C ASP A 1048 14.72 54.62 25.63
N ILE A 1049 15.88 54.24 26.13
CA ILE A 1049 16.70 53.20 25.53
C ILE A 1049 17.16 52.23 26.61
N ASP A 1050 17.53 51.03 26.16
CA ASP A 1050 18.06 50.01 27.04
C ASP A 1050 19.55 50.24 27.28
N ARG A 1051 20.09 49.56 28.30
CA ARG A 1051 21.50 49.69 28.62
C ARG A 1051 22.38 49.16 27.49
N THR A 1052 21.88 48.23 26.70
CA THR A 1052 22.60 47.69 25.55
C THR A 1052 21.86 48.14 24.29
N GLN A 1053 22.18 49.34 23.83
CA GLN A 1053 21.54 49.94 22.65
C GLN A 1053 22.61 50.74 21.92
N PHE A 1054 23.12 50.19 20.82
CA PHE A 1054 24.16 50.83 20.03
C PHE A 1054 23.72 50.91 18.58
N ILE A 1055 24.21 51.93 17.89
CA ILE A 1055 23.89 52.15 16.47
C ILE A 1055 25.18 52.48 15.75
N TRP A 1056 25.42 51.81 14.62
CA TRP A 1056 26.62 52.04 13.83
C TRP A 1056 26.30 52.99 12.68
N MET A 1057 27.15 54.00 12.48
CA MET A 1057 26.97 54.96 11.40
C MET A 1057 28.27 55.07 10.60
N LYS A 1058 28.12 55.51 9.35
CA LYS A 1058 29.27 55.62 8.46
C LYS A 1058 28.96 56.63 7.36
N TYR A 1059 29.99 57.37 6.94
CA TYR A 1059 29.92 58.22 5.75
C TYR A 1059 28.76 59.21 5.82
N PHE A 1060 28.61 59.88 6.97
CA PHE A 1060 27.57 60.88 7.12
C PHE A 1060 27.94 62.11 6.27
N SER A 1061 26.98 62.59 5.49
CA SER A 1061 27.22 63.72 4.60
C SER A 1061 25.92 64.51 4.42
N ILE A 1062 26.07 65.82 4.26
CA ILE A 1062 24.95 66.73 4.06
C ILE A 1062 25.23 67.57 2.82
N PHE A 1063 24.25 67.66 1.94
CA PHE A 1063 24.33 68.45 0.72
C PHE A 1063 23.27 69.54 0.78
N ASN A 1064 23.57 70.70 0.20
CA ASN A 1064 22.63 71.82 0.19
C ASN A 1064 21.80 71.88 -1.08
N THR A 1065 21.55 70.73 -1.71
CA THR A 1065 20.68 70.65 -2.87
C THR A 1065 19.94 69.32 -2.83
N GLU A 1066 18.79 69.29 -3.51
CA GLU A 1066 17.98 68.08 -3.56
C GLU A 1066 18.60 67.10 -4.55
N LEU A 1067 19.17 66.03 -4.03
CA LEU A 1067 19.79 65.03 -4.89
C LEU A 1067 18.75 64.30 -5.72
N SER A 1068 19.13 63.94 -6.95
CA SER A 1068 18.24 63.22 -7.84
C SER A 1068 18.36 61.71 -7.60
N GLN A 1069 17.46 60.97 -8.22
CA GLN A 1069 17.46 59.51 -8.06
C GLN A 1069 18.72 58.91 -8.65
N SER A 1070 19.11 59.34 -9.85
CA SER A 1070 20.31 58.81 -10.48
C SER A 1070 21.55 59.20 -9.67
N ASN A 1071 21.58 60.42 -9.15
CA ASN A 1071 22.70 60.85 -8.33
C ASN A 1071 22.82 60.00 -7.08
N ILE A 1072 21.69 59.71 -6.43
CA ILE A 1072 21.71 58.89 -5.23
C ILE A 1072 22.16 57.46 -5.55
N GLU A 1073 21.68 56.90 -6.66
CA GLU A 1073 22.10 55.56 -7.05
C GLU A 1073 23.59 55.50 -7.33
N GLU A 1074 24.11 56.51 -8.04
CA GLU A 1074 25.54 56.55 -8.33
C GLU A 1074 26.35 56.69 -7.05
N ARG A 1075 25.90 57.54 -6.12
CA ARG A 1075 26.60 57.70 -4.86
C ARG A 1075 26.61 56.40 -4.06
N TYR A 1076 25.47 55.71 -4.03
CA TYR A 1076 25.41 54.44 -3.31
C TYR A 1076 26.32 53.39 -3.94
N LYS A 1077 26.35 53.34 -5.28
CA LYS A 1077 27.23 52.40 -5.96
C LYS A 1077 28.70 52.71 -5.69
N ILE A 1078 29.06 54.00 -5.72
CA ILE A 1078 30.45 54.39 -5.50
C ILE A 1078 30.87 54.07 -4.07
N GLN A 1079 30.02 54.42 -3.10
CA GLN A 1079 30.38 54.22 -1.70
C GLN A 1079 30.33 52.75 -1.29
N SER A 1080 29.68 51.90 -2.09
CA SER A 1080 29.64 50.47 -1.80
C SER A 1080 30.83 49.71 -2.36
N TYR A 1081 31.66 50.35 -3.18
CA TYR A 1081 32.84 49.70 -3.72
C TYR A 1081 33.92 49.58 -2.66
N SER A 1082 34.67 48.48 -2.70
CA SER A 1082 35.78 48.28 -1.80
C SER A 1082 36.73 47.25 -2.40
N GLU A 1083 37.97 47.28 -1.93
CA GLU A 1083 38.96 46.31 -2.40
C GLU A 1083 38.75 44.94 -1.78
N TYR A 1084 38.30 44.89 -0.52
CA TYR A 1084 38.11 43.63 0.18
C TYR A 1084 36.72 43.06 -0.15
N LEU A 1085 36.33 42.04 0.58
CA LEU A 1085 34.99 41.45 0.48
C LEU A 1085 34.21 41.75 1.74
N LYS A 1086 32.92 41.43 1.71
CA LYS A 1086 32.01 41.74 2.81
C LYS A 1086 31.30 40.48 3.28
N ASP A 1087 31.14 40.37 4.59
CA ASP A 1087 30.41 39.26 5.19
C ASP A 1087 28.91 39.55 5.16
N PHE A 1088 28.14 38.77 5.92
CA PHE A 1088 26.70 38.93 5.95
C PHE A 1088 26.30 40.31 6.44
N TRP A 1089 26.99 40.82 7.46
CA TRP A 1089 26.64 42.11 8.04
C TRP A 1089 27.17 43.30 7.25
N GLY A 1090 27.97 43.05 6.21
CA GLY A 1090 28.60 44.11 5.47
C GLY A 1090 29.99 44.48 5.93
N ASN A 1091 30.42 43.98 7.09
CA ASN A 1091 31.76 44.22 7.57
C ASN A 1091 32.77 43.51 6.68
N PRO A 1092 34.01 43.99 6.64
CA PRO A 1092 35.01 43.34 5.78
C PRO A 1092 35.25 41.89 6.17
N LEU A 1093 35.49 41.06 5.17
CA LEU A 1093 35.82 39.67 5.41
C LEU A 1093 37.21 39.58 6.04
N MET A 1094 37.32 38.82 7.12
CA MET A 1094 38.54 38.73 7.89
C MET A 1094 39.03 37.29 7.96
N TYR A 1095 40.34 37.12 7.91
CA TYR A 1095 40.94 35.81 8.01
C TYR A 1095 40.90 35.29 9.44
N ASN A 1096 40.93 33.97 9.57
CA ASN A 1096 40.96 33.30 10.87
C ASN A 1096 39.80 33.76 11.76
N LYS A 1097 38.59 33.73 11.20
CA LYS A 1097 37.40 34.14 11.91
C LYS A 1097 36.31 33.09 11.74
N GLU A 1098 35.52 32.92 12.79
CA GLU A 1098 34.43 31.95 12.75
C GLU A 1098 33.28 32.47 11.89
N TYR A 1099 32.83 31.64 10.95
CA TYR A 1099 31.78 32.02 10.03
C TYR A 1099 30.76 30.89 9.91
N TYR A 1100 29.54 31.26 9.56
CA TYR A 1100 28.49 30.32 9.22
C TYR A 1100 28.12 30.52 7.76
N MET A 1101 28.13 29.43 6.99
CA MET A 1101 27.89 29.54 5.56
C MET A 1101 26.42 29.78 5.28
N PHE A 1102 26.13 30.60 4.28
CA PHE A 1102 24.76 30.93 3.91
C PHE A 1102 24.66 30.98 2.40
N ASN A 1103 23.62 30.35 1.85
CA ASN A 1103 23.42 30.31 0.41
C ASN A 1103 22.27 31.24 0.04
N ALA A 1104 22.54 32.18 -0.86
CA ALA A 1104 21.49 33.09 -1.32
C ALA A 1104 20.43 32.35 -2.12
N GLY A 1105 20.86 31.40 -2.97
CA GLY A 1105 19.90 30.65 -3.75
C GLY A 1105 18.98 29.79 -2.91
N ASN A 1106 19.51 29.22 -1.83
CA ASN A 1106 18.74 28.39 -0.90
C ASN A 1106 18.82 29.06 0.47
N LYS A 1107 17.91 30.01 0.70
CA LYS A 1107 17.96 30.80 1.92
C LYS A 1107 17.62 29.97 3.15
N ASN A 1108 16.71 29.00 3.04
CA ASN A 1108 16.19 28.26 4.17
C ASN A 1108 16.96 26.96 4.41
N SER A 1109 18.24 26.90 4.02
CA SER A 1109 19.00 25.68 4.16
C SER A 1109 20.43 26.01 4.58
N TYR A 1110 21.09 25.03 5.18
CA TYR A 1110 22.47 25.14 5.58
C TYR A 1110 23.12 23.78 5.48
N ILE A 1111 24.42 23.71 5.78
CA ILE A 1111 25.19 22.48 5.66
C ILE A 1111 25.57 21.99 7.05
N LYS A 1112 25.56 20.67 7.22
CA LYS A 1112 26.01 20.05 8.45
C LYS A 1112 26.81 18.80 8.12
N LEU A 1113 27.91 18.58 8.83
CA LEU A 1113 28.77 17.45 8.54
C LEU A 1113 28.05 16.14 8.86
N LYS A 1114 28.07 15.20 7.91
CA LYS A 1114 27.42 13.92 8.11
C LYS A 1114 28.23 13.06 9.08
N LYS A 1115 27.52 12.25 9.86
CA LYS A 1115 28.17 11.38 10.84
C LYS A 1115 28.98 10.27 10.19
N ASP A 1116 28.55 9.75 9.05
CA ASP A 1116 29.23 8.63 8.39
C ASP A 1116 29.88 9.04 7.08
N SER A 1117 29.10 9.60 6.14
CA SER A 1117 29.66 9.98 4.85
C SER A 1117 30.50 11.25 4.99
N PRO A 1118 31.60 11.35 4.21
CA PRO A 1118 32.42 12.57 4.20
C PRO A 1118 31.86 13.65 3.27
N VAL A 1119 30.55 13.87 3.33
CA VAL A 1119 29.87 14.86 2.51
C VAL A 1119 28.90 15.63 3.40
N GLY A 1120 28.97 16.96 3.35
CA GLY A 1120 28.06 17.77 4.13
C GLY A 1120 26.63 17.62 3.61
N GLU A 1121 25.71 17.33 4.52
CA GLU A 1121 24.30 17.19 4.17
C GLU A 1121 23.60 18.53 4.32
N ILE A 1122 22.54 18.71 3.54
CA ILE A 1122 21.76 19.95 3.51
C ILE A 1122 20.59 19.79 4.46
N LEU A 1123 20.47 20.71 5.41
CA LEU A 1123 19.41 20.67 6.41
C LEU A 1123 18.64 21.98 6.40
N THR A 1124 17.34 21.89 6.66
CA THR A 1124 16.49 23.08 6.72
C THR A 1124 16.77 23.87 7.99
N ARG A 1125 16.88 25.18 7.84
CA ARG A 1125 17.16 26.05 8.98
C ARG A 1125 15.99 26.05 9.95
N SER A 1126 16.30 26.36 11.21
CA SER A 1126 15.27 26.49 12.23
C SER A 1126 14.56 27.84 12.08
N LYS A 1127 13.59 28.09 12.95
CA LYS A 1127 12.84 29.33 12.95
C LYS A 1127 12.50 29.71 14.38
N TYR A 1128 11.80 30.83 14.54
CA TYR A 1128 11.41 31.34 15.84
C TYR A 1128 9.91 31.11 16.03
N ASN A 1129 9.56 30.20 16.94
CA ASN A 1129 8.17 29.95 17.32
C ASN A 1129 8.08 29.81 18.83
N GLN A 1130 8.84 30.62 19.56
CA GLN A 1130 8.91 30.47 21.01
C GLN A 1130 7.66 31.03 21.70
N ASN A 1131 7.45 32.34 21.59
CA ASN A 1131 6.30 32.97 22.25
C ASN A 1131 5.53 33.97 21.41
N SER A 1132 6.13 34.57 20.38
CA SER A 1132 5.50 35.67 19.66
C SER A 1132 5.27 35.29 18.21
N LYS A 1133 4.03 35.50 17.73
CA LYS A 1133 3.71 35.35 16.33
C LYS A 1133 3.95 36.63 15.53
N TYR A 1134 4.22 37.74 16.21
CA TYR A 1134 4.49 39.00 15.55
C TYR A 1134 5.92 39.10 15.01
N ILE A 1135 6.81 38.22 15.46
CA ILE A 1135 8.21 38.24 15.09
C ILE A 1135 8.58 36.88 14.52
N ASN A 1136 9.20 36.88 13.35
CA ASN A 1136 9.61 35.65 12.69
C ASN A 1136 10.98 35.83 12.07
N TYR A 1137 11.84 34.83 12.22
CA TYR A 1137 13.15 34.82 11.57
C TYR A 1137 13.68 33.40 11.60
N ARG A 1138 14.88 33.22 11.07
CA ARG A 1138 15.57 31.95 11.06
C ARG A 1138 16.95 32.11 11.68
N ASP A 1139 17.37 31.10 12.44
CA ASP A 1139 18.67 31.16 13.09
C ASP A 1139 19.79 31.09 12.05
N LEU A 1140 20.83 31.89 12.26
CA LEU A 1140 21.98 31.93 11.37
C LEU A 1140 23.23 31.32 11.99
N TYR A 1141 23.26 31.12 13.31
CA TYR A 1141 24.42 30.57 13.99
C TYR A 1141 24.43 29.05 14.02
N ILE A 1142 23.72 28.41 13.08
CA ILE A 1142 23.67 26.98 13.00
C ILE A 1142 24.63 26.49 11.92
N GLY A 1143 24.93 25.20 11.95
CA GLY A 1143 25.84 24.62 10.97
C GLY A 1143 27.27 24.60 11.47
N GLU A 1144 28.17 24.22 10.56
CA GLU A 1144 29.59 24.10 10.87
C GLU A 1144 30.26 25.45 10.79
N LYS A 1145 31.16 25.70 11.74
CA LYS A 1145 31.89 26.97 11.81
C LYS A 1145 33.06 26.93 10.84
N PHE A 1146 32.96 27.70 9.76
CA PHE A 1146 33.99 27.75 8.73
C PHE A 1146 35.04 28.79 9.06
N ILE A 1147 36.27 28.51 8.67
CA ILE A 1147 37.41 29.42 8.81
C ILE A 1147 38.10 29.51 7.45
N ILE A 1148 38.82 30.61 7.24
CA ILE A 1148 39.53 30.85 6.00
C ILE A 1148 41.00 31.08 6.35
N ARG A 1149 41.89 30.41 5.63
CA ARG A 1149 43.33 30.52 5.87
C ARG A 1149 44.03 30.86 4.57
N ARG A 1150 45.20 31.49 4.70
CA ARG A 1150 45.97 31.88 3.53
C ARG A 1150 46.55 30.65 2.84
N LYS A 1151 46.92 30.84 1.57
CA LYS A 1151 47.50 29.74 0.79
C LYS A 1151 49.03 29.76 0.82
N SER A 1152 49.64 30.89 0.48
CA SER A 1152 51.09 30.98 0.37
C SER A 1152 51.74 31.93 1.35
N ASN A 1153 50.96 32.71 2.10
CA ASN A 1153 51.51 33.68 3.06
C ASN A 1153 52.48 34.64 2.38
N SER A 1154 52.07 35.16 1.22
CA SER A 1154 52.91 36.05 0.44
C SER A 1154 52.59 37.52 0.63
N GLN A 1155 51.42 37.85 1.17
CA GLN A 1155 51.02 39.24 1.36
C GLN A 1155 51.63 39.78 2.65
N SER A 1156 51.19 40.97 3.06
CA SER A 1156 51.70 41.58 4.28
C SER A 1156 51.00 40.98 5.50
N ILE A 1157 51.77 40.70 6.55
CA ILE A 1157 51.20 40.13 7.77
C ILE A 1157 50.25 41.12 8.43
N ASN A 1158 50.56 42.42 8.37
CA ASN A 1158 49.70 43.42 9.00
C ASN A 1158 48.30 43.40 8.40
N ASP A 1159 48.20 43.29 7.08
CA ASP A 1159 46.90 43.17 6.43
C ASP A 1159 46.36 41.75 6.62
N ASP A 1160 45.09 41.65 7.02
CA ASP A 1160 44.48 40.35 7.22
C ASP A 1160 43.04 40.29 6.70
N ILE A 1161 42.68 41.19 5.80
CA ILE A 1161 41.36 41.19 5.18
C ILE A 1161 41.42 40.38 3.90
N VAL A 1162 40.29 39.79 3.53
CA VAL A 1162 40.22 38.94 2.34
C VAL A 1162 39.83 39.81 1.16
N ARG A 1163 40.66 39.78 0.11
CA ARG A 1163 40.44 40.57 -1.08
C ARG A 1163 39.91 39.71 -2.21
N LYS A 1164 39.35 40.37 -3.22
CA LYS A 1164 38.78 39.66 -4.35
C LYS A 1164 39.87 38.91 -5.14
N GLU A 1165 39.47 37.79 -5.74
CA GLU A 1165 40.36 36.94 -6.53
C GLU A 1165 41.57 36.50 -5.71
N ASP A 1166 41.30 35.85 -4.58
CA ASP A 1166 42.34 35.43 -3.66
C ASP A 1166 42.32 33.92 -3.49
N TYR A 1167 43.49 33.29 -3.58
CA TYR A 1167 43.62 31.86 -3.35
C TYR A 1167 43.76 31.62 -1.85
N ILE A 1168 42.88 30.80 -1.29
CA ILE A 1168 42.84 30.52 0.14
C ILE A 1168 42.41 29.08 0.36
N TYR A 1169 42.49 28.64 1.62
CA TYR A 1169 42.00 27.35 2.06
C TYR A 1169 40.77 27.57 2.92
N LEU A 1170 39.68 26.88 2.57
CA LEU A 1170 38.41 27.00 3.28
C LEU A 1170 38.27 25.79 4.18
N ASP A 1171 38.52 25.98 5.47
CA ASP A 1171 38.43 24.91 6.45
C ASP A 1171 37.15 25.05 7.26
N PHE A 1172 36.85 24.03 8.03
CA PHE A 1172 35.73 24.07 8.97
C PHE A 1172 36.12 23.32 10.24
N PHE A 1173 35.55 23.74 11.36
CA PHE A 1173 35.86 23.16 12.65
C PHE A 1173 34.92 22.00 12.92
N ASN A 1174 35.47 20.79 12.97
CA ASN A 1174 34.72 19.58 13.30
C ASN A 1174 35.25 19.05 14.62
N LEU A 1175 34.36 18.91 15.60
CA LEU A 1175 34.72 18.49 16.95
C LEU A 1175 35.81 19.40 17.53
N ASN A 1176 37.04 18.90 17.58
CA ASN A 1176 38.18 19.67 18.09
C ASN A 1176 39.31 19.65 17.08
N GLN A 1177 38.98 19.74 15.80
CA GLN A 1177 39.97 19.72 14.73
C GLN A 1177 39.48 20.58 13.58
N GLU A 1178 40.39 20.90 12.67
CA GLU A 1178 40.08 21.68 11.48
C GLU A 1178 40.23 20.79 10.26
N TRP A 1179 39.18 20.74 9.44
CA TRP A 1179 39.17 19.91 8.24
C TRP A 1179 38.99 20.77 7.01
N ARG A 1180 39.73 20.45 5.96
CA ARG A 1180 39.67 21.13 4.68
C ARG A 1180 38.69 20.43 3.75
N VAL A 1181 38.31 21.15 2.70
CA VAL A 1181 37.39 20.67 1.67
C VAL A 1181 38.16 20.54 0.37
N TYR A 1182 38.11 19.36 -0.24
CA TYR A 1182 38.80 19.06 -1.49
C TYR A 1182 37.82 18.53 -2.51
N THR A 1183 38.32 18.32 -3.73
CA THR A 1183 37.55 17.77 -4.82
C THR A 1183 38.43 16.81 -5.62
N TYR A 1184 37.77 15.91 -6.34
CA TYR A 1184 38.48 14.94 -7.16
C TYR A 1184 39.08 15.58 -8.40
N LYS A 1185 40.18 15.00 -8.89
CA LYS A 1185 40.79 15.51 -10.11
C LYS A 1185 39.91 15.24 -11.32
N TYR A 1186 39.37 14.03 -11.44
CA TYR A 1186 38.59 13.62 -12.60
C TYR A 1186 37.20 13.19 -12.15
N PHE A 1187 36.18 13.67 -12.85
CA PHE A 1187 34.81 13.27 -12.62
C PHE A 1187 34.04 13.36 -13.92
N LYS A 1188 32.98 12.58 -14.03
CA LYS A 1188 32.17 12.54 -15.25
C LYS A 1188 31.03 13.54 -15.19
N LYS A 1189 30.17 13.44 -14.18
CA LYS A 1189 29.04 14.34 -14.05
C LYS A 1189 29.52 15.75 -13.69
N GLU A 1190 28.71 16.74 -14.09
CA GLU A 1190 29.05 18.13 -13.80
C GLU A 1190 29.02 18.40 -12.30
N GLU A 1191 27.97 17.92 -11.61
CA GLU A 1191 27.81 18.16 -10.19
C GLU A 1191 28.54 17.07 -9.42
N GLU A 1192 29.67 17.42 -8.82
CA GLU A 1192 30.51 16.47 -8.09
C GLU A 1192 30.53 16.84 -6.61
N LYS A 1193 30.37 15.84 -5.75
CA LYS A 1193 30.37 16.09 -4.32
C LYS A 1193 31.76 16.44 -3.83
N LEU A 1194 31.81 17.13 -2.69
CA LEU A 1194 33.06 17.53 -2.05
C LEU A 1194 33.59 16.43 -1.14
N PHE A 1195 34.83 16.62 -0.71
CA PHE A 1195 35.53 15.64 0.12
C PHE A 1195 36.00 16.39 1.36
N LEU A 1196 35.44 16.05 2.50
CA LEU A 1196 35.70 16.78 3.75
C LEU A 1196 36.66 15.96 4.59
N ALA A 1197 37.92 16.39 4.68
CA ALA A 1197 38.94 15.59 5.33
C ALA A 1197 39.87 16.47 6.15
N PRO A 1198 40.49 15.92 7.19
CA PRO A 1198 41.50 16.69 7.93
C PRO A 1198 42.61 17.17 7.01
N ILE A 1199 43.37 18.16 7.50
CA ILE A 1199 44.45 18.75 6.70
C ILE A 1199 45.44 17.66 6.32
N SER A 1200 45.62 17.47 5.02
CA SER A 1200 46.52 16.45 4.51
C SER A 1200 46.96 16.84 3.10
N ASP A 1201 48.04 16.22 2.66
CA ASP A 1201 48.58 16.44 1.32
C ASP A 1201 48.33 15.19 0.48
N SER A 1202 47.77 15.39 -0.71
CA SER A 1202 47.47 14.27 -1.60
C SER A 1202 47.75 14.68 -3.03
N ASP A 1203 48.08 13.69 -3.86
CA ASP A 1203 48.29 13.90 -5.28
C ASP A 1203 47.03 13.63 -6.10
N GLU A 1204 45.88 13.44 -5.45
CA GLU A 1204 44.65 13.15 -6.15
C GLU A 1204 43.51 14.05 -5.72
N PHE A 1205 43.80 15.19 -5.08
CA PHE A 1205 42.75 16.09 -4.62
C PHE A 1205 43.22 17.53 -4.78
N TYR A 1206 42.26 18.43 -4.96
CA TYR A 1206 42.52 19.86 -5.10
C TYR A 1206 42.11 20.58 -3.82
N ASN A 1207 42.98 21.44 -3.32
CA ASN A 1207 42.76 22.09 -2.04
C ASN A 1207 42.65 23.61 -2.10
N THR A 1208 43.23 24.25 -3.12
CA THR A 1208 43.22 25.71 -3.19
C THR A 1208 41.89 26.19 -3.79
N ILE A 1209 41.26 27.14 -3.11
CA ILE A 1209 39.99 27.72 -3.55
C ILE A 1209 40.22 29.20 -3.82
N GLN A 1210 39.84 29.65 -5.01
CA GLN A 1210 39.90 31.06 -5.34
C GLN A 1210 38.57 31.72 -5.02
N ILE A 1211 38.59 32.66 -4.09
CA ILE A 1211 37.40 33.46 -3.78
C ILE A 1211 37.38 34.65 -4.73
N LYS A 1212 36.22 34.87 -5.36
CA LYS A 1212 36.04 35.89 -6.38
C LYS A 1212 34.70 36.58 -6.16
N GLU A 1213 34.53 37.71 -6.81
CA GLU A 1213 33.26 38.43 -6.83
C GLU A 1213 32.85 38.64 -8.28
N TYR A 1214 31.64 38.21 -8.62
CA TYR A 1214 31.18 38.26 -10.01
C TYR A 1214 30.10 39.31 -10.24
N ASP A 1215 29.33 39.66 -9.22
CA ASP A 1215 28.24 40.61 -9.38
C ASP A 1215 28.80 42.02 -9.49
N GLU A 1216 28.56 42.67 -10.64
CA GLU A 1216 28.99 44.05 -10.80
C GLU A 1216 28.26 44.98 -9.84
N GLN A 1217 26.96 44.76 -9.65
CA GLN A 1217 26.20 45.56 -8.70
C GLN A 1217 26.64 45.23 -7.27
N PRO A 1218 26.49 46.17 -6.34
CA PRO A 1218 26.91 45.91 -4.96
C PRO A 1218 26.13 44.73 -4.37
N THR A 1219 26.85 43.87 -3.65
CA THR A 1219 26.25 42.68 -3.06
C THR A 1219 27.17 42.16 -1.95
N TYR A 1220 26.59 41.33 -1.08
CA TYR A 1220 27.33 40.68 -0.02
C TYR A 1220 27.63 39.22 -0.35
N SER A 1221 27.33 38.78 -1.56
CA SER A 1221 27.53 37.40 -1.97
C SER A 1221 28.82 37.26 -2.77
N CYS A 1222 29.62 36.26 -2.43
CA CYS A 1222 30.86 35.96 -3.11
C CYS A 1222 30.78 34.58 -3.74
N GLN A 1223 31.77 34.25 -4.55
CA GLN A 1223 31.82 32.99 -5.27
C GLN A 1223 33.12 32.27 -4.97
N LEU A 1224 33.07 30.93 -4.98
CA LEU A 1224 34.22 30.09 -4.69
C LEU A 1224 34.48 29.18 -5.88
N LEU A 1225 35.67 29.30 -6.45
CA LEU A 1225 36.09 28.55 -7.62
C LEU A 1225 37.23 27.60 -7.25
N PHE A 1226 37.30 26.48 -7.96
CA PHE A 1226 38.36 25.51 -7.76
C PHE A 1226 39.31 25.54 -8.95
N LYS A 1227 40.60 25.70 -8.68
CA LYS A 1227 41.60 25.79 -9.72
C LYS A 1227 42.69 24.75 -9.49
N LYS A 1228 43.28 24.28 -10.59
CA LYS A 1228 44.34 23.28 -10.50
C LYS A 1228 45.55 23.83 -9.76
N ASP A 1229 45.96 25.05 -10.09
CA ASP A 1229 47.10 25.68 -9.44
C ASP A 1229 46.98 27.18 -9.60
N GLU A 1230 47.74 27.91 -8.77
CA GLU A 1230 47.75 29.37 -8.85
C GLU A 1230 48.34 29.87 -10.15
N GLU A 1231 49.18 29.07 -10.81
CA GLU A 1231 49.78 29.44 -12.08
C GLU A 1231 49.24 28.65 -13.26
N SER A 1232 48.18 27.86 -13.04
CA SER A 1232 47.60 27.02 -14.08
C SER A 1232 46.27 27.59 -14.52
N THR A 1233 46.08 27.70 -15.84
CA THR A 1233 44.84 28.22 -16.40
C THR A 1233 43.67 27.25 -16.24
N ASP A 1234 43.94 26.01 -15.82
CA ASP A 1234 42.87 25.03 -15.66
C ASP A 1234 41.90 25.47 -14.57
N GLU A 1235 40.61 25.28 -14.85
CA GLU A 1235 39.54 25.65 -13.93
C GLU A 1235 38.61 24.46 -13.77
N ILE A 1236 38.25 24.15 -12.53
CA ILE A 1236 37.48 22.95 -12.22
C ILE A 1236 35.99 23.25 -12.19
N GLY A 1237 35.57 24.13 -11.29
CA GLY A 1237 34.17 24.44 -11.16
C GLY A 1237 33.92 25.42 -10.04
N LEU A 1238 32.64 25.64 -9.76
CA LEU A 1238 32.20 26.58 -8.74
C LEU A 1238 31.41 25.85 -7.67
N ILE A 1239 31.66 26.19 -6.41
CA ILE A 1239 30.97 25.56 -5.29
C ILE A 1239 29.53 26.06 -5.24
N GLY A 1240 28.60 25.14 -5.05
CA GLY A 1240 27.20 25.51 -4.99
C GLY A 1240 26.36 24.41 -4.40
N ILE A 1241 25.05 24.57 -4.53
CA ILE A 1241 24.07 23.60 -4.04
C ILE A 1241 23.12 23.27 -5.18
N HIS A 1242 22.95 21.99 -5.48
CA HIS A 1242 22.10 21.56 -6.56
C HIS A 1242 21.15 20.47 -6.08
N ARG A 1243 19.94 20.46 -6.63
CA ARG A 1243 18.93 19.48 -6.27
C ARG A 1243 19.23 18.13 -6.91
N LYS A 1255 16.43 15.82 -3.60
CA LYS A 1255 17.26 16.01 -2.42
C LYS A 1255 18.40 16.98 -2.70
N ASP A 1256 18.45 18.07 -1.92
CA ASP A 1256 19.49 19.06 -2.08
C ASP A 1256 20.85 18.47 -1.74
N TYR A 1257 21.87 18.90 -2.48
CA TYR A 1257 23.22 18.37 -2.31
C TYR A 1257 24.23 19.49 -2.50
N PHE A 1258 25.16 19.60 -1.56
CA PHE A 1258 26.23 20.59 -1.60
C PHE A 1258 27.37 20.02 -2.43
N CYS A 1259 27.65 20.64 -3.57
CA CYS A 1259 28.54 20.06 -4.56
C CYS A 1259 29.31 21.18 -5.25
N ILE A 1260 30.01 20.82 -6.33
CA ILE A 1260 30.63 21.78 -7.23
C ILE A 1260 30.16 21.48 -8.64
N SER A 1261 29.91 22.52 -9.43
CA SER A 1261 29.38 22.38 -10.78
C SER A 1261 30.26 23.13 -11.77
N LYS A 1262 30.39 22.55 -12.96
CA LYS A 1262 31.02 23.24 -14.07
C LYS A 1262 30.02 23.99 -14.94
N TRP A 1263 28.72 23.79 -14.71
CA TRP A 1263 27.70 24.51 -15.45
C TRP A 1263 27.55 25.95 -14.97
N TYR A 1264 27.93 26.22 -13.72
CA TYR A 1264 27.85 27.58 -13.20
C TYR A 1264 28.79 28.52 -13.93
N LEU A 1265 29.87 27.98 -14.54
CA LEU A 1265 30.84 28.82 -15.21
C LEU A 1265 30.22 29.58 -16.37
N LYS A 1266 29.40 28.90 -17.17
CA LYS A 1266 28.75 29.57 -18.29
C LYS A 1266 27.71 30.57 -17.82
N GLU A 1267 26.91 30.19 -16.81
CA GLU A 1267 25.82 31.03 -16.35
C GLU A 1267 26.28 32.23 -15.53
N VAL A 1268 27.52 32.22 -15.04
CA VAL A 1268 27.97 33.33 -14.21
C VAL A 1268 28.44 34.53 -15.04
N LYS A 1269 28.71 34.33 -16.33
CA LYS A 1269 29.20 35.41 -17.19
C LYS A 1269 28.11 36.08 -18.01
N ARG A 1270 26.85 35.71 -17.81
CA ARG A 1270 25.76 36.36 -18.53
C ARG A 1270 25.65 37.81 -18.13
N LYS A 1271 25.37 38.67 -19.11
CA LYS A 1271 25.31 40.11 -18.85
C LYS A 1271 24.28 40.48 -17.79
N PRO A 1272 23.03 40.00 -17.84
CA PRO A 1272 22.14 40.17 -16.68
C PRO A 1272 22.47 39.15 -15.61
N TYR A 1273 23.12 39.61 -14.55
CA TYR A 1273 23.55 38.71 -13.50
C TYR A 1273 22.36 38.16 -12.73
N ASN A 1274 22.42 36.88 -12.40
CA ASN A 1274 21.37 36.20 -11.64
C ASN A 1274 21.82 36.14 -10.18
N LEU A 1275 21.17 36.93 -9.32
CA LEU A 1275 21.53 36.99 -7.92
C LEU A 1275 20.94 35.83 -7.11
N LYS A 1276 20.01 35.07 -7.68
CA LYS A 1276 19.38 33.94 -7.00
C LYS A 1276 20.03 32.61 -7.36
N LEU A 1277 21.24 32.65 -7.90
CA LEU A 1277 21.94 31.42 -8.27
C LEU A 1277 22.36 30.65 -7.02
N GLY A 1278 22.69 29.38 -7.22
CA GLY A 1278 23.15 28.54 -6.13
C GLY A 1278 24.60 28.71 -5.76
N CYS A 1279 25.35 29.52 -6.50
CA CYS A 1279 26.76 29.75 -6.22
C CYS A 1279 27.00 30.91 -5.28
N ASN A 1280 25.97 31.69 -4.94
CA ASN A 1280 26.13 32.88 -4.12
C ASN A 1280 26.26 32.48 -2.65
N TRP A 1281 27.44 32.70 -2.08
CA TRP A 1281 27.73 32.31 -0.71
C TRP A 1281 28.04 33.54 0.13
N GLN A 1282 27.61 33.52 1.39
CA GLN A 1282 27.90 34.57 2.34
C GLN A 1282 28.35 33.94 3.66
N PHE A 1283 29.10 34.70 4.44
CA PHE A 1283 29.67 34.23 5.70
C PHE A 1283 29.11 35.08 6.84
N ILE A 1284 28.56 34.41 7.86
CA ILE A 1284 27.93 35.08 8.98
C ILE A 1284 28.80 34.88 10.22
N PRO A 1285 29.54 35.88 10.67
CA PRO A 1285 30.25 35.78 11.94
C PRO A 1285 29.30 36.04 13.10
N LYS A 1286 29.79 35.78 14.31
CA LYS A 1286 29.02 36.01 15.52
C LYS A 1286 29.09 37.49 15.85
N ASP A 1287 27.95 38.18 15.77
CA ASP A 1287 27.87 39.61 15.99
C ASP A 1287 27.08 39.92 17.25
N GLU A 1288 27.42 41.04 17.88
CA GLU A 1288 26.74 41.48 19.08
C GLU A 1288 25.35 42.03 18.83
N GLY A 1289 24.98 42.23 17.56
CA GLY A 1289 23.66 42.74 17.25
C GLY A 1289 22.64 41.65 16.98
N TRP A 1290 23.11 40.43 16.74
CA TRP A 1290 22.25 39.29 16.45
C TRP A 1290 22.27 38.34 17.62
N THR A 1291 21.10 38.09 18.21
CA THR A 1291 20.96 37.22 19.36
C THR A 1291 20.10 36.02 18.98
N GLU A 1292 20.57 34.83 19.33
CA GLU A 1292 19.88 33.57 19.01
C GLU A 1292 19.65 33.44 17.52
N MET B 1 4.08 8.54 -12.91
CA MET B 1 3.10 8.78 -13.96
C MET B 1 3.72 8.61 -15.33
N ASN B 2 3.01 7.93 -16.23
CA ASN B 2 3.47 7.70 -17.58
C ASN B 2 2.27 7.79 -18.52
N ILE B 3 2.28 8.77 -19.40
CA ILE B 3 1.16 8.99 -20.32
C ILE B 3 1.18 7.91 -21.38
N ASN B 4 0.04 7.26 -21.58
CA ASN B 4 -0.10 6.20 -22.58
C ASN B 4 -0.17 6.85 -23.96
N ASP B 5 0.95 6.87 -24.67
CA ASP B 5 1.05 7.50 -25.97
C ASP B 5 0.78 6.53 -27.12
N ASN B 6 0.47 5.27 -26.83
CA ASN B 6 0.27 4.26 -27.86
C ASN B 6 -1.19 4.03 -28.19
N LEU B 7 -2.00 5.09 -28.15
CA LEU B 7 -3.43 5.01 -28.44
C LEU B 7 -3.76 5.84 -29.68
N SER B 8 -4.86 5.47 -30.32
CA SER B 8 -5.33 6.19 -31.50
C SER B 8 -6.82 5.94 -31.64
N ILE B 9 -7.47 6.78 -32.47
CA ILE B 9 -8.90 6.67 -32.67
C ILE B 9 -9.28 5.36 -33.34
N ASN B 10 -8.34 4.69 -34.00
CA ASN B 10 -8.60 3.43 -34.67
C ASN B 10 -8.34 2.22 -33.77
N SER B 11 -7.95 2.44 -32.52
CA SER B 11 -7.69 1.32 -31.62
C SER B 11 -8.99 0.60 -31.29
N PRO B 12 -8.95 -0.72 -31.17
CA PRO B 12 -10.19 -1.47 -30.85
C PRO B 12 -10.61 -1.26 -29.40
N VAL B 13 -11.92 -1.35 -29.18
CA VAL B 13 -12.46 -1.22 -27.84
C VAL B 13 -12.13 -2.49 -27.06
N ASP B 14 -11.18 -2.41 -26.15
CA ASP B 14 -10.74 -3.55 -25.36
C ASP B 14 -11.26 -3.53 -23.94
N ASN B 15 -12.12 -2.58 -23.59
CA ASN B 15 -12.74 -2.48 -22.27
C ASN B 15 -11.73 -2.31 -21.14
N LYS B 16 -10.49 -1.97 -21.47
CA LYS B 16 -9.47 -1.72 -20.45
C LYS B 16 -8.79 -0.38 -20.62
N ASN B 17 -8.56 0.08 -21.85
CA ASN B 17 -7.94 1.36 -22.09
C ASN B 17 -8.78 2.17 -23.09
N VAL B 18 -9.55 1.48 -23.92
CA VAL B 18 -10.48 2.10 -24.84
C VAL B 18 -11.86 1.56 -24.52
N VAL B 19 -12.78 2.44 -24.13
CA VAL B 19 -14.11 2.03 -23.70
C VAL B 19 -15.14 2.89 -24.43
N VAL B 20 -16.38 2.43 -24.39
CA VAL B 20 -17.53 3.19 -24.90
C VAL B 20 -18.52 3.28 -23.75
N VAL B 21 -18.61 4.46 -23.14
CA VAL B 21 -19.39 4.64 -21.92
C VAL B 21 -20.59 5.52 -22.22
N ARG B 22 -21.47 5.65 -21.23
CA ARG B 22 -22.69 6.43 -21.35
C ARG B 22 -22.49 7.79 -20.69
N ALA B 23 -22.92 8.85 -21.37
CA ALA B 23 -22.77 10.20 -20.88
C ALA B 23 -23.83 10.48 -19.83
N ARG B 24 -23.41 10.52 -18.56
CA ARG B 24 -24.30 10.73 -17.42
C ARG B 24 -25.39 9.66 -17.48
N LYS B 25 -26.66 10.01 -17.43
CA LYS B 25 -27.76 9.07 -17.60
C LYS B 25 -28.64 9.46 -18.77
N THR B 26 -28.02 9.91 -19.85
CA THR B 26 -28.73 10.27 -21.07
C THR B 26 -28.70 9.09 -22.04
N ASP B 27 -29.18 9.33 -23.26
CA ASP B 27 -29.26 8.29 -24.28
C ASP B 27 -28.06 8.29 -25.21
N THR B 28 -27.04 9.10 -24.92
CA THR B 28 -25.87 9.23 -25.78
C THR B 28 -24.68 8.53 -25.15
N VAL B 29 -23.89 7.86 -25.97
CA VAL B 29 -22.66 7.22 -25.54
C VAL B 29 -21.50 7.92 -26.21
N PHE B 30 -20.30 7.74 -25.64
CA PHE B 30 -19.10 8.30 -26.22
C PHE B 30 -17.92 7.40 -25.92
N LYS B 31 -16.94 7.43 -26.81
CA LYS B 31 -15.71 6.69 -26.63
C LYS B 31 -14.80 7.43 -25.65
N ALA B 32 -13.95 6.67 -24.96
CA ALA B 32 -13.03 7.24 -23.98
C ALA B 32 -11.75 6.43 -23.99
N PHE B 33 -10.63 7.15 -23.95
CA PHE B 33 -9.30 6.54 -23.96
C PHE B 33 -8.59 6.89 -22.66
N LYS B 34 -8.23 5.88 -21.89
CA LYS B 34 -7.49 6.12 -20.65
C LYS B 34 -6.04 6.38 -20.97
N VAL B 35 -5.55 7.56 -20.61
CA VAL B 35 -4.16 7.95 -20.88
C VAL B 35 -3.30 7.94 -19.64
N ALA B 36 -3.88 7.75 -18.46
CA ALA B 36 -3.16 7.70 -17.20
C ALA B 36 -4.12 7.13 -16.16
N PRO B 37 -3.60 6.71 -15.00
CA PRO B 37 -4.50 6.24 -13.94
C PRO B 37 -5.59 7.25 -13.59
N ASN B 38 -6.84 6.89 -13.85
CA ASN B 38 -8.01 7.73 -13.59
C ASN B 38 -7.96 9.03 -14.38
N ILE B 39 -7.37 9.00 -15.58
CA ILE B 39 -7.38 10.15 -16.48
C ILE B 39 -7.76 9.66 -17.87
N TRP B 40 -8.84 10.21 -18.42
CA TRP B 40 -9.40 9.78 -19.69
C TRP B 40 -9.55 10.97 -20.62
N VAL B 41 -9.57 10.66 -21.91
CA VAL B 41 -9.77 11.65 -22.97
C VAL B 41 -10.94 11.20 -23.83
N ALA B 42 -11.86 12.12 -24.10
CA ALA B 42 -12.95 11.90 -25.04
C ALA B 42 -12.78 12.84 -26.21
N PRO B 43 -12.24 12.37 -27.35
CA PRO B 43 -11.88 13.29 -28.43
C PRO B 43 -13.05 13.96 -29.12
N GLU B 44 -14.30 13.60 -28.81
CA GLU B 44 -15.43 14.25 -29.43
C GLU B 44 -15.83 15.50 -28.65
N ARG B 45 -16.76 16.28 -29.21
CA ARG B 45 -17.25 17.46 -28.55
C ARG B 45 -18.08 17.07 -27.33
N TYR B 46 -18.36 18.06 -26.48
CA TYR B 46 -19.18 17.82 -25.30
C TYR B 46 -20.62 17.53 -25.71
N TYR B 47 -21.29 16.72 -24.89
CA TYR B 47 -22.64 16.27 -25.16
C TYR B 47 -23.71 17.13 -24.52
N GLY B 48 -23.39 17.80 -23.41
CA GLY B 48 -24.41 18.56 -22.70
C GLY B 48 -24.94 19.75 -23.49
N GLU B 49 -24.05 20.47 -24.15
CA GLU B 49 -24.43 21.66 -24.90
C GLU B 49 -24.80 21.30 -26.33
N SER B 50 -25.91 21.85 -26.81
CA SER B 50 -26.27 21.67 -28.20
C SER B 50 -25.31 22.46 -29.08
N LEU B 51 -24.84 21.81 -30.16
CA LEU B 51 -23.85 22.44 -31.02
C LEU B 51 -24.44 23.50 -31.94
N SER B 52 -25.76 23.59 -32.04
CA SER B 52 -26.43 24.60 -32.86
C SER B 52 -27.29 25.45 -31.95
N ILE B 53 -26.69 26.49 -31.38
CA ILE B 53 -27.38 27.40 -30.47
C ILE B 53 -28.02 28.52 -31.29
N ASP B 54 -29.09 29.08 -30.74
CA ASP B 54 -29.76 30.20 -31.39
C ASP B 54 -28.84 31.41 -31.45
N GLU B 55 -28.98 32.20 -32.52
CA GLU B 55 -28.09 33.35 -32.71
C GLU B 55 -28.24 34.36 -31.59
N GLU B 56 -29.41 34.44 -30.97
CA GLU B 56 -29.64 35.39 -29.87
C GLU B 56 -28.92 34.98 -28.59
N TYR B 57 -28.36 33.78 -28.52
CA TYR B 57 -27.71 33.29 -27.31
C TYR B 57 -26.20 33.13 -27.44
N LYS B 58 -25.63 33.34 -28.63
CA LYS B 58 -24.19 33.25 -28.78
C LYS B 58 -23.51 34.36 -27.98
N VAL B 59 -22.39 34.01 -27.34
CA VAL B 59 -21.68 34.96 -26.50
C VAL B 59 -20.71 35.76 -27.35
N ASP B 60 -20.36 36.94 -26.85
CA ASP B 60 -19.44 37.80 -27.57
C ASP B 60 -18.05 37.19 -27.63
N GLY B 61 -17.40 37.33 -28.78
CA GLY B 61 -16.05 36.83 -28.96
C GLY B 61 -15.94 35.32 -28.91
N GLY B 62 -16.91 34.61 -29.47
CA GLY B 62 -16.87 33.16 -29.49
C GLY B 62 -17.07 32.59 -30.88
N ILE B 63 -16.19 31.68 -31.29
CA ILE B 63 -16.30 31.05 -32.60
C ILE B 63 -17.28 29.90 -32.49
N TYR B 64 -18.45 30.04 -33.13
CA TYR B 64 -19.49 29.03 -33.08
C TYR B 64 -19.48 28.26 -34.40
N ASP B 65 -19.29 26.95 -34.33
CA ASP B 65 -19.24 26.10 -35.51
C ASP B 65 -19.62 24.69 -35.11
N SER B 66 -20.70 24.17 -35.71
CA SER B 66 -21.25 22.87 -35.35
C SER B 66 -20.68 21.74 -36.21
N ASN B 67 -19.48 21.92 -36.76
CA ASN B 67 -18.84 20.90 -37.56
C ASN B 67 -17.45 20.52 -37.06
N PHE B 68 -16.92 21.24 -36.07
CA PHE B 68 -15.61 20.92 -35.52
C PHE B 68 -15.66 19.59 -34.78
N LEU B 69 -14.59 18.80 -34.92
CA LEU B 69 -14.47 17.49 -34.27
C LEU B 69 -15.63 16.57 -34.65
N SER B 70 -15.85 16.42 -35.95
CA SER B 70 -16.88 15.53 -36.45
C SER B 70 -16.34 14.34 -37.23
N GLN B 71 -15.20 14.49 -37.89
CA GLN B 71 -14.57 13.41 -38.63
C GLN B 71 -13.53 12.71 -37.77
N ASP B 72 -13.20 11.48 -38.16
CA ASP B 72 -12.26 10.67 -37.39
C ASP B 72 -10.85 11.27 -37.42
N SER B 73 -10.48 11.90 -38.53
CA SER B 73 -9.15 12.51 -38.62
C SER B 73 -8.99 13.62 -37.58
N GLU B 74 -10.00 14.48 -37.47
CA GLU B 74 -9.95 15.56 -36.48
C GLU B 74 -9.95 14.99 -35.07
N LYS B 75 -10.71 13.93 -34.83
CA LYS B 75 -10.73 13.31 -33.51
C LYS B 75 -9.36 12.75 -33.14
N ASP B 76 -8.71 12.08 -34.10
CA ASP B 76 -7.37 11.55 -33.84
C ASP B 76 -6.37 12.67 -33.60
N LYS B 77 -6.48 13.76 -34.37
CA LYS B 77 -5.62 14.92 -34.14
C LYS B 77 -5.83 15.49 -32.75
N PHE B 78 -7.09 15.57 -32.32
CA PHE B 78 -7.39 16.06 -30.97
C PHE B 78 -6.78 15.15 -29.91
N LEU B 79 -6.92 13.84 -30.09
CA LEU B 79 -6.36 12.90 -29.13
C LEU B 79 -4.85 13.02 -29.04
N GLN B 80 -4.18 13.12 -30.19
CA GLN B 80 -2.73 13.27 -30.19
C GLN B 80 -2.33 14.59 -29.57
N ALA B 81 -3.10 15.66 -29.79
CA ALA B 81 -2.81 16.94 -29.19
C ALA B 81 -2.90 16.86 -27.67
N ILE B 82 -3.95 16.21 -27.15
CA ILE B 82 -4.08 16.07 -25.71
C ILE B 82 -2.94 15.24 -25.14
N ILE B 83 -2.56 14.17 -25.84
CA ILE B 83 -1.43 13.36 -25.40
C ILE B 83 -0.16 14.20 -25.34
N THR B 84 0.08 15.00 -26.38
CA THR B 84 1.27 15.84 -26.40
C THR B 84 1.27 16.86 -25.28
N LEU B 85 0.12 17.48 -25.02
CA LEU B 85 0.04 18.46 -23.93
C LEU B 85 0.28 17.80 -22.58
N LEU B 86 -0.32 16.62 -22.35
CA LEU B 86 -0.10 15.91 -21.10
C LEU B 86 1.35 15.51 -20.93
N LYS B 87 2.00 15.06 -22.01
CA LYS B 87 3.40 14.69 -21.93
C LYS B 87 4.28 15.90 -21.65
N ARG B 88 3.95 17.04 -22.27
CA ARG B 88 4.70 18.26 -22.00
C ARG B 88 4.57 18.67 -20.54
N ILE B 89 3.35 18.58 -19.99
CA ILE B 89 3.16 18.90 -18.58
C ILE B 89 3.95 17.94 -17.71
N ASN B 90 3.92 16.65 -18.05
CA ASN B 90 4.60 15.64 -17.25
C ASN B 90 6.11 15.77 -17.29
N SER B 91 6.67 16.47 -18.28
CA SER B 91 8.12 16.57 -18.40
C SER B 91 8.73 17.31 -17.21
N THR B 92 8.09 18.39 -16.77
CA THR B 92 8.61 19.15 -15.64
C THR B 92 8.17 18.51 -14.33
N ASN B 93 8.97 18.74 -13.28
CA ASN B 93 8.70 18.13 -11.99
C ASN B 93 7.38 18.62 -11.40
N ALA B 94 7.11 19.93 -11.49
CA ALA B 94 5.86 20.46 -10.96
C ALA B 94 4.66 19.92 -11.72
N GLY B 95 4.76 19.82 -13.04
CA GLY B 95 3.67 19.25 -13.81
C GLY B 95 3.43 17.79 -13.47
N GLU B 96 4.51 17.03 -13.28
CA GLU B 96 4.37 15.64 -12.87
C GLU B 96 3.70 15.53 -11.51
N LYS B 97 4.07 16.41 -10.58
CA LYS B 97 3.45 16.40 -9.26
C LYS B 97 1.96 16.72 -9.36
N LEU B 98 1.60 17.72 -10.17
CA LEU B 98 0.19 18.05 -10.33
C LEU B 98 -0.58 16.89 -10.94
N LEU B 99 -0.01 16.24 -11.96
CA LEU B 99 -0.70 15.11 -12.58
C LEU B 99 -0.85 13.95 -11.61
N SER B 100 0.18 13.67 -10.81
CA SER B 100 0.09 12.62 -9.82
C SER B 100 -0.98 12.93 -8.79
N LEU B 101 -1.05 14.18 -8.33
CA LEU B 101 -2.09 14.57 -7.38
C LEU B 101 -3.48 14.43 -8.00
N ILE B 102 -3.62 14.80 -9.28
CA ILE B 102 -4.91 14.63 -9.95
C ILE B 102 -5.29 13.17 -10.01
N SER B 103 -4.34 12.30 -10.36
CA SER B 103 -4.64 10.88 -10.48
C SER B 103 -5.01 10.26 -9.14
N THR B 104 -4.32 10.66 -8.07
CA THR B 104 -4.51 10.06 -6.76
C THR B 104 -5.64 10.68 -5.95
N ALA B 105 -6.21 11.79 -6.39
CA ALA B 105 -7.23 12.49 -5.61
C ALA B 105 -8.61 12.00 -6.04
N ILE B 106 -8.90 10.75 -5.69
CA ILE B 106 -10.21 10.17 -5.97
C ILE B 106 -11.23 10.83 -5.04
N PRO B 107 -12.47 11.01 -5.47
CA PRO B 107 -13.51 11.47 -4.55
C PRO B 107 -13.67 10.50 -3.40
N PHE B 108 -13.98 11.04 -2.23
CA PHE B 108 -14.10 10.22 -1.04
C PHE B 108 -15.23 9.21 -1.23
N PRO B 109 -14.97 7.92 -1.05
CA PRO B 109 -16.03 6.92 -1.23
C PRO B 109 -17.03 6.97 -0.08
N TYR B 110 -18.23 6.49 -0.36
CA TYR B 110 -19.26 6.41 0.67
C TYR B 110 -18.98 5.24 1.60
N GLY B 111 -19.87 5.03 2.56
CA GLY B 111 -19.72 3.93 3.49
C GLY B 111 -20.34 2.66 2.95
N TYR B 112 -20.55 1.71 3.85
CA TYR B 112 -21.26 0.50 3.47
C TYR B 112 -22.73 0.82 3.21
N ILE B 113 -23.47 -0.19 2.72
CA ILE B 113 -24.87 0.00 2.40
C ILE B 113 -25.67 0.38 3.63
N GLY B 114 -25.21 0.02 4.82
CA GLY B 114 -25.83 0.41 6.06
C GLY B 114 -25.21 1.60 6.75
N GLY B 115 -24.10 2.13 6.23
CA GLY B 115 -23.47 3.28 6.82
C GLY B 115 -22.26 2.96 7.67
N GLY B 116 -21.16 3.66 7.45
CA GLY B 116 -19.97 3.45 8.25
C GLY B 116 -18.76 3.03 7.43
N TYR B 117 -17.56 3.29 7.95
CA TYR B 117 -16.32 2.88 7.30
C TYR B 117 -15.53 1.89 8.15
N TYR B 118 -16.15 1.32 9.18
CA TYR B 118 -15.47 0.39 10.07
C TYR B 118 -15.44 -1.01 9.44
N ALA B 119 -15.13 -2.01 10.24
CA ALA B 119 -14.99 -3.36 9.74
C ALA B 119 -16.32 -3.88 9.20
N PRO B 120 -16.30 -4.71 8.15
CA PRO B 120 -17.53 -5.30 7.63
C PRO B 120 -17.94 -6.56 8.37
N ASN B 121 -18.96 -7.25 7.88
CA ASN B 121 -19.41 -8.50 8.49
C ASN B 121 -18.44 -9.63 8.14
N MET B 122 -18.82 -10.85 8.50
CA MET B 122 -17.98 -12.03 8.29
C MET B 122 -18.86 -13.16 7.78
N ILE B 123 -18.26 -14.08 7.03
CA ILE B 123 -18.98 -15.25 6.54
C ILE B 123 -18.02 -16.43 6.50
N THR B 124 -18.51 -17.60 6.91
CA THR B 124 -17.73 -18.82 6.93
C THR B 124 -18.13 -19.70 5.75
N PHE B 125 -17.14 -20.17 5.00
CA PHE B 125 -17.37 -20.97 3.81
C PHE B 125 -16.46 -22.18 3.82
N GLY B 126 -16.95 -23.27 3.23
CA GLY B 126 -16.11 -24.43 2.99
C GLY B 126 -15.89 -25.31 4.20
N SER B 127 -16.95 -25.92 4.72
CA SER B 127 -16.81 -26.85 5.82
C SER B 127 -16.03 -28.08 5.39
N ALA B 128 -15.08 -28.50 6.22
CA ALA B 128 -14.27 -29.67 5.90
C ALA B 128 -15.13 -30.93 5.96
N PRO B 129 -14.76 -31.96 5.20
CA PRO B 129 -15.54 -33.21 5.22
C PRO B 129 -15.45 -33.90 6.58
N LYS B 130 -16.54 -34.60 6.92
CA LYS B 130 -16.60 -35.29 8.20
C LYS B 130 -15.53 -36.37 8.27
N SER B 131 -14.83 -36.43 9.39
CA SER B 131 -13.80 -37.43 9.61
C SER B 131 -14.41 -38.65 10.29
N ASN B 132 -13.57 -39.61 10.68
CA ASN B 132 -14.07 -40.82 11.30
C ASN B 132 -14.46 -40.62 12.76
N LYS B 133 -14.00 -39.54 13.39
CA LYS B 133 -14.28 -39.32 14.80
C LYS B 133 -14.85 -37.93 15.05
N LYS B 134 -14.48 -36.96 14.21
CA LYS B 134 -14.89 -35.58 14.38
C LYS B 134 -15.85 -35.17 13.26
N LEU B 135 -16.85 -34.37 13.63
CA LEU B 135 -17.79 -33.87 12.62
C LEU B 135 -17.13 -32.88 11.68
N ASN B 136 -16.20 -32.08 12.18
CA ASN B 136 -15.46 -31.10 11.37
C ASN B 136 -16.39 -30.10 10.70
N SER B 137 -17.52 -29.81 11.34
CA SER B 137 -18.48 -28.87 10.77
C SER B 137 -18.02 -27.43 10.88
N LEU B 138 -17.21 -27.11 11.90
CA LEU B 138 -16.73 -25.76 12.11
C LEU B 138 -15.35 -25.51 11.50
N ILE B 139 -14.77 -26.51 10.82
CA ILE B 139 -13.49 -26.33 10.16
C ILE B 139 -13.73 -25.72 8.79
N SER B 140 -13.79 -24.40 8.73
CA SER B 140 -14.08 -23.68 7.50
C SER B 140 -13.15 -22.48 7.42
N SER B 141 -13.36 -21.63 6.42
CA SER B 141 -12.58 -20.43 6.21
C SER B 141 -13.47 -19.21 6.39
N THR B 142 -13.02 -18.25 7.19
CA THR B 142 -13.76 -17.04 7.45
C THR B 142 -13.25 -15.93 6.54
N ILE B 143 -14.17 -15.27 5.85
CA ILE B 143 -13.82 -14.21 4.92
C ILE B 143 -14.74 -13.01 5.14
N PRO B 144 -14.26 -11.79 4.89
CA PRO B 144 -15.16 -10.63 5.00
C PRO B 144 -16.22 -10.68 3.92
N PHE B 145 -17.49 -10.57 4.33
CA PHE B 145 -18.57 -10.77 3.37
C PHE B 145 -18.64 -9.63 2.36
N PRO B 146 -18.86 -8.37 2.75
CA PRO B 146 -18.82 -7.31 1.73
C PRO B 146 -17.42 -6.71 1.59
N TYR B 147 -16.53 -7.49 0.98
CA TYR B 147 -15.16 -7.03 0.79
C TYR B 147 -15.13 -5.87 -0.19
N ALA B 148 -14.42 -4.81 0.18
CA ALA B 148 -14.27 -3.61 -0.65
C ALA B 148 -15.64 -3.05 -1.04
N GLY B 149 -16.55 -3.02 -0.08
CA GLY B 149 -17.87 -2.48 -0.31
C GLY B 149 -18.07 -1.05 0.16
N TYR B 150 -17.40 -0.10 -0.50
CA TYR B 150 -17.41 1.31 -0.09
C TYR B 150 -18.05 2.16 -1.15
N ARG B 151 -18.54 1.64 -2.23
CA ARG B 151 -19.36 2.36 -3.21
C ARG B 151 -18.76 3.70 -3.68
N GLU B 152 -17.71 3.60 -4.47
CA GLU B 152 -17.08 4.79 -5.04
C GLU B 152 -18.04 5.48 -6.00
N THR B 153 -17.87 6.80 -6.13
CA THR B 153 -18.71 7.62 -6.99
C THR B 153 -18.01 8.09 -8.25
N ASN B 154 -16.71 7.84 -8.39
CA ASN B 154 -15.95 8.27 -9.56
C ASN B 154 -15.82 7.08 -10.51
N TYR B 155 -16.78 6.96 -11.43
CA TYR B 155 -16.75 5.86 -12.38
C TYR B 155 -17.54 6.23 -13.61
N LEU B 156 -17.14 5.64 -14.73
CA LEU B 156 -17.88 5.71 -15.99
C LEU B 156 -18.54 4.36 -16.21
N SER B 157 -19.83 4.38 -16.53
CA SER B 157 -20.60 3.17 -16.74
C SER B 157 -20.70 2.86 -18.22
N SER B 158 -20.49 1.60 -18.58
CA SER B 158 -20.53 1.18 -19.97
C SER B 158 -21.95 1.31 -20.52
N GLU B 159 -22.06 1.08 -21.83
CA GLU B 159 -23.36 1.21 -22.50
C GLU B 159 -24.38 0.19 -21.99
N ASP B 160 -23.92 -0.94 -21.48
CA ASP B 160 -24.81 -1.97 -20.94
C ASP B 160 -25.11 -1.77 -19.45
N ASN B 161 -24.51 -0.76 -18.82
CA ASN B 161 -24.67 -0.52 -17.39
C ASN B 161 -24.25 -1.71 -16.55
N LYS B 162 -23.28 -2.48 -17.04
CA LYS B 162 -22.77 -3.65 -16.34
C LYS B 162 -21.28 -3.58 -16.03
N SER B 163 -20.52 -2.78 -16.76
CA SER B 163 -19.10 -2.58 -16.52
C SER B 163 -18.86 -1.15 -16.08
N PHE B 164 -17.97 -0.97 -15.12
CA PHE B 164 -17.69 0.34 -14.56
C PHE B 164 -16.19 0.56 -14.49
N TYR B 165 -15.74 1.74 -14.90
CA TYR B 165 -14.32 2.06 -14.97
C TYR B 165 -14.03 3.29 -14.13
N ALA B 166 -13.08 3.15 -13.19
CA ALA B 166 -12.74 4.27 -12.31
C ALA B 166 -12.09 5.38 -13.11
N SER B 167 -12.46 6.62 -12.79
CA SER B 167 -11.94 7.77 -13.52
C SER B 167 -12.17 9.03 -12.71
N ASN B 168 -11.16 9.91 -12.71
CA ASN B 168 -11.23 11.19 -12.03
C ASN B 168 -11.44 12.36 -12.99
N ILE B 169 -10.80 12.32 -14.16
CA ILE B 169 -10.82 13.43 -15.10
C ILE B 169 -11.17 12.89 -16.48
N VAL B 170 -12.10 13.55 -17.16
CA VAL B 170 -12.41 13.27 -18.55
C VAL B 170 -12.23 14.55 -19.35
N ILE B 171 -11.33 14.52 -20.33
CA ILE B 171 -11.00 15.68 -21.14
C ILE B 171 -11.79 15.57 -22.44
N PHE B 172 -12.92 16.27 -22.51
CA PHE B 172 -13.75 16.29 -23.70
C PHE B 172 -13.20 17.31 -24.69
N GLY B 173 -13.98 17.62 -25.72
CA GLY B 173 -13.69 18.71 -26.61
C GLY B 173 -14.53 19.92 -26.25
N PRO B 174 -14.35 21.02 -26.98
CA PRO B 174 -15.11 22.23 -26.68
C PRO B 174 -16.60 22.04 -26.95
N GLY B 175 -17.41 22.79 -26.21
CA GLY B 175 -18.84 22.70 -26.35
C GLY B 175 -19.37 23.51 -27.52
N ALA B 176 -20.44 24.27 -27.29
CA ALA B 176 -21.00 25.08 -28.36
C ALA B 176 -20.01 26.14 -28.84
N ASN B 177 -19.33 26.80 -27.92
CA ASN B 177 -18.33 27.80 -28.24
C ASN B 177 -16.98 27.11 -28.40
N ILE B 178 -16.38 27.25 -29.58
CA ILE B 178 -15.14 26.52 -29.87
C ILE B 178 -14.02 26.98 -28.95
N VAL B 179 -13.80 28.29 -28.86
CA VAL B 179 -12.72 28.83 -28.01
C VAL B 179 -13.35 29.14 -26.65
N GLU B 180 -13.52 28.09 -25.84
CA GLU B 180 -13.97 28.27 -24.46
C GLU B 180 -13.57 27.02 -23.68
N ASN B 181 -12.50 27.13 -22.90
CA ASN B 181 -12.11 26.04 -22.02
C ASN B 181 -12.96 26.10 -20.75
N ASN B 182 -13.54 24.97 -20.38
CA ASN B 182 -14.45 24.94 -19.24
C ASN B 182 -14.16 23.73 -18.37
N THR B 183 -14.57 23.82 -17.11
CA THR B 183 -14.35 22.77 -16.13
C THR B 183 -15.64 22.60 -15.34
N VAL B 184 -16.32 21.47 -15.55
CA VAL B 184 -17.65 21.24 -14.98
C VAL B 184 -17.60 20.01 -14.08
N PHE B 185 -18.31 20.11 -12.97
CA PHE B 185 -18.38 19.01 -12.01
C PHE B 185 -19.43 17.98 -12.45
N TYR B 186 -19.37 16.82 -11.81
CA TYR B 186 -20.34 15.77 -12.06
C TYR B 186 -21.56 15.87 -11.16
N LYS B 187 -21.39 16.29 -9.91
CA LYS B 187 -22.50 16.43 -8.97
C LYS B 187 -22.21 17.61 -8.05
N LYS B 188 -23.11 18.59 -8.04
CA LYS B 188 -22.87 19.80 -7.25
C LYS B 188 -22.82 19.52 -5.76
N GLU B 189 -23.75 18.70 -5.27
CA GLU B 189 -23.81 18.42 -3.84
C GLU B 189 -22.54 17.73 -3.36
N ASP B 190 -22.05 16.76 -4.12
CA ASP B 190 -20.81 16.08 -3.76
C ASP B 190 -19.58 16.93 -4.05
N ALA B 191 -19.73 18.02 -4.80
CA ALA B 191 -18.61 18.91 -5.07
C ALA B 191 -18.48 20.03 -4.04
N GLU B 192 -19.56 20.37 -3.34
CA GLU B 192 -19.54 21.45 -2.36
C GLU B 192 -19.55 20.97 -0.92
N ASN B 193 -19.52 19.66 -0.67
CA ASN B 193 -19.68 19.15 0.68
C ASN B 193 -18.47 18.37 1.17
N GLY B 194 -17.30 18.56 0.54
CA GLY B 194 -16.10 17.91 1.00
C GLY B 194 -15.96 16.46 0.61
N MET B 195 -16.95 15.88 -0.05
CA MET B 195 -16.85 14.49 -0.50
C MET B 195 -15.93 14.38 -1.71
N GLY B 196 -16.27 15.09 -2.79
CA GLY B 196 -15.52 15.01 -4.02
C GLY B 196 -16.42 14.63 -5.18
N THR B 197 -15.99 14.91 -6.41
CA THR B 197 -16.82 14.58 -7.55
C THR B 197 -15.95 14.46 -8.79
N MET B 198 -16.48 13.76 -9.79
CA MET B 198 -15.82 13.66 -11.08
C MET B 198 -15.82 15.01 -11.78
N THR B 199 -14.79 15.25 -12.60
CA THR B 199 -14.65 16.50 -13.32
C THR B 199 -14.52 16.25 -14.81
N GLU B 200 -15.10 17.14 -15.61
CA GLU B 200 -15.04 17.09 -17.05
C GLU B 200 -14.50 18.42 -17.57
N ILE B 201 -13.59 18.35 -18.53
CA ILE B 201 -12.87 19.51 -19.04
C ILE B 201 -13.14 19.64 -20.53
N TRP B 202 -13.64 20.80 -20.94
CA TRP B 202 -13.75 21.14 -22.36
C TRP B 202 -12.51 21.93 -22.73
N PHE B 203 -11.72 21.41 -23.66
CA PHE B 203 -10.45 22.00 -24.03
C PHE B 203 -10.37 22.16 -25.54
N GLN B 204 -9.79 23.28 -25.97
CA GLN B 204 -9.55 23.55 -27.39
C GLN B 204 -8.05 23.73 -27.57
N PRO B 205 -7.34 22.69 -27.99
CA PRO B 205 -5.88 22.77 -28.15
C PRO B 205 -5.40 23.28 -29.49
N PHE B 206 -6.30 23.51 -30.45
CA PHE B 206 -5.90 23.83 -31.81
C PHE B 206 -5.83 25.33 -32.10
N LEU B 207 -6.50 26.16 -31.31
CA LEU B 207 -6.51 27.60 -31.53
C LEU B 207 -5.88 28.29 -30.33
N THR B 208 -4.91 29.16 -30.60
CA THR B 208 -4.30 30.00 -29.60
C THR B 208 -4.49 31.46 -29.99
N TYR B 209 -4.01 32.37 -29.16
CA TYR B 209 -4.07 33.79 -29.48
C TYR B 209 -2.78 34.47 -29.03
N LYS B 210 -2.55 35.65 -29.57
CA LYS B 210 -1.34 36.42 -29.29
C LYS B 210 -1.66 37.53 -28.30
N TYR B 211 -0.83 37.66 -27.28
CA TYR B 211 -0.93 38.73 -26.31
C TYR B 211 0.42 39.42 -26.24
N ASP B 212 0.40 40.76 -26.25
CA ASP B 212 1.63 41.56 -26.31
C ASP B 212 2.49 41.12 -27.48
N GLU B 213 3.56 40.39 -27.23
CA GLU B 213 4.47 39.92 -28.26
C GLU B 213 4.79 38.45 -28.08
N PHE B 214 3.80 37.66 -27.65
CA PHE B 214 4.01 36.23 -27.45
C PHE B 214 2.69 35.50 -27.65
N TYR B 215 2.79 34.20 -27.88
CA TYR B 215 1.63 33.34 -28.03
C TYR B 215 1.38 32.57 -26.75
N ILE B 216 0.10 32.32 -26.46
CA ILE B 216 -0.28 31.63 -25.23
C ILE B 216 -0.06 30.14 -25.42
N ASP B 217 0.72 29.54 -24.52
CA ASP B 217 0.92 28.10 -24.57
C ASP B 217 -0.35 27.40 -24.09
N PRO B 218 -0.94 26.50 -24.88
CA PRO B 218 -2.14 25.80 -24.43
C PRO B 218 -1.89 24.89 -23.23
N ALA B 219 -0.63 24.53 -22.98
CA ALA B 219 -0.32 23.73 -21.80
C ALA B 219 -0.68 24.47 -20.53
N ILE B 220 -0.47 25.79 -20.50
CA ILE B 220 -0.82 26.55 -19.31
C ILE B 220 -2.34 26.62 -19.14
N GLU B 221 -3.09 26.67 -20.24
CA GLU B 221 -4.54 26.63 -20.13
C GLU B 221 -5.01 25.29 -19.59
N LEU B 222 -4.41 24.19 -20.06
CA LEU B 222 -4.74 22.88 -19.54
C LEU B 222 -4.37 22.78 -18.06
N ILE B 223 -3.24 23.36 -17.67
CA ILE B 223 -2.84 23.36 -16.26
C ILE B 223 -3.85 24.11 -15.42
N LYS B 224 -4.33 25.25 -15.92
CA LYS B 224 -5.36 26.00 -15.19
C LYS B 224 -6.62 25.17 -15.04
N CYS B 225 -7.02 24.48 -16.10
CA CYS B 225 -8.21 23.64 -16.01
C CYS B 225 -8.02 22.51 -14.99
N LEU B 226 -6.83 21.90 -14.97
CA LEU B 226 -6.57 20.85 -13.99
C LEU B 226 -6.58 21.38 -12.57
N ILE B 227 -6.00 22.56 -12.35
CA ILE B 227 -6.02 23.14 -11.01
C ILE B 227 -7.44 23.43 -10.56
N LYS B 228 -8.27 23.95 -11.47
CA LYS B 228 -9.67 24.19 -11.12
C LYS B 228 -10.39 22.87 -10.85
N SER B 229 -10.03 21.81 -11.56
CA SER B 229 -10.64 20.50 -11.32
C SER B 229 -10.25 19.95 -9.95
N LEU B 230 -9.04 20.26 -9.48
CA LEU B 230 -8.63 19.84 -8.15
C LEU B 230 -9.58 20.37 -7.08
N TYR B 231 -10.23 21.51 -7.34
CA TYR B 231 -11.21 22.02 -6.40
C TYR B 231 -12.41 21.08 -6.29
N PHE B 232 -12.87 20.55 -7.43
CA PHE B 232 -14.01 19.64 -7.41
C PHE B 232 -13.63 18.28 -6.84
N LEU B 233 -12.42 17.81 -7.15
CA LEU B 233 -12.00 16.50 -6.67
C LEU B 233 -11.96 16.45 -5.16
N TYR B 234 -11.47 17.51 -4.52
CA TYR B 234 -11.40 17.56 -3.07
C TYR B 234 -12.70 18.01 -2.42
N GLY B 235 -13.70 18.38 -3.21
CA GLY B 235 -14.97 18.81 -2.66
C GLY B 235 -14.98 20.21 -2.09
N ILE B 236 -13.89 20.96 -2.24
CA ILE B 236 -13.82 22.33 -1.70
C ILE B 236 -14.25 23.25 -2.85
N LYS B 237 -15.57 23.40 -3.00
CA LYS B 237 -16.10 24.32 -3.99
C LYS B 237 -17.01 25.32 -3.30
N PRO B 238 -16.67 26.60 -3.29
CA PRO B 238 -17.53 27.59 -2.65
C PRO B 238 -18.81 27.80 -3.43
N SER B 239 -19.80 28.36 -2.75
CA SER B 239 -21.07 28.64 -3.41
C SER B 239 -20.87 29.65 -4.53
N ASP B 240 -21.77 29.60 -5.53
CA ASP B 240 -21.65 30.49 -6.67
C ASP B 240 -21.83 31.96 -6.28
N ASP B 241 -22.34 32.23 -5.09
CA ASP B 241 -22.55 33.59 -4.62
C ASP B 241 -21.33 34.18 -3.94
N LEU B 242 -20.24 33.43 -3.80
CA LEU B 242 -19.02 33.94 -3.19
C LEU B 242 -18.17 34.57 -4.30
N VAL B 243 -18.36 35.86 -4.52
CA VAL B 243 -17.65 36.59 -5.55
C VAL B 243 -16.90 37.75 -4.91
N ILE B 244 -15.97 38.31 -5.68
CA ILE B 244 -15.15 39.43 -5.24
C ILE B 244 -15.24 40.52 -6.30
N PRO B 245 -15.05 41.79 -5.96
CA PRO B 245 -15.05 42.84 -6.98
C PRO B 245 -13.78 42.74 -7.82
N TYR B 246 -13.96 42.50 -9.11
CA TYR B 246 -12.84 42.29 -10.02
C TYR B 246 -12.43 43.56 -10.74
N ARG B 247 -13.38 44.24 -11.37
CA ARG B 247 -13.07 45.41 -12.18
C ARG B 247 -14.20 46.41 -12.08
N LEU B 248 -13.86 47.68 -12.19
CA LEU B 248 -14.86 48.75 -12.24
C LEU B 248 -15.13 49.09 -13.70
N ARG B 249 -16.39 48.99 -14.11
CA ARG B 249 -16.77 49.21 -15.50
C ARG B 249 -16.79 50.71 -15.77
N SER B 250 -15.61 51.24 -16.09
CA SER B 250 -15.47 52.66 -16.32
C SER B 250 -16.09 53.11 -17.62
N GLU B 251 -16.25 52.20 -18.59
CA GLU B 251 -16.83 52.57 -19.87
C GLU B 251 -18.30 52.94 -19.76
N LEU B 252 -18.97 52.53 -18.69
CA LEU B 252 -20.38 52.79 -18.52
C LEU B 252 -20.61 54.13 -17.84
N GLU B 253 -21.85 54.62 -17.95
CA GLU B 253 -22.25 55.88 -17.33
C GLU B 253 -22.75 55.70 -15.90
N ASN B 254 -22.87 54.46 -15.44
CA ASN B 254 -23.35 54.17 -14.09
C ASN B 254 -22.27 53.43 -13.32
N ILE B 255 -22.34 53.52 -11.99
CA ILE B 255 -21.37 52.87 -11.13
C ILE B 255 -21.70 51.39 -11.03
N GLU B 256 -21.05 50.57 -11.85
CA GLU B 256 -21.26 49.13 -11.86
C GLU B 256 -19.91 48.43 -11.73
N TYR B 257 -19.96 47.20 -11.21
CA TYR B 257 -18.76 46.40 -11.01
C TYR B 257 -18.91 45.06 -11.72
N SER B 258 -17.81 44.56 -12.26
CA SER B 258 -17.74 43.20 -12.76
C SER B 258 -17.01 42.36 -11.74
N GLN B 259 -17.64 41.26 -11.31
CA GLN B 259 -17.16 40.44 -10.21
C GLN B 259 -16.73 39.07 -10.72
N LEU B 260 -15.82 38.46 -9.99
CA LEU B 260 -15.25 37.16 -10.34
C LEU B 260 -15.40 36.21 -9.16
N ASN B 261 -15.65 34.94 -9.47
CA ASN B 261 -15.70 33.94 -8.42
C ASN B 261 -14.32 33.75 -7.81
N ILE B 262 -14.30 33.39 -6.52
CA ILE B 262 -13.03 33.26 -5.82
C ILE B 262 -12.20 32.13 -6.39
N VAL B 263 -12.84 31.09 -6.95
CA VAL B 263 -12.09 29.99 -7.55
C VAL B 263 -11.27 30.49 -8.73
N ASP B 264 -11.88 31.28 -9.60
CA ASP B 264 -11.18 31.79 -10.77
C ASP B 264 -10.03 32.70 -10.37
N LEU B 265 -10.23 33.53 -9.34
CA LEU B 265 -9.15 34.37 -8.86
C LEU B 265 -8.01 33.52 -8.31
N LEU B 266 -8.34 32.49 -7.53
CA LEU B 266 -7.30 31.68 -6.91
C LEU B 266 -6.58 30.78 -7.91
N VAL B 267 -7.18 30.50 -9.05
CA VAL B 267 -6.55 29.59 -10.00
C VAL B 267 -5.82 30.34 -11.10
N SER B 268 -6.36 31.50 -11.53
CA SER B 268 -5.85 32.16 -12.71
C SER B 268 -4.47 32.78 -12.51
N GLY B 269 -4.07 33.02 -11.27
CA GLY B 269 -2.78 33.64 -11.06
C GLY B 269 -2.79 35.10 -11.49
N GLY B 270 -1.60 35.61 -11.80
CA GLY B 270 -1.45 36.98 -12.21
C GLY B 270 -1.14 37.91 -11.06
N ILE B 271 -1.63 39.15 -11.14
CA ILE B 271 -1.41 40.12 -10.08
C ILE B 271 -2.63 40.32 -9.20
N ASP B 272 -3.83 40.05 -9.71
CA ASP B 272 -5.04 40.22 -8.91
C ASP B 272 -5.02 39.44 -7.60
N PRO B 273 -4.63 38.15 -7.57
CA PRO B 273 -4.63 37.45 -6.28
C PRO B 273 -3.72 38.08 -5.25
N LYS B 274 -2.68 38.79 -5.68
CA LYS B 274 -1.77 39.43 -4.73
C LYS B 274 -2.47 40.52 -3.94
N PHE B 275 -3.61 41.01 -4.40
CA PHE B 275 -4.33 42.06 -3.69
C PHE B 275 -5.43 41.52 -2.79
N ILE B 276 -5.55 40.20 -2.68
CA ILE B 276 -6.50 39.57 -1.77
C ILE B 276 -5.80 38.60 -0.83
N ASN B 277 -4.90 37.77 -1.36
CA ASN B 277 -4.09 36.86 -0.54
C ASN B 277 -2.98 37.68 0.12
N THR B 278 -3.36 38.40 1.17
CA THR B 278 -2.46 39.28 1.90
C THR B 278 -2.31 38.81 3.33
N ASP B 279 -1.16 39.12 3.92
CA ASP B 279 -0.88 38.79 5.32
C ASP B 279 -0.81 40.07 6.14
N PRO B 280 -1.78 40.35 7.01
CA PRO B 280 -2.96 39.55 7.36
C PRO B 280 -4.07 39.62 6.31
N TYR B 281 -5.01 38.70 6.34
CA TYR B 281 -6.10 38.70 5.37
C TYR B 281 -7.09 39.81 5.69
N TRP B 282 -7.44 40.60 4.68
CA TRP B 282 -8.52 41.56 4.83
C TRP B 282 -9.84 41.00 4.36
N PHE B 283 -9.81 40.04 3.44
CA PHE B 283 -11.02 39.39 2.93
C PHE B 283 -11.07 37.97 3.48
N THR B 284 -12.07 37.69 4.30
CA THR B 284 -12.28 36.36 4.85
C THR B 284 -13.76 36.03 4.79
N ASP B 285 -14.06 34.77 4.52
CA ASP B 285 -15.43 34.28 4.50
C ASP B 285 -15.52 33.00 5.31
N ASN B 286 -16.74 32.62 5.66
CA ASN B 286 -16.96 31.37 6.36
C ASN B 286 -16.65 30.16 5.50
N TYR B 287 -16.48 30.36 4.18
CA TYR B 287 -16.19 29.24 3.28
C TYR B 287 -14.87 28.58 3.65
N PHE B 288 -13.84 29.38 3.95
CA PHE B 288 -12.54 28.81 4.27
C PHE B 288 -12.59 27.98 5.55
N SER B 289 -13.24 28.51 6.58
CA SER B 289 -13.36 27.78 7.83
C SER B 289 -14.15 26.49 7.64
N ASN B 290 -15.28 26.56 6.91
CA ASN B 290 -16.08 25.37 6.68
C ASN B 290 -15.30 24.32 5.89
N ALA B 291 -14.57 24.75 4.86
CA ALA B 291 -13.79 23.82 4.06
C ALA B 291 -12.70 23.15 4.89
N LYS B 292 -11.99 23.94 5.72
CA LYS B 292 -10.96 23.34 6.56
C LYS B 292 -11.56 22.36 7.55
N LYS B 293 -12.70 22.70 8.14
CA LYS B 293 -13.32 21.79 9.11
C LYS B 293 -13.77 20.50 8.45
N VAL B 294 -14.39 20.59 7.28
CA VAL B 294 -14.87 19.39 6.61
C VAL B 294 -13.70 18.52 6.15
N PHE B 295 -12.64 19.15 5.64
CA PHE B 295 -11.46 18.39 5.25
C PHE B 295 -10.83 17.69 6.44
N GLU B 296 -10.76 18.37 7.59
CA GLU B 296 -10.22 17.73 8.79
C GLU B 296 -11.11 16.58 9.24
N ASP B 297 -12.43 16.75 9.13
CA ASP B 297 -13.34 15.66 9.49
C ASP B 297 -13.12 14.44 8.60
N HIS B 298 -12.98 14.66 7.29
CA HIS B 298 -12.78 13.54 6.38
C HIS B 298 -11.41 12.89 6.60
N ARG B 299 -10.39 13.70 6.88
CA ARG B 299 -9.08 13.13 7.19
C ARG B 299 -9.12 12.28 8.45
N ASN B 300 -9.85 12.75 9.47
CA ASN B 300 -10.00 11.95 10.69
C ASN B 300 -10.78 10.67 10.41
N ILE B 301 -11.81 10.76 9.57
CA ILE B 301 -12.58 9.58 9.20
C ILE B 301 -11.69 8.55 8.52
N TYR B 302 -10.83 9.00 7.62
CA TYR B 302 -9.89 8.07 7.00
C TYR B 302 -8.92 7.50 8.02
N GLU B 303 -8.31 8.36 8.83
CA GLU B 303 -7.22 7.93 9.71
C GLU B 303 -7.70 6.95 10.76
N THR B 304 -8.87 7.19 11.34
CA THR B 304 -9.36 6.36 12.44
C THR B 304 -10.18 5.17 11.98
N GLN B 305 -10.84 5.25 10.83
CA GLN B 305 -11.76 4.21 10.40
C GLN B 305 -11.34 3.52 9.11
N ILE B 306 -11.06 4.28 8.05
CA ILE B 306 -10.83 3.68 6.73
C ILE B 306 -9.38 3.28 6.56
N GLU B 307 -8.59 3.44 7.62
CA GLU B 307 -7.16 3.11 7.56
C GLU B 307 -6.87 1.71 8.10
N GLY B 308 -7.42 1.36 9.25
CA GLY B 308 -7.19 0.05 9.83
C GLY B 308 -8.07 -1.05 9.29
N ASN B 309 -8.98 -0.74 8.38
CA ASN B 309 -9.85 -1.76 7.80
C ASN B 309 -9.03 -2.66 6.88
N ASN B 310 -8.92 -3.94 7.26
CA ASN B 310 -8.18 -4.92 6.49
C ASN B 310 -9.06 -5.65 5.48
N ALA B 311 -10.20 -5.08 5.12
CA ALA B 311 -11.13 -5.71 4.18
C ALA B 311 -11.58 -4.75 3.10
N ILE B 312 -10.69 -3.83 2.72
CA ILE B 312 -10.90 -2.85 1.63
C ILE B 312 -9.58 -2.88 0.86
N GLY B 313 -9.55 -2.45 -0.38
CA GLY B 313 -8.34 -2.61 -1.18
C GLY B 313 -7.36 -1.49 -1.05
N ASN B 314 -6.11 -1.72 -1.40
CA ASN B 314 -5.05 -0.70 -1.31
C ASN B 314 -5.13 0.16 -2.56
N ASP B 315 -6.03 -0.15 -3.46
CA ASP B 315 -6.26 0.73 -4.62
C ASP B 315 -6.96 1.98 -4.16
N ILE B 316 -7.81 1.91 -3.15
CA ILE B 316 -8.48 3.07 -2.55
C ILE B 316 -7.73 3.41 -1.27
N LYS B 317 -7.56 2.50 -0.36
CA LYS B 317 -6.96 2.87 0.93
C LYS B 317 -5.67 3.64 0.75
N LEU B 318 -4.94 3.39 -0.31
CA LEU B 318 -3.60 4.00 -0.40
C LEU B 318 -3.65 5.23 -1.28
N ARG B 319 -4.74 5.47 -1.95
CA ARG B 319 -4.85 6.73 -2.71
C ARG B 319 -5.48 7.70 -1.73
N LEU B 320 -6.46 7.26 -0.97
CA LEU B 320 -7.00 8.18 0.02
C LEU B 320 -5.90 8.70 0.95
N LYS B 321 -4.95 7.84 1.33
CA LYS B 321 -3.84 8.28 2.17
C LYS B 321 -3.07 9.40 1.50
N GLN B 322 -2.70 9.19 0.23
CA GLN B 322 -1.93 10.21 -0.48
C GLN B 322 -2.75 11.46 -0.73
N LYS B 323 -4.05 11.31 -0.98
CA LYS B 323 -4.90 12.49 -1.16
C LYS B 323 -4.95 13.33 0.11
N PHE B 324 -5.07 12.69 1.26
CA PHE B 324 -5.16 13.42 2.53
C PHE B 324 -3.79 13.73 3.12
N ARG B 325 -2.71 13.36 2.44
CA ARG B 325 -1.39 13.78 2.89
C ARG B 325 -1.24 15.31 2.85
N ILE B 326 -1.76 15.94 1.81
CA ILE B 326 -1.62 17.38 1.62
C ILE B 326 -2.67 18.12 2.44
N ASN B 327 -2.52 19.43 2.56
CA ASN B 327 -3.46 20.29 3.27
C ASN B 327 -4.29 21.08 2.27
N ILE B 328 -5.34 21.72 2.79
CA ILE B 328 -6.19 22.55 1.95
C ILE B 328 -5.46 23.81 1.51
N ASN B 329 -4.64 24.39 2.40
CA ASN B 329 -3.90 25.59 2.04
C ASN B 329 -2.95 25.34 0.88
N ASP B 330 -2.54 24.08 0.68
CA ASP B 330 -1.74 23.75 -0.49
C ASP B 330 -2.53 23.95 -1.77
N ILE B 331 -3.80 23.55 -1.77
CA ILE B 331 -4.64 23.75 -2.94
C ILE B 331 -4.97 25.22 -3.13
N TRP B 332 -5.28 25.92 -2.03
CA TRP B 332 -5.65 27.33 -2.14
C TRP B 332 -4.48 28.19 -2.62
N GLU B 333 -3.26 27.87 -2.17
CA GLU B 333 -2.08 28.62 -2.55
C GLU B 333 -1.43 28.09 -3.82
N LEU B 334 -2.19 27.44 -4.68
CA LEU B 334 -1.68 26.87 -5.93
C LEU B 334 -2.40 27.58 -7.08
N ASN B 335 -1.68 28.43 -7.78
CA ASN B 335 -2.22 29.20 -8.90
C ASN B 335 -1.30 29.07 -10.11
N LEU B 336 -1.67 29.78 -11.18
CA LEU B 336 -0.93 29.68 -12.43
C LEU B 336 0.44 30.34 -12.36
N ASN B 337 0.67 31.22 -11.38
CA ASN B 337 1.96 31.90 -11.28
C ASN B 337 3.08 30.91 -11.02
N TYR B 338 2.84 29.93 -10.15
CA TYR B 338 3.87 28.95 -9.83
C TYR B 338 4.25 28.13 -11.07
N PHE B 339 3.26 27.69 -11.84
CA PHE B 339 3.56 26.89 -13.02
C PHE B 339 4.18 27.74 -14.11
N SER B 340 3.78 29.01 -14.22
CA SER B 340 4.42 29.92 -15.16
C SER B 340 5.88 30.12 -14.81
N LYS B 341 6.19 30.26 -13.53
CA LYS B 341 7.59 30.44 -13.12
C LYS B 341 8.39 29.16 -13.35
N GLU B 342 7.83 28.00 -13.02
CA GLU B 342 8.57 26.76 -13.18
C GLU B 342 8.67 26.30 -14.62
N PHE B 343 7.80 26.79 -15.50
CA PHE B 343 7.81 26.42 -16.91
C PHE B 343 8.42 27.49 -17.81
N SER B 344 8.66 28.69 -17.28
CA SER B 344 9.12 29.84 -18.07
C SER B 344 8.15 30.14 -19.21
N ILE B 345 6.87 30.16 -18.89
CA ILE B 345 5.81 30.49 -19.85
C ILE B 345 5.28 31.87 -19.51
N MET B 346 5.29 32.77 -20.50
CA MET B 346 4.73 34.09 -20.32
C MET B 346 3.23 34.06 -20.55
N MET B 347 2.48 34.67 -19.64
CA MET B 347 1.02 34.63 -19.67
C MET B 347 0.50 36.01 -19.30
N PRO B 348 -0.73 36.33 -19.72
CA PRO B 348 -1.32 37.62 -19.31
C PRO B 348 -1.37 37.74 -17.79
N ASP B 349 -1.00 38.91 -17.30
CA ASP B 349 -0.76 39.08 -15.87
C ASP B 349 -1.71 40.03 -15.18
N ARG B 350 -2.36 40.95 -15.90
CA ARG B 350 -3.31 41.87 -15.29
C ARG B 350 -4.69 41.63 -15.89
N PHE B 351 -5.67 41.40 -15.01
CA PHE B 351 -7.07 41.26 -15.42
C PHE B 351 -7.23 40.22 -16.51
N ASN B 352 -6.54 39.09 -16.35
CA ASN B 352 -6.55 38.05 -17.37
C ASN B 352 -7.91 37.41 -17.54
N ASN B 353 -8.83 37.62 -16.61
CA ASN B 353 -10.19 37.11 -16.72
C ASN B 353 -11.14 38.07 -17.44
N ALA B 354 -10.65 39.26 -17.80
CA ALA B 354 -11.47 40.26 -18.47
C ALA B 354 -10.81 40.76 -19.74
N LEU B 355 -10.03 39.90 -20.41
CA LEU B 355 -9.32 40.31 -21.61
C LEU B 355 -10.26 40.56 -22.79
N LYS B 356 -11.53 40.17 -22.69
CA LYS B 356 -12.47 40.42 -23.78
C LYS B 356 -12.75 41.91 -23.92
N HIS B 357 -12.84 42.64 -22.81
CA HIS B 357 -13.13 44.06 -22.88
C HIS B 357 -11.93 44.87 -23.34
N PHE B 358 -10.71 44.40 -23.07
CA PHE B 358 -9.54 45.23 -23.29
C PHE B 358 -9.08 45.22 -24.75
N TYR B 359 -9.13 44.07 -25.42
CA TYR B 359 -8.75 44.03 -26.82
C TYR B 359 -9.37 42.82 -27.49
N ARG B 360 -9.42 42.87 -28.81
CA ARG B 360 -9.98 41.79 -29.62
C ARG B 360 -8.89 40.78 -29.95
N LYS B 361 -9.22 39.50 -29.81
CA LYS B 361 -8.24 38.43 -29.96
C LYS B 361 -8.21 37.94 -31.41
N GLN B 362 -7.00 37.66 -31.89
CA GLN B 362 -6.79 37.04 -33.18
C GLN B 362 -6.26 35.63 -32.97
N TYR B 363 -6.90 34.65 -33.61
CA TYR B 363 -6.66 33.25 -33.30
C TYR B 363 -5.75 32.62 -34.35
N TYR B 364 -4.77 31.86 -33.87
CA TYR B 364 -3.77 31.19 -34.70
C TYR B 364 -3.94 29.68 -34.55
N LYS B 365 -3.89 28.97 -35.68
CA LYS B 365 -4.02 27.53 -35.67
C LYS B 365 -2.70 26.88 -35.27
N ILE B 366 -2.81 25.75 -34.58
CA ILE B 366 -1.66 24.99 -34.11
C ILE B 366 -1.72 23.60 -34.71
N ASP B 367 -0.70 23.24 -35.48
CA ASP B 367 -0.48 21.86 -35.91
C ASP B 367 0.49 21.24 -34.93
N TYR B 368 0.09 20.14 -34.30
CA TYR B 368 0.80 19.75 -33.08
C TYR B 368 2.14 19.08 -33.37
N PRO B 369 2.25 18.09 -34.25
CA PRO B 369 3.60 17.62 -34.59
C PRO B 369 4.21 18.46 -35.70
N GLU B 370 3.98 19.77 -35.65
CA GLU B 370 4.68 20.71 -36.53
C GLU B 370 5.17 21.92 -35.74
N ASN B 371 4.36 22.37 -34.78
CA ASN B 371 4.64 23.58 -34.01
C ASN B 371 4.88 23.26 -32.53
N TYR B 372 3.95 22.59 -31.88
CA TYR B 372 4.17 22.18 -30.50
C TYR B 372 5.03 20.92 -30.47
N SER B 373 5.48 20.55 -29.28
CA SER B 373 6.36 19.39 -29.13
C SER B 373 6.41 19.00 -27.66
N ILE B 374 7.29 18.06 -27.34
CA ILE B 374 7.49 17.66 -25.96
C ILE B 374 8.07 18.80 -25.13
N ASN B 375 8.79 19.73 -25.77
CA ASN B 375 9.40 20.85 -25.07
C ASN B 375 8.61 22.14 -25.23
N GLY B 376 7.42 22.08 -25.82
CA GLY B 376 6.60 23.26 -25.98
C GLY B 376 6.63 23.83 -27.38
N PHE B 377 6.41 25.14 -27.49
CA PHE B 377 6.41 25.78 -28.79
C PHE B 377 7.78 25.68 -29.44
N VAL B 378 7.80 25.43 -30.75
CA VAL B 378 9.05 25.34 -31.49
C VAL B 378 9.63 26.75 -31.64
N ASN B 379 10.94 26.86 -31.46
CA ASN B 379 11.65 28.14 -31.55
C ASN B 379 11.11 29.14 -30.53
N GLY B 380 10.75 28.64 -29.35
CA GLY B 380 10.32 29.51 -28.27
C GLY B 380 8.89 29.98 -28.40
N GLN B 381 8.48 30.78 -27.43
CA GLN B 381 7.11 31.28 -27.36
C GLN B 381 6.88 32.49 -28.23
N ILE B 382 7.94 33.15 -28.70
CA ILE B 382 7.84 34.39 -29.46
C ILE B 382 8.11 34.15 -30.94
N ASN B 383 9.18 33.42 -31.26
CA ASN B 383 9.63 33.24 -32.63
C ASN B 383 9.00 32.03 -33.31
N VAL B 384 7.85 31.57 -32.84
CA VAL B 384 7.17 30.45 -33.48
C VAL B 384 6.30 30.99 -34.60
N GLN B 385 6.33 30.31 -35.74
CA GLN B 385 5.61 30.74 -36.95
C GLN B 385 4.27 30.01 -36.98
N LEU B 386 3.20 30.69 -36.59
CA LEU B 386 1.86 30.13 -36.56
C LEU B 386 0.99 30.91 -37.54
N SER B 387 0.30 30.17 -38.42
CA SER B 387 -0.58 30.82 -39.39
C SER B 387 -1.88 31.22 -38.72
N LEU B 388 -2.41 32.38 -39.12
CA LEU B 388 -3.68 32.86 -38.59
C LEU B 388 -4.79 31.94 -39.03
N SER B 389 -5.64 31.55 -38.09
CA SER B 389 -6.73 30.63 -38.39
C SER B 389 -7.75 31.30 -39.30
N ASP B 390 -8.31 30.50 -40.21
CA ASP B 390 -9.34 31.01 -41.13
C ASP B 390 -10.66 31.28 -40.42
N ARG B 391 -10.81 30.86 -39.17
CA ARG B 391 -12.03 31.06 -38.43
C ARG B 391 -12.14 32.45 -37.81
N ASN B 392 -11.13 33.29 -37.98
CA ASN B 392 -11.17 34.63 -37.39
C ASN B 392 -12.33 35.45 -37.95
N GLN B 393 -12.76 35.15 -39.18
CA GLN B 393 -13.89 35.86 -39.77
C GLN B 393 -15.21 35.48 -39.10
N ASP B 394 -15.26 34.36 -38.39
CA ASP B 394 -16.49 33.86 -37.79
C ASP B 394 -16.67 34.30 -36.34
N ILE B 395 -15.75 35.11 -35.81
CA ILE B 395 -15.87 35.56 -34.43
C ILE B 395 -17.06 36.52 -34.33
N ILE B 396 -18.07 36.12 -33.57
CA ILE B 396 -19.27 36.94 -33.41
C ILE B 396 -18.94 38.13 -32.54
N ASN B 397 -19.39 39.32 -32.95
CA ASN B 397 -19.08 40.57 -32.26
C ASN B 397 -20.38 41.19 -31.78
N LYS B 398 -20.62 41.13 -30.46
CA LYS B 398 -21.78 41.76 -29.85
C LYS B 398 -21.28 42.82 -28.87
N PRO B 399 -21.26 44.09 -29.26
CA PRO B 399 -20.73 45.12 -28.36
C PRO B 399 -21.61 45.32 -27.15
N GLU B 400 -20.96 45.66 -26.03
CA GLU B 400 -21.68 46.05 -24.83
C GLU B 400 -22.21 47.48 -24.94
N GLU B 401 -21.45 48.36 -25.60
CA GLU B 401 -21.85 49.75 -25.78
C GLU B 401 -21.53 50.18 -27.21
N ILE B 402 -22.40 51.01 -27.77
CA ILE B 402 -22.18 51.59 -29.09
C ILE B 402 -22.06 53.10 -28.89
N ILE B 403 -20.87 53.63 -29.14
CA ILE B 403 -20.61 55.06 -29.00
C ILE B 403 -20.86 55.73 -30.35
N ASN B 404 -21.78 56.69 -30.37
CA ASN B 404 -22.11 57.43 -31.58
C ASN B 404 -21.63 58.86 -31.42
N LEU B 405 -20.66 59.26 -32.23
CA LEU B 405 -20.09 60.60 -32.19
C LEU B 405 -20.93 61.50 -33.09
N LEU B 406 -21.95 62.11 -32.49
CA LEU B 406 -22.85 62.97 -33.25
C LEU B 406 -22.20 64.31 -33.54
N ASN B 407 -22.41 64.83 -34.75
CA ASN B 407 -21.85 66.10 -35.16
C ASN B 407 -22.55 67.26 -34.45
N ASN B 409 -26.35 69.63 -36.77
CA ASN B 409 -25.30 69.00 -35.99
C ASN B 409 -25.83 67.77 -35.26
N ASN B 410 -26.57 66.92 -35.99
CA ASN B 410 -27.10 65.70 -35.43
C ASN B 410 -26.90 64.51 -36.37
N VAL B 411 -25.78 64.49 -37.09
CA VAL B 411 -25.46 63.41 -38.02
C VAL B 411 -24.31 62.62 -37.42
N SER B 412 -24.46 61.29 -37.38
CA SER B 412 -23.46 60.42 -36.78
C SER B 412 -22.20 60.43 -37.65
N LEU B 413 -21.11 60.95 -37.10
CA LEU B 413 -19.84 60.96 -37.83
C LEU B 413 -19.11 59.62 -37.70
N MET B 414 -19.19 59.00 -36.52
CA MET B 414 -18.43 57.78 -36.26
C MET B 414 -19.22 56.93 -35.28
N ARG B 415 -19.14 55.61 -35.46
CA ARG B 415 -19.83 54.66 -34.58
C ARG B 415 -18.82 53.60 -34.15
N SER B 416 -18.54 53.55 -32.86
CA SER B 416 -17.53 52.65 -32.33
C SER B 416 -18.16 51.68 -31.34
N ASN B 417 -17.50 50.54 -31.14
CA ASN B 417 -18.00 49.47 -30.29
C ASN B 417 -17.08 49.30 -29.09
N ILE B 418 -17.67 49.21 -27.91
CA ILE B 418 -16.95 48.90 -26.68
C ILE B 418 -17.51 47.59 -26.15
N TYR B 419 -16.65 46.60 -25.96
CA TYR B 419 -17.09 45.28 -25.54
C TYR B 419 -17.02 45.17 -24.02
N GLY B 420 -17.58 44.08 -23.49
CA GLY B 420 -17.68 43.88 -22.06
C GLY B 420 -16.75 42.77 -21.57
N ASP B 421 -16.56 42.76 -20.26
CA ASP B 421 -15.71 41.73 -19.65
C ASP B 421 -16.35 40.34 -19.73
N GLY B 422 -17.68 40.28 -19.70
CA GLY B 422 -18.38 39.02 -19.72
C GLY B 422 -18.61 38.39 -18.37
N LEU B 423 -18.26 39.07 -17.28
CA LEU B 423 -18.45 38.56 -15.94
C LEU B 423 -19.79 39.06 -15.39
N LYS B 424 -20.09 38.64 -14.16
CA LYS B 424 -21.35 39.05 -13.54
C LYS B 424 -21.25 40.49 -13.05
N SER B 425 -22.26 41.29 -13.40
CA SER B 425 -22.28 42.70 -13.08
C SER B 425 -23.15 42.95 -11.86
N THR B 426 -22.62 43.68 -10.89
CA THR B 426 -23.33 44.06 -9.69
C THR B 426 -23.34 45.58 -9.56
N VAL B 427 -24.50 46.14 -9.24
CA VAL B 427 -24.60 47.59 -9.06
C VAL B 427 -24.39 48.02 -7.62
N ASP B 428 -24.40 47.08 -6.66
CA ASP B 428 -24.19 47.41 -5.27
C ASP B 428 -22.70 47.50 -4.97
N ASP B 429 -22.30 48.56 -4.26
CA ASP B 429 -20.90 48.75 -3.93
C ASP B 429 -20.46 47.69 -2.91
N PHE B 430 -19.56 46.81 -3.32
CA PHE B 430 -19.11 45.74 -2.44
C PHE B 430 -18.35 46.30 -1.24
N TYR B 431 -17.48 47.28 -1.48
CA TYR B 431 -16.60 47.75 -0.41
C TYR B 431 -17.36 48.47 0.69
N SER B 432 -18.41 49.22 0.32
CA SER B 432 -19.17 49.95 1.33
C SER B 432 -20.02 49.04 2.20
N ASN B 433 -20.40 47.87 1.70
CA ASN B 433 -21.22 46.92 2.45
C ASN B 433 -20.43 45.75 2.98
N TYR B 434 -19.10 45.79 2.91
CA TYR B 434 -18.26 44.73 3.44
C TYR B 434 -17.60 45.20 4.73
N LYS B 435 -17.67 44.37 5.76
CA LYS B 435 -17.12 44.70 7.07
C LYS B 435 -15.86 43.87 7.30
N ILE B 436 -14.75 44.55 7.58
CA ILE B 436 -13.50 43.87 7.85
C ILE B 436 -13.60 43.23 9.23
N PRO B 437 -13.44 41.91 9.35
CA PRO B 437 -13.60 41.26 10.65
C PRO B 437 -12.45 41.57 11.59
N TYR B 438 -12.77 41.66 12.87
CA TYR B 438 -11.76 41.91 13.90
C TYR B 438 -11.24 40.61 14.50
N ASN B 439 -12.14 39.76 15.00
CA ASN B 439 -11.77 38.54 15.68
C ASN B 439 -11.47 37.39 14.72
N ARG B 440 -11.64 37.59 13.42
CA ARG B 440 -11.32 36.60 12.42
C ARG B 440 -10.14 37.08 11.58
N ALA B 441 -9.24 36.16 11.25
CA ALA B 441 -8.03 36.47 10.50
C ALA B 441 -7.21 37.57 11.20
N TYR B 442 -7.10 37.45 12.51
CA TYR B 442 -6.39 38.43 13.33
C TYR B 442 -4.96 38.01 13.63
N GLU B 443 -4.48 36.92 13.04
CA GLU B 443 -3.16 36.36 13.32
C GLU B 443 -2.32 36.39 12.06
N TYR B 444 -1.17 35.70 12.13
CA TYR B 444 -0.24 35.53 11.02
C TYR B 444 0.47 36.83 10.65
N HIS B 445 0.42 37.83 11.52
CA HIS B 445 1.14 39.10 11.34
C HIS B 445 0.85 39.75 9.99
N ASP B 451 4.85 29.38 -3.07
CA ASP B 451 5.93 28.93 -3.93
C ASP B 451 6.36 27.51 -3.58
N SER B 452 5.87 27.01 -2.44
CA SER B 452 6.17 25.66 -1.96
C SER B 452 4.87 25.06 -1.45
N SER B 453 4.12 24.42 -2.33
CA SER B 453 2.84 23.83 -1.96
C SER B 453 2.73 22.36 -2.34
N LEU B 454 3.30 21.95 -3.47
CA LEU B 454 3.26 20.56 -3.90
C LEU B 454 4.50 19.79 -3.41
N ASP B 455 4.75 19.86 -2.10
CA ASP B 455 5.88 19.15 -1.51
C ASP B 455 5.49 17.81 -0.90
N ASN B 456 4.22 17.64 -0.53
CA ASN B 456 3.76 16.40 0.09
C ASN B 456 3.24 15.40 -0.93
N VAL B 457 3.71 15.48 -2.17
CA VAL B 457 3.29 14.58 -3.24
C VAL B 457 4.52 13.82 -3.71
N ASN B 458 4.44 12.49 -3.70
CA ASN B 458 5.53 11.62 -4.13
C ASN B 458 5.16 10.96 -5.43
N ILE B 459 5.95 11.21 -6.48
CA ILE B 459 5.68 10.61 -7.78
C ILE B 459 5.80 9.09 -7.71
N GLY B 460 6.85 8.60 -7.06
CA GLY B 460 7.06 7.16 -6.97
C GLY B 460 5.97 6.45 -6.19
N VAL B 461 5.55 7.05 -5.06
CA VAL B 461 4.50 6.43 -4.25
C VAL B 461 3.20 6.35 -5.03
N ILE B 462 2.84 7.43 -5.74
CA ILE B 462 1.63 7.40 -6.55
C ILE B 462 1.76 6.37 -7.66
N ASP B 463 2.93 6.28 -8.28
CA ASP B 463 3.13 5.32 -9.37
C ASP B 463 3.07 3.89 -8.86
N ASN B 464 3.38 3.65 -7.59
CA ASN B 464 3.36 2.30 -7.05
C ASN B 464 1.95 1.82 -6.70
N ILE B 465 0.96 2.70 -6.68
CA ILE B 465 -0.40 2.27 -6.36
C ILE B 465 -0.96 1.46 -7.51
N PRO B 466 -1.50 0.26 -7.26
CA PRO B 466 -2.14 -0.49 -8.34
C PRO B 466 -3.40 0.20 -8.83
N GLU B 467 -3.68 0.03 -10.11
CA GLU B 467 -4.85 0.65 -10.71
C GLU B 467 -6.13 0.03 -10.15
N ILE B 468 -7.19 0.84 -10.14
CA ILE B 468 -8.49 0.38 -9.64
C ILE B 468 -9.13 -0.51 -10.71
N ILE B 469 -9.34 -1.77 -10.37
CA ILE B 469 -9.89 -2.73 -11.32
C ILE B 469 -11.37 -2.94 -11.02
N ASP B 470 -11.69 -3.34 -9.80
CA ASP B 470 -13.06 -3.58 -9.39
C ASP B 470 -13.63 -2.32 -8.77
N VAL B 471 -14.72 -1.81 -9.34
CA VAL B 471 -15.36 -0.59 -8.88
C VAL B 471 -16.73 -0.95 -8.34
N ASN B 472 -17.00 -0.54 -7.10
CA ASN B 472 -18.33 -0.72 -6.52
C ASN B 472 -19.13 0.56 -6.80
N PRO B 473 -20.15 0.51 -7.65
CA PRO B 473 -20.83 1.74 -8.04
C PRO B 473 -21.67 2.32 -6.92
N TYR B 474 -21.83 3.64 -6.96
CA TYR B 474 -22.82 4.36 -6.18
C TYR B 474 -23.94 4.79 -7.12
N LYS B 475 -25.18 4.49 -6.74
CA LYS B 475 -26.30 4.61 -7.66
C LYS B 475 -26.44 6.03 -8.20
N GLU B 476 -26.41 7.02 -7.32
CA GLU B 476 -26.62 8.42 -7.68
C GLU B 476 -25.30 9.16 -7.57
N ASN B 477 -24.55 9.22 -8.66
CA ASN B 477 -23.28 9.94 -8.70
C ASN B 477 -23.29 11.11 -9.68
N CYS B 478 -24.34 11.25 -10.48
CA CYS B 478 -24.50 12.38 -11.39
C CYS B 478 -25.87 13.00 -11.16
N ASP B 479 -26.00 14.29 -11.45
CA ASP B 479 -27.26 14.98 -11.25
C ASP B 479 -27.94 15.36 -12.56
N LYS B 480 -27.30 16.21 -13.36
CA LYS B 480 -27.79 16.64 -14.67
C LYS B 480 -26.79 17.63 -15.23
N PHE B 481 -27.01 18.04 -16.47
CA PHE B 481 -26.28 19.16 -17.05
C PHE B 481 -27.28 20.14 -17.65
N SER B 482 -27.29 21.36 -17.13
CA SER B 482 -28.13 22.43 -17.66
C SER B 482 -27.23 23.53 -18.19
N PRO B 483 -27.10 23.69 -19.51
CA PRO B 483 -26.23 24.74 -20.04
C PRO B 483 -26.74 26.13 -19.65
N VAL B 484 -25.80 27.04 -19.46
CA VAL B 484 -26.12 28.41 -19.09
C VAL B 484 -26.27 29.23 -20.37
N GLN B 485 -27.50 29.66 -20.66
CA GLN B 485 -27.81 30.47 -21.83
C GLN B 485 -28.07 31.90 -21.37
N LYS B 486 -27.30 32.84 -21.91
CA LYS B 486 -27.41 34.24 -21.53
C LYS B 486 -27.50 35.11 -22.78
N ILE B 487 -28.20 36.24 -22.64
CA ILE B 487 -28.39 37.21 -23.71
C ILE B 487 -27.62 38.47 -23.34
N THR B 488 -26.84 38.98 -24.29
CA THR B 488 -26.00 40.15 -24.07
C THR B 488 -26.75 41.40 -24.51
N SER B 489 -26.90 42.35 -23.59
CA SER B 489 -27.54 43.61 -23.90
C SER B 489 -26.53 44.61 -24.46
N THR B 490 -27.03 45.57 -25.23
CA THR B 490 -26.17 46.56 -25.87
C THR B 490 -26.83 47.92 -25.77
N ARG B 491 -26.23 48.83 -25.01
CA ARG B 491 -26.69 50.19 -24.92
C ARG B 491 -26.03 51.05 -26.00
N GLU B 492 -26.65 52.19 -26.28
CA GLU B 492 -26.12 53.16 -27.23
C GLU B 492 -25.95 54.50 -26.52
N ILE B 493 -24.75 55.06 -26.59
CA ILE B 493 -24.44 56.34 -25.97
C ILE B 493 -24.07 57.32 -27.07
N ASN B 494 -24.81 58.43 -27.15
CA ASN B 494 -24.56 59.49 -28.11
C ASN B 494 -23.76 60.59 -27.43
N THR B 495 -22.65 61.00 -28.04
CA THR B 495 -21.79 62.00 -27.46
C THR B 495 -21.29 62.95 -28.55
N ASN B 496 -20.96 64.16 -28.13
CA ASN B 496 -20.37 65.16 -29.02
C ASN B 496 -18.86 65.25 -28.87
N ILE B 497 -18.34 65.09 -27.67
CA ILE B 497 -16.90 65.06 -27.43
C ILE B 497 -16.37 63.67 -27.78
N PRO B 498 -15.39 63.56 -28.68
CA PRO B 498 -14.90 62.23 -29.07
C PRO B 498 -14.30 61.48 -27.90
N TRP B 499 -14.47 60.16 -27.94
CA TRP B 499 -13.91 59.25 -26.96
C TRP B 499 -12.58 58.69 -27.46
N PRO B 500 -11.73 58.19 -26.55
CA PRO B 500 -10.49 57.56 -27.01
C PRO B 500 -10.71 56.41 -27.96
N ILE B 501 -11.80 55.66 -27.79
CA ILE B 501 -12.10 54.58 -28.74
C ILE B 501 -12.41 55.15 -30.12
N ASN B 502 -13.03 56.33 -30.18
CA ASN B 502 -13.30 56.94 -31.48
C ASN B 502 -12.01 57.29 -32.21
N TYR B 503 -11.04 57.88 -31.50
CA TYR B 503 -9.75 58.16 -32.09
C TYR B 503 -9.05 56.87 -32.52
N LEU B 504 -9.11 55.84 -31.66
CA LEU B 504 -8.48 54.58 -31.99
C LEU B 504 -9.06 53.98 -33.26
N GLN B 505 -10.39 54.02 -33.40
CA GLN B 505 -11.02 53.53 -34.62
C GLN B 505 -10.63 54.38 -35.82
N ALA B 506 -10.57 55.71 -35.64
CA ALA B 506 -10.20 56.60 -36.74
C ALA B 506 -8.78 56.36 -37.22
N GLN B 507 -7.90 55.84 -36.37
CA GLN B 507 -6.55 55.51 -36.81
C GLN B 507 -6.49 54.23 -37.63
N ASN B 508 -7.62 53.65 -38.02
CA ASN B 508 -7.66 52.42 -38.79
C ASN B 508 -8.43 52.64 -40.08
N THR B 509 -7.90 52.11 -41.18
CA THR B 509 -8.54 52.20 -42.48
C THR B 509 -8.45 50.86 -43.19
N ASN B 510 -9.41 50.63 -44.09
CA ASN B 510 -9.42 49.43 -44.93
C ASN B 510 -8.92 49.69 -46.34
N ASN B 511 -8.76 50.95 -46.74
CA ASN B 511 -8.29 51.27 -48.07
C ASN B 511 -6.77 51.08 -48.16
N GLU B 512 -6.25 51.24 -49.37
CA GLU B 512 -4.82 51.09 -49.63
C GLU B 512 -4.24 52.30 -50.34
N LYS B 513 -4.96 53.41 -50.37
CA LYS B 513 -4.50 54.65 -51.00
C LYS B 513 -4.84 55.83 -50.10
N PHE B 514 -4.54 55.70 -48.81
CA PHE B 514 -4.91 56.70 -47.83
C PHE B 514 -3.85 57.80 -47.74
N SER B 515 -4.08 58.75 -46.85
CA SER B 515 -3.12 59.79 -46.55
C SER B 515 -3.27 60.19 -45.09
N LEU B 516 -2.14 60.44 -44.43
CA LEU B 516 -2.17 60.81 -43.03
C LEU B 516 -2.70 62.22 -42.85
N SER B 517 -3.43 62.44 -41.78
CA SER B 517 -3.98 63.76 -41.48
C SER B 517 -3.99 63.98 -39.97
N SER B 518 -3.73 65.20 -39.56
CA SER B 518 -3.73 65.56 -38.14
C SER B 518 -5.07 66.10 -37.67
N ASP B 519 -6.03 66.28 -38.57
CA ASP B 519 -7.35 66.82 -38.23
C ASP B 519 -8.31 65.66 -38.07
N PHE B 520 -8.70 65.37 -36.82
CA PHE B 520 -9.65 64.29 -36.57
C PHE B 520 -11.00 64.56 -37.23
N VAL B 521 -11.47 65.81 -37.13
CA VAL B 521 -12.76 66.15 -37.70
C VAL B 521 -12.74 65.99 -39.21
N GLU B 522 -11.64 66.41 -39.86
CA GLU B 522 -11.53 66.23 -41.29
C GLU B 522 -11.47 64.75 -41.66
N VAL B 523 -10.80 63.96 -40.84
CA VAL B 523 -10.68 62.52 -41.11
C VAL B 523 -12.05 61.85 -41.05
N VAL B 524 -12.83 62.17 -40.01
CA VAL B 524 -14.13 61.53 -39.86
C VAL B 524 -15.19 62.13 -40.77
N SER B 525 -14.99 63.35 -41.26
CA SER B 525 -15.94 64.01 -42.14
C SER B 525 -15.58 63.86 -43.61
N SER B 526 -14.52 63.10 -43.93
CA SER B 526 -14.10 62.94 -45.31
C SER B 526 -15.06 62.00 -46.04
N LYS B 527 -15.70 62.50 -47.08
CA LYS B 527 -16.62 61.68 -47.85
C LYS B 527 -15.88 60.60 -48.63
N ASP B 528 -14.69 60.90 -49.13
CA ASP B 528 -13.93 59.92 -49.88
C ASP B 528 -13.31 58.84 -49.00
N LYS B 529 -13.29 59.06 -47.68
CA LYS B 529 -12.68 58.11 -46.74
C LYS B 529 -11.23 57.81 -47.11
N SER B 530 -10.50 58.85 -47.49
CA SER B 530 -9.10 58.72 -47.90
C SER B 530 -8.13 59.30 -46.88
N LEU B 531 -8.62 59.91 -45.81
CA LEU B 531 -7.77 60.48 -44.77
C LEU B 531 -7.80 59.57 -43.54
N VAL B 532 -6.63 59.32 -42.97
CA VAL B 532 -6.50 58.52 -41.75
C VAL B 532 -5.80 59.36 -40.69
N TYR B 533 -6.37 59.38 -39.49
CA TYR B 533 -5.82 60.17 -38.40
C TYR B 533 -4.49 59.58 -37.93
N SER B 534 -3.51 60.46 -37.71
CA SER B 534 -2.21 60.04 -37.21
C SER B 534 -1.59 61.18 -36.43
N PHE B 535 -0.82 60.82 -35.40
CA PHE B 535 -0.12 61.78 -34.57
C PHE B 535 1.35 61.92 -34.95
N LEU B 536 1.77 61.29 -36.05
CA LEU B 536 3.18 61.34 -36.46
C LEU B 536 3.43 62.65 -37.19
N SER B 537 3.71 63.68 -36.40
CA SER B 537 3.96 65.01 -36.95
C SER B 537 5.21 65.02 -37.83
N ASN B 538 6.27 64.33 -37.38
CA ASN B 538 7.51 64.30 -38.16
C ASN B 538 7.30 63.64 -39.51
N VAL B 539 6.64 62.48 -39.53
CA VAL B 539 6.44 61.77 -40.79
C VAL B 539 5.54 62.56 -41.72
N MET B 540 4.47 63.14 -41.19
CA MET B 540 3.58 63.94 -42.01
C MET B 540 4.29 65.16 -42.57
N PHE B 541 5.12 65.81 -41.75
CA PHE B 541 5.87 66.96 -42.22
C PHE B 541 6.84 66.57 -43.33
N TYR B 542 7.53 65.45 -43.15
CA TYR B 542 8.47 64.98 -44.19
C TYR B 542 7.73 64.66 -45.48
N LEU B 543 6.57 63.99 -45.39
CA LEU B 543 5.83 63.64 -46.59
C LEU B 543 5.29 64.87 -47.29
N ASP B 544 4.89 65.90 -46.52
CA ASP B 544 4.48 67.15 -47.13
C ASP B 544 5.66 67.87 -47.76
N SER B 545 6.84 67.78 -47.14
CA SER B 545 8.03 68.41 -47.71
C SER B 545 8.41 67.79 -49.04
N ILE B 546 8.40 66.45 -49.12
CA ILE B 546 8.73 65.78 -50.38
C ILE B 546 7.58 65.78 -51.37
N LYS B 547 6.41 66.27 -50.98
CA LYS B 547 5.29 66.36 -51.91
C LYS B 547 5.63 67.36 -53.01
N ASP B 548 5.17 67.04 -54.24
CA ASP B 548 5.44 67.85 -55.42
C ASP B 548 6.95 67.97 -55.66
N ASN B 549 7.58 66.81 -55.86
CA ASN B 549 9.00 66.72 -56.14
C ASN B 549 9.23 65.67 -57.23
N SER B 550 10.49 65.40 -57.52
CA SER B 550 10.81 64.43 -58.56
C SER B 550 10.40 63.04 -58.10
N PRO B 551 9.66 62.29 -58.91
CA PRO B 551 9.28 60.93 -58.52
C PRO B 551 10.50 60.05 -58.33
N ILE B 552 10.42 59.16 -57.34
CA ILE B 552 11.53 58.27 -57.02
C ILE B 552 11.62 57.19 -58.09
N ASP B 553 12.79 57.06 -58.71
CA ASP B 553 12.97 56.07 -59.76
C ASP B 553 14.25 55.26 -59.57
N THR B 554 15.23 55.84 -58.90
CA THR B 554 16.52 55.19 -58.70
C THR B 554 16.58 54.51 -57.34
N ASP B 555 17.52 53.57 -57.22
CA ASP B 555 17.63 52.82 -55.97
C ASP B 555 18.17 53.69 -54.84
N LYS B 556 19.08 54.60 -55.14
CA LYS B 556 19.57 55.52 -54.11
C LYS B 556 18.45 56.39 -53.57
N LYS B 557 17.57 56.87 -54.45
CA LYS B 557 16.45 57.70 -54.01
C LYS B 557 15.52 56.93 -53.09
N TYR B 558 15.21 55.68 -53.45
CA TYR B 558 14.34 54.88 -52.60
C TYR B 558 15.00 54.58 -51.26
N TYR B 559 16.30 54.27 -51.27
CA TYR B 559 17.00 54.02 -50.01
C TYR B 559 16.96 55.24 -49.12
N LEU B 560 17.20 56.43 -49.68
CA LEU B 560 17.16 57.65 -48.90
C LEU B 560 15.75 57.89 -48.35
N TRP B 561 14.73 57.67 -49.17
CA TRP B 561 13.36 57.87 -48.72
C TRP B 561 13.01 56.93 -47.57
N LEU B 562 13.39 55.65 -47.70
CA LEU B 562 13.10 54.69 -46.66
C LEU B 562 13.84 55.03 -45.38
N ARG B 563 15.10 55.43 -45.48
CA ARG B 563 15.87 55.79 -44.29
C ARG B 563 15.25 56.99 -43.60
N GLU B 564 14.84 58.00 -44.36
CA GLU B 564 14.22 59.17 -43.76
C GLU B 564 12.90 58.81 -43.10
N ILE B 565 12.10 57.95 -43.73
CA ILE B 565 10.83 57.55 -43.15
C ILE B 565 11.06 56.82 -41.82
N PHE B 566 12.03 55.89 -41.81
CA PHE B 566 12.31 55.17 -40.58
C PHE B 566 12.81 56.09 -39.49
N ARG B 567 13.71 57.02 -39.84
CA ARG B 567 14.25 57.94 -38.83
C ARG B 567 13.16 58.82 -38.25
N ASN B 568 12.28 59.36 -39.09
CA ASN B 568 11.21 60.21 -38.61
C ASN B 568 10.23 59.42 -37.74
N TYR B 569 9.90 58.19 -38.14
CA TYR B 569 9.01 57.37 -37.32
C TYR B 569 9.63 57.08 -35.96
N SER B 570 10.93 56.75 -35.94
CA SER B 570 11.59 56.45 -34.67
C SER B 570 11.65 57.68 -33.79
N PHE B 571 11.90 58.85 -34.37
CA PHE B 571 11.91 60.08 -33.57
C PHE B 571 10.52 60.42 -33.05
N ASP B 572 9.47 60.06 -33.79
CA ASP B 572 8.13 60.46 -33.41
C ASP B 572 7.54 59.52 -32.36
N ILE B 573 7.70 58.21 -32.52
CA ILE B 573 7.06 57.28 -31.61
C ILE B 573 7.79 57.18 -30.28
N THR B 574 9.05 57.60 -30.20
CA THR B 574 9.85 57.48 -29.00
C THR B 574 10.05 58.85 -28.33
N ALA B 575 9.09 59.76 -28.49
CA ALA B 575 9.22 61.11 -27.96
C ALA B 575 8.71 61.13 -26.52
N THR B 576 9.61 61.38 -25.57
CA THR B 576 9.26 61.47 -24.16
C THR B 576 9.93 62.69 -23.55
N GLN B 577 9.32 63.20 -22.48
CA GLN B 577 9.85 64.33 -21.73
C GLN B 577 9.92 63.95 -20.26
N GLU B 578 11.07 64.17 -19.63
CA GLU B 578 11.28 63.80 -18.24
C GLU B 578 10.85 64.95 -17.34
N ILE B 579 9.82 64.71 -16.53
CA ILE B 579 9.33 65.68 -15.57
C ILE B 579 9.55 65.12 -14.17
N ASN B 580 9.49 66.01 -13.19
CA ASN B 580 9.69 65.65 -11.78
C ASN B 580 8.32 65.54 -11.12
N THR B 581 7.92 64.32 -10.77
CA THR B 581 6.66 64.05 -10.11
C THR B 581 6.92 63.70 -8.65
N ASP B 582 5.83 63.66 -7.86
CA ASP B 582 5.95 63.47 -6.43
C ASP B 582 6.65 62.16 -6.07
N CYS B 583 6.61 61.17 -6.96
CA CYS B 583 7.23 59.87 -6.73
C CYS B 583 8.52 59.68 -7.53
N GLY B 584 9.17 60.77 -7.92
CA GLY B 584 10.44 60.66 -8.62
C GLY B 584 10.49 61.37 -9.95
N ILE B 585 11.00 60.69 -10.98
CA ILE B 585 11.10 61.25 -12.32
C ILE B 585 10.26 60.39 -13.26
N ASN B 586 9.36 61.04 -14.00
CA ASN B 586 8.47 60.35 -14.93
C ASN B 586 8.74 60.81 -16.35
N LYS B 587 8.89 59.85 -17.25
CA LYS B 587 9.13 60.13 -18.66
C LYS B 587 7.78 60.11 -19.37
N VAL B 588 7.11 61.27 -19.37
CA VAL B 588 5.79 61.38 -19.97
C VAL B 588 5.89 61.28 -21.47
N VAL B 589 5.03 60.47 -22.08
CA VAL B 589 4.97 60.35 -23.53
C VAL B 589 4.27 61.58 -24.11
N THR B 590 4.94 62.25 -25.03
CA THR B 590 4.44 63.53 -25.52
C THR B 590 3.20 63.36 -26.40
N TRP B 591 3.18 62.35 -27.27
CA TRP B 591 2.08 62.19 -28.20
C TRP B 591 0.86 61.54 -27.56
N PHE B 592 0.90 61.22 -26.26
CA PHE B 592 -0.22 60.55 -25.62
C PHE B 592 -1.48 61.40 -25.61
N GLY B 593 -1.36 62.72 -25.83
CA GLY B 593 -2.54 63.55 -25.90
C GLY B 593 -3.25 63.45 -27.23
N LYS B 594 -2.47 63.36 -28.32
CA LYS B 594 -3.06 63.29 -29.65
C LYS B 594 -3.82 62.00 -29.85
N ALA B 595 -3.13 60.87 -29.77
CA ALA B 595 -3.81 59.58 -29.75
C ALA B 595 -4.58 59.44 -28.46
N LEU B 596 -5.78 58.84 -28.55
CA LEU B 596 -6.64 58.65 -27.39
C LEU B 596 -6.94 59.99 -26.71
N ASN B 597 -7.70 60.82 -27.44
CA ASN B 597 -7.87 62.23 -27.10
C ASN B 597 -8.11 62.42 -25.60
N ILE B 598 -7.13 63.00 -24.93
CA ILE B 598 -7.12 63.14 -23.48
C ILE B 598 -6.27 64.37 -23.16
N LEU B 599 -6.84 65.32 -22.42
CA LEU B 599 -6.16 66.60 -22.16
C LEU B 599 -5.71 67.26 -23.46
N ASN B 600 -6.41 66.97 -24.54
CA ASN B 600 -6.09 67.52 -25.86
C ASN B 600 -6.87 68.80 -26.14
N THR B 601 -6.82 69.74 -25.18
CA THR B 601 -7.52 71.01 -25.34
C THR B 601 -6.69 71.98 -26.17
N SER B 602 -5.47 72.27 -25.73
CA SER B 602 -4.56 73.16 -26.44
C SER B 602 -3.17 73.00 -25.81
N ASP B 603 -2.24 73.81 -26.29
CA ASP B 603 -0.86 73.86 -25.77
C ASP B 603 -0.26 72.47 -25.96
N SER B 604 0.42 71.91 -24.95
CA SER B 604 1.03 70.60 -25.04
C SER B 604 0.46 69.68 -23.97
N PHE B 605 0.48 68.38 -24.25
CA PHE B 605 -0.04 67.42 -23.29
C PHE B 605 0.78 67.42 -22.01
N VAL B 606 2.09 67.57 -22.11
CA VAL B 606 2.94 67.56 -20.92
C VAL B 606 2.64 68.77 -20.05
N GLU B 607 2.36 69.92 -20.65
CA GLU B 607 2.05 71.11 -19.88
C GLU B 607 0.78 70.91 -19.06
N GLU B 608 -0.25 70.31 -19.66
CA GLU B 608 -1.48 70.06 -18.92
C GLU B 608 -1.30 68.97 -17.88
N PHE B 609 -0.50 67.95 -18.19
CA PHE B 609 -0.25 66.88 -17.24
C PHE B 609 0.48 67.39 -16.02
N GLN B 610 1.45 68.29 -16.21
CA GLN B 610 2.20 68.83 -15.09
C GLN B 610 1.32 69.77 -14.26
N ASN B 611 0.59 70.67 -14.92
CA ASN B 611 -0.26 71.60 -14.19
C ASN B 611 -1.35 70.85 -13.42
N LEU B 612 -1.97 69.88 -14.05
CA LEU B 612 -2.94 69.01 -13.39
C LEU B 612 -2.18 67.86 -12.71
N GLY B 613 -2.89 66.84 -12.28
CA GLY B 613 -2.26 65.67 -11.72
C GLY B 613 -2.34 64.50 -12.66
N PRO B 614 -1.84 63.34 -12.24
CA PRO B 614 -2.07 62.11 -13.01
C PRO B 614 -3.51 61.62 -12.97
N ILE B 615 -4.31 62.12 -12.03
CA ILE B 615 -5.70 61.69 -11.90
C ILE B 615 -6.51 62.11 -13.12
N SER B 616 -6.12 63.20 -13.78
CA SER B 616 -6.91 63.71 -14.88
C SER B 616 -6.89 62.82 -16.12
N LEU B 617 -5.99 61.83 -16.16
CA LEU B 617 -5.94 60.95 -17.33
C LEU B 617 -7.17 60.05 -17.41
N ILE B 618 -7.66 59.58 -16.27
CA ILE B 618 -8.81 58.68 -16.22
C ILE B 618 -10.09 59.50 -16.09
N ASN B 619 -11.19 58.95 -16.58
CA ASN B 619 -12.44 59.67 -16.69
C ASN B 619 -13.43 59.39 -15.56
N LYS B 620 -13.07 58.54 -14.60
CA LYS B 620 -13.94 58.23 -13.46
C LYS B 620 -13.10 58.30 -12.19
N LYS B 621 -13.10 59.46 -11.56
CA LYS B 621 -12.34 59.70 -10.34
C LYS B 621 -13.27 59.69 -9.13
N GLU B 622 -12.65 59.62 -7.95
CA GLU B 622 -13.37 59.59 -6.68
C GLU B 622 -14.34 58.41 -6.60
N ASN B 623 -13.77 57.20 -6.64
CA ASN B 623 -14.53 55.97 -6.52
C ASN B 623 -14.33 55.28 -5.17
N LEU B 624 -13.64 55.92 -4.25
CA LEU B 624 -13.38 55.30 -2.96
C LEU B 624 -14.66 55.18 -2.14
N SER B 625 -14.61 54.29 -1.15
CA SER B 625 -15.72 54.10 -0.23
C SER B 625 -15.18 53.49 1.06
N MET B 626 -15.55 54.08 2.18
CA MET B 626 -15.03 53.64 3.47
C MET B 626 -15.57 52.26 3.80
N PRO B 627 -14.72 51.27 4.05
CA PRO B 627 -15.24 49.96 4.47
C PRO B 627 -15.83 50.04 5.87
N ILE B 628 -16.78 49.14 6.13
CA ILE B 628 -17.40 49.09 7.44
C ILE B 628 -16.36 48.63 8.46
N ILE B 629 -16.12 49.45 9.48
CA ILE B 629 -15.08 49.21 10.46
C ILE B 629 -15.74 48.76 11.76
N GLU B 630 -15.26 47.66 12.32
CA GLU B 630 -15.76 47.13 13.58
C GLU B 630 -14.57 46.96 14.53
N ILE B 631 -14.24 48.04 15.24
CA ILE B 631 -13.16 48.03 16.22
C ILE B 631 -13.82 47.96 17.59
N TYR B 632 -13.91 46.76 18.14
CA TYR B 632 -14.54 46.56 19.44
C TYR B 632 -13.64 47.07 20.56
N GLY B 633 -14.26 47.69 21.56
CA GLY B 633 -13.50 48.21 22.68
C GLY B 633 -13.00 47.10 23.60
N ILE B 634 -12.07 47.49 24.47
CA ILE B 634 -11.49 46.52 25.41
C ILE B 634 -12.58 46.07 26.39
N PRO B 635 -12.70 44.76 26.67
CA PRO B 635 -13.72 44.23 27.58
C PRO B 635 -13.50 44.67 29.03
N MET B 638 -14.74 44.94 33.43
CA MET B 638 -13.45 45.47 33.88
C MET B 638 -12.96 44.74 35.12
N LEU B 639 -12.59 43.47 34.95
CA LEU B 639 -12.06 42.68 36.04
C LEU B 639 -10.69 43.21 36.47
N GLY B 640 -10.46 43.19 37.78
CA GLY B 640 -9.19 43.67 38.31
C GLY B 640 -8.05 42.75 37.92
N LEU B 641 -6.87 43.33 37.77
CA LEU B 641 -5.67 42.59 37.38
C LEU B 641 -4.45 43.35 37.85
N PRO B 642 -3.32 42.67 38.07
CA PRO B 642 -2.10 43.39 38.46
C PRO B 642 -1.50 44.17 37.29
N LEU B 643 -0.36 44.84 37.54
CA LEU B 643 0.25 45.65 36.50
C LEU B 643 0.71 44.81 35.32
N ASN B 644 1.34 43.66 35.59
CA ASN B 644 1.90 42.84 34.52
C ASN B 644 0.79 42.27 33.64
N ASP B 645 -0.27 41.73 34.25
CA ASP B 645 -1.35 41.15 33.46
C ASP B 645 -2.06 42.19 32.63
N LEU B 646 -2.32 43.37 33.22
CA LEU B 646 -2.96 44.45 32.48
C LEU B 646 -2.06 44.91 31.33
N ASN B 647 -0.75 45.00 31.58
CA ASN B 647 0.18 45.40 30.52
C ASN B 647 0.18 44.40 29.38
N GLU B 648 0.17 43.09 29.69
CA GLU B 648 0.14 42.08 28.65
C GLU B 648 -1.15 42.15 27.85
N LYS B 649 -2.29 42.32 28.53
CA LYS B 649 -3.57 42.41 27.84
C LYS B 649 -3.61 43.63 26.93
N LEU B 650 -3.13 44.78 27.42
CA LEU B 650 -3.12 45.98 26.59
C LEU B 650 -2.16 45.84 25.43
N PHE B 651 -1.03 45.16 25.62
CA PHE B 651 -0.11 44.91 24.51
C PHE B 651 -0.76 44.04 23.44
N ASN B 652 -1.48 43.01 23.86
CA ASN B 652 -2.19 42.18 22.89
C ASN B 652 -3.25 42.96 22.13
N ILE B 653 -3.98 43.82 22.83
CA ILE B 653 -4.97 44.66 22.16
C ILE B 653 -4.29 45.61 21.18
N TYR B 654 -3.14 46.16 21.58
CA TYR B 654 -2.37 47.03 20.69
C TYR B 654 -1.99 46.31 19.41
N LEU B 655 -1.45 45.10 19.54
CA LEU B 655 -1.04 44.35 18.35
C LEU B 655 -2.24 44.02 17.48
N LYS B 656 -3.36 43.63 18.08
CA LYS B 656 -4.56 43.34 17.30
C LYS B 656 -5.04 44.56 16.54
N ASN B 657 -5.01 45.73 17.18
CA ASN B 657 -5.44 46.95 16.51
C ASN B 657 -4.49 47.34 15.38
N ILE B 658 -3.19 47.14 15.58
CA ILE B 658 -2.23 47.42 14.51
C ILE B 658 -2.50 46.52 13.31
N LEU B 659 -2.73 45.23 13.57
CA LEU B 659 -3.03 44.30 12.49
C LEU B 659 -4.33 44.69 11.78
N TYR B 660 -5.32 45.15 12.53
CA TYR B 660 -6.56 45.61 11.91
C TYR B 660 -6.31 46.82 11.01
N PHE B 661 -5.46 47.75 11.46
CA PHE B 661 -5.13 48.90 10.63
C PHE B 661 -4.45 48.46 9.33
N LYS B 662 -3.55 47.49 9.43
CA LYS B 662 -2.91 46.98 8.21
C LYS B 662 -3.95 46.31 7.30
N LYS B 663 -4.93 45.63 7.88
CA LYS B 663 -5.99 45.04 7.07
C LYS B 663 -6.78 46.11 6.32
N VAL B 664 -7.10 47.21 7.00
CA VAL B 664 -7.82 48.30 6.33
C VAL B 664 -6.96 48.90 5.22
N TYR B 665 -5.66 49.03 5.46
CA TYR B 665 -4.76 49.53 4.43
C TYR B 665 -4.75 48.62 3.21
N PHE B 666 -4.73 47.30 3.44
CA PHE B 666 -4.78 46.35 2.33
C PHE B 666 -6.10 46.45 1.58
N ASN B 667 -7.19 46.67 2.31
CA ASN B 667 -8.47 46.86 1.64
C ASN B 667 -8.45 48.09 0.73
N PHE B 668 -7.85 49.18 1.21
CA PHE B 668 -7.74 50.37 0.38
C PHE B 668 -6.84 50.13 -0.83
N LEU B 669 -5.77 49.34 -0.65
CA LEU B 669 -4.92 48.98 -1.77
C LEU B 669 -5.70 48.21 -2.83
N ASP B 670 -6.53 47.25 -2.39
CA ASP B 670 -7.36 46.51 -3.33
C ASP B 670 -8.37 47.41 -4.01
N GLN B 671 -8.92 48.39 -3.28
CA GLN B 671 -9.81 49.35 -3.89
C GLN B 671 -9.10 50.15 -4.99
N TRP B 672 -7.87 50.57 -4.72
CA TRP B 672 -7.10 51.28 -5.74
C TRP B 672 -6.85 50.40 -6.95
N TRP B 673 -6.51 49.13 -6.73
CA TRP B 673 -6.25 48.24 -7.86
C TRP B 673 -7.51 48.03 -8.69
N THR B 674 -8.65 47.80 -8.04
CA THR B 674 -9.86 47.48 -8.77
C THR B 674 -10.41 48.70 -9.50
N GLU B 675 -10.49 49.84 -8.82
CA GLU B 675 -11.20 50.99 -9.37
C GLU B 675 -10.30 51.92 -10.17
N TYR B 676 -9.02 52.05 -9.81
CA TYR B 676 -8.15 53.04 -10.41
C TYR B 676 -7.16 52.43 -11.40
N TYR B 677 -6.41 51.40 -10.98
CA TYR B 677 -5.43 50.82 -11.89
C TYR B 677 -6.08 50.15 -13.09
N SER B 678 -7.35 49.76 -12.99
CA SER B 678 -8.02 49.17 -14.14
C SER B 678 -8.11 50.19 -15.28
N GLN B 679 -8.42 51.44 -14.96
CA GLN B 679 -8.52 52.48 -15.99
C GLN B 679 -7.16 52.77 -16.60
N TYR B 680 -6.10 52.76 -15.79
CA TYR B 680 -4.76 52.98 -16.34
C TYR B 680 -4.34 51.81 -17.22
N PHE B 681 -4.71 50.59 -16.86
CA PHE B 681 -4.44 49.45 -17.73
C PHE B 681 -5.21 49.57 -19.04
N ASP B 682 -6.45 50.07 -18.96
CA ASP B 682 -7.21 50.31 -20.18
C ASP B 682 -6.53 51.34 -21.06
N LEU B 683 -6.00 52.40 -20.44
CA LEU B 683 -5.24 53.39 -21.19
C LEU B 683 -3.99 52.77 -21.83
N ILE B 684 -3.32 51.89 -21.10
CA ILE B 684 -2.15 51.20 -21.65
C ILE B 684 -2.53 50.39 -22.88
N CYS B 685 -3.64 49.66 -22.79
CA CYS B 685 -4.07 48.84 -23.91
C CYS B 685 -4.44 49.69 -25.12
N MET B 686 -5.17 50.78 -24.90
CA MET B 686 -5.52 51.66 -26.01
C MET B 686 -4.28 52.31 -26.62
N ALA B 687 -3.30 52.69 -25.79
CA ALA B 687 -2.07 53.25 -26.32
C ALA B 687 -1.28 52.24 -27.14
N LYS B 688 -1.25 50.98 -26.68
CA LYS B 688 -0.61 49.94 -27.46
C LYS B 688 -1.31 49.73 -28.79
N GLN B 689 -2.64 49.78 -28.79
CA GLN B 689 -3.38 49.66 -30.04
C GLN B 689 -3.06 50.82 -30.98
N SER B 690 -2.93 52.04 -30.43
CA SER B 690 -2.58 53.19 -31.26
C SER B 690 -1.19 53.02 -31.87
N ILE B 691 -0.23 52.58 -31.06
CA ILE B 691 1.12 52.38 -31.57
C ILE B 691 1.13 51.35 -32.68
N LEU B 692 0.42 50.25 -32.47
CA LEU B 692 0.37 49.20 -33.49
C LEU B 692 -0.31 49.69 -34.76
N ALA B 693 -1.36 50.49 -34.62
CA ALA B 693 -2.05 51.03 -35.79
C ALA B 693 -1.13 51.95 -36.59
N GLN B 694 -0.39 52.81 -35.91
CA GLN B 694 0.53 53.70 -36.62
C GLN B 694 1.65 52.92 -37.28
N GLU B 695 2.15 51.87 -36.61
CA GLU B 695 3.17 51.03 -37.23
C GLU B 695 2.65 50.34 -38.48
N LYS B 696 1.42 49.84 -38.42
CA LYS B 696 0.81 49.23 -39.60
C LYS B 696 0.64 50.19 -40.77
N LEU B 697 0.24 51.42 -40.48
CA LEU B 697 0.09 52.43 -41.52
C LEU B 697 1.44 52.78 -42.18
N ILE B 698 2.48 52.90 -41.35
CA ILE B 698 3.80 53.22 -41.87
C ILE B 698 4.26 52.07 -42.74
N LYS B 699 4.06 50.84 -42.28
CA LYS B 699 4.46 49.68 -43.06
C LYS B 699 3.68 49.61 -44.37
N GLN B 700 2.38 49.94 -44.32
CA GLN B 700 1.58 49.93 -45.54
C GLN B 700 2.04 51.01 -46.51
N ILE B 701 2.39 52.19 -46.00
CA ILE B 701 2.92 53.25 -46.87
C ILE B 701 4.21 52.79 -47.54
N ILE B 702 5.10 52.15 -46.77
CA ILE B 702 6.35 51.66 -47.32
C ILE B 702 6.08 50.60 -48.38
N GLN B 703 5.14 49.70 -48.11
CA GLN B 703 4.80 48.65 -49.07
C GLN B 703 4.23 49.25 -50.35
N ASN B 704 3.38 50.27 -50.22
CA ASN B 704 2.83 50.93 -51.40
C ASN B 704 3.93 51.56 -52.23
N LYS B 705 4.86 52.25 -51.59
CA LYS B 705 5.96 52.87 -52.33
C LYS B 705 6.82 51.81 -53.02
N LEU B 706 7.13 50.72 -52.31
CA LEU B 706 7.95 49.67 -52.90
C LEU B 706 7.27 49.02 -54.09
N GLN B 707 5.97 48.73 -53.97
CA GLN B 707 5.26 48.08 -55.06
C GLN B 707 5.06 49.01 -56.24
N ASP B 708 4.89 50.32 -55.98
CA ASP B 708 4.83 51.28 -57.08
C ASP B 708 6.19 51.47 -57.73
N LEU B 709 7.27 51.23 -57.00
CA LEU B 709 8.61 51.32 -57.56
C LEU B 709 9.05 50.05 -58.26
N PHE B 710 8.30 48.95 -58.11
CA PHE B 710 8.60 47.75 -58.87
C PHE B 710 8.32 47.90 -60.36
N LYS B 711 7.54 48.89 -60.75
CA LYS B 711 7.30 49.19 -62.17
C LYS B 711 8.26 50.29 -62.62
N ALA B 712 9.55 49.95 -62.58
CA ALA B 712 10.60 50.89 -62.93
C ALA B 712 11.76 50.13 -63.55
N ASP B 713 12.69 50.89 -64.14
CA ASP B 713 13.84 50.31 -64.84
C ASP B 713 14.96 50.01 -63.84
N ILE B 714 14.69 49.03 -62.98
CA ILE B 714 15.63 48.57 -61.96
C ILE B 714 15.86 47.08 -62.18
N SER B 715 17.13 46.67 -62.13
CA SER B 715 17.46 45.27 -62.35
C SER B 715 16.88 44.40 -61.23
N MET B 716 16.76 43.10 -61.53
CA MET B 716 16.14 42.18 -60.59
C MET B 716 16.95 42.06 -59.29
N ASP B 717 18.27 41.98 -59.40
CA ASP B 717 19.10 41.83 -58.21
C ASP B 717 18.94 43.03 -57.28
N LYS B 718 18.90 44.24 -57.84
CA LYS B 718 18.65 45.41 -57.03
C LYS B 718 17.27 45.35 -56.40
N LEU B 719 16.29 44.76 -57.08
CA LEU B 719 14.96 44.63 -56.51
C LEU B 719 14.95 43.67 -55.32
N ASN B 720 15.69 42.57 -55.41
CA ASN B 720 15.82 41.69 -54.25
C ASN B 720 16.54 42.39 -53.11
N LEU B 721 17.53 43.22 -53.43
CA LEU B 721 18.18 44.03 -52.39
C LEU B 721 17.17 44.94 -51.72
N MET B 722 16.29 45.58 -52.51
CA MET B 722 15.22 46.40 -51.94
C MET B 722 14.33 45.58 -51.02
N ASN B 723 13.94 44.39 -51.45
CA ASN B 723 13.03 43.59 -50.63
C ASN B 723 13.67 43.19 -49.31
N LEU B 724 14.94 42.77 -49.35
CA LEU B 724 15.64 42.41 -48.12
C LEU B 724 15.79 43.62 -47.20
N ALA B 725 16.13 44.78 -47.77
CA ALA B 725 16.25 45.99 -46.96
C ALA B 725 14.93 46.37 -46.34
N THR B 726 13.83 46.22 -47.08
CA THR B 726 12.52 46.56 -46.55
C THR B 726 12.11 45.60 -45.44
N GLU B 727 12.44 44.32 -45.57
CA GLU B 727 12.16 43.39 -44.48
C GLU B 727 12.95 43.76 -43.23
N LYS B 728 14.23 44.09 -43.39
CA LYS B 728 15.03 44.50 -42.24
C LYS B 728 14.48 45.78 -41.61
N THR B 729 14.04 46.73 -42.45
CA THR B 729 13.43 47.95 -41.94
C THR B 729 12.13 47.66 -41.21
N PHE B 730 11.36 46.67 -41.67
CA PHE B 730 10.15 46.30 -40.95
C PHE B 730 10.49 45.74 -39.57
N ILE B 731 11.53 44.92 -39.48
CA ILE B 731 11.97 44.43 -38.18
C ILE B 731 12.39 45.60 -37.28
N ASP B 732 13.11 46.56 -37.85
CA ASP B 732 13.53 47.72 -37.06
C ASP B 732 12.35 48.55 -36.60
N LEU B 733 11.33 48.70 -37.46
CA LEU B 733 10.13 49.42 -37.07
C LEU B 733 9.40 48.71 -35.94
N SER B 734 9.37 47.38 -35.99
CA SER B 734 8.78 46.62 -34.90
C SER B 734 9.56 46.84 -33.60
N ASN B 735 10.88 46.88 -33.69
CA ASN B 735 11.68 47.14 -32.49
C ASN B 735 11.39 48.52 -31.92
N GLU B 736 11.29 49.54 -32.79
CA GLU B 736 10.97 50.88 -32.31
C GLU B 736 9.58 50.93 -31.69
N SER B 737 8.62 50.22 -32.28
CA SER B 737 7.28 50.16 -31.70
C SER B 737 7.30 49.52 -30.33
N GLN B 738 8.10 48.46 -30.15
CA GLN B 738 8.22 47.84 -28.85
C GLN B 738 8.85 48.79 -27.83
N ILE B 739 9.85 49.57 -28.27
CA ILE B 739 10.44 50.56 -27.38
C ILE B 739 9.39 51.56 -26.93
N ALA B 740 8.58 52.05 -27.87
CA ALA B 740 7.53 52.99 -27.50
C ALA B 740 6.51 52.34 -26.57
N ILE B 741 6.19 51.06 -26.81
CA ILE B 741 5.19 50.37 -26.01
C ILE B 741 5.66 50.27 -24.56
N ASN B 742 6.91 49.85 -24.35
CA ASN B 742 7.37 49.75 -22.96
C ASN B 742 7.61 51.12 -22.34
N ASN B 743 7.91 52.13 -23.16
CA ASN B 743 7.98 53.50 -22.65
C ASN B 743 6.64 53.92 -22.06
N ILE B 744 5.56 53.71 -22.83
CA ILE B 744 4.25 54.12 -22.34
C ILE B 744 3.79 53.22 -21.19
N ASN B 745 4.22 51.96 -21.18
CA ASN B 745 3.92 51.07 -20.06
C ASN B 745 4.50 51.62 -18.77
N ASP B 746 5.79 51.96 -18.79
CA ASP B 746 6.41 52.53 -17.59
C ASP B 746 5.77 53.84 -17.20
N PHE B 747 5.49 54.70 -18.19
CA PHE B 747 4.87 55.99 -17.90
C PHE B 747 3.54 55.81 -17.17
N LEU B 748 2.67 54.96 -17.70
CA LEU B 748 1.34 54.83 -17.09
C LEU B 748 1.38 54.04 -15.78
N ASN B 749 2.29 53.08 -15.62
CA ASN B 749 2.42 52.41 -14.34
C ASN B 749 2.86 53.38 -13.25
N LYS B 750 3.86 54.21 -13.55
CA LYS B 750 4.28 55.22 -12.59
C LYS B 750 3.17 56.22 -12.32
N SER B 751 2.39 56.55 -13.35
CA SER B 751 1.26 57.45 -13.16
C SER B 751 0.23 56.86 -12.20
N ALA B 752 -0.06 55.56 -12.33
CA ALA B 752 -1.00 54.91 -11.43
C ALA B 752 -0.49 54.88 -10.00
N ILE B 753 0.80 54.57 -9.82
CA ILE B 753 1.36 54.57 -8.47
C ILE B 753 1.30 55.98 -7.88
N CYS B 754 1.59 56.99 -8.69
CA CYS B 754 1.50 58.37 -8.22
C CYS B 754 0.08 58.74 -7.84
N VAL B 755 -0.91 58.28 -8.61
CA VAL B 755 -2.29 58.62 -8.28
C VAL B 755 -2.70 57.94 -6.98
N PHE B 756 -2.21 56.73 -6.70
CA PHE B 756 -2.46 56.15 -5.39
C PHE B 756 -1.80 56.97 -4.29
N ASP B 757 -0.56 57.42 -4.53
CA ASP B 757 0.16 58.14 -3.50
C ASP B 757 -0.51 59.47 -3.18
N THR B 758 -1.01 60.17 -4.19
CA THR B 758 -1.46 61.55 -4.04
C THR B 758 -2.98 61.71 -4.10
N ASN B 759 -3.73 60.62 -4.19
CA ASN B 759 -5.19 60.74 -4.27
C ASN B 759 -5.95 59.78 -3.36
N ILE B 760 -5.37 58.67 -2.93
CA ILE B 760 -6.06 57.68 -2.13
C ILE B 760 -5.47 57.58 -0.74
N TYR B 761 -4.14 57.57 -0.63
CA TYR B 761 -3.50 57.50 0.67
C TYR B 761 -3.92 58.63 1.61
N PRO B 762 -4.02 59.89 1.20
CA PRO B 762 -4.51 60.92 2.14
C PRO B 762 -5.90 60.64 2.67
N LYS B 763 -6.80 60.11 1.85
CA LYS B 763 -8.14 59.78 2.33
C LYS B 763 -8.09 58.67 3.36
N PHE B 764 -7.26 57.65 3.13
CA PHE B 764 -7.08 56.60 4.11
C PHE B 764 -6.52 57.16 5.41
N ILE B 765 -5.57 58.09 5.32
CA ILE B 765 -4.99 58.69 6.51
C ILE B 765 -6.06 59.46 7.28
N SER B 766 -6.90 60.22 6.57
CA SER B 766 -7.97 60.96 7.24
C SER B 766 -8.95 60.03 7.94
N PHE B 767 -9.40 58.99 7.22
CA PHE B 767 -10.34 58.05 7.80
C PHE B 767 -9.77 57.37 9.03
N MET B 768 -8.52 56.92 8.96
CA MET B 768 -7.93 56.22 10.09
C MET B 768 -7.54 57.16 11.22
N GLU B 769 -7.30 58.44 10.94
CA GLU B 769 -7.16 59.39 12.04
C GLU B 769 -8.47 59.55 12.79
N GLN B 770 -9.57 59.66 12.06
CA GLN B 770 -10.88 59.74 12.70
C GLN B 770 -11.16 58.49 13.53
N CYS B 771 -10.80 57.33 13.00
CA CYS B 771 -11.03 56.08 13.74
C CYS B 771 -10.11 55.97 14.95
N ILE B 772 -8.85 56.39 14.81
CA ILE B 772 -7.89 56.29 15.90
C ILE B 772 -8.28 57.22 17.05
N ASN B 773 -8.93 58.35 16.74
CA ASN B 773 -9.46 59.19 17.82
C ASN B 773 -10.39 58.39 18.72
N SER B 774 -11.37 57.71 18.13
CA SER B 774 -12.31 56.91 18.91
C SER B 774 -11.62 55.75 19.60
N VAL B 775 -10.65 55.12 18.93
CA VAL B 775 -9.94 53.99 19.54
C VAL B 775 -9.20 54.44 20.80
N ASN B 776 -8.49 55.56 20.70
CA ASN B 776 -7.79 56.10 21.86
C ASN B 776 -8.75 56.52 22.95
N SER B 777 -9.89 57.12 22.60
CA SER B 777 -10.87 57.49 23.62
C SER B 777 -11.38 56.27 24.37
N ASN B 778 -11.69 55.19 23.64
CA ASN B 778 -12.17 53.97 24.29
C ASN B 778 -11.09 53.36 25.17
N VAL B 779 -9.84 53.35 24.69
CA VAL B 779 -8.74 52.79 25.48
C VAL B 779 -8.56 53.58 26.76
N THR B 780 -8.60 54.91 26.67
CA THR B 780 -8.46 55.75 27.86
C THR B 780 -9.60 55.52 28.83
N ALA B 781 -10.83 55.41 28.33
CA ALA B 781 -11.97 55.16 29.20
C ALA B 781 -11.82 53.83 29.93
N PHE B 782 -11.39 52.78 29.20
CA PHE B 782 -11.21 51.49 29.84
C PHE B 782 -10.10 51.54 30.88
N ILE B 783 -8.99 52.20 30.57
CA ILE B 783 -7.88 52.25 31.51
C ILE B 783 -8.19 53.12 32.72
N GLN B 784 -9.17 54.03 32.60
CA GLN B 784 -9.58 54.84 33.75
C GLN B 784 -10.67 54.17 34.56
N LYS B 785 -11.46 53.29 33.96
CA LYS B 785 -12.47 52.56 34.71
C LYS B 785 -11.84 51.63 35.74
N CYS B 786 -10.72 51.02 35.41
CA CYS B 786 -10.02 50.14 36.35
C CYS B 786 -9.44 50.94 37.50
N THR B 787 -9.40 50.31 38.68
CA THR B 787 -8.91 50.99 39.89
C THR B 787 -8.01 50.08 40.71
N ASN B 788 -7.27 49.18 40.06
CA ASN B 788 -6.36 48.26 40.75
C ASN B 788 -4.89 48.66 40.56
N ILE B 789 -4.63 49.86 40.07
CA ILE B 789 -3.27 50.33 39.81
C ILE B 789 -3.13 51.73 40.38
N THR B 790 -1.88 52.22 40.39
CA THR B 790 -1.57 53.52 40.95
C THR B 790 -1.96 54.62 39.96
N GLU B 791 -1.57 55.86 40.26
CA GLU B 791 -1.87 56.98 39.38
C GLU B 791 -0.74 57.23 38.38
N ASP B 792 0.50 57.29 38.86
CA ASP B 792 1.64 57.45 37.95
C ASP B 792 1.77 56.25 37.03
N GLU B 793 1.55 55.05 37.57
CA GLU B 793 1.59 53.85 36.73
C GLU B 793 0.49 53.88 35.68
N LYS B 794 -0.71 54.34 36.06
CA LYS B 794 -1.80 54.44 35.11
C LYS B 794 -1.48 55.46 34.01
N LEU B 795 -0.88 56.59 34.39
CA LEU B 795 -0.49 57.58 33.39
C LEU B 795 0.56 57.02 32.44
N GLN B 796 1.55 56.30 32.97
CA GLN B 796 2.56 55.69 32.11
C GLN B 796 1.94 54.67 31.17
N LEU B 797 0.99 53.87 31.68
CA LEU B 797 0.35 52.86 30.84
C LEU B 797 -0.47 53.50 29.74
N ILE B 798 -1.26 54.52 30.07
CA ILE B 798 -2.09 55.16 29.05
C ILE B 798 -1.24 55.89 28.02
N LYS B 799 -0.11 56.49 28.45
CA LYS B 799 0.79 57.10 27.49
C LYS B 799 1.48 56.05 26.63
N LEU B 800 1.68 54.84 27.16
CA LEU B 800 2.32 53.79 26.38
C LEU B 800 1.40 53.19 25.34
N ASN B 801 0.10 53.10 25.63
CA ASN B 801 -0.88 52.54 24.69
C ASN B 801 -1.59 53.69 23.99
N THR B 802 -0.88 54.30 23.04
CA THR B 802 -1.41 55.41 22.25
C THR B 802 -1.23 55.12 20.77
N PHE B 803 -2.07 55.75 19.96
CA PHE B 803 -2.08 55.56 18.52
C PHE B 803 -1.79 56.89 17.84
N MET B 804 -0.52 57.13 17.52
CA MET B 804 -0.15 58.27 16.73
C MET B 804 -0.42 57.98 15.26
N ASN B 805 -0.21 58.99 14.41
CA ASN B 805 -0.43 58.79 12.97
C ASN B 805 0.50 57.73 12.42
N ILE B 806 1.77 57.75 12.85
CA ILE B 806 2.77 56.82 12.34
C ILE B 806 2.36 55.36 12.56
N ASP B 807 1.45 55.12 13.51
CA ASP B 807 0.99 53.75 13.73
C ASP B 807 0.30 53.18 12.49
N PHE B 808 -0.52 53.98 11.82
CA PHE B 808 -1.27 53.49 10.67
C PHE B 808 -0.77 54.06 9.35
N GLU B 809 0.54 54.31 9.26
CA GLU B 809 1.16 54.75 8.02
C GLU B 809 1.94 53.57 7.44
N PHE B 810 1.47 53.04 6.31
CA PHE B 810 2.03 51.84 5.72
C PHE B 810 2.49 52.05 4.28
N PHE B 811 2.56 53.29 3.81
CA PHE B 811 2.92 53.53 2.43
C PHE B 811 4.36 53.14 2.16
N ASP B 812 4.59 52.46 1.04
CA ASP B 812 5.92 52.03 0.64
C ASP B 812 5.91 51.92 -0.88
N ILE B 813 6.53 52.89 -1.56
CA ILE B 813 6.50 52.91 -3.02
C ILE B 813 7.19 51.67 -3.58
N GLN B 814 8.27 51.24 -2.94
CA GLN B 814 8.96 50.04 -3.40
C GLN B 814 8.10 48.80 -3.22
N SER B 815 7.24 48.79 -2.20
CA SER B 815 6.36 47.64 -1.98
C SER B 815 5.18 47.61 -2.95
N ILE B 816 4.86 48.71 -3.59
CA ILE B 816 3.83 48.71 -4.61
C ILE B 816 4.42 48.49 -6.00
N LYS B 817 5.62 49.00 -6.26
CA LYS B 817 6.30 48.69 -7.51
C LYS B 817 6.57 47.20 -7.62
N ASP B 818 7.00 46.57 -6.53
CA ASP B 818 7.29 45.15 -6.51
C ASP B 818 6.03 44.30 -6.35
N LEU B 819 4.87 44.93 -6.19
CA LEU B 819 3.62 44.20 -6.06
C LEU B 819 2.85 44.12 -7.36
N ILE B 820 3.12 45.01 -8.31
CA ILE B 820 2.46 44.98 -9.61
C ILE B 820 3.41 44.47 -10.70
N THR B 821 4.50 43.82 -10.31
CA THR B 821 5.40 43.14 -11.25
C THR B 821 5.20 41.65 -11.12
N SER B 822 4.87 41.00 -12.23
CA SER B 822 4.51 39.59 -12.23
C SER B 822 5.70 38.73 -12.64
N GLU B 823 5.46 37.42 -12.70
CA GLU B 823 6.50 36.50 -13.16
C GLU B 823 6.76 36.68 -14.66
N THR B 824 5.76 37.09 -15.43
CA THR B 824 5.97 37.38 -16.84
C THR B 824 6.94 38.53 -17.02
N ASP B 825 6.82 39.57 -16.21
CA ASP B 825 7.76 40.68 -16.27
C ASP B 825 9.17 40.23 -15.93
N LEU B 826 9.32 39.36 -14.93
CA LEU B 826 10.62 38.83 -14.58
C LEU B 826 11.20 38.00 -15.72
N ILE B 827 10.36 37.20 -16.38
CA ILE B 827 10.82 36.41 -17.52
C ILE B 827 11.29 37.32 -18.64
N LYS B 828 10.53 38.37 -18.92
CA LYS B 828 10.92 39.31 -19.97
C LYS B 828 12.24 40.01 -19.61
N GLU B 829 12.40 40.38 -18.35
CA GLU B 829 13.65 41.02 -17.93
C GLU B 829 14.83 40.07 -18.06
N GLU B 830 14.65 38.80 -17.68
CA GLU B 830 15.73 37.84 -17.77
C GLU B 830 16.08 37.52 -19.22
N LYS B 831 15.09 37.47 -20.10
CA LYS B 831 15.33 37.15 -21.49
C LYS B 831 15.74 38.36 -22.33
N GLU B 832 15.73 39.55 -21.76
CA GLU B 832 16.09 40.76 -22.50
C GLU B 832 17.61 40.91 -22.50
N SER B 833 18.20 40.81 -23.69
CA SER B 833 19.64 40.97 -23.85
C SER B 833 19.91 41.93 -24.99
N ASP B 834 20.91 42.79 -24.81
CA ASP B 834 21.31 43.77 -25.80
C ASP B 834 22.50 43.31 -26.63
N TYR B 835 22.64 42.01 -26.83
CA TYR B 835 23.79 41.44 -27.51
C TYR B 835 23.32 40.54 -28.65
N ASN B 836 23.86 40.76 -29.85
CA ASN B 836 23.66 39.80 -30.92
C ASN B 836 24.71 38.70 -30.89
N LEU B 837 25.82 38.93 -30.19
CA LEU B 837 26.84 37.91 -30.02
C LEU B 837 27.71 38.29 -28.84
N PHE B 838 27.82 37.38 -27.88
CA PHE B 838 28.67 37.57 -26.70
C PHE B 838 29.53 36.31 -26.57
N LEU B 839 30.67 36.31 -27.24
CA LEU B 839 31.53 35.14 -27.27
C LEU B 839 32.10 34.86 -25.89
N PHE B 840 32.14 33.57 -25.53
CA PHE B 840 32.61 33.12 -24.23
C PHE B 840 33.46 31.89 -24.43
N THR B 841 34.65 31.89 -23.85
CA THR B 841 35.61 30.81 -23.99
C THR B 841 35.91 30.22 -22.60
N LEU B 842 35.99 28.90 -22.55
CA LEU B 842 36.16 28.20 -21.27
C LEU B 842 37.12 27.04 -21.54
N GLN B 843 38.30 27.08 -20.91
CA GLN B 843 39.31 26.06 -21.16
C GLN B 843 38.88 24.69 -20.66
N GLU B 844 38.25 24.65 -19.48
CA GLU B 844 37.89 23.39 -18.81
C GLU B 844 39.17 22.59 -18.59
N ASP B 845 39.08 21.26 -18.68
CA ASP B 845 40.23 20.37 -18.52
C ASP B 845 40.39 19.58 -19.81
N ASN B 846 41.36 19.97 -20.63
CA ASN B 846 41.69 19.32 -21.89
C ASN B 846 40.51 19.32 -22.87
N ASN B 847 39.54 20.22 -22.67
CA ASN B 847 38.41 20.34 -23.59
C ASN B 847 37.96 21.80 -23.60
N LYS B 848 38.50 22.57 -24.54
CA LYS B 848 38.13 23.97 -24.68
C LYS B 848 36.76 24.09 -25.34
N VAL B 849 35.99 25.09 -24.91
CA VAL B 849 34.68 25.36 -25.48
C VAL B 849 34.57 26.85 -25.78
N ILE B 850 34.21 27.17 -27.01
CA ILE B 850 34.00 28.54 -27.45
C ILE B 850 32.56 28.62 -27.95
N GLU B 851 31.76 29.50 -27.34
CA GLU B 851 30.36 29.53 -27.71
C GLU B 851 29.76 30.89 -27.38
N ASP B 852 28.63 31.18 -28.02
CA ASP B 852 27.90 32.42 -27.81
C ASP B 852 26.95 32.25 -26.64
N ILE B 853 27.05 33.14 -25.65
CA ILE B 853 26.22 33.06 -24.46
C ILE B 853 25.28 34.26 -24.40
N SER B 854 25.00 34.86 -25.55
CA SER B 854 24.10 36.01 -25.61
C SER B 854 22.63 35.61 -25.61
N GLY B 855 22.32 34.34 -25.81
CA GLY B 855 20.95 33.89 -25.90
C GLY B 855 20.37 33.89 -27.31
N LYS B 856 21.10 34.43 -28.28
CA LYS B 856 20.65 34.42 -29.66
C LYS B 856 21.13 33.19 -30.43
N ASN B 857 22.04 32.42 -29.86
CA ASN B 857 22.51 31.15 -30.43
C ASN B 857 23.08 31.34 -31.84
N THR B 858 24.18 32.10 -31.89
CA THR B 858 24.92 32.20 -33.14
C THR B 858 25.75 30.93 -33.35
N LEU B 859 25.83 30.51 -34.61
CA LEU B 859 26.57 29.30 -34.98
C LEU B 859 28.04 29.64 -35.06
N VAL B 860 28.85 29.02 -34.21
CA VAL B 860 30.29 29.28 -34.15
C VAL B 860 31.01 28.08 -34.75
N LYS B 861 31.81 28.33 -35.78
CA LYS B 861 32.61 27.30 -36.44
C LYS B 861 34.07 27.69 -36.35
N TYR B 862 34.88 26.85 -35.71
CA TYR B 862 36.29 27.13 -35.52
C TYR B 862 37.10 25.86 -35.76
N SER B 863 38.34 26.05 -36.22
CA SER B 863 39.25 24.94 -36.43
C SER B 863 39.88 24.52 -35.11
N ASP B 864 40.55 23.37 -35.12
CA ASP B 864 41.18 22.83 -33.92
C ASP B 864 42.57 23.40 -33.66
N SER B 865 43.12 24.18 -34.60
CA SER B 865 44.44 24.76 -34.42
C SER B 865 44.44 25.96 -33.47
N ILE B 866 43.27 26.55 -33.18
CA ILE B 866 43.21 27.68 -32.28
C ILE B 866 43.48 27.22 -30.85
N SER B 867 44.00 28.13 -30.04
CA SER B 867 44.32 27.83 -28.64
C SER B 867 43.61 28.82 -27.74
N LEU B 868 43.65 28.56 -26.44
CA LEU B 868 43.10 29.45 -25.43
C LEU B 868 44.21 29.88 -24.48
N VAL B 869 44.37 31.19 -24.31
CA VAL B 869 45.35 31.72 -23.37
C VAL B 869 44.63 32.62 -22.37
N TYR B 870 45.37 33.24 -21.46
CA TYR B 870 44.81 34.23 -20.55
C TYR B 870 45.35 35.60 -20.98
N GLY B 871 44.55 36.36 -21.71
CA GLY B 871 45.01 37.63 -22.22
C GLY B 871 44.82 38.81 -21.29
N VAL B 872 43.58 39.13 -20.95
CA VAL B 872 43.30 40.30 -20.12
C VAL B 872 42.48 39.89 -18.90
N ASN B 873 41.27 39.38 -19.14
CA ASN B 873 40.37 38.96 -18.08
C ASN B 873 39.59 37.76 -18.61
N GLY B 874 40.08 36.57 -18.28
CA GLY B 874 39.53 35.34 -18.82
C GLY B 874 40.33 34.84 -20.00
N ASP B 875 39.85 33.73 -20.56
CA ASP B 875 40.52 33.11 -21.68
C ASP B 875 40.25 33.86 -22.97
N ALA B 876 41.21 33.80 -23.88
CA ALA B 876 41.19 34.51 -25.15
C ALA B 876 41.68 33.58 -26.26
N LEU B 877 41.09 33.74 -27.44
CA LEU B 877 41.52 32.97 -28.60
C LEU B 877 42.93 33.36 -29.00
N TYR B 878 43.74 32.36 -29.33
CA TYR B 878 45.10 32.55 -29.80
C TYR B 878 45.24 31.84 -31.13
N LEU B 879 45.52 32.60 -32.18
CA LEU B 879 45.72 32.07 -33.53
C LEU B 879 47.19 32.20 -33.85
N LYS B 880 47.92 31.09 -33.70
CA LYS B 880 49.33 31.02 -34.02
C LYS B 880 49.59 30.35 -35.36
N GLU B 881 48.85 29.29 -35.68
CA GLU B 881 49.00 28.63 -36.96
C GLU B 881 48.51 29.54 -38.08
N PRO B 882 49.28 29.69 -39.14
CA PRO B 882 48.85 30.58 -40.24
C PRO B 882 47.60 30.06 -40.93
N ASP B 883 46.85 31.01 -41.50
CA ASP B 883 45.65 30.72 -42.28
C ASP B 883 44.60 29.98 -41.45
N GLU B 884 44.19 30.63 -40.37
CA GLU B 884 43.12 30.14 -39.51
C GLU B 884 41.87 30.97 -39.73
N SER B 885 40.73 30.45 -39.30
CA SER B 885 39.46 31.13 -39.52
C SER B 885 38.44 30.70 -38.47
N VAL B 886 37.71 31.68 -37.94
CA VAL B 886 36.58 31.44 -37.05
C VAL B 886 35.37 32.18 -37.61
N SER B 887 34.27 31.47 -37.78
CA SER B 887 33.08 32.03 -38.40
C SER B 887 31.95 32.08 -37.40
N PHE B 888 31.27 33.22 -37.33
CA PHE B 888 30.09 33.41 -36.48
C PHE B 888 28.91 33.70 -37.39
N SER B 889 27.87 32.89 -37.29
CA SER B 889 26.72 32.98 -38.17
C SER B 889 25.48 33.36 -37.39
N ASN B 890 24.75 34.36 -37.89
CA ASN B 890 23.51 34.82 -37.31
C ASN B 890 22.78 35.66 -38.33
N LYS B 891 21.45 35.59 -38.32
CA LYS B 891 20.66 36.35 -39.28
C LYS B 891 20.84 37.85 -39.07
N ALA B 892 20.85 38.30 -37.82
CA ALA B 892 20.97 39.72 -37.52
C ALA B 892 22.30 40.31 -38.00
N PHE B 893 23.29 39.46 -38.26
CA PHE B 893 24.56 39.95 -38.78
C PHE B 893 24.45 40.42 -40.22
N GLU B 894 23.33 40.17 -40.89
CA GLU B 894 23.15 40.61 -42.27
C GLU B 894 23.08 42.12 -42.41
N ASN B 895 22.92 42.85 -41.31
CA ASN B 895 22.84 44.31 -41.32
C ASN B 895 21.67 44.73 -42.20
N GLY B 896 21.79 45.87 -42.85
CA GLY B 896 20.74 46.40 -43.68
C GLY B 896 20.85 47.90 -43.80
N LEU B 897 19.79 48.51 -44.31
CA LEU B 897 19.79 49.96 -44.49
C LEU B 897 19.75 50.70 -43.17
N THR B 898 18.79 50.35 -42.30
CA THR B 898 18.56 51.07 -41.05
C THR B 898 18.62 50.10 -39.89
N ASN B 899 19.81 49.93 -39.32
CA ASN B 899 19.98 49.21 -38.06
C ASN B 899 21.32 49.58 -37.44
N SER B 900 21.30 49.90 -36.15
CA SER B 900 22.49 50.33 -35.44
C SER B 900 23.12 49.13 -34.74
N PHE B 901 24.45 49.09 -34.73
CA PHE B 901 25.15 47.98 -34.10
C PHE B 901 26.51 48.47 -33.61
N SER B 902 27.28 47.55 -33.03
CA SER B 902 28.59 47.89 -32.52
C SER B 902 29.41 46.62 -32.33
N ILE B 903 30.68 46.70 -32.71
CA ILE B 903 31.66 45.64 -32.52
C ILE B 903 32.60 46.06 -31.40
N CYS B 904 32.98 45.12 -30.55
CA CYS B 904 33.79 45.45 -29.39
C CYS B 904 34.63 44.25 -29.00
N PHE B 905 35.94 44.40 -29.02
CA PHE B 905 36.81 43.27 -28.70
C PHE B 905 38.17 43.78 -28.23
N TRP B 906 39.03 42.85 -27.83
CA TRP B 906 40.41 43.10 -27.45
C TRP B 906 41.32 42.41 -28.45
N LEU B 907 42.32 43.12 -28.93
CA LEU B 907 43.20 42.63 -29.99
C LEU B 907 44.64 42.77 -29.55
N ARG B 908 45.46 41.77 -29.87
CA ARG B 908 46.89 41.82 -29.65
C ARG B 908 47.59 41.16 -30.83
N ASN B 909 48.36 41.93 -31.58
CA ASN B 909 49.07 41.43 -32.74
C ASN B 909 50.53 41.17 -32.39
N LEU B 910 51.00 39.95 -32.68
CA LEU B 910 52.38 39.58 -32.42
C LEU B 910 53.25 39.67 -33.66
N GLY B 911 52.72 40.18 -34.77
CA GLY B 911 53.47 40.29 -36.00
C GLY B 911 54.49 41.41 -35.97
N GLU B 912 54.79 41.93 -37.16
CA GLU B 912 55.76 43.01 -37.29
C GLU B 912 55.42 43.92 -38.46
N ILE B 914 54.66 43.93 -41.53
CA ILE B 914 53.79 45.09 -41.41
C ILE B 914 52.91 45.21 -42.66
N ILE B 915 52.69 44.09 -43.33
CA ILE B 915 51.87 44.07 -44.53
C ILE B 915 50.40 44.10 -44.14
N THR B 916 49.53 44.40 -45.11
CA THR B 916 48.10 44.47 -44.86
C THR B 916 47.55 43.05 -44.73
N SER B 917 47.10 42.70 -43.53
CA SER B 917 46.53 41.40 -43.25
C SER B 917 45.08 41.56 -42.80
N LYS B 918 44.18 40.80 -43.39
CA LYS B 918 42.78 40.86 -43.01
C LYS B 918 42.59 40.34 -41.58
N LEU B 919 41.73 41.02 -40.82
CA LEU B 919 41.48 40.66 -39.43
C LEU B 919 40.03 40.24 -39.21
N ILE B 920 39.06 41.08 -39.58
CA ILE B 920 37.65 40.77 -39.43
C ILE B 920 36.97 41.20 -40.72
N GLU B 921 36.15 40.32 -41.29
CA GLU B 921 35.46 40.60 -42.54
C GLU B 921 33.99 40.25 -42.43
N ASN B 922 33.16 41.08 -43.06
CA ASN B 922 31.76 40.74 -43.32
C ASN B 922 31.36 41.20 -44.71
N LYS B 923 32.30 41.20 -45.64
CA LYS B 923 32.08 41.73 -46.98
C LYS B 923 31.45 40.66 -47.85
N ALA B 924 30.19 40.86 -48.23
CA ALA B 924 29.53 40.01 -49.21
C ALA B 924 29.79 40.59 -50.59
N ASP B 925 30.75 40.01 -51.31
CA ASP B 925 31.20 40.51 -52.60
C ASP B 925 31.73 41.94 -52.47
N ASN B 926 30.88 42.93 -52.76
CA ASN B 926 31.26 44.33 -52.67
C ASN B 926 30.84 44.97 -51.35
N CYS B 927 29.55 44.93 -51.02
CA CYS B 927 29.04 45.59 -49.83
C CYS B 927 29.53 44.88 -48.57
N GLY B 928 29.47 45.61 -47.45
CA GLY B 928 29.80 45.06 -46.16
C GLY B 928 30.71 45.99 -45.39
N TRP B 929 31.42 45.41 -44.43
CA TRP B 929 32.37 46.15 -43.60
C TRP B 929 33.49 45.21 -43.21
N GLU B 930 34.63 45.80 -42.85
CA GLU B 930 35.81 45.00 -42.53
C GLU B 930 36.79 45.84 -41.72
N ILE B 931 37.64 45.13 -40.98
CA ILE B 931 38.72 45.72 -40.20
C ILE B 931 39.98 44.94 -40.52
N TYR B 932 41.06 45.64 -40.87
CA TYR B 932 42.27 44.95 -41.25
C TYR B 932 43.50 45.78 -40.91
N PHE B 933 44.60 45.10 -40.65
CA PHE B 933 45.86 45.79 -40.39
C PHE B 933 46.36 46.49 -41.67
N GLU B 934 47.08 47.57 -41.47
CA GLU B 934 47.69 48.32 -42.56
C GLU B 934 48.77 49.21 -41.99
N ASN B 935 49.92 49.24 -42.64
CA ASN B 935 51.08 50.00 -42.16
C ASN B 935 51.39 49.62 -40.71
N ASN B 936 51.22 50.57 -39.79
CA ASN B 936 51.40 50.34 -38.37
C ASN B 936 50.14 50.65 -37.58
N GLY B 937 48.99 50.34 -38.15
CA GLY B 937 47.73 50.59 -37.47
C GLY B 937 46.63 49.74 -38.07
N LEU B 938 45.40 50.06 -37.69
CA LEU B 938 44.24 49.37 -38.24
C LEU B 938 43.53 50.25 -39.26
N VAL B 939 42.66 49.62 -40.05
CA VAL B 939 41.79 50.34 -40.97
C VAL B 939 40.42 49.72 -40.88
N PHE B 940 39.41 50.56 -40.69
CA PHE B 940 38.01 50.15 -40.68
C PHE B 940 37.36 50.67 -41.95
N SER B 941 36.92 49.77 -42.81
CA SER B 941 36.34 50.13 -44.09
C SER B 941 34.92 49.62 -44.17
N ILE B 942 33.99 50.52 -44.44
CA ILE B 942 32.59 50.16 -44.63
C ILE B 942 32.15 50.64 -46.01
N VAL B 943 31.56 49.75 -46.79
CA VAL B 943 31.12 50.04 -48.15
C VAL B 943 29.69 49.55 -48.30
N ASP B 944 28.87 50.34 -48.99
CA ASP B 944 27.47 49.99 -49.19
C ASP B 944 27.28 49.42 -50.60
N CYS B 945 26.02 49.14 -50.95
CA CYS B 945 25.68 48.57 -52.25
C CYS B 945 25.44 49.62 -53.31
N ASN B 946 26.02 50.82 -53.15
CA ASN B 946 25.91 51.87 -54.14
C ASN B 946 27.26 52.46 -54.54
N GLY B 947 28.37 51.96 -54.03
CA GLY B 947 29.69 52.48 -54.35
C GLY B 947 30.27 53.41 -53.33
N ASN B 948 29.49 53.95 -52.40
CA ASN B 948 30.01 54.84 -51.38
C ASN B 948 30.89 54.08 -50.40
N GLU B 949 32.07 54.60 -50.13
CA GLU B 949 33.03 53.96 -49.24
C GLU B 949 33.37 54.88 -48.08
N GLU B 950 33.79 54.28 -46.97
CA GLU B 950 34.31 55.01 -45.82
C GLU B 950 35.44 54.18 -45.22
N ASN B 951 36.67 54.62 -45.45
CA ASN B 951 37.86 53.96 -44.93
C ASN B 951 38.50 54.88 -43.91
N ILE B 952 38.64 54.39 -42.67
CA ILE B 952 39.19 55.18 -41.57
C ILE B 952 40.44 54.48 -41.07
N TYR B 953 41.54 55.22 -41.03
CA TYR B 953 42.84 54.67 -40.61
C TYR B 953 43.08 55.04 -39.16
N LEU B 954 43.08 54.05 -38.29
CA LEU B 954 43.33 54.24 -36.86
C LEU B 954 44.81 53.96 -36.60
N SER B 955 45.57 55.01 -36.30
CA SER B 955 47.01 54.91 -36.21
C SER B 955 47.43 54.45 -34.81
N ASP B 956 48.75 54.39 -34.60
CA ASP B 956 49.34 54.09 -33.30
C ASP B 956 48.85 52.75 -32.75
N VAL B 957 48.82 51.73 -33.61
CA VAL B 957 48.49 50.38 -33.21
C VAL B 957 49.69 49.51 -33.58
N ILE B 958 50.61 49.35 -32.65
CA ILE B 958 51.84 48.61 -32.89
C ILE B 958 51.73 47.23 -32.25
N SER B 959 52.65 46.35 -32.63
CA SER B 959 52.59 44.96 -32.19
C SER B 959 52.99 44.84 -30.72
N LYS B 960 52.65 43.69 -30.13
CA LYS B 960 52.97 43.38 -28.74
C LYS B 960 52.35 44.42 -27.80
N ASN B 961 51.07 44.72 -28.01
CA ASN B 961 50.34 45.62 -27.13
C ASN B 961 48.85 45.34 -27.25
N TRP B 962 48.16 45.36 -26.12
CA TRP B 962 46.72 45.11 -26.09
C TRP B 962 45.96 46.37 -26.50
N TYR B 963 44.89 46.19 -27.27
CA TYR B 963 44.05 47.31 -27.67
C TYR B 963 42.59 46.92 -27.57
N TYR B 964 41.78 47.82 -27.03
CA TYR B 964 40.35 47.59 -26.86
C TYR B 964 39.61 48.35 -27.95
N ILE B 965 39.22 47.66 -29.01
CA ILE B 965 38.59 48.29 -30.15
C ILE B 965 37.09 48.28 -29.97
N SER B 966 36.45 49.44 -30.15
CA SER B 966 35.00 49.55 -30.04
C SER B 966 34.49 50.45 -31.15
N ILE B 967 33.78 49.88 -32.11
CA ILE B 967 33.22 50.59 -33.24
C ILE B 967 31.70 50.57 -33.12
N SER B 968 31.08 51.73 -33.26
CA SER B 968 29.63 51.87 -33.15
C SER B 968 29.08 52.55 -34.39
N ILE B 969 28.07 51.94 -35.01
CA ILE B 969 27.37 52.52 -36.14
C ILE B 969 25.94 52.80 -35.69
N ASP B 970 25.58 54.09 -35.62
CA ASP B 970 24.26 54.53 -35.19
C ASP B 970 23.57 55.17 -36.37
N ARG B 971 22.57 54.50 -36.93
CA ARG B 971 21.88 54.99 -38.11
C ARG B 971 20.70 55.87 -37.78
N LEU B 972 20.40 56.09 -36.50
CA LEU B 972 19.40 57.08 -36.13
C LEU B 972 20.07 58.44 -36.14
N ARG B 973 21.36 58.49 -35.81
CA ARG B 973 22.17 59.68 -35.94
C ARG B 973 23.14 59.88 -37.16
N ASN B 974 23.27 58.78 -37.90
CA ASN B 974 24.08 58.74 -39.12
C ASN B 974 25.49 59.04 -38.59
N GLN B 975 25.87 58.30 -37.56
CA GLN B 975 27.12 58.53 -36.86
C GLN B 975 27.93 57.25 -36.81
N LEU B 976 29.24 57.39 -36.97
CA LEU B 976 30.18 56.28 -36.82
C LEU B 976 31.22 56.70 -35.81
N LEU B 977 31.24 56.03 -34.67
CA LEU B 977 32.21 56.29 -33.61
C LEU B 977 33.18 55.14 -33.53
N ILE B 978 34.46 55.46 -33.31
CA ILE B 978 35.50 54.44 -33.20
C ILE B 978 36.39 54.83 -32.03
N PHE B 979 36.37 54.02 -30.98
CA PHE B 979 37.19 54.19 -29.79
C PHE B 979 38.28 53.12 -29.75
N ILE B 980 39.49 53.55 -29.41
CA ILE B 980 40.59 52.65 -29.09
C ILE B 980 40.94 52.88 -27.64
N ASN B 981 40.91 51.82 -26.84
CA ASN B 981 41.06 51.91 -25.39
C ASN B 981 40.00 52.83 -24.80
N ASP B 982 40.44 53.90 -24.14
CA ASP B 982 39.54 54.85 -23.48
C ASP B 982 39.66 56.23 -24.08
N LYS B 983 39.74 56.30 -25.41
CA LYS B 983 39.91 57.58 -26.09
C LYS B 983 39.20 57.51 -27.44
N LEU B 984 38.27 58.42 -27.67
CA LEU B 984 37.59 58.50 -28.96
C LEU B 984 38.60 58.83 -30.05
N ILE B 985 38.68 57.97 -31.06
CA ILE B 985 39.64 58.12 -32.14
C ILE B 985 38.99 58.70 -33.39
N ALA B 986 37.81 58.19 -33.76
CA ALA B 986 37.15 58.65 -34.97
C ALA B 986 35.68 58.97 -34.67
N ASN B 987 35.21 60.08 -35.22
CA ASN B 987 33.81 60.50 -35.08
C ASN B 987 33.38 61.03 -36.46
N GLN B 988 32.79 60.16 -37.26
CA GLN B 988 32.46 60.48 -38.64
C GLN B 988 30.95 60.45 -38.85
N SER B 989 30.53 61.07 -39.95
CA SER B 989 29.14 61.04 -40.38
C SER B 989 29.01 60.07 -41.55
N ILE B 990 28.04 59.17 -41.46
CA ILE B 990 27.85 58.15 -42.49
C ILE B 990 26.52 58.38 -43.18
N GLU B 991 26.10 59.64 -43.28
CA GLU B 991 24.89 59.96 -44.02
C GLU B 991 24.99 59.58 -45.49
N GLN B 992 26.20 59.53 -46.03
CA GLN B 992 26.38 59.10 -47.42
C GLN B 992 26.40 57.59 -47.57
N ILE B 993 26.41 56.85 -46.47
CA ILE B 993 26.38 55.39 -46.50
C ILE B 993 24.93 54.93 -46.53
N LEU B 994 24.64 53.96 -47.39
CA LEU B 994 23.29 53.44 -47.57
C LEU B 994 23.31 51.95 -47.31
N ASN B 995 22.25 51.24 -47.72
CA ASN B 995 22.08 49.82 -47.47
C ASN B 995 23.38 49.05 -47.61
N ILE B 996 23.75 48.34 -46.54
CA ILE B 996 25.00 47.59 -46.48
C ILE B 996 24.71 46.11 -46.29
N TYR B 997 23.61 45.64 -46.86
CA TYR B 997 23.23 44.24 -46.73
C TYR B 997 24.39 43.35 -47.15
N SER B 998 24.76 42.42 -46.26
CA SER B 998 25.94 41.60 -46.46
C SER B 998 25.58 40.17 -46.06
N SER B 999 26.61 39.33 -45.96
CA SER B 999 26.42 37.93 -45.61
C SER B 999 26.03 37.80 -44.14
N ASN B 1000 25.53 36.63 -43.78
CA ASN B 1000 25.13 36.32 -42.41
C ASN B 1000 26.24 35.64 -41.63
N THR B 1001 27.50 35.90 -42.00
CA THR B 1001 28.63 35.24 -41.36
C THR B 1001 29.77 36.24 -41.22
N ILE B 1002 30.15 36.52 -39.98
CA ILE B 1002 31.33 37.33 -39.69
C ILE B 1002 32.53 36.40 -39.58
N SER B 1003 33.58 36.72 -40.32
CA SER B 1003 34.76 35.87 -40.42
C SER B 1003 35.94 36.56 -39.74
N LEU B 1004 36.63 35.81 -38.87
CA LEU B 1004 37.84 36.27 -38.21
C LEU B 1004 38.99 35.42 -38.72
N VAL B 1005 40.00 36.08 -39.30
CA VAL B 1005 41.11 35.37 -39.92
C VAL B 1005 42.41 35.74 -39.24
N ASN B 1006 43.49 35.07 -39.61
CA ASN B 1006 44.82 35.37 -39.10
C ASN B 1006 45.79 35.81 -40.19
N GLU B 1007 45.76 35.15 -41.35
CA GLU B 1007 46.57 35.53 -42.52
C GLU B 1007 48.05 35.62 -42.17
N ASN B 1008 48.58 34.50 -41.65
CA ASN B 1008 49.99 34.39 -41.29
C ASN B 1008 50.39 35.47 -40.28
N ASN B 1009 49.61 35.54 -39.20
CA ASN B 1009 49.87 36.49 -38.12
C ASN B 1009 49.32 35.96 -36.81
N PRO B 1010 50.18 35.64 -35.84
CA PRO B 1010 49.69 35.17 -34.54
C PRO B 1010 49.01 36.30 -33.80
N ILE B 1011 47.72 36.12 -33.50
CA ILE B 1011 46.91 37.17 -32.89
C ILE B 1011 46.16 36.62 -31.69
N TYR B 1012 46.05 37.45 -30.65
CA TYR B 1012 45.17 37.18 -29.52
C TYR B 1012 43.90 38.01 -29.69
N ILE B 1013 42.75 37.36 -29.61
CA ILE B 1013 41.45 38.02 -29.70
C ILE B 1013 40.65 37.65 -28.47
N GLU B 1014 40.14 38.67 -27.76
CA GLU B 1014 39.47 38.44 -26.49
C GLU B 1014 38.12 39.16 -26.46
N GLY B 1015 37.11 38.47 -25.95
CA GLY B 1015 35.83 39.10 -25.69
C GLY B 1015 35.16 39.71 -26.90
N LEU B 1016 35.27 39.06 -28.05
CA LEU B 1016 34.62 39.55 -29.25
C LEU B 1016 33.12 39.61 -29.03
N SER B 1017 32.55 40.79 -29.17
CA SER B 1017 31.14 41.03 -28.90
C SER B 1017 30.54 41.90 -29.98
N ILE B 1018 29.31 41.59 -30.36
CA ILE B 1018 28.53 42.37 -31.31
C ILE B 1018 27.20 42.70 -30.65
N LEU B 1019 26.89 43.98 -30.54
CA LEU B 1019 25.64 44.45 -29.96
C LEU B 1019 24.65 44.81 -31.05
N ASN B 1020 23.40 45.06 -30.63
CA ASN B 1020 22.34 45.45 -31.55
C ASN B 1020 21.95 46.91 -31.37
N ARG B 1021 22.88 47.72 -30.85
CA ARG B 1021 22.63 49.14 -30.66
C ARG B 1021 23.97 49.86 -30.65
N SER B 1022 23.90 51.18 -30.59
CA SER B 1022 25.08 52.01 -30.53
C SER B 1022 25.51 52.23 -29.08
N ILE B 1023 26.80 52.50 -28.89
CA ILE B 1023 27.36 52.69 -27.56
C ILE B 1023 27.83 54.12 -27.42
N THR B 1024 27.81 54.61 -26.18
CA THR B 1024 28.24 55.96 -25.88
C THR B 1024 29.67 55.94 -25.34
N SER B 1025 30.29 57.12 -25.30
CA SER B 1025 31.66 57.22 -24.83
C SER B 1025 31.78 56.84 -23.36
N GLU B 1026 30.81 57.26 -22.54
CA GLU B 1026 30.86 56.94 -21.12
C GLU B 1026 30.80 55.43 -20.90
N GLU B 1027 29.92 54.74 -21.63
CA GLU B 1027 29.82 53.30 -21.49
C GLU B 1027 31.08 52.60 -21.96
N VAL B 1028 31.69 53.09 -23.04
CA VAL B 1028 32.93 52.49 -23.53
C VAL B 1028 34.03 52.64 -22.49
N VAL B 1029 34.16 53.84 -21.91
CA VAL B 1029 35.17 54.07 -20.89
C VAL B 1029 34.93 53.18 -19.68
N ASN B 1030 33.66 53.07 -19.26
CA ASN B 1030 33.35 52.23 -18.11
C ASN B 1030 33.72 50.78 -18.38
N ASN B 1031 33.36 50.26 -19.56
CA ASN B 1031 33.69 48.88 -19.88
C ASN B 1031 35.19 48.67 -19.94
N TYR B 1032 35.93 49.60 -20.55
CA TYR B 1032 37.37 49.45 -20.66
C TYR B 1032 38.03 49.44 -19.28
N PHE B 1033 37.61 50.34 -18.40
CA PHE B 1033 38.26 50.44 -17.10
C PHE B 1033 37.83 49.34 -16.15
N SER B 1034 36.59 48.85 -16.27
CA SER B 1034 36.14 47.75 -15.43
C SER B 1034 36.71 46.41 -15.88
N TYR B 1035 36.93 46.25 -17.18
CA TYR B 1035 37.49 44.99 -17.68
C TYR B 1035 38.91 44.77 -17.16
N LEU B 1036 39.66 45.84 -16.95
CA LEU B 1036 41.04 45.73 -16.48
C LEU B 1036 41.14 45.68 -14.96
N ASN B 1037 40.04 45.89 -14.24
CA ASN B 1037 40.05 45.86 -12.77
C ASN B 1037 39.89 44.41 -12.32
N ASN B 1038 41.00 43.68 -12.34
CA ASN B 1038 40.96 42.26 -12.01
C ASN B 1038 42.13 41.84 -11.12
N SER B 1039 42.64 42.76 -10.30
CA SER B 1039 43.64 42.49 -9.28
C SER B 1039 44.93 41.88 -9.85
N TYR B 1040 45.20 42.10 -11.13
CA TYR B 1040 46.43 41.65 -11.77
C TYR B 1040 47.25 42.85 -12.18
N ILE B 1041 48.52 42.87 -11.78
CA ILE B 1041 49.43 43.94 -12.17
C ILE B 1041 49.96 43.63 -13.57
N ARG B 1042 49.82 44.58 -14.48
CA ARG B 1042 50.25 44.40 -15.86
C ARG B 1042 51.54 45.16 -16.12
N ASP B 1043 52.18 44.82 -17.24
CA ASP B 1043 53.37 45.50 -17.70
C ASP B 1043 52.99 46.55 -18.74
N ILE B 1044 53.98 47.27 -19.26
CA ILE B 1044 53.72 48.31 -20.25
C ILE B 1044 53.16 47.73 -21.54
N SER B 1045 53.38 46.44 -21.78
CA SER B 1045 52.83 45.80 -22.97
C SER B 1045 51.35 45.48 -22.84
N GLY B 1046 50.80 45.55 -21.62
CA GLY B 1046 49.42 45.19 -21.37
C GLY B 1046 49.22 43.76 -20.90
N GLU B 1047 50.24 42.91 -21.02
CA GLU B 1047 50.16 41.54 -20.55
C GLU B 1047 50.39 41.48 -19.04
N ARG B 1048 50.12 40.32 -18.47
CA ARG B 1048 50.28 40.14 -17.03
C ARG B 1048 51.76 40.17 -16.65
N LEU B 1049 52.06 40.87 -15.57
CA LEU B 1049 53.42 40.93 -15.05
C LEU B 1049 53.69 39.65 -14.25
N GLU B 1050 54.87 39.06 -14.47
CA GLU B 1050 55.23 37.80 -13.85
C GLU B 1050 56.58 37.93 -13.15
N TYR B 1051 56.73 37.16 -12.07
CA TYR B 1051 57.99 37.11 -11.35
C TYR B 1051 59.05 36.39 -12.18
N ASN B 1052 60.31 36.63 -11.82
CA ASN B 1052 61.45 35.96 -12.43
C ASN B 1052 61.46 36.15 -13.94
N LYS B 1053 61.50 37.42 -14.35
CA LYS B 1053 61.58 37.77 -15.76
C LYS B 1053 62.40 39.04 -15.90
N THR B 1054 63.24 39.09 -16.94
CA THR B 1054 64.05 40.27 -17.19
C THR B 1054 63.15 41.43 -17.62
N TYR B 1055 63.21 42.52 -16.87
CA TYR B 1055 62.32 43.66 -17.08
C TYR B 1055 63.13 44.95 -17.07
N GLU B 1056 62.78 45.87 -17.96
CA GLU B 1056 63.34 47.21 -17.96
C GLU B 1056 62.41 48.14 -17.20
N LEU B 1057 62.99 49.11 -16.49
CA LEU B 1057 62.23 50.02 -15.65
C LEU B 1057 62.09 51.37 -16.34
N TYR B 1058 60.88 51.91 -16.35
CA TYR B 1058 60.60 53.23 -16.87
C TYR B 1058 59.78 54.01 -15.86
N ASN B 1059 59.96 55.32 -15.83
CA ASN B 1059 59.13 56.19 -15.03
C ASN B 1059 58.04 56.80 -15.90
N TYR B 1060 56.88 57.06 -15.28
CA TYR B 1060 55.76 57.60 -16.04
C TYR B 1060 56.09 58.98 -16.61
N VAL B 1061 56.85 59.78 -15.86
CA VAL B 1061 57.20 61.13 -16.32
C VAL B 1061 58.07 61.06 -17.56
N PHE B 1062 58.99 60.10 -17.60
CA PHE B 1062 59.90 59.92 -18.74
C PHE B 1062 59.62 58.56 -19.37
N PRO B 1063 58.70 58.49 -20.34
CA PRO B 1063 58.32 57.21 -20.92
C PRO B 1063 59.32 56.61 -21.90
N GLU B 1064 60.52 57.18 -21.99
CA GLU B 1064 61.56 56.63 -22.86
C GLU B 1064 62.91 56.41 -22.23
N ASN B 1065 63.19 57.02 -21.08
CA ASN B 1065 64.47 56.86 -20.39
C ASN B 1065 64.34 55.65 -19.46
N SER B 1066 65.30 54.73 -19.58
CA SER B 1066 65.34 53.54 -18.74
C SER B 1066 66.37 53.74 -17.64
N LEU B 1067 66.03 53.33 -16.43
CA LEU B 1067 66.92 53.50 -15.29
C LEU B 1067 68.20 52.69 -15.51
N TYR B 1068 69.34 53.30 -15.20
CA TYR B 1068 70.63 52.65 -15.35
C TYR B 1068 71.47 52.86 -14.11
N GLU B 1069 72.41 51.94 -13.89
CA GLU B 1069 73.22 51.97 -12.69
C GLU B 1069 74.21 53.14 -12.71
N VAL B 1070 74.36 53.78 -11.56
CA VAL B 1070 75.28 54.89 -11.37
C VAL B 1070 76.10 54.64 -10.11
N THR B 1071 77.42 54.68 -10.25
CA THR B 1071 78.32 54.48 -9.13
C THR B 1071 78.92 55.82 -8.71
N GLU B 1072 78.78 56.16 -7.43
CA GLU B 1072 79.30 57.41 -6.90
C GLU B 1072 79.53 57.25 -5.41
N ASN B 1073 80.67 57.78 -4.93
CA ASN B 1073 81.03 57.74 -3.51
C ASN B 1073 81.01 56.32 -2.97
N ASN B 1074 81.52 55.38 -3.77
CA ASN B 1074 81.58 53.96 -3.41
C ASN B 1074 80.20 53.39 -3.11
N ASN B 1075 79.16 53.98 -3.70
CA ASN B 1075 77.79 53.50 -3.55
C ASN B 1075 77.14 53.42 -4.92
N ILE B 1076 76.35 52.38 -5.13
CA ILE B 1076 75.72 52.11 -6.41
C ILE B 1076 74.22 52.36 -6.28
N TYR B 1077 73.71 53.26 -7.11
CA TYR B 1077 72.28 53.54 -7.22
C TYR B 1077 71.85 53.28 -8.66
N LEU B 1078 70.59 53.58 -8.95
CA LEU B 1078 70.10 53.61 -10.32
C LEU B 1078 69.34 54.91 -10.56
N SER B 1079 69.49 55.46 -11.76
CA SER B 1079 69.02 56.81 -12.04
C SER B 1079 68.64 56.93 -13.51
N ILE B 1080 68.05 58.05 -13.79
CA ILE B 1080 67.58 58.33 -15.17
C ILE B 1080 68.84 58.57 -15.98
N LYS B 1081 68.88 58.16 -17.23
CA LYS B 1081 69.99 58.49 -18.11
C LYS B 1081 69.95 59.97 -18.48
N ASP B 1082 71.13 60.59 -18.54
CA ASP B 1082 71.21 61.99 -18.91
C ASP B 1082 70.89 62.19 -20.39
N THR B 1083 70.59 63.43 -20.76
CA THR B 1083 70.27 63.75 -22.14
C THR B 1083 71.46 63.55 -23.08
N ASN B 1084 72.69 63.63 -22.55
CA ASN B 1084 73.88 63.40 -23.36
C ASN B 1084 74.26 61.94 -23.46
N ASN B 1085 73.56 61.05 -22.74
CA ASN B 1085 73.85 59.62 -22.76
C ASN B 1085 72.53 58.88 -22.95
N LEU B 1086 72.19 58.60 -24.20
CA LEU B 1086 70.97 57.87 -24.53
C LEU B 1086 71.23 56.48 -25.07
N ASN B 1087 72.47 56.14 -25.41
CA ASN B 1087 72.80 54.82 -25.91
C ASN B 1087 73.18 53.83 -24.82
N ILE B 1088 73.21 54.28 -23.56
CA ILE B 1088 73.56 53.38 -22.46
C ILE B 1088 72.42 52.40 -22.23
N GLN B 1089 72.76 51.11 -22.16
CA GLN B 1089 71.76 50.09 -21.94
C GLN B 1089 71.17 50.19 -20.55
N GLY B 1090 69.87 49.94 -20.43
CA GLY B 1090 69.19 50.01 -19.16
C GLY B 1090 69.49 48.81 -18.27
N ALA B 1091 68.98 48.88 -17.05
CA ALA B 1091 69.20 47.84 -16.07
C ALA B 1091 68.15 46.74 -16.22
N LYS B 1092 68.56 45.51 -15.91
CA LYS B 1092 67.68 44.34 -16.01
C LYS B 1092 67.15 43.99 -14.61
N PHE B 1093 65.84 43.89 -14.49
CA PHE B 1093 65.19 43.73 -13.20
C PHE B 1093 64.46 42.40 -13.14
N LYS B 1094 64.31 41.89 -11.91
CA LYS B 1094 63.49 40.71 -11.66
C LYS B 1094 62.76 40.91 -10.34
N LEU B 1095 61.60 40.27 -10.22
CA LEU B 1095 60.81 40.33 -9.01
C LEU B 1095 60.81 38.96 -8.34
N ILE B 1096 61.17 38.92 -7.05
CA ILE B 1096 61.25 37.70 -6.29
C ILE B 1096 60.20 37.76 -5.19
N ASN B 1097 59.38 36.72 -5.10
CA ASN B 1097 58.35 36.61 -4.07
C ASN B 1097 58.79 35.66 -2.97
N ILE B 1098 58.07 35.70 -1.85
CA ILE B 1098 58.37 34.80 -0.75
C ILE B 1098 58.19 33.35 -1.15
N ASP B 1099 57.11 33.04 -1.87
CA ASP B 1099 56.83 31.69 -2.34
C ASP B 1099 57.21 31.59 -3.81
N ALA B 1100 58.09 30.65 -4.12
CA ALA B 1100 58.53 30.46 -5.51
C ALA B 1100 57.47 29.82 -6.38
N ASN B 1101 56.40 29.27 -5.80
CA ASN B 1101 55.36 28.66 -6.60
C ASN B 1101 54.54 29.72 -7.35
N LYS B 1102 54.44 30.92 -6.80
CA LYS B 1102 53.69 31.99 -7.44
C LYS B 1102 54.45 32.49 -8.67
N GLN B 1103 53.73 32.64 -9.78
CA GLN B 1103 54.34 33.09 -11.03
C GLN B 1103 53.87 34.46 -11.47
N TYR B 1104 52.63 34.85 -11.19
CA TYR B 1104 52.06 36.11 -11.66
C TYR B 1104 51.89 37.06 -10.49
N VAL B 1105 52.26 38.32 -10.71
CA VAL B 1105 52.14 39.35 -9.69
C VAL B 1105 50.69 39.75 -9.53
N GLN B 1106 50.33 40.19 -8.33
CA GLN B 1106 48.97 40.59 -8.01
C GLN B 1106 49.02 41.85 -7.15
N LYS B 1107 47.85 42.46 -6.98
CA LYS B 1107 47.73 43.61 -6.09
C LYS B 1107 48.04 43.21 -4.66
N TRP B 1108 48.71 44.11 -3.94
CA TRP B 1108 49.10 43.90 -2.55
C TRP B 1108 49.97 42.63 -2.41
N ASP B 1109 51.10 42.66 -3.09
CA ASP B 1109 52.07 41.58 -3.05
C ASP B 1109 53.41 42.11 -2.54
N GLU B 1110 53.95 41.46 -1.52
CA GLU B 1110 55.27 41.81 -1.01
C GLU B 1110 56.34 41.07 -1.81
N GLY B 1111 57.40 41.79 -2.15
CA GLY B 1111 58.44 41.19 -2.97
C GLY B 1111 59.75 41.95 -2.85
N VAL B 1112 60.72 41.48 -3.63
CA VAL B 1112 62.07 42.04 -3.64
C VAL B 1112 62.52 42.21 -5.08
N VAL B 1113 63.13 43.35 -5.38
CA VAL B 1113 63.65 43.62 -6.72
C VAL B 1113 65.11 43.19 -6.77
N CYS B 1114 65.44 42.34 -7.73
CA CYS B 1114 66.79 41.85 -7.95
C CYS B 1114 67.33 42.43 -9.24
N LEU B 1115 68.53 43.00 -9.17
CA LEU B 1115 69.20 43.59 -10.32
C LEU B 1115 70.16 42.59 -10.93
N LEU B 1116 70.06 42.40 -12.24
CA LEU B 1116 70.94 41.47 -12.94
C LEU B 1116 72.23 42.17 -13.37
N ASP B 1118 75.47 40.89 -12.18
CA ASP B 1118 76.58 39.95 -12.02
C ASP B 1118 76.71 39.52 -10.56
N GLU B 1119 76.61 40.48 -9.65
CA GLU B 1119 76.72 40.22 -8.22
C GLU B 1119 75.38 39.97 -7.56
N GLU B 1120 74.28 39.94 -8.33
CA GLU B 1120 72.94 39.70 -7.81
C GLU B 1120 72.57 40.73 -6.73
N LYS B 1121 72.51 41.98 -7.17
CA LYS B 1121 72.17 43.06 -6.26
C LYS B 1121 70.69 43.03 -5.90
N TYR B 1122 70.37 43.63 -4.75
CA TYR B 1122 68.99 43.75 -4.29
C TYR B 1122 68.75 45.16 -3.79
N VAL B 1123 67.50 45.60 -3.85
CA VAL B 1123 67.15 46.97 -3.51
C VAL B 1123 67.18 47.15 -2.00
N ASP B 1124 67.75 48.26 -1.56
CA ASP B 1124 67.76 48.66 -0.15
C ASP B 1124 67.51 50.15 -0.08
N ILE B 1125 67.06 50.61 1.08
CA ILE B 1125 66.80 52.03 1.30
C ILE B 1125 67.76 52.54 2.36
N SER B 1126 68.54 53.56 2.02
CA SER B 1126 69.51 54.14 2.93
C SER B 1126 68.86 55.24 3.76
N SER B 1127 68.94 55.11 5.07
CA SER B 1127 68.40 56.14 5.96
C SER B 1127 69.44 57.22 6.25
N GLU B 1128 70.09 57.69 5.19
CA GLU B 1128 70.98 58.85 5.24
C GLU B 1128 70.53 59.94 4.29
N ASN B 1129 70.24 59.59 3.04
CA ASN B 1129 69.71 60.50 2.05
C ASN B 1129 68.30 60.14 1.62
N ASN B 1130 67.72 59.08 2.20
CA ASN B 1130 66.37 58.62 1.86
C ASN B 1130 66.27 58.26 0.38
N ARG B 1131 67.36 57.77 -0.19
CA ARG B 1131 67.37 57.24 -1.54
C ARG B 1131 67.33 55.71 -1.48
N ILE B 1132 67.51 55.10 -2.64
CA ILE B 1132 67.69 53.67 -2.76
C ILE B 1132 69.15 53.37 -3.07
N GLN B 1133 69.52 52.11 -2.89
CA GLN B 1133 70.85 51.61 -3.22
C GLN B 1133 70.75 50.12 -3.52
N LEU B 1134 71.85 49.56 -4.01
CA LEU B 1134 71.90 48.16 -4.39
C LEU B 1134 72.92 47.44 -3.51
N VAL B 1135 72.49 46.36 -2.88
CA VAL B 1135 73.33 45.58 -1.99
C VAL B 1135 73.59 44.21 -2.62
N ASN B 1136 74.44 43.43 -1.97
CA ASN B 1136 74.80 42.09 -2.43
C ASN B 1136 74.28 41.00 -1.49
N SER B 1137 73.30 41.34 -0.65
CA SER B 1137 72.74 40.38 0.31
C SER B 1137 71.24 40.36 0.15
N LYS B 1138 70.69 39.16 -0.08
CA LYS B 1138 69.24 39.03 -0.20
C LYS B 1138 68.54 39.32 1.12
N ASP B 1139 69.18 38.95 2.24
CA ASP B 1139 68.60 39.21 3.55
C ASP B 1139 68.58 40.70 3.88
N THR B 1140 69.45 41.49 3.25
CA THR B 1140 69.49 42.93 3.48
C THR B 1140 68.53 43.70 2.59
N ALA B 1141 67.79 43.02 1.72
CA ALA B 1141 66.85 43.67 0.82
C ALA B 1141 65.63 44.16 1.59
N LYS B 1142 64.76 44.88 0.89
CA LYS B 1142 63.54 45.44 1.47
C LYS B 1142 62.33 44.78 0.81
N ARG B 1143 61.39 44.33 1.64
CA ARG B 1143 60.16 43.72 1.14
C ARG B 1143 59.18 44.84 0.83
N ILE B 1144 59.04 45.19 -0.45
CA ILE B 1144 58.20 46.29 -0.87
C ILE B 1144 56.90 45.75 -1.44
N ILE B 1145 55.84 46.55 -1.33
CA ILE B 1145 54.50 46.15 -1.76
C ILE B 1145 54.26 46.70 -3.15
N PHE B 1146 53.75 45.85 -4.03
CA PHE B 1146 53.43 46.24 -5.40
C PHE B 1146 51.93 46.51 -5.51
N ASN B 1147 51.57 47.63 -6.15
CA ASN B 1147 50.17 47.98 -6.34
C ASN B 1147 50.03 48.67 -7.69
N ASN B 1148 48.81 49.08 -8.01
CA ASN B 1148 48.58 49.83 -9.24
C ASN B 1148 47.31 50.65 -9.10
N ASP B 1149 47.22 51.72 -9.87
CA ASP B 1149 46.04 52.56 -9.90
C ASP B 1149 45.06 52.05 -10.95
N ILE B 1150 43.78 52.15 -10.64
CA ILE B 1150 42.75 51.61 -11.54
C ILE B 1150 42.74 52.36 -12.87
N PHE B 1151 42.97 53.66 -12.85
CA PHE B 1151 42.92 54.47 -14.06
C PHE B 1151 44.25 54.53 -14.80
N MET B 1152 45.28 53.88 -14.27
CA MET B 1152 46.56 53.73 -14.96
C MET B 1152 46.88 52.24 -14.94
N PRO B 1153 46.31 51.47 -15.87
CA PRO B 1153 46.36 50.01 -15.72
C PRO B 1153 47.74 49.43 -15.96
N ASN B 1154 48.46 49.89 -16.98
CA ASN B 1154 49.75 49.34 -17.31
C ASN B 1154 50.89 49.99 -16.54
N CYS B 1155 50.58 50.65 -15.42
CA CYS B 1155 51.58 51.27 -14.56
C CYS B 1155 51.38 50.77 -13.14
N LEU B 1156 52.48 50.66 -12.40
CA LEU B 1156 52.47 50.11 -11.06
C LEU B 1156 53.27 50.99 -10.12
N THR B 1157 53.02 50.82 -8.82
CA THR B 1157 53.65 51.59 -7.77
C THR B 1157 54.29 50.66 -6.76
N PHE B 1158 55.46 51.06 -6.26
CA PHE B 1158 56.16 50.36 -5.19
C PHE B 1158 55.99 51.16 -3.90
N ALA B 1159 55.54 50.50 -2.85
CA ALA B 1159 55.30 51.14 -1.56
C ALA B 1159 56.15 50.48 -0.49
N TYR B 1160 56.50 51.25 0.53
CA TYR B 1160 57.35 50.78 1.62
C TYR B 1160 56.92 51.49 2.89
N ASN B 1161 56.09 50.81 3.69
CA ASN B 1161 55.45 51.38 4.87
C ASN B 1161 54.69 52.66 4.51
N ASN B 1162 53.72 52.50 3.60
CA ASN B 1162 52.82 53.58 3.19
C ASN B 1162 53.58 54.79 2.67
N LYS B 1163 54.66 54.53 1.93
CA LYS B 1163 55.46 55.60 1.32
C LYS B 1163 55.89 55.12 -0.06
N TYR B 1164 55.34 55.73 -1.10
CA TYR B 1164 55.65 55.34 -2.46
C TYR B 1164 57.08 55.74 -2.83
N LEU B 1165 57.70 54.93 -3.67
CA LEU B 1165 58.99 55.26 -4.24
C LEU B 1165 58.77 56.08 -5.51
N SER B 1166 59.48 57.20 -5.62
CA SER B 1166 59.29 58.09 -6.76
C SER B 1166 60.62 58.59 -7.29
N LEU B 1167 60.57 59.49 -8.26
CA LEU B 1167 61.78 60.10 -8.80
C LEU B 1167 62.02 61.45 -8.12
N SER B 1168 63.27 61.69 -7.75
CA SER B 1168 63.64 62.95 -7.12
C SER B 1168 63.82 64.04 -8.17
N LEU B 1169 64.00 65.27 -7.71
CA LEU B 1169 64.23 66.37 -8.62
C LEU B 1169 65.60 66.23 -9.28
N ARG B 1170 65.86 67.07 -10.28
CA ARG B 1170 67.13 67.02 -10.98
C ARG B 1170 68.27 67.34 -10.03
N ASP B 1171 69.39 66.64 -10.22
CA ASP B 1171 70.56 66.79 -9.35
C ASP B 1171 71.79 66.51 -10.19
N ARG B 1172 72.41 67.58 -10.70
CA ARG B 1172 73.58 67.52 -11.58
C ARG B 1172 73.46 66.39 -12.59
N ASN B 1173 72.38 66.45 -13.38
CA ASN B 1173 72.09 65.47 -14.42
C ASN B 1173 71.87 64.08 -13.83
N TYR B 1174 71.06 64.01 -12.77
CA TYR B 1174 70.69 62.75 -12.16
C TYR B 1174 69.28 62.87 -11.60
N ASN B 1175 68.59 61.73 -11.50
CA ASN B 1175 67.27 61.65 -10.88
C ASN B 1175 67.17 60.29 -10.22
N TRP B 1176 67.50 60.23 -8.92
CA TRP B 1176 67.49 58.97 -8.19
C TRP B 1176 66.08 58.61 -7.74
N MET B 1177 65.82 57.31 -7.64
CA MET B 1177 64.62 56.85 -6.95
C MET B 1177 64.76 57.10 -5.46
N ILE B 1178 63.77 57.74 -4.86
CA ILE B 1178 63.80 58.08 -3.45
C ILE B 1178 62.42 57.81 -2.84
N CYS B 1179 62.43 57.53 -1.53
CA CYS B 1179 61.21 57.30 -0.77
C CYS B 1179 60.69 58.65 -0.31
N ASN B 1180 59.78 59.22 -1.10
CA ASN B 1180 59.34 60.60 -0.87
C ASN B 1180 58.32 60.68 0.26
N ASN B 1181 58.36 61.82 0.95
CA ASN B 1181 57.33 62.19 1.91
C ASN B 1181 56.85 63.61 1.70
N ASN B 1182 57.52 64.39 0.86
CA ASN B 1182 57.15 65.77 0.56
C ASN B 1182 56.23 65.82 -0.65
N ASP B 1183 55.46 66.91 -0.73
CA ASP B 1183 54.48 67.10 -1.78
C ASP B 1183 55.01 67.89 -2.97
N ASN B 1184 56.26 68.35 -2.92
CA ASN B 1184 56.82 69.11 -4.04
C ASN B 1184 57.11 68.24 -5.25
N ILE B 1185 57.16 66.92 -5.09
CA ILE B 1185 57.30 66.00 -6.21
C ILE B 1185 55.90 65.66 -6.72
N PRO B 1186 55.64 65.79 -8.03
CA PRO B 1186 54.28 65.56 -8.53
C PRO B 1186 53.81 64.14 -8.25
N LYS B 1187 52.50 64.01 -8.01
CA LYS B 1187 51.89 62.73 -7.66
C LYS B 1187 51.96 61.72 -8.79
N ALA B 1188 52.25 62.15 -10.03
CA ALA B 1188 52.37 61.25 -11.16
C ALA B 1188 53.80 60.75 -11.34
N ALA B 1189 54.72 61.14 -10.46
CA ALA B 1189 56.11 60.73 -10.58
C ALA B 1189 56.40 59.42 -9.86
N HIS B 1190 55.47 58.89 -9.07
CA HIS B 1190 55.66 57.62 -8.39
C HIS B 1190 55.03 56.46 -9.14
N LEU B 1191 54.53 56.69 -10.35
CA LEU B 1191 54.02 55.63 -11.20
C LEU B 1191 55.16 55.11 -12.07
N TRP B 1192 55.35 53.81 -12.08
CA TRP B 1192 56.41 53.16 -12.84
C TRP B 1192 55.82 52.20 -13.86
N ALA B 1193 56.65 51.78 -14.80
CA ALA B 1193 56.27 50.80 -15.80
C ALA B 1193 57.41 49.81 -15.96
N LEU B 1194 57.05 48.54 -16.13
CA LEU B 1194 58.02 47.48 -16.38
C LEU B 1194 57.80 46.95 -17.78
N LYS B 1195 58.85 46.94 -18.59
CA LYS B 1195 58.78 46.50 -19.99
C LYS B 1195 59.48 45.17 -20.14
N GLY B 1196 58.83 44.22 -20.80
CA GLY B 1196 59.43 42.93 -21.05
C GLY B 1196 60.62 43.02 -21.99
N ILE B 1197 61.82 42.82 -21.45
CA ILE B 1197 63.04 42.90 -22.25
C ILE B 1197 63.68 41.53 -22.37
N THR C 22 -21.72 -9.10 53.11
CA THR C 22 -20.91 -9.88 54.03
C THR C 22 -19.63 -10.34 53.35
N ILE C 23 -18.52 -9.68 53.69
CA ILE C 23 -17.21 -9.97 53.10
C ILE C 23 -16.18 -10.06 54.23
N ASP C 24 -15.02 -10.62 53.91
CA ASP C 24 -13.97 -10.82 54.90
C ASP C 24 -12.71 -10.04 54.51
N LEU C 25 -12.88 -8.79 54.10
CA LEU C 25 -11.77 -7.94 53.71
C LEU C 25 -11.75 -6.68 54.57
N ALA C 26 -10.59 -6.01 54.56
CA ALA C 26 -10.42 -4.79 55.32
C ALA C 26 -11.22 -3.65 54.69
N ASP C 27 -11.36 -2.57 55.43
CA ASP C 27 -12.13 -1.42 54.97
C ASP C 27 -11.43 -0.75 53.80
N GLY C 28 -12.22 -0.16 52.91
CA GLY C 28 -11.71 0.57 51.78
C GLY C 28 -12.55 0.33 50.55
N ASN C 29 -11.94 0.53 49.38
CA ASN C 29 -12.58 0.26 48.11
C ASN C 29 -11.85 -0.89 47.42
N TYR C 30 -12.60 -1.72 46.70
CA TYR C 30 -12.04 -2.89 46.05
C TYR C 30 -12.58 -3.01 44.64
N VAL C 31 -11.69 -3.37 43.72
CA VAL C 31 -12.07 -3.70 42.34
C VAL C 31 -12.16 -5.21 42.24
N VAL C 32 -13.32 -5.71 41.80
CA VAL C 32 -13.63 -7.13 41.80
C VAL C 32 -14.01 -7.54 40.39
N SER C 33 -13.42 -8.62 39.91
CA SER C 33 -13.82 -9.29 38.67
C SER C 33 -14.50 -10.60 39.01
N ARG C 34 -15.67 -10.83 38.42
CA ARG C 34 -16.48 -12.00 38.70
C ARG C 34 -16.41 -13.03 37.59
N GLY C 35 -15.49 -12.90 36.65
CA GLY C 35 -15.30 -13.89 35.62
C GLY C 35 -16.18 -13.68 34.41
N ASP C 36 -16.01 -14.56 33.45
CA ASP C 36 -16.75 -14.54 32.20
C ASP C 36 -18.08 -15.29 32.34
N GLY C 37 -18.83 -15.32 31.24
CA GLY C 37 -20.04 -16.11 31.19
C GLY C 37 -21.17 -15.63 32.09
N TRP C 38 -21.47 -14.34 32.05
CA TRP C 38 -22.57 -13.75 32.81
C TRP C 38 -23.69 -13.43 31.83
N ILE C 39 -24.81 -14.13 31.97
CA ILE C 39 -25.97 -13.91 31.11
C ILE C 39 -26.95 -13.01 31.83
N LEU C 40 -27.44 -11.99 31.13
CA LEU C 40 -28.31 -10.99 31.74
C LEU C 40 -29.75 -11.47 31.76
N SER C 41 -30.58 -10.76 32.52
CA SER C 41 -31.99 -11.08 32.67
C SER C 41 -32.81 -10.43 31.57
N ARG C 42 -33.84 -11.14 31.13
CA ARG C 42 -34.80 -10.74 30.10
C ARG C 42 -34.18 -10.59 28.73
N GLN C 43 -32.87 -10.80 28.58
CA GLN C 43 -32.20 -10.63 27.30
C GLN C 43 -32.09 -11.94 26.53
N ASN C 44 -32.70 -13.00 27.02
CA ASN C 44 -32.71 -14.25 26.27
C ASN C 44 -33.55 -14.09 25.02
N GLN C 45 -33.15 -14.81 23.96
CA GLN C 45 -33.93 -14.89 22.72
C GLN C 45 -34.09 -13.55 22.04
N ILE C 46 -33.12 -12.65 22.22
CA ILE C 46 -33.16 -11.37 21.50
C ILE C 46 -32.37 -11.44 20.19
N LEU C 47 -31.40 -12.33 20.07
CA LEU C 47 -30.70 -12.54 18.81
C LEU C 47 -31.38 -13.56 17.92
N GLY C 48 -32.27 -14.37 18.48
CA GLY C 48 -33.01 -15.35 17.71
C GLY C 48 -32.56 -16.77 17.99
N GLY C 49 -33.22 -17.70 17.30
CA GLY C 49 -32.94 -19.11 17.43
C GLY C 49 -33.32 -19.85 16.17
N SER C 50 -32.77 -21.06 16.04
CA SER C 50 -32.99 -21.88 14.87
C SER C 50 -33.54 -23.24 15.27
N VAL C 51 -34.35 -23.79 14.37
CA VAL C 51 -35.01 -25.09 14.57
C VAL C 51 -34.48 -26.06 13.53
N ILE C 52 -34.01 -27.23 13.99
CA ILE C 52 -33.53 -28.28 13.10
C ILE C 52 -34.16 -29.60 13.52
N SER C 53 -34.00 -30.60 12.67
CA SER C 53 -34.65 -31.89 12.95
C SER C 53 -33.98 -32.98 12.11
N ASN C 54 -34.23 -34.23 12.50
CA ASN C 54 -33.81 -35.41 11.75
C ASN C 54 -32.31 -35.43 11.50
N GLY C 55 -31.55 -35.14 12.55
CA GLY C 55 -30.10 -35.21 12.45
C GLY C 55 -29.49 -34.24 11.45
N SER C 56 -30.00 -33.01 11.41
CA SER C 56 -29.47 -31.98 10.54
C SER C 56 -28.60 -31.03 11.35
N THR C 57 -27.40 -30.76 10.85
CA THR C 57 -26.45 -29.91 11.56
C THR C 57 -26.79 -28.44 11.32
N GLY C 58 -26.83 -27.66 12.38
CA GLY C 58 -27.08 -26.24 12.29
C GLY C 58 -26.00 -25.45 12.98
N ILE C 59 -25.60 -24.35 12.34
CA ILE C 59 -24.54 -23.48 12.86
C ILE C 59 -25.12 -22.09 13.06
N VAL C 60 -24.83 -21.49 14.21
CA VAL C 60 -25.24 -20.13 14.52
C VAL C 60 -24.01 -19.38 15.02
N GLY C 61 -23.83 -18.16 14.56
CA GLY C 61 -22.67 -17.37 14.96
C GLY C 61 -23.01 -15.90 14.98
N ASP C 62 -22.08 -15.13 15.56
CA ASP C 62 -22.26 -13.69 15.68
C ASP C 62 -20.89 -13.03 15.52
N LEU C 63 -20.87 -11.71 15.65
CA LEU C 63 -19.65 -10.91 15.51
C LEU C 63 -19.72 -9.75 16.50
N ARG C 64 -18.87 -9.79 17.52
CA ARG C 64 -18.80 -8.74 18.52
C ARG C 64 -17.92 -7.59 18.05
N VAL C 65 -18.48 -6.67 17.25
CA VAL C 65 -17.62 -5.67 16.63
C VAL C 65 -17.74 -4.28 17.28
N ASN C 66 -18.88 -3.60 17.08
CA ASN C 66 -19.10 -2.30 17.70
C ASN C 66 -20.57 -1.94 17.51
N ASP C 67 -21.29 -1.84 18.64
CA ASP C 67 -22.71 -1.49 18.80
C ASP C 67 -23.34 -2.55 19.69
N ASN C 68 -23.10 -3.81 19.36
CA ASN C 68 -23.40 -4.93 20.25
C ASN C 68 -22.22 -5.24 21.17
N ALA C 69 -21.22 -4.37 21.20
CA ALA C 69 -20.03 -4.56 22.02
C ALA C 69 -19.81 -3.32 22.88
N ILE C 70 -20.88 -2.81 23.47
CA ILE C 70 -20.78 -1.67 24.37
C ILE C 70 -20.96 -2.11 25.83
N PRO C 71 -20.26 -1.47 26.77
CA PRO C 71 -20.42 -1.84 28.18
C PRO C 71 -21.74 -1.35 28.74
N TYR C 72 -22.17 -2.02 29.81
CA TYR C 72 -23.33 -1.60 30.59
C TYR C 72 -22.85 -1.12 31.94
N TYR C 73 -23.13 0.13 32.25
CA TYR C 73 -22.68 0.75 33.49
C TYR C 73 -23.84 0.86 34.48
N TYR C 74 -23.58 0.47 35.72
CA TYR C 74 -24.53 0.62 36.82
C TYR C 74 -23.73 1.28 37.94
N PRO C 75 -23.66 2.62 37.93
CA PRO C 75 -22.78 3.31 38.87
C PRO C 75 -23.43 3.59 40.22
N THR C 76 -22.71 4.31 41.06
CA THR C 76 -23.13 4.70 42.39
C THR C 76 -22.68 6.14 42.59
N PRO C 77 -23.33 6.90 43.47
CA PRO C 77 -22.86 8.28 43.70
C PRO C 77 -21.39 8.41 44.03
N SER C 78 -20.83 7.47 44.79
CA SER C 78 -19.39 7.53 45.07
C SER C 78 -18.57 7.04 43.87
N PHE C 79 -19.09 6.07 43.13
CA PHE C 79 -18.38 5.44 42.02
C PHE C 79 -19.02 5.88 40.71
N ASN C 80 -18.54 6.99 40.16
CA ASN C 80 -19.04 7.45 38.87
C ASN C 80 -18.49 6.59 37.75
N GLU C 81 -19.02 6.81 36.55
CA GLU C 81 -18.67 5.96 35.41
C GLU C 81 -17.19 6.05 35.08
N GLU C 82 -16.62 7.25 35.09
CA GLU C 82 -15.21 7.41 34.79
C GLU C 82 -14.36 6.67 35.82
N TYR C 83 -14.74 6.75 37.09
CA TYR C 83 -13.98 6.10 38.15
C TYR C 83 -13.94 4.60 37.97
N ILE C 84 -15.11 3.98 37.77
CA ILE C 84 -15.15 2.53 37.62
C ILE C 84 -14.42 2.09 36.37
N LYS C 85 -14.62 2.82 35.26
CA LYS C 85 -13.94 2.47 34.02
C LYS C 85 -12.43 2.54 34.18
N ASN C 86 -11.93 3.62 34.78
CA ASN C 86 -10.49 3.79 34.94
C ASN C 86 -9.91 2.71 35.84
N ASN C 87 -10.56 2.40 36.96
CA ASN C 87 -10.04 1.37 37.84
C ASN C 87 -10.04 0.01 37.17
N ILE C 88 -11.12 -0.33 36.47
CA ILE C 88 -11.23 -1.63 35.82
C ILE C 88 -10.15 -1.77 34.75
N GLN C 89 -9.96 -0.73 33.95
CA GLN C 89 -8.94 -0.82 32.90
C GLN C 89 -7.53 -0.77 33.48
N THR C 90 -7.37 -0.20 34.67
CA THR C 90 -6.05 -0.19 35.30
C THR C 90 -5.68 -1.57 35.80
N VAL C 91 -6.61 -2.26 36.46
CA VAL C 91 -6.31 -3.54 37.09
C VAL C 91 -6.54 -4.70 36.14
N PHE C 92 -7.66 -4.70 35.42
CA PHE C 92 -8.09 -5.82 34.60
C PHE C 92 -8.00 -5.46 33.13
N ALA C 93 -8.51 -6.35 32.27
CA ALA C 93 -8.39 -6.18 30.83
C ALA C 93 -8.98 -4.87 30.35
N ASN C 94 -8.27 -4.22 29.43
CA ASN C 94 -8.69 -2.94 28.87
C ASN C 94 -9.78 -3.19 27.83
N PHE C 95 -11.04 -3.09 28.27
CA PHE C 95 -12.16 -3.42 27.39
C PHE C 95 -12.40 -2.36 26.33
N THR C 96 -11.99 -1.11 26.56
CA THR C 96 -12.22 -0.07 25.57
C THR C 96 -11.41 -0.33 24.30
N GLU C 97 -10.13 -0.65 24.44
CA GLU C 97 -9.29 -0.91 23.29
C GLU C 97 -9.44 -2.33 22.76
N ALA C 98 -10.03 -3.23 23.54
CA ALA C 98 -10.22 -4.61 23.09
C ALA C 98 -11.52 -4.80 22.32
N ASN C 99 -12.56 -4.04 22.64
CA ASN C 99 -13.81 -4.14 21.92
C ASN C 99 -13.75 -3.51 20.53
N GLN C 100 -12.69 -2.75 20.23
CA GLN C 100 -12.56 -2.17 18.91
C GLN C 100 -12.26 -3.22 17.86
N ILE C 101 -11.62 -4.31 18.25
CA ILE C 101 -11.25 -5.39 17.33
C ILE C 101 -12.42 -6.37 17.27
N PRO C 102 -13.02 -6.58 16.10
CA PRO C 102 -14.14 -7.53 16.01
C PRO C 102 -13.65 -8.97 16.18
N ILE C 103 -14.26 -9.68 17.12
CA ILE C 103 -13.94 -11.07 17.40
C ILE C 103 -15.20 -11.90 17.15
N GLY C 104 -15.06 -12.96 16.36
CA GLY C 104 -16.19 -13.79 16.01
C GLY C 104 -16.24 -15.08 16.80
N PHE C 105 -17.42 -15.67 16.84
CA PHE C 105 -17.61 -16.96 17.49
C PHE C 105 -18.77 -17.66 16.80
N GLU C 106 -18.80 -18.99 16.91
CA GLU C 106 -19.91 -19.73 16.35
C GLU C 106 -20.06 -21.08 17.03
N PHE C 107 -21.30 -21.57 17.06
CA PHE C 107 -21.66 -22.85 17.65
C PHE C 107 -22.28 -23.74 16.59
N SER C 108 -22.06 -25.04 16.74
CA SER C 108 -22.65 -26.05 15.87
C SER C 108 -23.22 -27.16 16.73
N LYS C 109 -24.44 -27.58 16.40
CA LYS C 109 -25.10 -28.63 17.18
C LYS C 109 -25.93 -29.47 16.21
N THR C 110 -25.48 -30.70 15.98
CA THR C 110 -26.24 -31.61 15.14
C THR C 110 -27.47 -32.12 15.88
N ALA C 111 -28.55 -32.31 15.14
CA ALA C 111 -29.77 -32.80 15.75
C ALA C 111 -29.65 -34.30 16.06
N PRO C 112 -30.35 -34.78 17.08
CA PRO C 112 -30.37 -36.22 17.35
C PRO C 112 -31.23 -36.97 16.34
N SER C 113 -31.54 -38.23 16.62
CA SER C 113 -32.51 -38.97 15.83
C SER C 113 -33.85 -38.22 15.93
N ASN C 114 -34.88 -38.71 15.23
CA ASN C 114 -35.93 -37.84 14.71
C ASN C 114 -36.79 -37.20 15.80
N LYS C 115 -36.26 -36.14 16.39
CA LYS C 115 -36.94 -35.26 17.32
C LYS C 115 -36.45 -33.85 17.05
N ASN C 116 -37.37 -32.90 16.95
CA ASN C 116 -37.00 -31.53 16.63
C ASN C 116 -36.17 -30.92 17.76
N LEU C 117 -35.14 -30.16 17.39
CA LEU C 117 -34.27 -29.49 18.34
C LEU C 117 -34.26 -27.99 18.05
N TYR C 118 -34.49 -27.19 19.08
CA TYR C 118 -34.51 -25.74 18.97
C TYR C 118 -33.36 -25.17 19.78
N MET C 119 -32.54 -24.34 19.15
CA MET C 119 -31.42 -23.68 19.81
C MET C 119 -31.61 -22.18 19.73
N TYR C 120 -31.12 -21.46 20.74
CA TYR C 120 -31.13 -20.01 20.68
C TYR C 120 -29.87 -19.40 21.28
N LEU C 121 -29.48 -18.27 20.70
CA LEU C 121 -28.22 -17.61 21.03
C LEU C 121 -28.39 -16.33 21.83
N GLN C 122 -27.60 -16.20 22.89
CA GLN C 122 -27.58 -15.01 23.73
C GLN C 122 -26.15 -14.60 24.00
N TYR C 123 -25.98 -13.43 24.62
CA TYR C 123 -24.65 -12.91 24.91
C TYR C 123 -24.19 -13.36 26.29
N THR C 124 -22.87 -13.28 26.48
CA THR C 124 -22.24 -13.47 27.78
C THR C 124 -21.39 -12.26 28.08
N TYR C 125 -21.23 -11.96 29.37
CA TYR C 125 -20.59 -10.74 29.81
C TYR C 125 -19.57 -11.05 30.91
N ILE C 126 -18.63 -10.14 31.07
CA ILE C 126 -17.76 -10.09 32.23
C ILE C 126 -18.35 -9.09 33.21
N ARG C 127 -18.52 -9.51 34.46
CA ARG C 127 -19.08 -8.66 35.49
C ARG C 127 -17.95 -8.07 36.33
N TYR C 128 -17.89 -6.75 36.39
CA TYR C 128 -16.84 -6.02 37.09
C TYR C 128 -17.50 -5.21 38.19
N GLU C 129 -17.45 -5.71 39.42
CA GLU C 129 -18.01 -5.03 40.58
C GLU C 129 -16.92 -4.22 41.26
N ILE C 130 -17.24 -2.99 41.63
CA ILE C 130 -16.39 -2.21 42.53
C ILE C 130 -17.18 -1.97 43.81
N ILE C 131 -16.61 -2.37 44.94
CA ILE C 131 -17.32 -2.42 46.21
C ILE C 131 -16.62 -1.53 47.22
N LYS C 132 -17.39 -1.12 48.22
CA LYS C 132 -16.93 -0.27 49.31
C LYS C 132 -17.15 -1.05 50.60
N VAL C 133 -16.07 -1.60 51.15
CA VAL C 133 -16.16 -2.45 52.34
C VAL C 133 -15.96 -1.59 53.58
N LEU C 134 -16.98 -1.56 54.44
CA LEU C 134 -16.92 -0.91 55.74
C LEU C 134 -17.16 -1.97 56.80
N GLN C 135 -16.36 -1.92 57.87
CA GLN C 135 -16.33 -2.97 58.87
C GLN C 135 -15.91 -4.23 58.11
N HIS C 136 -16.83 -5.16 57.90
CA HIS C 136 -16.65 -6.33 57.08
C HIS C 136 -18.02 -6.72 56.39
N GLU C 137 -18.62 -5.65 55.87
CA GLU C 137 -19.93 -5.75 55.24
C GLU C 137 -19.82 -4.80 54.05
N ILE C 138 -20.39 -5.21 52.93
CA ILE C 138 -20.39 -4.38 51.72
C ILE C 138 -21.51 -3.36 51.85
N ILE C 139 -21.16 -2.08 51.80
CA ILE C 139 -22.11 -0.99 51.95
C ILE C 139 -22.38 -0.27 50.66
N GLU C 140 -21.72 -0.65 49.57
CA GLU C 140 -21.82 0.07 48.31
C GLU C 140 -21.20 -0.78 47.21
N ARG C 141 -21.83 -0.78 46.04
CA ARG C 141 -21.37 -1.58 44.92
C ARG C 141 -21.81 -0.96 43.61
N ALA C 142 -20.92 -1.01 42.62
CA ALA C 142 -21.22 -0.61 41.25
C ALA C 142 -20.84 -1.75 40.31
N VAL C 143 -21.55 -1.84 39.19
CA VAL C 143 -21.43 -3.00 38.31
C VAL C 143 -21.10 -2.54 36.90
N LEU C 144 -20.21 -3.27 36.24
CA LEU C 144 -19.86 -3.02 34.85
C LEU C 144 -19.95 -4.33 34.09
N TYR C 145 -20.72 -4.35 33.02
CA TYR C 145 -20.92 -5.54 32.20
C TYR C 145 -20.21 -5.31 30.87
N VAL C 146 -19.21 -6.13 30.58
CA VAL C 146 -18.42 -6.02 29.36
C VAL C 146 -18.77 -7.21 28.46
N PRO C 147 -19.30 -6.99 27.26
CA PRO C 147 -19.72 -8.12 26.41
C PRO C 147 -18.51 -8.91 25.91
N SER C 148 -18.45 -10.19 26.28
CA SER C 148 -17.31 -11.02 25.89
C SER C 148 -17.59 -11.86 24.65
N LEU C 149 -18.54 -12.79 24.76
CA LEU C 149 -18.82 -13.76 23.70
C LEU C 149 -20.29 -14.15 23.79
N GLY C 150 -20.64 -15.27 23.20
CA GLY C 150 -22.01 -15.75 23.19
C GLY C 150 -22.15 -17.13 23.82
N TYR C 151 -23.43 -17.54 23.94
CA TYR C 151 -23.78 -18.81 24.55
C TYR C 151 -25.06 -19.32 23.92
N VAL C 152 -25.07 -20.59 23.54
CA VAL C 152 -26.20 -21.21 22.85
C VAL C 152 -26.84 -22.22 23.80
N LYS C 153 -28.15 -22.08 23.99
CA LYS C 153 -28.93 -23.02 24.78
C LYS C 153 -29.91 -23.73 23.87
N SER C 154 -29.95 -25.06 23.98
CA SER C 154 -30.75 -25.88 23.08
C SER C 154 -31.64 -26.83 23.88
N ILE C 155 -32.78 -27.17 23.28
CA ILE C 155 -33.73 -28.11 23.87
C ILE C 155 -34.30 -28.97 22.76
N GLU C 156 -34.83 -30.13 23.16
CA GLU C 156 -35.53 -31.03 22.24
C GLU C 156 -37.02 -30.92 22.52
N PHE C 157 -37.79 -30.64 21.47
CA PHE C 157 -39.22 -30.40 21.61
C PHE C 157 -40.00 -31.21 20.60
N ASN C 158 -41.30 -31.30 20.85
CA ASN C 158 -42.26 -31.95 19.97
C ASN C 158 -43.40 -31.00 19.69
N PRO C 159 -44.05 -31.11 18.53
CA PRO C 159 -45.14 -30.17 18.20
C PRO C 159 -46.28 -30.28 19.20
N GLY C 160 -46.65 -29.15 19.78
CA GLY C 160 -47.70 -29.11 20.77
C GLY C 160 -47.28 -29.43 22.18
N GLU C 161 -45.98 -29.54 22.45
CA GLU C 161 -45.47 -29.86 23.77
C GLU C 161 -45.14 -28.58 24.51
N LYS C 162 -45.55 -28.52 25.78
CA LYS C 162 -45.29 -27.34 26.60
C LYS C 162 -43.86 -27.35 27.12
N ILE C 163 -43.19 -26.20 27.04
CA ILE C 163 -41.82 -26.04 27.46
C ILE C 163 -41.80 -25.22 28.76
N ASN C 164 -40.89 -25.58 29.65
CA ASN C 164 -40.76 -24.86 30.92
C ASN C 164 -40.37 -23.41 30.67
N LYS C 165 -40.95 -22.51 31.46
CA LYS C 165 -40.66 -21.09 31.30
C LYS C 165 -39.22 -20.76 31.67
N ASP C 166 -38.61 -21.56 32.55
CA ASP C 166 -37.23 -21.29 32.96
C ASP C 166 -36.26 -21.41 31.79
N PHE C 167 -36.57 -22.29 30.83
CA PHE C 167 -35.72 -22.44 29.65
C PHE C 167 -35.72 -21.16 28.81
N TYR C 168 -36.88 -20.51 28.70
CA TYR C 168 -37.00 -19.35 27.82
C TYR C 168 -36.55 -18.07 28.49
N PHE C 169 -37.12 -17.77 29.65
CA PHE C 169 -37.01 -16.45 30.26
C PHE C 169 -36.17 -16.54 31.53
N LEU C 170 -35.17 -15.66 31.62
CA LEU C 170 -34.30 -15.59 32.79
C LEU C 170 -34.72 -14.41 33.66
N THR C 171 -34.97 -14.67 34.94
CA THR C 171 -35.47 -13.62 35.82
C THR C 171 -34.33 -12.79 36.41
N ASN C 172 -33.21 -13.44 36.72
CA ASN C 172 -32.10 -12.77 37.39
C ASN C 172 -30.79 -13.11 36.69
N ASP C 173 -29.83 -12.19 36.81
CA ASP C 173 -28.51 -12.42 36.25
C ASP C 173 -27.84 -13.61 36.93
N LYS C 174 -27.09 -14.38 36.15
CA LYS C 174 -26.44 -15.57 36.67
C LYS C 174 -25.20 -15.86 35.85
N CYS C 175 -24.30 -16.65 36.41
CA CYS C 175 -23.08 -17.06 35.74
C CYS C 175 -23.18 -18.52 35.32
N ILE C 176 -22.82 -18.79 34.07
CA ILE C 176 -22.84 -20.13 33.52
C ILE C 176 -21.44 -20.73 33.44
N LEU C 177 -20.50 -20.18 34.21
CA LEU C 177 -19.11 -20.61 34.16
C LEU C 177 -18.58 -20.64 35.58
N ASN C 178 -17.25 -20.70 35.71
CA ASN C 178 -16.62 -20.76 37.01
C ASN C 178 -17.00 -19.54 37.86
N GLU C 179 -17.27 -19.79 39.13
CA GLU C 179 -17.62 -18.72 40.07
C GLU C 179 -16.35 -18.04 40.53
N GLN C 180 -15.94 -17.02 39.77
CA GLN C 180 -14.70 -16.32 40.03
C GLN C 180 -14.94 -15.12 40.95
N PHE C 181 -13.93 -14.77 41.73
CA PHE C 181 -13.95 -13.56 42.55
C PHE C 181 -12.51 -13.11 42.73
N LEU C 182 -12.09 -12.14 41.92
CA LEU C 182 -10.73 -11.60 41.97
C LEU C 182 -10.81 -10.17 42.46
N TYR C 183 -10.26 -9.92 43.65
CA TYR C 183 -10.36 -8.62 44.29
C TYR C 183 -8.98 -7.98 44.39
N LYS C 184 -8.94 -6.66 44.19
CA LYS C 184 -7.72 -5.88 44.36
C LYS C 184 -8.07 -4.58 45.06
N LYS C 185 -7.37 -4.27 46.14
CA LYS C 185 -7.65 -3.06 46.89
C LYS C 185 -7.25 -1.83 46.10
N ILE C 186 -8.08 -0.80 46.16
CA ILE C 186 -7.84 0.46 45.46
C ILE C 186 -7.05 1.37 46.39
N LEU C 187 -5.90 1.85 45.91
CA LEU C 187 -5.04 2.72 46.68
C LEU C 187 -5.09 4.12 46.09
N GLU C 188 -5.32 5.12 46.94
CA GLU C 188 -5.41 6.51 46.52
C GLU C 188 -4.01 7.07 46.40
N THR C 189 -3.48 7.06 45.17
CA THR C 189 -2.14 7.56 44.91
C THR C 189 -2.17 9.04 44.52
N GLN C 207 24.30 -17.18 38.65
CA GLN C 207 23.67 -16.78 37.39
C GLN C 207 24.12 -17.67 36.24
N ARG C 208 24.11 -17.12 35.03
CA ARG C 208 24.48 -17.85 33.82
C ARG C 208 25.60 -17.14 33.07
N VAL C 209 26.50 -17.93 32.50
CA VAL C 209 27.64 -17.39 31.77
C VAL C 209 27.31 -17.23 30.28
N LEU C 210 27.43 -16.00 29.79
CA LEU C 210 27.14 -15.68 28.40
C LEU C 210 28.44 -15.40 27.66
N PRO C 211 28.83 -16.23 26.70
CA PRO C 211 30.12 -16.03 26.02
C PRO C 211 30.03 -15.09 24.83
N TYR C 212 28.94 -14.31 24.76
CA TYR C 212 28.76 -13.40 23.64
C TYR C 212 29.83 -12.32 23.64
N SER C 213 30.18 -11.86 22.45
CA SER C 213 31.08 -10.74 22.30
C SER C 213 30.35 -9.43 22.62
N ASN C 214 31.12 -8.38 22.81
CA ASN C 214 30.54 -7.07 23.11
C ASN C 214 29.71 -6.59 21.93
N GLY C 215 28.51 -6.09 22.21
CA GLY C 215 27.68 -5.54 21.15
C GLY C 215 26.21 -5.66 21.49
N LEU C 216 25.39 -5.50 20.46
CA LEU C 216 23.94 -5.53 20.58
C LEU C 216 23.41 -6.87 20.09
N TYR C 217 22.53 -7.48 20.87
CA TYR C 217 21.94 -8.76 20.53
C TYR C 217 20.43 -8.67 20.62
N VAL C 218 19.75 -9.34 19.71
CA VAL C 218 18.30 -9.50 19.76
C VAL C 218 18.01 -10.98 20.01
N ILE C 219 17.26 -11.25 21.07
CA ILE C 219 16.98 -12.61 21.49
C ILE C 219 15.48 -12.85 21.40
N ASN C 220 15.10 -13.81 20.57
CA ASN C 220 13.73 -14.30 20.57
C ASN C 220 13.59 -15.28 21.73
N LYS C 221 12.79 -14.92 22.73
CA LYS C 221 12.67 -15.68 23.95
C LYS C 221 11.49 -16.63 23.95
N GLY C 222 10.78 -16.72 22.84
CA GLY C 222 9.69 -17.67 22.71
C GLY C 222 8.40 -17.02 22.27
N ASP C 223 7.36 -17.84 22.20
CA ASP C 223 6.05 -17.43 21.75
C ASP C 223 5.01 -17.96 22.73
N GLY C 224 3.91 -17.23 22.87
CA GLY C 224 2.84 -17.69 23.74
C GLY C 224 2.75 -16.91 25.03
N TYR C 225 3.26 -15.68 25.03
CA TYR C 225 3.29 -14.87 26.24
C TYR C 225 1.96 -14.16 26.44
N ILE C 226 1.27 -14.48 27.53
CA ILE C 226 0.04 -13.80 27.90
C ILE C 226 0.30 -12.98 29.15
N ARG C 227 -0.61 -12.07 29.43
CA ARG C 227 -0.52 -11.24 30.62
C ARG C 227 -1.31 -11.85 31.77
N THR C 228 -0.93 -11.51 32.98
CA THR C 228 -1.62 -12.01 34.16
C THR C 228 -2.97 -11.33 34.32
N ASN C 229 -3.81 -11.93 35.17
CA ASN C 229 -5.14 -11.40 35.49
C ASN C 229 -6.04 -11.29 34.26
N ASP C 230 -5.81 -12.17 33.28
CA ASP C 230 -6.65 -12.26 32.08
C ASP C 230 -6.74 -10.91 31.36
N LYS C 231 -5.63 -10.16 31.35
CA LYS C 231 -5.59 -8.91 30.61
C LYS C 231 -5.61 -9.13 29.10
N ASP C 232 -5.38 -10.36 28.64
CA ASP C 232 -5.31 -10.66 27.21
C ASP C 232 -6.39 -11.64 26.79
N LEU C 233 -7.39 -11.89 27.63
CA LEU C 233 -8.39 -12.90 27.35
C LEU C 233 -9.30 -12.40 26.24
N ILE C 234 -9.22 -13.05 25.07
CA ILE C 234 -10.21 -12.82 24.03
C ILE C 234 -11.59 -13.20 24.52
N GLY C 235 -11.70 -14.36 25.16
CA GLY C 235 -12.96 -14.71 25.78
C GLY C 235 -13.09 -16.19 26.04
N THR C 236 -14.10 -16.52 26.84
CA THR C 236 -14.44 -17.88 27.19
C THR C 236 -15.71 -18.30 26.49
N LEU C 237 -15.76 -19.56 26.06
CA LEU C 237 -16.90 -20.10 25.33
C LEU C 237 -17.22 -21.48 25.87
N LEU C 238 -18.48 -21.69 26.26
CA LEU C 238 -18.91 -22.94 26.85
C LEU C 238 -19.67 -23.76 25.82
N ILE C 239 -19.21 -24.99 25.59
CA ILE C 239 -19.78 -25.89 24.60
C ILE C 239 -20.48 -27.02 25.34
N GLU C 240 -21.75 -27.22 25.03
CA GLU C 240 -22.51 -28.31 25.63
C GLU C 240 -22.08 -29.64 25.03
N ALA C 241 -22.50 -30.72 25.68
CA ALA C 241 -22.14 -32.06 25.20
C ALA C 241 -22.73 -32.31 23.82
N GLY C 242 -21.90 -32.87 22.94
CA GLY C 242 -22.34 -33.15 21.59
C GLY C 242 -22.42 -31.94 20.69
N SER C 243 -21.72 -30.86 21.02
CA SER C 243 -21.71 -29.65 20.22
C SER C 243 -20.27 -29.25 19.94
N SER C 244 -20.12 -28.25 19.07
CA SER C 244 -18.82 -27.70 18.72
C SER C 244 -18.87 -26.19 18.83
N GLY C 245 -17.75 -25.60 19.23
CA GLY C 245 -17.66 -24.15 19.37
C GLY C 245 -16.34 -23.65 18.86
N SER C 246 -16.38 -22.46 18.26
CA SER C 246 -15.19 -21.88 17.67
C SER C 246 -15.11 -20.39 17.99
N ILE C 247 -13.91 -19.95 18.34
CA ILE C 247 -13.58 -18.55 18.54
C ILE C 247 -12.60 -18.15 17.44
N ILE C 248 -12.93 -17.12 16.67
CA ILE C 248 -12.23 -16.78 15.46
C ILE C 248 -11.80 -15.32 15.50
N GLN C 249 -10.58 -15.04 15.03
CA GLN C 249 -10.16 -13.67 14.76
C GLN C 249 -10.13 -13.49 13.25
N PRO C 250 -11.12 -12.84 12.65
CA PRO C 250 -11.20 -12.80 11.19
C PRO C 250 -10.31 -11.76 10.55
N ARG C 251 -9.58 -10.96 11.33
CA ARG C 251 -8.72 -9.90 10.82
C ARG C 251 -9.51 -8.91 9.95
N LEU C 252 -10.73 -8.61 10.37
CA LEU C 252 -11.46 -7.51 9.74
C LEU C 252 -10.79 -6.17 10.02
N ARG C 253 -10.01 -6.08 11.09
CA ARG C 253 -9.22 -4.91 11.41
C ARG C 253 -7.80 -5.36 11.74
N ASN C 254 -6.82 -4.70 11.15
CA ASN C 254 -5.43 -5.13 11.29
C ASN C 254 -4.74 -4.51 12.50
N THR C 255 -5.43 -3.67 13.27
CA THR C 255 -4.78 -2.95 14.37
C THR C 255 -4.47 -3.91 15.51
N THR C 256 -3.19 -3.99 15.87
CA THR C 256 -2.72 -4.76 17.02
C THR C 256 -1.95 -3.85 17.95
N ARG C 257 -1.79 -4.30 19.20
CA ARG C 257 -1.19 -3.48 20.24
C ARG C 257 0.04 -4.18 20.81
N PRO C 258 1.24 -3.86 20.32
CA PRO C 258 2.46 -4.41 20.91
C PRO C 258 2.78 -3.73 22.23
N LEU C 259 3.58 -4.41 23.04
CA LEU C 259 4.01 -3.89 24.32
C LEU C 259 5.51 -3.65 24.31
N PHE C 260 5.95 -2.65 25.07
CA PHE C 260 7.37 -2.28 25.05
C PHE C 260 7.78 -1.78 26.42
N THR C 261 8.84 -2.36 26.97
CA THR C 261 9.48 -1.88 28.18
C THR C 261 10.96 -1.68 27.93
N THR C 262 11.57 -0.75 28.67
CA THR C 262 12.99 -0.48 28.49
C THR C 262 13.58 -0.01 29.80
N SER C 263 14.84 -0.41 30.03
CA SER C 263 15.59 0.04 31.20
C SER C 263 16.35 1.32 30.95
N ASN C 264 16.42 1.78 29.69
CA ASN C 264 17.13 3.01 29.37
C ASN C 264 16.45 3.60 28.14
N ASP C 265 15.54 4.55 28.35
CA ASP C 265 14.81 5.16 27.24
C ASP C 265 15.65 6.13 26.43
N ALA C 266 16.81 6.55 26.95
CA ALA C 266 17.64 7.51 26.21
C ALA C 266 18.14 6.92 24.91
N LYS C 267 18.60 5.66 24.94
CA LYS C 267 19.10 5.00 23.74
C LYS C 267 18.27 3.82 23.27
N PHE C 268 17.57 3.13 24.17
CA PHE C 268 16.71 2.01 23.81
C PHE C 268 15.26 2.51 23.85
N SER C 269 14.84 3.18 22.79
CA SER C 269 13.48 3.66 22.66
C SER C 269 12.67 2.64 21.88
N GLN C 270 11.36 2.89 21.77
CA GLN C 270 10.51 1.98 21.00
C GLN C 270 10.90 1.98 19.53
N GLN C 271 11.18 3.15 18.97
CA GLN C 271 11.64 3.22 17.59
C GLN C 271 12.97 2.50 17.40
N TYR C 272 13.89 2.69 18.35
CA TYR C 272 15.19 2.03 18.27
C TYR C 272 15.04 0.51 18.35
N THR C 273 14.21 0.02 19.26
CA THR C 273 14.01 -1.41 19.38
C THR C 273 13.32 -1.99 18.16
N GLU C 274 12.38 -1.24 17.58
CA GLU C 274 11.75 -1.70 16.34
C GLU C 274 12.76 -1.78 15.21
N GLU C 275 13.65 -0.78 15.12
CA GLU C 275 14.69 -0.81 14.10
C GLU C 275 15.61 -2.01 14.28
N ARG C 276 16.00 -2.30 15.53
CA ARG C 276 16.88 -3.43 15.78
C ARG C 276 16.19 -4.75 15.49
N LEU C 277 14.89 -4.86 15.81
CA LEU C 277 14.15 -6.07 15.48
C LEU C 277 14.06 -6.26 13.98
N LYS C 278 13.83 -5.17 13.24
CA LYS C 278 13.82 -5.26 11.78
C LYS C 278 15.18 -5.69 11.25
N ASP C 279 16.26 -5.17 11.84
CA ASP C 279 17.59 -5.59 11.42
C ASP C 279 17.84 -7.07 11.68
N ALA C 280 17.41 -7.55 12.85
CA ALA C 280 17.72 -8.91 13.25
C ALA C 280 16.85 -9.94 12.55
N PHE C 281 15.53 -9.86 12.76
CA PHE C 281 14.61 -10.90 12.27
C PHE C 281 13.77 -10.44 11.10
N ASN C 282 14.05 -9.28 10.53
CA ASN C 282 13.29 -8.73 9.39
C ASN C 282 11.81 -8.60 9.73
N VAL C 283 11.51 -8.19 10.95
CA VAL C 283 10.13 -7.97 11.36
C VAL C 283 9.60 -6.73 10.65
N GLN C 284 8.62 -6.91 9.78
CA GLN C 284 8.13 -5.81 8.95
C GLN C 284 7.01 -5.04 9.65
N LEU C 285 5.95 -5.74 10.04
CA LEU C 285 4.76 -5.11 10.60
C LEU C 285 4.77 -5.27 12.11
N PHE C 286 4.54 -4.16 12.82
CA PHE C 286 4.59 -4.14 14.28
C PHE C 286 3.21 -3.95 14.89
N ASN C 287 2.50 -2.88 14.51
CA ASN C 287 1.16 -2.62 15.02
C ASN C 287 0.07 -3.03 14.04
N THR C 288 0.43 -3.75 12.98
CA THR C 288 -0.52 -4.21 11.97
C THR C 288 -0.28 -5.68 11.72
N SER C 289 -1.36 -6.46 11.66
CA SER C 289 -1.24 -7.89 11.39
C SER C 289 -2.44 -8.35 10.57
N THR C 290 -2.18 -9.19 9.58
CA THR C 290 -3.21 -9.83 8.77
C THR C 290 -2.90 -11.34 8.76
N SER C 291 -3.36 -12.04 9.80
CA SER C 291 -3.13 -13.47 9.91
C SER C 291 -4.25 -14.03 10.78
N LEU C 292 -5.23 -14.67 10.14
CA LEU C 292 -6.38 -15.18 10.86
C LEU C 292 -5.99 -16.38 11.71
N PHE C 293 -6.56 -16.47 12.91
CA PHE C 293 -6.41 -17.65 13.75
C PHE C 293 -7.76 -18.00 14.37
N LYS C 294 -8.05 -19.29 14.40
CA LYS C 294 -9.35 -19.80 14.81
C LYS C 294 -9.16 -21.04 15.67
N PHE C 295 -9.87 -21.10 16.79
CA PHE C 295 -9.82 -22.23 17.70
C PHE C 295 -11.17 -22.92 17.70
N VAL C 296 -11.18 -24.22 17.42
CA VAL C 296 -12.40 -25.02 17.31
C VAL C 296 -12.29 -26.19 18.27
N GLU C 297 -13.35 -26.44 19.03
CA GLU C 297 -13.38 -27.56 19.96
C GLU C 297 -14.72 -28.27 19.85
N GLU C 298 -14.67 -29.59 19.73
CA GLU C 298 -15.86 -30.44 19.72
C GLU C 298 -15.95 -31.16 21.05
N ALA C 299 -16.99 -30.84 21.82
CA ALA C 299 -17.15 -31.44 23.14
C ALA C 299 -17.56 -32.91 23.00
N PRO C 300 -17.09 -33.78 23.89
CA PRO C 300 -17.60 -35.15 23.90
C PRO C 300 -19.05 -35.19 24.32
N SER C 301 -19.75 -36.22 23.87
CA SER C 301 -21.19 -36.32 24.13
C SER C 301 -21.48 -36.99 25.48
N ASN C 302 -20.77 -36.56 26.51
CA ASN C 302 -21.10 -36.91 27.89
C ASN C 302 -21.00 -35.75 28.86
N LYS C 303 -20.25 -34.70 28.56
CA LYS C 303 -20.06 -33.59 29.49
C LYS C 303 -19.78 -32.31 28.69
N ASN C 304 -20.01 -31.19 29.35
CA ASN C 304 -19.72 -29.89 28.75
C ASN C 304 -18.22 -29.62 28.80
N ILE C 305 -17.80 -28.59 28.04
CA ILE C 305 -16.40 -28.20 28.00
C ILE C 305 -16.34 -26.68 27.83
N CYS C 306 -15.17 -26.10 28.10
CA CYS C 306 -14.98 -24.67 27.95
C CYS C 306 -13.67 -24.40 27.24
N ILE C 307 -13.66 -23.41 26.36
CA ILE C 307 -12.46 -22.98 25.67
C ILE C 307 -12.21 -21.51 25.98
N LYS C 308 -11.02 -21.22 26.48
CA LYS C 308 -10.57 -19.85 26.71
C LYS C 308 -9.59 -19.47 25.62
N ALA C 309 -9.89 -18.41 24.89
CA ALA C 309 -9.00 -17.88 23.87
C ALA C 309 -8.33 -16.63 24.40
N TYR C 310 -7.00 -16.58 24.31
CA TYR C 310 -6.18 -15.45 24.71
C TYR C 310 -5.42 -14.92 23.50
N ASN C 311 -5.00 -13.66 23.59
CA ASN C 311 -3.98 -13.11 22.70
C ASN C 311 -2.62 -13.38 23.30
N THR C 312 -1.66 -13.74 22.46
CA THR C 312 -0.32 -14.02 22.92
C THR C 312 0.66 -12.99 22.38
N TYR C 313 1.91 -13.13 22.80
CA TYR C 313 2.98 -12.22 22.40
C TYR C 313 4.25 -13.00 22.17
N GLU C 314 5.05 -12.53 21.23
CA GLU C 314 6.41 -12.99 21.03
C GLU C 314 7.36 -12.00 21.69
N LYS C 315 8.25 -12.52 22.54
CA LYS C 315 9.13 -11.69 23.34
C LYS C 315 10.49 -11.56 22.66
N TYR C 316 10.93 -10.33 22.48
CA TYR C 316 12.24 -10.02 21.90
C TYR C 316 12.99 -9.15 22.89
N GLU C 317 14.15 -9.63 23.34
CA GLU C 317 15.02 -8.85 24.22
C GLU C 317 16.14 -8.25 23.39
N LEU C 318 16.17 -6.93 23.32
CA LEU C 318 17.29 -6.21 22.73
C LEU C 318 18.24 -5.83 23.86
N ILE C 319 19.40 -6.48 23.92
CA ILE C 319 20.35 -6.29 25.00
C ILE C 319 21.63 -5.68 24.44
N ASP C 320 22.17 -4.72 25.18
CA ASP C 320 23.52 -4.20 24.95
C ASP C 320 24.41 -4.86 25.98
N TYR C 321 25.37 -5.66 25.50
CA TYR C 321 26.18 -6.56 26.31
C TYR C 321 27.63 -6.12 26.20
N GLN C 322 28.21 -5.68 27.30
CA GLN C 322 29.59 -5.23 27.35
C GLN C 322 30.31 -5.84 28.53
N ASN C 323 31.52 -6.35 28.29
CA ASN C 323 32.39 -6.86 29.35
C ASN C 323 31.72 -7.96 30.16
N GLY C 324 30.99 -8.84 29.48
CA GLY C 324 30.36 -9.97 30.15
C GLY C 324 29.26 -9.61 31.11
N SER C 325 28.48 -8.57 30.80
CA SER C 325 27.35 -8.19 31.62
C SER C 325 26.37 -7.40 30.76
N ILE C 326 25.08 -7.60 31.04
CA ILE C 326 24.02 -6.92 30.30
C ILE C 326 23.97 -5.48 30.78
N VAL C 327 24.60 -4.57 30.03
CA VAL C 327 24.60 -3.17 30.42
C VAL C 327 23.31 -2.46 30.03
N ASN C 328 22.56 -3.00 29.07
CA ASN C 328 21.26 -2.43 28.75
C ASN C 328 20.32 -3.53 28.27
N LYS C 329 19.03 -3.35 28.54
CA LYS C 329 18.04 -4.34 28.15
C LYS C 329 16.71 -3.66 27.84
N ALA C 330 16.09 -4.06 26.74
CA ALA C 330 14.74 -3.64 26.40
C ALA C 330 13.95 -4.88 25.97
N GLU C 331 12.66 -4.88 26.28
CA GLU C 331 11.78 -5.99 25.97
C GLU C 331 10.66 -5.51 25.06
N TYR C 332 10.42 -6.24 23.98
CA TYR C 332 9.38 -5.91 23.01
C TYR C 332 8.50 -7.14 22.81
N TYR C 333 7.21 -6.98 23.08
CA TYR C 333 6.25 -8.06 22.92
C TYR C 333 5.40 -7.76 21.68
N LEU C 334 5.63 -8.51 20.61
CA LEU C 334 4.98 -8.44 19.32
C LEU C 334 3.73 -9.31 19.31
N PRO C 335 2.59 -8.82 18.82
CA PRO C 335 1.34 -9.60 18.90
C PRO C 335 1.42 -10.88 18.11
N SER C 336 1.18 -12.01 18.79
CA SER C 336 1.18 -13.32 18.18
C SER C 336 -0.24 -13.71 17.77
N LEU C 337 -0.44 -15.00 17.47
CA LEU C 337 -1.72 -15.51 16.96
C LEU C 337 -2.51 -16.27 18.02
N GLY C 338 -2.47 -15.85 19.27
CA GLY C 338 -3.39 -16.34 20.27
C GLY C 338 -2.97 -17.66 20.90
N TYR C 339 -3.80 -18.10 21.86
CA TYR C 339 -3.56 -19.34 22.60
C TYR C 339 -4.90 -19.86 23.10
N CYS C 340 -5.13 -21.16 22.90
CA CYS C 340 -6.39 -21.80 23.27
C CYS C 340 -6.16 -22.71 24.47
N GLU C 341 -7.02 -22.59 25.47
CA GLU C 341 -6.98 -23.41 26.67
C GLU C 341 -8.30 -24.16 26.79
N VAL C 342 -8.21 -25.47 27.03
CA VAL C 342 -9.39 -26.32 27.14
C VAL C 342 -9.56 -26.71 28.61
N THR C 343 -10.73 -26.44 29.16
CA THR C 343 -11.01 -26.70 30.56
C THR C 343 -12.34 -27.39 30.71
N ASN C 344 -12.54 -28.01 31.88
CA ASN C 344 -13.79 -28.65 32.22
C ASN C 344 -14.58 -27.79 33.19
N ALA C 345 -15.90 -27.84 33.07
CA ALA C 345 -16.76 -27.08 33.96
C ALA C 345 -16.63 -27.60 35.38
N PRO C 346 -16.30 -26.77 36.36
CA PRO C 346 -16.14 -27.25 37.73
C PRO C 346 -17.46 -27.70 38.32
N SER C 347 -17.37 -28.54 39.35
CA SER C 347 -18.56 -29.05 40.00
C SER C 347 -19.34 -27.91 40.63
N PRO C 348 -20.66 -27.84 40.44
CA PRO C 348 -21.44 -26.74 41.04
C PRO C 348 -21.41 -26.73 42.55
N GLU C 349 -21.12 -27.86 43.20
CA GLU C 349 -21.10 -27.95 44.65
C GLU C 349 -19.71 -27.52 45.16
N SER C 350 -19.45 -26.22 45.03
CA SER C 350 -18.20 -25.64 45.49
C SER C 350 -18.42 -24.16 45.76
N GLU C 351 -18.02 -23.72 46.96
CA GLU C 351 -18.19 -22.33 47.34
C GLU C 351 -17.12 -21.45 46.67
N VAL C 352 -17.40 -20.16 46.64
CA VAL C 352 -16.49 -19.20 46.04
C VAL C 352 -15.33 -18.94 47.01
N VAL C 353 -14.17 -18.59 46.44
CA VAL C 353 -13.00 -18.22 47.22
C VAL C 353 -12.54 -16.86 46.73
N LYS C 354 -12.51 -15.88 47.65
CA LYS C 354 -12.06 -14.53 47.31
C LYS C 354 -10.55 -14.54 47.23
N THR C 355 -10.01 -14.58 46.01
CA THR C 355 -8.58 -14.64 45.78
C THR C 355 -8.09 -13.31 45.20
N GLN C 356 -6.99 -12.80 45.73
CA GLN C 356 -6.42 -11.56 45.24
C GLN C 356 -5.82 -11.76 43.85
N VAL C 357 -5.74 -10.67 43.10
CA VAL C 357 -5.18 -10.74 41.76
C VAL C 357 -3.66 -10.96 41.86
N ALA C 358 -3.08 -11.40 40.74
CA ALA C 358 -1.65 -11.61 40.66
C ALA C 358 -0.96 -10.31 40.26
N GLU C 359 0.36 -10.28 40.45
CA GLU C 359 1.13 -9.11 40.10
C GLU C 359 1.24 -8.97 38.58
N ASP C 360 1.46 -7.73 38.13
CA ASP C 360 1.62 -7.46 36.71
C ASP C 360 2.83 -8.20 36.16
N GLY C 361 2.62 -9.06 35.18
CA GLY C 361 3.70 -9.84 34.63
C GLY C 361 3.25 -10.59 33.40
N PHE C 362 4.10 -11.52 32.96
CA PHE C 362 3.83 -12.32 31.77
C PHE C 362 4.01 -13.79 32.10
N ILE C 363 3.21 -14.63 31.45
CA ILE C 363 3.30 -16.08 31.55
C ILE C 363 3.50 -16.63 30.15
N GLN C 364 4.52 -17.47 29.98
CA GLN C 364 4.78 -18.09 28.70
C GLN C 364 4.09 -19.45 28.63
N ASN C 365 3.30 -19.65 27.57
CA ASN C 365 2.57 -20.88 27.38
C ASN C 365 3.09 -21.73 26.23
N GLY C 366 3.91 -21.16 25.34
CA GLY C 366 4.43 -21.90 24.22
C GLY C 366 5.71 -22.63 24.55
N PRO C 367 6.40 -23.11 23.53
CA PRO C 367 7.61 -23.92 23.76
C PRO C 367 8.79 -23.06 24.19
N GLU C 368 9.73 -23.72 24.85
CA GLU C 368 10.94 -23.06 25.33
C GLU C 368 11.85 -22.76 24.16
N GLU C 369 12.08 -21.48 23.88
CA GLU C 369 12.89 -21.05 22.76
C GLU C 369 13.78 -19.89 23.18
N GLU C 370 15.03 -19.88 22.69
CA GLU C 370 15.93 -18.77 22.92
C GLU C 370 16.89 -18.71 21.73
N ILE C 371 16.66 -17.74 20.85
CA ILE C 371 17.48 -17.57 19.65
C ILE C 371 18.17 -16.22 19.74
N VAL C 372 19.50 -16.22 19.68
CA VAL C 372 20.30 -15.02 19.83
C VAL C 372 20.87 -14.64 18.48
N VAL C 373 20.62 -13.41 18.05
CA VAL C 373 21.15 -12.89 16.79
C VAL C 373 21.83 -11.56 17.09
N GLY C 374 23.14 -11.48 16.83
CA GLY C 374 23.83 -10.23 16.98
C GLY C 374 23.48 -9.26 15.86
N VAL C 375 23.48 -7.98 16.17
CA VAL C 375 23.16 -6.94 15.21
C VAL C 375 24.27 -5.90 15.21
N ILE C 376 24.36 -5.18 14.10
CA ILE C 376 25.38 -4.16 13.91
C ILE C 376 24.96 -2.89 14.64
N ASP C 377 25.88 -2.33 15.42
CA ASP C 377 25.61 -1.08 16.12
C ASP C 377 25.38 0.02 15.10
N PRO C 378 24.22 0.69 15.11
CA PRO C 378 23.96 1.75 14.13
C PRO C 378 24.78 3.01 14.36
N SER C 379 25.41 3.16 15.52
CA SER C 379 26.21 4.35 15.81
C SER C 379 27.59 4.29 15.18
N GLU C 380 27.97 3.18 14.56
CA GLU C 380 29.28 3.02 13.95
C GLU C 380 29.13 2.95 12.44
N ASN C 381 29.91 3.76 11.73
CA ASN C 381 29.85 3.79 10.27
C ASN C 381 30.43 2.51 9.68
N ILE C 382 29.94 2.15 8.50
CA ILE C 382 30.35 0.94 7.81
C ILE C 382 31.05 1.31 6.52
N GLN C 383 32.28 0.85 6.36
CA GLN C 383 33.02 1.01 5.12
C GLN C 383 32.76 -0.19 4.21
N GLU C 384 33.20 -0.06 2.96
CA GLU C 384 32.97 -1.11 1.97
C GLU C 384 34.23 -1.33 1.15
N ILE C 385 34.41 -2.58 0.72
CA ILE C 385 35.50 -2.96 -0.18
C ILE C 385 34.85 -3.62 -1.38
N ASN C 386 34.59 -2.84 -2.43
CA ASN C 386 33.81 -3.34 -3.57
C ASN C 386 34.52 -4.48 -4.28
N THR C 387 35.84 -4.35 -4.47
CA THR C 387 36.59 -5.40 -5.12
C THR C 387 36.73 -6.61 -4.19
N ALA C 388 36.47 -7.79 -4.73
CA ALA C 388 36.64 -9.02 -3.95
C ALA C 388 38.11 -9.22 -3.60
N ILE C 389 38.34 -9.74 -2.40
CA ILE C 389 39.70 -9.91 -1.90
C ILE C 389 40.38 -11.06 -2.64
N SER C 390 41.51 -10.76 -3.26
CA SER C 390 42.30 -11.76 -3.97
C SER C 390 43.26 -12.43 -2.98
N ASP C 391 44.27 -13.12 -3.51
CA ASP C 391 45.27 -13.77 -2.66
C ASP C 391 45.89 -12.78 -1.68
N ASN C 392 46.11 -11.55 -2.12
CA ASN C 392 46.67 -10.50 -1.27
C ASN C 392 45.85 -9.22 -1.41
N TYR C 393 45.70 -8.49 -0.31
CA TYR C 393 45.05 -7.20 -0.33
C TYR C 393 45.41 -6.44 0.94
N THR C 394 45.64 -5.14 0.80
CA THR C 394 45.92 -4.26 1.93
C THR C 394 44.94 -3.10 1.89
N TYR C 395 44.28 -2.84 3.03
CA TYR C 395 43.27 -1.81 3.14
C TYR C 395 43.76 -0.74 4.10
N ASN C 396 43.82 0.50 3.64
CA ASN C 396 44.26 1.61 4.46
C ASN C 396 43.07 2.25 5.16
N ILE C 397 43.21 2.49 6.46
CA ILE C 397 42.13 3.07 7.26
C ILE C 397 41.92 4.52 6.83
N PRO C 398 40.73 4.89 6.40
CA PRO C 398 40.51 6.27 5.96
C PRO C 398 40.48 7.25 7.12
N GLY C 399 40.73 8.52 6.79
CA GLY C 399 40.74 9.57 7.79
C GLY C 399 39.37 9.95 8.30
N ILE C 400 38.31 9.64 7.55
CA ILE C 400 36.96 9.97 7.98
C ILE C 400 36.59 9.23 9.25
N VAL C 401 37.24 8.10 9.53
CA VAL C 401 36.99 7.38 10.78
C VAL C 401 37.43 8.22 11.98
N ASN C 402 38.62 8.83 11.89
CA ASN C 402 39.15 9.71 12.91
C ASN C 402 39.19 9.02 14.28
N ASN C 403 39.81 7.84 14.31
CA ASN C 403 40.01 7.07 15.54
C ASN C 403 38.68 6.79 16.24
N ASN C 404 37.86 6.00 15.55
CA ASN C 404 36.58 5.55 16.07
C ASN C 404 36.38 4.09 15.71
N PRO C 405 35.69 3.33 16.54
CA PRO C 405 35.34 1.95 16.15
C PRO C 405 34.43 1.96 14.94
N PHE C 406 34.63 0.99 14.05
CA PHE C 406 33.81 0.95 12.84
C PHE C 406 33.88 -0.45 12.24
N TYR C 407 33.05 -0.64 11.22
CA TYR C 407 32.98 -1.90 10.48
C TYR C 407 33.48 -1.69 9.06
N ILE C 408 34.10 -2.72 8.50
CA ILE C 408 34.40 -2.77 7.07
C ILE C 408 33.73 -4.00 6.50
N LEU C 409 33.07 -3.83 5.36
CA LEU C 409 32.35 -4.91 4.69
C LEU C 409 33.18 -5.40 3.51
N PHE C 410 33.42 -6.70 3.46
CA PHE C 410 34.25 -7.24 2.39
C PHE C 410 33.76 -8.63 2.03
N THR C 411 34.08 -9.03 0.80
CA THR C 411 33.83 -10.38 0.31
C THR C 411 35.12 -10.89 -0.32
N VAL C 412 35.21 -12.21 -0.42
CA VAL C 412 36.43 -12.87 -0.87
C VAL C 412 36.13 -13.66 -2.14
N ASN C 413 37.05 -13.58 -3.11
CA ASN C 413 36.80 -14.16 -4.42
C ASN C 413 36.72 -15.68 -4.38
N THR C 414 37.57 -16.32 -3.58
CA THR C 414 37.66 -17.78 -3.54
C THR C 414 37.61 -18.28 -2.11
N THR C 415 36.87 -19.38 -1.90
CA THR C 415 36.80 -19.99 -0.58
C THR C 415 38.19 -20.40 -0.12
N GLY C 416 38.53 -20.05 1.11
CA GLY C 416 39.84 -20.41 1.62
C GLY C 416 40.06 -19.84 3.01
N ILE C 417 41.20 -20.21 3.58
CA ILE C 417 41.59 -19.77 4.91
C ILE C 417 42.46 -18.52 4.77
N TYR C 418 42.04 -17.44 5.41
CA TYR C 418 42.69 -16.15 5.32
C TYR C 418 43.21 -15.73 6.69
N LYS C 419 44.40 -15.15 6.70
CA LYS C 419 44.98 -14.52 7.87
C LYS C 419 44.79 -13.01 7.75
N ILE C 420 44.05 -12.44 8.69
CA ILE C 420 43.74 -11.02 8.69
C ILE C 420 44.43 -10.39 9.89
N ASN C 421 45.24 -9.36 9.64
CA ASN C 421 45.97 -8.68 10.70
C ASN C 421 46.02 -7.20 10.40
N ALA C 422 46.67 -6.45 11.29
CA ALA C 422 46.87 -5.02 11.12
C ALA C 422 48.36 -4.70 11.26
N GLN C 423 48.70 -3.41 11.34
CA GLN C 423 50.09 -3.01 11.50
C GLN C 423 50.62 -3.58 12.81
N ASN C 424 51.67 -4.40 12.70
CA ASN C 424 52.27 -5.15 13.80
C ASN C 424 51.21 -5.70 14.75
N ASN C 425 50.12 -6.22 14.19
CA ASN C 425 49.07 -6.91 14.95
C ASN C 425 48.44 -6.02 16.00
N LEU C 426 48.29 -4.73 15.70
CA LEU C 426 47.58 -3.80 16.56
C LEU C 426 46.58 -3.02 15.71
N PRO C 427 45.32 -2.90 16.15
CA PRO C 427 44.73 -3.43 17.38
C PRO C 427 44.17 -4.83 17.19
N SER C 428 43.59 -5.41 18.23
CA SER C 428 42.91 -6.69 18.10
C SER C 428 41.54 -6.45 17.48
N LEU C 429 41.31 -7.06 16.33
CA LEU C 429 40.11 -6.82 15.54
C LEU C 429 39.26 -8.08 15.44
N LYS C 430 37.95 -7.89 15.38
CA LYS C 430 36.98 -8.98 15.35
C LYS C 430 36.41 -9.13 13.94
N ILE C 431 35.93 -10.33 13.64
CA ILE C 431 35.35 -10.63 12.34
C ILE C 431 33.98 -11.25 12.55
N TYR C 432 33.00 -10.80 11.79
CA TYR C 432 31.64 -11.29 11.83
C TYR C 432 31.30 -11.93 10.48
N GLU C 433 30.03 -12.31 10.32
CA GLU C 433 29.57 -12.93 9.08
C GLU C 433 28.08 -12.65 8.95
N ALA C 434 27.70 -11.91 7.91
CA ALA C 434 26.29 -11.60 7.70
C ALA C 434 25.50 -12.87 7.48
N ILE C 435 24.43 -13.04 8.27
CA ILE C 435 23.63 -14.25 8.20
C ILE C 435 22.75 -14.21 6.96
N GLY C 436 22.82 -15.26 6.15
CA GLY C 436 22.03 -15.34 4.95
C GLY C 436 22.57 -14.59 3.76
N SER C 437 23.80 -14.10 3.83
CA SER C 437 24.39 -13.36 2.73
C SER C 437 24.81 -14.28 1.60
N GLY C 438 24.70 -13.77 0.37
CA GLY C 438 25.07 -14.51 -0.81
C GLY C 438 24.01 -15.43 -1.37
N ASN C 439 22.86 -15.54 -0.72
CA ASN C 439 21.79 -16.39 -1.24
C ASN C 439 21.10 -15.74 -2.43
N ARG C 440 20.88 -14.43 -2.40
CA ARG C 440 20.09 -13.77 -3.44
C ARG C 440 20.96 -13.22 -4.56
N ASN C 441 21.82 -12.26 -4.25
CA ASN C 441 22.55 -11.53 -5.27
C ASN C 441 23.89 -12.19 -5.56
N PHE C 442 24.42 -11.91 -6.75
CA PHE C 442 25.65 -12.51 -7.23
C PHE C 442 26.24 -11.67 -8.36
N GLN C 443 27.49 -11.28 -8.21
CA GLN C 443 28.26 -10.65 -9.28
C GLN C 443 29.70 -11.08 -9.08
N SER C 444 30.17 -12.02 -9.90
CA SER C 444 31.49 -12.60 -9.71
C SER C 444 32.57 -11.53 -9.77
N GLY C 445 33.49 -11.58 -8.81
CA GLY C 445 34.59 -10.63 -8.74
C GLY C 445 34.25 -9.30 -8.11
N ASN C 446 33.02 -9.10 -7.67
CA ASN C 446 32.59 -7.84 -7.08
C ASN C 446 31.87 -8.12 -5.77
N LEU C 447 31.52 -7.06 -5.06
CA LEU C 447 30.80 -7.15 -3.80
C LEU C 447 29.41 -6.55 -3.97
N CYS C 448 28.39 -7.31 -3.60
CA CYS C 448 27.01 -6.84 -3.63
C CYS C 448 26.59 -6.58 -2.19
N ASP C 449 26.41 -5.31 -1.85
CA ASP C 449 26.01 -4.92 -0.50
C ASP C 449 24.57 -5.35 -0.28
N ASP C 450 24.38 -6.44 0.47
CA ASP C 450 23.05 -6.97 0.74
C ASP C 450 22.33 -6.24 1.85
N ASP C 451 23.01 -5.31 2.53
CA ASP C 451 22.41 -4.51 3.61
C ASP C 451 21.84 -5.41 4.71
N ILE C 452 22.57 -6.46 5.03
CA ILE C 452 22.19 -7.39 6.09
C ILE C 452 22.87 -6.94 7.38
N LYS C 453 22.07 -6.56 8.37
CA LYS C 453 22.59 -6.08 9.64
C LYS C 453 22.64 -7.16 10.71
N ALA C 454 22.20 -8.37 10.40
CA ALA C 454 22.28 -9.49 11.34
C ALA C 454 23.60 -10.21 11.12
N ILE C 455 24.43 -10.26 12.15
CA ILE C 455 25.78 -10.77 12.02
C ILE C 455 25.97 -11.94 12.97
N ASN C 456 26.84 -12.87 12.58
CA ASN C 456 27.20 -14.02 13.40
C ASN C 456 28.68 -13.92 13.75
N TYR C 457 28.98 -13.85 15.04
CA TYR C 457 30.35 -13.67 15.49
C TYR C 457 31.18 -14.91 15.17
N ILE C 458 32.35 -14.69 14.58
CA ILE C 458 33.26 -15.77 14.20
C ILE C 458 34.42 -15.89 15.18
N THR C 459 35.24 -14.85 15.30
CA THR C 459 36.34 -14.85 16.24
C THR C 459 36.84 -13.42 16.40
N GLY C 460 37.63 -13.21 17.45
CA GLY C 460 38.20 -11.90 17.71
C GLY C 460 38.22 -11.55 19.18
N PHE C 461 38.89 -10.44 19.52
CA PHE C 461 39.02 -10.00 20.90
C PHE C 461 38.54 -8.56 21.02
N ASP C 462 38.13 -8.20 22.24
CA ASP C 462 37.66 -6.86 22.54
C ASP C 462 38.68 -6.06 23.35
N SER C 463 39.94 -6.49 23.32
CA SER C 463 41.01 -5.76 24.00
C SER C 463 41.81 -4.98 22.96
N PRO C 464 41.70 -3.65 22.93
CA PRO C 464 42.41 -2.89 21.89
C PRO C 464 43.93 -2.94 22.02
N ASN C 465 44.45 -3.19 23.21
CA ASN C 465 45.90 -3.23 23.42
C ASN C 465 46.49 -4.61 23.21
N ALA C 466 45.68 -5.63 22.96
CA ALA C 466 46.18 -6.97 22.73
C ALA C 466 46.77 -7.09 21.34
N LYS C 467 47.73 -8.01 21.20
CA LYS C 467 48.41 -8.26 19.93
C LYS C 467 47.96 -9.62 19.42
N SER C 468 47.18 -9.61 18.33
CA SER C 468 46.65 -10.85 17.78
C SER C 468 46.32 -10.67 16.32
N TYR C 469 46.20 -11.79 15.61
CA TYR C 469 45.74 -11.79 14.23
C TYR C 469 44.80 -12.98 14.02
N LEU C 470 43.78 -12.77 13.19
CA LEU C 470 42.76 -13.79 12.99
C LEU C 470 43.16 -14.73 11.86
N VAL C 471 42.93 -16.02 12.06
CA VAL C 471 43.06 -17.02 11.02
C VAL C 471 41.68 -17.64 10.85
N VAL C 472 40.95 -17.21 9.83
CA VAL C 472 39.56 -17.58 9.65
C VAL C 472 39.39 -18.30 8.32
N LEU C 473 38.22 -18.89 8.13
CA LEU C 473 37.87 -19.56 6.88
C LEU C 473 36.71 -18.79 6.26
N LEU C 474 36.90 -18.29 5.05
CA LEU C 474 35.92 -17.48 4.36
C LEU C 474 35.41 -18.22 3.13
N ASN C 475 34.09 -18.20 2.96
CA ASN C 475 33.44 -18.85 1.83
C ASN C 475 33.33 -17.89 0.65
N LYS C 476 33.06 -18.46 -0.52
CA LYS C 476 33.19 -17.72 -1.77
C LYS C 476 32.16 -16.59 -1.87
N ASP C 477 30.96 -16.80 -1.36
CA ASP C 477 29.84 -15.90 -1.61
C ASP C 477 29.16 -15.48 -0.32
N LYS C 478 29.96 -15.04 0.65
CA LYS C 478 29.41 -14.54 1.91
C LYS C 478 30.02 -13.18 2.22
N ASN C 479 29.19 -12.27 2.71
CA ASN C 479 29.66 -10.96 3.10
C ASN C 479 30.13 -11.00 4.55
N TYR C 480 31.32 -10.45 4.79
CA TYR C 480 31.93 -10.48 6.11
C TYR C 480 32.18 -9.07 6.59
N TYR C 481 32.11 -8.89 7.91
CA TYR C 481 32.38 -7.63 8.56
C TYR C 481 33.62 -7.76 9.43
N ILE C 482 34.48 -6.75 9.37
CA ILE C 482 35.64 -6.65 10.25
C ILE C 482 35.44 -5.40 11.11
N ARG C 483 35.41 -5.59 12.43
CA ARG C 483 35.18 -4.50 13.35
C ARG C 483 36.52 -4.02 13.90
N VAL C 484 36.95 -2.84 13.45
CA VAL C 484 38.13 -2.18 13.97
C VAL C 484 37.74 -1.46 15.25
N PRO C 485 38.38 -1.74 16.38
CA PRO C 485 37.95 -1.14 17.65
C PRO C 485 38.42 0.29 17.82
N GLN C 486 38.17 0.85 19.00
CA GLN C 486 38.61 2.21 19.30
C GLN C 486 40.13 2.25 19.39
N THR C 487 40.74 3.14 18.60
CA THR C 487 42.18 3.32 18.57
C THR C 487 42.54 4.65 19.20
N SER C 488 43.69 4.67 19.89
CA SER C 488 44.17 5.86 20.57
C SER C 488 45.55 6.28 20.04
N SER C 489 45.70 6.26 18.72
CA SER C 489 46.95 6.64 18.09
C SER C 489 46.66 7.36 16.78
N ASN C 490 47.58 8.25 16.42
CA ASN C 490 47.48 9.00 15.16
C ASN C 490 48.14 8.30 13.99
N ILE C 491 48.86 7.20 14.24
CA ILE C 491 49.54 6.49 13.17
C ILE C 491 48.52 5.75 12.32
N GLU C 492 48.59 5.93 11.01
CA GLU C 492 47.69 5.22 10.11
C GLU C 492 47.97 3.73 10.14
N ASN C 493 46.92 2.93 10.01
CA ASN C 493 47.02 1.49 10.06
C ASN C 493 46.64 0.88 8.72
N GLN C 494 47.09 -0.35 8.51
CA GLN C 494 46.83 -1.10 7.29
C GLN C 494 46.35 -2.49 7.67
N ILE C 495 45.14 -2.85 7.26
CA ILE C 495 44.61 -4.18 7.50
C ILE C 495 44.98 -5.06 6.31
N LYS C 496 45.69 -6.16 6.59
CA LYS C 496 46.19 -7.05 5.55
C LYS C 496 45.47 -8.38 5.62
N PHE C 497 44.96 -8.82 4.47
CA PHE C 497 44.35 -10.14 4.30
C PHE C 497 45.30 -10.96 3.43
N LYS C 498 45.82 -12.05 4.00
CA LYS C 498 46.74 -12.93 3.28
C LYS C 498 46.09 -14.29 3.12
N ARG C 499 46.01 -14.76 1.88
CA ARG C 499 45.46 -16.08 1.60
C ARG C 499 46.49 -17.14 1.98
N GLU C 500 46.19 -17.92 3.01
CA GLU C 500 47.12 -18.91 3.54
C GLU C 500 46.76 -20.28 2.98
N GLU C 501 47.71 -20.90 2.27
CA GLU C 501 47.54 -22.24 1.74
C GLU C 501 48.45 -23.25 2.41
N GLY C 502 49.28 -22.84 3.37
CA GLY C 502 50.18 -23.75 4.02
C GLY C 502 49.52 -24.54 5.14
N ASP C 503 50.23 -24.70 6.26
CA ASP C 503 49.72 -25.47 7.39
C ASP C 503 48.87 -24.65 8.34
N LEU C 504 48.78 -23.33 8.14
CA LEU C 504 47.93 -22.50 8.97
C LEU C 504 46.46 -22.89 8.89
N ARG C 505 46.10 -23.79 7.97
CA ARG C 505 44.76 -24.35 7.95
C ARG C 505 44.43 -25.10 9.24
N ASN C 506 45.45 -25.48 10.01
CA ASN C 506 45.20 -26.17 11.28
C ASN C 506 44.44 -25.28 12.25
N LEU C 507 44.77 -23.99 12.29
CA LEU C 507 44.13 -23.05 13.21
C LEU C 507 42.92 -22.38 12.55
N MET C 508 42.00 -23.21 12.08
CA MET C 508 40.80 -22.70 11.42
C MET C 508 39.92 -21.96 12.43
N ASN C 509 39.49 -20.76 12.05
CA ASN C 509 38.57 -19.94 12.85
C ASN C 509 39.11 -19.73 14.27
N SER C 510 40.30 -19.12 14.33
CA SER C 510 40.96 -18.85 15.60
C SER C 510 41.54 -17.45 15.57
N SER C 511 41.97 -16.99 16.73
CA SER C 511 42.59 -15.68 16.89
C SER C 511 43.94 -15.88 17.56
N VAL C 512 45.00 -15.94 16.75
CA VAL C 512 46.33 -16.18 17.29
C VAL C 512 46.76 -14.97 18.11
N ASN C 513 47.01 -15.21 19.40
CA ASN C 513 47.36 -14.17 20.35
C ASN C 513 48.86 -14.20 20.57
N ILE C 514 49.54 -13.10 20.22
CA ILE C 514 50.99 -13.03 20.27
C ILE C 514 51.42 -12.70 21.68
N ILE C 515 52.36 -13.49 22.21
CA ILE C 515 52.95 -13.25 23.52
C ILE C 515 54.37 -12.74 23.31
N ASP C 516 54.65 -11.54 23.78
CA ASP C 516 55.95 -10.91 23.59
C ASP C 516 56.70 -10.63 24.89
N ASN C 517 55.99 -10.47 26.00
CA ASN C 517 56.63 -10.19 27.29
C ASN C 517 57.00 -11.47 28.02
N LEU C 518 57.69 -12.37 27.29
CA LEU C 518 58.17 -13.63 27.84
C LEU C 518 59.69 -13.64 27.66
N ASN C 519 60.40 -13.06 28.63
CA ASN C 519 61.85 -12.95 28.57
C ASN C 519 62.48 -13.28 29.92
N SER C 520 61.79 -14.07 30.74
CA SER C 520 62.29 -14.42 32.07
C SER C 520 61.64 -15.73 32.49
N THR C 521 62.08 -16.24 33.63
CA THR C 521 61.53 -17.46 34.21
C THR C 521 60.45 -17.12 35.24
N GLY C 522 59.75 -18.15 35.69
CA GLY C 522 58.71 -17.98 36.69
C GLY C 522 57.34 -18.40 36.20
N ALA C 523 56.33 -17.56 36.47
CA ALA C 523 54.96 -17.86 36.06
C ALA C 523 54.33 -16.61 35.46
N HIS C 524 53.54 -16.81 34.40
CA HIS C 524 52.85 -15.73 33.74
C HIS C 524 51.40 -16.13 33.52
N TYR C 525 50.51 -15.13 33.54
CA TYR C 525 49.09 -15.36 33.31
C TYR C 525 48.60 -14.39 32.24
N TYR C 526 47.75 -14.90 31.35
CA TYR C 526 47.18 -14.08 30.28
C TYR C 526 45.68 -14.33 30.24
N THR C 527 44.91 -13.27 30.40
CA THR C 527 43.45 -13.36 30.46
C THR C 527 42.86 -12.81 29.17
N ARG C 528 41.95 -13.57 28.57
CA ARG C 528 41.31 -13.19 27.32
C ARG C 528 39.83 -13.51 27.41
N GLN C 529 39.07 -13.01 26.43
CA GLN C 529 37.64 -13.32 26.35
C GLN C 529 37.50 -14.77 25.92
N SER C 530 37.00 -15.62 26.82
CA SER C 530 36.91 -17.04 26.54
C SER C 530 35.92 -17.30 25.41
N PRO C 531 36.27 -18.09 24.42
CA PRO C 531 35.33 -18.44 23.36
C PRO C 531 34.30 -19.46 23.86
N ASP C 532 33.27 -19.66 23.06
CA ASP C 532 32.22 -20.60 23.40
C ASP C 532 32.75 -22.04 23.30
N VAL C 533 31.88 -22.99 23.64
CA VAL C 533 32.25 -24.40 23.54
C VAL C 533 32.48 -24.77 22.09
N HIS C 534 33.45 -25.66 21.85
CA HIS C 534 33.85 -26.09 20.51
C HIS C 534 34.35 -24.92 19.67
N ASP C 535 34.93 -23.91 20.32
CA ASP C 535 35.55 -22.79 19.63
C ASP C 535 37.03 -22.73 20.00
N TYR C 536 37.81 -22.10 19.13
CA TYR C 536 39.26 -22.18 19.20
C TYR C 536 39.86 -20.84 19.62
N ILE C 537 40.93 -20.91 20.41
CA ILE C 537 41.79 -19.78 20.70
C ILE C 537 43.22 -20.24 20.52
N SER C 538 44.13 -19.29 20.33
CA SER C 538 45.51 -19.65 20.07
C SER C 538 46.44 -18.66 20.75
N TYR C 539 47.62 -19.15 21.13
CA TYR C 539 48.67 -18.32 21.71
C TYR C 539 49.99 -18.66 21.04
N GLU C 540 50.56 -17.69 20.33
CA GLU C 540 51.90 -17.82 19.76
C GLU C 540 52.88 -17.16 20.71
N PHE C 541 53.84 -17.96 21.17
CA PHE C 541 54.81 -17.48 22.18
C PHE C 541 56.21 -17.85 21.81
N THR C 542 57.18 -17.30 22.53
CA THR C 542 58.60 -17.64 22.32
C THR C 542 59.26 -17.87 23.67
N ILE C 543 60.23 -18.76 23.75
CA ILE C 543 60.91 -19.24 24.95
C ILE C 543 62.18 -18.42 25.14
N PRO C 544 62.39 -17.80 26.29
CA PRO C 544 63.59 -16.98 26.49
C PRO C 544 64.85 -17.82 26.38
N GLY C 545 65.92 -17.18 25.91
CA GLY C 545 67.19 -17.84 25.70
C GLY C 545 67.49 -18.02 24.22
N ASN C 546 68.78 -18.14 23.92
CA ASN C 546 69.23 -18.30 22.55
C ASN C 546 68.99 -19.72 22.07
N PHE C 547 68.99 -19.92 20.76
CA PHE C 547 68.79 -21.28 20.24
C PHE C 547 70.13 -22.01 20.23
N ASN C 548 70.27 -23.11 20.96
CA ASN C 548 71.45 -23.96 21.03
C ASN C 548 71.13 -25.44 20.87
N ASN C 549 69.90 -25.79 20.48
CA ASN C 549 69.42 -27.17 20.41
C ASN C 549 69.49 -27.88 21.75
N LYS C 550 69.72 -27.14 22.84
CA LYS C 550 69.78 -27.71 24.18
C LYS C 550 69.01 -26.80 25.14
N ASP C 551 69.19 -27.02 26.45
CA ASP C 551 68.57 -26.20 27.48
C ASP C 551 67.04 -26.23 27.36
N THR C 552 66.49 -27.44 27.42
CA THR C 552 65.06 -27.63 27.31
C THR C 552 64.40 -27.20 28.61
N SER C 553 63.88 -25.97 28.63
CA SER C 553 63.19 -25.47 29.81
C SER C 553 61.90 -26.24 30.04
N ASN C 554 61.49 -26.34 31.31
CA ASN C 554 60.24 -26.98 31.65
C ASN C 554 59.11 -25.97 31.48
N ILE C 555 58.15 -26.31 30.62
CA ILE C 555 57.01 -25.44 30.32
C ILE C 555 55.75 -26.15 30.79
N ARG C 556 54.97 -25.46 31.63
CA ARG C 556 53.72 -25.99 32.16
C ARG C 556 52.60 -25.06 31.73
N LEU C 557 51.78 -25.51 30.79
CA LEU C 557 50.65 -24.73 30.30
C LEU C 557 49.37 -25.28 30.90
N TYR C 558 48.62 -24.42 31.59
CA TYR C 558 47.35 -24.84 32.16
C TYR C 558 46.39 -23.67 32.17
N THR C 559 45.21 -23.89 32.73
CA THR C 559 44.17 -22.87 32.84
C THR C 559 43.65 -22.86 34.28
N SER C 560 42.76 -21.93 34.58
CA SER C 560 42.26 -21.74 35.93
C SER C 560 40.85 -22.23 36.14
N TYR C 561 39.91 -21.82 35.28
CA TYR C 561 38.52 -22.22 35.41
C TYR C 561 38.03 -23.07 34.24
N ASN C 562 38.26 -22.63 33.01
CA ASN C 562 37.73 -23.33 31.86
C ASN C 562 38.57 -24.56 31.53
N GLN C 563 37.90 -25.59 31.01
CA GLN C 563 38.55 -26.82 30.59
C GLN C 563 38.61 -26.85 29.07
N GLY C 564 39.78 -27.12 28.53
CA GLY C 564 39.97 -27.11 27.09
C GLY C 564 40.99 -28.14 26.66
N ILE C 565 40.78 -28.68 25.46
CA ILE C 565 41.75 -29.57 24.84
C ILE C 565 42.83 -28.72 24.21
N GLY C 566 44.09 -29.00 24.55
CA GLY C 566 45.22 -28.20 24.10
C GLY C 566 46.11 -29.00 23.17
N THR C 567 46.62 -28.32 22.14
CA THR C 567 47.56 -28.90 21.20
C THR C 567 48.74 -27.95 21.05
N LEU C 568 49.94 -28.47 20.81
CA LEU C 568 51.13 -27.59 20.72
C LEU C 568 51.77 -27.84 19.37
N PHE C 569 52.39 -26.82 18.79
CA PHE C 569 52.98 -26.94 17.44
C PHE C 569 54.32 -26.25 17.53
N ARG C 570 55.21 -26.42 16.56
CA ARG C 570 56.56 -25.85 16.76
C ARG C 570 56.83 -24.63 15.88
N VAL C 571 56.18 -24.51 14.73
CA VAL C 571 56.29 -23.28 13.86
C VAL C 571 57.63 -23.14 13.14
N THR C 572 57.58 -23.15 11.81
CA THR C 572 58.82 -22.90 11.05
C THR C 572 58.45 -21.86 10.04
N GLU C 573 59.07 -20.69 10.09
CA GLU C 573 58.77 -19.53 9.25
C GLU C 573 59.54 -19.65 7.94
N THR C 574 58.82 -19.60 6.82
CA THR C 574 59.40 -19.64 5.49
C THR C 574 58.93 -18.43 4.68
N ILE C 575 59.31 -18.41 3.40
CA ILE C 575 58.83 -17.37 2.51
C ILE C 575 57.34 -17.51 2.26
N ASP C 576 56.83 -18.75 2.21
CA ASP C 576 55.42 -18.98 1.93
C ASP C 576 54.55 -18.94 3.18
N GLY C 577 55.13 -18.93 4.37
CA GLY C 577 54.34 -18.86 5.58
C GLY C 577 54.80 -19.77 6.69
N TYR C 578 53.85 -20.51 7.28
CA TYR C 578 54.12 -21.32 8.47
C TYR C 578 53.89 -22.79 8.16
N ASN C 579 54.71 -23.64 8.77
CA ASN C 579 54.61 -25.09 8.61
C ASN C 579 54.42 -25.71 10.00
N LEU C 580 53.16 -25.89 10.40
CA LEU C 580 52.85 -26.38 11.72
C LEU C 580 53.42 -27.80 11.91
N ILE C 581 54.15 -28.01 13.02
CA ILE C 581 54.76 -29.34 13.34
C ILE C 581 54.15 -29.88 14.64
N ASN C 582 53.33 -30.92 14.59
CA ASN C 582 52.63 -31.44 15.75
C ASN C 582 53.63 -31.89 16.82
N ILE C 583 53.38 -31.49 18.07
CA ILE C 583 54.30 -31.82 19.21
C ILE C 583 53.52 -32.58 20.29
N GLN C 584 52.37 -32.10 20.73
CA GLN C 584 51.51 -32.75 21.70
C GLN C 584 50.05 -32.52 21.34
N GLN C 585 49.21 -33.52 21.61
CA GLN C 585 47.79 -33.45 21.29
C GLN C 585 46.99 -34.03 22.44
N ASN C 586 45.71 -33.66 22.49
CA ASN C 586 44.76 -34.20 23.45
C ASN C 586 45.22 -33.97 24.89
N LEU C 587 45.51 -32.71 25.20
CA LEU C 587 45.89 -32.30 26.53
C LEU C 587 44.64 -31.94 27.34
N ASN C 588 44.85 -31.65 28.62
CA ASN C 588 43.77 -31.23 29.51
C ASN C 588 44.32 -30.07 30.34
N LEU C 589 43.98 -28.85 29.92
CA LEU C 589 44.58 -27.65 30.51
C LEU C 589 44.03 -27.31 31.89
N LEU C 590 42.81 -27.74 32.22
CA LEU C 590 42.20 -27.34 33.48
C LEU C 590 43.01 -27.88 34.66
N ASN C 591 43.72 -26.99 35.34
CA ASN C 591 44.56 -27.34 36.48
C ASN C 591 45.56 -28.44 36.12
N SER C 592 46.15 -28.35 34.94
CA SER C 592 47.15 -29.33 34.53
C SER C 592 48.41 -29.17 35.37
N THR C 593 49.01 -30.31 35.73
CA THR C 593 50.21 -30.34 36.57
C THR C 593 51.37 -31.05 35.87
N LYS C 594 51.34 -31.10 34.55
CA LYS C 594 52.38 -31.74 33.77
C LYS C 594 53.18 -30.71 33.00
N SER C 595 54.47 -30.95 32.85
CA SER C 595 55.37 -30.04 32.16
C SER C 595 56.02 -30.73 30.97
N ILE C 596 56.64 -29.92 30.12
CA ILE C 596 57.30 -30.39 28.91
C ILE C 596 58.72 -29.85 28.89
N ARG C 597 59.69 -30.73 28.68
CA ARG C 597 61.08 -30.32 28.46
C ARG C 597 61.19 -29.84 27.03
N LEU C 598 61.01 -28.53 26.84
CA LEU C 598 60.81 -27.94 25.54
C LEU C 598 61.93 -26.96 25.22
N LEU C 599 62.24 -26.83 23.93
CA LEU C 599 63.41 -26.09 23.48
C LEU C 599 63.29 -24.60 23.82
N ASN C 600 64.43 -23.92 23.82
CA ASN C 600 64.51 -22.49 24.10
C ASN C 600 64.87 -21.74 22.83
N GLY C 601 64.27 -20.55 22.67
CA GLY C 601 64.52 -19.74 21.47
C GLY C 601 63.55 -20.03 20.35
N ALA C 602 62.82 -21.14 20.45
CA ALA C 602 61.93 -21.53 19.34
C ALA C 602 60.62 -20.77 19.46
N ILE C 603 59.76 -20.85 18.43
CA ILE C 603 58.50 -20.07 18.44
C ILE C 603 57.35 -21.05 18.33
N TYR C 604 56.65 -21.30 19.42
CA TYR C 604 55.59 -22.32 19.40
C TYR C 604 54.24 -21.70 19.37
N ILE C 605 53.20 -22.47 19.13
CA ILE C 605 51.78 -22.10 19.04
C ILE C 605 50.97 -23.11 19.83
N LEU C 606 50.20 -22.63 20.79
CA LEU C 606 49.31 -23.48 21.58
C LEU C 606 47.87 -23.19 21.18
N LYS C 607 47.16 -24.22 20.72
CA LYS C 607 45.78 -24.09 20.29
C LYS C 607 44.87 -24.74 21.33
N VAL C 608 43.87 -24.00 21.79
CA VAL C 608 42.97 -24.44 22.84
C VAL C 608 41.56 -24.48 22.29
N GLU C 609 40.90 -25.62 22.46
CA GLU C 609 39.48 -25.78 22.13
C GLU C 609 38.73 -25.95 23.44
N VAL C 610 37.95 -24.94 23.80
CA VAL C 610 37.24 -24.94 25.09
C VAL C 610 36.11 -25.95 25.03
N THR C 611 36.16 -26.96 25.88
CA THR C 611 35.13 -27.98 25.94
C THR C 611 34.22 -27.82 27.15
N GLU C 612 34.47 -26.82 28.00
CA GLU C 612 33.66 -26.58 29.19
C GLU C 612 33.77 -25.11 29.56
N LEU C 613 32.67 -24.38 29.48
CA LEU C 613 32.65 -22.95 29.76
C LEU C 613 32.20 -22.73 31.19
N ASN C 614 33.12 -22.36 32.07
CA ASN C 614 32.82 -22.08 33.46
C ASN C 614 32.98 -20.62 33.83
N ASN C 615 33.87 -19.88 33.16
CA ASN C 615 34.08 -18.47 33.42
C ASN C 615 34.01 -17.69 32.12
N TYR C 616 33.57 -16.44 32.23
CA TYR C 616 33.46 -15.59 31.04
C TYR C 616 34.83 -15.33 30.43
N ASN C 617 35.85 -15.17 31.27
CA ASN C 617 37.21 -14.89 30.83
C ASN C 617 38.08 -16.12 31.02
N ILE C 618 38.80 -16.50 29.97
CA ILE C 618 39.77 -17.59 30.05
C ILE C 618 41.08 -17.03 30.54
N LYS C 619 41.82 -17.84 31.29
CA LYS C 619 43.05 -17.41 31.97
C LYS C 619 44.10 -18.49 31.75
N LEU C 620 45.00 -18.27 30.81
CA LEU C 620 46.05 -19.22 30.50
C LEU C 620 47.27 -18.93 31.37
N HIS C 621 47.71 -19.98 32.04
CA HIS C 621 48.90 -19.84 32.92
C HIS C 621 50.05 -20.59 32.27
N ILE C 622 51.18 -19.94 32.14
CA ILE C 622 52.39 -20.55 31.60
C ILE C 622 53.46 -20.45 32.68
N ASP C 623 53.89 -21.61 33.19
CA ASP C 623 54.95 -21.69 34.20
C ASP C 623 56.21 -22.19 33.51
N ILE C 624 57.21 -21.33 33.40
CA ILE C 624 58.46 -21.66 32.74
C ILE C 624 59.56 -21.73 33.79
N THR C 625 60.34 -22.81 33.74
CA THR C 625 61.44 -23.00 34.68
C THR C 625 62.66 -23.51 33.91
N ASN C 626 63.83 -23.21 34.46
CA ASN C 626 65.08 -23.63 33.82
C ASN C 626 65.29 -25.13 33.97
N ILE D 23 -56.21 -29.14 -18.74
CA ILE D 23 -56.04 -29.06 -17.30
C ILE D 23 -57.40 -29.12 -16.61
N ASP D 24 -57.39 -29.54 -15.35
CA ASP D 24 -58.62 -29.65 -14.56
C ASP D 24 -58.82 -28.40 -13.72
N LEU D 25 -59.15 -27.30 -14.42
CA LEU D 25 -59.36 -26.02 -13.78
C LEU D 25 -60.49 -25.29 -14.49
N ALA D 26 -61.08 -24.33 -13.77
CA ALA D 26 -62.14 -23.51 -14.35
C ALA D 26 -61.55 -22.48 -15.31
N ASP D 27 -62.43 -21.92 -16.14
CA ASP D 27 -62.01 -20.91 -17.09
C ASP D 27 -61.56 -19.65 -16.37
N GLY D 28 -60.50 -19.02 -16.87
CA GLY D 28 -60.00 -17.79 -16.29
C GLY D 28 -58.50 -17.72 -16.44
N ASN D 29 -57.89 -16.97 -15.52
CA ASN D 29 -56.44 -16.81 -15.47
C ASN D 29 -55.92 -17.29 -14.13
N TYR D 30 -54.79 -17.98 -14.16
CA TYR D 30 -54.18 -18.52 -12.96
C TYR D 30 -52.70 -18.15 -12.93
N VAL D 31 -52.18 -17.98 -11.72
CA VAL D 31 -50.76 -17.80 -11.48
C VAL D 31 -50.25 -19.00 -10.69
N VAL D 32 -49.20 -19.63 -11.20
CA VAL D 32 -48.73 -20.92 -10.70
C VAL D 32 -47.25 -20.81 -10.36
N SER D 33 -46.88 -21.34 -9.21
CA SER D 33 -45.50 -21.61 -8.86
C SER D 33 -45.27 -23.10 -8.99
N ARG D 34 -44.28 -23.48 -9.79
CA ARG D 34 -43.91 -24.87 -10.02
C ARG D 34 -42.70 -25.28 -9.20
N GLY D 35 -42.40 -24.55 -8.13
CA GLY D 35 -41.29 -24.88 -7.27
C GLY D 35 -39.96 -24.44 -7.85
N ASP D 36 -38.95 -24.46 -6.98
CA ASP D 36 -37.60 -24.14 -7.38
C ASP D 36 -36.83 -25.42 -7.69
N GLY D 37 -35.73 -25.26 -8.40
CA GLY D 37 -34.96 -26.41 -8.85
C GLY D 37 -35.14 -26.65 -10.33
N TRP D 38 -35.27 -25.58 -11.09
CA TRP D 38 -35.42 -25.65 -12.53
C TRP D 38 -34.08 -25.32 -13.18
N ILE D 39 -33.59 -26.23 -14.03
CA ILE D 39 -32.33 -26.06 -14.72
C ILE D 39 -32.61 -25.58 -16.14
N LEU D 40 -32.04 -24.44 -16.50
CA LEU D 40 -32.27 -23.88 -17.83
C LEU D 40 -31.48 -24.66 -18.88
N SER D 41 -31.98 -24.61 -20.11
CA SER D 41 -31.35 -25.34 -21.20
C SER D 41 -30.15 -24.58 -21.74
N ARG D 42 -29.17 -25.34 -22.23
CA ARG D 42 -27.92 -24.83 -22.80
C ARG D 42 -27.06 -24.08 -21.79
N GLN D 43 -27.49 -24.01 -20.53
CA GLN D 43 -26.72 -23.36 -19.47
C GLN D 43 -26.34 -24.43 -18.47
N ASN D 44 -25.25 -25.14 -18.77
CA ASN D 44 -24.71 -26.15 -17.87
C ASN D 44 -23.30 -25.81 -17.41
N GLN D 45 -22.39 -25.56 -18.34
CA GLN D 45 -21.04 -25.12 -18.01
C GLN D 45 -20.94 -23.66 -18.41
N ILE D 46 -21.41 -22.79 -17.51
CA ILE D 46 -21.34 -21.35 -17.70
C ILE D 46 -20.50 -20.69 -16.63
N LEU D 47 -20.71 -21.07 -15.36
CA LEU D 47 -19.89 -20.56 -14.28
C LEU D 47 -18.53 -21.26 -14.22
N GLY D 48 -18.48 -22.53 -14.57
CA GLY D 48 -17.24 -23.28 -14.63
C GLY D 48 -17.35 -24.59 -13.89
N GLY D 49 -16.20 -25.24 -13.73
CA GLY D 49 -16.13 -26.52 -13.04
C GLY D 49 -14.77 -26.71 -12.40
N SER D 50 -14.66 -27.80 -11.64
CA SER D 50 -13.46 -28.10 -10.88
C SER D 50 -13.06 -29.56 -11.09
N VAL D 51 -11.75 -29.80 -11.09
CA VAL D 51 -11.18 -31.13 -11.22
C VAL D 51 -10.34 -31.41 -9.99
N ILE D 52 -10.61 -32.53 -9.33
CA ILE D 52 -9.87 -32.95 -8.14
C ILE D 52 -9.37 -34.36 -8.35
N SER D 53 -8.13 -34.63 -7.91
CA SER D 53 -7.43 -35.84 -8.31
C SER D 53 -7.59 -37.00 -7.32
N ASN D 54 -7.11 -36.82 -6.09
CA ASN D 54 -7.01 -37.94 -5.17
C ASN D 54 -7.23 -37.44 -3.75
N GLY D 55 -8.36 -37.80 -3.15
CA GLY D 55 -8.67 -37.41 -1.79
C GLY D 55 -8.97 -35.96 -1.58
N SER D 56 -8.76 -35.10 -2.58
CA SER D 56 -9.06 -33.69 -2.44
C SER D 56 -10.56 -33.47 -2.35
N THR D 57 -10.95 -32.44 -1.63
CA THR D 57 -12.34 -32.04 -1.49
C THR D 57 -12.55 -30.74 -2.25
N GLY D 58 -13.42 -30.77 -3.25
CA GLY D 58 -13.77 -29.57 -4.00
C GLY D 58 -15.07 -28.99 -3.47
N ILE D 59 -15.03 -27.70 -3.15
CA ILE D 59 -16.15 -26.99 -2.57
C ILE D 59 -16.43 -25.80 -3.47
N VAL D 60 -17.38 -25.95 -4.39
CA VAL D 60 -17.73 -24.89 -5.34
C VAL D 60 -19.08 -24.33 -4.95
N GLY D 61 -19.11 -23.05 -4.60
CA GLY D 61 -20.34 -22.41 -4.16
C GLY D 61 -20.50 -21.01 -4.70
N ASP D 62 -21.36 -20.22 -4.06
CA ASP D 62 -21.62 -18.87 -4.50
C ASP D 62 -21.94 -18.00 -3.30
N LEU D 63 -21.73 -16.70 -3.45
CA LEU D 63 -22.01 -15.73 -2.40
C LEU D 63 -22.41 -14.41 -3.05
N ARG D 64 -23.65 -14.00 -2.83
CA ARG D 64 -24.17 -12.80 -3.47
C ARG D 64 -24.82 -11.85 -2.47
N ILE D 70 -31.16 -11.51 -11.31
CA ILE D 70 -31.88 -10.90 -12.43
C ILE D 70 -32.87 -11.91 -13.02
N PRO D 71 -34.16 -11.65 -12.84
CA PRO D 71 -35.18 -12.59 -13.33
C PRO D 71 -35.23 -12.58 -14.85
N TYR D 72 -35.57 -13.75 -15.41
CA TYR D 72 -35.75 -13.89 -16.85
C TYR D 72 -37.24 -13.88 -17.16
N TYR D 73 -37.64 -12.98 -18.05
CA TYR D 73 -39.04 -12.77 -18.40
C TYR D 73 -39.33 -13.42 -19.74
N TYR D 74 -40.50 -14.02 -19.89
CA TYR D 74 -40.90 -14.60 -21.19
C TYR D 74 -42.35 -14.27 -21.41
N PRO D 75 -42.69 -13.03 -21.77
CA PRO D 75 -44.09 -12.65 -21.86
C PRO D 75 -44.96 -13.23 -22.95
N THR D 76 -46.24 -12.88 -22.99
CA THR D 76 -47.18 -13.31 -24.04
C THR D 76 -48.09 -12.13 -24.32
N PRO D 77 -48.66 -11.95 -25.52
CA PRO D 77 -49.42 -10.73 -25.87
C PRO D 77 -50.43 -10.34 -24.81
N SER D 78 -51.08 -11.30 -24.16
CA SER D 78 -52.05 -10.99 -23.12
C SER D 78 -51.41 -10.60 -21.79
N PHE D 79 -50.30 -11.22 -21.42
CA PHE D 79 -49.62 -10.94 -20.16
C PHE D 79 -48.28 -10.27 -20.45
N ASN D 80 -48.18 -8.98 -20.14
CA ASN D 80 -46.92 -8.27 -20.31
C ASN D 80 -46.06 -8.42 -19.05
N GLU D 81 -44.92 -7.72 -19.03
CA GLU D 81 -44.00 -7.83 -17.90
C GLU D 81 -44.64 -7.34 -16.61
N GLU D 82 -45.33 -6.20 -16.66
CA GLU D 82 -45.89 -5.63 -15.44
C GLU D 82 -46.98 -6.53 -14.86
N TYR D 83 -47.79 -7.15 -15.72
CA TYR D 83 -48.81 -8.08 -15.24
C TYR D 83 -48.18 -9.22 -14.45
N ILE D 84 -47.17 -9.87 -15.03
CA ILE D 84 -46.51 -10.99 -14.37
C ILE D 84 -45.88 -10.54 -13.08
N LYS D 85 -45.17 -9.42 -13.10
CA LYS D 85 -44.49 -8.93 -11.91
C LYS D 85 -45.49 -8.65 -10.80
N ASN D 86 -46.57 -7.93 -11.11
CA ASN D 86 -47.55 -7.58 -10.10
C ASN D 86 -48.21 -8.81 -9.51
N ASN D 87 -48.60 -9.76 -10.36
CA ASN D 87 -49.24 -10.97 -9.84
C ASN D 87 -48.30 -11.77 -8.97
N ILE D 88 -47.04 -11.92 -9.39
CA ILE D 88 -46.07 -12.69 -8.60
C ILE D 88 -45.83 -12.02 -7.25
N GLN D 89 -45.66 -10.70 -7.24
CA GLN D 89 -45.46 -10.00 -5.98
C GLN D 89 -46.69 -10.13 -5.08
N THR D 90 -47.88 -10.06 -5.68
CA THR D 90 -49.10 -10.14 -4.89
C THR D 90 -49.24 -11.50 -4.22
N VAL D 91 -48.97 -12.58 -4.96
CA VAL D 91 -49.24 -13.91 -4.42
C VAL D 91 -48.00 -14.50 -3.74
N PHE D 92 -46.93 -14.67 -4.51
CA PHE D 92 -45.76 -15.41 -4.05
C PHE D 92 -44.70 -14.46 -3.50
N ALA D 93 -43.50 -15.00 -3.27
CA ALA D 93 -42.44 -14.23 -2.63
C ALA D 93 -42.03 -13.05 -3.49
N ASN D 94 -41.82 -11.91 -2.84
CA ASN D 94 -41.40 -10.68 -3.52
C ASN D 94 -39.94 -10.84 -3.92
N PHE D 95 -39.70 -11.14 -5.21
CA PHE D 95 -38.34 -11.38 -5.65
C PHE D 95 -37.54 -10.09 -5.76
N THR D 96 -38.21 -8.97 -6.02
CA THR D 96 -37.51 -7.69 -6.08
C THR D 96 -36.89 -7.34 -4.72
N GLU D 97 -37.64 -7.55 -3.64
CA GLU D 97 -37.10 -7.33 -2.31
C GLU D 97 -36.15 -8.45 -1.89
N ALA D 98 -36.44 -9.68 -2.29
CA ALA D 98 -35.59 -10.81 -1.94
C ALA D 98 -34.22 -10.71 -2.59
N ASN D 99 -34.11 -10.03 -3.73
CA ASN D 99 -32.81 -9.83 -4.36
C ASN D 99 -31.88 -8.95 -3.53
N GLN D 100 -32.42 -8.21 -2.56
CA GLN D 100 -31.59 -7.39 -1.70
C GLN D 100 -30.85 -8.22 -0.65
N ILE D 101 -31.47 -9.30 -0.16
CA ILE D 101 -30.83 -10.15 0.83
C ILE D 101 -29.85 -11.09 0.12
N PRO D 102 -28.77 -11.51 0.77
CA PRO D 102 -27.81 -12.42 0.14
C PRO D 102 -28.13 -13.88 0.44
N ILE D 103 -27.41 -14.76 -0.26
CA ILE D 103 -27.55 -16.20 -0.15
C ILE D 103 -26.19 -16.86 -0.37
N GLY D 104 -26.14 -18.17 -0.15
CA GLY D 104 -24.91 -18.91 -0.36
C GLY D 104 -25.15 -20.40 -0.27
N PHE D 105 -24.20 -21.16 -0.82
CA PHE D 105 -24.21 -22.61 -0.75
C PHE D 105 -22.80 -23.11 -0.99
N GLU D 106 -22.55 -24.38 -0.61
CA GLU D 106 -21.21 -24.92 -0.62
C GLU D 106 -21.02 -26.05 -1.61
N PHE D 107 -21.80 -27.13 -1.52
CA PHE D 107 -21.70 -28.27 -2.42
C PHE D 107 -20.30 -28.88 -2.42
N SER D 108 -19.92 -29.43 -1.26
CA SER D 108 -18.64 -30.12 -1.14
C SER D 108 -18.72 -31.52 -1.74
N LYS D 109 -17.63 -31.96 -2.36
CA LYS D 109 -17.55 -33.29 -2.94
C LYS D 109 -16.11 -33.79 -2.88
N THR D 110 -15.93 -35.03 -2.45
CA THR D 110 -14.62 -35.62 -2.30
C THR D 110 -14.31 -36.57 -3.44
N ALA D 111 -13.04 -36.58 -3.86
CA ALA D 111 -12.59 -37.42 -4.95
C ALA D 111 -12.34 -38.86 -4.47
N PRO D 112 -12.45 -39.85 -5.37
CA PRO D 112 -12.16 -41.23 -4.97
C PRO D 112 -10.69 -41.47 -4.69
N SER D 113 -10.33 -42.72 -4.38
CA SER D 113 -8.95 -43.04 -4.04
C SER D 113 -8.02 -42.76 -5.22
N ASN D 114 -8.19 -43.48 -6.32
CA ASN D 114 -7.38 -43.29 -7.54
C ASN D 114 -8.32 -43.17 -8.74
N LYS D 115 -8.82 -41.96 -8.96
CA LYS D 115 -9.66 -41.63 -10.10
C LYS D 115 -9.91 -40.13 -10.11
N ASN D 116 -10.03 -39.52 -11.28
CA ASN D 116 -10.24 -38.08 -11.33
C ASN D 116 -11.72 -37.77 -11.16
N LEU D 117 -12.01 -36.61 -10.58
CA LEU D 117 -13.38 -36.19 -10.32
C LEU D 117 -13.59 -34.81 -10.92
N TYR D 118 -14.65 -34.64 -11.69
CA TYR D 118 -14.99 -33.35 -12.30
C TYR D 118 -16.40 -32.97 -11.88
N MET D 119 -16.54 -31.79 -11.27
CA MET D 119 -17.85 -31.32 -10.83
C MET D 119 -18.07 -29.91 -11.35
N TYR D 120 -19.25 -29.66 -11.92
CA TYR D 120 -19.56 -28.35 -12.46
C TYR D 120 -20.88 -27.86 -11.88
N LEU D 121 -20.99 -26.54 -11.75
CA LEU D 121 -22.08 -25.90 -11.02
C LEU D 121 -22.94 -25.07 -11.98
N GLN D 122 -24.26 -25.18 -11.80
CA GLN D 122 -25.24 -24.37 -12.52
C GLN D 122 -26.24 -23.81 -11.52
N TYR D 123 -27.08 -22.91 -12.00
CA TYR D 123 -28.07 -22.26 -11.17
C TYR D 123 -29.42 -22.96 -11.29
N THR D 124 -30.11 -23.11 -10.16
CA THR D 124 -31.49 -23.58 -10.12
C THR D 124 -32.39 -22.40 -9.86
N TYR D 125 -33.44 -22.27 -10.67
CA TYR D 125 -34.35 -21.14 -10.65
C TYR D 125 -35.71 -21.58 -10.12
N ILE D 126 -36.61 -20.61 -10.01
CA ILE D 126 -38.01 -20.85 -9.66
C ILE D 126 -38.85 -20.50 -10.87
N ARG D 127 -39.67 -21.45 -11.33
CA ARG D 127 -40.49 -21.26 -12.51
C ARG D 127 -41.87 -20.78 -12.11
N TYR D 128 -42.20 -19.54 -12.46
CA TYR D 128 -43.50 -18.96 -12.23
C TYR D 128 -44.24 -18.86 -13.56
N GLU D 129 -45.35 -19.58 -13.68
CA GLU D 129 -46.15 -19.56 -14.89
C GLU D 129 -47.41 -18.73 -14.66
N ILE D 130 -47.91 -18.13 -15.74
CA ILE D 130 -49.20 -17.44 -15.73
C ILE D 130 -50.00 -18.01 -16.89
N ILE D 131 -51.02 -18.79 -16.57
CA ILE D 131 -51.75 -19.54 -17.59
C ILE D 131 -53.14 -18.93 -17.76
N LYS D 132 -53.66 -19.03 -18.98
CA LYS D 132 -55.02 -18.63 -19.30
C LYS D 132 -55.78 -19.89 -19.69
N VAL D 133 -56.56 -20.41 -18.76
CA VAL D 133 -57.27 -21.68 -18.97
C VAL D 133 -58.62 -21.38 -19.60
N LEU D 134 -58.81 -21.88 -20.81
CA LEU D 134 -60.08 -21.80 -21.51
C LEU D 134 -60.63 -23.22 -21.68
N GLN D 135 -61.91 -23.40 -21.36
CA GLN D 135 -62.52 -24.72 -21.32
C GLN D 135 -61.74 -25.63 -20.37
N HIS D 136 -60.96 -26.54 -20.93
CA HIS D 136 -60.15 -27.44 -20.11
C HIS D 136 -58.79 -27.68 -20.76
N ILE D 138 -55.14 -25.03 -21.44
CA ILE D 138 -54.13 -23.97 -21.38
C ILE D 138 -53.89 -23.39 -22.76
N ILE D 139 -54.46 -22.21 -23.02
CA ILE D 139 -54.30 -21.55 -24.30
C ILE D 139 -53.23 -20.47 -24.29
N GLU D 140 -52.66 -20.16 -23.12
CA GLU D 140 -51.61 -19.16 -23.03
C GLU D 140 -50.76 -19.48 -21.82
N ARG D 141 -49.47 -19.12 -21.86
CA ARG D 141 -48.57 -19.35 -20.71
C ARG D 141 -47.48 -18.32 -20.79
N ALA D 142 -47.13 -17.71 -19.68
CA ALA D 142 -45.96 -16.83 -19.64
C ALA D 142 -45.08 -17.39 -18.55
N VAL D 143 -43.78 -17.21 -18.60
CA VAL D 143 -42.90 -17.86 -17.60
C VAL D 143 -41.97 -16.80 -17.05
N LEU D 144 -41.70 -16.82 -15.77
CA LEU D 144 -40.76 -15.98 -15.04
C LEU D 144 -39.78 -16.88 -14.31
N TYR D 145 -38.49 -16.65 -14.50
CA TYR D 145 -37.44 -17.42 -13.85
C TYR D 145 -36.73 -16.54 -12.85
N VAL D 146 -36.73 -16.95 -11.59
CA VAL D 146 -36.07 -16.22 -10.51
C VAL D 146 -34.93 -17.09 -9.97
N PRO D 147 -33.69 -16.63 -10.01
CA PRO D 147 -32.56 -17.48 -9.57
C PRO D 147 -32.66 -17.79 -8.09
N SER D 148 -32.78 -19.08 -7.77
CA SER D 148 -32.94 -19.52 -6.40
C SER D 148 -31.62 -19.95 -5.75
N LEU D 149 -31.00 -21.00 -6.27
CA LEU D 149 -29.86 -21.61 -5.59
C LEU D 149 -28.96 -22.24 -6.65
N GLY D 150 -28.10 -23.17 -6.24
CA GLY D 150 -27.19 -23.85 -7.13
C GLY D 150 -27.44 -25.34 -7.22
N TYR D 151 -26.70 -25.98 -8.13
CA TYR D 151 -26.74 -27.42 -8.33
C TYR D 151 -25.41 -27.85 -8.93
N VAL D 152 -24.83 -28.91 -8.37
CA VAL D 152 -23.51 -29.39 -8.79
C VAL D 152 -23.66 -30.80 -9.34
N LYS D 153 -23.19 -30.99 -10.57
CA LYS D 153 -23.17 -32.30 -11.21
C LYS D 153 -21.74 -32.78 -11.30
N SER D 154 -21.47 -33.98 -10.81
CA SER D 154 -20.13 -34.51 -10.73
C SER D 154 -20.05 -35.87 -11.40
N ILE D 155 -18.88 -36.17 -11.95
CA ILE D 155 -18.61 -37.46 -12.59
C ILE D 155 -17.18 -37.88 -12.28
N GLU D 156 -16.99 -39.18 -12.15
CA GLU D 156 -15.68 -39.78 -11.93
C GLU D 156 -15.16 -40.30 -13.28
N PHE D 157 -13.97 -39.85 -13.66
CA PHE D 157 -13.44 -40.13 -14.98
C PHE D 157 -11.95 -40.45 -14.89
N ASN D 158 -11.46 -41.05 -15.97
CA ASN D 158 -10.08 -41.43 -16.25
C ASN D 158 -9.61 -40.70 -17.50
N PRO D 159 -8.31 -40.51 -17.68
CA PRO D 159 -7.83 -39.83 -18.88
C PRO D 159 -8.23 -40.56 -20.14
N GLY D 160 -8.62 -39.80 -21.16
CA GLY D 160 -9.02 -40.38 -22.43
C GLY D 160 -10.30 -41.18 -22.40
N GLU D 161 -11.22 -40.86 -21.48
CA GLU D 161 -12.49 -41.56 -21.36
C GLU D 161 -13.59 -40.73 -22.02
N LYS D 162 -14.40 -41.38 -22.85
CA LYS D 162 -15.50 -40.70 -23.52
C LYS D 162 -16.69 -40.61 -22.58
N ILE D 163 -17.31 -39.43 -22.53
CA ILE D 163 -18.46 -39.17 -21.68
C ILE D 163 -19.60 -38.68 -22.57
N ASN D 164 -20.78 -39.27 -22.40
CA ASN D 164 -21.92 -38.94 -23.24
C ASN D 164 -22.34 -37.49 -23.05
N LYS D 165 -22.80 -36.87 -24.14
CA LYS D 165 -23.15 -35.47 -24.12
C LYS D 165 -24.35 -35.15 -23.24
N ASP D 166 -25.10 -36.16 -22.80
CA ASP D 166 -26.21 -35.91 -21.89
C ASP D 166 -25.75 -35.35 -20.56
N PHE D 167 -24.53 -35.70 -20.12
CA PHE D 167 -24.01 -35.18 -18.87
C PHE D 167 -23.59 -33.73 -18.97
N TYR D 168 -23.22 -33.27 -20.17
CA TYR D 168 -22.73 -31.92 -20.36
C TYR D 168 -23.78 -30.94 -20.85
N PHE D 169 -24.78 -31.42 -21.58
CA PHE D 169 -25.74 -30.55 -22.26
C PHE D 169 -27.15 -30.87 -21.79
N LEU D 170 -27.99 -29.84 -21.73
CA LEU D 170 -29.40 -29.98 -21.42
C LEU D 170 -30.20 -29.32 -22.53
N THR D 171 -30.95 -30.13 -23.29
CA THR D 171 -31.68 -29.58 -24.43
C THR D 171 -32.89 -28.78 -24.00
N ASN D 172 -33.60 -29.25 -22.97
CA ASN D 172 -34.83 -28.62 -22.52
C ASN D 172 -34.77 -28.33 -21.03
N ASP D 173 -35.40 -27.22 -20.64
CA ASP D 173 -35.50 -26.88 -19.23
C ASP D 173 -36.31 -27.93 -18.49
N LYS D 174 -35.82 -28.35 -17.32
CA LYS D 174 -36.45 -29.41 -16.56
C LYS D 174 -36.25 -29.16 -15.07
N CYS D 175 -37.08 -29.80 -14.26
CA CYS D 175 -36.97 -29.71 -12.82
C CYS D 175 -36.24 -30.93 -12.26
N ILE D 176 -35.35 -30.68 -11.30
CA ILE D 176 -34.58 -31.75 -10.69
C ILE D 176 -35.10 -32.02 -9.29
N LEU D 177 -35.66 -30.99 -8.67
CA LEU D 177 -36.18 -31.08 -7.32
C LEU D 177 -37.66 -31.45 -7.34
N ASN D 178 -38.32 -31.28 -6.20
CA ASN D 178 -39.73 -31.63 -6.07
C ASN D 178 -40.58 -30.90 -7.09
N GLU D 179 -41.67 -31.54 -7.51
CA GLU D 179 -42.58 -31.00 -8.51
C GLU D 179 -43.85 -30.58 -7.79
N GLN D 180 -44.18 -29.29 -7.87
CA GLN D 180 -45.38 -28.74 -7.26
C GLN D 180 -46.12 -27.87 -8.28
N PHE D 181 -47.39 -27.62 -8.01
CA PHE D 181 -48.23 -26.83 -8.91
C PHE D 181 -49.08 -25.84 -8.13
N LEU D 182 -48.46 -25.08 -7.24
CA LEU D 182 -49.20 -24.16 -6.39
C LEU D 182 -49.85 -23.07 -7.23
N TYR D 183 -51.18 -23.10 -7.35
CA TYR D 183 -51.90 -22.20 -8.25
C TYR D 183 -52.88 -21.33 -7.48
N LYS D 184 -53.07 -20.11 -7.98
CA LYS D 184 -54.08 -19.19 -7.46
C LYS D 184 -54.74 -18.48 -8.63
N LYS D 185 -56.07 -18.45 -8.62
CA LYS D 185 -56.81 -17.78 -9.70
C LYS D 185 -56.75 -16.27 -9.51
N ILE D 186 -56.44 -15.56 -10.59
CA ILE D 186 -56.34 -14.11 -10.57
C ILE D 186 -57.73 -13.52 -10.77
N LEU D 187 -58.08 -12.53 -9.97
CA LEU D 187 -59.37 -11.87 -10.08
C LEU D 187 -59.19 -10.37 -10.34
N GLN D 207 -62.96 -18.19 23.59
CA GLN D 207 -61.64 -17.66 23.87
C GLN D 207 -61.27 -17.84 25.34
N ARG D 208 -59.98 -17.82 25.63
CA ARG D 208 -59.48 -17.97 26.99
C ARG D 208 -59.56 -16.64 27.73
N VAL D 209 -59.47 -16.73 29.06
CA VAL D 209 -59.52 -15.55 29.92
C VAL D 209 -58.11 -15.16 30.32
N LEU D 210 -57.87 -13.87 30.44
CA LEU D 210 -56.55 -13.33 30.76
C LEU D 210 -56.62 -12.53 32.05
N PRO D 211 -56.11 -13.05 33.16
CA PRO D 211 -56.14 -12.32 34.45
C PRO D 211 -55.01 -11.31 34.60
N TYR D 212 -54.91 -10.40 33.63
CA TYR D 212 -53.90 -9.35 33.66
C TYR D 212 -54.53 -8.04 34.10
N SER D 213 -53.73 -7.23 34.79
CA SER D 213 -54.19 -5.91 35.22
C SER D 213 -54.23 -4.95 34.02
N ASN D 214 -54.71 -3.74 34.28
CA ASN D 214 -54.78 -2.73 33.22
C ASN D 214 -53.39 -2.19 32.92
N GLY D 215 -53.07 -2.05 31.65
CA GLY D 215 -51.81 -1.49 31.24
C GLY D 215 -51.30 -2.17 29.98
N LEU D 216 -50.07 -1.82 29.62
CA LEU D 216 -49.42 -2.38 28.45
C LEU D 216 -48.70 -3.68 28.81
N TYR D 217 -48.74 -4.63 27.88
CA TYR D 217 -48.07 -5.91 28.05
C TYR D 217 -47.33 -6.26 26.76
N VAL D 218 -46.21 -6.96 26.90
CA VAL D 218 -45.44 -7.47 25.77
C VAL D 218 -45.33 -8.98 25.93
N ILE D 219 -45.72 -9.71 24.89
CA ILE D 219 -45.78 -11.16 24.93
C ILE D 219 -44.86 -11.71 23.85
N ASN D 220 -43.86 -12.47 24.27
CA ASN D 220 -43.06 -13.27 23.35
C ASN D 220 -43.86 -14.53 23.03
N LYS D 221 -44.18 -14.73 21.75
CA LYS D 221 -45.08 -15.79 21.32
C LYS D 221 -44.34 -16.96 20.69
N GLY D 222 -43.03 -16.99 20.74
CA GLY D 222 -42.25 -18.11 20.24
C GLY D 222 -41.34 -17.71 19.10
N ASP D 223 -40.69 -18.73 18.55
CA ASP D 223 -39.69 -18.57 17.51
C ASP D 223 -39.99 -19.53 16.37
N GLY D 224 -39.68 -19.12 15.14
CA GLY D 224 -39.81 -20.00 14.01
C GLY D 224 -41.01 -19.71 13.13
N TYR D 225 -41.49 -18.48 13.16
CA TYR D 225 -42.65 -18.08 12.37
C TYR D 225 -42.21 -17.85 10.93
N ILE D 226 -42.59 -18.75 10.04
CA ILE D 226 -42.37 -18.57 8.61
C ILE D 226 -43.69 -18.13 7.98
N ARG D 227 -43.61 -17.64 6.76
CA ARG D 227 -44.80 -17.20 6.04
C ARG D 227 -45.31 -18.30 5.12
N THR D 228 -46.59 -18.19 4.76
CA THR D 228 -47.23 -19.19 3.92
C THR D 228 -46.82 -19.01 2.46
N ASN D 229 -47.13 -20.02 1.65
CA ASN D 229 -46.82 -20.03 0.22
C ASN D 229 -45.32 -19.87 -0.03
N ASP D 230 -44.50 -20.36 0.91
CA ASP D 230 -43.05 -20.34 0.77
C ASP D 230 -42.53 -18.93 0.49
N LYS D 231 -43.12 -17.94 1.15
CA LYS D 231 -42.67 -16.56 0.98
C LYS D 231 -41.32 -16.34 1.64
N ASP D 232 -41.02 -17.10 2.70
CA ASP D 232 -39.76 -16.98 3.42
C ASP D 232 -38.74 -18.03 3.02
N LEU D 233 -39.08 -18.90 2.07
CA LEU D 233 -38.17 -19.96 1.65
C LEU D 233 -36.90 -19.38 1.05
N ILE D 234 -35.76 -19.57 1.72
CA ILE D 234 -34.51 -19.08 1.17
C ILE D 234 -33.97 -20.05 0.13
N GLY D 235 -34.41 -21.28 0.16
CA GLY D 235 -34.24 -22.12 -1.01
C GLY D 235 -34.05 -23.58 -0.67
N THR D 236 -34.04 -24.39 -1.73
CA THR D 236 -33.87 -25.84 -1.64
C THR D 236 -32.61 -26.26 -2.37
N LEU D 237 -31.87 -27.18 -1.76
CA LEU D 237 -30.61 -27.70 -2.28
C LEU D 237 -30.71 -29.20 -2.44
N LEU D 238 -30.33 -29.71 -3.61
CA LEU D 238 -30.33 -31.15 -3.87
C LEU D 238 -28.90 -31.67 -3.76
N ILE D 239 -28.69 -32.62 -2.86
CA ILE D 239 -27.37 -33.18 -2.61
C ILE D 239 -27.39 -34.65 -3.01
N GLU D 240 -26.48 -35.03 -3.90
CA GLU D 240 -26.37 -36.40 -4.37
C GLU D 240 -25.72 -37.27 -3.31
N ALA D 241 -25.77 -38.58 -3.54
CA ALA D 241 -25.19 -39.52 -2.61
C ALA D 241 -23.68 -39.37 -2.56
N GLY D 242 -23.12 -39.52 -1.36
CA GLY D 242 -21.69 -39.40 -1.18
C GLY D 242 -21.16 -37.98 -1.20
N SER D 243 -22.04 -36.99 -1.09
CA SER D 243 -21.64 -35.59 -1.09
C SER D 243 -22.31 -34.87 0.06
N SER D 244 -21.84 -33.66 0.35
CA SER D 244 -22.41 -32.83 1.40
C SER D 244 -22.70 -31.46 0.84
N GLY D 245 -23.66 -30.78 1.47
CA GLY D 245 -24.06 -29.46 1.01
C GLY D 245 -24.57 -28.63 2.16
N SER D 246 -24.47 -27.31 2.01
CA SER D 246 -24.90 -26.39 3.04
C SER D 246 -25.54 -25.16 2.41
N ILE D 247 -26.43 -24.53 3.17
CA ILE D 247 -27.04 -23.26 2.81
C ILE D 247 -26.71 -22.26 3.90
N ILE D 248 -26.18 -21.10 3.50
CA ILE D 248 -25.70 -20.09 4.43
C ILE D 248 -26.50 -18.82 4.25
N GLN D 249 -26.71 -18.09 5.35
CA GLN D 249 -27.34 -16.77 5.30
C GLN D 249 -26.37 -15.73 5.84
N PRO D 250 -25.73 -14.94 4.98
CA PRO D 250 -24.68 -14.03 5.47
C PRO D 250 -25.12 -12.87 6.34
N ARG D 251 -26.36 -12.38 6.18
CA ARG D 251 -26.80 -11.16 6.87
C ARG D 251 -26.04 -9.94 6.42
N LEU D 252 -26.40 -8.75 6.90
CA LEU D 252 -25.79 -7.53 6.41
C LEU D 252 -26.00 -6.54 7.55
N ARG D 253 -25.11 -5.57 7.63
CA ARG D 253 -25.16 -4.56 8.68
C ARG D 253 -26.37 -3.65 8.47
N ASN D 254 -27.21 -3.53 9.50
CA ASN D 254 -28.36 -2.63 9.49
C ASN D 254 -29.28 -2.88 8.30
N THR D 255 -29.30 -4.10 7.79
CA THR D 255 -30.14 -4.47 6.65
C THR D 255 -30.93 -5.72 7.04
N THR D 256 -32.11 -5.50 7.61
CA THR D 256 -33.02 -6.57 7.97
C THR D 256 -34.43 -6.01 7.85
N ARG D 257 -35.40 -6.91 7.71
CA ARG D 257 -36.79 -6.53 7.44
C ARG D 257 -37.73 -7.14 8.47
N PRO D 258 -37.83 -6.53 9.64
CA PRO D 258 -38.85 -6.97 10.59
C PRO D 258 -40.24 -6.65 10.06
N LEU D 259 -41.20 -7.50 10.44
CA LEU D 259 -42.57 -7.33 10.00
C LEU D 259 -43.39 -6.65 11.08
N PHE D 260 -44.22 -5.70 10.70
CA PHE D 260 -44.96 -4.90 11.68
C PHE D 260 -46.41 -4.77 11.22
N THR D 261 -47.34 -5.11 12.12
CA THR D 261 -48.77 -4.97 11.85
C THR D 261 -49.44 -4.44 13.10
N THR D 262 -49.96 -3.21 13.05
CA THR D 262 -50.56 -2.57 14.22
C THR D 262 -52.05 -2.30 14.07
N SER D 263 -52.76 -2.37 15.21
CA SER D 263 -54.18 -2.05 15.19
C SER D 263 -54.44 -0.60 14.73
N ASN D 264 -53.73 0.35 15.33
CA ASN D 264 -53.83 1.75 14.92
C ASN D 264 -52.44 2.36 14.89
N ASP D 265 -52.26 3.32 13.99
CA ASP D 265 -50.99 4.00 13.82
C ASP D 265 -50.86 5.25 14.68
N ALA D 266 -51.89 5.56 15.47
CA ALA D 266 -51.86 6.76 16.31
C ALA D 266 -51.07 6.54 17.60
N LYS D 267 -51.40 5.47 18.35
CA LYS D 267 -50.73 5.18 19.61
C LYS D 267 -49.70 4.06 19.50
N PHE D 268 -49.88 3.12 18.58
CA PHE D 268 -48.99 1.98 18.43
C PHE D 268 -48.30 2.09 17.07
N SER D 269 -47.19 2.82 17.04
CA SER D 269 -46.37 2.96 15.84
C SER D 269 -45.18 2.01 15.92
N GLN D 270 -44.43 1.95 14.82
CA GLN D 270 -43.24 1.09 14.80
C GLN D 270 -42.21 1.56 15.82
N GLN D 271 -42.00 2.88 15.92
CA GLN D 271 -41.05 3.40 16.89
C GLN D 271 -41.53 3.11 18.31
N TYR D 272 -42.83 3.29 18.55
CA TYR D 272 -43.39 3.05 19.88
C TYR D 272 -43.24 1.59 20.29
N THR D 273 -43.62 0.66 19.40
CA THR D 273 -43.53 -0.75 19.75
C THR D 273 -42.09 -1.21 19.85
N GLU D 274 -41.18 -0.61 19.07
CA GLU D 274 -39.77 -0.92 19.22
C GLU D 274 -39.26 -0.49 20.58
N GLU D 275 -39.65 0.70 21.04
CA GLU D 275 -39.26 1.15 22.37
C GLU D 275 -39.84 0.24 23.45
N ARG D 276 -41.09 -0.19 23.29
CA ARG D 276 -41.70 -1.07 24.28
C ARG D 276 -41.00 -2.42 24.33
N LEU D 277 -40.63 -2.96 23.16
CA LEU D 277 -39.88 -4.20 23.12
C LEU D 277 -38.51 -4.04 23.76
N LYS D 278 -37.87 -2.89 23.53
CA LYS D 278 -36.59 -2.62 24.17
C LYS D 278 -36.73 -2.57 25.69
N ASP D 279 -37.81 -1.96 26.18
CA ASP D 279 -38.04 -1.90 27.61
C ASP D 279 -38.31 -3.28 28.19
N ALA D 280 -39.09 -4.09 27.48
CA ALA D 280 -39.51 -5.39 28.01
C ALA D 280 -38.37 -6.41 27.95
N PHE D 281 -37.85 -6.65 26.76
CA PHE D 281 -36.88 -7.73 26.54
C PHE D 281 -35.50 -7.25 26.12
N ASN D 282 -35.26 -5.94 26.09
CA ASN D 282 -34.00 -5.37 25.57
C ASN D 282 -33.77 -5.79 24.12
N VAL D 283 -34.85 -5.79 23.34
CA VAL D 283 -34.78 -6.16 21.92
C VAL D 283 -34.38 -4.94 21.13
N GLN D 284 -33.17 -4.98 20.58
CA GLN D 284 -32.66 -3.90 19.74
C GLN D 284 -32.49 -4.61 18.40
N LEU D 285 -32.91 -3.94 17.33
CA LEU D 285 -32.77 -4.52 16.00
C LEU D 285 -31.43 -4.25 15.21
N PHE D 286 -30.62 -3.40 15.88
CA PHE D 286 -29.27 -3.14 15.37
C PHE D 286 -28.60 -4.48 15.63
N ASN D 287 -29.12 -5.27 16.56
CA ASN D 287 -28.68 -6.66 16.72
C ASN D 287 -29.28 -7.47 15.59
N THR D 288 -29.13 -8.80 15.65
CA THR D 288 -29.71 -9.76 14.70
C THR D 288 -29.36 -9.40 13.25
N SER D 289 -28.31 -8.60 13.07
CA SER D 289 -27.80 -8.27 11.75
C SER D 289 -26.34 -8.65 11.56
N THR D 290 -25.58 -8.78 12.65
CA THR D 290 -24.23 -9.30 12.60
C THR D 290 -24.19 -10.81 12.76
N SER D 291 -25.33 -11.45 13.01
CA SER D 291 -25.40 -12.89 13.17
C SER D 291 -25.48 -13.57 11.81
N LEU D 292 -25.38 -14.90 11.83
CA LEU D 292 -25.47 -15.70 10.62
C LEU D 292 -25.84 -17.12 11.01
N PHE D 293 -26.49 -17.83 10.09
CA PHE D 293 -26.80 -19.23 10.29
C PHE D 293 -26.54 -20.02 9.03
N LYS D 294 -26.04 -21.24 9.21
CA LYS D 294 -25.67 -22.11 8.11
C LYS D 294 -26.17 -23.52 8.43
N PHE D 295 -26.86 -24.13 7.48
CA PHE D 295 -27.36 -25.49 7.61
C PHE D 295 -26.52 -26.39 6.71
N VAL D 296 -25.78 -27.32 7.31
CA VAL D 296 -24.89 -28.21 6.58
C VAL D 296 -25.35 -29.65 6.81
N GLU D 297 -25.34 -30.45 5.75
CA GLU D 297 -25.75 -31.84 5.88
C GLU D 297 -25.09 -32.67 4.79
N GLU D 298 -24.64 -33.87 5.16
CA GLU D 298 -24.09 -34.84 4.24
C GLU D 298 -25.14 -35.86 3.86
N ALA D 299 -24.94 -36.49 2.71
CA ALA D 299 -25.90 -37.47 2.22
C ALA D 299 -25.36 -38.88 2.37
N PRO D 300 -26.22 -39.87 2.58
CA PRO D 300 -25.76 -41.26 2.62
C PRO D 300 -25.22 -41.71 1.28
N SER D 301 -24.61 -42.90 1.23
CA SER D 301 -23.99 -43.39 0.02
C SER D 301 -24.98 -44.09 -0.91
N ASN D 302 -26.25 -44.16 -0.54
CA ASN D 302 -27.24 -44.88 -1.33
C ASN D 302 -28.43 -44.03 -1.77
N LYS D 303 -28.53 -42.78 -1.35
CA LYS D 303 -29.68 -41.96 -1.72
C LYS D 303 -29.28 -40.49 -1.71
N ASN D 304 -30.06 -39.69 -2.42
CA ASN D 304 -29.93 -38.24 -2.44
C ASN D 304 -30.85 -37.62 -1.40
N ILE D 305 -30.60 -36.35 -1.09
CA ILE D 305 -31.43 -35.62 -0.14
C ILE D 305 -31.73 -34.22 -0.68
N CYS D 306 -32.75 -33.60 -0.09
CA CYS D 306 -33.13 -32.23 -0.40
C CYS D 306 -33.22 -31.46 0.91
N ILE D 307 -32.56 -30.32 0.98
CA ILE D 307 -32.56 -29.46 2.16
C ILE D 307 -33.28 -28.18 1.80
N LYS D 308 -34.40 -27.91 2.48
CA LYS D 308 -35.14 -26.67 2.31
C LYS D 308 -34.87 -25.79 3.52
N ALA D 309 -34.34 -24.59 3.26
CA ALA D 309 -34.04 -23.63 4.31
C ALA D 309 -34.94 -22.42 4.16
N TYR D 310 -35.53 -21.99 5.28
CA TYR D 310 -36.41 -20.84 5.36
C TYR D 310 -35.81 -19.81 6.31
N ASN D 311 -36.28 -18.57 6.19
CA ASN D 311 -36.01 -17.52 7.16
C ASN D 311 -37.19 -17.43 8.12
N THR D 312 -36.89 -17.39 9.42
CA THR D 312 -37.93 -17.40 10.43
C THR D 312 -38.07 -16.03 11.08
N TYR D 313 -39.02 -15.93 11.99
CA TYR D 313 -39.27 -14.72 12.75
C TYR D 313 -39.61 -15.08 14.19
N GLU D 314 -39.31 -14.17 15.10
CA GLU D 314 -39.75 -14.24 16.48
C GLU D 314 -40.90 -13.26 16.66
N LYS D 315 -41.99 -13.72 17.26
CA LYS D 315 -43.22 -12.96 17.33
C LYS D 315 -43.33 -12.26 18.68
N TYR D 316 -43.61 -10.96 18.64
CA TYR D 316 -43.82 -10.16 19.83
C TYR D 316 -45.15 -9.44 19.68
N GLU D 317 -46.07 -9.66 20.61
CA GLU D 317 -47.37 -9.01 20.60
C GLU D 317 -47.40 -7.98 21.71
N LEU D 318 -47.55 -6.71 21.34
CA LEU D 318 -47.69 -5.61 22.29
C LEU D 318 -49.16 -5.28 22.40
N ILE D 319 -49.74 -5.52 23.57
CA ILE D 319 -51.17 -5.36 23.78
C ILE D 319 -51.41 -4.32 24.86
N ASP D 320 -52.60 -3.74 24.84
CA ASP D 320 -53.03 -2.76 25.83
C ASP D 320 -54.29 -3.28 26.51
N TYR D 321 -54.12 -3.94 27.65
CA TYR D 321 -55.23 -4.59 28.34
C TYR D 321 -55.96 -3.58 29.22
N GLN D 322 -57.27 -3.47 29.02
CA GLN D 322 -58.10 -2.54 29.79
C GLN D 322 -59.42 -3.24 30.10
N ASN D 323 -59.67 -3.48 31.39
CA ASN D 323 -60.92 -4.08 31.86
C ASN D 323 -61.20 -5.42 31.17
N GLY D 324 -60.16 -6.21 30.96
CA GLY D 324 -60.32 -7.51 30.35
C GLY D 324 -60.51 -7.50 28.85
N SER D 325 -60.28 -6.38 28.19
CA SER D 325 -60.44 -6.26 26.75
C SER D 325 -59.14 -5.73 26.14
N ILE D 326 -58.76 -6.30 25.00
CA ILE D 326 -57.56 -5.85 24.29
C ILE D 326 -57.91 -4.63 23.45
N VAL D 327 -57.68 -3.44 23.99
CA VAL D 327 -58.03 -2.21 23.28
C VAL D 327 -57.15 -2.04 22.05
N ASN D 328 -55.84 -2.21 22.18
CA ASN D 328 -54.93 -2.04 21.06
C ASN D 328 -53.94 -3.18 21.04
N LYS D 329 -53.49 -3.55 19.85
CA LYS D 329 -52.61 -4.70 19.67
C LYS D 329 -51.72 -4.47 18.47
N ALA D 330 -50.43 -4.78 18.63
CA ALA D 330 -49.46 -4.70 17.55
C ALA D 330 -48.62 -5.97 17.53
N GLU D 331 -48.21 -6.38 16.33
CA GLU D 331 -47.42 -7.58 16.13
C GLU D 331 -46.11 -7.20 15.45
N TYR D 332 -45.01 -7.65 16.05
CA TYR D 332 -43.66 -7.34 15.58
C TYR D 332 -42.90 -8.64 15.40
N TYR D 333 -42.43 -8.89 14.19
CA TYR D 333 -41.71 -10.12 13.84
C TYR D 333 -40.26 -9.76 13.59
N LEU D 334 -39.37 -10.27 14.43
CA LEU D 334 -37.95 -10.00 14.34
C LEU D 334 -37.26 -11.17 13.67
N PRO D 335 -36.58 -10.97 12.54
CA PRO D 335 -35.99 -12.12 11.82
C PRO D 335 -34.91 -12.79 12.64
N SER D 336 -35.15 -14.04 13.02
CA SER D 336 -34.27 -14.60 14.03
C SER D 336 -33.10 -15.43 13.51
N LEU D 337 -33.33 -16.68 13.09
CA LEU D 337 -32.20 -17.51 12.68
C LEU D 337 -32.51 -18.59 11.65
N GLY D 338 -33.68 -18.57 11.01
CA GLY D 338 -33.98 -19.55 9.97
C GLY D 338 -34.46 -20.89 10.50
N TYR D 339 -34.79 -21.78 9.56
CA TYR D 339 -35.34 -23.09 9.85
C TYR D 339 -34.96 -24.05 8.74
N CYS D 340 -34.68 -25.30 9.10
CA CYS D 340 -34.16 -26.29 8.17
C CYS D 340 -35.08 -27.50 8.09
N GLU D 341 -35.27 -28.01 6.88
CA GLU D 341 -36.10 -29.19 6.64
C GLU D 341 -35.34 -30.12 5.71
N VAL D 342 -35.35 -31.42 6.03
CA VAL D 342 -34.64 -32.42 5.24
C VAL D 342 -35.65 -33.42 4.71
N THR D 343 -35.60 -33.68 3.40
CA THR D 343 -36.54 -34.58 2.76
C THR D 343 -35.78 -35.45 1.75
N ASN D 344 -36.48 -36.49 1.27
CA ASN D 344 -35.95 -37.38 0.25
C ASN D 344 -36.73 -37.18 -1.04
N ALA D 345 -36.06 -37.44 -2.16
CA ALA D 345 -36.69 -37.27 -3.46
C ALA D 345 -37.84 -38.27 -3.62
N PRO D 346 -39.04 -37.82 -3.95
CA PRO D 346 -40.16 -38.75 -4.10
C PRO D 346 -39.99 -39.65 -5.32
N SER D 347 -40.60 -40.83 -5.24
CA SER D 347 -40.57 -41.75 -6.36
C SER D 347 -41.44 -41.23 -7.50
N PRO D 348 -41.14 -41.63 -8.75
CA PRO D 348 -41.92 -41.17 -9.91
C PRO D 348 -42.89 -42.23 -10.40
N GLU D 351 -46.49 -38.98 -10.34
CA GLU D 351 -47.52 -38.00 -10.67
C GLU D 351 -47.71 -37.00 -9.53
N VAL D 352 -48.08 -35.78 -9.89
CA VAL D 352 -48.30 -34.70 -8.92
C VAL D 352 -49.67 -34.11 -9.15
N VAL D 353 -50.19 -33.47 -8.11
CA VAL D 353 -51.52 -32.86 -8.15
C VAL D 353 -51.37 -31.36 -8.07
N LYS D 354 -52.34 -30.65 -8.66
CA LYS D 354 -52.37 -29.19 -8.64
C LYS D 354 -53.06 -28.76 -7.35
N THR D 355 -52.32 -28.08 -6.48
CA THR D 355 -52.81 -27.66 -5.18
C THR D 355 -52.92 -26.15 -5.12
N GLN D 356 -54.02 -25.66 -4.56
CA GLN D 356 -54.21 -24.23 -4.41
C GLN D 356 -53.30 -23.69 -3.31
N VAL D 357 -52.99 -22.40 -3.41
CA VAL D 357 -52.15 -21.76 -2.40
C VAL D 357 -52.93 -21.65 -1.09
N ALA D 358 -52.20 -21.69 0.02
CA ALA D 358 -52.79 -21.54 1.33
C ALA D 358 -53.12 -20.09 1.62
N GLU D 359 -53.94 -19.86 2.63
CA GLU D 359 -54.29 -18.51 3.03
C GLU D 359 -53.06 -17.79 3.58
N ASP D 360 -52.94 -16.51 3.23
CA ASP D 360 -51.78 -15.71 3.63
C ASP D 360 -51.77 -15.57 5.15
N GLY D 361 -50.66 -15.97 5.78
CA GLY D 361 -50.54 -15.90 7.22
C GLY D 361 -49.17 -16.32 7.73
N PHE D 362 -49.14 -16.95 8.89
CA PHE D 362 -47.89 -17.39 9.51
C PHE D 362 -48.02 -18.83 9.99
N ILE D 363 -46.91 -19.55 9.97
CA ILE D 363 -46.82 -20.91 10.48
C ILE D 363 -45.67 -20.96 11.48
N GLN D 364 -45.95 -21.45 12.68
CA GLN D 364 -44.92 -21.57 13.70
C GLN D 364 -44.27 -22.94 13.63
N ASN D 365 -42.94 -22.95 13.50
CA ASN D 365 -42.19 -24.19 13.40
C ASN D 365 -41.37 -24.51 14.64
N GLY D 366 -41.22 -23.54 15.56
CA GLY D 366 -40.48 -23.76 16.77
C GLY D 366 -41.37 -24.28 17.88
N PRO D 367 -40.85 -24.31 19.10
CA PRO D 367 -41.61 -24.85 20.23
C PRO D 367 -42.68 -23.87 20.69
N GLU D 368 -43.66 -24.41 21.41
CA GLU D 368 -44.73 -23.59 21.95
C GLU D 368 -44.17 -22.70 23.05
N GLU D 369 -44.50 -21.40 22.99
CA GLU D 369 -43.93 -20.43 23.90
C GLU D 369 -44.91 -19.29 24.11
N GLU D 370 -44.97 -18.77 25.33
CA GLU D 370 -45.77 -17.59 25.63
C GLU D 370 -45.20 -16.97 26.91
N ILE D 371 -44.61 -15.78 26.79
CA ILE D 371 -44.06 -15.07 27.93
C ILE D 371 -44.70 -13.69 27.96
N VAL D 372 -45.38 -13.37 29.07
CA VAL D 372 -46.07 -12.10 29.23
C VAL D 372 -45.28 -11.26 30.23
N VAL D 373 -44.94 -10.03 29.82
CA VAL D 373 -44.16 -9.13 30.65
C VAL D 373 -44.85 -7.76 30.64
N GLY D 374 -45.19 -7.25 31.81
CA GLY D 374 -45.72 -5.91 31.89
C GLY D 374 -44.64 -4.87 31.68
N VAL D 375 -45.04 -3.68 31.24
CA VAL D 375 -44.12 -2.59 31.00
C VAL D 375 -44.68 -1.31 31.59
N ILE D 376 -43.79 -0.36 31.84
CA ILE D 376 -44.16 0.94 32.39
C ILE D 376 -44.73 1.80 31.26
N ASP D 377 -45.90 2.36 31.49
CA ASP D 377 -46.52 3.24 30.52
C ASP D 377 -45.68 4.51 30.37
N PRO D 378 -45.24 4.86 29.15
CA PRO D 378 -44.40 6.05 29.00
C PRO D 378 -45.13 7.36 29.26
N SER D 379 -46.46 7.37 29.18
CA SER D 379 -47.23 8.59 29.36
C SER D 379 -47.51 8.91 30.82
N GLU D 380 -47.00 8.12 31.75
CA GLU D 380 -47.22 8.33 33.17
C GLU D 380 -45.88 8.55 33.86
N ASN D 381 -45.78 9.62 34.64
CA ASN D 381 -44.53 10.00 35.27
C ASN D 381 -44.16 9.03 36.37
N ILE D 382 -42.88 9.03 36.75
CA ILE D 382 -42.34 8.18 37.79
C ILE D 382 -41.70 9.05 38.84
N GLN D 383 -42.10 8.84 40.10
CA GLN D 383 -41.53 9.54 41.24
C GLN D 383 -40.67 8.57 42.03
N GLU D 384 -39.44 8.98 42.33
CA GLU D 384 -38.48 8.13 43.01
C GLU D 384 -38.39 8.50 44.49
N ILE D 385 -38.38 7.49 45.35
CA ILE D 385 -38.14 7.66 46.78
C ILE D 385 -36.65 7.41 47.01
N ASN D 386 -35.90 8.49 47.24
CA ASN D 386 -34.44 8.38 47.29
C ASN D 386 -33.99 7.48 48.43
N THR D 387 -34.61 7.61 49.60
CA THR D 387 -34.24 6.81 50.74
C THR D 387 -35.04 5.50 50.77
N ALA D 388 -34.63 4.60 51.64
CA ALA D 388 -35.30 3.32 51.81
C ALA D 388 -36.41 3.45 52.84
N ILE D 389 -37.17 2.37 53.03
CA ILE D 389 -38.26 2.32 53.98
C ILE D 389 -37.91 1.27 55.03
N SER D 390 -37.76 1.70 56.28
CA SER D 390 -37.33 0.78 57.33
C SER D 390 -38.51 0.16 58.07
N ASP D 391 -39.29 0.99 58.78
CA ASP D 391 -40.49 0.53 59.45
C ASP D 391 -41.73 1.29 59.03
N ASN D 392 -41.68 2.62 59.05
CA ASN D 392 -42.82 3.46 58.71
C ASN D 392 -42.36 4.57 57.78
N TYR D 393 -43.08 4.77 56.70
CA TYR D 393 -42.78 5.87 55.79
C TYR D 393 -44.07 6.52 55.32
N THR D 394 -43.98 7.84 55.08
CA THR D 394 -45.09 8.65 54.61
C THR D 394 -44.64 9.42 53.38
N TYR D 395 -45.42 9.33 52.31
CA TYR D 395 -45.11 10.00 51.05
C TYR D 395 -46.25 10.95 50.69
N ASN D 396 -45.90 12.16 50.30
CA ASN D 396 -46.86 13.20 49.97
C ASN D 396 -46.89 13.40 48.45
N ILE D 397 -48.08 13.36 47.88
CA ILE D 397 -48.26 13.56 46.44
C ILE D 397 -48.15 15.05 46.14
N PRO D 398 -47.21 15.46 45.28
CA PRO D 398 -47.03 16.87 44.90
C PRO D 398 -48.23 17.44 44.15
N ASN D 403 -53.12 14.96 39.30
CA ASN D 403 -54.26 14.06 39.49
C ASN D 403 -54.21 12.89 38.54
N ASN D 404 -53.29 12.94 37.58
CA ASN D 404 -53.10 11.86 36.63
C ASN D 404 -52.43 10.67 37.32
N PRO D 405 -52.66 9.45 36.81
CA PRO D 405 -52.00 8.29 37.41
C PRO D 405 -50.50 8.36 37.21
N PHE D 406 -49.77 7.78 38.16
CA PHE D 406 -48.31 7.84 38.09
C PHE D 406 -47.72 6.65 38.84
N TYR D 407 -46.39 6.56 38.81
CA TYR D 407 -45.65 5.47 39.44
C TYR D 407 -44.75 6.01 40.54
N ILE D 408 -44.55 5.20 41.57
CA ILE D 408 -43.67 5.53 42.68
C ILE D 408 -42.68 4.40 42.85
N LEU D 409 -41.39 4.70 42.71
CA LEU D 409 -40.34 3.70 42.84
C LEU D 409 -39.78 3.73 44.25
N PHE D 410 -39.72 2.57 44.88
CA PHE D 410 -39.28 2.49 46.26
C PHE D 410 -38.64 1.14 46.54
N THR D 411 -37.84 1.08 47.60
CA THR D 411 -37.26 -0.16 48.08
C THR D 411 -37.30 -0.18 49.59
N VAL D 412 -37.39 -1.38 50.16
CA VAL D 412 -37.48 -1.56 51.60
C VAL D 412 -36.12 -2.01 52.12
N ASN D 413 -35.83 -1.65 53.36
CA ASN D 413 -34.55 -1.94 53.99
C ASN D 413 -34.51 -3.32 54.66
N THR D 414 -35.64 -4.00 54.76
CA THR D 414 -35.68 -5.32 55.37
C THR D 414 -36.74 -6.16 54.68
N THR D 415 -36.46 -7.45 54.52
CA THR D 415 -37.42 -8.36 53.91
C THR D 415 -38.52 -8.69 54.90
N GLY D 416 -39.76 -8.40 54.52
CA GLY D 416 -40.87 -8.69 55.42
C GLY D 416 -42.18 -8.24 54.81
N ILE D 417 -43.24 -8.42 55.58
CA ILE D 417 -44.57 -8.03 55.15
C ILE D 417 -44.77 -6.54 55.42
N TYR D 418 -45.43 -5.86 54.48
CA TYR D 418 -45.67 -4.43 54.57
C TYR D 418 -47.11 -4.15 54.18
N LYS D 419 -47.73 -3.22 54.89
CA LYS D 419 -49.08 -2.75 54.61
C LYS D 419 -48.98 -1.35 54.04
N ILE D 420 -49.52 -1.15 52.84
CA ILE D 420 -49.47 0.12 52.13
C ILE D 420 -50.89 0.61 51.91
N ASN D 421 -51.15 1.83 52.33
CA ASN D 421 -52.48 2.42 52.15
C ASN D 421 -52.32 3.86 51.69
N ALA D 422 -53.46 4.48 51.36
CA ALA D 422 -53.48 5.86 50.85
C ALA D 422 -54.53 6.65 51.62
N GLN D 423 -54.09 7.33 52.68
CA GLN D 423 -54.94 8.19 53.52
C GLN D 423 -56.06 7.33 54.08
N ASN D 424 -57.33 7.62 53.80
CA ASN D 424 -58.45 6.81 54.25
C ASN D 424 -58.83 5.75 53.23
N ASN D 425 -57.87 5.27 52.46
CA ASN D 425 -58.08 4.23 51.43
C ASN D 425 -58.98 4.74 50.31
N LEU D 426 -58.91 6.05 50.04
CA LEU D 426 -59.75 6.59 48.97
C LEU D 426 -59.40 6.00 47.61
N PRO D 427 -58.12 5.97 47.17
CA PRO D 427 -57.82 5.25 45.92
C PRO D 427 -57.36 3.83 46.19
N SER D 428 -57.23 3.03 45.13
CA SER D 428 -56.76 1.66 45.23
C SER D 428 -55.44 1.55 44.45
N LEU D 429 -54.33 1.56 45.18
CA LEU D 429 -53.02 1.52 44.56
C LEU D 429 -52.68 0.11 44.09
N LYS D 430 -51.87 0.03 43.05
CA LYS D 430 -51.36 -1.25 42.56
C LYS D 430 -49.87 -1.36 42.88
N ILE D 431 -49.38 -2.59 42.98
CA ILE D 431 -47.97 -2.83 43.26
C ILE D 431 -47.38 -3.73 42.19
N TYR D 432 -46.18 -3.36 41.73
CA TYR D 432 -45.43 -4.10 40.74
C TYR D 432 -44.03 -4.35 41.27
N GLU D 433 -43.41 -5.43 40.81
CA GLU D 433 -42.04 -5.77 41.15
C GLU D 433 -41.19 -5.66 39.90
N ALA D 434 -40.18 -4.80 39.95
CA ALA D 434 -39.24 -4.69 38.83
C ALA D 434 -38.51 -6.01 38.65
N ILE D 435 -38.43 -6.47 37.40
CA ILE D 435 -37.84 -7.77 37.11
C ILE D 435 -36.34 -7.62 36.98
N GLY D 436 -35.59 -8.53 37.59
CA GLY D 436 -34.14 -8.50 37.51
C GLY D 436 -33.48 -7.33 38.19
N SER D 437 -34.02 -6.89 39.32
CA SER D 437 -33.43 -5.82 40.10
C SER D 437 -32.86 -6.36 41.40
N GLY D 438 -31.82 -5.69 41.90
CA GLY D 438 -31.15 -6.09 43.11
C GLY D 438 -29.86 -6.86 42.92
N ASN D 439 -29.65 -7.42 41.72
CA ASN D 439 -28.41 -8.11 41.38
C ASN D 439 -27.46 -7.21 40.61
N ARG D 440 -27.51 -5.90 40.86
CA ARG D 440 -26.75 -4.91 40.13
C ARG D 440 -26.25 -3.89 41.14
N ASN D 441 -25.87 -2.71 40.66
CA ASN D 441 -25.42 -1.62 41.53
C ASN D 441 -26.29 -1.51 42.77
N PHE D 442 -25.62 -1.47 43.93
CA PHE D 442 -26.29 -1.55 45.22
C PHE D 442 -25.74 -0.45 46.13
N GLN D 443 -26.64 0.25 46.82
CA GLN D 443 -26.26 1.27 47.78
C GLN D 443 -27.05 1.04 49.05
N SER D 444 -26.34 0.89 50.17
CA SER D 444 -26.98 0.54 51.42
C SER D 444 -27.83 1.71 51.94
N GLY D 445 -29.09 1.45 52.24
CA GLY D 445 -29.96 2.45 52.79
C GLY D 445 -30.50 3.46 51.81
N ASN D 446 -30.37 3.23 50.51
CA ASN D 446 -30.85 4.15 49.50
C ASN D 446 -31.40 3.36 48.32
N LEU D 447 -31.99 4.08 47.37
CA LEU D 447 -32.53 3.49 46.15
C LEU D 447 -31.60 3.81 44.99
N CYS D 448 -31.17 2.77 44.27
CA CYS D 448 -30.35 2.90 43.08
C CYS D 448 -31.15 2.36 41.91
N ASP D 449 -31.86 3.26 41.23
CA ASP D 449 -32.70 2.86 40.11
C ASP D 449 -31.84 2.42 38.93
N ASP D 450 -32.18 1.27 38.35
CA ASP D 450 -31.50 0.75 37.17
C ASP D 450 -32.27 1.06 35.89
N ASP D 451 -33.28 1.94 35.97
CA ASP D 451 -34.13 2.29 34.83
C ASP D 451 -34.79 1.05 34.22
N ILE D 452 -35.22 0.14 35.09
CA ILE D 452 -35.90 -1.08 34.64
C ILE D 452 -37.37 -0.77 34.43
N LYS D 453 -37.87 -1.06 33.23
CA LYS D 453 -39.26 -0.79 32.90
C LYS D 453 -40.14 -2.03 32.87
N ALA D 454 -39.56 -3.22 32.86
CA ALA D 454 -40.36 -4.43 32.93
C ALA D 454 -40.84 -4.64 34.36
N ILE D 455 -42.14 -4.89 34.51
CA ILE D 455 -42.76 -4.99 35.83
C ILE D 455 -43.56 -6.27 35.92
N ASN D 456 -43.69 -6.79 37.15
CA ASN D 456 -44.45 -7.99 37.43
C ASN D 456 -45.56 -7.63 38.42
N TYR D 457 -46.80 -7.74 37.98
CA TYR D 457 -47.93 -7.39 38.82
C TYR D 457 -48.05 -8.34 40.00
N ILE D 458 -48.32 -7.78 41.18
CA ILE D 458 -48.51 -8.56 42.39
C ILE D 458 -49.95 -8.46 42.89
N THR D 459 -50.38 -7.26 43.28
CA THR D 459 -51.73 -7.04 43.78
C THR D 459 -52.14 -5.60 43.45
N GLY D 460 -53.44 -5.35 43.59
CA GLY D 460 -53.99 -4.03 43.35
C GLY D 460 -55.23 -4.07 42.48
N PHE D 461 -56.08 -3.07 42.63
CA PHE D 461 -57.31 -2.96 41.85
C PHE D 461 -57.27 -1.68 41.02
N ASP D 462 -58.27 -1.56 40.15
CA ASP D 462 -58.44 -0.40 39.28
C ASP D 462 -59.83 0.18 39.53
N SER D 463 -59.89 1.34 40.17
CA SER D 463 -61.16 1.96 40.48
C SER D 463 -61.00 3.47 40.65
N ASN D 465 -64.64 4.45 42.71
CA ASN D 465 -63.42 4.13 43.45
C ASN D 465 -63.73 3.29 44.68
N ALA D 466 -62.89 2.30 44.94
CA ALA D 466 -63.06 1.41 46.08
C ALA D 466 -62.08 1.79 47.19
N LYS D 467 -62.30 1.18 48.36
CA LYS D 467 -61.45 1.41 49.53
C LYS D 467 -60.72 0.11 49.84
N SER D 468 -59.39 0.14 49.70
CA SER D 468 -58.59 -1.06 49.89
C SER D 468 -57.16 -0.67 50.23
N TYR D 469 -56.44 -1.62 50.82
CA TYR D 469 -55.03 -1.43 51.12
C TYR D 469 -54.27 -2.72 50.86
N LEU D 470 -53.01 -2.57 50.43
CA LEU D 470 -52.21 -3.73 50.04
C LEU D 470 -51.44 -4.27 51.23
N VAL D 471 -51.31 -5.60 51.29
CA VAL D 471 -50.47 -6.29 52.27
C VAL D 471 -49.60 -7.24 51.48
N VAL D 472 -48.32 -6.89 51.32
CA VAL D 472 -47.44 -7.62 50.42
C VAL D 472 -46.12 -7.93 51.09
N LEU D 473 -45.50 -9.02 50.66
CA LEU D 473 -44.17 -9.39 51.14
C LEU D 473 -43.13 -8.78 50.22
N LEU D 474 -42.28 -7.92 50.78
CA LEU D 474 -41.27 -7.21 50.02
C LEU D 474 -39.88 -7.64 50.46
N ASN D 475 -38.97 -7.76 49.49
CA ASN D 475 -37.59 -8.15 49.72
C ASN D 475 -36.69 -6.92 49.78
N LYS D 476 -35.55 -7.09 50.45
CA LYS D 476 -34.62 -6.00 50.66
C LYS D 476 -33.77 -5.68 49.43
N ASP D 477 -33.84 -6.50 48.39
CA ASP D 477 -33.01 -6.31 47.21
C ASP D 477 -33.76 -5.74 46.02
N LYS D 478 -34.96 -6.22 45.73
CA LYS D 478 -35.70 -5.80 44.55
C LYS D 478 -36.34 -4.44 44.76
N ASN D 479 -36.35 -3.64 43.71
CA ASN D 479 -37.10 -2.39 43.72
C ASN D 479 -38.54 -2.65 43.30
N TYR D 480 -39.44 -1.79 43.77
CA TYR D 480 -40.86 -1.98 43.57
C TYR D 480 -41.49 -0.69 43.07
N TYR D 481 -42.54 -0.84 42.28
CA TYR D 481 -43.33 0.27 41.76
C TYR D 481 -44.71 0.26 42.39
N ILE D 482 -45.25 1.44 42.64
CA ILE D 482 -46.62 1.61 43.10
C ILE D 482 -47.33 2.47 42.06
N ARG D 483 -48.40 1.94 41.49
CA ARG D 483 -49.21 2.66 40.52
C ARG D 483 -50.36 3.33 41.25
N VAL D 484 -50.33 4.66 41.27
CA VAL D 484 -51.41 5.46 41.86
C VAL D 484 -52.35 5.88 40.73
N PRO D 485 -53.63 5.54 40.81
CA PRO D 485 -54.53 5.81 39.68
C PRO D 485 -54.89 7.27 39.53
N GLN D 486 -55.80 7.58 38.62
CA GLN D 486 -56.22 8.94 38.34
C GLN D 486 -57.08 9.45 39.51
N THR D 487 -56.47 10.22 40.40
CA THR D 487 -57.21 10.83 41.49
C THR D 487 -58.17 11.89 40.96
N SER D 488 -59.30 12.02 41.65
CA SER D 488 -60.35 12.96 41.25
C SER D 488 -60.35 14.23 42.07
N SER D 489 -60.25 14.12 43.39
CA SER D 489 -60.30 15.28 44.28
C SER D 489 -58.89 15.63 44.75
N ASN D 490 -58.53 16.91 44.62
CA ASN D 490 -57.23 17.41 45.08
C ASN D 490 -57.33 17.69 46.58
N ILE D 491 -57.21 16.61 47.36
CA ILE D 491 -57.34 16.70 48.81
C ILE D 491 -55.98 16.41 49.46
N GLU D 492 -54.91 16.59 48.69
CA GLU D 492 -53.54 16.37 49.18
C GLU D 492 -53.38 14.96 49.74
N ASN D 493 -53.52 13.99 48.84
CA ASN D 493 -53.48 12.59 49.22
C ASN D 493 -52.11 12.22 49.78
N GLN D 494 -52.05 11.07 50.44
CA GLN D 494 -50.87 10.66 51.19
C GLN D 494 -50.79 9.14 51.17
N ILE D 495 -49.58 8.60 51.01
CA ILE D 495 -49.35 7.16 50.96
C ILE D 495 -48.53 6.75 52.16
N LYS D 496 -48.99 5.74 52.88
CA LYS D 496 -48.35 5.28 54.10
C LYS D 496 -47.91 3.83 53.94
N PHE D 497 -46.65 3.57 54.24
CA PHE D 497 -46.09 2.22 54.31
C PHE D 497 -45.78 1.91 55.76
N LYS D 498 -46.26 0.76 56.24
CA LYS D 498 -46.04 0.35 57.62
C LYS D 498 -45.63 -1.12 57.64
N ARG D 499 -44.55 -1.42 58.36
CA ARG D 499 -44.06 -2.79 58.46
C ARG D 499 -44.98 -3.59 59.37
N GLU D 500 -45.36 -4.79 58.92
CA GLU D 500 -46.23 -5.68 59.67
C GLU D 500 -45.38 -6.72 60.38
N GLU D 501 -44.92 -6.38 61.58
CA GLU D 501 -44.13 -7.29 62.39
C GLU D 501 -44.98 -8.17 63.30
N GLY D 502 -46.30 -8.03 63.24
CA GLY D 502 -47.19 -8.78 64.10
C GLY D 502 -47.76 -10.03 63.45
N ASP D 503 -49.03 -10.32 63.74
CA ASP D 503 -49.69 -11.51 63.23
C ASP D 503 -50.33 -11.31 61.87
N LEU D 504 -50.19 -10.11 61.28
CA LEU D 504 -50.72 -9.85 59.94
C LEU D 504 -49.73 -10.35 58.90
N ARG D 505 -49.56 -11.67 58.87
CA ARG D 505 -48.68 -12.33 57.93
C ARG D 505 -49.35 -13.42 57.11
N ASN D 506 -50.54 -13.89 57.52
CA ASN D 506 -51.26 -14.88 56.73
C ASN D 506 -51.83 -14.29 55.45
N LEU D 507 -52.01 -12.98 55.39
CA LEU D 507 -52.54 -12.31 54.20
C LEU D 507 -51.41 -11.87 53.27
N MET D 508 -50.54 -12.81 52.91
CA MET D 508 -49.40 -12.49 52.06
C MET D 508 -49.86 -12.15 50.66
N ASN D 509 -49.38 -11.00 50.16
CA ASN D 509 -49.65 -10.56 48.79
C ASN D 509 -51.15 -10.55 48.49
N SER D 510 -51.88 -9.71 49.23
CA SER D 510 -53.31 -9.62 49.08
C SER D 510 -53.76 -8.18 49.28
N SER D 511 -54.79 -7.79 48.53
CA SER D 511 -55.37 -6.45 48.62
C SER D 511 -56.62 -6.55 49.49
N VAL D 512 -56.52 -6.08 50.73
CA VAL D 512 -57.65 -6.11 51.64
C VAL D 512 -58.65 -5.05 51.19
N ASN D 513 -59.88 -5.47 50.92
CA ASN D 513 -60.93 -4.61 50.41
C ASN D 513 -61.86 -4.24 51.57
N ILE D 514 -61.75 -3.00 52.04
CA ILE D 514 -62.58 -2.53 53.14
C ILE D 514 -64.01 -2.35 52.68
N ILE D 515 -64.96 -2.94 53.41
CA ILE D 515 -66.37 -2.82 53.08
C ILE D 515 -67.07 -1.88 54.04
N LEU D 518 -72.43 -5.22 54.42
CA LEU D 518 -72.47 -3.82 54.81
C LEU D 518 -73.39 -3.60 56.00
N ASN D 519 -74.65 -3.30 55.72
CA ASN D 519 -75.66 -3.03 56.74
C ASN D 519 -76.88 -3.89 56.48
N SER D 520 -77.76 -3.94 57.49
CA SER D 520 -79.00 -4.71 57.43
C SER D 520 -78.73 -6.18 57.15
N THR D 521 -79.75 -6.90 56.69
CA THR D 521 -79.66 -8.32 56.39
C THR D 521 -79.93 -8.54 54.90
N GLY D 522 -80.01 -9.80 54.51
CA GLY D 522 -80.26 -10.17 53.13
C GLY D 522 -79.00 -10.58 52.40
N ALA D 523 -79.08 -10.49 51.07
CA ALA D 523 -77.98 -10.89 50.19
C ALA D 523 -77.33 -9.65 49.58
N HIS D 524 -76.01 -9.57 49.69
CA HIS D 524 -75.24 -8.47 49.14
C HIS D 524 -74.15 -9.04 48.24
N TYR D 525 -74.12 -8.59 46.99
CA TYR D 525 -73.11 -9.02 46.04
C TYR D 525 -71.97 -8.00 45.96
N TYR D 526 -70.80 -8.49 45.56
CA TYR D 526 -69.62 -7.64 45.45
C TYR D 526 -68.71 -8.19 44.36
N THR D 527 -68.32 -7.34 43.43
CA THR D 527 -67.52 -7.73 42.28
C THR D 527 -66.21 -6.95 42.25
N ARG D 528 -65.12 -7.67 41.97
CA ARG D 528 -63.79 -7.09 41.87
C ARG D 528 -63.06 -7.77 40.72
N GLN D 529 -61.84 -7.32 40.46
CA GLN D 529 -61.00 -7.94 39.43
C GLN D 529 -60.43 -9.23 39.97
N SER D 530 -60.75 -10.35 39.34
CA SER D 530 -60.33 -11.65 39.83
C SER D 530 -58.82 -11.79 39.74
N PRO D 531 -58.16 -12.31 40.77
CA PRO D 531 -56.72 -12.57 40.70
C PRO D 531 -56.44 -13.83 39.90
N ASP D 532 -55.16 -14.14 39.74
CA ASP D 532 -54.75 -15.34 39.03
C ASP D 532 -54.98 -16.57 39.91
N VAL D 533 -54.66 -17.74 39.37
CA VAL D 533 -54.75 -18.98 40.14
C VAL D 533 -53.69 -18.95 41.24
N HIS D 534 -54.06 -19.49 42.41
CA HIS D 534 -53.19 -19.50 43.59
C HIS D 534 -52.78 -18.09 43.98
N ASP D 535 -53.72 -17.15 43.88
CA ASP D 535 -53.52 -15.77 44.31
C ASP D 535 -54.61 -15.40 45.30
N TYR D 536 -54.28 -14.51 46.23
CA TYR D 536 -55.13 -14.23 47.38
C TYR D 536 -55.83 -12.89 47.25
N ILE D 537 -57.13 -12.88 47.51
CA ILE D 537 -57.92 -11.66 47.64
C ILE D 537 -58.69 -11.69 48.95
N SER D 538 -58.63 -10.60 49.70
CA SER D 538 -59.21 -10.56 51.03
C SER D 538 -60.20 -9.42 51.17
N TYR D 539 -61.28 -9.69 51.88
CA TYR D 539 -62.37 -8.74 52.11
C TYR D 539 -62.49 -8.47 53.61
N GLU D 540 -62.50 -7.20 53.98
CA GLU D 540 -62.70 -6.78 55.36
C GLU D 540 -64.15 -6.33 55.52
N PHE D 541 -64.90 -7.01 56.38
CA PHE D 541 -66.32 -6.69 56.50
C PHE D 541 -66.74 -6.66 57.97
N THR D 542 -67.89 -6.03 58.20
CA THR D 542 -68.50 -5.91 59.52
C THR D 542 -69.72 -6.81 59.60
N ILE D 543 -70.26 -6.93 60.82
CA ILE D 543 -71.51 -7.62 61.07
C ILE D 543 -72.47 -6.62 61.69
N PRO D 544 -73.58 -6.28 61.02
CA PRO D 544 -74.52 -5.33 61.60
C PRO D 544 -75.13 -5.86 62.89
N GLY D 545 -75.33 -4.97 63.85
CA GLY D 545 -75.90 -5.33 65.14
C GLY D 545 -75.06 -4.79 66.28
N ASN D 546 -75.73 -4.43 67.37
CA ASN D 546 -75.07 -3.94 68.56
C ASN D 546 -74.78 -5.09 69.51
N PHE D 547 -74.38 -4.78 70.74
CA PHE D 547 -74.08 -5.79 71.73
C PHE D 547 -75.16 -5.85 72.82
N ASN D 549 -69.39 -10.40 74.34
CA ASN D 549 -70.21 -11.22 73.45
C ASN D 549 -71.62 -10.66 73.36
N LYS D 550 -72.39 -11.18 72.41
CA LYS D 550 -73.77 -10.76 72.19
C LYS D 550 -74.47 -11.82 71.37
N ASP D 551 -75.67 -11.50 70.89
CA ASP D 551 -76.42 -12.42 70.03
C ASP D 551 -75.71 -12.59 68.70
N THR D 552 -75.73 -13.81 68.18
CA THR D 552 -75.05 -14.13 66.93
C THR D 552 -76.00 -14.01 65.75
N SER D 553 -75.44 -14.08 64.54
CA SER D 553 -76.22 -14.02 63.32
C SER D 553 -75.64 -15.01 62.33
N ASN D 554 -76.53 -15.53 61.47
CA ASN D 554 -76.14 -16.53 60.48
C ASN D 554 -75.61 -15.82 59.24
N ILE D 555 -74.54 -16.38 58.67
CA ILE D 555 -73.85 -15.80 57.53
C ILE D 555 -73.48 -16.92 56.57
N ARG D 556 -73.74 -16.68 55.28
CA ARG D 556 -73.33 -17.57 54.21
C ARG D 556 -72.51 -16.79 53.18
N LEU D 557 -71.52 -17.45 52.59
CA LEU D 557 -70.66 -16.83 51.59
C LEU D 557 -70.56 -17.75 50.39
N TYR D 558 -70.77 -17.21 49.20
CA TYR D 558 -70.64 -18.05 48.01
C TYR D 558 -70.22 -17.23 46.80
N THR D 559 -69.36 -17.81 45.98
CA THR D 559 -68.90 -17.17 44.75
C THR D 559 -69.79 -17.58 43.58
N SER D 560 -69.90 -16.68 42.60
CA SER D 560 -70.81 -16.90 41.49
C SER D 560 -70.18 -17.74 40.38
N TYR D 561 -69.14 -17.21 39.75
CA TYR D 561 -68.36 -17.86 38.73
C TYR D 561 -67.10 -18.67 39.12
N ASN D 562 -66.10 -17.93 39.60
CA ASN D 562 -64.86 -18.55 40.04
C ASN D 562 -64.84 -19.46 41.25
N GLN D 563 -64.00 -20.49 41.19
CA GLN D 563 -63.84 -21.45 42.28
C GLN D 563 -62.64 -21.04 43.12
N GLY D 564 -62.84 -20.96 44.43
CA GLY D 564 -61.77 -20.57 45.33
C GLY D 564 -61.98 -21.16 46.71
N ILE D 565 -60.88 -21.32 47.43
CA ILE D 565 -60.93 -21.75 48.82
C ILE D 565 -60.92 -20.52 49.71
N GLY D 566 -61.70 -20.57 50.78
CA GLY D 566 -61.89 -19.40 51.63
C GLY D 566 -61.59 -19.69 53.09
N THR D 567 -61.09 -18.67 53.77
CA THR D 567 -60.87 -18.70 55.21
C THR D 567 -61.47 -17.45 55.83
N LEU D 568 -61.96 -17.59 57.06
CA LEU D 568 -62.61 -16.50 57.79
C LEU D 568 -61.90 -16.29 59.11
N PHE D 569 -61.36 -15.09 59.32
CA PHE D 569 -60.71 -14.71 60.56
C PHE D 569 -61.45 -13.55 61.20
N ARG D 570 -61.41 -13.49 62.53
CA ARG D 570 -61.91 -12.35 63.30
C ARG D 570 -60.73 -11.46 63.65
N VAL D 571 -60.85 -10.16 63.40
CA VAL D 571 -59.72 -9.25 63.56
C VAL D 571 -59.80 -8.60 64.94
N THR D 572 -58.67 -8.61 65.66
CA THR D 572 -58.52 -7.92 66.93
C THR D 572 -57.41 -6.89 66.81
N GLU D 573 -57.68 -5.66 67.24
CA GLU D 573 -56.74 -4.55 67.14
C GLU D 573 -56.02 -4.41 68.48
N THR D 574 -54.76 -4.82 68.52
CA THR D 574 -53.98 -4.80 69.76
C THR D 574 -52.95 -3.68 69.81
N ILE D 575 -52.44 -3.24 68.66
CA ILE D 575 -51.43 -2.18 68.59
C ILE D 575 -50.20 -2.54 69.43
N GLY D 577 -50.13 -5.30 66.27
CA GLY D 577 -51.06 -4.37 65.65
C GLY D 577 -52.41 -4.99 65.36
N TYR D 578 -52.42 -6.00 64.51
CA TYR D 578 -53.64 -6.71 64.13
C TYR D 578 -53.43 -8.19 64.41
N ASN D 579 -53.84 -8.63 65.59
CA ASN D 579 -53.74 -10.05 65.95
C ASN D 579 -54.82 -10.81 65.21
N LEU D 580 -54.43 -11.88 64.52
CA LEU D 580 -55.32 -12.68 63.71
C LEU D 580 -55.47 -14.05 64.36
N ILE D 581 -56.68 -14.42 64.73
CA ILE D 581 -56.98 -15.75 65.22
C ILE D 581 -57.82 -16.49 64.18
N ASN D 582 -57.71 -17.81 64.17
CA ASN D 582 -58.35 -18.64 63.17
C ASN D 582 -59.59 -19.29 63.77
N ILE D 583 -60.72 -19.15 63.09
CA ILE D 583 -61.96 -19.76 63.53
C ILE D 583 -62.44 -20.87 62.60
N GLN D 584 -62.07 -20.83 61.32
CA GLN D 584 -62.42 -21.89 60.39
C GLN D 584 -61.46 -21.83 59.20
N GLN D 585 -61.35 -22.95 58.50
CA GLN D 585 -60.44 -23.05 57.38
C GLN D 585 -61.00 -24.08 56.40
N ASN D 586 -60.25 -24.32 55.31
CA ASN D 586 -60.61 -25.23 54.22
C ASN D 586 -62.10 -25.17 53.91
N LEU D 587 -62.56 -23.96 53.58
CA LEU D 587 -63.94 -23.73 53.18
C LEU D 587 -64.04 -23.69 51.66
N ASN D 588 -65.07 -24.32 51.12
CA ASN D 588 -65.27 -24.42 49.68
C ASN D 588 -66.31 -23.40 49.25
N LEU D 589 -65.94 -22.56 48.30
CA LEU D 589 -66.81 -21.54 47.73
C LEU D 589 -67.51 -22.11 46.50
N LEU D 590 -68.04 -21.24 45.63
CA LEU D 590 -68.84 -21.63 44.47
C LEU D 590 -70.14 -22.32 44.90
N ASN D 591 -71.00 -21.52 45.53
CA ASN D 591 -72.35 -21.90 45.91
C ASN D 591 -72.35 -23.01 46.95
N SER D 592 -71.70 -22.76 48.08
CA SER D 592 -71.74 -23.69 49.20
C SER D 592 -73.00 -23.42 50.03
N THR D 593 -73.64 -24.50 50.48
CA THR D 593 -74.80 -24.42 51.34
C THR D 593 -74.44 -24.23 52.80
N LYS D 594 -73.16 -24.24 53.14
CA LYS D 594 -72.73 -24.09 54.53
C LYS D 594 -73.04 -22.70 55.04
N SER D 595 -73.44 -22.62 56.30
CA SER D 595 -73.74 -21.36 56.97
C SER D 595 -73.12 -21.39 58.36
N ILE D 596 -72.59 -20.25 58.81
CA ILE D 596 -71.90 -20.17 60.08
C ILE D 596 -72.41 -18.98 60.90
N ARG D 597 -72.20 -19.05 62.20
CA ARG D 597 -72.74 -18.06 63.13
C ARG D 597 -71.60 -17.15 63.59
N LEU D 598 -71.79 -15.84 63.45
CA LEU D 598 -70.80 -14.87 63.90
C LEU D 598 -71.44 -13.85 64.82
N LEU D 599 -70.64 -13.36 65.77
CA LEU D 599 -71.13 -12.38 66.73
C LEU D 599 -71.48 -11.06 66.03
N ASN D 600 -72.62 -10.50 66.38
CA ASN D 600 -73.05 -9.23 65.81
C ASN D 600 -72.14 -8.11 66.32
N GLY D 601 -71.79 -7.18 65.42
CA GLY D 601 -70.90 -6.09 65.76
C GLY D 601 -69.42 -6.41 65.70
N ALA D 602 -69.03 -7.43 64.96
CA ALA D 602 -67.64 -7.85 64.88
C ALA D 602 -67.14 -7.70 63.45
N ILE D 603 -65.82 -7.61 63.29
CA ILE D 603 -65.20 -7.35 62.00
C ILE D 603 -64.22 -8.47 61.63
N TYR D 604 -64.32 -8.92 60.38
CA TYR D 604 -63.67 -10.13 59.92
C TYR D 604 -62.93 -9.90 58.61
N ILE D 605 -61.96 -10.79 58.38
CA ILE D 605 -61.20 -10.89 57.15
C ILE D 605 -61.57 -12.19 56.47
N LEU D 606 -62.01 -12.11 55.22
CA LEU D 606 -62.30 -13.29 54.41
C LEU D 606 -61.25 -13.38 53.31
N LYS D 607 -60.43 -14.42 53.36
CA LYS D 607 -59.33 -14.62 52.42
C LYS D 607 -59.72 -15.69 51.41
N VAL D 608 -59.61 -15.37 50.12
CA VAL D 608 -60.00 -16.25 49.04
C VAL D 608 -58.78 -16.50 48.17
N GLU D 609 -58.48 -17.77 47.92
CA GLU D 609 -57.45 -18.18 46.98
C GLU D 609 -58.14 -18.88 45.81
N VAL D 610 -58.01 -18.31 44.62
CA VAL D 610 -58.68 -18.86 43.45
C VAL D 610 -57.97 -20.12 42.99
N THR D 611 -58.71 -21.23 42.91
CA THR D 611 -58.15 -22.49 42.45
C THR D 611 -58.54 -22.81 41.01
N GLU D 612 -59.70 -22.37 40.54
CA GLU D 612 -60.14 -22.57 39.17
C GLU D 612 -60.65 -21.24 38.64
N LEU D 613 -59.92 -20.66 37.67
CA LEU D 613 -60.29 -19.38 37.11
C LEU D 613 -61.23 -19.58 35.93
N ASN D 614 -62.45 -19.03 36.03
CA ASN D 614 -63.44 -19.18 34.99
C ASN D 614 -64.02 -17.86 34.50
N ASN D 615 -63.63 -16.73 35.09
CA ASN D 615 -64.16 -15.44 34.70
C ASN D 615 -63.12 -14.36 35.00
N TYR D 616 -63.19 -13.27 34.24
CA TYR D 616 -62.28 -12.16 34.45
C TYR D 616 -62.56 -11.44 35.76
N ASN D 617 -63.83 -11.38 36.17
CA ASN D 617 -64.22 -10.69 37.39
C ASN D 617 -64.65 -11.70 38.45
N ILE D 618 -64.16 -11.50 39.66
CA ILE D 618 -64.60 -12.28 40.82
C ILE D 618 -65.83 -11.61 41.39
N LYS D 619 -66.84 -12.40 41.75
CA LYS D 619 -68.09 -11.87 42.26
C LYS D 619 -68.61 -12.79 43.35
N LEU D 620 -68.66 -12.29 44.58
CA LEU D 620 -69.06 -13.08 45.73
C LEU D 620 -70.28 -12.46 46.41
N HIS D 621 -71.14 -13.31 46.95
CA HIS D 621 -72.34 -12.89 47.64
C HIS D 621 -72.24 -13.29 49.11
N ILE D 622 -72.55 -12.35 49.99
CA ILE D 622 -72.70 -12.59 51.42
C ILE D 622 -74.18 -12.58 51.74
N ASP D 623 -74.58 -13.43 52.68
CA ASP D 623 -75.98 -13.55 53.09
C ASP D 623 -76.02 -13.47 54.61
N ILE D 624 -76.72 -12.46 55.11
CA ILE D 624 -76.83 -12.20 56.55
C ILE D 624 -78.28 -12.45 56.96
N THR D 625 -78.46 -13.26 58.01
CA THR D 625 -79.78 -13.58 58.52
C THR D 625 -79.77 -13.61 60.04
N THR E 22 28.72 -22.39 -11.66
CA THR E 22 29.04 -23.51 -12.53
C THR E 22 27.78 -24.09 -13.15
N ILE E 23 27.63 -23.92 -14.47
CA ILE E 23 26.46 -24.40 -15.19
C ILE E 23 26.91 -24.91 -16.55
N ASP E 24 26.06 -25.71 -17.18
CA ASP E 24 26.31 -26.27 -18.50
C ASP E 24 25.30 -25.65 -19.47
N LEU E 25 25.63 -24.47 -19.98
CA LEU E 25 24.76 -23.75 -20.90
C LEU E 25 25.62 -22.85 -21.78
N ALA E 26 25.02 -22.42 -22.89
CA ALA E 26 25.69 -21.48 -23.76
C ALA E 26 25.77 -20.10 -23.11
N ASP E 27 26.66 -19.27 -23.64
CA ASP E 27 26.85 -17.93 -23.09
C ASP E 27 25.64 -17.05 -23.41
N GLY E 28 25.26 -16.21 -22.45
CA GLY E 28 24.18 -15.28 -22.65
C GLY E 28 23.34 -15.15 -21.40
N ASN E 29 22.24 -14.40 -21.52
CA ASN E 29 21.32 -14.19 -20.41
C ASN E 29 20.23 -15.25 -20.43
N TYR E 30 19.84 -15.68 -19.23
CA TYR E 30 18.84 -16.73 -19.07
C TYR E 30 17.86 -16.35 -17.97
N VAL E 31 16.58 -16.60 -18.22
CA VAL E 31 15.53 -16.43 -17.24
C VAL E 31 15.26 -17.80 -16.63
N VAL E 32 15.35 -17.90 -15.31
CA VAL E 32 15.25 -19.18 -14.60
C VAL E 32 14.16 -19.09 -13.55
N SER E 33 13.34 -20.12 -13.49
CA SER E 33 12.38 -20.31 -12.41
C SER E 33 12.81 -21.53 -11.61
N ARG E 34 12.92 -21.35 -10.28
CA ARG E 34 13.31 -22.43 -9.38
C ARG E 34 12.12 -22.92 -8.55
N GLY E 35 10.92 -22.77 -9.08
CA GLY E 35 9.73 -23.25 -8.41
C GLY E 35 9.33 -22.37 -7.24
N ASP E 36 8.19 -22.71 -6.66
CA ASP E 36 7.68 -22.00 -5.50
C ASP E 36 7.99 -22.80 -4.24
N GLY E 37 7.45 -22.36 -3.11
CA GLY E 37 7.79 -22.99 -1.85
C GLY E 37 9.19 -22.66 -1.36
N TRP E 38 9.61 -21.41 -1.50
CA TRP E 38 10.89 -20.95 -1.01
C TRP E 38 10.66 -20.15 0.27
N ILE E 39 11.26 -20.59 1.37
CA ILE E 39 11.16 -19.91 2.64
C ILE E 39 12.43 -19.12 2.89
N LEU E 40 12.28 -17.86 3.28
CA LEU E 40 13.41 -16.96 3.43
C LEU E 40 14.09 -17.19 4.79
N SER E 41 15.19 -16.49 5.00
CA SER E 41 16.03 -16.69 6.18
C SER E 41 15.79 -15.58 7.21
N ARG E 42 15.90 -15.96 8.48
CA ARG E 42 15.80 -15.11 9.66
C ARG E 42 14.40 -14.58 9.90
N GLN E 43 13.44 -14.84 9.00
CA GLN E 43 12.06 -14.38 9.16
C GLN E 43 11.16 -15.59 9.03
N ASN E 44 11.09 -16.32 10.16
CA ASN E 44 10.24 -17.51 10.19
C ASN E 44 8.99 -17.15 10.97
N GLN E 45 9.02 -16.78 12.20
CA GLN E 45 7.88 -16.53 13.07
C GLN E 45 7.71 -15.03 13.33
N ILE E 46 7.99 -14.21 12.30
CA ILE E 46 7.68 -12.80 12.41
C ILE E 46 6.18 -12.56 12.33
N LEU E 47 5.43 -13.55 11.81
CA LEU E 47 3.97 -13.46 11.79
C LEU E 47 3.32 -14.00 13.05
N GLY E 48 4.09 -14.63 13.92
CA GLY E 48 3.56 -15.16 15.15
C GLY E 48 3.06 -16.59 15.01
N GLY E 49 2.83 -17.23 16.14
CA GLY E 49 2.35 -18.60 16.16
C GLY E 49 1.14 -18.80 17.04
N SER E 50 0.71 -20.06 17.17
CA SER E 50 -0.46 -20.42 17.93
C SER E 50 -0.12 -21.61 18.83
N VAL E 51 -0.60 -21.54 20.07
CA VAL E 51 -0.45 -22.61 21.04
C VAL E 51 -1.83 -23.23 21.27
N ILE E 52 -1.93 -24.53 21.06
CA ILE E 52 -3.19 -25.27 21.15
C ILE E 52 -3.06 -26.24 22.31
N SER E 53 -3.99 -26.17 23.24
CA SER E 53 -4.01 -27.08 24.38
C SER E 53 -4.63 -28.40 23.96
N ASN E 54 -4.86 -29.28 24.94
CA ASN E 54 -5.32 -30.63 24.65
C ASN E 54 -6.70 -30.63 24.04
N GLY E 55 -6.90 -31.44 23.00
CA GLY E 55 -8.21 -31.65 22.39
C GLY E 55 -8.59 -30.69 21.28
N SER E 56 -8.42 -29.39 21.50
CA SER E 56 -8.87 -28.41 20.54
C SER E 56 -8.14 -28.36 19.20
N THR E 57 -8.80 -27.77 18.21
CA THR E 57 -8.22 -27.52 16.90
C THR E 57 -7.81 -26.11 16.56
N GLY E 58 -6.60 -25.93 16.03
CA GLY E 58 -6.10 -24.63 15.69
C GLY E 58 -6.01 -24.51 14.18
N ILE E 59 -6.62 -23.46 13.64
CA ILE E 59 -6.61 -23.17 12.22
C ILE E 59 -5.92 -21.84 12.04
N VAL E 60 -4.76 -21.87 11.39
CA VAL E 60 -3.96 -20.68 11.12
C VAL E 60 -3.95 -20.46 9.62
N GLY E 61 -4.37 -19.28 9.18
CA GLY E 61 -4.51 -19.01 7.76
C GLY E 61 -4.15 -17.58 7.44
N ASP E 62 -4.24 -17.27 6.15
CA ASP E 62 -3.94 -15.93 5.68
C ASP E 62 -4.63 -15.74 4.33
N LEU E 63 -4.65 -14.49 3.88
CA LEU E 63 -5.33 -14.11 2.64
C LEU E 63 -4.42 -13.14 1.90
N ARG E 64 -3.63 -13.68 0.98
CA ARG E 64 -2.69 -12.88 0.21
C ARG E 64 -3.47 -12.00 -0.76
N VAL E 65 -3.51 -10.69 -0.47
CA VAL E 65 -4.19 -9.76 -1.36
C VAL E 65 -3.32 -8.58 -1.78
N ASN E 66 -2.91 -7.76 -0.79
CA ASN E 66 -2.36 -6.41 -1.07
C ASN E 66 -0.93 -6.18 -0.66
N ASP E 67 -0.70 -6.02 0.63
CA ASP E 67 0.67 -5.74 1.11
C ASP E 67 1.51 -7.01 1.25
N ASN E 68 1.01 -8.14 1.78
CA ASN E 68 1.96 -9.23 1.69
C ASN E 68 2.20 -9.69 0.26
N ALA E 69 1.40 -9.21 -0.69
CA ALA E 69 1.59 -9.56 -2.10
C ALA E 69 2.44 -8.51 -2.82
N ILE E 70 3.61 -8.23 -2.28
CA ILE E 70 4.56 -7.30 -2.88
C ILE E 70 5.84 -8.07 -3.20
N PRO E 71 6.25 -8.15 -4.46
CA PRO E 71 7.47 -8.91 -4.79
C PRO E 71 8.71 -8.22 -4.27
N TYR E 72 9.74 -9.01 -4.01
CA TYR E 72 11.03 -8.52 -3.54
C TYR E 72 12.03 -8.62 -4.66
N TYR E 73 12.61 -7.48 -5.04
CA TYR E 73 13.60 -7.42 -6.10
C TYR E 73 14.99 -7.32 -5.49
N TYR E 74 15.90 -8.16 -5.97
CA TYR E 74 17.32 -8.11 -5.60
C TYR E 74 18.06 -8.05 -6.92
N PRO E 75 18.27 -6.86 -7.47
CA PRO E 75 18.87 -6.74 -8.80
C PRO E 75 20.38 -6.56 -8.76
N THR E 76 21.00 -6.62 -9.92
CA THR E 76 22.43 -6.43 -10.10
C THR E 76 22.64 -5.40 -11.19
N PRO E 77 23.87 -4.92 -11.37
CA PRO E 77 24.16 -4.12 -12.56
C PRO E 77 23.85 -4.90 -13.83
N SER E 78 23.34 -4.19 -14.83
CA SER E 78 22.88 -4.72 -16.12
C SER E 78 21.58 -5.51 -16.01
N PHE E 79 21.04 -5.68 -14.80
CA PHE E 79 19.72 -6.29 -14.61
C PHE E 79 18.96 -5.39 -13.64
N ASN E 80 18.27 -4.38 -14.16
CA ASN E 80 17.47 -3.52 -13.31
C ASN E 80 16.13 -4.19 -13.02
N GLU E 81 15.31 -3.50 -12.23
CA GLU E 81 14.01 -4.05 -11.86
C GLU E 81 13.12 -4.24 -13.08
N GLU E 82 13.10 -3.25 -13.98
CA GLU E 82 12.23 -3.34 -15.14
C GLU E 82 12.61 -4.50 -16.04
N TYR E 83 13.92 -4.70 -16.26
CA TYR E 83 14.37 -5.78 -17.13
C TYR E 83 13.92 -7.14 -16.60
N ILE E 84 14.22 -7.42 -15.34
CA ILE E 84 13.88 -8.72 -14.76
C ILE E 84 12.36 -8.89 -14.70
N LYS E 85 11.64 -7.84 -14.33
CA LYS E 85 10.19 -7.93 -14.26
C LYS E 85 9.61 -8.27 -15.62
N ASN E 86 10.00 -7.54 -16.66
CA ASN E 86 9.46 -7.79 -17.99
C ASN E 86 9.78 -9.18 -18.47
N ASN E 87 11.03 -9.64 -18.26
CA ASN E 87 11.39 -10.97 -18.73
C ASN E 87 10.57 -12.05 -18.03
N ILE E 88 10.38 -11.92 -16.71
CA ILE E 88 9.65 -12.95 -15.98
C ILE E 88 8.17 -12.94 -16.34
N GLN E 89 7.58 -11.76 -16.55
CA GLN E 89 6.20 -11.74 -17.02
C GLN E 89 6.07 -12.36 -18.41
N THR E 90 6.99 -12.06 -19.32
CA THR E 90 6.87 -12.58 -20.67
C THR E 90 7.03 -14.10 -20.70
N VAL E 91 7.95 -14.65 -19.91
CA VAL E 91 8.17 -16.09 -19.96
C VAL E 91 7.24 -16.82 -19.00
N PHE E 92 7.38 -16.55 -17.72
CA PHE E 92 6.65 -17.27 -16.68
C PHE E 92 5.37 -16.53 -16.30
N ALA E 93 4.75 -16.94 -15.20
CA ALA E 93 3.48 -16.38 -14.78
C ALA E 93 3.59 -14.90 -14.47
N ASN E 94 2.51 -14.17 -14.76
CA ASN E 94 2.44 -12.73 -14.54
C ASN E 94 1.88 -12.50 -13.13
N PHE E 95 2.65 -11.79 -12.31
CA PHE E 95 2.25 -11.57 -10.92
C PHE E 95 1.65 -10.20 -10.66
N THR E 96 1.95 -9.20 -11.49
CA THR E 96 1.43 -7.86 -11.24
C THR E 96 -0.09 -7.83 -11.29
N GLU E 97 -0.69 -8.52 -12.28
CA GLU E 97 -2.13 -8.59 -12.37
C GLU E 97 -2.73 -9.68 -11.49
N ALA E 98 -1.98 -10.76 -11.23
CA ALA E 98 -2.48 -11.84 -10.39
C ALA E 98 -2.48 -11.51 -8.91
N ASN E 99 -1.67 -10.53 -8.49
CA ASN E 99 -1.63 -10.17 -7.08
C ASN E 99 -2.79 -9.28 -6.66
N GLN E 100 -3.54 -8.72 -7.61
CA GLN E 100 -4.69 -7.91 -7.25
C GLN E 100 -5.85 -8.76 -6.72
N ILE E 101 -5.84 -10.05 -7.00
CA ILE E 101 -6.94 -10.95 -6.62
C ILE E 101 -6.57 -11.63 -5.30
N PRO E 102 -7.34 -11.45 -4.24
CA PRO E 102 -7.01 -12.10 -2.97
C PRO E 102 -7.20 -13.62 -3.05
N ILE E 103 -6.17 -14.36 -2.64
CA ILE E 103 -6.22 -15.82 -2.57
C ILE E 103 -5.96 -16.22 -1.13
N GLY E 104 -6.83 -17.06 -0.57
CA GLY E 104 -6.71 -17.46 0.82
C GLY E 104 -6.14 -18.85 0.96
N PHE E 105 -5.36 -19.05 2.02
CA PHE E 105 -4.86 -20.37 2.36
C PHE E 105 -4.98 -20.57 3.86
N GLU E 106 -5.03 -21.83 4.28
CA GLU E 106 -5.14 -22.12 5.70
C GLU E 106 -4.61 -23.51 6.02
N PHE E 107 -4.18 -23.68 7.26
CA PHE E 107 -3.79 -24.95 7.84
C PHE E 107 -4.63 -25.22 9.08
N SER E 108 -4.91 -26.50 9.30
CA SER E 108 -5.63 -26.96 10.48
C SER E 108 -4.83 -28.08 11.14
N LYS E 109 -4.61 -27.96 12.45
CA LYS E 109 -3.87 -28.97 13.21
C LYS E 109 -4.61 -29.24 14.51
N THR E 110 -4.79 -30.53 14.82
CA THR E 110 -5.47 -30.95 16.04
C THR E 110 -4.45 -31.41 17.06
N ALA E 111 -4.49 -30.82 18.25
CA ALA E 111 -3.54 -31.15 19.30
C ALA E 111 -3.89 -32.50 19.93
N PRO E 112 -2.91 -33.18 20.52
CA PRO E 112 -3.19 -34.47 21.16
C PRO E 112 -4.09 -34.30 22.38
N SER E 113 -4.54 -35.45 22.89
CA SER E 113 -5.53 -35.46 23.96
C SER E 113 -4.96 -34.95 25.29
N ASN E 114 -3.64 -35.06 25.50
CA ASN E 114 -3.04 -34.60 26.74
C ASN E 114 -1.70 -33.93 26.47
N LYS E 115 -1.63 -33.09 25.43
CA LYS E 115 -0.38 -32.45 25.06
C LYS E 115 -0.67 -31.07 24.48
N ASN E 116 0.39 -30.26 24.40
CA ASN E 116 0.31 -28.93 23.83
C ASN E 116 1.04 -28.90 22.49
N LEU E 117 0.48 -28.15 21.54
CA LEU E 117 1.00 -28.08 20.19
C LEU E 117 1.25 -26.63 19.81
N TYR E 118 2.44 -26.35 19.27
CA TYR E 118 2.79 -25.01 18.83
C TYR E 118 3.00 -25.01 17.33
N MET E 119 2.27 -24.16 16.62
CA MET E 119 2.37 -24.09 15.16
C MET E 119 2.58 -22.65 14.73
N TYR E 120 3.50 -22.43 13.80
CA TYR E 120 3.78 -21.07 13.35
C TYR E 120 3.81 -21.01 11.83
N LEU E 121 3.45 -19.85 11.29
CA LEU E 121 3.20 -19.66 9.86
C LEU E 121 4.32 -18.83 9.24
N GLN E 122 4.70 -19.20 8.02
CA GLN E 122 5.69 -18.49 7.23
C GLN E 122 5.06 -18.05 5.90
N TYR E 123 5.89 -17.50 5.03
CA TYR E 123 5.52 -17.19 3.65
C TYR E 123 6.43 -17.96 2.72
N THR E 124 5.84 -18.69 1.79
CA THR E 124 6.58 -19.37 0.74
C THR E 124 6.46 -18.58 -0.54
N TYR E 125 7.60 -18.29 -1.16
CA TYR E 125 7.71 -17.45 -2.35
C TYR E 125 8.09 -18.30 -3.55
N ILE E 126 8.21 -17.64 -4.70
CA ILE E 126 8.67 -18.27 -5.93
C ILE E 126 9.99 -17.60 -6.29
N ARG E 127 11.05 -18.41 -6.43
CA ARG E 127 12.37 -17.87 -6.70
C ARG E 127 12.56 -17.75 -8.22
N TYR E 128 12.71 -16.51 -8.67
CA TYR E 128 13.00 -16.22 -10.07
C TYR E 128 14.40 -15.62 -10.16
N GLU E 129 15.15 -16.01 -11.19
CA GLU E 129 16.51 -15.56 -11.37
C GLU E 129 16.74 -15.13 -12.81
N ILE E 130 17.68 -14.21 -13.00
CA ILE E 130 18.12 -13.78 -14.32
C ILE E 130 19.64 -13.91 -14.32
N ILE E 131 20.15 -15.02 -14.85
CA ILE E 131 21.56 -15.32 -14.78
C ILE E 131 22.24 -14.91 -16.07
N LYS E 132 23.54 -14.67 -15.99
CA LYS E 132 24.39 -14.35 -17.13
C LYS E 132 25.50 -15.37 -17.18
N VAL E 133 25.49 -16.23 -18.19
CA VAL E 133 26.46 -17.32 -18.30
C VAL E 133 27.57 -16.89 -19.25
N LEU E 134 28.78 -16.81 -18.72
CA LEU E 134 29.99 -16.60 -19.50
C LEU E 134 30.87 -17.83 -19.35
N GLN E 135 31.35 -18.35 -20.48
CA GLN E 135 32.01 -19.66 -20.51
C GLN E 135 31.01 -20.67 -19.92
N HIS E 136 31.43 -21.53 -19.00
CA HIS E 136 30.54 -22.50 -18.36
C HIS E 136 30.35 -22.20 -16.87
N GLU E 137 30.29 -20.91 -16.53
CA GLU E 137 30.10 -20.50 -15.15
C GLU E 137 29.19 -19.28 -15.11
N ILE E 138 28.44 -19.15 -14.02
CA ILE E 138 27.55 -18.02 -13.84
C ILE E 138 28.35 -16.85 -13.28
N ILE E 139 28.25 -15.69 -13.95
CA ILE E 139 28.98 -14.50 -13.53
C ILE E 139 28.07 -13.43 -12.95
N GLU E 140 26.75 -13.56 -13.08
CA GLU E 140 25.83 -12.58 -12.54
C GLU E 140 24.50 -13.26 -12.30
N ARG E 141 23.75 -12.75 -11.31
CA ARG E 141 22.47 -13.35 -10.97
C ARG E 141 21.65 -12.35 -10.17
N ALA E 142 20.46 -12.02 -10.67
CA ALA E 142 19.47 -11.25 -9.94
C ALA E 142 18.35 -12.17 -9.48
N VAL E 143 17.63 -11.76 -8.45
CA VAL E 143 16.58 -12.59 -7.86
C VAL E 143 15.31 -11.77 -7.71
N LEU E 144 14.17 -12.42 -7.94
CA LEU E 144 12.87 -11.80 -7.76
C LEU E 144 11.98 -12.80 -7.03
N TYR E 145 11.46 -12.40 -5.88
CA TYR E 145 10.65 -13.26 -5.02
C TYR E 145 9.20 -12.82 -5.13
N VAL E 146 8.33 -13.74 -5.54
CA VAL E 146 6.89 -13.50 -5.61
C VAL E 146 6.24 -14.20 -4.43
N PRO E 147 5.50 -13.50 -3.57
CA PRO E 147 4.79 -14.18 -2.48
C PRO E 147 3.74 -15.13 -3.01
N SER E 148 3.94 -16.43 -2.79
CA SER E 148 3.05 -17.44 -3.34
C SER E 148 1.97 -17.86 -2.33
N LEU E 149 2.39 -18.42 -1.20
CA LEU E 149 1.45 -19.01 -0.25
C LEU E 149 2.13 -19.03 1.12
N GLY E 150 1.60 -19.85 2.04
CA GLY E 150 2.18 -20.00 3.35
C GLY E 150 2.64 -21.41 3.65
N TYR E 151 3.09 -21.59 4.88
CA TYR E 151 3.62 -22.88 5.34
C TYR E 151 3.60 -22.87 6.86
N VAL E 152 2.93 -23.84 7.46
CA VAL E 152 2.82 -23.93 8.91
C VAL E 152 3.72 -25.05 9.38
N LYS E 153 4.66 -24.71 10.27
CA LYS E 153 5.50 -25.70 10.93
C LYS E 153 5.00 -25.89 12.35
N SER E 154 4.75 -27.14 12.72
CA SER E 154 4.14 -27.47 13.99
C SER E 154 5.01 -28.46 14.76
N ILE E 155 4.99 -28.31 16.08
CA ILE E 155 5.67 -29.24 16.98
C ILE E 155 4.74 -29.52 18.16
N GLU E 156 4.98 -30.66 18.81
CA GLU E 156 4.24 -31.05 20.01
C GLU E 156 5.22 -31.02 21.17
N PHE E 157 4.93 -30.20 22.18
CA PHE E 157 5.91 -29.89 23.20
C PHE E 157 5.33 -30.10 24.59
N ASN E 158 6.24 -30.29 25.54
CA ASN E 158 5.95 -30.38 26.97
C ASN E 158 6.47 -29.14 27.67
N PRO E 159 5.89 -28.75 28.80
CA PRO E 159 6.40 -27.57 29.52
C PRO E 159 7.82 -27.81 30.00
N GLY E 160 8.69 -26.84 29.74
CA GLY E 160 10.09 -26.94 30.10
C GLY E 160 10.93 -27.79 29.19
N GLU E 161 10.38 -28.24 28.06
CA GLU E 161 11.11 -29.09 27.13
C GLU E 161 11.97 -28.24 26.20
N LYS E 162 13.20 -28.68 25.97
CA LYS E 162 14.11 -27.98 25.08
C LYS E 162 13.80 -28.33 23.64
N ILE E 163 13.70 -27.32 22.79
CA ILE E 163 13.38 -27.48 21.38
C ILE E 163 14.61 -27.11 20.56
N ASN E 164 14.88 -27.90 19.52
CA ASN E 164 16.04 -27.65 18.67
C ASN E 164 15.96 -26.25 18.05
N LYS E 165 17.08 -25.54 18.06
CA LYS E 165 17.12 -24.18 17.54
C LYS E 165 16.84 -24.13 16.04
N ASP E 166 17.07 -25.23 15.33
CA ASP E 166 16.80 -25.28 13.90
C ASP E 166 15.31 -25.36 13.59
N PHE E 167 14.47 -25.64 14.59
CA PHE E 167 13.04 -25.69 14.33
C PHE E 167 12.47 -24.31 14.07
N TYR E 168 12.94 -23.30 14.81
CA TYR E 168 12.45 -21.93 14.65
C TYR E 168 13.24 -21.13 13.63
N PHE E 169 14.57 -21.17 13.72
CA PHE E 169 15.40 -20.29 12.91
C PHE E 169 15.83 -20.96 11.62
N LEU E 170 16.01 -20.14 10.58
CA LEU E 170 16.52 -20.60 9.30
C LEU E 170 17.69 -19.71 8.91
N THR E 171 18.88 -20.30 8.77
CA THR E 171 20.07 -19.53 8.46
C THR E 171 20.09 -19.08 7.01
N ASN E 172 19.72 -19.97 6.09
CA ASN E 172 19.78 -19.68 4.67
C ASN E 172 18.48 -20.13 4.00
N ASP E 173 18.18 -19.50 2.87
CA ASP E 173 16.97 -19.84 2.12
C ASP E 173 17.04 -21.27 1.61
N LYS E 174 15.88 -21.91 1.54
CA LYS E 174 15.78 -23.26 0.99
C LYS E 174 14.38 -23.48 0.46
N CYS E 175 14.26 -24.44 -0.45
CA CYS E 175 12.98 -24.82 -1.03
C CYS E 175 12.46 -26.05 -0.29
N ILE E 176 11.19 -25.99 0.12
CA ILE E 176 10.57 -27.08 0.86
C ILE E 176 9.80 -28.02 -0.04
N LEU E 177 9.78 -27.79 -1.34
CA LEU E 177 9.07 -28.65 -2.27
C LEU E 177 10.03 -29.42 -3.17
N GLU E 179 12.04 -28.87 -6.15
CA GLU E 179 13.37 -28.48 -6.61
C GLU E 179 13.47 -28.58 -8.12
N GLN E 180 13.21 -27.47 -8.80
CA GLN E 180 13.23 -27.42 -10.26
C GLN E 180 14.14 -26.29 -10.73
N PHE E 181 14.49 -26.33 -12.01
CA PHE E 181 15.33 -25.31 -12.64
C PHE E 181 14.90 -25.21 -14.10
N LEU E 182 13.98 -24.29 -14.37
CA LEU E 182 13.45 -24.09 -15.71
C LEU E 182 14.09 -22.85 -16.32
N TYR E 183 14.82 -23.03 -17.41
CA TYR E 183 15.59 -21.95 -18.00
C TYR E 183 15.10 -21.63 -19.40
N LYS E 184 15.14 -20.36 -19.75
CA LYS E 184 14.79 -19.88 -21.08
C LYS E 184 15.79 -18.82 -21.49
N LYS E 185 16.44 -19.01 -22.64
CA LYS E 185 17.46 -18.07 -23.10
C LYS E 185 16.79 -16.81 -23.65
N ILE E 186 17.28 -15.65 -23.23
CA ILE E 186 16.76 -14.38 -23.71
C ILE E 186 17.34 -14.08 -25.08
N LEU E 187 16.48 -13.81 -26.04
CA LEU E 187 16.92 -13.50 -27.40
C LEU E 187 16.78 -12.02 -27.69
N ARG E 208 -9.94 -36.23 -39.44
CA ARG E 208 -11.32 -36.65 -39.25
C ARG E 208 -12.28 -35.80 -40.08
N VAL E 209 -13.37 -36.40 -40.53
CA VAL E 209 -14.37 -35.70 -41.33
C VAL E 209 -15.44 -35.14 -40.41
N LEU E 210 -15.91 -33.95 -40.72
CA LEU E 210 -16.96 -33.28 -39.94
C LEU E 210 -18.21 -33.13 -40.80
N PRO E 211 -19.27 -33.88 -40.52
CA PRO E 211 -20.49 -33.80 -41.35
C PRO E 211 -21.40 -32.65 -40.93
N TYR E 212 -20.86 -31.44 -40.94
CA TYR E 212 -21.58 -30.25 -40.54
C TYR E 212 -22.01 -29.45 -41.77
N SER E 213 -23.21 -28.90 -41.72
CA SER E 213 -23.67 -28.02 -42.76
C SER E 213 -22.92 -26.69 -42.70
N ASN E 214 -22.93 -25.96 -43.82
CA ASN E 214 -22.22 -24.69 -43.88
C ASN E 214 -22.88 -23.69 -42.95
N GLY E 215 -22.11 -23.16 -42.01
CA GLY E 215 -22.64 -22.20 -41.06
C GLY E 215 -21.65 -21.83 -39.99
N LEU E 216 -22.17 -21.39 -38.84
CA LEU E 216 -21.35 -21.00 -37.70
C LEU E 216 -21.60 -21.96 -36.55
N TYR E 217 -20.54 -22.52 -36.00
CA TYR E 217 -20.63 -23.50 -34.93
C TYR E 217 -19.81 -23.05 -33.73
N VAL E 218 -20.33 -23.32 -32.54
CA VAL E 218 -19.62 -23.11 -31.29
C VAL E 218 -19.43 -24.46 -30.63
N ILE E 219 -18.18 -24.79 -30.32
CA ILE E 219 -17.81 -26.10 -29.81
C ILE E 219 -17.21 -25.92 -28.42
N ASN E 220 -17.90 -26.45 -27.42
CA ASN E 220 -17.34 -26.57 -26.08
C ASN E 220 -16.45 -27.80 -26.05
N LYS E 221 -15.14 -27.59 -25.95
CA LYS E 221 -14.18 -28.67 -26.12
C LYS E 221 -13.60 -29.20 -24.81
N GLY E 222 -14.11 -28.76 -23.68
CA GLY E 222 -13.70 -29.30 -22.39
C GLY E 222 -13.43 -28.20 -21.39
N ASP E 223 -13.39 -28.59 -20.10
CA ASP E 223 -13.10 -27.69 -19.00
C ASP E 223 -12.03 -28.32 -18.13
N GLY E 224 -10.77 -28.21 -18.56
CA GLY E 224 -9.65 -28.57 -17.71
C GLY E 224 -8.40 -27.77 -18.01
N TYR E 225 -8.52 -26.75 -18.86
CA TYR E 225 -7.38 -26.21 -19.58
C TYR E 225 -6.54 -25.30 -18.69
N ILE E 226 -5.30 -25.68 -18.47
CA ILE E 226 -4.31 -24.84 -17.82
C ILE E 226 -3.24 -24.49 -18.86
N ARG E 227 -2.47 -23.45 -18.56
CA ARG E 227 -1.40 -23.05 -19.45
C ARG E 227 -0.08 -23.69 -19.05
N THR E 228 0.81 -23.82 -20.03
CA THR E 228 2.10 -24.44 -19.79
C THR E 228 3.00 -23.52 -18.97
N ASN E 229 4.11 -24.09 -18.50
CA ASN E 229 5.11 -23.36 -17.71
C ASN E 229 4.53 -22.82 -16.41
N ASP E 230 3.47 -23.47 -15.91
CA ASP E 230 2.82 -23.08 -14.66
C ASP E 230 2.40 -21.61 -14.69
N LYS E 231 1.90 -21.17 -15.84
CA LYS E 231 1.45 -19.79 -15.97
C LYS E 231 0.18 -19.51 -15.19
N ASP E 232 -0.56 -20.57 -14.82
CA ASP E 232 -1.83 -20.43 -14.12
C ASP E 232 -1.76 -20.97 -12.69
N LEU E 233 -0.56 -21.13 -12.15
CA LEU E 233 -0.40 -21.71 -10.82
C LEU E 233 -0.93 -20.73 -9.77
N ILE E 234 -2.08 -21.08 -9.16
CA ILE E 234 -2.55 -20.32 -8.01
C ILE E 234 -1.59 -20.47 -6.85
N GLY E 235 -1.17 -21.70 -6.57
CA GLY E 235 -0.21 -21.90 -5.50
C GLY E 235 0.04 -23.36 -5.22
N THR E 236 0.90 -23.60 -4.23
CA THR E 236 1.25 -24.94 -3.81
C THR E 236 1.50 -24.94 -2.30
N LEU E 237 0.85 -25.86 -1.59
CA LEU E 237 1.01 -25.98 -0.15
C LEU E 237 1.66 -27.32 0.18
N LEU E 238 2.56 -27.30 1.16
CA LEU E 238 3.14 -28.52 1.72
C LEU E 238 2.48 -28.77 3.06
N ILE E 239 1.67 -29.82 3.14
CA ILE E 239 0.94 -30.17 4.35
C ILE E 239 1.72 -31.25 5.08
N GLU E 240 2.07 -30.98 6.34
CA GLU E 240 2.79 -31.94 7.15
C GLU E 240 1.85 -33.07 7.58
N ALA E 241 2.45 -34.14 8.11
CA ALA E 241 1.67 -35.30 8.50
C ALA E 241 0.72 -34.96 9.65
N GLY E 242 -0.51 -35.45 9.55
CA GLY E 242 -1.50 -35.20 10.57
C GLY E 242 -2.12 -33.82 10.51
N SER E 243 -1.91 -33.09 9.44
CA SER E 243 -2.41 -31.73 9.28
C SER E 243 -3.33 -31.65 8.07
N SER E 244 -4.09 -30.57 7.99
CA SER E 244 -4.97 -30.31 6.86
C SER E 244 -4.62 -28.97 6.24
N GLY E 245 -4.68 -28.91 4.91
CA GLY E 245 -4.43 -27.67 4.20
C GLY E 245 -5.58 -27.33 3.28
N SER E 246 -5.71 -26.04 3.00
CA SER E 246 -6.81 -25.57 2.17
C SER E 246 -6.42 -24.33 1.38
N ILE E 247 -6.82 -24.31 0.12
CA ILE E 247 -6.69 -23.15 -0.77
C ILE E 247 -8.09 -22.72 -1.17
N ILE E 248 -8.41 -21.45 -0.97
CA ILE E 248 -9.70 -20.91 -1.35
C ILE E 248 -9.51 -19.71 -2.27
N GLN E 249 -10.31 -19.65 -3.33
CA GLN E 249 -10.44 -18.44 -4.12
C GLN E 249 -11.72 -17.76 -3.64
N PRO E 250 -11.64 -16.81 -2.70
CA PRO E 250 -12.85 -16.32 -2.04
C PRO E 250 -13.70 -15.39 -2.88
N ARG E 251 -13.26 -15.04 -4.09
CA ARG E 251 -14.00 -14.13 -4.97
C ARG E 251 -14.32 -12.82 -4.27
N LEU E 252 -13.37 -12.33 -3.47
CA LEU E 252 -13.54 -11.01 -2.85
C LEU E 252 -13.48 -9.92 -3.90
N ARG E 253 -12.73 -10.12 -4.96
CA ARG E 253 -12.72 -9.25 -6.13
C ARG E 253 -13.15 -10.10 -7.33
N ASN E 254 -14.32 -9.81 -7.89
CA ASN E 254 -14.90 -10.62 -8.95
C ASN E 254 -14.44 -10.11 -10.31
N THR E 255 -13.15 -10.32 -10.60
CA THR E 255 -12.58 -9.99 -11.89
C THR E 255 -11.80 -11.20 -12.40
N THR E 256 -12.14 -11.65 -13.59
CA THR E 256 -11.48 -12.78 -14.24
C THR E 256 -10.98 -12.37 -15.62
N ARG E 257 -9.96 -13.07 -16.09
CA ARG E 257 -9.30 -12.72 -17.36
C ARG E 257 -9.41 -13.85 -18.37
N PRO E 258 -10.32 -13.77 -19.34
CA PRO E 258 -10.39 -14.79 -20.40
C PRO E 258 -9.28 -14.58 -21.42
N LEU E 259 -9.03 -15.64 -22.19
CA LEU E 259 -7.97 -15.61 -23.20
C LEU E 259 -8.55 -15.84 -24.58
N PHE E 260 -8.27 -14.94 -25.52
CA PHE E 260 -8.86 -14.97 -26.84
C PHE E 260 -7.79 -15.06 -27.91
N THR E 261 -7.94 -16.02 -28.82
CA THR E 261 -7.11 -16.11 -30.02
C THR E 261 -8.00 -16.20 -31.24
N THR E 262 -7.53 -15.66 -32.36
CA THR E 262 -8.33 -15.64 -33.57
C THR E 262 -7.41 -15.71 -34.79
N SER E 263 -7.98 -16.17 -35.90
CA SER E 263 -7.27 -16.21 -37.17
C SER E 263 -7.74 -15.13 -38.14
N ASN E 264 -8.77 -14.36 -37.76
CA ASN E 264 -9.25 -13.27 -38.60
C ASN E 264 -9.94 -12.26 -37.68
N ASP E 265 -9.25 -11.17 -37.38
CA ASP E 265 -9.81 -10.15 -36.49
C ASP E 265 -10.88 -9.32 -37.17
N ALA E 266 -11.04 -9.43 -38.49
CA ALA E 266 -12.06 -8.66 -39.19
C ALA E 266 -13.45 -9.21 -38.89
N LYS E 267 -13.62 -10.52 -38.92
CA LYS E 267 -14.90 -11.17 -38.67
C LYS E 267 -15.04 -11.69 -37.24
N PHE E 268 -14.05 -12.44 -36.77
CA PHE E 268 -14.08 -13.06 -35.44
C PHE E 268 -13.27 -12.17 -34.50
N SER E 269 -13.94 -11.22 -33.87
CA SER E 269 -13.33 -10.33 -32.90
C SER E 269 -13.78 -10.69 -31.50
N GLN E 270 -13.34 -9.89 -30.53
CA GLN E 270 -13.76 -10.11 -29.14
C GLN E 270 -15.27 -10.01 -29.00
N GLN E 271 -15.84 -8.90 -29.47
CA GLN E 271 -17.28 -8.70 -29.33
C GLN E 271 -18.08 -9.73 -30.12
N TYR E 272 -17.62 -10.07 -31.32
CA TYR E 272 -18.32 -11.06 -32.14
C TYR E 272 -18.33 -12.43 -31.47
N THR E 273 -17.18 -12.86 -30.95
CA THR E 273 -17.12 -14.15 -30.29
C THR E 273 -17.93 -14.17 -29.01
N GLU E 274 -17.90 -13.07 -28.25
CA GLU E 274 -18.72 -12.99 -27.05
C GLU E 274 -20.21 -13.06 -27.40
N GLU E 275 -20.63 -12.38 -28.46
CA GLU E 275 -22.02 -12.43 -28.87
C GLU E 275 -22.41 -13.84 -29.32
N ARG E 276 -21.53 -14.51 -30.05
CA ARG E 276 -21.84 -15.88 -30.48
C ARG E 276 -21.92 -16.83 -29.29
N LEU E 277 -21.03 -16.66 -28.30
CA LEU E 277 -21.11 -17.49 -27.11
C LEU E 277 -22.40 -17.23 -26.34
N LYS E 278 -22.80 -15.97 -26.24
CA LYS E 278 -24.07 -15.67 -25.58
C LYS E 278 -25.26 -16.21 -26.36
N ASP E 279 -25.13 -16.30 -27.68
CA ASP E 279 -26.20 -16.86 -28.50
C ASP E 279 -26.28 -18.38 -28.40
N ALA E 280 -25.14 -19.05 -28.23
CA ALA E 280 -25.10 -20.50 -28.20
C ALA E 280 -25.38 -21.05 -26.80
N PHE E 281 -24.55 -20.69 -25.83
CA PHE E 281 -24.65 -21.22 -24.48
C PHE E 281 -25.18 -20.23 -23.46
N ASN E 282 -25.64 -19.05 -23.91
CA ASN E 282 -26.18 -18.02 -23.02
C ASN E 282 -25.18 -17.64 -21.93
N VAL E 283 -23.91 -17.48 -22.32
CA VAL E 283 -22.89 -17.03 -21.39
C VAL E 283 -23.09 -15.54 -21.15
N GLN E 284 -23.50 -15.18 -19.94
CA GLN E 284 -23.78 -13.79 -19.60
C GLN E 284 -22.61 -13.08 -18.93
N LEU E 285 -21.72 -13.82 -18.26
CA LEU E 285 -20.58 -13.25 -17.57
C LEU E 285 -19.30 -13.79 -18.19
N PHE E 286 -18.41 -12.89 -18.60
CA PHE E 286 -17.15 -13.26 -19.23
C PHE E 286 -15.94 -12.87 -18.39
N ASN E 287 -15.83 -11.61 -18.00
CA ASN E 287 -14.70 -11.12 -17.24
C ASN E 287 -15.01 -10.97 -15.76
N THR E 288 -16.10 -11.56 -15.28
CA THR E 288 -16.49 -11.47 -13.88
C THR E 288 -17.21 -12.75 -13.48
N SER E 289 -16.72 -13.39 -12.42
CA SER E 289 -17.34 -14.61 -11.91
C SER E 289 -17.50 -14.49 -10.39
N THR E 290 -18.67 -14.87 -9.90
CA THR E 290 -18.95 -14.83 -8.47
C THR E 290 -19.03 -16.23 -7.86
N SER E 291 -18.72 -17.27 -8.64
CA SER E 291 -18.69 -18.63 -8.13
C SER E 291 -17.29 -18.94 -7.63
N LEU E 292 -17.17 -19.28 -6.34
CA LEU E 292 -15.89 -19.40 -5.68
C LEU E 292 -15.64 -20.85 -5.27
N PHE E 293 -14.37 -21.26 -5.32
CA PHE E 293 -14.00 -22.66 -5.16
C PHE E 293 -12.90 -22.82 -4.12
N LYS E 294 -12.93 -23.97 -3.44
CA LYS E 294 -12.00 -24.29 -2.39
C LYS E 294 -11.51 -25.73 -2.57
N PHE E 295 -10.26 -25.96 -2.19
CA PHE E 295 -9.64 -27.28 -2.23
C PHE E 295 -9.08 -27.58 -0.85
N VAL E 296 -9.50 -28.72 -0.28
CA VAL E 296 -9.08 -29.14 1.05
C VAL E 296 -8.41 -30.50 0.93
N GLU E 297 -7.27 -30.67 1.62
CA GLU E 297 -6.57 -31.94 1.60
C GLU E 297 -6.04 -32.24 3.00
N GLU E 298 -6.32 -33.45 3.48
CA GLU E 298 -5.86 -33.90 4.80
C GLU E 298 -4.76 -34.93 4.58
N ALA E 299 -3.54 -34.59 4.97
CA ALA E 299 -2.42 -35.50 4.82
C ALA E 299 -2.51 -36.64 5.84
N PRO E 300 -2.09 -37.84 5.46
CA PRO E 300 -2.08 -38.95 6.42
C PRO E 300 -1.00 -38.76 7.46
N SER E 301 -1.11 -39.53 8.55
CA SER E 301 -0.17 -39.45 9.65
C SER E 301 1.20 -40.03 9.32
N ASN E 302 1.35 -40.70 8.18
CA ASN E 302 2.62 -41.32 7.83
C ASN E 302 3.58 -40.31 7.21
N LYS E 303 3.19 -39.71 6.10
CA LYS E 303 4.06 -38.81 5.35
C LYS E 303 3.35 -37.51 5.04
N ASN E 304 4.11 -36.54 4.54
CA ASN E 304 3.56 -35.24 4.18
C ASN E 304 2.83 -35.35 2.84
N ILE E 305 2.36 -34.23 2.32
CA ILE E 305 1.69 -34.19 1.02
C ILE E 305 1.89 -32.80 0.45
N CYS E 306 1.71 -32.66 -0.87
CA CYS E 306 1.76 -31.36 -1.52
C CYS E 306 0.52 -31.21 -2.39
N ILE E 307 -0.16 -30.09 -2.25
CA ILE E 307 -1.36 -29.81 -3.02
C ILE E 307 -1.11 -28.57 -3.87
N LYS E 308 -1.30 -28.68 -5.17
CA LYS E 308 -1.12 -27.58 -6.11
C LYS E 308 -2.47 -27.17 -6.67
N ALA E 309 -2.80 -25.90 -6.55
CA ALA E 309 -4.02 -25.35 -7.11
C ALA E 309 -3.67 -24.49 -8.31
N TYR E 310 -4.34 -24.76 -9.43
CA TYR E 310 -4.22 -24.03 -10.68
C TYR E 310 -5.53 -23.34 -11.00
N ASN E 311 -5.45 -22.37 -11.91
CA ASN E 311 -6.63 -21.75 -12.50
C ASN E 311 -6.85 -22.37 -13.88
N THR E 312 -8.08 -22.84 -14.11
CA THR E 312 -8.38 -23.52 -15.37
C THR E 312 -9.13 -22.61 -16.32
N TYR E 313 -9.51 -23.16 -17.46
CA TYR E 313 -10.22 -22.44 -18.50
C TYR E 313 -11.17 -23.41 -19.19
N GLU E 314 -12.18 -22.83 -19.83
CA GLU E 314 -13.11 -23.58 -20.67
C GLU E 314 -12.87 -23.16 -22.11
N LYS E 315 -12.66 -24.16 -22.98
CA LYS E 315 -12.30 -23.92 -24.37
C LYS E 315 -13.57 -23.89 -25.22
N TYR E 316 -13.81 -22.75 -25.84
CA TYR E 316 -14.94 -22.53 -26.73
C TYR E 316 -14.37 -22.18 -28.10
N GLU E 317 -14.36 -23.15 -29.00
CA GLU E 317 -14.00 -22.85 -30.38
C GLU E 317 -15.21 -22.29 -31.11
N LEU E 318 -14.96 -21.37 -32.04
CA LEU E 318 -16.01 -20.82 -32.90
C LEU E 318 -15.51 -20.96 -34.33
N ILE E 319 -16.17 -21.80 -35.11
CA ILE E 319 -15.71 -22.14 -36.44
C ILE E 319 -16.76 -21.73 -37.45
N ASP E 320 -16.29 -21.33 -38.62
CA ASP E 320 -17.14 -21.01 -39.76
C ASP E 320 -16.94 -22.13 -40.78
N TYR E 321 -17.86 -23.08 -40.81
CA TYR E 321 -17.75 -24.25 -41.67
C TYR E 321 -18.32 -23.92 -43.05
N GLN E 322 -17.53 -24.18 -44.08
CA GLN E 322 -17.93 -23.88 -45.45
C GLN E 322 -17.40 -24.98 -46.36
N ASN E 323 -18.31 -25.78 -46.91
CA ASN E 323 -17.97 -26.85 -47.86
C ASN E 323 -16.94 -27.81 -47.27
N GLY E 324 -17.11 -28.16 -46.01
CA GLY E 324 -16.24 -29.14 -45.39
C GLY E 324 -14.87 -28.65 -45.02
N SER E 325 -14.70 -27.35 -44.77
CA SER E 325 -13.41 -26.80 -44.40
C SER E 325 -13.62 -25.61 -43.47
N ILE E 326 -12.87 -25.58 -42.37
CA ILE E 326 -12.95 -24.51 -41.40
C ILE E 326 -12.21 -23.31 -41.98
N VAL E 327 -12.95 -22.35 -42.54
CA VAL E 327 -12.31 -21.18 -43.12
C VAL E 327 -11.93 -20.15 -42.07
N ASN E 328 -12.58 -20.15 -40.91
CA ASN E 328 -12.24 -19.24 -39.82
C ASN E 328 -12.46 -19.96 -38.50
N LYS E 329 -11.50 -19.84 -37.60
CA LYS E 329 -11.60 -20.44 -36.27
C LYS E 329 -11.08 -19.44 -35.22
N ALA E 330 -11.88 -19.22 -34.19
CA ALA E 330 -11.49 -18.35 -33.08
C ALA E 330 -11.70 -19.10 -31.77
N GLU E 331 -10.66 -19.14 -30.94
CA GLU E 331 -10.71 -19.87 -29.68
C GLU E 331 -10.87 -18.90 -28.52
N TYR E 332 -11.78 -19.23 -27.61
CA TYR E 332 -12.03 -18.45 -26.40
C TYR E 332 -11.79 -19.33 -25.19
N TYR E 333 -11.21 -18.76 -24.15
CA TYR E 333 -10.90 -19.48 -22.93
C TYR E 333 -11.53 -18.73 -21.77
N LEU E 334 -12.62 -19.28 -21.25
CA LEU E 334 -13.45 -18.70 -20.19
C LEU E 334 -12.92 -19.14 -18.83
N PRO E 335 -12.65 -18.22 -17.92
CA PRO E 335 -12.07 -18.61 -16.62
C PRO E 335 -12.96 -19.54 -15.82
N SER E 336 -12.48 -20.75 -15.57
CA SER E 336 -13.22 -21.77 -14.86
C SER E 336 -12.86 -21.75 -13.37
N LEU E 337 -13.22 -22.81 -12.65
CA LEU E 337 -13.12 -22.87 -11.20
C LEU E 337 -11.93 -23.71 -10.72
N GLY E 338 -10.81 -23.67 -11.45
CA GLY E 338 -9.56 -24.18 -10.93
C GLY E 338 -9.38 -25.67 -11.08
N TYR E 339 -8.16 -26.12 -10.77
CA TYR E 339 -7.77 -27.52 -10.85
C TYR E 339 -6.90 -27.85 -9.63
N CYS E 340 -7.02 -29.06 -9.12
CA CYS E 340 -6.30 -29.48 -7.93
C CYS E 340 -5.45 -30.69 -8.25
N GLU E 341 -4.20 -30.68 -7.79
CA GLU E 341 -3.26 -31.78 -7.99
C GLU E 341 -2.65 -32.16 -6.65
N VAL E 342 -2.50 -33.46 -6.41
CA VAL E 342 -1.91 -33.98 -5.19
C VAL E 342 -0.65 -34.74 -5.56
N THR E 343 0.44 -34.49 -4.83
CA THR E 343 1.72 -35.11 -5.14
C THR E 343 2.51 -35.30 -3.85
N ASN E 344 3.62 -36.03 -3.98
CA ASN E 344 4.51 -36.30 -2.86
C ASN E 344 5.92 -35.83 -3.22
N ALA E 345 6.61 -35.27 -2.24
CA ALA E 345 7.96 -34.77 -2.49
C ALA E 345 8.91 -35.92 -2.81
N PRO E 346 9.76 -35.79 -3.82
CA PRO E 346 10.72 -36.85 -4.13
C PRO E 346 11.82 -36.91 -3.08
N SER E 347 12.52 -38.04 -3.07
CA SER E 347 13.61 -38.27 -2.14
C SER E 347 14.74 -37.25 -2.33
N VAL E 352 18.96 -32.29 -9.19
CA VAL E 352 17.96 -31.79 -10.11
C VAL E 352 18.51 -31.80 -11.53
N VAL E 353 17.63 -31.55 -12.50
CA VAL E 353 18.00 -31.50 -13.92
C VAL E 353 17.57 -30.15 -14.47
N LYS E 354 18.51 -29.42 -15.06
CA LYS E 354 18.21 -28.14 -15.69
C LYS E 354 17.36 -28.39 -16.93
N THR E 355 16.07 -28.09 -16.84
CA THR E 355 15.11 -28.43 -17.88
C THR E 355 14.76 -27.17 -18.68
N GLN E 356 14.78 -27.30 -20.00
CA GLN E 356 14.35 -26.21 -20.87
C GLN E 356 12.86 -25.97 -20.70
N VAL E 357 12.46 -24.70 -20.75
CA VAL E 357 11.05 -24.37 -20.58
C VAL E 357 10.24 -24.92 -21.74
N ALA E 358 8.95 -25.13 -21.51
CA ALA E 358 8.07 -25.68 -22.52
C ALA E 358 7.50 -24.58 -23.40
N GLU E 359 7.06 -24.97 -24.59
CA GLU E 359 6.47 -24.01 -25.52
C GLU E 359 5.08 -23.61 -25.03
N ASP E 360 4.63 -22.45 -25.51
CA ASP E 360 3.31 -21.95 -25.14
C ASP E 360 2.22 -22.88 -25.64
N GLY E 361 1.19 -23.04 -24.82
CA GLY E 361 0.10 -23.93 -25.16
C GLY E 361 -0.79 -24.19 -23.96
N PHE E 362 -1.71 -25.12 -24.15
CA PHE E 362 -2.68 -25.47 -23.12
C PHE E 362 -2.67 -26.98 -22.91
N ILE E 363 -2.87 -27.39 -21.66
CA ILE E 363 -3.03 -28.80 -21.30
C ILE E 363 -4.39 -28.97 -20.66
N GLN E 364 -5.17 -29.91 -21.17
CA GLN E 364 -6.50 -30.19 -20.63
C GLN E 364 -6.39 -31.29 -19.58
N ASN E 365 -6.83 -31.00 -18.36
CA ASN E 365 -6.89 -31.98 -17.30
C ASN E 365 -8.31 -32.45 -17.00
N GLY E 366 -9.33 -31.84 -17.61
CA GLY E 366 -10.68 -32.30 -17.47
C GLY E 366 -10.98 -33.44 -18.41
N PRO E 367 -12.25 -33.85 -18.42
CA PRO E 367 -12.66 -34.97 -19.25
C PRO E 367 -12.75 -34.57 -20.72
N GLU E 368 -12.83 -35.58 -21.58
CA GLU E 368 -12.93 -35.36 -23.01
C GLU E 368 -14.32 -34.87 -23.36
N GLU E 369 -14.42 -33.63 -23.82
CA GLU E 369 -15.69 -32.99 -24.13
C GLU E 369 -15.70 -32.49 -25.56
N GLU E 370 -16.85 -32.61 -26.22
CA GLU E 370 -17.05 -31.99 -27.53
C GLU E 370 -18.55 -31.78 -27.70
N ILE E 371 -19.02 -30.56 -27.45
CA ILE E 371 -20.42 -30.20 -27.65
C ILE E 371 -20.46 -29.20 -28.79
N VAL E 372 -21.21 -29.53 -29.85
CA VAL E 372 -21.28 -28.70 -31.04
C VAL E 372 -22.68 -28.10 -31.11
N VAL E 373 -22.75 -26.77 -31.12
CA VAL E 373 -24.01 -26.05 -31.19
C VAL E 373 -23.93 -25.08 -32.35
N GLY E 374 -24.80 -25.27 -33.34
CA GLY E 374 -24.89 -24.32 -34.42
C GLY E 374 -25.58 -23.04 -33.96
N VAL E 375 -25.15 -21.92 -34.53
CA VAL E 375 -25.73 -20.62 -34.21
C VAL E 375 -26.21 -19.96 -35.49
N ILE E 376 -27.12 -19.00 -35.33
CA ILE E 376 -27.70 -18.28 -36.44
C ILE E 376 -26.74 -17.19 -36.87
N ASP E 377 -26.47 -17.11 -38.17
CA ASP E 377 -25.59 -16.08 -38.69
C ASP E 377 -26.21 -14.71 -38.46
N PRO E 378 -25.53 -13.79 -37.76
CA PRO E 378 -26.12 -12.48 -37.52
C PRO E 378 -26.22 -11.62 -38.77
N SER E 379 -25.49 -11.95 -39.83
CA SER E 379 -25.51 -11.17 -41.05
C SER E 379 -26.68 -11.51 -41.97
N GLU E 380 -27.47 -12.53 -41.63
CA GLU E 380 -28.59 -12.96 -42.45
C GLU E 380 -29.90 -12.56 -41.78
N ASN E 381 -30.79 -11.94 -42.55
CA ASN E 381 -32.05 -11.47 -42.01
C ASN E 381 -32.94 -12.64 -41.63
N ILE E 382 -33.83 -12.40 -40.67
CA ILE E 382 -34.74 -13.41 -40.15
C ILE E 382 -36.16 -12.85 -40.21
N GLN E 383 -37.02 -13.52 -40.99
CA GLN E 383 -38.44 -13.23 -41.03
C GLN E 383 -39.18 -14.24 -40.17
N GLU E 384 -40.43 -13.92 -39.85
CA GLU E 384 -41.23 -14.79 -39.00
C GLU E 384 -42.64 -14.91 -39.56
N ILE E 385 -43.29 -16.02 -39.25
CA ILE E 385 -44.68 -16.27 -39.60
C ILE E 385 -45.46 -16.31 -38.30
N ASN E 386 -46.30 -15.31 -38.08
CA ASN E 386 -46.99 -15.13 -36.81
C ASN E 386 -48.21 -16.04 -36.66
N THR E 387 -48.37 -17.04 -37.52
CA THR E 387 -49.49 -17.97 -37.43
C THR E 387 -48.97 -19.38 -37.59
N ALA E 388 -49.45 -20.30 -36.76
CA ALA E 388 -49.01 -21.68 -36.82
C ALA E 388 -49.47 -22.32 -38.13
N ILE E 389 -48.61 -23.18 -38.68
CA ILE E 389 -48.93 -23.90 -39.91
C ILE E 389 -49.80 -25.09 -39.55
N SER E 390 -51.03 -25.11 -40.07
CA SER E 390 -51.99 -26.15 -39.69
C SER E 390 -51.95 -27.33 -40.66
N ASP E 391 -52.35 -27.10 -41.90
CA ASP E 391 -52.36 -28.18 -42.91
C ASP E 391 -51.78 -27.78 -44.25
N ASN E 392 -51.74 -26.50 -44.61
CA ASN E 392 -51.30 -26.07 -45.93
C ASN E 392 -50.97 -24.60 -45.87
N TYR E 393 -49.74 -24.23 -46.16
CA TYR E 393 -49.34 -22.84 -46.11
C TYR E 393 -48.45 -22.50 -47.29
N THR E 394 -48.53 -21.24 -47.73
CA THR E 394 -47.68 -20.70 -48.79
C THR E 394 -47.10 -19.38 -48.30
N TYR E 395 -45.78 -19.32 -48.17
CA TYR E 395 -45.09 -18.12 -47.73
C TYR E 395 -44.48 -17.43 -48.95
N ASN E 396 -44.79 -16.15 -49.11
CA ASN E 396 -44.28 -15.35 -50.23
C ASN E 396 -43.08 -14.54 -49.76
N ILE E 397 -41.96 -14.71 -50.45
CA ILE E 397 -40.73 -14.03 -50.09
C ILE E 397 -40.77 -12.57 -50.56
N VAL E 401 -35.81 -8.20 -48.15
CA VAL E 401 -34.83 -9.14 -48.68
C VAL E 401 -34.92 -9.17 -50.21
N ASN E 402 -33.79 -9.40 -50.88
CA ASN E 402 -33.77 -9.46 -52.33
C ASN E 402 -32.58 -10.34 -52.73
N ASN E 403 -32.88 -11.59 -53.10
CA ASN E 403 -31.86 -12.54 -53.54
C ASN E 403 -30.74 -12.69 -52.49
N ASN E 404 -31.14 -12.71 -51.22
CA ASN E 404 -30.22 -12.82 -50.12
C ASN E 404 -30.62 -14.00 -49.23
N PRO E 405 -29.67 -14.85 -48.84
CA PRO E 405 -30.00 -15.96 -47.95
C PRO E 405 -30.55 -15.45 -46.63
N PHE E 406 -31.58 -16.14 -46.13
CA PHE E 406 -32.25 -15.63 -44.94
C PHE E 406 -32.99 -16.76 -44.25
N TYR E 407 -33.40 -16.49 -43.01
CA TYR E 407 -34.08 -17.46 -42.18
C TYR E 407 -35.57 -17.14 -42.07
N ILE E 408 -36.37 -18.19 -41.96
CA ILE E 408 -37.80 -18.08 -41.72
C ILE E 408 -38.10 -18.83 -40.44
N LEU E 409 -38.69 -18.14 -39.46
CA LEU E 409 -39.03 -18.73 -38.18
C LEU E 409 -40.51 -19.05 -38.14
N PHE E 410 -40.84 -20.31 -37.85
CA PHE E 410 -42.23 -20.74 -37.90
C PHE E 410 -42.45 -21.86 -36.90
N THR E 411 -43.72 -22.21 -36.70
CA THR E 411 -44.10 -23.33 -35.86
C THR E 411 -45.34 -23.97 -36.45
N VAL E 412 -45.56 -25.24 -36.09
CA VAL E 412 -46.67 -26.01 -36.61
C VAL E 412 -47.73 -26.16 -35.53
N ASN E 413 -48.99 -26.16 -35.95
CA ASN E 413 -50.11 -26.26 -35.01
C ASN E 413 -50.29 -27.65 -34.45
N THR E 414 -49.75 -28.68 -35.10
CA THR E 414 -49.89 -30.05 -34.62
C THR E 414 -48.67 -30.84 -35.05
N THR E 415 -48.22 -31.74 -34.17
CA THR E 415 -47.10 -32.61 -34.50
C THR E 415 -47.44 -33.48 -35.70
N GLY E 416 -46.54 -33.54 -36.66
CA GLY E 416 -46.78 -34.34 -37.85
C GLY E 416 -45.65 -34.19 -38.84
N ILE E 417 -45.74 -34.97 -39.91
CA ILE E 417 -44.72 -34.98 -40.94
C ILE E 417 -45.14 -34.01 -42.03
N TYR E 418 -44.29 -33.03 -42.32
CA TYR E 418 -44.56 -31.99 -43.30
C TYR E 418 -43.55 -32.07 -44.43
N LYS E 419 -44.03 -31.82 -45.64
CA LYS E 419 -43.20 -31.65 -46.82
C LYS E 419 -43.08 -30.16 -47.10
N ILE E 420 -41.86 -29.65 -47.10
CA ILE E 420 -41.57 -28.25 -47.35
C ILE E 420 -40.77 -28.15 -48.63
N ASN E 421 -41.24 -27.33 -49.57
CA ASN E 421 -40.57 -27.18 -50.85
C ASN E 421 -40.69 -25.74 -51.30
N ALA E 422 -40.13 -25.45 -52.47
CA ALA E 422 -40.21 -24.14 -53.09
C ALA E 422 -40.83 -24.26 -54.48
N GLN E 423 -40.97 -23.13 -55.15
CA GLN E 423 -41.54 -23.13 -56.50
C GLN E 423 -40.66 -23.92 -57.44
N ASN E 424 -41.20 -25.03 -57.96
CA ASN E 424 -40.48 -25.95 -58.85
C ASN E 424 -39.26 -26.56 -58.18
N ASN E 425 -39.20 -26.53 -56.85
CA ASN E 425 -38.12 -27.14 -56.07
C ASN E 425 -36.74 -26.62 -56.48
N LEU E 426 -36.67 -25.35 -56.92
CA LEU E 426 -35.40 -24.85 -57.46
C LEU E 426 -34.39 -24.61 -56.35
N PRO E 427 -34.67 -23.83 -55.30
CA PRO E 427 -33.70 -23.70 -54.22
C PRO E 427 -33.81 -24.87 -53.25
N SER E 428 -32.66 -25.25 -52.70
CA SER E 428 -32.58 -26.33 -51.71
C SER E 428 -32.56 -25.68 -50.32
N LEU E 429 -33.71 -25.69 -49.66
CA LEU E 429 -33.83 -25.11 -48.33
C LEU E 429 -33.19 -26.03 -47.29
N LYS E 430 -32.78 -25.44 -46.18
CA LYS E 430 -32.32 -26.20 -45.03
C LYS E 430 -33.27 -25.95 -43.86
N ILE E 431 -33.38 -26.91 -42.95
CA ILE E 431 -34.26 -26.75 -41.80
C ILE E 431 -33.47 -27.01 -40.52
N TYR E 432 -33.72 -26.17 -39.52
CA TYR E 432 -33.10 -26.25 -38.21
C TYR E 432 -34.20 -26.23 -37.15
N GLU E 433 -33.91 -26.83 -36.00
CA GLU E 433 -34.79 -26.80 -34.85
C GLU E 433 -34.19 -25.91 -33.78
N ALA E 434 -34.97 -24.96 -33.28
CA ALA E 434 -34.50 -24.07 -32.22
C ALA E 434 -34.32 -24.87 -30.94
N ILE E 435 -33.08 -24.92 -30.44
CA ILE E 435 -32.79 -25.72 -29.26
C ILE E 435 -33.45 -25.09 -28.04
N GLY E 436 -34.23 -25.88 -27.31
CA GLY E 436 -34.87 -25.42 -26.09
C GLY E 436 -36.14 -24.64 -26.27
N SER E 437 -36.63 -24.48 -27.49
CA SER E 437 -37.85 -23.74 -27.73
C SER E 437 -39.07 -24.57 -27.33
N GLY E 438 -40.11 -23.89 -26.86
CA GLY E 438 -41.36 -24.52 -26.50
C GLY E 438 -41.52 -24.85 -25.04
N ASN E 439 -40.42 -24.99 -24.30
CA ASN E 439 -40.52 -25.24 -22.87
C ASN E 439 -40.91 -23.98 -22.11
N ARG E 440 -40.71 -22.79 -22.65
CA ARG E 440 -41.12 -21.63 -21.84
C ARG E 440 -42.45 -21.02 -22.30
N ASN E 441 -42.46 -19.75 -22.67
CA ASN E 441 -43.71 -19.03 -23.01
C ASN E 441 -44.37 -19.73 -24.17
N PHE E 442 -45.66 -19.52 -24.38
CA PHE E 442 -46.40 -20.28 -25.42
C PHE E 442 -47.75 -19.74 -25.58
N GLN E 443 -48.15 -19.46 -26.81
CA GLN E 443 -49.54 -19.09 -27.02
C GLN E 443 -50.12 -20.01 -28.07
N SER E 444 -51.31 -20.54 -27.79
CA SER E 444 -51.94 -21.51 -28.69
C SER E 444 -52.40 -20.80 -29.96
N GLY E 445 -52.05 -21.37 -31.11
CA GLY E 445 -52.51 -20.84 -32.38
C GLY E 445 -51.51 -19.95 -33.08
N ASN E 446 -50.81 -19.11 -32.33
CA ASN E 446 -49.86 -18.17 -32.89
C ASN E 446 -48.44 -18.54 -32.49
N LEU E 447 -47.47 -17.98 -33.20
CA LEU E 447 -46.07 -18.20 -32.91
C LEU E 447 -45.58 -17.16 -31.91
N CYS E 448 -44.96 -17.67 -30.84
CA CYS E 448 -44.40 -16.80 -29.76
C CYS E 448 -42.89 -16.88 -29.83
N ASP E 449 -42.28 -15.85 -30.41
CA ASP E 449 -40.85 -15.90 -30.67
C ASP E 449 -40.09 -15.98 -29.36
N ASP E 450 -39.18 -16.93 -29.23
CA ASP E 450 -38.49 -16.99 -27.91
C ASP E 450 -37.10 -16.41 -28.07
N ASP E 451 -36.74 -15.99 -29.27
CA ASP E 451 -35.46 -15.34 -29.49
C ASP E 451 -34.29 -16.26 -29.16
N ILE E 452 -34.31 -17.46 -29.75
CA ILE E 452 -33.27 -18.46 -29.56
C ILE E 452 -32.42 -18.51 -30.82
N LYS E 453 -31.11 -18.32 -30.65
CA LYS E 453 -30.18 -18.32 -31.78
C LYS E 453 -29.39 -19.62 -31.89
N ALA E 454 -29.60 -20.58 -30.99
CA ALA E 454 -28.95 -21.87 -31.09
C ALA E 454 -29.85 -22.83 -31.87
N ILE E 455 -29.31 -23.40 -32.93
CA ILE E 455 -30.09 -24.20 -33.86
C ILE E 455 -29.45 -25.57 -34.04
N ASN E 456 -30.29 -26.59 -34.16
CA ASN E 456 -29.86 -27.96 -34.41
C ASN E 456 -30.25 -28.32 -35.84
N TYR E 457 -29.26 -28.59 -36.68
CA TYR E 457 -29.51 -28.88 -38.08
C TYR E 457 -30.28 -30.18 -38.22
N ILE E 458 -31.33 -30.15 -39.05
CA ILE E 458 -32.20 -31.30 -39.26
C ILE E 458 -31.92 -31.96 -40.62
N THR E 459 -32.14 -31.22 -41.70
CA THR E 459 -31.90 -31.75 -43.04
C THR E 459 -31.82 -30.60 -44.02
N GLY E 460 -31.47 -30.93 -45.26
CA GLY E 460 -31.36 -29.95 -46.32
C GLY E 460 -29.96 -29.85 -46.90
N PHE E 461 -29.86 -29.57 -48.19
CA PHE E 461 -28.57 -29.41 -48.85
C PHE E 461 -28.19 -27.94 -48.92
N ASP E 462 -26.91 -27.71 -49.22
CA ASP E 462 -26.40 -26.36 -49.44
C ASP E 462 -25.92 -26.17 -50.87
N SER E 463 -26.47 -26.95 -51.80
CA SER E 463 -26.18 -26.78 -53.22
C SER E 463 -27.04 -25.67 -53.81
N PRO E 464 -26.44 -24.73 -54.55
CA PRO E 464 -27.22 -23.62 -55.08
C PRO E 464 -28.23 -24.04 -56.13
N ASN E 465 -27.81 -24.90 -57.06
CA ASN E 465 -28.66 -25.38 -58.14
C ASN E 465 -28.88 -26.88 -57.96
N ALA E 466 -29.90 -27.23 -57.17
CA ALA E 466 -30.27 -28.61 -56.95
C ALA E 466 -31.76 -28.68 -56.64
N LYS E 467 -32.41 -29.72 -57.14
CA LYS E 467 -33.85 -29.88 -56.97
C LYS E 467 -34.10 -30.84 -55.82
N SER E 468 -34.71 -30.35 -54.75
CA SER E 468 -34.97 -31.16 -53.57
C SER E 468 -36.09 -30.53 -52.76
N TYR E 469 -36.69 -31.34 -51.89
CA TYR E 469 -37.70 -30.86 -50.95
C TYR E 469 -37.59 -31.65 -49.66
N LEU E 470 -37.82 -30.97 -48.54
CA LEU E 470 -37.63 -31.58 -47.23
C LEU E 470 -38.88 -32.32 -46.79
N VAL E 471 -38.68 -33.49 -46.18
CA VAL E 471 -39.75 -34.27 -45.56
C VAL E 471 -39.34 -34.46 -44.11
N VAL E 472 -39.95 -33.69 -43.20
CA VAL E 472 -39.45 -33.62 -41.83
C VAL E 472 -40.62 -33.71 -40.86
N LEU E 473 -40.39 -34.38 -39.73
CA LEU E 473 -41.37 -34.47 -38.66
C LEU E 473 -41.17 -33.29 -37.71
N LEU E 474 -42.22 -32.50 -37.52
CA LEU E 474 -42.17 -31.32 -36.67
C LEU E 474 -43.15 -31.47 -35.51
N ASN E 475 -42.79 -30.86 -34.38
CA ASN E 475 -43.57 -30.94 -33.14
C ASN E 475 -44.27 -29.61 -32.89
N LYS E 476 -45.38 -29.69 -32.15
CA LYS E 476 -46.14 -28.49 -31.81
C LYS E 476 -45.41 -27.65 -30.78
N LYS E 478 -42.44 -26.47 -30.61
CA LYS E 478 -41.05 -26.08 -30.84
C LYS E 478 -40.94 -25.20 -32.07
N ASN E 479 -40.12 -24.15 -31.98
CA ASN E 479 -39.88 -23.29 -33.12
C ASN E 479 -38.94 -23.96 -34.11
N TYR E 480 -39.02 -23.53 -35.38
CA TYR E 480 -38.20 -24.08 -36.43
C TYR E 480 -37.73 -22.95 -37.35
N TYR E 481 -36.51 -23.09 -37.87
CA TYR E 481 -35.94 -22.16 -38.81
C TYR E 481 -35.76 -22.83 -40.16
N ILE E 482 -35.96 -22.05 -41.22
CA ILE E 482 -35.72 -22.52 -42.59
C ILE E 482 -34.77 -21.54 -43.24
N ARG E 483 -33.63 -22.05 -43.69
CA ARG E 483 -32.65 -21.23 -44.39
C ARG E 483 -32.86 -21.33 -45.89
N VAL E 484 -33.05 -20.19 -46.53
CA VAL E 484 -33.18 -20.07 -47.97
C VAL E 484 -31.90 -19.45 -48.51
N PRO E 485 -31.23 -20.07 -49.49
CA PRO E 485 -29.95 -19.53 -49.97
C PRO E 485 -30.11 -18.31 -50.84
N GLN E 486 -29.01 -17.82 -51.40
CA GLN E 486 -29.03 -16.66 -52.28
C GLN E 486 -29.77 -16.96 -53.58
N ASN E 493 -40.69 -15.98 -55.70
CA ASN E 493 -40.62 -17.36 -55.22
C ASN E 493 -41.52 -17.57 -54.01
N GLN E 494 -41.96 -18.80 -53.81
CA GLN E 494 -42.84 -19.15 -52.71
C GLN E 494 -42.32 -20.42 -52.02
N ILE E 495 -42.60 -20.53 -50.73
CA ILE E 495 -42.28 -21.70 -49.94
C ILE E 495 -43.57 -22.37 -49.53
N LYS E 496 -43.74 -23.63 -49.92
CA LYS E 496 -44.97 -24.37 -49.68
C LYS E 496 -44.75 -25.38 -48.56
N PHE E 497 -45.60 -25.31 -47.53
CA PHE E 497 -45.64 -26.28 -46.45
C PHE E 497 -46.91 -27.10 -46.60
N LYS E 498 -46.76 -28.42 -46.66
CA LYS E 498 -47.88 -29.34 -46.75
C LYS E 498 -47.78 -30.38 -45.65
N ARG E 499 -48.91 -30.73 -45.05
CA ARG E 499 -48.94 -31.73 -43.98
C ARG E 499 -49.27 -33.07 -44.63
N GLU E 500 -48.23 -33.77 -45.09
CA GLU E 500 -48.40 -35.05 -45.77
C GLU E 500 -48.66 -36.13 -44.72
N GLU E 501 -49.91 -36.51 -44.55
CA GLU E 501 -50.31 -37.53 -43.60
C GLU E 501 -50.42 -38.91 -44.23
N GLY E 502 -50.07 -39.04 -45.50
CA GLY E 502 -50.23 -40.31 -46.20
C GLY E 502 -49.06 -41.25 -46.02
N ASP E 503 -48.57 -41.81 -47.13
CA ASP E 503 -47.51 -42.81 -47.11
C ASP E 503 -46.13 -42.19 -47.20
N LEU E 504 -46.03 -40.87 -47.26
CA LEU E 504 -44.74 -40.19 -47.33
C LEU E 504 -44.00 -40.21 -46.00
N ARG E 505 -44.62 -40.74 -44.94
CA ARG E 505 -43.99 -40.77 -43.62
C ARG E 505 -42.75 -41.66 -43.57
N ASN E 506 -42.55 -42.53 -44.57
CA ASN E 506 -41.39 -43.41 -44.55
C ASN E 506 -40.09 -42.64 -44.64
N LEU E 507 -40.06 -41.60 -45.48
CA LEU E 507 -38.86 -40.78 -45.65
C LEU E 507 -38.77 -39.69 -44.58
N MET E 508 -38.86 -40.08 -43.32
CA MET E 508 -38.87 -39.12 -42.22
C MET E 508 -37.48 -38.50 -42.05
N ASN E 509 -37.45 -37.17 -41.93
CA ASN E 509 -36.24 -36.41 -41.66
C ASN E 509 -35.17 -36.68 -42.72
N SER E 510 -35.50 -36.34 -43.96
CA SER E 510 -34.58 -36.47 -45.07
C SER E 510 -35.00 -35.52 -46.17
N SER E 511 -34.07 -35.27 -47.10
CA SER E 511 -34.31 -34.42 -48.25
C SER E 511 -34.46 -35.31 -49.48
N VAL E 512 -35.59 -35.18 -50.17
CA VAL E 512 -35.85 -35.97 -51.36
C VAL E 512 -35.27 -35.21 -52.54
N ASN E 513 -34.09 -35.62 -52.99
CA ASN E 513 -33.39 -34.97 -54.09
C ASN E 513 -33.90 -35.57 -55.40
N ILE E 514 -34.84 -34.87 -56.03
CA ILE E 514 -35.39 -35.37 -57.29
C ILE E 514 -34.38 -35.15 -58.41
N ILE E 515 -34.42 -36.04 -59.40
CA ILE E 515 -33.47 -36.04 -60.51
C ILE E 515 -34.27 -35.84 -61.80
N ASP E 516 -33.91 -34.81 -62.56
CA ASP E 516 -34.60 -34.49 -63.81
C ASP E 516 -33.66 -34.48 -65.01
N ASN E 517 -32.45 -34.99 -64.87
CA ASN E 517 -31.47 -35.03 -65.95
C ASN E 517 -30.97 -36.46 -66.18
N LEU E 518 -31.89 -37.42 -66.19
CA LEU E 518 -31.56 -38.82 -66.40
C LEU E 518 -32.01 -39.23 -67.80
N ASN E 519 -31.11 -39.84 -68.56
CA ASN E 519 -31.41 -40.29 -69.91
C ASN E 519 -30.42 -41.34 -70.38
N ALA E 523 -25.31 -44.62 -66.38
CA ALA E 523 -23.93 -44.63 -65.90
C ALA E 523 -23.54 -43.25 -65.38
N HIS E 524 -24.48 -42.57 -64.75
CA HIS E 524 -24.27 -41.24 -64.21
C HIS E 524 -23.98 -41.29 -62.71
N TYR E 525 -23.54 -40.15 -62.18
CA TYR E 525 -23.26 -40.02 -60.76
C TYR E 525 -23.93 -38.77 -60.23
N TYR E 526 -24.18 -38.75 -58.92
CA TYR E 526 -24.78 -37.60 -58.26
C TYR E 526 -24.10 -37.42 -56.92
N THR E 527 -23.52 -36.25 -56.69
CA THR E 527 -22.73 -35.96 -55.51
C THR E 527 -23.48 -34.97 -54.63
N ARG E 528 -23.75 -35.36 -53.39
CA ARG E 528 -24.38 -34.48 -52.42
C ARG E 528 -23.59 -34.53 -51.12
N GLN E 529 -24.08 -33.87 -50.07
CA GLN E 529 -23.41 -33.89 -48.78
C GLN E 529 -23.94 -35.06 -47.96
N SER E 530 -23.04 -35.92 -47.51
CA SER E 530 -23.43 -37.06 -46.69
C SER E 530 -23.98 -36.53 -45.37
N PRO E 531 -25.23 -36.84 -45.02
CA PRO E 531 -25.86 -36.17 -43.86
C PRO E 531 -25.14 -36.38 -42.54
N ASP E 532 -25.08 -37.64 -42.09
CA ASP E 532 -24.41 -37.99 -40.84
C ASP E 532 -24.47 -39.51 -40.72
N VAL E 533 -24.01 -40.05 -39.60
CA VAL E 533 -24.25 -41.45 -39.26
C VAL E 533 -25.68 -41.60 -38.78
N HIS E 534 -26.35 -42.66 -39.25
CA HIS E 534 -27.76 -42.92 -38.92
C HIS E 534 -28.65 -41.77 -39.37
N ASP E 535 -28.36 -41.21 -40.54
CA ASP E 535 -29.16 -40.15 -41.12
C ASP E 535 -29.50 -40.52 -42.57
N TYR E 536 -30.64 -40.01 -43.03
CA TYR E 536 -31.21 -40.42 -44.31
C TYR E 536 -31.03 -39.36 -45.38
N ILE E 537 -30.81 -39.81 -46.60
CA ILE E 537 -30.86 -38.97 -47.80
C ILE E 537 -31.65 -39.73 -48.86
N SER E 538 -32.58 -39.03 -49.52
CA SER E 538 -33.49 -39.65 -50.45
C SER E 538 -33.24 -39.15 -51.86
N TYR E 539 -33.41 -40.04 -52.83
CA TYR E 539 -33.26 -39.74 -54.25
C TYR E 539 -34.52 -40.18 -54.97
N GLU E 540 -35.16 -39.26 -55.69
CA GLU E 540 -36.33 -39.56 -56.49
C GLU E 540 -35.95 -39.52 -57.96
N PHE E 541 -36.15 -40.63 -58.66
CA PHE E 541 -35.69 -40.74 -60.04
C PHE E 541 -36.74 -41.46 -60.87
N THR E 542 -36.57 -41.36 -62.19
CA THR E 542 -37.43 -42.02 -63.16
C THR E 542 -36.57 -42.81 -64.14
N ILE E 543 -37.18 -43.79 -64.77
CA ILE E 543 -36.52 -44.67 -65.73
C ILE E 543 -36.85 -44.18 -67.13
N PRO E 544 -35.86 -43.87 -67.97
CA PRO E 544 -36.16 -43.39 -69.31
C PRO E 544 -36.82 -44.46 -70.16
N GLY E 545 -37.64 -44.01 -71.09
CA GLY E 545 -38.36 -44.91 -71.98
C GLY E 545 -39.85 -44.90 -71.69
N ASN E 546 -40.63 -45.06 -72.76
CA ASN E 546 -42.08 -45.06 -72.62
C ASN E 546 -42.55 -46.26 -71.81
N PHE E 547 -43.57 -46.03 -70.97
CA PHE E 547 -44.09 -47.09 -70.13
C PHE E 547 -45.08 -47.96 -70.88
N ASN E 548 -44.89 -49.27 -70.79
CA ASN E 548 -45.86 -50.21 -71.33
C ASN E 548 -46.07 -51.43 -70.42
N ASN E 549 -45.52 -51.44 -69.22
CA ASN E 549 -45.64 -52.53 -68.26
C ASN E 549 -45.03 -53.83 -68.78
N LYS E 550 -44.27 -53.77 -69.87
CA LYS E 550 -43.65 -54.95 -70.45
C LYS E 550 -42.13 -54.88 -70.47
N ASP E 551 -41.57 -53.79 -70.96
CA ASP E 551 -40.12 -53.64 -71.07
C ASP E 551 -39.55 -53.09 -69.76
N THR E 552 -38.34 -53.53 -69.44
CA THR E 552 -37.68 -53.17 -68.19
C THR E 552 -36.22 -52.82 -68.46
N SER E 553 -35.53 -52.41 -67.40
CA SER E 553 -34.12 -52.08 -67.48
C SER E 553 -33.42 -52.53 -66.21
N ASN E 554 -32.19 -53.03 -66.37
CA ASN E 554 -31.37 -53.44 -65.24
C ASN E 554 -30.60 -52.23 -64.72
N ILE E 555 -31.04 -51.68 -63.59
CA ILE E 555 -30.44 -50.50 -62.99
C ILE E 555 -29.57 -50.94 -61.83
N ARG E 556 -28.35 -50.41 -61.78
CA ARG E 556 -27.40 -50.71 -60.71
C ARG E 556 -27.21 -49.44 -59.88
N LEU E 557 -27.44 -49.56 -58.58
CA LEU E 557 -27.35 -48.45 -57.64
C LEU E 557 -26.17 -48.71 -56.72
N TYR E 558 -25.19 -47.81 -56.70
CA TYR E 558 -24.09 -48.05 -55.78
C TYR E 558 -23.41 -46.76 -55.36
N THR E 559 -22.97 -46.70 -54.11
CA THR E 559 -22.21 -45.57 -53.61
C THR E 559 -20.71 -45.84 -53.74
N SER E 560 -19.92 -44.79 -53.53
CA SER E 560 -18.47 -44.88 -53.67
C SER E 560 -17.77 -45.14 -52.34
N TYR E 561 -18.01 -44.30 -51.34
CA TYR E 561 -17.29 -44.40 -50.07
C TYR E 561 -18.21 -44.64 -48.89
N ASN E 562 -19.29 -43.88 -48.76
CA ASN E 562 -20.11 -43.90 -47.55
C ASN E 562 -21.02 -45.13 -47.59
N GLN E 563 -20.76 -46.10 -46.71
CA GLN E 563 -21.59 -47.30 -46.64
C GLN E 563 -22.96 -46.93 -46.09
N GLY E 564 -24.00 -47.19 -46.86
CA GLY E 564 -25.35 -46.85 -46.45
C GLY E 564 -26.32 -47.97 -46.76
N ILE E 565 -27.38 -48.04 -45.96
CA ILE E 565 -28.41 -49.07 -46.10
C ILE E 565 -29.53 -48.47 -46.93
N GLY E 566 -29.49 -48.71 -48.23
CA GLY E 566 -30.52 -48.18 -49.11
C GLY E 566 -31.82 -48.95 -49.03
N THR E 567 -32.87 -48.33 -49.57
CA THR E 567 -34.19 -48.95 -49.63
C THR E 567 -34.82 -48.29 -50.84
N LEU E 568 -35.47 -49.08 -51.68
CA LEU E 568 -36.02 -48.60 -52.94
C LEU E 568 -37.54 -48.75 -52.86
N PHE E 569 -38.26 -47.70 -53.26
CA PHE E 569 -39.70 -47.60 -53.14
C PHE E 569 -40.23 -47.27 -54.53
N ARG E 570 -41.47 -47.64 -54.79
CA ARG E 570 -42.15 -47.34 -56.04
C ARG E 570 -43.20 -46.27 -55.79
N VAL E 571 -43.20 -45.22 -56.62
CA VAL E 571 -44.02 -44.04 -56.39
C VAL E 571 -45.35 -44.18 -57.12
N THR E 572 -46.45 -43.90 -56.40
CA THR E 572 -47.75 -43.75 -57.03
C THR E 572 -48.35 -42.43 -56.57
N GLU E 573 -48.69 -41.57 -57.52
CA GLU E 573 -49.17 -40.22 -57.23
C GLU E 573 -50.69 -40.19 -57.34
N THR E 574 -51.36 -39.88 -56.24
CA THR E 574 -52.80 -39.72 -56.19
C THR E 574 -53.13 -38.32 -55.69
N ILE E 575 -54.42 -38.00 -55.67
CA ILE E 575 -54.85 -36.70 -55.16
C ILE E 575 -54.56 -36.57 -53.67
N ASP E 576 -54.38 -37.69 -52.97
CA ASP E 576 -54.00 -37.66 -51.57
C ASP E 576 -52.51 -37.49 -51.37
N GLY E 577 -51.72 -37.51 -52.44
CA GLY E 577 -50.28 -37.34 -52.33
C GLY E 577 -49.47 -38.44 -52.99
N TYR E 578 -48.52 -39.00 -52.25
CA TYR E 578 -47.65 -40.05 -52.74
C TYR E 578 -47.81 -41.30 -51.89
N ASN E 579 -47.91 -42.45 -52.55
CA ASN E 579 -47.88 -43.75 -51.89
C ASN E 579 -46.64 -44.49 -52.36
N LEU E 580 -45.86 -44.98 -51.40
CA LEU E 580 -44.61 -45.67 -51.69
C LEU E 580 -44.82 -47.16 -51.47
N ILE E 581 -44.84 -47.92 -52.55
CA ILE E 581 -44.91 -49.37 -52.49
C ILE E 581 -43.51 -49.91 -52.21
N ASN E 582 -43.37 -50.70 -51.16
CA ASN E 582 -42.07 -51.25 -50.80
C ASN E 582 -41.61 -52.25 -51.85
N ILE E 583 -40.33 -52.20 -52.19
CA ILE E 583 -39.77 -53.10 -53.19
C ILE E 583 -38.62 -53.89 -52.58
N GLN E 584 -37.59 -53.20 -52.10
CA GLN E 584 -36.42 -53.82 -51.51
C GLN E 584 -36.24 -53.33 -50.08
N GLN E 585 -35.28 -53.93 -49.39
CA GLN E 585 -34.96 -53.56 -48.02
C GLN E 585 -33.59 -54.10 -47.66
N ASN E 586 -32.88 -53.37 -46.80
CA ASN E 586 -31.57 -53.77 -46.29
C ASN E 586 -30.58 -54.03 -47.43
N LEU E 587 -30.29 -52.97 -48.17
CA LEU E 587 -29.38 -53.04 -49.30
C LEU E 587 -28.05 -52.39 -48.94
N ASN E 588 -26.97 -53.16 -49.07
CA ASN E 588 -25.63 -52.60 -48.90
C ASN E 588 -25.23 -51.90 -50.19
N LEU E 589 -24.65 -50.70 -50.06
CA LEU E 589 -24.38 -49.86 -51.22
C LEU E 589 -22.96 -49.49 -51.61
N LEU E 590 -21.98 -49.61 -50.71
CA LEU E 590 -20.61 -49.23 -51.07
C LEU E 590 -20.05 -50.34 -51.98
N ASN E 591 -19.81 -49.98 -53.24
CA ASN E 591 -19.46 -50.94 -54.29
C ASN E 591 -20.31 -52.18 -54.51
N SER E 592 -21.62 -52.00 -54.45
CA SER E 592 -22.56 -53.10 -54.61
C SER E 592 -22.64 -53.50 -56.07
N THR E 593 -22.19 -54.71 -56.39
CA THR E 593 -22.23 -55.24 -57.75
C THR E 593 -23.50 -56.08 -57.96
N LYS E 594 -24.63 -55.43 -57.74
CA LYS E 594 -25.94 -56.09 -57.86
C LYS E 594 -26.90 -55.12 -58.55
N SER E 595 -27.38 -55.51 -59.73
CA SER E 595 -28.35 -54.72 -60.47
C SER E 595 -29.73 -55.35 -60.34
N ILE E 596 -30.76 -54.51 -60.37
CA ILE E 596 -32.14 -54.93 -60.22
C ILE E 596 -32.93 -54.50 -61.45
N ARG E 597 -33.83 -55.37 -61.89
CA ARG E 597 -34.67 -55.10 -63.06
C ARG E 597 -35.89 -54.30 -62.63
N LEU E 598 -36.07 -53.12 -63.20
CA LEU E 598 -37.18 -52.23 -62.88
C LEU E 598 -37.89 -51.79 -64.15
N LEU E 599 -39.19 -51.52 -64.01
CA LEU E 599 -40.00 -51.12 -65.16
C LEU E 599 -39.53 -49.78 -65.72
N ASN E 600 -39.66 -49.63 -67.03
CA ASN E 600 -39.24 -48.43 -67.73
C ASN E 600 -40.37 -47.40 -67.69
N GLY E 601 -40.06 -46.21 -67.19
CA GLY E 601 -41.03 -45.13 -67.09
C GLY E 601 -41.63 -44.94 -65.71
N ALA E 602 -41.43 -45.89 -64.80
CA ALA E 602 -41.94 -45.75 -63.44
C ALA E 602 -41.02 -44.89 -62.60
N ILE E 603 -41.57 -44.36 -61.52
CA ILE E 603 -40.86 -43.47 -60.61
C ILE E 603 -40.46 -44.25 -59.37
N TYR E 604 -39.20 -44.10 -58.96
CA TYR E 604 -38.70 -44.83 -57.80
C TYR E 604 -37.97 -43.88 -56.85
N ILE E 605 -37.87 -44.31 -55.60
CA ILE E 605 -37.25 -43.52 -54.53
C ILE E 605 -36.27 -44.41 -53.79
N LEU E 606 -35.04 -43.93 -53.63
CA LEU E 606 -34.03 -44.62 -52.85
C LEU E 606 -33.77 -43.84 -51.57
N LYS E 607 -33.95 -44.50 -50.43
CA LYS E 607 -33.81 -43.86 -49.12
C LYS E 607 -32.57 -44.42 -48.44
N VAL E 608 -31.43 -43.80 -48.70
CA VAL E 608 -30.15 -44.25 -48.15
C VAL E 608 -30.07 -43.81 -46.70
N GLU E 609 -29.63 -44.71 -45.83
CA GLU E 609 -29.36 -44.40 -44.43
C GLU E 609 -27.86 -44.59 -44.21
N VAL E 610 -27.13 -43.48 -44.15
CA VAL E 610 -25.67 -43.55 -44.07
C VAL E 610 -25.26 -44.17 -42.74
N THR E 611 -24.37 -45.16 -42.80
CA THR E 611 -23.87 -45.85 -41.61
C THR E 611 -22.42 -45.51 -41.29
N GLU E 612 -21.57 -45.39 -42.30
CA GLU E 612 -20.18 -45.00 -42.11
C GLU E 612 -19.90 -43.78 -42.97
N LEU E 613 -19.44 -42.70 -42.34
CA LEU E 613 -19.14 -41.46 -43.04
C LEU E 613 -17.64 -41.41 -43.35
N ASN E 614 -17.26 -42.12 -44.40
CA ASN E 614 -15.86 -42.15 -44.83
C ASN E 614 -15.47 -40.95 -45.68
N ASN E 615 -16.45 -40.19 -46.19
CA ASN E 615 -16.16 -39.02 -46.99
C ASN E 615 -17.19 -37.95 -46.70
N TYR E 616 -16.79 -36.68 -46.85
CA TYR E 616 -17.72 -35.58 -46.64
C TYR E 616 -18.82 -35.59 -47.67
N ASN E 617 -18.49 -35.89 -48.92
CA ASN E 617 -19.47 -35.94 -50.00
C ASN E 617 -19.86 -37.39 -50.28
N ILE E 618 -21.14 -37.61 -50.52
CA ILE E 618 -21.68 -38.91 -50.86
C ILE E 618 -21.99 -38.91 -52.36
N LYS E 619 -21.45 -39.91 -53.07
CA LYS E 619 -21.63 -40.04 -54.50
C LYS E 619 -22.46 -41.29 -54.77
N LEU E 620 -23.59 -41.12 -55.44
CA LEU E 620 -24.46 -42.22 -55.83
C LEU E 620 -24.36 -42.40 -57.34
N HIS E 621 -23.92 -43.58 -57.76
CA HIS E 621 -23.82 -43.93 -59.18
C HIS E 621 -25.02 -44.76 -59.57
N ILE E 622 -25.68 -44.33 -60.64
CA ILE E 622 -26.81 -45.02 -61.24
C ILE E 622 -26.36 -45.52 -62.61
N ASP E 623 -26.38 -46.83 -62.81
CA ASP E 623 -25.96 -47.43 -64.07
C ASP E 623 -27.17 -48.05 -64.76
N ILE E 624 -27.37 -47.70 -66.03
CA ILE E 624 -28.49 -48.21 -66.81
C ILE E 624 -27.97 -49.22 -67.82
N THR E 625 -28.91 -49.99 -68.37
CA THR E 625 -28.57 -50.99 -69.38
C THR E 625 -29.43 -50.82 -70.63
N ARG F 5 57.94 -8.38 4.42
CA ARG F 5 57.79 -7.47 5.55
C ARG F 5 58.07 -8.19 6.87
N THR F 6 57.17 -9.12 7.23
CA THR F 6 57.35 -9.87 8.46
C THR F 6 58.58 -10.77 8.39
N PHE F 7 58.97 -11.18 7.19
CA PHE F 7 60.19 -11.96 7.02
C PHE F 7 61.40 -11.05 7.19
N LEU F 8 62.58 -11.64 7.17
CA LEU F 8 63.80 -10.87 7.42
C LEU F 8 64.00 -9.84 6.31
N PRO F 9 64.37 -8.61 6.65
CA PRO F 9 64.50 -7.56 5.64
C PRO F 9 65.81 -7.68 4.87
N ASN F 10 65.83 -7.05 3.70
CA ASN F 10 67.01 -7.00 2.85
C ASN F 10 68.05 -6.07 3.46
N GLY F 11 69.32 -6.40 3.25
CA GLY F 11 70.38 -5.55 3.76
C GLY F 11 71.56 -6.30 4.36
N ASN F 12 72.29 -5.62 5.25
CA ASN F 12 73.48 -6.21 5.83
C ASN F 12 73.13 -7.21 6.92
N TYR F 13 73.96 -8.24 7.04
CA TYR F 13 73.78 -9.26 8.07
C TYR F 13 75.11 -9.93 8.34
N ASN F 14 75.19 -10.62 9.48
CA ASN F 14 76.36 -11.40 9.86
C ASN F 14 75.91 -12.83 10.15
N ILE F 15 76.62 -13.79 9.58
CA ILE F 15 76.28 -15.20 9.72
C ILE F 15 77.21 -15.82 10.76
N LYS F 16 76.64 -16.28 11.87
CA LYS F 16 77.38 -16.87 12.97
C LYS F 16 76.89 -18.30 13.20
N SER F 17 77.66 -19.04 13.98
CA SER F 17 77.31 -20.42 14.32
C SER F 17 77.10 -20.55 15.83
N ILE F 18 76.23 -21.48 16.19
CA ILE F 18 75.86 -21.69 17.59
C ILE F 18 77.03 -22.22 18.40
N PHE F 19 77.88 -23.04 17.79
CA PHE F 19 79.00 -23.66 18.50
C PHE F 19 80.01 -22.64 19.00
N SER F 20 79.81 -21.35 18.72
CA SER F 20 80.69 -20.30 19.20
C SER F 20 79.87 -19.03 19.42
N GLY F 21 80.55 -17.96 19.80
CA GLY F 21 79.89 -16.68 19.99
C GLY F 21 80.70 -15.53 19.43
N SER F 22 81.75 -15.84 18.69
CA SER F 22 82.58 -14.82 18.08
C SER F 22 83.03 -15.16 16.66
N LEU F 23 82.56 -16.25 16.08
CA LEU F 23 83.00 -16.69 14.76
C LEU F 23 82.03 -16.16 13.71
N TYR F 24 82.52 -15.26 12.86
CA TYR F 24 81.73 -14.67 11.80
C TYR F 24 82.13 -15.26 10.45
N LEU F 25 81.17 -15.29 9.53
CA LEU F 25 81.43 -15.81 8.19
C LEU F 25 82.39 -14.87 7.47
N SER F 26 83.20 -15.44 6.58
CA SER F 26 84.13 -14.71 5.77
C SER F 26 84.67 -15.65 4.69
N PRO F 27 84.74 -15.23 3.44
CA PRO F 27 85.34 -16.08 2.40
C PRO F 27 86.84 -15.90 2.25
N VAL F 28 87.60 -16.99 2.39
CA VAL F 28 89.04 -16.97 2.17
C VAL F 28 89.39 -18.03 1.14
N SER F 29 90.23 -17.65 0.17
CA SER F 29 90.71 -18.55 -0.88
C SER F 29 89.56 -19.17 -1.66
N GLY F 30 88.44 -18.46 -1.77
CA GLY F 30 87.30 -18.96 -2.50
C GLY F 30 86.41 -19.91 -1.73
N SER F 31 86.65 -20.11 -0.44
CA SER F 31 85.83 -20.98 0.40
C SER F 31 85.39 -20.22 1.64
N LEU F 32 84.13 -20.42 2.01
CA LEU F 32 83.58 -19.76 3.19
C LEU F 32 84.01 -20.49 4.45
N THR F 33 84.25 -19.71 5.51
CA THR F 33 84.65 -20.27 6.79
C THR F 33 84.24 -19.30 7.88
N PHE F 34 84.56 -19.65 9.12
CA PHE F 34 84.27 -18.80 10.28
C PHE F 34 85.59 -18.33 10.87
N SER F 35 85.73 -17.01 10.99
CA SER F 35 86.93 -16.39 11.53
C SER F 35 86.57 -15.54 12.75
N ASN F 36 87.61 -15.07 13.44
CA ASN F 36 87.40 -14.26 14.63
C ASN F 36 86.81 -12.90 14.26
N GLU F 37 86.38 -12.17 15.29
CA GLU F 37 85.77 -10.86 15.11
C GLU F 37 86.83 -9.87 14.64
N SER F 38 86.86 -9.62 13.33
CA SER F 38 87.86 -8.74 12.74
C SER F 38 87.39 -7.29 12.65
N SER F 39 86.11 -7.02 12.91
CA SER F 39 85.54 -5.67 12.79
C SER F 39 85.78 -5.11 11.39
N ALA F 40 85.72 -5.98 10.39
CA ALA F 40 85.96 -5.62 9.00
C ALA F 40 84.68 -5.79 8.20
N ASN F 41 84.69 -5.23 6.98
CA ASN F 41 83.54 -5.26 6.11
C ASN F 41 83.48 -6.51 5.24
N ASN F 42 84.46 -7.42 5.35
CA ASN F 42 84.41 -8.65 4.60
C ASN F 42 83.45 -9.67 5.19
N GLN F 43 83.09 -9.52 6.46
CA GLN F 43 82.19 -10.45 7.14
C GLN F 43 80.73 -10.08 7.03
N LYS F 44 80.41 -8.91 6.49
CA LYS F 44 79.03 -8.46 6.33
C LYS F 44 78.52 -8.92 4.97
N TRP F 45 77.30 -9.45 4.94
CA TRP F 45 76.70 -9.97 3.73
C TRP F 45 75.38 -9.26 3.45
N ASN F 46 75.19 -8.87 2.19
CA ASN F 46 73.97 -8.21 1.76
C ASN F 46 73.01 -9.26 1.23
N VAL F 47 71.82 -9.32 1.82
CA VAL F 47 70.77 -10.26 1.45
C VAL F 47 69.68 -9.50 0.71
N GLU F 48 69.18 -10.08 -0.38
CA GLU F 48 68.16 -9.44 -1.19
C GLU F 48 67.25 -10.50 -1.78
N TYR F 49 66.07 -10.06 -2.23
CA TYR F 49 65.12 -10.94 -2.88
C TYR F 49 65.42 -11.05 -4.37
N MET F 50 64.83 -12.06 -5.00
CA MET F 50 65.04 -12.34 -6.41
C MET F 50 63.70 -12.78 -7.00
N ALA F 51 63.30 -12.14 -8.11
CA ALA F 51 61.93 -12.19 -8.57
C ALA F 51 61.62 -13.28 -9.58
N GLU F 52 62.48 -13.48 -10.59
CA GLU F 52 62.13 -14.42 -11.66
C GLU F 52 62.06 -15.85 -11.15
N ASN F 53 62.83 -16.18 -10.11
CA ASN F 53 62.74 -17.48 -9.46
C ASN F 53 62.18 -17.39 -8.06
N ARG F 54 61.90 -16.19 -7.56
CA ARG F 54 61.39 -15.96 -6.21
C ARG F 54 62.26 -16.65 -5.17
N CYS F 55 63.51 -16.19 -5.08
CA CYS F 55 64.50 -16.78 -4.21
C CYS F 55 65.34 -15.72 -3.53
N PHE F 56 66.46 -16.10 -2.93
CA PHE F 56 67.33 -15.17 -2.23
C PHE F 56 68.65 -15.01 -2.96
N LYS F 57 69.28 -13.86 -2.77
CA LYS F 57 70.60 -13.58 -3.32
C LYS F 57 71.44 -12.96 -2.22
N ILE F 58 72.59 -13.58 -1.95
CA ILE F 58 73.51 -13.12 -0.91
C ILE F 58 74.82 -12.73 -1.58
N SER F 59 75.28 -11.51 -1.30
CA SER F 59 76.51 -10.99 -1.88
C SER F 59 77.40 -10.45 -0.75
N ASN F 60 78.68 -10.33 -1.05
CA ASN F 60 79.59 -9.70 -0.11
C ASN F 60 79.53 -8.19 -0.28
N VAL F 61 79.37 -7.46 0.82
CA VAL F 61 79.32 -6.01 0.75
C VAL F 61 80.65 -5.43 0.31
N ALA F 62 81.75 -6.15 0.51
CA ALA F 62 83.05 -5.73 0.02
C ALA F 62 83.37 -6.27 -1.36
N GLU F 63 82.48 -7.07 -1.94
CA GLU F 63 82.70 -7.63 -3.27
C GLU F 63 81.36 -7.85 -3.93
N PRO F 64 80.85 -6.84 -4.64
CA PRO F 64 79.55 -6.99 -5.32
C PRO F 64 79.64 -7.90 -6.54
N ASN F 65 78.54 -8.01 -7.28
CA ASN F 65 78.40 -8.86 -8.46
C ASN F 65 79.03 -10.24 -8.24
N LYS F 66 78.89 -10.78 -7.03
CA LYS F 66 79.40 -12.10 -6.69
C LYS F 66 78.50 -12.68 -5.62
N TYR F 67 77.74 -13.73 -5.97
CA TYR F 67 76.76 -14.31 -5.08
C TYR F 67 77.13 -15.74 -4.74
N LEU F 68 76.72 -16.18 -3.55
CA LEU F 68 76.98 -17.54 -3.12
C LEU F 68 76.25 -18.53 -4.02
N SER F 69 76.95 -19.60 -4.40
CA SER F 69 76.37 -20.60 -5.27
C SER F 69 77.01 -21.95 -4.99
N TYR F 70 76.32 -23.00 -5.40
CA TYR F 70 76.82 -24.36 -5.24
C TYR F 70 77.90 -24.63 -6.28
N ASP F 71 78.52 -25.81 -6.17
CA ASP F 71 79.52 -26.23 -7.14
C ASP F 71 79.53 -27.75 -7.19
N ASN F 72 80.00 -28.29 -8.31
CA ASN F 72 80.01 -29.73 -8.52
C ASN F 72 80.86 -30.48 -7.49
N PHE F 73 81.77 -29.79 -6.80
CA PHE F 73 82.62 -30.42 -5.80
C PHE F 73 82.00 -30.45 -4.42
N GLY F 74 80.74 -30.01 -4.28
CA GLY F 74 80.06 -30.07 -3.01
C GLY F 74 80.28 -28.89 -2.09
N PHE F 75 80.97 -27.85 -2.54
CA PHE F 75 81.18 -26.65 -1.74
C PHE F 75 80.54 -25.45 -2.44
N ILE F 76 80.30 -24.40 -1.67
CA ILE F 76 79.70 -23.18 -2.19
C ILE F 76 80.80 -22.14 -2.37
N SER F 77 80.80 -21.49 -3.54
CA SER F 77 81.75 -20.46 -3.88
C SER F 77 81.01 -19.14 -4.14
N LEU F 78 81.77 -18.12 -4.52
CA LEU F 78 81.24 -16.80 -4.82
C LEU F 78 81.27 -16.63 -6.33
N ASP F 79 80.21 -17.07 -7.00
CA ASP F 79 80.14 -17.01 -8.44
C ASP F 79 79.76 -15.62 -8.90
N SER F 80 80.45 -15.13 -9.93
CA SER F 80 80.17 -13.83 -10.52
C SER F 80 79.44 -13.92 -11.86
N LEU F 81 79.29 -15.11 -12.42
CA LEU F 81 78.60 -15.29 -13.69
C LEU F 81 78.08 -16.70 -13.84
N TYR F 86 68.79 -21.27 -7.41
CA TYR F 86 67.99 -20.43 -6.53
C TYR F 86 68.33 -20.70 -5.06
N TRP F 87 67.47 -20.22 -4.16
CA TRP F 87 67.69 -20.37 -2.73
C TRP F 87 66.35 -20.42 -2.02
N PHE F 88 66.34 -20.93 -0.79
CA PHE F 88 65.09 -21.04 -0.06
C PHE F 88 65.42 -21.08 1.43
N PRO F 89 65.39 -19.95 2.12
CA PRO F 89 65.70 -19.96 3.56
C PRO F 89 64.60 -20.60 4.38
N ILE F 90 64.99 -21.07 5.57
CA ILE F 90 64.07 -21.62 6.55
C ILE F 90 64.39 -20.99 7.89
N LYS F 91 63.39 -20.36 8.52
CA LYS F 91 63.54 -19.81 9.85
C LYS F 91 62.93 -20.77 10.86
N ILE F 92 63.75 -21.23 11.79
CA ILE F 92 63.37 -22.32 12.74
C ILE F 92 63.34 -21.77 14.16
N ALA F 93 64.08 -20.71 14.43
CA ALA F 93 63.90 -20.08 15.74
C ALA F 93 64.29 -18.62 15.62
N VAL F 94 64.69 -18.00 16.72
CA VAL F 94 64.96 -16.55 16.66
C VAL F 94 66.24 -16.28 15.84
N ASN F 95 66.13 -15.47 14.81
CA ASN F 95 67.27 -15.11 13.94
C ASN F 95 68.10 -16.35 13.61
N THR F 96 67.46 -17.50 13.44
CA THR F 96 68.16 -18.73 13.09
C THR F 96 67.62 -19.27 11.77
N TYR F 97 68.50 -19.38 10.77
CA TYR F 97 68.13 -19.84 9.45
C TYR F 97 69.13 -20.90 8.99
N ILE F 98 68.69 -21.78 8.09
CA ILE F 98 69.48 -22.95 7.75
C ILE F 98 69.72 -23.05 6.24
N MET F 99 68.99 -22.25 5.46
CA MET F 99 69.31 -21.99 4.05
C MET F 99 69.28 -23.27 3.20
N LEU F 100 68.08 -23.81 3.02
CA LEU F 100 67.87 -24.81 1.98
C LEU F 100 68.22 -24.25 0.60
N SER F 101 68.72 -25.13 -0.26
CA SER F 101 68.91 -24.85 -1.67
C SER F 101 67.78 -25.53 -2.46
N LEU F 102 67.90 -25.53 -3.78
CA LEU F 102 66.90 -26.17 -4.61
C LEU F 102 66.98 -27.69 -4.47
N ASN F 103 66.09 -28.39 -5.16
CA ASN F 103 66.03 -29.85 -5.14
C ASN F 103 66.66 -30.40 -6.41
N ASN F 106 68.01 -34.09 -8.17
CA ASN F 106 67.83 -35.54 -8.07
C ASN F 106 66.79 -35.90 -7.01
N GLU F 107 65.73 -35.10 -6.95
CA GLU F 107 64.61 -35.32 -6.02
C GLU F 107 65.11 -35.41 -4.58
N LEU F 108 66.06 -34.56 -4.22
CA LEU F 108 66.62 -34.55 -2.87
C LEU F 108 67.29 -33.21 -2.63
N ASP F 109 67.00 -32.59 -1.48
CA ASP F 109 67.44 -31.25 -1.19
C ASP F 109 68.83 -31.22 -0.55
N TYR F 110 69.46 -30.05 -0.62
CA TYR F 110 70.74 -29.80 0.02
C TYR F 110 70.70 -28.46 0.71
N ALA F 111 71.59 -28.27 1.68
CA ALA F 111 71.69 -27.01 2.40
C ALA F 111 73.09 -26.89 2.99
N TRP F 112 73.34 -25.76 3.64
CA TRP F 112 74.64 -25.51 4.24
C TRP F 112 74.86 -26.38 5.46
N ASP F 113 76.11 -26.82 5.66
CA ASP F 113 76.45 -27.69 6.76
C ASP F 113 77.87 -27.41 7.22
N ILE F 114 78.07 -27.53 8.53
CA ILE F 114 79.36 -27.32 9.17
C ILE F 114 79.68 -28.52 10.04
N TYR F 115 80.88 -29.07 9.89
CA TYR F 115 81.29 -30.21 10.70
C TYR F 115 81.88 -29.73 12.02
N ASP F 116 81.52 -30.43 13.11
CA ASP F 116 81.92 -30.03 14.46
C ASP F 116 82.43 -31.25 15.22
N THR F 117 83.55 -31.07 15.93
CA THR F 117 84.13 -32.12 16.78
C THR F 117 84.36 -31.52 18.17
N ASN F 118 83.33 -31.60 19.02
CA ASN F 118 83.40 -31.11 20.39
C ASN F 118 83.78 -29.62 20.39
N GLU F 119 82.87 -28.82 19.85
CA GLU F 119 83.06 -27.36 19.72
C GLU F 119 84.30 -27.03 18.89
N ASN F 120 84.53 -27.82 17.84
CA ASN F 120 85.59 -27.56 16.87
C ASN F 120 84.96 -26.81 15.71
N ILE F 121 85.11 -25.48 15.73
CA ILE F 121 84.49 -24.61 14.74
C ILE F 121 85.54 -23.87 13.91
N LEU F 122 86.74 -23.71 14.44
CA LEU F 122 87.77 -22.94 13.74
C LEU F 122 88.34 -23.72 12.56
N SER F 123 88.67 -22.98 11.50
CA SER F 123 89.31 -23.54 10.31
C SER F 123 88.51 -24.70 9.73
N GLN F 124 87.19 -24.52 9.66
CA GLN F 124 86.30 -25.56 9.13
C GLN F 124 85.56 -25.00 7.91
N PRO F 125 85.81 -25.53 6.71
CA PRO F 125 85.10 -25.03 5.53
C PRO F 125 83.63 -25.43 5.57
N LEU F 126 82.83 -24.69 4.79
CA LEU F 126 81.40 -24.91 4.74
C LEU F 126 81.07 -25.86 3.59
N LEU F 127 80.15 -26.79 3.86
CA LEU F 127 79.82 -27.83 2.89
C LEU F 127 78.35 -27.76 2.51
N LEU F 128 78.03 -28.41 1.39
CA LEU F 128 76.65 -28.56 0.94
C LEU F 128 76.22 -30.01 1.16
N LEU F 129 75.31 -30.22 2.09
CA LEU F 129 74.94 -31.57 2.50
C LEU F 129 73.43 -31.77 2.43
N PRO F 130 72.99 -33.01 2.22
CA PRO F 130 71.55 -33.27 2.20
C PRO F 130 70.90 -33.05 3.56
N ASN F 131 69.61 -32.76 3.51
CA ASN F 131 68.81 -32.52 4.71
C ASN F 131 67.63 -33.48 4.75
N PHE F 132 67.35 -34.01 5.94
CA PHE F 132 66.22 -34.91 6.14
C PHE F 132 65.22 -34.44 7.16
N ASP F 133 65.63 -33.59 8.11
CA ASP F 133 64.72 -33.08 9.13
C ASP F 133 65.14 -31.65 9.44
N ILE F 134 64.68 -31.12 10.57
CA ILE F 134 64.99 -29.71 10.93
C ILE F 134 65.66 -29.67 12.31
N TYR F 135 65.98 -30.84 12.86
CA TYR F 135 66.62 -30.90 14.15
C TYR F 135 68.13 -31.11 14.06
N ASN F 136 68.70 -31.05 12.86
CA ASN F 136 70.14 -31.25 12.67
C ASN F 136 70.87 -29.99 13.11
N SER F 137 71.50 -30.06 14.29
CA SER F 137 72.15 -28.88 14.86
C SER F 137 73.34 -28.40 14.03
N ASN F 138 73.92 -29.27 13.20
CA ASN F 138 75.10 -28.90 12.41
C ASN F 138 74.77 -27.96 11.26
N GLN F 139 73.49 -27.74 10.96
CA GLN F 139 73.11 -26.93 9.81
C GLN F 139 72.41 -25.64 10.27
N MET F 140 72.47 -25.33 11.56
CA MET F 140 71.88 -24.10 12.07
C MET F 140 72.85 -22.93 11.89
N PHE F 141 72.31 -21.77 11.53
CA PHE F 141 73.12 -20.55 11.39
C PHE F 141 72.33 -19.33 11.82
N LYS F 142 72.92 -18.51 12.67
CA LYS F 142 72.27 -17.32 13.16
C LYS F 142 72.62 -16.12 12.28
N LEU F 143 71.60 -15.36 11.89
CA LEU F 143 71.78 -14.17 11.06
C LEU F 143 71.49 -12.95 11.94
N GLU F 144 72.55 -12.25 12.34
CA GLU F 144 72.42 -11.10 13.24
C GLU F 144 72.55 -9.81 12.46
N LYS F 145 71.80 -8.80 12.88
CA LYS F 145 71.85 -7.49 12.25
C LYS F 145 72.93 -6.61 12.85
N ARG G 5 -52.93 8.34 64.82
CA ARG G 5 -53.95 8.88 65.71
C ARG G 5 -55.32 8.31 65.39
N THR G 6 -55.36 7.34 64.48
CA THR G 6 -56.63 6.72 64.08
C THR G 6 -57.14 5.71 65.11
N PHE G 7 -56.28 5.25 66.01
CA PHE G 7 -56.67 4.27 67.03
C PHE G 7 -56.77 4.97 68.37
N LEU G 8 -57.98 5.07 68.90
CA LEU G 8 -58.26 5.70 70.18
C LEU G 8 -57.65 7.09 70.27
N PRO G 9 -58.17 8.06 69.52
CA PRO G 9 -57.62 9.41 69.59
C PRO G 9 -57.77 10.00 70.98
N ASN G 10 -56.76 10.77 71.40
CA ASN G 10 -56.78 11.37 72.73
C ASN G 10 -57.86 12.45 72.80
N GLY G 11 -58.68 12.39 73.84
CA GLY G 11 -59.75 13.36 73.99
C GLY G 11 -60.79 12.85 74.96
N ASN G 12 -61.98 13.45 74.87
CA ASN G 12 -63.09 13.12 75.75
C ASN G 12 -63.71 11.78 75.35
N TYR G 13 -64.09 11.01 76.36
CA TYR G 13 -64.63 9.67 76.18
C TYR G 13 -65.65 9.38 77.27
N ASN G 14 -66.67 8.61 76.91
CA ASN G 14 -67.63 8.08 77.87
C ASN G 14 -67.48 6.56 77.90
N ILE G 15 -67.26 6.03 79.10
CA ILE G 15 -67.05 4.60 79.29
C ILE G 15 -68.35 3.99 79.80
N LYS G 16 -68.89 3.02 79.06
CA LYS G 16 -70.13 2.35 79.39
C LYS G 16 -69.91 0.85 79.36
N SER G 17 -70.88 0.10 79.88
CA SER G 17 -70.83 -1.35 79.88
C SER G 17 -71.74 -1.90 78.79
N ILE G 18 -71.38 -3.08 78.29
CA ILE G 18 -72.19 -3.72 77.24
C ILE G 18 -73.55 -4.15 77.76
N PHE G 19 -73.67 -4.46 79.04
CA PHE G 19 -74.93 -4.97 79.58
C PHE G 19 -76.04 -3.94 79.49
N SER G 20 -75.75 -2.68 79.83
CA SER G 20 -76.75 -1.63 79.83
C SER G 20 -76.26 -0.44 79.01
N GLY G 21 -77.15 0.09 78.17
CA GLY G 21 -76.85 1.22 77.33
C GLY G 21 -77.16 2.57 77.95
N SER G 22 -77.49 2.61 79.24
CA SER G 22 -77.82 3.86 79.92
C SER G 22 -76.97 4.06 81.17
N LEU G 23 -75.88 3.33 81.31
CA LEU G 23 -75.01 3.42 82.48
C LEU G 23 -73.66 4.01 82.07
N TYR G 24 -73.16 4.92 82.90
CA TYR G 24 -71.89 5.58 82.66
C TYR G 24 -71.00 5.46 83.88
N LEU G 25 -69.69 5.46 83.63
CA LEU G 25 -68.72 5.34 84.72
C LEU G 25 -68.76 6.58 85.61
N SER G 26 -68.68 6.36 86.91
CA SER G 26 -68.68 7.44 87.89
C SER G 26 -67.87 7.02 89.11
N PRO G 27 -66.86 7.81 89.49
CA PRO G 27 -66.13 7.53 90.73
C PRO G 27 -66.81 8.14 91.94
N VAL G 28 -67.30 7.31 92.85
CA VAL G 28 -67.90 7.76 94.10
C VAL G 28 -67.12 7.14 95.26
N SER G 29 -66.72 7.97 96.22
CA SER G 29 -65.95 7.54 97.39
C SER G 29 -64.68 6.81 97.00
N GLY G 30 -64.10 7.15 95.84
CA GLY G 30 -62.89 6.54 95.37
C GLY G 30 -63.07 5.24 94.63
N SER G 31 -64.29 4.74 94.50
CA SER G 31 -64.58 3.50 93.80
C SER G 31 -65.40 3.80 92.56
N LEU G 32 -65.05 3.17 91.44
CA LEU G 32 -65.72 3.40 90.18
C LEU G 32 -66.92 2.48 90.05
N THR G 33 -68.09 3.05 89.75
CA THR G 33 -69.31 2.29 89.57
C THR G 33 -70.00 2.77 88.30
N PHE G 34 -71.12 2.14 87.96
CA PHE G 34 -71.92 2.52 86.81
C PHE G 34 -73.22 3.14 87.30
N SER G 35 -73.48 4.38 86.90
CA SER G 35 -74.65 5.12 87.36
C SER G 35 -75.45 5.63 86.17
N ASN G 36 -76.68 6.02 86.44
CA ASN G 36 -77.55 6.53 85.40
C ASN G 36 -77.06 7.89 84.90
N GLU G 37 -77.53 8.27 83.72
CA GLU G 37 -77.09 9.51 83.08
C GLU G 37 -77.54 10.71 83.91
N SER G 38 -76.58 11.54 84.31
CA SER G 38 -76.86 12.73 85.08
C SER G 38 -76.43 14.02 84.39
N SER G 39 -75.83 13.93 83.19
CA SER G 39 -75.37 15.09 82.44
C SER G 39 -74.41 15.94 83.28
N ALA G 40 -73.46 15.28 83.92
CA ALA G 40 -72.49 15.92 84.79
C ALA G 40 -71.08 15.57 84.31
N ASN G 41 -70.11 16.40 84.74
CA ASN G 41 -68.72 16.21 84.36
C ASN G 41 -68.07 15.03 85.06
N ASN G 42 -68.71 14.46 86.08
CA ASN G 42 -68.14 13.32 86.80
C ASN G 42 -68.26 12.02 86.01
N GLN G 43 -69.07 11.98 84.96
CA GLN G 43 -69.24 10.79 84.15
C GLN G 43 -68.33 10.75 82.93
N LYS G 44 -67.81 11.90 82.50
CA LYS G 44 -66.93 11.97 81.34
C LYS G 44 -65.48 11.74 81.77
N TRP G 45 -64.69 11.21 80.84
CA TRP G 45 -63.29 10.92 81.08
C TRP G 45 -62.46 11.50 79.93
N ASN G 46 -61.16 11.60 80.17
CA ASN G 46 -60.20 12.04 79.16
C ASN G 46 -59.15 10.96 78.98
N VAL G 47 -58.93 10.53 77.75
CA VAL G 47 -57.98 9.48 77.43
C VAL G 47 -56.84 10.08 76.63
N GLU G 48 -55.61 9.89 77.10
CA GLU G 48 -54.43 10.44 76.45
C GLU G 48 -53.36 9.37 76.36
N TYR G 49 -52.76 9.23 75.18
CA TYR G 49 -51.70 8.25 74.95
C TYR G 49 -50.35 8.92 75.10
N MET G 50 -49.48 8.33 75.92
CA MET G 50 -48.14 8.85 76.17
C MET G 50 -47.11 7.79 75.78
N ALA G 51 -46.05 8.25 75.11
CA ALA G 51 -45.06 7.36 74.52
C ALA G 51 -43.86 7.09 75.42
N GLU G 52 -43.74 7.77 76.57
CA GLU G 52 -42.65 7.47 77.48
C GLU G 52 -42.75 6.05 78.03
N ASN G 53 -43.98 5.54 78.18
CA ASN G 53 -44.21 4.13 78.44
C ASN G 53 -45.15 3.53 77.41
N ARG G 54 -45.33 4.21 76.28
CA ARG G 54 -46.17 3.79 75.16
C ARG G 54 -47.48 3.15 75.62
N CYS G 55 -48.21 3.87 76.47
CA CYS G 55 -49.46 3.38 77.01
C CYS G 55 -50.46 4.53 77.13
N PHE G 56 -51.72 4.17 77.34
CA PHE G 56 -52.78 5.15 77.52
C PHE G 56 -52.97 5.47 78.99
N LYS G 57 -53.62 6.60 79.25
CA LYS G 57 -53.95 7.04 80.60
C LYS G 57 -55.32 7.69 80.58
N ILE G 58 -56.13 7.36 81.57
CA ILE G 58 -57.51 7.85 81.68
C ILE G 58 -57.60 8.72 82.94
N SER G 59 -58.13 9.92 82.77
CA SER G 59 -58.29 10.87 83.87
C SER G 59 -59.74 11.34 83.93
N ASN G 60 -60.14 11.80 85.11
CA ASN G 60 -61.47 12.34 85.29
C ASN G 60 -61.47 13.82 84.96
N VAL G 61 -62.42 14.24 84.11
CA VAL G 61 -62.50 15.66 83.71
C VAL G 61 -62.79 16.53 84.93
N ALA G 62 -63.71 16.10 85.78
CA ALA G 62 -64.05 16.85 86.99
C ALA G 62 -62.95 16.81 88.04
N GLU G 63 -62.01 15.86 87.95
CA GLU G 63 -60.93 15.72 88.91
C GLU G 63 -59.60 15.70 88.18
N PRO G 64 -58.99 16.86 87.93
CA PRO G 64 -57.70 16.89 87.24
C PRO G 64 -56.59 16.28 88.09
N ASN G 65 -55.52 15.87 87.40
CA ASN G 65 -54.36 15.25 88.03
C ASN G 65 -54.72 13.97 88.77
N LYS G 66 -55.70 13.23 88.26
CA LYS G 66 -56.12 11.95 88.83
C LYS G 66 -56.05 10.90 87.73
N TYR G 67 -55.13 9.95 87.88
CA TYR G 67 -54.90 8.92 86.88
C TYR G 67 -55.48 7.59 87.36
N LEU G 68 -56.14 6.88 86.46
CA LEU G 68 -56.79 5.62 86.80
C LEU G 68 -55.72 4.56 87.06
N SER G 69 -55.59 4.13 88.30
CA SER G 69 -54.62 3.11 88.71
C SER G 69 -55.34 2.03 89.50
N TYR G 70 -54.57 1.02 89.91
CA TYR G 70 -55.09 -0.10 90.67
C TYR G 70 -54.35 -0.22 91.99
N ASP G 71 -55.07 -0.70 93.01
CA ASP G 71 -54.51 -0.89 94.34
C ASP G 71 -54.29 -2.37 94.62
N ASN G 72 -53.77 -2.66 95.81
CA ASN G 72 -53.47 -4.03 96.21
C ASN G 72 -54.70 -4.80 96.65
N PHE G 73 -55.86 -4.15 96.77
CA PHE G 73 -57.09 -4.80 97.18
C PHE G 73 -57.86 -5.41 96.01
N GLY G 74 -57.30 -5.35 94.80
CA GLY G 74 -58.00 -5.84 93.63
C GLY G 74 -58.98 -4.85 93.03
N PHE G 75 -59.02 -3.62 93.53
CA PHE G 75 -59.90 -2.58 93.03
C PHE G 75 -59.13 -1.64 92.11
N ILE G 76 -59.82 -0.60 91.64
CA ILE G 76 -59.21 0.50 90.91
C ILE G 76 -59.67 1.81 91.51
N SER G 77 -58.90 2.86 91.26
CA SER G 77 -59.18 4.17 91.83
C SER G 77 -58.42 5.22 91.04
N LEU G 78 -58.48 6.47 91.51
CA LEU G 78 -57.78 7.59 90.91
C LEU G 78 -56.64 8.00 91.82
N ASP G 79 -55.41 7.90 91.33
CA ASP G 79 -54.23 8.26 92.08
C ASP G 79 -53.72 9.63 91.63
N SER G 80 -53.24 10.40 92.59
CA SER G 80 -52.69 11.73 92.34
C SER G 80 -51.20 11.70 92.01
N LEU G 81 -50.59 10.52 92.00
CA LEU G 81 -49.16 10.40 91.70
C LEU G 81 -48.89 9.16 90.85
N TYR G 86 -50.88 3.11 83.96
CA TYR G 86 -50.81 2.75 82.54
C TYR G 86 -51.71 1.55 82.24
N TRP G 87 -52.40 1.61 81.11
CA TRP G 87 -53.30 0.55 80.69
C TRP G 87 -53.06 0.22 79.23
N PHE G 88 -53.44 -1.00 78.84
CA PHE G 88 -53.20 -1.52 77.49
C PHE G 88 -54.53 -1.97 76.89
N PRO G 89 -55.28 -1.06 76.28
CA PRO G 89 -56.58 -1.44 75.70
C PRO G 89 -56.41 -2.41 74.55
N ILE G 90 -57.39 -3.31 74.40
CA ILE G 90 -57.40 -4.31 73.35
C ILE G 90 -58.77 -4.28 72.69
N LYS G 91 -58.78 -4.16 71.37
CA LYS G 91 -60.03 -4.13 70.61
C LYS G 91 -60.37 -5.52 70.11
N ILE G 92 -61.59 -5.96 70.37
CA ILE G 92 -62.09 -7.23 69.84
C ILE G 92 -63.23 -7.04 68.86
N ALA G 93 -63.95 -5.93 68.90
CA ALA G 93 -65.04 -5.64 67.99
C ALA G 93 -65.20 -4.13 67.94
N VAL G 94 -66.30 -3.65 67.36
CA VAL G 94 -66.52 -2.22 67.23
C VAL G 94 -66.89 -1.65 68.59
N ASN G 95 -66.19 -0.59 68.99
CA ASN G 95 -66.47 0.12 70.25
C ASN G 95 -66.43 -0.82 71.45
N THR G 96 -65.47 -1.75 71.45
CA THR G 96 -65.24 -2.64 72.57
C THR G 96 -63.75 -2.65 72.91
N TYR G 97 -63.45 -2.56 74.21
CA TYR G 97 -62.08 -2.45 74.68
C TYR G 97 -61.89 -3.27 75.94
N ILE G 98 -60.72 -3.92 76.04
CA ILE G 98 -60.35 -4.70 77.20
C ILE G 98 -59.01 -4.14 77.68
N MET G 99 -59.01 -3.45 78.81
CA MET G 99 -57.81 -2.84 79.34
C MET G 99 -57.00 -3.89 80.10
N LEU G 100 -55.91 -4.36 79.50
CA LEU G 100 -55.06 -5.36 80.12
C LEU G 100 -53.96 -4.68 80.93
N SER G 101 -53.24 -5.48 81.71
CA SER G 101 -52.16 -4.99 82.56
C SER G 101 -50.86 -4.86 81.75
N LEU G 102 -49.94 -4.07 82.31
CA LEU G 102 -48.65 -3.84 81.67
C LEU G 102 -47.49 -4.56 82.36
N ASN G 103 -47.71 -5.10 83.55
CA ASN G 103 -46.60 -5.71 84.29
C ASN G 103 -46.23 -7.07 83.72
N LYS G 104 -47.15 -8.03 83.78
CA LYS G 104 -46.96 -9.38 83.25
C LYS G 104 -45.78 -10.07 83.93
N VAL G 105 -45.31 -9.51 85.04
CA VAL G 105 -44.12 -10.01 85.73
C VAL G 105 -44.55 -10.97 86.82
N ASN G 106 -44.04 -12.21 86.75
CA ASN G 106 -44.26 -13.25 87.76
C ASN G 106 -45.75 -13.58 87.93
N GLU G 107 -46.57 -13.28 86.94
CA GLU G 107 -48.00 -13.55 87.00
C GLU G 107 -48.55 -13.53 85.58
N LEU G 108 -49.87 -13.57 85.47
CA LEU G 108 -50.55 -13.49 84.19
C LEU G 108 -50.99 -12.05 83.92
N ASP G 109 -51.74 -11.86 82.84
CA ASP G 109 -52.19 -10.54 82.41
C ASP G 109 -53.62 -10.33 82.92
N TYR G 110 -53.76 -9.48 83.93
CA TYR G 110 -55.06 -9.14 84.47
C TYR G 110 -55.75 -8.08 83.62
N ALA G 111 -57.04 -7.89 83.86
CA ALA G 111 -57.83 -6.95 83.08
C ALA G 111 -59.02 -6.49 83.91
N TRP G 112 -59.65 -5.42 83.44
CA TRP G 112 -60.87 -4.93 84.08
C TRP G 112 -61.97 -5.97 83.96
N ASP G 113 -62.74 -6.14 85.04
CA ASP G 113 -63.85 -7.07 85.05
C ASP G 113 -64.91 -6.58 86.01
N ILE G 114 -66.16 -6.94 85.72
CA ILE G 114 -67.30 -6.59 86.56
C ILE G 114 -68.12 -7.85 86.79
N TYR G 115 -68.93 -7.82 87.84
CA TYR G 115 -69.79 -8.94 88.20
C TYR G 115 -71.21 -8.66 87.74
N ASP G 116 -71.81 -9.64 87.06
CA ASP G 116 -73.15 -9.51 86.52
C ASP G 116 -74.04 -10.62 87.08
N THR G 117 -75.27 -10.26 87.42
CA THR G 117 -76.26 -11.19 87.95
C THR G 117 -77.48 -11.14 87.03
N ASN G 118 -77.45 -11.92 85.95
CA ASN G 118 -78.55 -12.01 84.99
C ASN G 118 -78.92 -10.63 84.44
N GLU G 119 -77.95 -10.02 83.77
CA GLU G 119 -78.10 -8.70 83.15
C GLU G 119 -78.46 -7.64 84.19
N ASN G 120 -77.64 -7.56 85.23
CA ASN G 120 -77.83 -6.59 86.30
C ASN G 120 -76.48 -6.29 86.93
N ILE G 121 -75.94 -5.12 86.65
CA ILE G 121 -74.65 -4.70 87.16
C ILE G 121 -74.75 -3.38 87.94
N LEU G 122 -75.94 -3.06 88.44
CA LEU G 122 -76.14 -1.82 89.17
C LEU G 122 -75.36 -1.85 90.48
N SER G 123 -74.68 -0.74 90.79
CA SER G 123 -73.90 -0.59 92.02
C SER G 123 -72.87 -1.70 92.16
N GLN G 124 -72.13 -1.95 91.08
CA GLN G 124 -71.10 -2.98 91.05
C GLN G 124 -69.74 -2.33 90.77
N PRO G 125 -68.78 -2.47 91.67
CA PRO G 125 -67.45 -1.86 91.44
C PRO G 125 -66.66 -2.63 90.39
N LEU G 126 -65.72 -1.92 89.77
CA LEU G 126 -64.81 -2.52 88.81
C LEU G 126 -63.65 -3.18 89.53
N LEU G 127 -63.29 -4.38 89.08
CA LEU G 127 -62.25 -5.18 89.72
C LEU G 127 -61.15 -5.50 88.70
N LEU G 128 -59.98 -5.84 89.22
CA LEU G 128 -58.84 -6.29 88.41
C LEU G 128 -58.79 -7.81 88.51
N LEU G 129 -59.32 -8.49 87.49
CA LEU G 129 -59.46 -9.93 87.53
C LEU G 129 -58.61 -10.59 86.46
N PRO G 130 -58.21 -11.86 86.67
CA PRO G 130 -57.42 -12.55 85.65
C PRO G 130 -58.17 -12.65 84.33
N ASN G 131 -57.42 -12.51 83.23
CA ASN G 131 -57.96 -12.59 81.88
C ASN G 131 -57.22 -13.67 81.11
N PHE G 132 -57.97 -14.53 80.42
CA PHE G 132 -57.39 -15.62 79.64
C PHE G 132 -57.70 -15.50 78.15
N ASP G 133 -58.95 -15.23 77.79
CA ASP G 133 -59.33 -15.13 76.39
C ASP G 133 -60.24 -13.92 76.16
N ILE G 134 -60.83 -13.82 74.97
CA ILE G 134 -61.68 -12.70 74.60
C ILE G 134 -63.16 -13.08 74.66
N TYR G 135 -63.48 -14.29 75.10
CA TYR G 135 -64.86 -14.75 75.19
C TYR G 135 -65.46 -14.54 76.57
N ASN G 136 -64.73 -13.91 77.49
CA ASN G 136 -65.26 -13.60 78.81
C ASN G 136 -66.17 -12.38 78.68
N SER G 137 -67.49 -12.61 78.74
CA SER G 137 -68.46 -11.58 78.41
C SER G 137 -68.50 -10.43 79.41
N ASN G 138 -67.86 -10.58 80.58
CA ASN G 138 -67.91 -9.56 81.61
C ASN G 138 -66.57 -8.82 81.76
N GLN G 139 -65.89 -8.56 80.64
CA GLN G 139 -64.58 -7.93 80.72
C GLN G 139 -64.45 -6.68 79.86
N MET G 140 -65.12 -6.64 78.71
CA MET G 140 -64.98 -5.50 77.82
C MET G 140 -66.02 -4.44 78.15
N PHE G 141 -65.78 -3.24 77.61
CA PHE G 141 -66.68 -2.10 77.79
C PHE G 141 -66.78 -1.37 76.46
N LYS G 142 -67.34 -0.16 76.49
CA LYS G 142 -67.51 0.64 75.31
C LYS G 142 -67.03 2.07 75.57
N LEU G 143 -66.28 2.62 74.63
CA LEU G 143 -65.76 3.98 74.71
C LEU G 143 -66.41 4.80 73.60
N GLU G 144 -67.22 5.77 73.99
CA GLU G 144 -67.98 6.58 73.04
C GLU G 144 -67.42 8.00 72.99
N LYS G 145 -67.29 8.52 71.76
CA LYS G 145 -66.91 9.92 71.55
C LYS G 145 -68.01 10.83 72.08
N ILE G 146 -67.62 11.82 72.88
CA ILE G 146 -68.56 12.80 73.41
C ILE G 146 -68.01 14.20 73.21
N ARG H 5 -51.83 -28.32 -58.47
CA ARG H 5 -51.67 -28.00 -59.88
C ARG H 5 -50.61 -28.88 -60.52
N THR H 6 -49.98 -29.72 -59.73
CA THR H 6 -48.95 -30.62 -60.21
C THR H 6 -49.47 -32.01 -60.57
N PHE H 7 -50.69 -32.35 -60.16
CA PHE H 7 -51.30 -33.66 -60.42
C PHE H 7 -52.46 -33.47 -61.38
N LEU H 8 -52.28 -33.90 -62.63
CA LEU H 8 -53.29 -33.81 -63.68
C LEU H 8 -53.88 -32.42 -63.78
N PRO H 9 -53.14 -31.44 -64.30
CA PRO H 9 -53.68 -30.10 -64.44
C PRO H 9 -54.89 -30.09 -65.37
N ASN H 10 -55.84 -29.21 -65.06
CA ASN H 10 -57.05 -29.11 -65.86
C ASN H 10 -56.72 -28.70 -67.29
N GLY H 11 -57.33 -29.36 -68.26
CA GLY H 11 -57.09 -29.01 -69.64
C GLY H 11 -57.51 -30.14 -70.57
N ASN H 12 -56.95 -30.10 -71.78
CA ASN H 12 -57.30 -31.02 -72.84
C ASN H 12 -56.32 -32.19 -72.87
N TYR H 13 -56.85 -33.40 -72.81
CA TYR H 13 -56.07 -34.62 -72.85
C TYR H 13 -56.65 -35.58 -73.87
N ASN H 14 -55.77 -36.40 -74.45
CA ASN H 14 -56.15 -37.49 -75.32
C ASN H 14 -55.83 -38.80 -74.61
N ILE H 15 -56.82 -39.68 -74.52
CA ILE H 15 -56.69 -40.95 -73.81
C ILE H 15 -56.38 -42.05 -74.82
N LYS H 16 -55.35 -42.83 -74.53
CA LYS H 16 -54.96 -43.95 -75.36
C LYS H 16 -54.60 -45.13 -74.48
N SER H 17 -54.47 -46.30 -75.09
CA SER H 17 -54.08 -47.50 -74.37
C SER H 17 -52.59 -47.73 -74.51
N ILE H 18 -52.00 -48.38 -73.51
CA ILE H 18 -50.58 -48.69 -73.55
C ILE H 18 -50.26 -49.74 -74.60
N PHE H 19 -51.26 -50.45 -75.10
CA PHE H 19 -51.00 -51.49 -76.10
C PHE H 19 -50.65 -50.89 -77.45
N SER H 20 -51.24 -49.75 -77.81
CA SER H 20 -50.97 -49.12 -79.10
C SER H 20 -50.99 -47.61 -78.92
N GLY H 21 -49.96 -46.94 -79.45
CA GLY H 21 -49.89 -45.50 -79.38
C GLY H 21 -50.72 -44.75 -80.41
N SER H 22 -51.23 -45.46 -81.42
CA SER H 22 -52.04 -44.82 -82.46
C SER H 22 -53.53 -44.86 -82.16
N LEU H 23 -54.00 -45.87 -81.43
CA LEU H 23 -55.41 -46.03 -81.14
C LEU H 23 -55.80 -45.07 -80.03
N TYR H 24 -56.62 -44.07 -80.36
CA TYR H 24 -57.13 -43.12 -79.39
C TYR H 24 -58.57 -43.47 -79.01
N LEU H 25 -58.96 -43.06 -77.81
CA LEU H 25 -60.31 -43.29 -77.33
C LEU H 25 -61.31 -42.44 -78.12
N SER H 26 -62.44 -43.05 -78.46
CA SER H 26 -63.46 -42.39 -79.26
C SER H 26 -64.85 -42.88 -78.86
N PRO H 27 -65.76 -41.98 -78.50
CA PRO H 27 -67.14 -42.39 -78.19
C PRO H 27 -67.97 -42.46 -79.46
N VAL H 28 -68.40 -43.67 -79.83
CA VAL H 28 -69.29 -43.91 -80.95
C VAL H 28 -70.49 -44.70 -80.45
N SER H 29 -71.68 -44.29 -80.88
CA SER H 29 -72.93 -44.96 -80.54
C SER H 29 -73.11 -45.12 -79.03
N GLY H 30 -72.61 -44.15 -78.26
CA GLY H 30 -72.75 -44.16 -76.83
C GLY H 30 -71.76 -45.04 -76.09
N SER H 31 -70.83 -45.70 -76.79
CA SER H 31 -69.83 -46.55 -76.17
C SER H 31 -68.45 -46.11 -76.61
N LEU H 32 -67.47 -46.22 -75.71
CA LEU H 32 -66.11 -45.78 -75.99
C LEU H 32 -65.29 -46.93 -76.53
N THR H 33 -64.79 -46.77 -77.75
CA THR H 33 -63.91 -47.74 -78.39
C THR H 33 -62.54 -47.09 -78.61
N PHE H 34 -61.62 -47.85 -79.19
CA PHE H 34 -60.30 -47.35 -79.54
C PHE H 34 -60.15 -47.39 -81.05
N SER H 35 -59.98 -46.21 -81.66
CA SER H 35 -59.92 -46.07 -83.10
C SER H 35 -58.57 -45.52 -83.51
N ASN H 36 -58.42 -45.19 -84.78
CA ASN H 36 -57.19 -44.63 -85.29
C ASN H 36 -57.17 -43.11 -85.07
N GLU H 37 -56.11 -42.47 -85.55
CA GLU H 37 -55.96 -41.02 -85.40
C GLU H 37 -56.79 -40.33 -86.48
N SER H 38 -57.93 -39.76 -86.07
CA SER H 38 -58.80 -39.05 -87.00
C SER H 38 -58.61 -37.54 -86.98
N SER H 39 -57.87 -37.02 -85.99
CA SER H 39 -57.63 -35.58 -85.86
C SER H 39 -58.95 -34.80 -85.79
N ALA H 40 -59.93 -35.37 -85.10
CA ALA H 40 -61.24 -34.77 -84.95
C ALA H 40 -61.46 -34.35 -83.50
N ASN H 41 -62.51 -33.54 -83.29
CA ASN H 41 -62.81 -33.06 -81.95
C ASN H 41 -63.32 -34.15 -81.03
N ASN H 42 -63.77 -35.28 -81.57
CA ASN H 42 -64.27 -36.37 -80.75
C ASN H 42 -63.17 -37.14 -80.04
N GLN H 43 -61.93 -37.04 -80.53
CA GLN H 43 -60.81 -37.74 -79.91
C GLN H 43 -60.21 -36.99 -78.74
N LYS H 44 -60.58 -35.73 -78.53
CA LYS H 44 -60.04 -34.90 -77.47
C LYS H 44 -61.03 -34.83 -76.31
N TRP H 45 -60.51 -34.84 -75.09
CA TRP H 45 -61.34 -34.80 -73.90
C TRP H 45 -60.85 -33.69 -72.98
N ASN H 46 -61.73 -33.23 -72.10
CA ASN H 46 -61.43 -32.16 -71.16
C ASN H 46 -61.55 -32.67 -69.74
N VAL H 47 -60.55 -32.39 -68.92
CA VAL H 47 -60.53 -32.81 -67.52
C VAL H 47 -60.78 -31.61 -66.63
N GLU H 48 -61.38 -31.87 -65.47
CA GLU H 48 -61.63 -30.82 -64.50
C GLU H 48 -61.64 -31.42 -63.10
N TYR H 49 -61.39 -30.57 -62.12
CA TYR H 49 -61.40 -30.97 -60.71
C TYR H 49 -62.61 -30.35 -60.03
N MET H 50 -63.48 -31.19 -59.49
CA MET H 50 -64.66 -30.74 -58.77
C MET H 50 -64.46 -30.98 -57.28
N ALA H 51 -64.47 -29.92 -56.51
CA ALA H 51 -64.15 -29.96 -55.08
C ALA H 51 -65.38 -30.12 -54.19
N GLU H 52 -66.57 -30.20 -54.78
CA GLU H 52 -67.77 -30.41 -53.97
C GLU H 52 -67.71 -31.76 -53.25
N ASN H 53 -67.19 -32.79 -53.94
CA ASN H 53 -66.98 -34.09 -53.32
C ASN H 53 -65.57 -34.63 -53.64
N ARG H 54 -64.67 -33.76 -54.10
CA ARG H 54 -63.27 -34.10 -54.32
C ARG H 54 -63.14 -35.25 -55.33
N CYS H 55 -63.51 -34.93 -56.57
CA CYS H 55 -63.42 -35.89 -57.66
C CYS H 55 -62.93 -35.19 -58.93
N PHE H 56 -62.68 -36.01 -59.95
CA PHE H 56 -62.26 -35.54 -61.26
C PHE H 56 -63.36 -35.82 -62.26
N LYS H 57 -63.75 -34.80 -63.02
CA LYS H 57 -64.80 -34.90 -64.02
C LYS H 57 -64.19 -34.84 -65.42
N ILE H 58 -64.57 -35.78 -66.26
CA ILE H 58 -64.07 -35.88 -67.63
C ILE H 58 -65.23 -35.70 -68.59
N SER H 59 -65.04 -34.83 -69.58
CA SER H 59 -66.08 -34.51 -70.55
C SER H 59 -65.51 -34.58 -71.96
N ASN H 60 -66.40 -34.71 -72.94
CA ASN H 60 -66.01 -34.72 -74.34
C ASN H 60 -66.06 -33.29 -74.88
N VAL H 61 -64.94 -32.82 -75.44
CA VAL H 61 -64.91 -31.47 -75.99
C VAL H 61 -65.76 -31.36 -77.25
N ALA H 62 -66.05 -32.48 -77.92
CA ALA H 62 -66.92 -32.43 -79.08
C ALA H 62 -68.38 -32.24 -78.70
N GLU H 63 -68.82 -32.84 -77.60
CA GLU H 63 -70.20 -32.73 -77.13
C GLU H 63 -70.20 -32.29 -75.67
N PRO H 64 -70.57 -31.05 -75.38
CA PRO H 64 -70.59 -30.60 -73.99
C PRO H 64 -71.65 -31.33 -73.18
N ASN H 65 -71.46 -31.29 -71.85
CA ASN H 65 -72.36 -31.94 -70.90
C ASN H 65 -72.44 -33.45 -71.17
N LYS H 66 -71.25 -34.08 -71.17
CA LYS H 66 -71.13 -35.52 -71.40
C LYS H 66 -70.17 -36.06 -70.34
N TYR H 67 -70.71 -36.55 -69.24
CA TYR H 67 -69.92 -37.06 -68.12
C TYR H 67 -69.77 -38.57 -68.26
N LEU H 68 -68.53 -39.05 -68.18
CA LEU H 68 -68.26 -40.48 -68.27
C LEU H 68 -68.66 -41.15 -66.97
N SER H 69 -69.75 -41.92 -67.00
CA SER H 69 -70.27 -42.58 -65.81
C SER H 69 -70.48 -44.06 -66.09
N TYR H 70 -70.85 -44.79 -65.05
CA TYR H 70 -71.11 -46.21 -65.16
C TYR H 70 -72.60 -46.47 -65.39
N ASP H 71 -72.90 -47.68 -65.83
CA ASP H 71 -74.28 -48.13 -66.03
C ASP H 71 -74.44 -49.53 -65.44
N ASN H 72 -75.66 -50.05 -65.48
CA ASN H 72 -75.94 -51.37 -64.92
C ASN H 72 -75.46 -52.51 -65.81
N PHE H 73 -75.07 -52.23 -67.06
CA PHE H 73 -74.54 -53.25 -67.95
C PHE H 73 -73.04 -53.44 -67.81
N GLY H 74 -72.37 -52.66 -66.96
CA GLY H 74 -70.94 -52.77 -66.76
C GLY H 74 -70.10 -51.97 -67.74
N PHE H 75 -70.71 -51.35 -68.74
CA PHE H 75 -69.98 -50.50 -69.67
C PHE H 75 -69.83 -49.11 -69.06
N ILE H 76 -69.34 -48.17 -69.85
CA ILE H 76 -69.24 -46.77 -69.44
C ILE H 76 -70.00 -45.93 -70.45
N SER H 77 -70.93 -45.12 -69.98
CA SER H 77 -71.80 -44.30 -70.82
C SER H 77 -71.55 -42.83 -70.55
N LEU H 78 -72.25 -42.00 -71.30
CA LEU H 78 -72.13 -40.54 -71.22
C LEU H 78 -73.45 -39.99 -70.68
N ASP H 79 -73.45 -39.62 -69.40
CA ASP H 79 -74.61 -39.04 -68.74
C ASP H 79 -74.54 -37.53 -68.82
N SER H 80 -75.66 -36.91 -69.21
CA SER H 80 -75.73 -35.46 -69.33
C SER H 80 -76.06 -34.81 -67.99
N TYR H 86 -67.61 -38.97 -61.15
CA TYR H 86 -66.73 -39.12 -59.99
C TYR H 86 -65.71 -40.23 -60.20
N TRP H 87 -64.48 -39.84 -60.54
CA TRP H 87 -63.39 -40.76 -60.80
C TRP H 87 -62.31 -40.57 -59.73
N PHE H 88 -61.21 -41.32 -59.88
CA PHE H 88 -60.10 -41.26 -58.94
C PHE H 88 -58.84 -41.77 -59.62
N PRO H 89 -58.16 -40.95 -60.42
CA PRO H 89 -56.97 -41.43 -61.14
C PRO H 89 -55.85 -41.79 -60.19
N ILE H 90 -55.09 -42.79 -60.59
CA ILE H 90 -53.94 -43.28 -59.83
C ILE H 90 -52.73 -43.25 -60.77
N LYS H 91 -51.96 -42.18 -60.71
CA LYS H 91 -50.72 -42.11 -61.47
C LYS H 91 -49.71 -43.10 -60.89
N ILE H 92 -49.13 -43.94 -61.75
CA ILE H 92 -48.19 -44.95 -61.27
C ILE H 92 -46.90 -44.86 -62.08
N ALA H 93 -46.93 -44.09 -63.15
CA ALA H 93 -45.74 -43.82 -63.97
C ALA H 93 -45.99 -42.56 -64.78
N VAL H 94 -45.05 -42.23 -65.66
CA VAL H 94 -45.16 -41.00 -66.43
C VAL H 94 -46.23 -41.15 -67.49
N ASN H 95 -47.18 -40.21 -67.50
CA ASN H 95 -48.26 -40.18 -68.49
C ASN H 95 -49.06 -41.48 -68.50
N THR H 96 -49.23 -42.08 -67.32
CA THR H 96 -50.06 -43.28 -67.17
C THR H 96 -50.94 -43.11 -65.94
N TYR H 97 -52.23 -43.37 -66.10
CA TYR H 97 -53.19 -43.19 -65.03
C TYR H 97 -54.21 -44.31 -65.06
N ILE H 98 -54.54 -44.85 -63.89
CA ILE H 98 -55.54 -45.90 -63.75
C ILE H 98 -56.76 -45.28 -63.09
N MET H 99 -57.84 -45.11 -63.86
CA MET H 99 -59.05 -44.49 -63.35
C MET H 99 -59.80 -45.47 -62.46
N LEU H 100 -60.05 -45.08 -61.22
CA LEU H 100 -60.80 -45.88 -60.27
C LEU H 100 -62.14 -45.21 -59.97
N SER H 101 -63.07 -46.02 -59.45
CA SER H 101 -64.41 -45.55 -59.14
C SER H 101 -64.47 -45.02 -57.72
N LEU H 102 -64.99 -43.80 -57.57
CA LEU H 102 -65.15 -43.24 -56.23
C LEU H 102 -66.13 -44.04 -55.40
N ASN H 103 -67.24 -44.46 -56.00
CA ASN H 103 -68.23 -45.26 -55.29
C ASN H 103 -67.72 -46.67 -55.06
N LYS H 104 -68.07 -47.24 -53.91
CA LYS H 104 -67.71 -48.60 -53.57
C LYS H 104 -68.81 -49.56 -54.03
N VAL H 105 -68.46 -50.46 -54.94
CA VAL H 105 -69.40 -51.44 -55.48
C VAL H 105 -69.13 -52.77 -54.79
N ASN H 106 -70.10 -53.24 -54.01
CA ASN H 106 -69.97 -54.47 -53.24
C ASN H 106 -68.73 -54.44 -52.34
N GLU H 107 -68.49 -53.26 -51.74
CA GLU H 107 -67.33 -53.03 -50.88
C GLU H 107 -66.03 -53.35 -51.61
N LEU H 108 -65.99 -53.03 -52.90
CA LEU H 108 -64.82 -53.30 -53.73
C LEU H 108 -64.70 -52.21 -54.78
N ASP H 109 -63.47 -51.72 -54.98
CA ASP H 109 -63.24 -50.70 -55.98
C ASP H 109 -63.28 -51.27 -57.39
N TYR H 110 -63.57 -50.41 -58.35
CA TYR H 110 -63.69 -50.79 -59.74
C TYR H 110 -62.84 -49.84 -60.58
N ALA H 111 -62.44 -50.29 -61.77
CA ALA H 111 -61.55 -49.49 -62.59
C ALA H 111 -61.81 -49.76 -64.06
N TRP H 112 -61.35 -48.82 -64.89
CA TRP H 112 -61.44 -49.00 -66.34
C TRP H 112 -60.60 -50.19 -66.77
N ASP H 113 -61.06 -50.86 -67.83
CA ASP H 113 -60.32 -51.99 -68.37
C ASP H 113 -60.64 -52.14 -69.84
N ILE H 114 -59.69 -52.75 -70.56
CA ILE H 114 -59.85 -53.07 -71.97
C ILE H 114 -59.31 -54.47 -72.20
N TYR H 115 -60.04 -55.28 -72.96
CA TYR H 115 -59.61 -56.64 -73.22
C TYR H 115 -58.61 -56.69 -74.37
N ASP H 116 -57.67 -57.62 -74.26
CA ASP H 116 -56.63 -57.80 -75.27
C ASP H 116 -56.56 -59.26 -75.68
N THR H 117 -56.19 -59.49 -76.94
CA THR H 117 -56.00 -60.82 -77.50
C THR H 117 -54.63 -60.82 -78.17
N ASN H 118 -53.59 -61.08 -77.38
CA ASN H 118 -52.21 -61.03 -77.86
C ASN H 118 -51.89 -59.69 -78.51
N GLU H 119 -51.98 -58.65 -77.69
CA GLU H 119 -51.73 -57.26 -78.12
C GLU H 119 -52.65 -56.87 -79.28
N ASN H 120 -53.92 -57.22 -79.15
CA ASN H 120 -54.94 -56.85 -80.13
C ASN H 120 -56.15 -56.32 -79.37
N ILE H 121 -56.26 -55.01 -79.27
CA ILE H 121 -57.30 -54.35 -78.49
C ILE H 121 -58.27 -53.55 -79.35
N LEU H 122 -58.05 -53.47 -80.65
CA LEU H 122 -58.90 -52.67 -81.53
C LEU H 122 -60.31 -53.25 -81.56
N SER H 123 -61.28 -52.36 -81.80
CA SER H 123 -62.70 -52.71 -81.89
C SER H 123 -63.17 -53.45 -80.63
N GLN H 124 -62.74 -52.96 -79.47
CA GLN H 124 -63.13 -53.54 -78.20
C GLN H 124 -63.67 -52.45 -77.28
N PRO H 125 -64.79 -52.69 -76.60
CA PRO H 125 -65.35 -51.68 -75.71
C PRO H 125 -64.57 -51.58 -74.42
N LEU H 126 -64.78 -50.46 -73.71
CA LEU H 126 -64.11 -50.19 -72.45
C LEU H 126 -65.05 -50.60 -71.31
N LEU H 127 -64.59 -51.54 -70.48
CA LEU H 127 -65.41 -52.13 -69.44
C LEU H 127 -64.97 -51.61 -68.07
N LEU H 128 -65.76 -51.98 -67.06
CA LEU H 128 -65.45 -51.70 -65.67
C LEU H 128 -65.19 -53.03 -64.97
N LEU H 129 -63.99 -53.20 -64.43
CA LEU H 129 -63.56 -54.46 -63.88
C LEU H 129 -62.94 -54.27 -62.49
N PRO H 130 -62.95 -55.30 -61.66
CA PRO H 130 -62.34 -55.17 -60.33
C PRO H 130 -60.83 -54.95 -60.41
N ASN H 131 -60.31 -54.24 -59.41
CA ASN H 131 -58.89 -53.92 -59.32
C ASN H 131 -58.41 -54.19 -57.90
N PHE H 132 -57.32 -54.92 -57.77
CA PHE H 132 -56.72 -55.16 -56.46
C PHE H 132 -55.24 -54.82 -56.42
N ASP H 133 -54.51 -55.09 -57.49
CA ASP H 133 -53.09 -54.75 -57.60
C ASP H 133 -52.91 -53.66 -58.65
N ILE H 134 -51.67 -53.23 -58.84
CA ILE H 134 -51.37 -52.18 -59.81
C ILE H 134 -50.44 -52.81 -60.83
N TYR H 135 -50.58 -54.12 -61.05
CA TYR H 135 -49.77 -54.85 -62.00
C TYR H 135 -50.58 -55.40 -63.16
N ASN H 136 -51.87 -55.08 -63.23
CA ASN H 136 -52.73 -55.56 -64.32
C ASN H 136 -52.55 -54.66 -65.53
N SER H 137 -51.92 -55.19 -66.58
CA SER H 137 -51.60 -54.37 -67.75
C SER H 137 -52.85 -53.89 -68.48
N ASN H 138 -53.99 -54.55 -68.30
CA ASN H 138 -55.20 -54.19 -69.03
C ASN H 138 -55.80 -52.88 -68.56
N GLN H 139 -55.46 -52.43 -67.35
CA GLN H 139 -56.13 -51.29 -66.73
C GLN H 139 -55.25 -50.04 -66.69
N MET H 140 -54.12 -50.03 -67.41
CA MET H 140 -53.25 -48.87 -67.47
C MET H 140 -53.40 -48.19 -68.83
N PHE H 141 -53.51 -46.87 -68.81
CA PHE H 141 -53.69 -46.08 -70.03
C PHE H 141 -52.69 -44.94 -70.10
N LYS H 142 -52.87 -44.03 -71.05
CA LYS H 142 -52.02 -42.86 -71.20
C LYS H 142 -52.87 -41.65 -71.51
N LEU H 143 -52.64 -40.56 -70.79
CA LEU H 143 -53.36 -39.30 -70.98
C LEU H 143 -52.36 -38.26 -71.47
N GLU H 144 -52.32 -38.06 -72.78
CA GLU H 144 -51.39 -37.10 -73.38
C GLU H 144 -52.01 -35.71 -73.36
N LYS H 145 -51.34 -34.78 -72.68
CA LYS H 145 -51.80 -33.40 -72.60
C LYS H 145 -51.58 -32.71 -73.94
N ILE H 146 -52.59 -32.00 -74.43
CA ILE H 146 -52.46 -31.29 -75.70
C ILE H 146 -52.87 -29.84 -75.54
N LEU I 11 98.45 -51.43 7.96
CA LEU I 11 99.62 -51.19 7.12
C LEU I 11 100.59 -50.24 7.82
N ASN I 12 100.86 -50.50 9.10
CA ASN I 12 101.78 -49.66 9.84
C ASN I 12 103.20 -49.83 9.32
N ASP I 13 103.89 -48.70 9.15
CA ASP I 13 105.28 -48.67 8.67
C ASP I 13 105.41 -49.40 7.33
N LYS I 14 104.43 -49.19 6.46
CA LYS I 14 104.40 -49.80 5.14
C LYS I 14 104.61 -48.73 4.08
N ILE I 15 105.55 -48.98 3.16
CA ILE I 15 105.84 -48.06 2.07
C ILE I 15 105.08 -48.51 0.84
N VAL I 16 104.29 -47.60 0.27
CA VAL I 16 103.41 -47.90 -0.85
C VAL I 16 103.40 -46.72 -1.80
N THR I 17 102.68 -46.88 -2.91
CA THR I 17 102.54 -45.85 -3.93
C THR I 17 101.06 -45.74 -4.30
N ILE I 18 100.63 -44.51 -4.58
CA ILE I 18 99.24 -44.19 -4.89
C ILE I 18 99.16 -43.74 -6.34
N SER I 19 98.20 -44.29 -7.08
CA SER I 19 97.98 -43.92 -8.47
C SER I 19 96.49 -43.77 -8.73
N CYS I 20 96.12 -42.71 -9.45
CA CYS I 20 94.71 -42.48 -9.77
C CYS I 20 94.20 -43.57 -10.69
N LYS I 21 93.00 -44.10 -10.38
CA LYS I 21 92.41 -45.15 -11.19
C LYS I 21 91.85 -44.65 -12.51
N ALA I 22 91.55 -43.36 -12.61
CA ALA I 22 91.03 -42.81 -13.87
C ALA I 22 92.09 -42.82 -14.96
N ASN I 23 93.36 -42.69 -14.58
CA ASN I 23 94.46 -42.68 -15.54
C ASN I 23 95.60 -43.50 -14.96
N THR I 24 95.80 -44.72 -15.48
CA THR I 24 96.87 -45.58 -14.98
C THR I 24 98.25 -45.03 -15.29
N ASP I 25 98.36 -44.12 -16.24
CA ASP I 25 99.64 -43.51 -16.61
C ASP I 25 100.00 -42.31 -15.75
N LEU I 26 99.13 -41.93 -14.81
CA LEU I 26 99.37 -40.79 -13.94
C LEU I 26 99.56 -41.28 -12.51
N PHE I 27 100.55 -40.70 -11.83
CA PHE I 27 100.95 -41.16 -10.50
C PHE I 27 101.14 -39.96 -9.58
N PHE I 28 100.99 -40.21 -8.29
CA PHE I 28 101.26 -39.19 -7.28
C PHE I 28 102.72 -38.78 -7.35
N TYR I 29 102.97 -37.47 -7.28
CA TYR I 29 104.32 -36.94 -7.40
C TYR I 29 104.51 -35.80 -6.42
N GLN I 30 105.73 -35.67 -5.92
CA GLN I 30 106.13 -34.59 -5.03
C GLN I 30 107.08 -33.68 -5.80
N VAL I 31 106.63 -32.47 -6.09
CA VAL I 31 107.44 -31.53 -6.87
C VAL I 31 108.62 -31.07 -6.00
N PRO I 32 109.86 -31.17 -6.49
CA PRO I 32 111.01 -30.78 -5.67
C PRO I 32 111.09 -29.27 -5.51
N GLY I 33 111.91 -28.85 -4.56
CA GLY I 33 112.09 -27.44 -4.26
C GLY I 33 111.05 -26.90 -3.31
N ASN I 34 109.81 -26.76 -3.79
CA ASN I 34 108.70 -26.31 -2.97
C ASN I 34 107.93 -27.51 -2.44
N GLY I 35 106.99 -27.25 -1.53
CA GLY I 35 106.19 -28.31 -0.97
C GLY I 35 104.79 -28.36 -1.51
N ASN I 36 104.52 -29.30 -2.41
CA ASN I 36 103.20 -29.48 -3.01
C ASN I 36 103.22 -30.78 -3.80
N VAL I 37 102.05 -31.43 -3.87
CA VAL I 37 101.91 -32.68 -4.59
C VAL I 37 101.16 -32.42 -5.89
N SER I 38 101.34 -33.32 -6.84
CA SER I 38 100.70 -33.21 -8.14
C SER I 38 100.66 -34.59 -8.79
N LEU I 39 100.33 -34.63 -10.07
CA LEU I 39 100.28 -35.86 -10.85
C LEU I 39 101.36 -35.81 -11.93
N PHE I 40 102.12 -36.89 -12.05
CA PHE I 40 103.21 -36.97 -13.02
C PHE I 40 103.07 -38.26 -13.81
N GLN I 41 103.96 -38.43 -14.79
CA GLN I 41 104.00 -39.63 -15.60
C GLN I 41 104.68 -40.75 -14.81
N GLN I 42 104.94 -41.87 -15.47
CA GLN I 42 105.56 -43.01 -14.82
C GLN I 42 107.03 -42.70 -14.56
N THR I 43 107.38 -42.48 -13.28
CA THR I 43 108.75 -42.23 -12.88
C THR I 43 109.07 -43.08 -11.66
N ARG I 44 110.36 -43.41 -11.52
CA ARG I 44 110.83 -44.33 -10.49
C ARG I 44 111.68 -43.62 -9.45
N ASN I 45 111.32 -42.39 -9.10
CA ASN I 45 112.06 -41.64 -8.09
C ASN I 45 111.59 -42.04 -6.69
N TYR I 46 112.33 -41.57 -5.68
CA TYR I 46 111.99 -41.81 -4.29
C TYR I 46 110.84 -40.93 -3.81
N LEU I 47 110.44 -39.92 -4.59
CA LEU I 47 109.36 -39.04 -4.20
C LEU I 47 108.00 -39.74 -4.25
N GLU I 48 107.80 -40.67 -5.18
CA GLU I 48 106.50 -41.31 -5.35
C GLU I 48 106.19 -42.33 -4.26
N ARG I 49 107.16 -42.71 -3.43
CA ARG I 49 106.92 -43.66 -2.36
C ARG I 49 106.52 -42.93 -1.08
N TRP I 50 105.49 -43.44 -0.42
CA TRP I 50 104.95 -42.84 0.79
C TRP I 50 104.79 -43.90 1.86
N ARG I 51 105.14 -43.55 3.09
CA ARG I 51 105.06 -44.48 4.22
C ARG I 51 103.81 -44.19 5.04
N ILE I 52 102.99 -45.22 5.26
CA ILE I 52 101.74 -45.09 5.98
C ILE I 52 101.98 -45.46 7.44
N ILE I 53 101.57 -44.59 8.35
CA ILE I 53 101.74 -44.79 9.79
C ILE I 53 100.37 -44.80 10.43
N TYR I 54 100.07 -45.85 11.20
CA TYR I 54 98.79 -46.01 11.86
C TYR I 54 98.96 -45.70 13.35
N ASP I 55 98.15 -44.78 13.85
CA ASP I 55 98.14 -44.42 15.26
C ASP I 55 96.84 -44.93 15.87
N SER I 56 96.96 -45.78 16.90
CA SER I 56 95.80 -46.38 17.55
C SER I 56 95.26 -45.52 18.68
N ASN I 57 95.90 -44.38 18.99
CA ASN I 57 95.37 -43.50 20.02
C ASN I 57 94.00 -42.96 19.62
N LYS I 58 93.84 -42.59 18.34
CA LYS I 58 92.55 -42.14 17.84
C LYS I 58 92.24 -42.72 16.46
N ALA I 59 92.94 -43.79 16.07
CA ALA I 59 92.74 -44.45 14.77
C ALA I 59 92.96 -43.48 13.62
N ALA I 60 94.19 -42.98 13.52
CA ALA I 60 94.58 -42.01 12.51
C ALA I 60 95.64 -42.61 11.59
N TYR I 61 95.76 -42.05 10.39
CA TYR I 61 96.67 -42.57 9.37
C TYR I 61 97.50 -41.44 8.78
N LYS I 62 98.73 -41.28 9.27
CA LYS I 62 99.69 -40.38 8.65
C LYS I 62 100.25 -40.98 7.38
N ILE I 63 100.62 -40.10 6.44
CA ILE I 63 101.29 -40.51 5.21
C ILE I 63 102.56 -39.67 5.10
N LYS I 64 103.65 -40.20 5.65
CA LYS I 64 104.94 -39.54 5.59
C LYS I 64 105.56 -39.67 4.19
N SER I 65 106.28 -38.63 3.77
CA SER I 65 107.02 -38.65 2.53
C SER I 65 108.52 -38.69 2.85
N MET I 66 109.18 -39.74 2.37
CA MET I 66 110.61 -39.92 2.64
C MET I 66 111.45 -39.16 1.61
N ASN I 67 111.51 -37.85 1.79
CA ASN I 67 112.36 -36.98 0.99
C ASN I 67 113.72 -36.84 1.67
N ILE I 68 114.78 -36.92 0.88
CA ILE I 68 116.13 -36.86 1.42
C ILE I 68 116.42 -35.50 2.08
N ASN I 70 113.80 -33.32 3.12
CA ASN I 70 113.45 -33.61 4.49
C ASN I 70 112.29 -34.60 4.55
N THR I 71 112.47 -35.65 5.36
CA THR I 71 111.45 -36.69 5.47
C THR I 71 110.26 -36.27 6.32
N ASN I 72 110.40 -35.21 7.12
CA ASN I 72 109.31 -34.76 7.98
C ASN I 72 108.20 -34.07 7.21
N LEU I 73 108.41 -33.77 5.93
CA LEU I 73 107.41 -33.06 5.13
C LEU I 73 106.28 -34.02 4.77
N VAL I 74 105.14 -33.87 5.42
CA VAL I 74 103.98 -34.71 5.21
C VAL I 74 102.93 -33.92 4.46
N LEU I 75 102.17 -34.61 3.61
CA LEU I 75 101.06 -33.96 2.92
C LEU I 75 100.04 -33.45 3.93
N THR I 76 99.50 -32.27 3.67
CA THR I 76 98.63 -31.59 4.61
C THR I 76 97.61 -30.77 3.82
N TRP I 77 96.34 -31.05 4.06
CA TRP I 77 95.27 -30.26 3.44
C TRP I 77 95.16 -28.94 4.20
N ASN I 78 95.62 -27.86 3.57
CA ASN I 78 95.51 -26.55 4.18
C ASN I 78 94.05 -26.19 4.36
N ALA I 79 93.71 -25.72 5.56
CA ALA I 79 92.33 -25.39 5.87
C ALA I 79 92.22 -23.95 6.32
N PRO I 80 91.11 -23.28 6.03
CA PRO I 80 89.90 -23.77 5.33
C PRO I 80 90.03 -23.74 3.81
N THR I 81 91.24 -23.60 3.28
CA THR I 81 91.43 -23.59 1.83
C THR I 81 91.18 -24.98 1.26
N HIS I 82 91.32 -25.11 -0.05
CA HIS I 82 91.04 -26.35 -0.75
C HIS I 82 92.25 -26.84 -1.53
N ASN I 83 93.41 -26.78 -0.91
CA ASN I 83 94.66 -27.27 -1.50
C ASN I 83 95.40 -28.12 -0.48
N ILE I 84 96.31 -28.95 -0.96
CA ILE I 84 97.15 -29.80 -0.13
C ILE I 84 98.61 -29.54 -0.48
N SER I 85 99.42 -29.27 0.55
CA SER I 85 100.83 -28.96 0.39
C SER I 85 101.66 -29.87 1.28
N ALA I 86 102.95 -29.58 1.43
CA ALA I 86 103.83 -30.30 2.33
C ALA I 86 104.11 -29.45 3.55
N GLN I 87 103.95 -30.03 4.74
CA GLN I 87 104.09 -29.29 5.98
C GLN I 87 104.86 -30.13 7.00
N GLN I 88 105.42 -29.44 7.98
CA GLN I 88 106.15 -30.09 9.07
C GLN I 88 105.18 -30.70 10.07
N ASP I 89 105.66 -31.67 10.83
CA ASP I 89 104.81 -32.46 11.71
C ASP I 89 104.88 -31.94 13.13
N SER I 90 103.77 -31.37 13.61
CA SER I 90 103.66 -30.94 15.01
C SER I 90 102.16 -30.89 15.34
N ASN I 91 101.71 -31.85 16.15
CA ASN I 91 100.28 -32.02 16.44
C ASN I 91 99.50 -32.17 15.14
N ALA I 92 98.82 -31.09 14.72
CA ALA I 92 98.25 -30.98 13.38
C ALA I 92 97.25 -32.11 13.11
N ASP I 93 96.12 -32.02 13.82
CA ASP I 93 95.04 -32.99 13.66
C ASP I 93 94.63 -33.09 12.19
N ASN I 94 94.67 -31.99 11.45
CA ASN I 94 94.29 -32.02 10.04
C ASN I 94 95.25 -32.81 9.17
N GLN I 95 96.42 -33.20 9.70
CA GLN I 95 97.40 -33.96 8.94
C GLN I 95 97.14 -35.46 8.97
N TYR I 96 96.12 -35.91 9.68
CA TYR I 96 95.74 -37.32 9.70
C TYR I 96 94.65 -37.58 8.66
N TRP I 97 94.71 -38.77 8.05
CA TRP I 97 93.75 -39.14 7.01
C TRP I 97 93.13 -40.48 7.37
N LEU I 98 92.21 -40.93 6.51
CA LEU I 98 91.52 -42.20 6.71
C LEU I 98 91.37 -42.88 5.36
N LEU I 99 91.53 -44.20 5.33
CA LEU I 99 91.47 -44.97 4.10
C LEU I 99 90.29 -45.95 4.14
N LEU I 100 89.60 -46.05 3.01
CA LEU I 100 88.48 -46.97 2.84
C LEU I 100 88.81 -47.86 1.64
N LYS I 101 89.01 -49.15 1.91
CA LYS I 101 89.36 -50.12 0.86
C LYS I 101 88.08 -50.65 0.24
N ASP I 102 87.74 -50.17 -0.95
CA ASP I 102 86.55 -50.66 -1.64
C ASP I 102 86.69 -52.14 -1.96
N ILE I 103 85.63 -52.90 -1.70
CA ILE I 103 85.66 -54.33 -1.95
C ILE I 103 85.11 -54.68 -3.33
N GLY I 104 84.16 -53.89 -3.84
CA GLY I 104 83.63 -54.12 -5.16
C GLY I 104 84.68 -53.95 -6.24
N ASN I 105 85.48 -52.90 -6.12
CA ASN I 105 86.59 -52.64 -7.04
C ASN I 105 87.84 -52.33 -6.22
N ASN I 106 88.99 -52.72 -6.75
CA ASN I 106 90.26 -52.53 -6.07
C ASN I 106 90.60 -51.04 -6.06
N SER I 107 90.30 -50.37 -4.94
CA SER I 107 90.57 -48.95 -4.82
C SER I 107 90.59 -48.57 -3.35
N PHE I 108 91.25 -47.44 -3.07
CA PHE I 108 91.37 -46.92 -1.71
C PHE I 108 90.91 -45.46 -1.74
N ILE I 109 89.74 -45.20 -1.16
CA ILE I 109 89.23 -43.84 -1.03
C ILE I 109 89.84 -43.20 0.20
N ILE I 110 90.52 -42.07 0.01
CA ILE I 110 91.18 -41.37 1.11
C ILE I 110 90.34 -40.17 1.50
N ALA I 111 90.06 -40.04 2.79
CA ALA I 111 89.22 -38.98 3.32
C ALA I 111 89.94 -38.26 4.45
N SER I 112 89.54 -37.01 4.68
CA SER I 112 90.15 -36.19 5.71
C SER I 112 89.61 -36.56 7.09
N TYR I 113 90.50 -36.62 8.07
CA TYR I 113 90.08 -36.89 9.43
C TYR I 113 89.29 -35.72 10.01
N LYS I 114 89.65 -34.49 9.63
CA LYS I 114 88.92 -33.32 10.09
C LYS I 114 87.48 -33.31 9.57
N ASN I 115 87.28 -33.66 8.30
CA ASN I 115 85.96 -33.69 7.70
C ASN I 115 85.84 -34.96 6.85
N PRO I 116 85.21 -36.00 7.39
CA PRO I 116 85.11 -37.25 6.62
C PRO I 116 84.34 -37.13 5.32
N ASN I 117 83.49 -36.11 5.17
CA ASN I 117 82.75 -35.91 3.93
C ASN I 117 83.63 -35.38 2.80
N LEU I 118 84.87 -34.99 3.09
CA LEU I 118 85.78 -34.45 2.10
C LEU I 118 86.81 -35.51 1.74
N VAL I 119 86.95 -35.79 0.44
CA VAL I 119 87.83 -36.82 -0.06
C VAL I 119 88.72 -36.22 -1.15
N LEU I 120 89.82 -36.91 -1.44
CA LEU I 120 90.79 -36.41 -2.39
C LEU I 120 90.28 -36.56 -3.82
N TYR I 121 90.42 -35.48 -4.60
CA TYR I 121 89.96 -35.42 -5.98
C TYR I 121 91.12 -34.96 -6.85
N ALA I 122 91.35 -35.68 -7.95
CA ALA I 122 92.46 -35.41 -8.85
C ALA I 122 91.92 -34.95 -10.21
N ASP I 123 92.47 -33.84 -10.70
CA ASP I 123 92.09 -33.29 -12.01
C ASP I 123 93.26 -33.43 -12.96
N THR I 124 92.98 -33.99 -14.14
CA THR I 124 93.99 -34.24 -15.16
C THR I 124 94.10 -33.11 -16.19
N VAL I 125 92.98 -32.49 -16.57
CA VAL I 125 93.04 -31.38 -17.51
C VAL I 125 93.83 -30.22 -16.91
N ALA I 126 93.64 -29.96 -15.62
CA ALA I 126 94.49 -29.09 -14.82
C ALA I 126 95.04 -29.98 -13.71
N ARG I 127 96.15 -30.66 -14.00
CA ARG I 127 96.67 -31.70 -13.13
C ARG I 127 96.94 -31.18 -11.72
N ASN I 128 96.13 -31.62 -10.76
CA ASN I 128 96.26 -31.17 -9.38
C ASN I 128 95.40 -32.06 -8.51
N LEU I 129 95.58 -31.91 -7.20
CA LEU I 129 94.84 -32.70 -6.21
C LEU I 129 94.26 -31.77 -5.16
N LYS I 130 92.97 -31.88 -4.92
CA LYS I 130 92.25 -31.01 -3.98
C LYS I 130 91.22 -31.85 -3.24
N LEU I 131 90.31 -31.18 -2.53
CA LEU I 131 89.25 -31.86 -1.80
C LEU I 131 87.91 -31.69 -2.51
N SER I 132 87.05 -32.69 -2.36
CA SER I 132 85.75 -32.68 -3.01
C SER I 132 84.81 -33.60 -2.24
N THR I 133 83.51 -33.44 -2.50
CA THR I 133 82.52 -34.34 -1.91
C THR I 133 82.63 -35.73 -2.53
N LEU I 134 82.28 -36.73 -1.75
CA LEU I 134 82.34 -38.11 -2.22
C LEU I 134 81.12 -38.43 -3.08
N ASN I 135 81.36 -39.07 -4.20
CA ASN I 135 80.31 -39.43 -5.15
C ASN I 135 80.78 -40.61 -5.99
N ASN I 136 79.92 -41.09 -6.88
CA ASN I 136 80.24 -42.20 -7.76
C ASN I 136 80.92 -41.63 -8.99
N SER I 137 82.25 -41.71 -9.02
CA SER I 137 83.03 -41.18 -10.13
C SER I 137 84.34 -41.96 -10.23
N SER I 138 85.01 -41.78 -11.36
CA SER I 138 86.31 -42.42 -11.58
C SER I 138 87.47 -41.59 -11.08
N TYR I 139 87.25 -40.32 -10.76
CA TYR I 139 88.32 -39.45 -10.29
C TYR I 139 88.60 -39.59 -8.80
N ILE I 140 87.77 -40.32 -8.06
CA ILE I 140 87.97 -40.46 -6.63
C ILE I 140 88.78 -41.71 -6.30
N LYS I 141 88.57 -42.81 -7.02
CA LYS I 141 89.24 -44.06 -6.72
C LYS I 141 90.74 -43.92 -6.96
N PHE I 142 91.54 -44.20 -5.93
CA PHE I 142 92.99 -44.17 -6.02
C PHE I 142 93.54 -45.50 -5.52
N ILE I 143 94.27 -46.21 -6.38
CA ILE I 143 94.82 -47.50 -6.01
C ILE I 143 96.12 -47.29 -5.25
N ILE I 144 96.21 -47.90 -4.07
CA ILE I 144 97.40 -47.85 -3.23
C ILE I 144 97.98 -49.26 -3.19
N GLU I 145 99.24 -49.40 -3.59
CA GLU I 145 99.84 -50.72 -3.63
C GLU I 145 101.35 -50.61 -3.38
N ASP I 146 101.93 -51.74 -2.98
CA ASP I 146 103.36 -51.76 -2.66
C ASP I 146 104.18 -51.32 -3.86
N TYR I 147 105.20 -50.49 -3.60
CA TYR I 147 105.99 -49.92 -4.69
C TYR I 147 106.73 -50.99 -5.48
N VAL I 148 107.26 -52.01 -4.80
CA VAL I 148 107.95 -53.09 -5.50
C VAL I 148 107.02 -53.82 -6.46
N ILE I 149 105.73 -53.85 -6.18
CA ILE I 149 104.77 -54.46 -7.10
C ILE I 149 104.47 -53.54 -8.28
N SER I 150 104.37 -52.23 -8.03
CA SER I 150 103.98 -51.31 -9.09
C SER I 150 105.11 -51.08 -10.09
N ASP I 151 106.35 -50.90 -9.60
CA ASP I 151 107.44 -50.59 -10.52
C ASP I 151 107.83 -51.78 -11.39
N PHE I 152 107.46 -53.00 -11.00
CA PHE I 152 107.78 -54.20 -11.76
C PHE I 152 106.54 -54.91 -12.27
N LYS I 153 105.37 -54.27 -12.22
CA LYS I 153 104.16 -54.91 -12.73
C LYS I 153 104.27 -55.19 -14.22
N ASN I 154 104.76 -54.23 -14.99
CA ASN I 154 105.03 -54.43 -16.42
C ASN I 154 106.06 -53.40 -16.84
N PHE I 155 107.32 -53.81 -16.96
CA PHE I 155 108.36 -52.86 -17.31
C PHE I 155 109.50 -53.57 -18.03
N THR I 156 109.87 -53.05 -19.20
CA THR I 156 111.02 -53.57 -19.96
C THR I 156 112.27 -52.93 -19.37
N CYS I 157 112.88 -53.64 -18.42
CA CYS I 157 114.00 -53.15 -17.63
C CYS I 157 115.31 -53.84 -17.98
N ARG I 158 116.41 -53.14 -17.71
CA ARG I 158 117.75 -53.68 -17.83
C ARG I 158 118.29 -53.89 -16.43
N ILE I 159 118.97 -55.02 -16.23
CA ILE I 159 119.47 -55.41 -14.91
C ILE I 159 120.99 -55.30 -14.93
N SER I 160 121.54 -54.65 -13.90
CA SER I 160 122.98 -54.48 -13.79
C SER I 160 123.45 -55.05 -12.46
N PRO I 161 124.61 -55.70 -12.41
CA PRO I 161 125.13 -56.23 -11.16
C PRO I 161 125.77 -55.11 -10.32
N ILE I 162 126.31 -55.50 -9.18
CA ILE I 162 126.95 -54.56 -8.28
C ILE I 162 128.31 -54.17 -8.84
N LEU I 163 128.64 -52.87 -8.75
CA LEU I 163 129.93 -52.34 -9.21
C LEU I 163 130.16 -52.65 -10.69
N ALA I 164 129.09 -52.56 -11.49
CA ALA I 164 129.19 -52.82 -12.93
C ALA I 164 128.20 -51.88 -13.63
N GLY I 165 128.70 -50.72 -14.06
CA GLY I 165 127.84 -49.77 -14.74
C GLY I 165 127.62 -50.06 -16.21
N GLY I 166 128.64 -50.61 -16.87
CA GLY I 166 128.53 -50.92 -18.29
C GLY I 166 128.39 -52.40 -18.56
N LYS I 167 127.89 -53.14 -17.58
CA LYS I 167 127.72 -54.59 -17.70
C LYS I 167 126.26 -54.93 -17.46
N VAL I 168 125.65 -55.62 -18.42
CA VAL I 168 124.26 -56.05 -18.30
C VAL I 168 124.18 -57.55 -18.55
N VAL I 169 122.99 -58.13 -18.36
CA VAL I 169 122.77 -59.55 -18.57
C VAL I 169 122.06 -59.74 -19.90
N GLN I 170 122.35 -60.86 -20.56
CA GLN I 170 121.74 -61.16 -21.86
C GLN I 170 121.70 -62.66 -22.11
N VAL I 172 126.38 -61.39 -26.38
CA VAL I 172 125.10 -61.34 -25.68
C VAL I 172 124.53 -62.76 -25.57
N SER I 173 125.14 -63.70 -26.27
CA SER I 173 124.71 -65.09 -26.28
C SER I 173 123.24 -65.22 -26.67
N MET I 174 122.86 -64.48 -27.70
CA MET I 174 121.50 -64.51 -28.21
C MET I 174 121.25 -65.66 -29.18
N THR I 175 122.29 -66.41 -29.56
CA THR I 175 122.12 -67.51 -30.50
C THR I 175 121.54 -68.74 -29.80
N ASN I 176 122.24 -69.24 -28.78
CA ASN I 176 121.78 -70.39 -28.03
C ASN I 176 120.82 -69.94 -26.94
N LEU I 177 120.48 -70.85 -26.03
CA LEU I 177 119.56 -70.58 -24.94
C LEU I 177 120.27 -70.19 -23.65
N ALA I 178 121.57 -69.93 -23.71
CA ALA I 178 122.34 -69.56 -22.53
C ALA I 178 122.46 -68.05 -22.41
N VAL I 179 122.42 -67.57 -21.16
CA VAL I 179 122.58 -66.15 -20.87
C VAL I 179 123.90 -65.95 -20.15
N ASN I 180 124.42 -64.72 -20.26
CA ASN I 180 125.71 -64.38 -19.67
C ASN I 180 125.76 -62.86 -19.48
N LEU I 181 126.96 -62.34 -19.22
CA LEU I 181 127.19 -60.92 -19.07
C LEU I 181 127.69 -60.35 -20.38
N TYR I 182 127.11 -59.21 -20.79
CA TYR I 182 127.55 -58.51 -21.99
C TYR I 182 127.61 -57.02 -21.74
N ILE I 183 128.03 -56.25 -22.74
CA ILE I 183 128.10 -54.81 -22.64
C ILE I 183 126.80 -54.22 -23.16
N TRP I 184 126.51 -52.99 -22.74
CA TRP I 184 125.31 -52.29 -23.19
C TRP I 184 125.55 -51.73 -24.57
N ASN I 185 124.78 -52.19 -25.55
CA ASN I 185 124.94 -51.75 -26.93
C ASN I 185 123.61 -51.42 -27.60
N ASN I 186 122.57 -51.16 -26.81
CA ASN I 186 121.24 -50.80 -27.32
C ASN I 186 120.72 -51.87 -28.29
N ASP I 187 120.57 -53.08 -27.74
CA ASP I 187 120.10 -54.23 -28.50
C ASP I 187 118.76 -54.70 -27.96
N LEU I 188 118.05 -55.48 -28.79
CA LEU I 188 116.76 -56.04 -28.43
C LEU I 188 116.88 -57.41 -27.78
N ASN I 189 118.10 -57.91 -27.59
CA ASN I 189 118.33 -59.21 -26.98
C ASN I 189 118.90 -59.08 -25.57
N GLN I 190 118.80 -57.91 -24.96
CA GLN I 190 119.33 -57.70 -23.61
C GLN I 190 118.32 -57.11 -22.63
N LYS I 191 117.29 -56.42 -23.10
CA LYS I 191 116.27 -55.88 -22.19
C LYS I 191 115.32 -56.97 -21.76
N TRP I 192 115.03 -57.04 -20.47
CA TRP I 192 114.17 -58.06 -19.90
C TRP I 192 112.90 -57.41 -19.35
N THR I 193 111.75 -57.99 -19.69
CA THR I 193 110.47 -57.44 -19.27
C THR I 193 110.07 -58.09 -17.94
N ILE I 194 110.13 -57.33 -16.86
CA ILE I 194 109.67 -57.80 -15.57
C ILE I 194 108.16 -57.59 -15.48
N ILE I 195 107.43 -58.66 -15.17
CA ILE I 195 105.99 -58.61 -15.01
C ILE I 195 105.61 -59.27 -13.69
N TYR I 196 104.40 -58.99 -13.24
CA TYR I 196 103.92 -59.55 -11.98
C TYR I 196 102.92 -60.69 -12.23
N GLU I 198 100.13 -63.30 -10.36
CA GLU I 198 99.42 -62.46 -9.40
C GLU I 198 99.05 -63.26 -8.15
N GLU I 199 98.40 -64.41 -8.35
CA GLU I 199 98.03 -65.26 -7.23
C GLU I 199 99.25 -65.81 -6.51
N LYS I 200 100.28 -66.20 -7.27
CA LYS I 200 101.49 -66.76 -6.68
C LYS I 200 102.37 -65.71 -6.01
N ALA I 201 102.11 -64.42 -6.25
CA ALA I 201 102.88 -63.32 -5.68
C ALA I 201 104.36 -63.45 -6.05
N ALA I 202 104.61 -63.45 -7.36
CA ALA I 202 105.97 -63.59 -7.87
C ALA I 202 106.07 -62.87 -9.21
N TYR I 203 107.30 -62.55 -9.60
CA TYR I 203 107.59 -61.83 -10.82
C TYR I 203 108.15 -62.79 -11.88
N GLN I 204 108.03 -62.39 -13.14
CA GLN I 204 108.53 -63.16 -14.26
C GLN I 204 109.36 -62.25 -15.16
N PHE I 205 110.52 -62.73 -15.58
CA PHE I 205 111.45 -61.98 -16.42
C PHE I 205 111.34 -62.52 -17.85
N PHE I 206 110.39 -61.99 -18.60
CA PHE I 206 110.23 -62.38 -20.00
C PHE I 206 111.33 -61.76 -20.86
N ASN I 207 111.55 -62.37 -22.02
CA ASN I 207 112.54 -61.88 -22.97
C ASN I 207 111.86 -61.35 -24.22
N LYS I 208 112.33 -60.18 -24.67
CA LYS I 208 111.77 -59.56 -25.86
C LYS I 208 112.27 -60.21 -27.15
N ILE I 209 113.54 -60.59 -27.21
CA ILE I 209 114.10 -61.17 -28.42
C ILE I 209 113.46 -62.54 -28.70
N LEU I 210 113.35 -63.37 -27.67
CA LEU I 210 112.80 -64.71 -27.81
C LEU I 210 111.32 -64.68 -27.45
N SER I 211 110.47 -65.11 -28.37
CA SER I 211 109.04 -65.16 -28.10
C SER I 211 108.73 -66.22 -27.05
N ASN I 212 107.86 -65.87 -26.10
CA ASN I 212 107.47 -66.76 -25.00
C ASN I 212 108.70 -67.24 -24.23
N GLY I 213 109.64 -66.34 -24.00
CA GLY I 213 110.85 -66.64 -23.26
C GLY I 213 110.77 -66.17 -21.82
N VAL I 214 111.42 -66.91 -20.93
CA VAL I 214 111.43 -66.59 -19.51
C VAL I 214 112.59 -67.35 -18.88
N LEU I 215 113.28 -66.69 -17.93
CA LEU I 215 114.41 -67.32 -17.27
C LEU I 215 113.93 -68.48 -16.39
N THR I 216 114.72 -69.56 -16.39
CA THR I 216 114.42 -70.76 -15.62
C THR I 216 115.71 -71.31 -15.03
N TRP I 217 115.64 -71.71 -13.76
CA TRP I 217 116.78 -72.33 -13.10
C TRP I 217 116.73 -73.83 -13.32
N ILE I 218 117.77 -74.36 -13.96
CA ILE I 218 117.83 -75.80 -14.25
C ILE I 218 118.08 -76.54 -12.94
N PHE I 219 117.04 -77.20 -12.42
CA PHE I 219 117.18 -77.93 -11.17
C PHE I 219 118.07 -79.15 -11.33
N SER I 220 118.07 -79.77 -12.52
CA SER I 220 118.93 -80.94 -12.74
C SER I 220 120.40 -80.56 -12.62
N ASP I 221 120.80 -79.42 -13.19
CA ASP I 221 122.17 -78.96 -13.07
C ASP I 221 122.37 -78.26 -11.73
N GLY I 222 123.64 -78.12 -11.34
CA GLY I 222 123.97 -77.48 -10.08
C GLY I 222 123.69 -75.99 -10.07
N ASN I 223 124.43 -75.22 -10.87
CA ASN I 223 124.28 -73.78 -10.96
C ASN I 223 124.17 -73.43 -12.44
N THR I 224 122.95 -73.45 -12.98
CA THR I 224 122.71 -73.18 -14.38
C THR I 224 121.34 -72.55 -14.54
N VAL I 225 121.29 -71.36 -15.12
CA VAL I 225 120.04 -70.64 -15.37
C VAL I 225 119.97 -70.29 -16.86
N ARG I 226 118.94 -70.81 -17.52
CA ARG I 226 118.77 -70.65 -18.96
C ARG I 226 117.46 -69.91 -19.23
N VAL I 227 117.06 -69.87 -20.50
CA VAL I 227 115.79 -69.29 -20.91
C VAL I 227 114.97 -70.37 -21.59
N SER I 228 113.71 -70.49 -21.17
CA SER I 228 112.81 -71.51 -21.71
C SER I 228 111.42 -70.90 -21.83
N SER I 229 110.42 -71.76 -22.05
CA SER I 229 109.03 -71.34 -22.17
C SER I 229 108.31 -71.57 -20.84
N SER I 230 107.02 -71.28 -20.85
CA SER I 230 106.20 -71.45 -19.65
C SER I 230 105.91 -72.93 -19.42
N ALA I 231 106.18 -73.40 -18.20
CA ALA I 231 105.95 -74.80 -17.84
C ALA I 231 104.87 -74.94 -16.77
N GLN I 232 104.07 -73.90 -16.56
CA GLN I 232 102.95 -73.91 -15.63
C GLN I 232 103.39 -74.23 -14.19
N ASN I 233 103.27 -75.49 -13.78
CA ASN I 233 103.53 -75.87 -12.40
C ASN I 233 104.99 -75.72 -11.99
N ASN I 234 105.91 -75.57 -12.95
CA ASN I 234 107.31 -75.41 -12.61
C ASN I 234 107.54 -74.10 -11.87
N ASP I 235 108.33 -74.17 -10.79
CA ASP I 235 108.62 -73.00 -9.97
C ASP I 235 109.86 -72.24 -10.41
N ALA I 236 110.57 -72.73 -11.43
CA ALA I 236 111.77 -72.05 -11.90
C ALA I 236 111.47 -70.74 -12.61
N GLN I 237 110.21 -70.51 -13.00
CA GLN I 237 109.82 -69.27 -13.67
C GLN I 237 109.41 -68.17 -12.70
N TYR I 238 109.35 -68.46 -11.41
CA TYR I 238 108.87 -67.52 -10.41
C TYR I 238 109.99 -67.15 -9.46
N TRP I 239 110.15 -65.85 -9.20
CA TRP I 239 111.18 -65.35 -8.31
C TRP I 239 110.61 -64.30 -7.37
N LEU I 240 111.46 -63.65 -6.58
CA LEU I 240 111.04 -62.61 -5.66
C LEU I 240 112.12 -61.52 -5.59
N ILE I 241 111.68 -60.30 -5.34
CA ILE I 241 112.57 -59.14 -5.24
C ILE I 241 112.35 -58.50 -3.87
N ASN I 242 113.45 -58.25 -3.15
CA ASN I 242 113.34 -57.68 -1.81
C ASN I 242 114.32 -56.53 -1.64
N PRO I 243 113.89 -55.44 -1.00
CA PRO I 243 114.82 -54.34 -0.72
C PRO I 243 115.76 -54.69 0.42
N VAL I 244 116.70 -53.79 0.67
CA VAL I 244 117.67 -53.98 1.74
C VAL I 244 117.21 -53.24 3.00
N ASN I 247 120.41 -48.83 0.80
CA ASN I 247 119.77 -47.74 0.08
C ASN I 247 118.39 -48.17 -0.42
N TYR I 248 117.69 -47.23 -1.06
CA TYR I 248 116.36 -47.48 -1.60
C TYR I 248 116.38 -47.84 -3.08
N ASP I 249 117.57 -47.99 -3.67
CA ASP I 249 117.69 -48.31 -5.09
C ASP I 249 118.39 -49.65 -5.33
N ARG I 250 118.72 -50.38 -4.28
CA ARG I 250 119.39 -51.67 -4.39
C ARG I 250 118.43 -52.77 -3.93
N TYR I 251 118.28 -53.81 -4.75
CA TYR I 251 117.36 -54.89 -4.46
C TYR I 251 118.05 -56.23 -4.67
N THR I 252 117.61 -57.23 -3.92
CA THR I 252 118.14 -58.58 -4.01
C THR I 252 117.08 -59.50 -4.61
N ILE I 253 117.51 -60.37 -5.52
CA ILE I 253 116.64 -61.28 -6.24
C ILE I 253 116.83 -62.68 -5.65
N THR I 254 115.73 -63.34 -5.32
CA THR I 254 115.75 -64.64 -4.66
C THR I 254 114.79 -65.59 -5.35
N ASN I 255 115.02 -66.88 -5.12
CA ASN I 255 114.17 -67.93 -5.65
C ASN I 255 113.29 -68.50 -4.53
N LEU I 256 112.03 -68.74 -4.85
CA LEU I 256 111.09 -69.24 -3.85
C LEU I 256 111.43 -70.65 -3.37
N ARG I 257 112.24 -71.39 -4.12
CA ARG I 257 112.62 -72.73 -3.72
C ARG I 257 113.77 -72.75 -2.73
N ASP I 258 114.47 -71.64 -2.55
CA ASP I 258 115.60 -71.57 -1.63
C ASP I 258 115.48 -70.47 -0.58
N LYS I 259 114.52 -69.57 -0.70
CA LYS I 259 114.32 -68.47 0.26
C LYS I 259 115.59 -67.64 0.45
N VAL I 262 119.05 -66.65 -5.30
CA VAL I 262 120.06 -65.63 -5.07
C VAL I 262 121.14 -65.71 -6.15
N LEU I 263 121.21 -64.67 -6.98
CA LEU I 263 122.14 -64.63 -8.10
C LEU I 263 123.38 -63.83 -7.72
N ASP I 264 124.55 -64.42 -7.95
CA ASP I 264 125.82 -63.76 -7.75
C ASP I 264 126.50 -63.55 -9.09
N LEU I 265 127.39 -62.54 -9.14
CA LEU I 265 127.95 -62.13 -10.43
C LEU I 265 129.08 -63.04 -10.89
N TYR I 266 130.21 -63.00 -10.18
CA TYR I 266 131.35 -63.83 -10.53
C TYR I 266 132.06 -64.47 -9.35
N GLY I 267 131.92 -63.93 -8.13
CA GLY I 267 132.74 -64.34 -7.02
C GLY I 267 134.09 -63.64 -6.95
N GLY I 268 134.41 -62.78 -7.89
CA GLY I 268 135.67 -62.07 -7.90
C GLY I 268 135.87 -61.24 -9.16
N ALA I 271 134.17 -58.22 -16.58
CA ALA I 271 134.41 -59.62 -16.92
C ALA I 271 133.32 -60.14 -17.85
N ASP I 272 133.42 -59.78 -19.13
CA ASP I 272 132.43 -60.22 -20.11
C ASP I 272 132.57 -61.72 -20.37
N GLY I 273 131.45 -62.33 -20.76
CA GLY I 273 131.44 -63.74 -21.09
C GLY I 273 131.43 -64.70 -19.93
N THR I 274 131.16 -64.22 -18.72
CA THR I 274 131.14 -65.05 -17.53
C THR I 274 129.70 -65.30 -17.10
N THR I 275 129.33 -66.56 -16.95
CA THR I 275 128.00 -66.91 -16.49
C THR I 275 127.81 -66.51 -15.03
N ILE I 276 126.58 -66.16 -14.68
CA ILE I 276 126.29 -65.70 -13.33
C ILE I 276 125.70 -66.81 -12.45
N GLN I 277 125.02 -67.77 -13.07
CA GLN I 277 124.50 -68.96 -12.40
C GLN I 277 123.74 -68.63 -11.12
N VAL I 278 123.69 -69.59 -10.20
CA VAL I 278 123.17 -69.37 -8.84
C VAL I 278 124.24 -69.89 -7.90
N PHE I 279 125.13 -69.01 -7.46
CA PHE I 279 126.31 -69.44 -6.71
C PHE I 279 125.94 -69.93 -5.32
N ASN I 280 125.33 -69.07 -4.51
CA ASN I 280 124.99 -69.42 -3.13
C ASN I 280 123.65 -68.80 -2.77
N SER I 281 123.19 -69.08 -1.55
CA SER I 281 121.94 -68.54 -1.05
C SER I 281 122.16 -67.12 -0.55
N ASN I 282 121.19 -66.58 0.17
CA ASN I 282 121.30 -65.22 0.68
C ASN I 282 122.41 -65.11 1.71
N GLY I 283 123.20 -64.05 1.62
CA GLY I 283 124.31 -63.83 2.53
C GLY I 283 125.51 -63.20 1.87
N ASN I 286 128.49 -58.88 -3.02
CA ASN I 286 127.92 -59.56 -4.18
C ASN I 286 126.42 -59.77 -3.99
N GLN I 287 125.80 -60.45 -4.97
CA GLN I 287 124.36 -60.75 -4.95
C GLN I 287 123.52 -59.48 -4.87
N ILE I 288 124.03 -58.37 -5.42
CA ILE I 288 123.33 -57.09 -5.42
C ILE I 288 123.07 -56.71 -6.87
N TRP I 289 121.82 -56.36 -7.17
CA TRP I 289 121.42 -56.02 -8.53
C TRP I 289 120.63 -54.73 -8.52
N THR I 290 120.69 -54.00 -9.64
CA THR I 290 119.99 -52.74 -9.79
C THR I 290 119.22 -52.75 -11.11
N MET I 291 118.08 -52.07 -11.09
CA MET I 291 117.18 -51.99 -12.24
C MET I 291 117.28 -50.60 -12.85
N SER I 292 117.50 -50.54 -14.16
CA SER I 292 117.62 -49.27 -14.87
C SER I 292 116.84 -49.32 -16.17
N ASN I 293 116.26 -48.18 -16.54
CA ASN I 293 115.56 -48.10 -17.81
C ASN I 293 116.55 -48.13 -18.97
N PRO I 294 116.17 -48.72 -20.10
CA PRO I 294 117.05 -48.81 -21.27
C PRO I 294 117.32 -47.44 -21.90
N SER J 10 86.80 -60.20 -0.40
CA SER J 10 86.40 -61.60 -0.54
C SER J 10 84.98 -61.81 -0.06
N LEU J 11 84.10 -60.86 -0.38
CA LEU J 11 82.69 -60.90 0.01
C LEU J 11 81.86 -60.94 -1.26
N ASN J 12 81.39 -62.12 -1.63
CA ASN J 12 80.59 -62.31 -2.83
C ASN J 12 79.71 -63.55 -2.64
N ASP J 13 78.40 -63.34 -2.62
CA ASP J 13 77.42 -64.41 -2.46
C ASP J 13 77.69 -65.22 -1.20
N LYS J 14 77.99 -64.52 -0.11
CA LYS J 14 78.25 -65.14 1.18
C LYS J 14 77.31 -64.53 2.21
N ILE J 15 76.62 -65.39 2.96
CA ILE J 15 75.71 -64.91 4.00
C ILE J 15 76.52 -64.36 5.16
N VAL J 16 76.20 -63.14 5.58
CA VAL J 16 76.92 -62.46 6.64
C VAL J 16 75.93 -61.83 7.62
N THR J 17 76.44 -61.49 8.79
CA THR J 17 75.71 -60.76 9.81
C THR J 17 76.43 -59.46 10.11
N ILE J 18 75.65 -58.44 10.48
CA ILE J 18 76.14 -57.08 10.67
C ILE J 18 75.90 -56.68 12.12
N SER J 19 76.93 -56.15 12.77
CA SER J 19 76.82 -55.75 14.17
C SER J 19 77.48 -54.39 14.39
N CYS J 20 77.02 -53.70 15.43
CA CYS J 20 77.47 -52.37 15.77
C CYS J 20 78.69 -52.44 16.69
N LYS J 21 79.08 -51.29 17.24
CA LYS J 21 80.15 -51.21 18.23
C LYS J 21 79.70 -50.70 19.58
N ALA J 22 78.66 -49.86 19.64
CA ALA J 22 78.21 -49.32 20.91
C ALA J 22 77.69 -50.42 21.84
N ASN J 23 77.13 -51.49 21.27
CA ASN J 23 76.67 -52.62 22.06
C ASN J 23 76.83 -53.88 21.22
N THR J 24 77.64 -54.82 21.71
CA THR J 24 77.85 -56.07 20.99
C THR J 24 76.59 -56.92 20.92
N ASP J 25 75.61 -56.66 21.78
CA ASP J 25 74.37 -57.41 21.81
C ASP J 25 73.32 -56.86 20.84
N LEU J 26 73.73 -56.08 19.85
CA LEU J 26 72.82 -55.47 18.87
C LEU J 26 73.22 -55.93 17.48
N PHE J 27 72.38 -56.74 16.85
CA PHE J 27 72.64 -57.28 15.53
C PHE J 27 71.60 -56.77 14.53
N PHE J 28 71.87 -57.03 13.25
CA PHE J 28 70.93 -56.70 12.20
C PHE J 28 69.82 -57.75 12.16
N TYR J 29 68.59 -57.32 12.46
CA TYR J 29 67.44 -58.21 12.51
C TYR J 29 66.32 -57.64 11.65
N GLN J 30 65.58 -58.53 11.00
CA GLN J 30 64.43 -58.17 10.17
C GLN J 30 63.16 -58.68 10.83
N VAL J 31 62.20 -57.79 11.00
CA VAL J 31 60.93 -58.15 11.64
C VAL J 31 60.03 -58.84 10.62
N PRO J 32 59.55 -60.05 10.90
CA PRO J 32 58.70 -60.75 9.93
C PRO J 32 57.34 -60.08 9.81
N GLY J 33 56.71 -60.30 8.66
CA GLY J 33 55.41 -59.73 8.38
C GLY J 33 55.51 -58.36 7.72
N ASN J 34 55.97 -57.38 8.48
CA ASN J 34 56.15 -56.03 7.96
C ASN J 34 57.49 -55.94 7.23
N GLY J 35 57.77 -54.76 6.68
CA GLY J 35 58.99 -54.56 5.91
C GLY J 35 59.94 -53.56 6.51
N ASN J 36 60.10 -53.58 7.83
CA ASN J 36 61.02 -52.71 8.52
C ASN J 36 62.20 -53.49 9.07
N VAL J 37 63.25 -52.77 9.43
CA VAL J 37 64.47 -53.36 9.99
C VAL J 37 64.65 -52.82 11.40
N SER J 38 64.64 -53.71 12.38
CA SER J 38 64.83 -53.35 13.78
C SER J 38 65.87 -54.27 14.39
N LEU J 39 66.84 -53.69 15.08
CA LEU J 39 67.91 -54.48 15.70
C LEU J 39 67.36 -55.28 16.88
N PHE J 40 67.84 -56.52 17.01
CA PHE J 40 67.37 -57.39 18.08
C PHE J 40 68.53 -58.00 18.86
N GLN J 41 68.21 -58.96 19.74
CA GLN J 41 69.19 -59.59 20.60
C GLN J 41 69.83 -60.79 19.90
N GLN J 42 70.52 -61.62 20.66
CA GLN J 42 71.28 -62.75 20.10
C GLN J 42 70.33 -63.87 19.73
N THR J 43 70.12 -64.06 18.42
CA THR J 43 69.37 -65.19 17.90
C THR J 43 70.16 -65.81 16.75
N ARG J 44 70.11 -67.14 16.66
CA ARG J 44 70.82 -67.90 15.64
C ARG J 44 69.78 -68.56 14.73
N ASN J 45 69.38 -67.83 13.70
CA ASN J 45 68.38 -68.30 12.76
C ASN J 45 68.52 -67.53 11.46
N TYR J 46 67.57 -67.70 10.54
CA TYR J 46 67.63 -67.08 9.23
C TYR J 46 67.10 -65.65 9.21
N LEU J 47 66.54 -65.18 10.33
CA LEU J 47 66.03 -63.80 10.35
C LEU J 47 67.18 -62.80 10.39
N GLU J 48 68.18 -63.04 11.23
CA GLU J 48 69.35 -62.17 11.30
C GLU J 48 70.44 -62.60 10.32
N ARG J 49 70.07 -62.78 9.06
CA ARG J 49 71.00 -63.20 8.03
C ARG J 49 70.72 -62.43 6.74
N TRP J 50 71.78 -61.99 6.09
CA TRP J 50 71.66 -61.23 4.85
C TRP J 50 72.67 -61.75 3.84
N ARG J 51 72.31 -61.61 2.56
CA ARG J 51 73.16 -62.04 1.46
C ARG J 51 73.76 -60.82 0.77
N ILE J 52 74.97 -60.97 0.27
CA ILE J 52 75.69 -59.91 -0.42
C ILE J 52 75.79 -60.32 -1.88
N ILE J 53 75.12 -59.59 -2.77
CA ILE J 53 75.12 -59.88 -4.19
C ILE J 53 75.87 -58.77 -4.91
N TYR J 54 76.98 -59.12 -5.55
CA TYR J 54 77.80 -58.16 -6.27
C TYR J 54 77.26 -57.93 -7.68
N ASP J 55 77.37 -56.69 -8.14
CA ASP J 55 76.97 -56.33 -9.50
C ASP J 55 78.12 -55.57 -10.14
N SER J 56 78.72 -56.16 -11.18
CA SER J 56 79.82 -55.51 -11.90
C SER J 56 79.34 -54.41 -12.84
N ASN J 57 78.04 -54.37 -13.16
CA ASN J 57 77.53 -53.35 -14.06
C ASN J 57 77.44 -51.98 -13.37
N LYS J 58 77.40 -51.94 -12.04
CA LYS J 58 77.31 -50.70 -11.30
C LYS J 58 78.37 -50.55 -10.23
N ALA J 59 79.27 -51.53 -10.08
CA ALA J 59 80.31 -51.51 -9.05
C ALA J 59 79.71 -51.35 -7.66
N ALA J 60 78.57 -52.01 -7.43
CA ALA J 60 77.88 -51.91 -6.15
C ALA J 60 77.47 -53.30 -5.65
N TYR J 61 76.68 -53.34 -4.59
CA TYR J 61 76.25 -54.59 -3.98
C TYR J 61 74.76 -54.51 -3.67
N LYS J 62 74.21 -55.64 -3.20
CA LYS J 62 72.82 -55.73 -2.81
C LYS J 62 72.72 -56.56 -1.54
N ILE J 63 71.96 -56.07 -0.57
CA ILE J 63 71.77 -56.77 0.71
C ILE J 63 70.46 -57.54 0.59
N LYS J 64 70.55 -58.78 0.11
CA LYS J 64 69.39 -59.62 -0.06
C LYS J 64 69.03 -60.31 1.25
N SER J 65 67.91 -61.03 1.23
CA SER J 65 67.45 -61.80 2.38
C SER J 65 66.95 -63.16 1.91
N MET J 66 66.91 -64.11 2.84
CA MET J 66 66.51 -65.47 2.53
C MET J 66 65.35 -65.92 3.42
N ASN J 67 64.44 -65.00 3.75
CA ASN J 67 63.24 -65.37 4.50
C ASN J 67 62.38 -66.29 3.65
N ILE J 68 61.91 -67.39 4.25
CA ILE J 68 61.19 -68.40 3.47
C ILE J 68 59.76 -67.96 3.20
N TYR J 69 59.27 -66.96 3.95
CA TYR J 69 57.94 -66.42 3.64
C TYR J 69 58.00 -65.53 2.39
N ASN J 70 59.03 -64.70 2.28
CA ASN J 70 59.19 -63.82 1.12
C ASN J 70 60.69 -63.69 0.86
N THR J 71 61.20 -64.50 -0.06
CA THR J 71 62.62 -64.46 -0.37
C THR J 71 63.00 -63.16 -1.08
N ASN J 72 62.10 -62.60 -1.88
CA ASN J 72 62.36 -61.36 -2.62
C ASN J 72 62.13 -60.16 -1.70
N LEU J 73 63.07 -60.00 -0.76
CA LEU J 73 63.04 -58.87 0.19
C LEU J 73 64.45 -58.32 0.27
N VAL J 74 64.77 -57.37 -0.60
CA VAL J 74 66.08 -56.73 -0.62
C VAL J 74 66.05 -55.52 0.30
N LEU J 75 67.24 -55.08 0.70
CA LEU J 75 67.38 -53.91 1.57
C LEU J 75 67.28 -52.67 0.70
N THR J 76 66.09 -52.08 0.65
CA THR J 76 65.82 -50.89 -0.14
C THR J 76 65.82 -49.66 0.76
N TRP J 77 66.39 -48.57 0.26
CA TRP J 77 66.46 -47.34 1.03
C TRP J 77 65.07 -46.70 1.16
N ASN J 78 64.52 -46.21 0.05
CA ASN J 78 63.21 -45.50 0.14
C ASN J 78 62.63 -45.33 -1.26
N PRO J 80 62.64 -40.43 0.27
CA PRO J 80 63.59 -39.34 0.47
C PRO J 80 63.70 -38.90 1.93
N THR J 81 63.69 -39.88 2.84
CA THR J 81 63.82 -39.61 4.26
C THR J 81 64.78 -40.64 4.86
N HIS J 82 65.21 -40.37 6.10
CA HIS J 82 66.30 -41.14 6.69
C HIS J 82 65.94 -42.58 6.99
N ASN J 83 64.65 -42.93 7.01
CA ASN J 83 64.28 -44.29 7.36
C ASN J 83 64.66 -45.26 6.23
N ILE J 84 64.86 -46.52 6.61
CA ILE J 84 65.23 -47.58 5.67
C ILE J 84 64.23 -48.72 5.87
N SER J 85 63.32 -48.89 4.92
CA SER J 85 62.34 -49.96 4.94
C SER J 85 62.59 -50.88 3.75
N ALA J 86 62.71 -52.17 4.02
CA ALA J 86 63.01 -53.15 2.97
C ALA J 86 61.72 -53.63 2.30
N GLN J 87 61.69 -53.55 0.97
CA GLN J 87 60.55 -54.06 0.21
C GLN J 87 61.03 -55.05 -0.86
N GLN J 88 60.14 -55.41 -1.77
CA GLN J 88 60.45 -56.42 -2.78
C GLN J 88 61.53 -55.91 -3.74
N ASP J 89 62.23 -56.86 -4.36
CA ASP J 89 63.30 -56.53 -5.27
C ASP J 89 62.76 -55.93 -6.56
N SER J 90 63.40 -54.86 -7.02
CA SER J 90 63.01 -54.19 -8.25
C SER J 90 64.20 -53.75 -9.10
N ASN J 91 65.43 -54.08 -8.72
CA ASN J 91 66.63 -53.68 -9.45
C ASN J 91 66.69 -52.16 -9.61
N ALA J 92 66.32 -51.44 -8.56
CA ALA J 92 66.32 -49.99 -8.57
C ALA J 92 67.70 -49.44 -8.25
N ASP J 93 67.90 -48.17 -8.59
CA ASP J 93 69.18 -47.52 -8.33
C ASP J 93 69.42 -47.34 -6.83
N ASN J 94 68.37 -47.05 -6.06
CA ASN J 94 68.52 -46.84 -4.62
C ASN J 94 68.68 -48.14 -3.85
N GLN J 95 68.43 -49.29 -4.48
CA GLN J 95 68.61 -50.57 -3.80
C GLN J 95 70.07 -50.96 -3.65
N TYR J 96 70.96 -50.41 -4.47
CA TYR J 96 72.37 -50.77 -4.40
C TYR J 96 73.04 -50.10 -3.21
N TRP J 97 74.09 -50.75 -2.72
CA TRP J 97 74.86 -50.24 -1.59
C TRP J 97 76.35 -50.46 -1.85
N LEU J 98 77.16 -49.47 -1.49
CA LEU J 98 78.60 -49.55 -1.64
C LEU J 98 79.23 -49.79 -0.26
N LEU J 99 80.09 -50.80 -0.17
CA LEU J 99 80.74 -51.17 1.07
C LEU J 99 82.21 -50.80 0.99
N LEU J 100 82.71 -50.16 2.05
CA LEU J 100 84.10 -49.73 2.14
C LEU J 100 84.72 -50.34 3.38
N LYS J 101 85.89 -50.95 3.22
CA LYS J 101 86.58 -51.65 4.30
C LYS J 101 87.55 -50.68 4.96
N ASP J 102 87.20 -50.20 6.14
CA ASP J 102 88.08 -49.33 6.91
C ASP J 102 89.13 -50.18 7.60
N ILE J 103 90.39 -50.03 7.18
CA ILE J 103 91.47 -50.82 7.77
C ILE J 103 91.67 -50.46 9.23
N GLY J 104 91.49 -49.19 9.59
CA GLY J 104 91.53 -48.79 10.97
C GLY J 104 90.42 -49.44 11.76
N ASN J 105 90.78 -50.25 12.76
CA ASN J 105 89.86 -51.02 13.59
C ASN J 105 89.11 -52.09 12.81
N ASN J 106 89.38 -52.22 11.50
CA ASN J 106 88.81 -53.27 10.65
C ASN J 106 87.28 -53.24 10.69
N SER J 107 86.74 -52.14 10.19
CA SER J 107 85.30 -51.91 10.18
C SER J 107 84.79 -51.79 8.74
N PHE J 108 83.49 -51.57 8.61
CA PHE J 108 82.82 -51.43 7.33
C PHE J 108 81.95 -50.19 7.32
N ILE J 109 81.91 -49.52 6.17
CA ILE J 109 81.06 -48.35 5.95
C ILE J 109 80.15 -48.64 4.77
N ILE J 110 78.85 -48.47 4.96
CA ILE J 110 77.85 -48.74 3.93
C ILE J 110 77.24 -47.42 3.48
N ALA J 111 77.31 -47.16 2.18
CA ALA J 111 76.78 -45.93 1.61
C ALA J 111 75.80 -46.26 0.50
N SER J 112 74.91 -45.30 0.21
CA SER J 112 73.93 -45.51 -0.84
C SER J 112 74.58 -45.38 -2.21
N TYR J 113 73.79 -45.68 -3.24
CA TYR J 113 74.30 -45.69 -4.61
C TYR J 113 74.12 -44.33 -5.29
N LYS J 114 72.88 -43.85 -5.41
CA LYS J 114 72.63 -42.59 -6.08
C LYS J 114 73.25 -41.42 -5.34
N ASN J 115 73.18 -41.44 -4.01
CA ASN J 115 73.67 -40.36 -3.15
C ASN J 115 74.61 -40.92 -2.08
N PRO J 116 75.83 -41.32 -2.47
CA PRO J 116 76.74 -41.96 -1.51
C PRO J 116 77.30 -40.98 -0.47
N ASN J 117 76.84 -39.73 -0.49
CA ASN J 117 77.23 -38.78 0.54
C ASN J 117 76.73 -39.17 1.92
N LEU J 118 75.75 -40.07 2.01
CA LEU J 118 75.18 -40.49 3.27
C LEU J 118 75.45 -41.98 3.51
N VAL J 119 75.58 -42.33 4.78
CA VAL J 119 75.92 -43.68 5.19
C VAL J 119 74.96 -44.13 6.29
N LEU J 120 74.94 -45.43 6.53
CA LEU J 120 74.06 -46.00 7.55
C LEU J 120 74.46 -45.51 8.94
N TYR J 121 73.46 -45.31 9.79
CA TYR J 121 73.66 -44.83 11.14
C TYR J 121 72.81 -45.65 12.10
N ALA J 122 73.37 -45.98 13.25
CA ALA J 122 72.68 -46.73 14.28
C ALA J 122 72.14 -45.76 15.33
N ASP J 123 70.82 -45.73 15.48
CA ASP J 123 70.20 -44.76 16.38
C ASP J 123 70.38 -45.16 17.84
N THR J 124 70.32 -46.46 18.12
CA THR J 124 70.68 -47.09 19.39
C THR J 124 69.86 -46.58 20.59
N VAL J 125 68.72 -45.95 20.36
CA VAL J 125 67.83 -45.58 21.46
C VAL J 125 66.40 -45.99 21.12
N ALA J 126 66.20 -46.49 19.90
CA ALA J 126 64.88 -46.92 19.47
C ALA J 126 64.92 -48.24 18.70
N ARG J 127 66.05 -48.95 18.74
CA ARG J 127 66.21 -50.24 18.07
C ARG J 127 65.91 -50.13 16.58
N ASN J 128 66.49 -49.12 15.94
CA ASN J 128 66.28 -48.89 14.52
C ASN J 128 67.50 -48.17 13.96
N LEU J 129 67.61 -48.18 12.63
CA LEU J 129 68.70 -47.57 11.92
C LEU J 129 68.18 -46.53 10.93
N LYS J 130 69.04 -45.56 10.60
CA LYS J 130 68.67 -44.48 9.71
C LYS J 130 69.83 -44.19 8.76
N LEU J 131 69.70 -43.11 7.99
CA LEU J 131 70.72 -42.68 7.06
C LEU J 131 71.21 -41.29 7.47
N SER J 132 72.50 -41.19 7.79
CA SER J 132 73.06 -39.92 8.24
C SER J 132 74.28 -39.56 7.41
N THR J 133 75.02 -38.53 7.82
CA THR J 133 76.24 -38.12 7.15
C THR J 133 77.45 -38.68 7.87
N LEU J 134 78.58 -38.69 7.17
CA LEU J 134 79.81 -39.24 7.72
C LEU J 134 80.27 -38.41 8.91
N ASN J 135 80.74 -39.10 9.95
CA ASN J 135 81.22 -38.45 11.17
C ASN J 135 82.38 -39.25 11.74
N ASN J 136 82.84 -38.86 12.92
CA ASN J 136 83.97 -39.49 13.59
C ASN J 136 83.55 -40.48 14.66
N SER J 137 82.24 -40.67 14.87
CA SER J 137 81.76 -41.56 15.90
C SER J 137 81.77 -43.01 15.40
N SER J 138 81.67 -43.93 16.36
CA SER J 138 81.64 -45.36 16.05
C SER J 138 80.25 -45.85 15.63
N TYR J 139 79.23 -44.99 15.68
CA TYR J 139 77.89 -45.39 15.30
C TYR J 139 77.84 -45.79 13.82
N ILE J 140 78.48 -45.00 12.96
CA ILE J 140 78.55 -45.35 11.55
C ILE J 140 79.39 -46.60 11.31
N LYS J 141 80.38 -46.84 12.16
CA LYS J 141 81.23 -48.02 12.01
C LYS J 141 80.41 -49.29 12.24
N PHE J 142 80.65 -50.28 11.39
CA PHE J 142 79.89 -51.53 11.41
C PHE J 142 80.88 -52.67 11.21
N ILE J 143 80.48 -53.88 11.62
CA ILE J 143 81.27 -55.07 11.32
C ILE J 143 80.39 -56.07 10.58
N ILE J 144 80.89 -56.55 9.45
CA ILE J 144 80.23 -57.55 8.63
C ILE J 144 81.05 -58.83 8.72
N GLU J 145 80.42 -59.92 9.14
CA GLU J 145 81.19 -61.10 9.50
C GLU J 145 80.34 -62.35 9.27
N ASP J 146 81.02 -63.46 8.94
CA ASP J 146 80.35 -64.61 8.34
C ASP J 146 79.32 -65.23 9.27
N TYR J 147 78.29 -65.84 8.68
CA TYR J 147 77.13 -66.28 9.42
C TYR J 147 77.32 -67.62 10.14
N VAL J 148 78.42 -68.32 9.91
CA VAL J 148 78.67 -69.60 10.56
C VAL J 148 79.72 -69.48 11.66
N ILE J 149 80.31 -68.30 11.85
CA ILE J 149 81.32 -68.08 12.87
C ILE J 149 80.84 -67.12 13.94
N SER J 150 79.98 -66.17 13.60
CA SER J 150 79.47 -65.23 14.60
C SER J 150 78.69 -65.95 15.69
N ASP J 151 77.84 -66.90 15.32
CA ASP J 151 76.96 -67.56 16.28
C ASP J 151 77.71 -68.47 17.25
N PHE J 152 78.98 -68.80 16.97
CA PHE J 152 79.75 -69.69 17.82
C PHE J 152 80.89 -68.99 18.54
N LYS J 153 80.82 -67.66 18.67
CA LYS J 153 81.84 -66.92 19.41
C LYS J 153 81.81 -67.26 20.88
N ASN J 154 80.61 -67.26 21.48
CA ASN J 154 80.41 -67.60 22.89
C ASN J 154 79.22 -68.53 23.04
N PHE J 155 79.10 -69.50 22.14
CA PHE J 155 77.97 -70.42 22.17
C PHE J 155 78.01 -71.27 23.42
N THR J 156 76.83 -71.49 24.01
CA THR J 156 76.72 -72.31 25.21
C THR J 156 76.49 -73.77 24.85
N ARG J 158 75.05 -77.31 22.60
CA ARG J 158 74.51 -78.66 22.75
C ARG J 158 74.47 -79.38 21.40
N ILE J 159 75.51 -80.17 21.13
CA ILE J 159 75.59 -80.92 19.88
C ILE J 159 74.66 -82.13 19.97
N SER J 160 73.81 -82.29 18.96
CA SER J 160 72.86 -83.40 18.95
C SER J 160 72.88 -84.09 17.59
N PRO J 161 72.66 -85.40 17.58
CA PRO J 161 72.54 -86.11 16.29
C PRO J 161 71.15 -86.00 15.70
N ILE J 162 70.90 -86.72 14.61
CA ILE J 162 69.59 -86.75 13.97
C ILE J 162 68.52 -87.20 14.96
N GLY J 165 67.27 -87.35 17.88
CA GLY J 165 66.92 -85.94 17.82
C GLY J 165 67.21 -85.21 19.11
N GLY J 166 66.65 -85.72 20.21
CA GLY J 166 66.84 -85.14 21.53
C GLY J 166 68.06 -85.62 22.28
N LYS J 167 68.92 -86.41 21.65
CA LYS J 167 70.10 -86.92 22.32
C LYS J 167 71.07 -85.78 22.64
N VAL J 168 71.67 -85.84 23.83
CA VAL J 168 72.58 -84.81 24.32
C VAL J 168 73.91 -85.45 24.64
N VAL J 169 74.99 -84.82 24.19
CA VAL J 169 76.34 -85.30 24.49
C VAL J 169 76.69 -84.97 25.93
N GLN J 170 77.27 -85.93 26.63
CA GLN J 170 77.64 -85.78 28.03
C GLN J 170 79.03 -86.34 28.25
N GLN J 171 79.76 -85.72 29.19
CA GLN J 171 81.09 -86.19 29.56
C GLN J 171 81.01 -87.13 30.77
N VAL J 172 80.20 -88.18 30.60
CA VAL J 172 79.85 -89.20 31.59
C VAL J 172 79.81 -88.63 33.01
N SER J 173 80.95 -88.65 33.72
CA SER J 173 81.04 -88.14 35.08
C SER J 173 82.19 -87.17 35.19
N MET J 174 82.26 -86.48 36.33
CA MET J 174 83.33 -85.52 36.56
C MET J 174 84.68 -86.17 36.80
N THR J 175 84.70 -87.46 37.13
CA THR J 175 85.97 -88.15 37.37
C THR J 175 86.72 -88.39 36.08
N ASN J 176 86.12 -89.14 35.15
CA ASN J 176 86.71 -89.45 33.86
C ASN J 176 85.99 -88.68 32.77
N LEU J 177 86.77 -88.11 31.85
CA LEU J 177 86.24 -87.32 30.74
C LEU J 177 86.13 -88.22 29.52
N ALA J 178 84.90 -88.55 29.13
CA ALA J 178 84.64 -89.43 28.01
C ALA J 178 83.43 -88.89 27.25
N VAL J 179 82.87 -89.72 26.36
CA VAL J 179 81.73 -89.33 25.54
C VAL J 179 80.58 -90.28 25.82
N ASN J 180 79.38 -89.71 25.97
CA ASN J 180 78.17 -90.48 26.15
C ASN J 180 77.01 -89.71 25.53
N LEU J 181 75.94 -90.42 25.20
CA LEU J 181 74.74 -89.81 24.64
C LEU J 181 73.57 -90.12 25.56
N TYR J 182 73.10 -89.11 26.29
CA TYR J 182 72.03 -89.27 27.26
C TYR J 182 70.87 -88.32 26.95
N ILE J 183 69.91 -88.24 27.86
CA ILE J 183 68.76 -87.36 27.70
C ILE J 183 69.08 -86.00 28.27
N TRP J 184 68.27 -85.00 27.89
CA TRP J 184 68.47 -83.65 28.38
C TRP J 184 68.02 -83.54 29.83
N ASN J 185 68.92 -83.10 30.70
CA ASN J 185 68.59 -82.97 32.12
C ASN J 185 69.19 -81.71 32.75
N ASN J 186 69.70 -80.78 31.94
CA ASN J 186 70.30 -79.51 32.39
C ASN J 186 71.18 -79.71 33.63
N ASP J 187 72.22 -80.52 33.46
CA ASP J 187 73.20 -80.72 34.52
C ASP J 187 74.36 -79.73 34.33
N LEU J 188 75.42 -79.90 35.10
CA LEU J 188 76.57 -79.00 35.04
C LEU J 188 77.56 -79.38 33.94
N ASN J 189 77.48 -80.61 33.42
CA ASN J 189 78.46 -81.11 32.46
C ASN J 189 77.97 -81.03 31.02
N GLN J 190 76.88 -80.32 30.76
CA GLN J 190 76.33 -80.20 29.42
C GLN J 190 76.65 -78.86 28.77
N LYS J 191 77.55 -78.08 29.36
CA LYS J 191 77.90 -76.76 28.83
C LYS J 191 79.13 -76.90 27.93
N TRP J 192 78.91 -77.40 26.72
CA TRP J 192 79.97 -77.54 25.73
C TRP J 192 80.14 -76.20 25.01
N THR J 193 80.86 -75.29 25.67
CA THR J 193 81.08 -73.96 25.13
C THR J 193 82.09 -74.01 24.00
N ILE J 194 81.84 -73.21 22.96
CA ILE J 194 82.68 -73.17 21.76
C ILE J 194 83.37 -71.81 21.72
N ILE J 195 84.68 -71.82 21.55
CA ILE J 195 85.49 -70.61 21.48
C ILE J 195 86.21 -70.57 20.14
N TYR J 196 86.52 -69.37 19.68
CA TYR J 196 87.11 -69.13 18.38
C TYR J 196 88.47 -68.46 18.53
N ASN J 197 89.40 -68.82 17.64
CA ASN J 197 90.73 -68.23 17.61
C ASN J 197 90.97 -67.67 16.22
N GLU J 198 91.26 -66.36 16.15
CA GLU J 198 91.50 -65.69 14.88
C GLU J 198 92.94 -65.78 14.43
N GLU J 199 93.84 -66.29 15.26
CA GLU J 199 95.24 -66.44 14.85
C GLU J 199 95.38 -67.43 13.71
N LYS J 200 94.63 -68.53 13.77
CA LYS J 200 94.64 -69.53 12.71
C LYS J 200 93.22 -69.93 12.27
N ALA J 201 92.21 -69.16 12.65
CA ALA J 201 90.81 -69.44 12.32
C ALA J 201 90.42 -70.85 12.77
N ALA J 202 90.47 -71.05 14.09
CA ALA J 202 90.25 -72.36 14.68
C ALA J 202 89.14 -72.31 15.71
N TYR J 203 88.57 -73.48 16.00
CA TYR J 203 87.48 -73.61 16.95
C TYR J 203 87.83 -74.65 18.00
N GLN J 204 87.48 -74.36 19.25
CA GLN J 204 87.74 -75.25 20.37
C GLN J 204 86.47 -75.44 21.19
N PHE J 205 86.09 -76.69 21.42
CA PHE J 205 84.92 -77.01 22.23
C PHE J 205 85.40 -77.55 23.58
N PHE J 206 84.97 -76.90 24.66
CA PHE J 206 85.37 -77.32 26.00
C PHE J 206 84.16 -77.27 26.92
N ASN J 207 84.13 -78.19 27.88
CA ASN J 207 83.03 -78.28 28.82
C ASN J 207 83.17 -77.21 29.90
N LYS J 208 82.12 -77.09 30.72
CA LYS J 208 82.15 -76.13 31.81
C LYS J 208 83.24 -76.46 32.82
N ILE J 209 83.40 -77.74 33.14
CA ILE J 209 84.45 -78.17 34.09
C ILE J 209 85.70 -78.42 33.26
N LEU J 210 86.44 -77.33 33.02
CA LEU J 210 87.70 -77.41 32.27
C LEU J 210 88.78 -76.57 32.93
N SER J 211 88.78 -76.50 34.26
CA SER J 211 89.76 -75.71 34.99
C SER J 211 91.14 -76.35 34.92
N VAL J 214 89.08 -78.48 25.98
CA VAL J 214 89.72 -78.96 24.77
C VAL J 214 89.20 -80.36 24.43
N LEU J 215 88.52 -80.48 23.29
CA LEU J 215 87.98 -81.76 22.85
C LEU J 215 89.06 -82.47 22.05
N THR J 216 89.75 -83.40 22.70
CA THR J 216 90.82 -84.15 22.06
C THR J 216 90.25 -85.33 21.28
N TRP J 217 90.80 -85.56 20.09
CA TRP J 217 90.35 -86.66 19.25
C TRP J 217 91.48 -87.05 18.31
N ILE J 218 91.33 -88.23 17.70
CA ILE J 218 92.30 -88.79 16.76
C ILE J 218 93.66 -88.92 17.44
N PHE J 219 94.55 -87.97 17.21
CA PHE J 219 95.89 -88.00 17.76
C PHE J 219 95.86 -87.88 19.28
N ASP J 221 95.04 -94.33 18.46
CA ASP J 221 94.52 -95.70 18.48
C ASP J 221 93.04 -95.73 18.10
N GLY J 222 92.72 -95.18 16.95
CA GLY J 222 91.35 -95.12 16.48
C GLY J 222 90.70 -93.79 16.82
N ASN J 223 89.49 -93.85 17.38
CA ASN J 223 88.78 -92.63 17.75
C ASN J 223 89.34 -92.04 19.04
N THR J 224 89.24 -92.80 20.13
CA THR J 224 89.74 -92.41 21.45
C THR J 224 89.40 -90.96 21.80
N VAL J 225 88.15 -90.56 21.54
CA VAL J 225 87.73 -89.19 21.81
C VAL J 225 87.61 -88.98 23.31
N ARG J 226 88.12 -87.85 23.79
CA ARG J 226 88.08 -87.53 25.21
C ARG J 226 88.24 -86.02 25.35
N VAL J 227 88.31 -85.55 26.60
CA VAL J 227 88.47 -84.14 26.92
C VAL J 227 89.75 -83.99 27.74
N SER J 228 90.60 -83.05 27.34
CA SER J 228 91.86 -82.80 28.05
C SER J 228 92.08 -81.31 28.25
N GLN J 232 98.13 -76.62 25.22
CA GLN J 232 98.41 -77.81 24.42
C GLN J 232 99.26 -77.48 23.20
N ASN J 233 98.90 -76.39 22.53
CA ASN J 233 99.62 -75.94 21.32
C ASN J 233 99.69 -77.04 20.27
N ASN J 234 98.60 -77.77 20.11
CA ASN J 234 98.51 -78.87 19.16
C ASN J 234 97.26 -78.72 18.31
N ASP J 235 97.15 -79.58 17.30
CA ASP J 235 96.01 -79.57 16.37
C ASP J 235 94.96 -80.60 16.75
N ALA J 236 94.85 -80.92 18.04
CA ALA J 236 93.88 -81.91 18.49
C ALA J 236 92.53 -81.29 18.84
N GLN J 237 92.53 -80.13 19.48
CA GLN J 237 91.30 -79.45 19.88
C GLN J 237 90.84 -78.41 18.86
N TYR J 238 91.52 -78.31 17.72
CA TYR J 238 91.17 -77.35 16.68
C TYR J 238 90.26 -78.02 15.66
N TRP J 239 89.11 -77.40 15.39
CA TRP J 239 88.12 -77.95 14.48
C TRP J 239 87.54 -76.83 13.63
N LEU J 240 86.81 -77.23 12.59
CA LEU J 240 86.14 -76.30 11.69
C LEU J 240 84.71 -76.77 11.45
N ILE J 241 83.79 -75.81 11.38
CA ILE J 241 82.38 -76.10 11.16
C ILE J 241 82.04 -75.77 9.72
N ASN J 242 81.48 -76.74 9.00
CA ASN J 242 81.11 -76.58 7.61
C ASN J 242 79.63 -76.87 7.42
N PRO J 243 78.87 -75.97 6.82
CA PRO J 243 77.44 -76.24 6.59
C PRO J 243 77.25 -77.26 5.48
N VAL J 244 76.10 -77.91 5.51
CA VAL J 244 75.75 -78.92 4.51
C VAL J 244 74.93 -78.30 3.40
N ASN J 247 69.94 -76.95 3.95
CA ASN J 247 69.57 -76.43 5.26
C ASN J 247 70.78 -75.86 5.99
N TYR J 248 70.70 -74.58 6.35
CA TYR J 248 71.78 -73.91 7.06
C TYR J 248 71.77 -74.18 8.56
N ASP J 249 70.71 -74.80 9.08
CA ASP J 249 70.62 -75.10 10.50
C ASP J 249 71.39 -76.35 10.89
N ARG J 250 71.92 -77.10 9.92
CA ARG J 250 72.68 -78.31 10.18
C ARG J 250 74.06 -78.18 9.55
N TYR J 251 75.08 -78.62 10.29
CA TYR J 251 76.46 -78.52 9.84
C TYR J 251 77.28 -79.64 10.45
N THR J 252 78.43 -79.90 9.83
CA THR J 252 79.36 -80.93 10.29
C THR J 252 80.63 -80.28 10.82
N ILE J 253 81.41 -81.08 11.55
CA ILE J 253 82.66 -80.64 12.17
C ILE J 253 83.78 -81.49 11.61
N THR J 254 84.85 -80.83 11.18
CA THR J 254 86.00 -81.50 10.57
C THR J 254 87.28 -81.03 11.22
N ASN J 255 88.21 -81.97 11.43
CA ASN J 255 89.50 -81.62 11.99
C ASN J 255 90.34 -80.87 10.96
N LEU J 256 91.08 -79.87 11.42
CA LEU J 256 91.87 -79.04 10.51
C LEU J 256 93.07 -79.81 9.95
N ARG J 257 93.62 -80.74 10.73
CA ARG J 257 94.77 -81.53 10.30
C ARG J 257 94.26 -82.84 9.70
N ASP J 258 94.66 -83.12 8.46
CA ASP J 258 94.18 -84.29 7.72
C ASP J 258 92.66 -84.28 7.65
N LYS J 259 92.13 -83.27 6.94
CA LYS J 259 90.69 -83.02 6.87
C LYS J 259 90.03 -84.02 5.92
N THR J 260 89.98 -85.26 6.37
CA THR J 260 89.25 -86.32 5.67
C THR J 260 88.36 -87.04 6.67
N LYS J 261 88.73 -86.97 7.95
CA LYS J 261 87.96 -87.57 9.02
C LYS J 261 86.95 -86.57 9.55
N VAL J 262 85.69 -87.01 9.68
CA VAL J 262 84.62 -86.17 10.17
C VAL J 262 83.99 -86.85 11.38
N LEU J 263 83.37 -86.03 12.24
CA LEU J 263 82.73 -86.55 13.43
C LEU J 263 81.45 -87.30 13.07
N ASP J 264 81.31 -88.51 13.60
CA ASP J 264 80.15 -89.34 13.32
C ASP J 264 79.86 -90.21 14.52
N LEU J 265 78.88 -91.10 14.38
CA LEU J 265 78.49 -92.02 15.44
C LEU J 265 78.86 -93.44 15.03
N TYR J 266 79.33 -94.22 16.01
CA TYR J 266 79.75 -95.60 15.77
C TYR J 266 78.52 -96.47 15.59
N GLY J 267 78.12 -96.68 14.34
CA GLY J 267 76.95 -97.49 14.05
C GLY J 267 75.73 -96.67 13.70
N GLY J 268 75.61 -95.50 14.32
CA GLY J 268 74.46 -94.65 14.07
C GLY J 268 73.18 -95.09 14.74
N GLN J 269 73.26 -95.52 16.00
CA GLN J 269 72.09 -95.95 16.75
C GLN J 269 71.89 -95.05 17.97
N THR J 270 70.63 -94.95 18.39
CA THR J 270 70.25 -94.10 19.51
C THR J 270 70.11 -94.97 20.76
N ALA J 271 71.05 -94.82 21.68
CA ALA J 271 71.03 -95.59 22.93
C ALA J 271 71.82 -94.84 23.98
N ASP J 272 71.58 -95.21 25.23
CA ASP J 272 72.28 -94.59 26.36
C ASP J 272 73.65 -95.24 26.51
N GLY J 273 74.68 -94.57 25.99
CA GLY J 273 76.03 -95.10 26.05
C GLY J 273 76.68 -95.22 24.70
N THR J 274 76.11 -94.54 23.69
CA THR J 274 76.67 -94.60 22.34
C THR J 274 78.03 -93.89 22.30
N THR J 275 78.98 -94.49 21.61
CA THR J 275 80.32 -93.94 21.48
C THR J 275 80.41 -93.15 20.17
N ILE J 276 80.85 -91.90 20.27
CA ILE J 276 81.01 -91.05 19.10
C ILE J 276 82.35 -91.37 18.44
N GLN J 277 82.29 -91.82 17.18
CA GLN J 277 83.47 -92.23 16.45
C GLN J 277 83.97 -91.09 15.57
N VAL J 278 85.05 -91.35 14.85
CA VAL J 278 85.68 -90.38 13.95
C VAL J 278 85.82 -91.05 12.59
N PHE J 279 86.48 -90.37 11.64
CA PHE J 279 86.79 -90.90 10.32
C PHE J 279 85.53 -91.05 9.47
N ASN J 280 85.59 -91.95 8.49
CA ASN J 280 84.53 -92.19 7.51
C ASN J 280 84.33 -90.98 6.60
N SER J 281 83.79 -91.21 5.40
CA SER J 281 83.59 -90.13 4.44
C SER J 281 82.23 -90.19 3.76
N ASN J 282 81.31 -91.05 4.22
CA ASN J 282 79.99 -91.11 3.62
C ASN J 282 79.23 -89.81 3.80
N GLY J 283 79.33 -89.21 4.98
CA GLY J 283 78.63 -87.97 5.26
C GLY J 283 77.12 -88.12 5.23
N GLY J 284 76.61 -89.20 5.78
CA GLY J 284 75.17 -89.46 5.81
C GLY J 284 74.48 -88.77 6.95
N ASP J 285 73.39 -89.39 7.41
CA ASP J 285 72.63 -88.81 8.52
C ASP J 285 73.43 -88.77 9.81
N ASN J 286 74.21 -89.82 10.08
CA ASN J 286 74.99 -89.91 11.30
C ASN J 286 76.15 -88.91 11.35
N GLN J 287 76.47 -88.26 10.24
CA GLN J 287 77.56 -87.30 10.18
C GLN J 287 77.08 -85.85 10.22
N ILE J 288 75.80 -85.63 10.53
CA ILE J 288 75.21 -84.30 10.55
C ILE J 288 74.80 -83.97 11.98
N TRP J 289 75.25 -82.82 12.48
CA TRP J 289 74.99 -82.40 13.85
C TRP J 289 74.09 -81.17 13.88
N THR J 290 73.33 -81.03 14.97
CA THR J 290 72.47 -79.88 15.18
C THR J 290 72.80 -79.25 16.52
N MET J 291 72.45 -77.97 16.65
CA MET J 291 72.68 -77.22 17.88
C MET J 291 71.40 -76.47 18.27
N SER J 292 71.21 -76.31 19.56
CA SER J 292 70.06 -75.61 20.12
C SER J 292 70.53 -74.48 21.03
N ASN J 293 69.58 -73.66 21.48
CA ASN J 293 69.91 -72.52 22.33
C ASN J 293 70.59 -72.93 23.63
N PRO J 294 70.09 -73.92 24.40
CA PRO J 294 70.82 -74.26 25.63
C PRO J 294 72.14 -74.97 25.34
N LEU K 11 -74.82 -24.71 110.90
CA LEU K 11 -75.09 -23.79 112.00
C LEU K 11 -76.23 -22.83 111.65
N ASN K 12 -77.46 -23.34 111.68
CA ASN K 12 -78.63 -22.53 111.36
C ASN K 12 -79.05 -21.76 112.59
N ASP K 13 -78.96 -20.43 112.51
CA ASP K 13 -79.33 -19.52 113.60
C ASP K 13 -78.56 -19.86 114.89
N LYS K 14 -77.24 -19.71 114.80
CA LYS K 14 -76.35 -20.01 115.91
C LYS K 14 -75.58 -18.76 116.32
N ILE K 15 -75.45 -18.53 117.61
CA ILE K 15 -74.72 -17.38 118.14
C ILE K 15 -73.26 -17.75 118.30
N VAL K 16 -72.39 -17.02 117.61
CA VAL K 16 -70.95 -17.27 117.60
C VAL K 16 -70.23 -15.92 117.59
N THR K 17 -68.90 -15.99 117.65
CA THR K 17 -68.04 -14.82 117.60
C THR K 17 -66.94 -15.06 116.58
N ILE K 18 -66.53 -13.98 115.90
CA ILE K 18 -65.52 -14.03 114.86
C ILE K 18 -64.33 -13.20 115.31
N SER K 19 -63.14 -13.78 115.19
CA SER K 19 -61.89 -13.12 115.57
C SER K 19 -60.91 -13.20 114.42
N CYS K 20 -59.96 -12.27 114.41
CA CYS K 20 -58.93 -12.24 113.38
C CYS K 20 -57.94 -13.37 113.60
N LYS K 21 -57.65 -14.12 112.53
CA LYS K 21 -56.67 -15.20 112.63
C LYS K 21 -55.27 -14.66 112.91
N ALA K 22 -54.90 -13.56 112.27
CA ALA K 22 -53.57 -12.99 112.48
C ALA K 22 -53.44 -12.45 113.90
N ASN K 23 -54.46 -11.76 114.40
CA ASN K 23 -54.44 -11.18 115.74
C ASN K 23 -55.56 -11.84 116.55
N THR K 24 -55.19 -12.80 117.40
CA THR K 24 -56.17 -13.50 118.22
C THR K 24 -56.81 -12.59 119.26
N ASP K 25 -56.19 -11.46 119.58
CA ASP K 25 -56.73 -10.52 120.54
C ASP K 25 -57.71 -9.54 119.92
N LEU K 26 -57.94 -9.62 118.61
CA LEU K 26 -58.85 -8.72 117.90
C LEU K 26 -60.16 -9.44 117.63
N PHE K 27 -61.26 -8.83 118.04
CA PHE K 27 -62.59 -9.40 117.89
C PHE K 27 -63.51 -8.38 117.23
N PHE K 28 -64.55 -8.91 116.56
CA PHE K 28 -65.52 -8.06 115.89
C PHE K 28 -66.34 -7.31 116.94
N TYR K 29 -66.34 -5.98 116.86
CA TYR K 29 -67.04 -5.14 117.82
C TYR K 29 -67.84 -4.09 117.08
N GLN K 30 -69.10 -3.91 117.48
CA GLN K 30 -69.95 -2.86 116.93
C GLN K 30 -69.90 -1.65 117.84
N VAL K 31 -69.47 -0.52 117.31
CA VAL K 31 -69.36 0.71 118.08
C VAL K 31 -70.77 1.19 118.43
N PRO K 32 -71.08 1.41 119.70
CA PRO K 32 -72.44 1.83 120.06
C PRO K 32 -72.76 3.23 119.54
N GLY K 33 -74.03 3.44 119.24
CA GLY K 33 -74.49 4.73 118.76
C GLY K 33 -74.34 5.02 117.28
N ASN K 34 -73.15 4.80 116.73
CA ASN K 34 -72.91 5.09 115.32
C ASN K 34 -73.47 3.99 114.43
N GLY K 35 -72.96 2.77 114.57
CA GLY K 35 -73.46 1.66 113.78
C GLY K 35 -72.44 1.08 112.81
N ASN K 36 -71.17 1.15 113.16
CA ASN K 36 -70.10 0.61 112.34
C ASN K 36 -69.36 -0.48 113.10
N VAL K 37 -68.82 -1.44 112.35
CA VAL K 37 -68.16 -2.62 112.90
C VAL K 37 -66.66 -2.46 112.71
N SER K 38 -65.89 -2.75 113.75
CA SER K 38 -64.44 -2.66 113.70
C SER K 38 -63.85 -3.81 114.52
N LEU K 39 -62.55 -3.74 114.75
CA LEU K 39 -61.84 -4.73 115.56
C LEU K 39 -61.45 -4.11 116.89
N PHE K 40 -61.79 -4.79 117.98
CA PHE K 40 -61.52 -4.31 119.32
C PHE K 40 -60.84 -5.40 120.14
N GLN K 41 -60.55 -5.10 121.39
CA GLN K 41 -59.91 -6.04 122.28
C GLN K 41 -60.91 -7.09 122.76
N GLN K 42 -60.43 -8.03 123.58
CA GLN K 42 -61.25 -9.12 124.07
C GLN K 42 -62.20 -8.61 125.14
N THR K 43 -63.49 -8.51 124.81
CA THR K 43 -64.53 -8.10 125.73
C THR K 43 -65.54 -9.21 125.91
N ARG K 44 -66.43 -9.04 126.87
CA ARG K 44 -67.45 -10.03 127.19
C ARG K 44 -68.85 -9.43 127.07
N ASN K 45 -69.01 -8.47 126.17
CA ASN K 45 -70.29 -7.79 125.97
C ASN K 45 -71.10 -8.49 124.89
N TYR K 46 -72.37 -8.08 124.78
CA TYR K 46 -73.26 -8.64 123.77
C TYR K 46 -73.00 -8.10 122.38
N LEU K 47 -72.27 -6.98 122.26
CA LEU K 47 -71.97 -6.42 120.95
C LEU K 47 -70.99 -7.27 120.15
N GLU K 48 -70.18 -8.09 120.83
CA GLU K 48 -69.21 -8.93 120.17
C GLU K 48 -69.78 -10.24 119.65
N ARG K 49 -71.05 -10.53 119.94
CA ARG K 49 -71.69 -11.77 119.53
C ARG K 49 -72.56 -11.53 118.31
N TRP K 50 -72.47 -12.45 117.35
CA TRP K 50 -73.25 -12.37 116.11
C TRP K 50 -73.93 -13.70 115.86
N ARG K 51 -75.18 -13.64 115.39
CA ARG K 51 -75.96 -14.84 115.12
C ARG K 51 -75.98 -15.10 113.61
N ILE K 52 -75.46 -16.25 113.20
CA ILE K 52 -75.46 -16.64 111.80
C ILE K 52 -76.75 -17.39 111.51
N ILE K 53 -77.45 -16.96 110.46
CA ILE K 53 -78.71 -17.55 110.05
C ILE K 53 -78.56 -18.05 108.62
N TYR K 54 -78.95 -19.30 108.39
CA TYR K 54 -78.83 -19.92 107.07
C TYR K 54 -80.14 -19.81 106.32
N ASP K 55 -80.07 -19.32 105.08
CA ASP K 55 -81.22 -19.23 104.20
C ASP K 55 -80.99 -20.20 103.04
N SER K 56 -81.85 -21.22 102.95
CA SER K 56 -81.73 -22.24 101.92
C SER K 56 -82.40 -21.84 100.61
N ASN K 57 -83.14 -20.73 100.59
CA ASN K 57 -83.74 -20.27 99.34
C ASN K 57 -82.66 -19.91 98.33
N LYS K 58 -81.57 -19.28 98.79
CA LYS K 58 -80.47 -18.91 97.90
C LYS K 58 -79.12 -19.31 98.48
N ALA K 59 -79.10 -20.17 99.51
CA ALA K 59 -77.87 -20.66 100.14
C ALA K 59 -77.00 -19.49 100.62
N ALA K 60 -77.60 -18.65 101.46
CA ALA K 60 -76.94 -17.47 101.99
C ALA K 60 -76.84 -17.55 103.50
N TYR K 61 -76.01 -16.68 104.08
CA TYR K 61 -75.80 -16.65 105.52
C TYR K 61 -75.88 -15.20 105.99
N LYS K 62 -76.95 -14.87 106.68
CA LYS K 62 -77.10 -13.55 107.29
C LYS K 62 -76.40 -13.52 108.65
N ILE K 63 -75.86 -12.36 109.00
CA ILE K 63 -75.13 -12.17 110.24
C ILE K 63 -75.88 -11.11 111.05
N LYS K 64 -76.80 -11.55 111.90
CA LYS K 64 -77.57 -10.64 112.74
C LYS K 64 -76.74 -10.20 113.94
N SER K 65 -76.85 -8.92 114.28
CA SER K 65 -76.16 -8.36 115.42
C SER K 65 -76.97 -8.59 116.69
N MET K 66 -76.26 -8.87 117.79
CA MET K 66 -76.89 -9.12 119.08
C MET K 66 -77.05 -7.85 119.90
N ASN K 67 -77.11 -6.68 119.25
CA ASN K 67 -77.29 -5.44 119.98
C ASN K 67 -78.68 -5.40 120.61
N ILE K 68 -78.72 -5.05 121.90
CA ILE K 68 -80.00 -5.01 122.61
C ILE K 68 -80.79 -3.74 122.31
N TYR K 69 -80.12 -2.65 121.96
CA TYR K 69 -80.82 -1.41 121.63
C TYR K 69 -81.51 -1.53 120.27
N ASN K 70 -80.86 -2.16 119.30
CA ASN K 70 -81.41 -2.35 117.97
C ASN K 70 -80.96 -3.71 117.47
N THR K 71 -81.82 -4.73 117.63
CA THR K 71 -81.50 -6.08 117.20
C THR K 71 -81.77 -6.30 115.71
N ASN K 72 -82.36 -5.31 115.03
CA ASN K 72 -82.65 -5.41 113.61
C ASN K 72 -81.47 -5.00 112.73
N LEU K 73 -80.26 -5.00 113.27
CA LEU K 73 -79.07 -4.60 112.55
C LEU K 73 -78.32 -5.82 112.03
N VAL K 74 -77.94 -5.76 110.76
CA VAL K 74 -77.25 -6.86 110.08
C VAL K 74 -76.01 -6.29 109.39
N LEU K 75 -74.99 -7.13 109.25
CA LEU K 75 -73.75 -6.75 108.59
C LEU K 75 -74.01 -6.52 107.12
N THR K 76 -73.85 -5.29 106.66
CA THR K 76 -74.16 -4.89 105.30
C THR K 76 -72.97 -4.20 104.66
N TRP K 77 -72.72 -4.53 103.39
CA TRP K 77 -71.67 -3.88 102.61
C TRP K 77 -72.30 -2.76 101.78
N ASN K 78 -71.78 -1.55 101.96
CA ASN K 78 -72.31 -0.37 101.26
C ASN K 78 -71.63 -0.26 99.91
N ALA K 79 -72.21 -0.94 98.91
CA ALA K 79 -71.65 -0.89 97.57
C ALA K 79 -71.80 0.51 96.98
N PRO K 80 -70.84 0.94 96.15
CA PRO K 80 -69.62 0.23 95.74
C PRO K 80 -68.43 0.55 96.64
N THR K 81 -68.63 1.33 97.69
CA THR K 81 -67.55 1.72 98.57
C THR K 81 -67.08 0.52 99.41
N HIS K 82 -65.82 0.57 99.83
CA HIS K 82 -65.24 -0.49 100.66
C HIS K 82 -65.57 -0.23 102.14
N ASN K 83 -66.86 -0.26 102.44
CA ASN K 83 -67.35 0.00 103.79
C ASN K 83 -68.29 -1.12 104.20
N ILE K 84 -68.02 -1.70 105.37
CA ILE K 84 -68.88 -2.73 105.96
C ILE K 84 -69.40 -2.19 107.28
N SER K 85 -70.71 -2.14 107.43
CA SER K 85 -71.31 -1.56 108.63
C SER K 85 -72.53 -2.36 109.08
N ALA K 86 -73.31 -1.79 109.99
CA ALA K 86 -74.55 -2.41 110.46
C ALA K 86 -75.72 -1.61 109.93
N GLN K 87 -76.61 -2.28 109.21
CA GLN K 87 -77.76 -1.61 108.61
C GLN K 87 -79.04 -2.41 108.81
N GLN K 88 -80.13 -1.97 108.17
CA GLN K 88 -81.39 -2.69 108.27
C GLN K 88 -81.39 -3.91 107.35
N ASP K 89 -82.31 -4.82 107.60
CA ASP K 89 -82.48 -6.03 106.81
C ASP K 89 -83.73 -5.86 105.94
N SER K 90 -83.51 -5.60 104.66
CA SER K 90 -84.58 -5.39 103.68
C SER K 90 -84.39 -6.31 102.48
N ASN K 91 -84.16 -7.59 102.77
CA ASN K 91 -83.88 -8.60 101.75
C ASN K 91 -82.65 -8.21 100.94
N ALA K 92 -82.85 -7.80 99.69
CA ALA K 92 -81.77 -7.36 98.81
C ALA K 92 -80.69 -8.43 98.66
N ASP K 93 -79.49 -8.03 98.23
CA ASP K 93 -78.41 -8.98 98.06
C ASP K 93 -77.05 -8.43 98.50
N ASN K 94 -77.00 -7.26 99.13
CA ASN K 94 -75.75 -6.62 99.49
C ASN K 94 -75.37 -6.82 100.96
N GLN K 95 -76.09 -7.68 101.69
CA GLN K 95 -75.79 -7.92 103.09
C GLN K 95 -75.61 -9.40 103.42
N TYR K 96 -75.73 -10.29 102.45
CA TYR K 96 -75.55 -11.72 102.68
C TYR K 96 -74.09 -12.10 102.43
N TRP K 97 -73.65 -13.16 103.11
CA TRP K 97 -72.26 -13.58 103.05
C TRP K 97 -72.20 -15.10 102.99
N LEU K 98 -71.06 -15.60 102.50
CA LEU K 98 -70.80 -17.03 102.39
C LEU K 98 -69.61 -17.46 103.25
N LEU K 99 -69.79 -18.54 104.00
CA LEU K 99 -68.75 -19.08 104.86
C LEU K 99 -68.02 -20.28 104.29
N LEU K 100 -66.69 -20.20 104.19
CA LEU K 100 -65.86 -21.28 103.67
C LEU K 100 -64.82 -21.66 104.69
N LYS K 101 -64.86 -22.91 105.15
CA LYS K 101 -63.96 -23.39 106.18
C LYS K 101 -62.76 -24.08 105.55
N ASP K 102 -61.57 -23.55 105.79
CA ASP K 102 -60.35 -24.18 105.30
C ASP K 102 -60.09 -25.46 106.07
N ILE K 103 -59.90 -26.57 105.35
CA ILE K 103 -59.68 -27.84 106.02
C ILE K 103 -58.21 -28.04 106.36
N GLY K 104 -57.30 -27.35 105.66
CA GLY K 104 -55.90 -27.42 105.98
C GLY K 104 -55.58 -26.81 107.33
N ASN K 105 -55.78 -25.51 107.44
CA ASN K 105 -55.65 -24.79 108.71
C ASN K 105 -57.03 -24.31 109.15
N ASN K 106 -57.23 -24.28 110.47
CA ASN K 106 -58.52 -23.91 111.04
C ASN K 106 -58.75 -22.43 110.79
N SER K 107 -59.55 -22.11 109.77
CA SER K 107 -59.85 -20.73 109.44
C SER K 107 -61.13 -20.68 108.62
N PHE K 108 -61.76 -19.51 108.63
CA PHE K 108 -63.01 -19.27 107.92
C PHE K 108 -62.85 -18.04 107.05
N ILE K 109 -63.23 -18.15 105.78
CA ILE K 109 -63.20 -17.05 104.83
C ILE K 109 -64.64 -16.61 104.57
N ILE K 110 -64.90 -15.32 104.76
CA ILE K 110 -66.22 -14.75 104.56
C ILE K 110 -66.19 -13.93 103.27
N ALA K 111 -67.00 -14.33 102.30
CA ALA K 111 -67.06 -13.68 101.00
C ALA K 111 -68.42 -13.04 100.78
N SER K 112 -68.43 -11.91 100.09
CA SER K 112 -69.69 -11.22 99.80
C SER K 112 -70.52 -12.04 98.83
N TYR K 113 -71.82 -12.15 99.11
CA TYR K 113 -72.71 -12.88 98.21
C TYR K 113 -72.90 -12.14 96.89
N LYS K 114 -72.93 -10.81 96.93
CA LYS K 114 -73.06 -10.04 95.70
C LYS K 114 -71.85 -10.23 94.80
N ASN K 115 -70.65 -10.18 95.37
CA ASN K 115 -69.41 -10.36 94.63
C ASN K 115 -68.59 -11.45 95.32
N PRO K 116 -68.72 -12.70 94.89
CA PRO K 116 -67.97 -13.79 95.55
C PRO K 116 -66.46 -13.64 95.45
N ASN K 117 -65.97 -12.86 94.49
CA ASN K 117 -64.53 -12.64 94.34
C ASN K 117 -63.94 -11.77 95.44
N LEU K 118 -64.78 -11.15 96.27
CA LEU K 118 -64.33 -10.24 97.31
C LEU K 118 -64.59 -10.86 98.69
N VAL K 119 -63.58 -10.86 99.54
CA VAL K 119 -63.70 -11.40 100.89
C VAL K 119 -63.35 -10.32 101.91
N LEU K 120 -63.50 -10.64 103.19
CA LEU K 120 -63.25 -9.68 104.25
C LEU K 120 -61.76 -9.57 104.54
N TYR K 121 -61.29 -8.34 104.71
CA TYR K 121 -59.90 -8.03 104.98
C TYR K 121 -59.83 -7.19 106.24
N ALA K 122 -58.96 -7.59 107.18
CA ALA K 122 -58.81 -6.91 108.46
C ALA K 122 -57.66 -5.92 108.35
N ASP K 123 -57.99 -4.62 108.42
CA ASP K 123 -56.97 -3.57 108.40
C ASP K 123 -56.57 -3.24 109.83
N THR K 124 -55.30 -3.44 110.15
CA THR K 124 -54.79 -3.25 111.50
C THR K 124 -54.21 -1.86 111.72
N VAL K 125 -53.60 -1.26 110.68
CA VAL K 125 -53.11 0.10 110.81
C VAL K 125 -54.27 1.06 111.06
N ALA K 126 -55.36 0.88 110.33
CA ALA K 126 -56.64 1.53 110.59
C ALA K 126 -57.63 0.40 110.83
N ARG K 127 -57.75 -0.02 112.08
CA ARG K 127 -58.47 -1.24 112.43
C ARG K 127 -59.91 -1.20 111.94
N ASN K 128 -60.23 -2.02 110.95
CA ASN K 128 -61.55 -2.04 110.34
C ASN K 128 -61.65 -3.26 109.45
N LEU K 129 -62.84 -3.47 108.87
CA LEU K 129 -63.09 -4.55 107.94
C LEU K 129 -63.40 -3.95 106.57
N LYS K 130 -62.63 -4.35 105.56
CA LYS K 130 -62.81 -3.90 104.19
C LYS K 130 -63.08 -5.11 103.29
N LEU K 131 -63.33 -4.85 102.02
CA LEU K 131 -63.51 -5.90 101.02
C LEU K 131 -62.29 -5.92 100.11
N SER K 132 -61.69 -7.10 99.95
CA SER K 132 -60.47 -7.23 99.17
C SER K 132 -60.49 -8.55 98.40
N THR K 133 -59.74 -8.58 97.30
CA THR K 133 -59.59 -9.81 96.54
C THR K 133 -58.87 -10.86 97.38
N LEU K 134 -59.33 -12.10 97.29
CA LEU K 134 -58.77 -13.16 98.10
C LEU K 134 -57.33 -13.45 97.72
N ASN K 135 -56.50 -13.72 98.72
CA ASN K 135 -55.09 -13.99 98.52
C ASN K 135 -54.62 -14.92 99.63
N ASN K 136 -53.40 -15.43 99.47
CA ASN K 136 -52.80 -16.33 100.46
C ASN K 136 -52.14 -15.53 101.59
N SER K 137 -52.99 -14.87 102.37
CA SER K 137 -52.56 -14.05 103.49
C SER K 137 -53.42 -14.36 104.70
N SER K 138 -52.85 -14.11 105.89
CA SER K 138 -53.55 -14.36 107.13
C SER K 138 -54.54 -13.26 107.51
N TYR K 139 -54.48 -12.11 106.83
CA TYR K 139 -55.39 -11.02 107.17
C TYR K 139 -56.81 -11.30 106.71
N ILE K 140 -56.98 -12.03 105.60
CA ILE K 140 -58.32 -12.37 105.13
C ILE K 140 -58.90 -13.59 105.82
N LYS K 141 -58.09 -14.31 106.60
CA LYS K 141 -58.57 -15.47 107.34
C LYS K 141 -59.12 -15.04 108.69
N PHE K 142 -60.12 -15.79 109.16
CA PHE K 142 -60.78 -15.51 110.43
C PHE K 142 -61.00 -16.80 111.18
N ILE K 143 -61.47 -16.70 112.41
CA ILE K 143 -61.82 -17.84 113.24
C ILE K 143 -63.19 -17.58 113.84
N ILE K 144 -64.16 -18.45 113.55
CA ILE K 144 -65.51 -18.33 114.06
C ILE K 144 -65.73 -19.47 115.05
N GLU K 145 -66.12 -19.12 116.28
CA GLU K 145 -66.30 -20.12 117.32
C GLU K 145 -67.45 -19.73 118.22
N ASP K 146 -68.02 -20.72 118.89
CA ASP K 146 -69.11 -20.47 119.83
C ASP K 146 -68.66 -19.51 120.91
N TYR K 147 -69.53 -18.56 121.27
CA TYR K 147 -69.14 -17.51 122.20
C TYR K 147 -68.81 -18.06 123.58
N VAL K 148 -69.49 -19.13 124.01
CA VAL K 148 -69.15 -19.77 125.28
C VAL K 148 -67.74 -20.33 125.21
N ILE K 149 -67.42 -21.05 124.13
CA ILE K 149 -66.10 -21.67 124.00
C ILE K 149 -65.01 -20.61 123.96
N SER K 150 -65.22 -19.55 123.18
CA SER K 150 -64.22 -18.49 123.08
C SER K 150 -64.06 -17.76 124.41
N ASP K 151 -65.17 -17.50 125.10
CA ASP K 151 -65.12 -16.75 126.35
C ASP K 151 -64.48 -17.55 127.48
N PHE K 152 -64.67 -18.87 127.52
CA PHE K 152 -64.09 -19.70 128.57
C PHE K 152 -63.01 -20.62 128.04
N LYS K 153 -62.36 -20.24 126.94
CA LYS K 153 -61.21 -21.00 126.46
C LYS K 153 -60.01 -20.83 127.39
N ASN K 154 -59.73 -19.59 127.78
CA ASN K 154 -58.69 -19.30 128.78
C ASN K 154 -59.06 -17.98 129.43
N PHE K 155 -59.68 -18.05 130.62
CA PHE K 155 -60.17 -16.83 131.25
C PHE K 155 -60.12 -16.95 132.76
N THR K 156 -59.53 -15.96 133.41
CA THR K 156 -59.54 -15.86 134.87
C THR K 156 -60.79 -15.11 135.28
N CYS K 157 -61.83 -15.85 135.65
CA CYS K 157 -63.13 -15.29 135.96
C CYS K 157 -63.49 -15.59 137.41
N ARG K 158 -64.56 -14.94 137.88
CA ARG K 158 -65.11 -15.18 139.20
C ARG K 158 -66.59 -15.52 139.08
N ILE K 159 -67.02 -16.51 139.84
CA ILE K 159 -68.40 -17.00 139.81
C ILE K 159 -69.13 -16.42 141.00
N SER K 160 -70.31 -15.84 140.75
CA SER K 160 -71.10 -15.23 141.79
C SER K 160 -72.52 -15.78 141.80
N PRO K 161 -73.14 -15.93 142.97
CA PRO K 161 -74.51 -16.40 143.05
C PRO K 161 -75.49 -15.27 142.78
N ILE K 162 -76.77 -15.59 142.93
CA ILE K 162 -77.86 -14.63 142.69
C ILE K 162 -78.27 -14.00 144.01
N LEU K 163 -78.57 -12.70 143.98
CA LEU K 163 -78.93 -11.92 145.16
C LEU K 163 -77.78 -11.84 146.15
N ALA K 164 -76.54 -11.97 145.65
CA ALA K 164 -75.35 -11.85 146.49
C ALA K 164 -74.24 -11.27 145.61
N GLY K 165 -74.09 -9.94 145.68
CA GLY K 165 -73.05 -9.27 144.90
C GLY K 165 -71.68 -9.30 145.51
N GLY K 166 -71.59 -9.44 146.83
CA GLY K 166 -70.32 -9.51 147.51
C GLY K 166 -69.91 -10.91 147.91
N LYS K 167 -70.58 -11.91 147.33
CA LYS K 167 -70.33 -13.31 147.65
C LYS K 167 -69.69 -14.00 146.44
N VAL K 168 -68.66 -14.80 146.72
CA VAL K 168 -67.88 -15.47 145.69
C VAL K 168 -67.60 -16.89 146.18
N VAL K 169 -67.30 -17.78 145.24
CA VAL K 169 -66.94 -19.16 145.54
C VAL K 169 -65.44 -19.22 145.81
N GLN K 170 -65.06 -19.79 146.95
CA GLN K 170 -63.65 -19.90 147.31
C GLN K 170 -63.38 -21.21 148.05
N VAL K 172 -60.71 -21.51 150.88
CA VAL K 172 -60.56 -21.06 152.26
C VAL K 172 -59.09 -20.85 152.59
N SER K 173 -58.29 -21.91 152.43
CA SER K 173 -56.87 -21.85 152.73
C SER K 173 -56.15 -22.91 151.92
N MET K 174 -54.82 -22.76 151.84
CA MET K 174 -54.01 -23.71 151.08
C MET K 174 -54.07 -25.10 151.70
N THR K 175 -53.92 -25.18 153.03
CA THR K 175 -53.83 -26.47 153.70
C THR K 175 -55.10 -27.30 153.52
N ASN K 176 -56.26 -26.68 153.75
CA ASN K 176 -57.52 -27.39 153.62
C ASN K 176 -58.00 -27.38 152.17
N LEU K 177 -58.86 -28.34 151.84
CA LEU K 177 -59.42 -28.49 150.51
C LEU K 177 -60.93 -28.30 150.53
N ALA K 178 -61.40 -27.30 151.29
CA ALA K 178 -62.82 -27.01 151.41
C ALA K 178 -63.17 -25.77 150.60
N VAL K 179 -64.23 -25.87 149.80
CA VAL K 179 -64.69 -24.78 148.95
C VAL K 179 -66.09 -24.39 149.41
N ASN K 180 -66.29 -23.10 149.65
CA ASN K 180 -67.55 -22.60 150.20
C ASN K 180 -67.77 -21.19 149.66
N LEU K 181 -68.65 -20.43 150.32
CA LEU K 181 -68.97 -19.07 149.93
C LEU K 181 -68.23 -18.10 150.85
N TYR K 182 -67.59 -17.09 150.26
CA TYR K 182 -66.81 -16.11 151.02
C TYR K 182 -67.09 -14.72 150.44
N ILE K 183 -66.46 -13.71 151.06
CA ILE K 183 -66.63 -12.32 150.63
C ILE K 183 -65.62 -12.00 149.53
N TRP K 184 -65.85 -10.90 148.82
CA TRP K 184 -65.01 -10.49 147.70
C TRP K 184 -63.88 -9.60 148.22
N ASN K 185 -62.64 -10.10 148.12
CA ASN K 185 -61.48 -9.35 148.60
C ASN K 185 -60.28 -9.50 147.65
N ASN K 186 -60.55 -9.64 146.36
CA ASN K 186 -59.55 -9.79 145.29
C ASN K 186 -58.36 -10.67 145.69
N ASP K 187 -58.64 -11.78 146.37
CA ASP K 187 -57.60 -12.70 146.78
C ASP K 187 -57.15 -13.56 145.61
N LEU K 188 -55.97 -14.18 145.76
CA LEU K 188 -55.40 -14.99 144.69
C LEU K 188 -55.87 -16.43 144.70
N ASN K 189 -56.29 -16.95 145.86
CA ASN K 189 -56.86 -18.30 145.95
C ASN K 189 -58.38 -18.29 145.75
N GLN K 190 -58.89 -17.28 145.07
CA GLN K 190 -60.32 -17.01 145.05
C GLN K 190 -60.87 -16.79 143.64
N LYS K 191 -60.04 -16.34 142.70
CA LYS K 191 -60.46 -16.29 141.30
C LYS K 191 -60.14 -17.62 140.63
N TRP K 192 -60.97 -18.01 139.67
CA TRP K 192 -60.86 -19.32 139.03
C TRP K 192 -60.53 -19.17 137.56
N THR K 193 -59.54 -19.92 137.09
CA THR K 193 -59.14 -19.91 135.69
C THR K 193 -59.86 -21.04 134.97
N ILE K 194 -60.74 -20.69 134.05
CA ILE K 194 -61.43 -21.66 133.20
C ILE K 194 -60.62 -21.85 131.93
N ILE K 195 -60.32 -23.10 131.60
CA ILE K 195 -59.53 -23.46 130.43
C ILE K 195 -60.30 -24.51 129.64
N TYR K 196 -59.96 -24.64 128.36
CA TYR K 196 -60.60 -25.65 127.52
C TYR K 196 -59.97 -27.01 127.77
N GLU K 198 -60.11 -29.64 124.43
CA GLU K 198 -60.70 -29.69 123.10
C GLU K 198 -61.20 -31.10 122.79
N GLU K 199 -60.41 -32.11 123.14
CA GLU K 199 -60.80 -33.49 122.89
C GLU K 199 -62.04 -33.87 123.69
N LYS K 200 -62.11 -33.45 124.95
CA LYS K 200 -63.22 -33.81 125.83
C LYS K 200 -64.42 -32.90 125.68
N ALA K 201 -64.29 -31.80 124.92
CA ALA K 201 -65.38 -30.85 124.72
C ALA K 201 -65.95 -30.35 126.04
N ALA K 202 -65.05 -30.10 127.00
CA ALA K 202 -65.43 -29.63 128.32
C ALA K 202 -64.41 -28.60 128.78
N TYR K 203 -64.62 -28.07 129.99
CA TYR K 203 -63.75 -27.04 130.56
C TYR K 203 -63.20 -27.52 131.89
N GLN K 204 -61.98 -27.07 132.20
CA GLN K 204 -61.30 -27.40 133.44
C GLN K 204 -61.10 -26.13 134.26
N PHE K 205 -61.12 -26.30 135.57
CA PHE K 205 -60.99 -25.21 136.52
C PHE K 205 -59.63 -25.28 137.20
N PHE K 206 -58.97 -24.13 137.32
CA PHE K 206 -57.66 -24.03 137.95
C PHE K 206 -57.71 -22.94 139.02
N ASN K 207 -56.97 -23.15 140.11
CA ASN K 207 -56.86 -22.18 141.18
C ASN K 207 -55.60 -21.35 140.97
N LYS K 208 -55.75 -20.03 141.03
CA LYS K 208 -54.61 -19.14 140.74
C LYS K 208 -53.51 -19.30 141.78
N ILE K 209 -53.88 -19.41 143.06
CA ILE K 209 -52.87 -19.53 144.10
C ILE K 209 -52.49 -20.99 144.33
N LEU K 210 -53.47 -21.88 144.35
CA LEU K 210 -53.21 -23.29 144.57
C LEU K 210 -52.68 -23.91 143.28
N SER K 211 -51.40 -24.26 143.27
CA SER K 211 -50.80 -24.86 142.09
C SER K 211 -51.28 -26.29 141.92
N ASN K 212 -51.48 -26.70 140.66
CA ASN K 212 -51.96 -28.04 140.32
C ASN K 212 -53.28 -28.35 141.04
N GLY K 213 -54.17 -27.36 141.09
CA GLY K 213 -55.44 -27.52 141.78
C GLY K 213 -56.62 -27.60 140.83
N VAL K 214 -57.33 -28.73 140.88
CA VAL K 214 -58.51 -28.94 140.04
C VAL K 214 -59.65 -29.45 140.91
N LEU K 215 -60.88 -29.17 140.47
CA LEU K 215 -62.07 -29.57 141.21
C LEU K 215 -62.30 -31.06 141.07
N THR K 216 -62.50 -31.74 142.19
CA THR K 216 -62.75 -33.17 142.22
C THR K 216 -64.01 -33.46 143.04
N TRP K 217 -64.89 -34.29 142.50
CA TRP K 217 -66.12 -34.71 143.15
C TRP K 217 -65.98 -36.14 143.62
N ILE K 218 -66.28 -36.40 144.89
CA ILE K 218 -66.12 -37.72 145.47
C ILE K 218 -67.32 -38.57 145.08
N PHE K 219 -67.07 -39.58 144.23
CA PHE K 219 -68.13 -40.51 143.87
C PHE K 219 -68.59 -41.33 145.06
N SER K 220 -67.65 -41.74 145.92
CA SER K 220 -68.01 -42.52 147.11
C SER K 220 -68.83 -41.71 148.09
N ASP K 221 -68.51 -40.43 148.29
CA ASP K 221 -69.23 -39.59 149.23
C ASP K 221 -70.50 -39.05 148.56
N GLY K 222 -71.17 -38.12 149.24
CA GLY K 222 -72.42 -37.58 148.72
C GLY K 222 -72.26 -36.25 148.04
N ASN K 223 -72.73 -35.18 148.67
CA ASN K 223 -72.70 -33.83 148.10
C ASN K 223 -71.52 -33.09 148.70
N THR K 224 -70.33 -33.35 148.16
CA THR K 224 -69.11 -32.70 148.63
C THR K 224 -68.09 -32.71 147.50
N VAL K 225 -67.46 -31.56 147.27
CA VAL K 225 -66.41 -31.43 146.26
C VAL K 225 -65.20 -30.78 146.93
N ARG K 226 -64.02 -31.03 146.35
CA ARG K 226 -62.79 -30.47 146.90
C ARG K 226 -61.80 -30.11 145.80
N VAL K 227 -60.59 -29.73 146.17
CA VAL K 227 -59.52 -29.41 145.24
C VAL K 227 -58.41 -30.43 145.40
N SER K 228 -58.00 -31.04 144.30
CA SER K 228 -56.97 -32.07 144.31
C SER K 228 -56.07 -31.87 143.09
N SER K 229 -55.23 -32.87 142.82
CA SER K 229 -54.33 -32.84 141.68
C SER K 229 -54.97 -33.56 140.50
N SER K 230 -54.31 -33.48 139.35
CA SER K 230 -54.81 -34.14 138.15
C SER K 230 -54.66 -35.64 138.27
N ALA K 231 -55.74 -36.37 137.97
CA ALA K 231 -55.76 -37.83 138.04
C ALA K 231 -55.87 -38.47 136.66
N GLN K 232 -55.29 -37.81 135.65
CA GLN K 232 -55.32 -38.30 134.27
C GLN K 232 -56.75 -38.52 133.79
N ASN K 233 -57.09 -39.78 133.51
CA ASN K 233 -58.42 -40.13 133.01
C ASN K 233 -59.37 -40.27 134.20
N ASN K 234 -60.05 -39.18 134.53
CA ASN K 234 -61.02 -39.17 135.63
C ASN K 234 -62.27 -38.43 135.19
N ASP K 235 -63.43 -39.02 135.46
CA ASP K 235 -64.69 -38.39 135.07
C ASP K 235 -64.98 -37.14 135.90
N ALA K 236 -64.61 -37.14 137.18
CA ALA K 236 -64.88 -36.02 138.07
C ALA K 236 -63.76 -34.97 138.00
N GLN K 237 -63.43 -34.56 136.79
CA GLN K 237 -62.41 -33.52 136.58
C GLN K 237 -62.80 -32.47 135.55
N TYR K 238 -63.91 -32.63 134.84
CA TYR K 238 -64.32 -31.70 133.80
C TYR K 238 -65.78 -31.30 133.99
N TRP K 239 -66.10 -30.10 133.55
CA TRP K 239 -67.44 -29.55 133.69
C TRP K 239 -67.90 -28.97 132.35
N LEU K 240 -69.22 -28.89 132.19
CA LEU K 240 -69.84 -28.34 130.99
C LEU K 240 -70.60 -27.08 131.36
N ILE K 241 -70.36 -26.00 130.62
CA ILE K 241 -71.01 -24.71 130.83
C ILE K 241 -71.99 -24.48 129.69
N ASN K 242 -73.26 -24.27 130.02
CA ASN K 242 -74.28 -24.05 129.02
C ASN K 242 -75.17 -22.87 129.42
N PRO K 243 -75.60 -22.07 128.45
CA PRO K 243 -76.45 -20.92 128.77
C PRO K 243 -77.82 -21.35 129.24
N VAL K 244 -78.45 -20.47 130.02
CA VAL K 244 -79.79 -20.73 130.54
C VAL K 244 -80.83 -20.42 129.49
N ASN K 247 -81.03 -14.16 132.02
CA ASN K 247 -80.64 -13.48 130.80
C ASN K 247 -79.63 -14.30 130.01
N TYR K 248 -79.09 -13.71 128.95
CA TYR K 248 -78.12 -14.41 128.10
C TYR K 248 -76.74 -14.52 128.75
N ASP K 249 -76.50 -13.81 129.84
CA ASP K 249 -75.23 -13.85 130.54
C ASP K 249 -75.21 -14.85 131.69
N ARG K 250 -76.29 -15.61 131.87
CA ARG K 250 -76.38 -16.61 132.92
C ARG K 250 -76.09 -18.00 132.36
N TYR K 251 -75.33 -18.80 133.09
CA TYR K 251 -74.98 -20.15 132.67
C TYR K 251 -75.20 -21.12 133.83
N THR K 252 -75.31 -22.40 133.48
CA THR K 252 -75.54 -23.47 134.44
C THR K 252 -74.42 -24.49 134.28
N ILE K 253 -73.43 -24.45 135.18
CA ILE K 253 -72.32 -25.39 135.16
C ILE K 253 -72.82 -26.75 135.64
N THR K 254 -72.47 -27.80 134.90
CA THR K 254 -72.90 -29.15 135.21
C THR K 254 -71.70 -30.11 135.15
N ASN K 255 -71.82 -31.20 135.88
CA ASN K 255 -70.80 -32.25 135.88
C ASN K 255 -71.06 -33.23 134.74
N LEU K 256 -69.99 -33.83 134.25
CA LEU K 256 -70.08 -34.79 133.14
C LEU K 256 -70.33 -36.20 133.65
N ARG K 257 -71.37 -36.36 134.48
CA ARG K 257 -71.75 -37.67 134.99
C ARG K 257 -73.25 -37.89 134.86
N ASP K 258 -74.02 -36.79 134.88
CA ASP K 258 -75.47 -36.89 134.79
C ASP K 258 -76.09 -35.87 133.84
N LYS K 259 -75.35 -34.86 133.38
CA LYS K 259 -75.88 -33.84 132.47
C LYS K 259 -77.12 -33.16 133.04
N VAL K 262 -74.36 -30.21 138.65
CA VAL K 262 -75.16 -28.99 138.69
C VAL K 262 -74.92 -28.24 140.00
N LEU K 263 -74.02 -27.27 139.96
CA LEU K 263 -73.73 -26.46 141.14
C LEU K 263 -74.95 -25.63 141.52
N ASP K 264 -75.26 -25.61 142.82
CA ASP K 264 -76.41 -24.90 143.33
C ASP K 264 -76.04 -24.24 144.65
N LEU K 265 -76.97 -23.46 145.19
CA LEU K 265 -76.74 -22.75 146.45
C LEU K 265 -76.97 -23.71 147.62
N TYR K 266 -76.87 -23.20 148.84
CA TYR K 266 -77.07 -23.99 150.04
C TYR K 266 -78.51 -23.94 150.54
N GLY K 267 -79.39 -23.27 149.83
CA GLY K 267 -80.78 -23.17 150.23
C GLY K 267 -81.17 -21.78 150.68
N GLY K 268 -80.24 -21.08 151.30
CA GLY K 268 -80.49 -19.72 151.78
C GLY K 268 -79.23 -18.96 152.11
N ALA K 271 -75.03 -15.64 152.95
CA ALA K 271 -74.74 -16.70 153.90
C ALA K 271 -73.31 -17.20 153.75
N ASP K 272 -72.36 -16.44 154.30
CA ASP K 272 -70.95 -16.83 154.21
C ASP K 272 -70.69 -18.08 155.03
N GLY K 273 -69.83 -18.96 154.50
CA GLY K 273 -69.49 -20.19 155.17
C GLY K 273 -70.31 -21.40 154.79
N THR K 274 -71.09 -21.32 153.71
CA THR K 274 -71.93 -22.42 153.28
C THR K 274 -71.33 -23.09 152.06
N THR K 275 -71.13 -24.40 152.14
CA THR K 275 -70.62 -25.16 151.01
C THR K 275 -71.67 -25.26 149.91
N ILE K 276 -71.21 -25.22 148.66
CA ILE K 276 -72.12 -25.24 147.52
C ILE K 276 -72.52 -26.66 147.13
N GLN K 277 -71.62 -27.62 147.27
CA GLN K 277 -71.89 -29.04 147.02
C GLN K 277 -72.55 -29.28 145.66
N VAL K 278 -73.24 -30.41 145.54
CA VAL K 278 -74.07 -30.72 144.38
C VAL K 278 -75.36 -31.35 144.90
N PHE K 279 -76.46 -30.62 144.84
CA PHE K 279 -77.71 -31.04 145.48
C PHE K 279 -78.60 -31.82 144.51
N ASN K 280 -78.98 -31.19 143.40
CA ASN K 280 -79.93 -31.78 142.47
C ASN K 280 -79.39 -31.68 141.05
N SER K 281 -80.08 -32.36 140.13
CA SER K 281 -79.74 -32.32 138.72
C SER K 281 -80.34 -31.07 138.08
N ASN K 282 -80.33 -31.02 136.75
CA ASN K 282 -80.89 -29.88 136.04
C ASN K 282 -82.38 -29.75 136.32
N GLY K 283 -82.81 -28.52 136.59
CA GLY K 283 -84.22 -28.26 136.88
C GLY K 283 -84.44 -27.65 138.25
N ASN K 286 -83.45 -20.72 140.67
CA ASN K 286 -82.10 -20.76 141.22
C ASN K 286 -81.21 -21.67 140.38
N GLN K 287 -80.15 -22.21 141.01
CA GLN K 287 -79.20 -23.09 140.35
C GLN K 287 -78.56 -22.42 139.14
N ILE K 288 -78.32 -21.11 139.24
CA ILE K 288 -77.70 -20.33 138.18
C ILE K 288 -76.62 -19.45 138.79
N TRP K 289 -75.69 -19.02 137.95
CA TRP K 289 -74.53 -18.27 138.40
C TRP K 289 -74.27 -17.11 137.44
N THR K 290 -73.39 -16.21 137.85
CA THR K 290 -73.01 -15.05 137.04
C THR K 290 -71.49 -14.94 136.99
N MET K 291 -70.99 -14.41 135.88
CA MET K 291 -69.57 -14.25 135.66
C MET K 291 -69.14 -12.82 135.95
N SER K 292 -67.95 -12.67 136.54
CA SER K 292 -67.42 -11.34 136.84
C SER K 292 -65.91 -11.35 136.63
N ASN K 293 -65.37 -10.14 136.40
CA ASN K 293 -63.93 -9.96 136.20
C ASN K 293 -63.24 -9.69 137.54
N PRO K 294 -61.98 -10.13 137.69
CA PRO K 294 -61.22 -9.90 138.92
C PRO K 294 -60.95 -8.42 139.18
N SER L 10 -59.39 -33.14 108.81
CA SER L 10 -59.80 -34.54 108.93
C SER L 10 -59.56 -35.29 107.62
N LEU L 11 -58.90 -34.62 106.68
CA LEU L 11 -58.60 -35.18 105.36
C LEU L 11 -57.09 -35.23 105.19
N ASN L 12 -56.53 -36.44 105.28
CA ASN L 12 -55.08 -36.60 105.19
C ASN L 12 -54.77 -38.04 104.80
N ASP L 13 -54.11 -38.22 103.66
CA ASP L 13 -53.68 -39.53 103.17
C ASP L 13 -54.84 -40.51 103.10
N LYS L 14 -55.91 -40.07 102.43
CA LYS L 14 -57.12 -40.86 102.31
C LYS L 14 -57.62 -40.82 100.88
N ILE L 15 -57.98 -41.99 100.35
CA ILE L 15 -58.48 -42.07 98.99
C ILE L 15 -59.86 -41.43 98.90
N VAL L 16 -60.03 -40.50 97.96
CA VAL L 16 -61.27 -39.74 97.83
C VAL L 16 -61.64 -39.64 96.37
N THR L 17 -62.94 -39.54 96.10
CA THR L 17 -63.48 -39.23 94.79
C THR L 17 -64.12 -37.85 94.78
N ILE L 18 -64.16 -37.24 93.60
CA ILE L 18 -64.70 -35.90 93.40
C ILE L 18 -65.87 -36.00 92.43
N SER L 19 -66.99 -35.36 92.78
CA SER L 19 -68.16 -35.33 91.93
C SER L 19 -68.56 -33.89 91.66
N CYS L 20 -69.22 -33.67 90.52
CA CYS L 20 -69.67 -32.34 90.14
C CYS L 20 -71.14 -32.16 90.48
N LYS L 21 -71.51 -30.92 90.81
CA LYS L 21 -72.89 -30.61 91.16
C LYS L 21 -73.80 -30.56 89.94
N ALA L 22 -73.24 -30.38 88.73
CA ALA L 22 -74.08 -30.32 87.54
C ALA L 22 -74.79 -31.64 87.29
N ASN L 23 -74.08 -32.76 87.45
CA ASN L 23 -74.67 -34.07 87.26
C ASN L 23 -74.11 -35.03 88.31
N THR L 24 -75.01 -35.78 88.95
CA THR L 24 -74.59 -36.75 89.94
C THR L 24 -73.81 -37.92 89.33
N ASP L 25 -74.01 -38.19 88.03
CA ASP L 25 -73.30 -39.26 87.37
C ASP L 25 -71.86 -38.91 87.02
N LEU L 26 -71.60 -37.64 86.66
CA LEU L 26 -70.28 -37.25 86.19
C LEU L 26 -69.30 -37.16 87.35
N PHE L 27 -68.15 -37.82 87.19
CA PHE L 27 -67.11 -37.88 88.22
C PHE L 27 -65.76 -37.56 87.59
N PHE L 28 -64.78 -37.29 88.45
CA PHE L 28 -63.42 -37.08 87.99
C PHE L 28 -62.86 -38.39 87.45
N TYR L 29 -62.35 -38.36 86.21
CA TYR L 29 -61.82 -39.55 85.55
C TYR L 29 -60.46 -39.22 84.97
N GLN L 30 -59.51 -40.14 85.16
CA GLN L 30 -58.17 -40.01 84.62
C GLN L 30 -58.01 -40.96 83.44
N VAL L 31 -57.76 -40.41 82.26
CA VAL L 31 -57.63 -41.24 81.06
C VAL L 31 -56.29 -41.96 81.10
N PRO L 32 -56.25 -43.28 80.92
CA PRO L 32 -54.97 -43.98 80.88
C PRO L 32 -54.16 -43.59 79.66
N GLY L 33 -52.83 -43.63 79.83
CA GLY L 33 -51.93 -43.30 78.74
C GLY L 33 -51.50 -41.84 78.73
N ASN L 34 -52.46 -40.94 78.59
CA ASN L 34 -52.20 -39.50 78.55
C ASN L 34 -52.82 -38.85 79.78
N GLY L 35 -52.07 -37.95 80.42
CA GLY L 35 -52.57 -37.29 81.60
C GLY L 35 -53.53 -36.17 81.29
N ASN L 36 -54.83 -36.42 81.51
CA ASN L 36 -55.86 -35.41 81.26
C ASN L 36 -57.11 -35.83 82.00
N VAL L 37 -57.53 -35.02 82.98
CA VAL L 37 -58.74 -35.34 83.73
C VAL L 37 -59.96 -34.98 82.90
N SER L 38 -61.08 -35.66 83.18
CA SER L 38 -62.30 -35.49 82.41
C SER L 38 -63.47 -35.92 83.28
N LEU L 39 -64.67 -35.88 82.69
CA LEU L 39 -65.90 -36.30 83.36
C LEU L 39 -66.48 -37.46 82.56
N PHE L 40 -65.95 -38.66 82.80
CA PHE L 40 -66.35 -39.87 82.07
C PHE L 40 -67.28 -40.68 82.96
N GLN L 41 -68.55 -40.30 82.96
CA GLN L 41 -69.64 -41.03 83.63
C GLN L 41 -69.24 -41.34 85.07
N GLN L 42 -69.66 -42.51 85.57
CA GLN L 42 -69.25 -43.00 86.88
C GLN L 42 -68.71 -44.41 86.70
N THR L 43 -67.41 -44.58 86.93
CA THR L 43 -66.75 -45.87 86.84
C THR L 43 -66.07 -46.20 88.16
N ARG L 44 -66.27 -47.42 88.64
CA ARG L 44 -65.75 -47.86 89.93
C ARG L 44 -64.46 -48.63 89.70
N ASN L 45 -63.36 -47.89 89.57
CA ASN L 45 -62.05 -48.47 89.35
C ASN L 45 -60.99 -47.52 89.89
N TYR L 46 -59.73 -47.90 89.71
CA TYR L 46 -58.61 -47.10 90.21
C TYR L 46 -58.41 -45.81 89.44
N LEU L 47 -58.98 -45.69 88.23
CA LEU L 47 -58.81 -44.47 87.45
C LEU L 47 -59.51 -43.29 88.09
N GLU L 48 -60.68 -43.51 88.68
CA GLU L 48 -61.44 -42.45 89.35
C GLU L 48 -61.05 -42.28 90.81
N ARG L 49 -60.10 -43.06 91.31
CA ARG L 49 -59.64 -42.94 92.69
C ARG L 49 -58.51 -41.93 92.78
N TRP L 50 -58.57 -41.08 93.79
CA TRP L 50 -57.55 -40.05 93.99
C TRP L 50 -56.98 -40.12 95.40
N ARG L 51 -56.18 -39.13 95.76
CA ARG L 51 -55.57 -39.08 97.09
C ARG L 51 -55.29 -37.63 97.43
N ILE L 52 -55.44 -37.28 98.71
CA ILE L 52 -55.12 -35.95 99.19
C ILE L 52 -53.97 -36.07 100.18
N ILE L 53 -52.89 -35.33 99.92
CA ILE L 53 -51.72 -35.31 100.78
C ILE L 53 -51.57 -33.90 101.34
N TYR L 54 -51.59 -33.78 102.67
CA TYR L 54 -51.48 -32.47 103.30
C TYR L 54 -50.03 -32.15 103.64
N ASP L 55 -49.64 -30.92 103.36
CA ASP L 55 -48.30 -30.39 103.61
C ASP L 55 -48.40 -29.32 104.69
N SER L 56 -47.79 -29.59 105.85
CA SER L 56 -47.88 -28.65 106.97
C SER L 56 -46.82 -27.56 106.91
N ASN L 57 -46.69 -26.90 105.76
CA ASN L 57 -45.81 -25.74 105.63
C ASN L 57 -46.46 -24.51 105.03
N LYS L 58 -47.52 -24.66 104.23
CA LYS L 58 -48.22 -23.51 103.67
C LYS L 58 -49.73 -23.70 103.67
N ALA L 59 -50.24 -24.69 104.40
CA ALA L 59 -51.67 -24.99 104.47
C ALA L 59 -52.25 -25.23 103.08
N ALA L 60 -51.63 -26.16 102.37
CA ALA L 60 -52.03 -26.54 101.02
C ALA L 60 -52.24 -28.06 100.98
N TYR L 61 -52.77 -28.53 99.85
CA TYR L 61 -53.07 -29.94 99.67
C TYR L 61 -52.54 -30.40 98.32
N LYS L 62 -52.83 -31.65 97.98
CA LYS L 62 -52.40 -32.24 96.72
C LYS L 62 -53.45 -33.24 96.27
N ILE L 63 -53.46 -33.53 94.97
CA ILE L 63 -54.39 -34.49 94.38
C ILE L 63 -53.54 -35.49 93.60
N LYS L 64 -53.20 -36.60 94.25
CA LYS L 64 -52.38 -37.64 93.63
C LYS L 64 -53.30 -38.73 93.07
N SER L 65 -53.19 -38.97 91.77
CA SER L 65 -54.00 -40.00 91.15
C SER L 65 -53.54 -41.38 91.59
N MET L 66 -54.49 -42.30 91.74
CA MET L 66 -54.19 -43.67 92.17
C MET L 66 -54.05 -44.58 90.95
N ASN L 67 -52.96 -44.34 90.21
CA ASN L 67 -52.66 -45.10 89.00
C ASN L 67 -51.50 -46.05 89.28
N ILE L 68 -51.71 -47.33 88.97
CA ILE L 68 -50.67 -48.33 89.23
C ILE L 68 -49.49 -48.14 88.29
N TYR L 69 -49.76 -47.91 87.00
CA TYR L 69 -48.68 -47.77 86.02
C TYR L 69 -47.82 -46.54 86.29
N ASN L 70 -48.45 -45.43 86.66
CA ASN L 70 -47.73 -44.18 86.95
C ASN L 70 -48.32 -43.58 88.21
N THR L 71 -47.74 -43.93 89.36
CA THR L 71 -48.23 -43.42 90.64
C THR L 71 -48.02 -41.92 90.76
N ASN L 72 -46.87 -41.42 90.28
CA ASN L 72 -46.54 -40.00 90.37
C ASN L 72 -47.19 -39.26 89.20
N LEU L 73 -48.51 -39.08 89.32
CA LEU L 73 -49.32 -38.38 88.32
C LEU L 73 -50.25 -37.39 89.00
N VAL L 74 -49.68 -36.59 89.92
CA VAL L 74 -50.48 -35.64 90.67
C VAL L 74 -51.09 -34.60 89.72
N LEU L 75 -52.18 -33.99 90.18
CA LEU L 75 -52.87 -32.98 89.39
C LEU L 75 -52.05 -31.70 89.33
N THR L 76 -51.55 -31.37 88.16
CA THR L 76 -50.71 -30.19 87.96
C THR L 76 -51.49 -29.10 87.25
N TRP L 77 -50.96 -27.88 87.31
CA TRP L 77 -51.51 -26.75 86.59
C TRP L 77 -50.43 -26.23 85.64
N ASN L 78 -50.79 -26.07 84.37
CA ASN L 78 -49.86 -25.56 83.37
C ASN L 78 -49.81 -24.04 83.42
N ALA L 79 -49.25 -23.43 82.38
CA ALA L 79 -49.18 -21.98 82.22
C ALA L 79 -50.59 -21.40 82.25
N PRO L 80 -50.75 -20.07 82.36
CA PRO L 80 -52.10 -19.49 82.34
C PRO L 80 -52.76 -19.60 80.98
N THR L 81 -53.22 -20.80 80.62
CA THR L 81 -53.89 -21.05 79.36
C THR L 81 -55.23 -21.76 79.53
N HIS L 82 -55.83 -21.70 80.73
CA HIS L 82 -57.19 -22.15 80.97
C HIS L 82 -57.34 -23.67 80.85
N ASN L 83 -56.29 -24.43 81.18
CA ASN L 83 -56.33 -25.88 81.15
C ASN L 83 -55.87 -26.28 82.55
N ILE L 84 -55.92 -27.59 82.84
CA ILE L 84 -55.53 -28.17 84.09
C ILE L 84 -54.96 -29.66 83.94
N SER L 85 -54.24 -29.78 82.82
CA SER L 85 -53.76 -31.08 82.37
C SER L 85 -52.79 -31.46 83.48
N ALA L 86 -52.81 -32.74 83.84
CA ALA L 86 -51.99 -33.26 84.93
C ALA L 86 -50.71 -33.88 84.37
N GLN L 87 -49.65 -33.81 85.17
CA GLN L 87 -48.34 -34.31 84.79
C GLN L 87 -47.72 -34.98 86.01
N GLN L 88 -46.41 -35.23 85.93
CA GLN L 88 -45.69 -35.88 87.02
C GLN L 88 -45.60 -34.93 88.23
N ASP L 89 -44.97 -35.41 89.29
CA ASP L 89 -44.87 -34.67 90.54
C ASP L 89 -43.56 -33.90 90.59
N SER L 90 -43.65 -32.61 90.91
CA SER L 90 -42.48 -31.76 91.03
C SER L 90 -42.48 -30.89 92.29
N ASN L 91 -43.59 -30.82 93.02
CA ASN L 91 -43.70 -30.03 94.25
C ASN L 91 -43.36 -28.56 93.98
N ALA L 92 -44.14 -27.95 93.11
CA ALA L 92 -43.97 -26.56 92.73
C ALA L 92 -45.10 -25.72 93.33
N ASP L 93 -45.00 -24.40 93.15
CA ASP L 93 -46.04 -23.50 93.66
C ASP L 93 -47.37 -23.75 92.96
N ASN L 94 -47.33 -23.96 91.64
CA ASN L 94 -48.52 -24.24 90.85
C ASN L 94 -48.93 -25.70 90.90
N GLN L 95 -48.38 -26.47 91.86
CA GLN L 95 -48.70 -27.89 91.98
C GLN L 95 -49.71 -28.18 93.08
N TYR L 96 -49.78 -27.34 94.12
CA TYR L 96 -50.67 -27.56 95.24
C TYR L 96 -52.02 -26.91 94.99
N TRP L 97 -53.04 -27.42 95.68
CA TRP L 97 -54.39 -26.88 95.60
C TRP L 97 -54.95 -26.74 97.01
N LEU L 98 -55.67 -25.65 97.26
CA LEU L 98 -56.29 -25.42 98.54
C LEU L 98 -57.79 -25.70 98.44
N LEU L 99 -58.30 -26.45 99.41
CA LEU L 99 -59.70 -26.85 99.45
C LEU L 99 -60.42 -26.08 100.55
N LEU L 100 -61.52 -25.42 100.19
CA LEU L 100 -62.35 -24.69 101.14
C LEU L 100 -63.70 -25.38 101.21
N LYS L 101 -64.08 -25.84 102.40
CA LYS L 101 -65.33 -26.55 102.60
C LYS L 101 -66.42 -25.53 102.87
N ASP L 102 -67.31 -25.34 101.90
CA ASP L 102 -68.49 -24.50 102.10
C ASP L 102 -69.45 -25.23 103.03
N ILE L 103 -69.52 -24.78 104.28
CA ILE L 103 -70.39 -25.44 105.26
C ILE L 103 -71.84 -25.33 104.83
N GLY L 104 -72.20 -24.20 104.21
CA GLY L 104 -73.48 -24.13 103.52
C GLY L 104 -73.51 -25.07 102.33
N ASN L 105 -74.54 -25.91 102.28
CA ASN L 105 -74.74 -26.95 101.28
C ASN L 105 -73.69 -28.05 101.35
N ASN L 106 -72.74 -27.95 102.28
CA ASN L 106 -71.67 -28.94 102.45
C ASN L 106 -70.95 -29.23 101.13
N SER L 107 -70.42 -28.19 100.48
CA SER L 107 -69.75 -28.34 99.21
C SER L 107 -68.25 -28.08 99.38
N PHE L 108 -67.51 -28.17 98.28
CA PHE L 108 -66.07 -27.92 98.32
C PHE L 108 -65.69 -27.03 97.15
N ILE L 109 -64.73 -26.13 97.39
CA ILE L 109 -64.19 -25.26 96.36
C ILE L 109 -62.68 -25.46 96.31
N ILE L 110 -62.17 -25.73 95.12
CA ILE L 110 -60.75 -25.99 94.91
C ILE L 110 -60.13 -24.76 94.24
N ALA L 111 -59.05 -24.25 94.83
CA ALA L 111 -58.36 -23.08 94.31
C ALA L 111 -56.89 -23.39 94.12
N SER L 112 -56.26 -22.69 93.18
CA SER L 112 -54.84 -22.88 92.91
C SER L 112 -54.00 -22.20 93.96
N TYR L 113 -52.92 -22.87 94.38
CA TYR L 113 -52.03 -22.30 95.38
C TYR L 113 -51.28 -21.08 94.84
N LYS L 114 -50.94 -21.10 93.54
CA LYS L 114 -50.23 -19.97 92.96
C LYS L 114 -51.07 -18.70 93.02
N ASN L 115 -52.36 -18.80 92.73
CA ASN L 115 -53.28 -17.68 92.84
C ASN L 115 -54.66 -18.20 93.21
N PRO L 116 -55.17 -17.86 94.40
CA PRO L 116 -56.46 -18.41 94.83
C PRO L 116 -57.65 -17.81 94.10
N ASN L 117 -57.45 -16.79 93.26
CA ASN L 117 -58.56 -16.21 92.52
C ASN L 117 -59.12 -17.15 91.47
N LEU L 118 -58.44 -18.26 91.18
CA LEU L 118 -58.88 -19.22 90.18
C LEU L 118 -59.47 -20.45 90.86
N VAL L 119 -60.68 -20.83 90.43
CA VAL L 119 -61.37 -21.99 90.96
C VAL L 119 -61.84 -22.86 89.79
N LEU L 120 -62.09 -24.12 90.10
CA LEU L 120 -62.49 -25.08 89.08
C LEU L 120 -63.92 -24.83 88.64
N TYR L 121 -64.17 -25.01 87.34
CA TYR L 121 -65.47 -24.80 86.73
C TYR L 121 -65.77 -25.94 85.79
N ALA L 122 -67.03 -26.39 85.80
CA ALA L 122 -67.48 -27.49 84.95
C ALA L 122 -68.30 -26.90 83.81
N ASP L 123 -67.74 -26.93 82.60
CA ASP L 123 -68.45 -26.38 81.44
C ASP L 123 -69.57 -27.30 80.97
N THR L 124 -69.43 -28.61 81.19
CA THR L 124 -70.46 -29.60 80.83
C THR L 124 -70.86 -29.52 79.35
N VAL L 125 -69.94 -29.05 78.51
CA VAL L 125 -70.21 -28.97 77.08
C VAL L 125 -69.04 -29.58 76.31
N ALA L 126 -67.92 -29.78 77.00
CA ALA L 126 -66.73 -30.35 76.38
C ALA L 126 -66.07 -31.43 77.24
N ARG L 127 -66.70 -31.79 78.37
CA ARG L 127 -66.16 -32.80 79.29
C ARG L 127 -64.74 -32.43 79.73
N ASN L 128 -64.63 -31.24 80.31
CA ASN L 128 -63.34 -30.73 80.75
C ASN L 128 -63.58 -29.79 81.93
N LEU L 129 -62.49 -29.39 82.57
CA LEU L 129 -62.54 -28.48 83.71
C LEU L 129 -61.79 -27.19 83.34
N LYS L 130 -62.43 -26.06 83.59
CA LYS L 130 -61.80 -24.77 83.34
C LYS L 130 -61.38 -24.13 84.66
N LEU L 131 -60.50 -23.14 84.55
CA LEU L 131 -60.04 -22.38 85.72
C LEU L 131 -60.59 -20.97 85.58
N SER L 132 -61.68 -20.69 86.31
CA SER L 132 -62.41 -19.45 86.16
C SER L 132 -62.41 -18.67 87.47
N THR L 133 -63.16 -17.58 87.51
CA THR L 133 -63.33 -16.81 88.72
C THR L 133 -64.54 -17.31 89.51
N LEU L 134 -64.64 -16.86 90.76
CA LEU L 134 -65.75 -17.27 91.61
C LEU L 134 -67.07 -16.70 91.06
N ASN L 135 -68.09 -17.55 91.02
CA ASN L 135 -69.39 -17.18 90.49
C ASN L 135 -70.48 -17.78 91.36
N ASN L 136 -71.72 -17.41 91.05
CA ASN L 136 -72.88 -17.94 91.77
C ASN L 136 -73.45 -19.20 91.12
N SER L 137 -72.84 -19.67 90.04
CA SER L 137 -73.32 -20.88 89.37
C SER L 137 -72.97 -22.11 90.19
N SER L 138 -73.63 -23.23 89.85
CA SER L 138 -73.42 -24.47 90.56
C SER L 138 -72.18 -25.23 90.09
N TYR L 139 -71.53 -24.78 89.02
CA TYR L 139 -70.38 -25.47 88.47
C TYR L 139 -69.07 -25.08 89.15
N ILE L 140 -69.09 -24.11 90.06
CA ILE L 140 -67.85 -23.67 90.69
C ILE L 140 -67.46 -24.53 91.88
N LYS L 141 -68.40 -25.26 92.47
CA LYS L 141 -68.13 -26.12 93.60
C LYS L 141 -68.31 -27.58 93.22
N PHE L 142 -67.81 -28.47 94.08
CA PHE L 142 -67.83 -29.91 93.84
C PHE L 142 -68.20 -30.61 95.15
N ILE L 143 -68.17 -31.94 95.11
CA ILE L 143 -68.45 -32.76 96.27
C ILE L 143 -67.28 -33.73 96.48
N ILE L 144 -66.72 -33.73 97.67
CA ILE L 144 -65.63 -34.62 98.05
C ILE L 144 -66.23 -35.77 98.84
N GLU L 145 -65.98 -37.00 98.41
CA GLU L 145 -66.51 -38.16 99.12
C GLU L 145 -65.43 -39.22 99.22
N ASP L 146 -65.66 -40.19 100.10
CA ASP L 146 -64.71 -41.30 100.26
C ASP L 146 -65.03 -42.39 99.26
N TYR L 147 -63.97 -43.04 98.75
CA TYR L 147 -64.15 -43.98 97.65
C TYR L 147 -64.93 -45.22 98.05
N VAL L 148 -64.96 -45.56 99.34
CA VAL L 148 -65.70 -46.74 99.78
C VAL L 148 -67.16 -46.42 100.07
N ILE L 149 -67.49 -45.17 100.35
CA ILE L 149 -68.87 -44.79 100.62
C ILE L 149 -69.58 -44.23 99.38
N SER L 150 -68.84 -43.65 98.44
CA SER L 150 -69.47 -43.07 97.26
C SER L 150 -69.96 -44.16 96.30
N ASP L 151 -69.17 -45.21 96.10
CA ASP L 151 -69.53 -46.23 95.12
C ASP L 151 -70.62 -47.15 95.63
N PHE L 152 -70.72 -47.34 96.94
CA PHE L 152 -71.70 -48.27 97.50
C PHE L 152 -72.97 -47.54 97.92
N LYS L 153 -73.23 -46.37 97.35
CA LYS L 153 -74.50 -45.70 97.59
C LYS L 153 -75.67 -46.41 96.92
N ASN L 154 -75.52 -46.79 95.64
CA ASN L 154 -76.57 -47.53 94.95
C ASN L 154 -75.95 -48.62 94.09
N PHE L 155 -74.96 -49.34 94.62
CA PHE L 155 -74.28 -50.38 93.86
C PHE L 155 -75.13 -51.65 93.82
N THR L 156 -74.62 -52.69 93.16
CA THR L 156 -75.34 -53.95 93.05
C THR L 156 -74.39 -55.14 93.18
N ARG L 158 -71.62 -57.89 92.03
CA ARG L 158 -72.03 -59.18 92.57
C ARG L 158 -71.14 -59.60 93.73
N ILE L 159 -71.78 -59.86 94.88
CA ILE L 159 -71.07 -60.28 96.07
C ILE L 159 -70.46 -61.66 95.80
N SER L 160 -69.13 -61.73 95.76
CA SER L 160 -68.46 -62.98 95.45
C SER L 160 -67.34 -63.24 96.45
N PRO L 161 -67.06 -64.50 96.75
CA PRO L 161 -65.92 -64.83 97.62
C PRO L 161 -64.63 -64.92 96.80
N ILE L 162 -63.56 -65.32 97.48
CA ILE L 162 -62.27 -65.49 96.82
C ILE L 162 -62.32 -66.65 95.83
N GLY L 165 -64.54 -67.59 92.94
CA GLY L 165 -64.29 -66.63 91.89
C GLY L 165 -65.56 -66.09 91.25
N GLY L 166 -66.06 -66.80 90.24
CA GLY L 166 -67.27 -66.40 89.55
C GLY L 166 -68.56 -66.72 90.27
N LYS L 167 -68.49 -67.50 91.35
CA LYS L 167 -69.69 -67.82 92.10
C LYS L 167 -70.20 -66.60 92.85
N VAL L 168 -71.53 -66.48 92.95
CA VAL L 168 -72.18 -65.36 93.59
C VAL L 168 -73.17 -65.89 94.62
N VAL L 169 -73.89 -64.96 95.24
CA VAL L 169 -74.85 -65.29 96.30
C VAL L 169 -76.23 -65.43 95.69
N GLN L 170 -77.09 -66.20 96.37
CA GLN L 170 -78.45 -66.45 95.93
C GLN L 170 -79.29 -66.76 97.16
N GLN L 171 -80.28 -65.90 97.43
CA GLN L 171 -81.17 -66.08 98.58
C GLN L 171 -82.25 -67.10 98.22
N VAL L 172 -81.80 -68.36 98.13
CA VAL L 172 -82.58 -69.54 97.73
C VAL L 172 -83.66 -69.20 96.69
N SER L 173 -84.85 -68.85 97.14
CA SER L 173 -85.95 -68.53 96.23
C SER L 173 -86.82 -67.46 96.88
N MET L 174 -87.98 -67.20 96.29
CA MET L 174 -88.91 -66.21 96.83
C MET L 174 -89.76 -66.75 97.96
N THR L 175 -89.78 -68.06 98.18
CA THR L 175 -90.59 -68.63 99.25
C THR L 175 -89.88 -68.53 100.58
N ASN L 176 -88.67 -69.07 100.68
CA ASN L 176 -87.88 -69.01 101.90
C ASN L 176 -86.75 -68.00 101.74
N LEU L 177 -86.19 -67.60 102.87
CA LEU L 177 -85.14 -66.58 102.93
C LEU L 177 -83.90 -67.19 103.57
N ALA L 178 -82.90 -67.50 102.76
CA ALA L 178 -81.67 -68.14 103.22
C ALA L 178 -80.52 -67.61 102.38
N VAL L 179 -79.37 -68.28 102.48
CA VAL L 179 -78.18 -67.91 101.71
C VAL L 179 -77.66 -69.16 101.01
N ASN L 180 -77.23 -68.99 99.76
CA ASN L 180 -76.63 -70.08 99.00
C ASN L 180 -75.58 -69.50 98.06
N LEU L 181 -74.62 -70.34 97.69
CA LEU L 181 -73.55 -69.96 96.78
C LEU L 181 -73.79 -70.64 95.44
N TYR L 182 -74.16 -69.85 94.43
CA TYR L 182 -74.47 -70.40 93.12
C TYR L 182 -73.91 -69.48 92.04
N ILE L 183 -73.72 -70.05 90.86
CA ILE L 183 -73.19 -69.30 89.71
C ILE L 183 -74.23 -68.27 89.27
N TRP L 184 -73.79 -67.31 88.47
CA TRP L 184 -74.69 -66.26 87.99
C TRP L 184 -75.63 -66.83 86.93
N ASN L 185 -76.93 -66.70 87.17
CA ASN L 185 -77.95 -67.20 86.25
C ASN L 185 -78.98 -66.11 85.97
N ASN L 186 -78.51 -64.86 85.87
CA ASN L 186 -79.31 -63.67 85.54
C ASN L 186 -80.71 -63.72 86.16
N ASP L 187 -80.75 -64.03 87.46
CA ASP L 187 -81.99 -64.11 88.21
C ASP L 187 -82.22 -62.83 89.00
N LEU L 188 -83.49 -62.42 89.09
CA LEU L 188 -83.83 -61.20 89.81
C LEU L 188 -83.52 -61.31 91.29
N ASN L 189 -83.74 -62.49 91.88
CA ASN L 189 -83.49 -62.69 93.30
C ASN L 189 -82.01 -62.62 93.65
N GLN L 190 -81.11 -62.70 92.67
CA GLN L 190 -79.69 -62.59 92.93
C GLN L 190 -79.20 -61.16 92.99
N LYS L 191 -80.06 -60.18 92.74
CA LYS L 191 -79.68 -58.78 92.74
C LYS L 191 -79.76 -58.22 94.15
N TRP L 192 -78.65 -57.65 94.63
CA TRP L 192 -78.55 -57.07 95.96
C TRP L 192 -78.12 -55.63 95.83
N THR L 193 -79.02 -54.70 96.19
CA THR L 193 -78.73 -53.27 96.14
C THR L 193 -78.16 -52.84 97.49
N ILE L 194 -76.96 -52.28 97.47
CA ILE L 194 -76.30 -51.80 98.67
C ILE L 194 -76.56 -50.31 98.77
N ILE L 195 -77.39 -49.91 99.72
CA ILE L 195 -77.73 -48.51 99.92
C ILE L 195 -77.05 -48.01 101.19
N TYR L 196 -76.51 -46.80 101.13
CA TYR L 196 -75.77 -46.21 102.24
C TYR L 196 -76.66 -45.18 102.94
N ASN L 197 -76.88 -45.37 104.23
CA ASN L 197 -77.64 -44.44 105.05
C ASN L 197 -76.67 -43.58 105.86
N GLU L 198 -76.80 -42.26 105.72
CA GLU L 198 -75.94 -41.33 106.42
C GLU L 198 -76.45 -40.96 107.81
N GLU L 199 -77.66 -41.37 108.16
CA GLU L 199 -78.18 -41.11 109.51
C GLU L 199 -77.33 -41.81 110.55
N LYS L 200 -76.95 -43.07 110.29
CA LYS L 200 -76.06 -43.82 111.16
C LYS L 200 -74.80 -44.26 110.44
N ALA L 201 -74.61 -43.84 109.18
CA ALA L 201 -73.46 -44.21 108.37
C ALA L 201 -73.30 -45.73 108.28
N ALA L 202 -74.31 -46.36 107.68
CA ALA L 202 -74.34 -47.82 107.58
C ALA L 202 -74.79 -48.23 106.18
N TYR L 203 -74.82 -49.54 105.94
CA TYR L 203 -75.19 -50.10 104.65
C TYR L 203 -76.34 -51.08 104.83
N GLN L 204 -77.26 -51.06 103.87
CA GLN L 204 -78.39 -51.98 103.83
C GLN L 204 -78.38 -52.71 102.50
N PHE L 205 -78.52 -54.04 102.54
CA PHE L 205 -78.59 -54.87 101.34
C PHE L 205 -80.04 -55.25 101.11
N PHE L 206 -80.62 -54.72 100.03
CA PHE L 206 -82.01 -54.95 99.68
C PHE L 206 -82.10 -55.89 98.49
N ASN L 207 -82.94 -56.91 98.60
CA ASN L 207 -83.15 -57.89 97.53
C ASN L 207 -84.37 -57.51 96.71
N LYS L 208 -84.57 -58.26 95.62
CA LYS L 208 -85.70 -58.04 94.73
C LYS L 208 -86.70 -59.19 94.83
N VAL L 214 -82.63 -56.05 104.15
CA VAL L 214 -82.16 -55.90 105.51
C VAL L 214 -81.55 -57.20 106.02
N LEU L 215 -80.23 -57.33 105.90
CA LEU L 215 -79.51 -58.53 106.31
C LEU L 215 -79.51 -58.60 107.83
N THR L 216 -80.41 -59.40 108.39
CA THR L 216 -80.51 -59.56 109.84
C THR L 216 -79.82 -60.87 110.24
N TRP L 217 -78.88 -60.77 111.17
CA TRP L 217 -78.13 -61.93 111.64
C TRP L 217 -77.54 -61.61 113.01
N ILE L 218 -76.85 -62.60 113.57
CA ILE L 218 -76.21 -62.50 114.88
C ILE L 218 -77.24 -62.06 115.93
N PHE L 219 -78.37 -62.78 115.99
CA PHE L 219 -79.40 -62.51 116.97
C PHE L 219 -80.16 -63.78 117.34
N ASP L 221 -79.19 -66.95 117.07
CA ASP L 221 -78.74 -68.33 117.26
C ASP L 221 -77.51 -68.61 116.40
N GLY L 222 -76.37 -68.05 116.80
CA GLY L 222 -75.14 -68.24 116.06
C GLY L 222 -75.10 -67.45 114.76
N ASN L 223 -75.16 -68.15 113.63
CA ASN L 223 -75.18 -67.47 112.34
C ASN L 223 -76.53 -66.80 112.09
N THR L 224 -77.60 -67.61 112.05
CA THR L 224 -78.99 -67.17 111.85
C THR L 224 -79.09 -66.02 110.84
N VAL L 225 -78.39 -66.19 109.72
CA VAL L 225 -78.36 -65.17 108.68
C VAL L 225 -79.63 -65.25 107.85
N ARG L 226 -80.23 -64.10 107.55
CA ARG L 226 -81.46 -64.01 106.79
C ARG L 226 -81.71 -62.56 106.44
N VAL L 227 -82.86 -62.30 105.83
CA VAL L 227 -83.28 -60.95 105.49
C VAL L 227 -84.71 -60.74 105.99
N SER L 228 -85.06 -59.47 106.18
CA SER L 228 -86.39 -59.12 106.66
C SER L 228 -86.87 -57.80 106.05
N GLN L 232 -87.57 -50.58 110.68
CA GLN L 232 -87.26 -51.72 111.54
C GLN L 232 -86.45 -51.27 112.75
N ASN L 233 -85.54 -50.32 112.53
CA ASN L 233 -84.67 -49.80 113.59
C ASN L 233 -83.88 -50.91 114.28
N ASN L 234 -83.35 -51.83 113.48
CA ASN L 234 -82.59 -52.96 113.98
C ASN L 234 -81.11 -52.77 113.69
N ASP L 235 -80.28 -53.05 114.69
CA ASP L 235 -78.84 -52.89 114.55
C ASP L 235 -78.18 -54.02 113.78
N ALA L 236 -78.87 -55.15 113.59
CA ALA L 236 -78.31 -56.25 112.82
C ALA L 236 -78.34 -55.99 111.32
N GLN L 237 -79.35 -55.27 110.84
CA GLN L 237 -79.47 -54.95 109.42
C GLN L 237 -78.43 -53.94 108.95
N TYR L 238 -77.69 -53.33 109.86
CA TYR L 238 -76.71 -52.29 109.54
C TYR L 238 -75.33 -52.94 109.44
N TRP L 239 -74.64 -52.69 108.33
CA TRP L 239 -73.33 -53.27 108.07
C TRP L 239 -72.37 -52.19 107.60
N LEU L 240 -71.08 -52.45 107.79
CA LEU L 240 -70.02 -51.54 107.39
C LEU L 240 -69.02 -52.28 106.50
N ILE L 241 -68.56 -51.60 105.46
CA ILE L 241 -67.62 -52.15 104.49
C ILE L 241 -66.26 -51.56 104.76
N ASN L 242 -65.26 -52.42 104.97
CA ASN L 242 -63.91 -51.99 105.27
C ASN L 242 -62.94 -52.56 104.24
N PRO L 243 -62.10 -51.74 103.62
CA PRO L 243 -61.12 -52.27 102.66
C PRO L 243 -60.08 -53.14 103.35
N VAL L 244 -59.56 -54.10 102.60
CA VAL L 244 -58.54 -55.00 103.11
C VAL L 244 -57.20 -54.73 102.43
N ASN L 247 -54.89 -56.17 97.94
CA ASN L 247 -55.63 -55.58 96.83
C ASN L 247 -56.76 -54.69 97.32
N TYR L 248 -56.96 -53.57 96.63
CA TYR L 248 -58.02 -52.63 97.00
C TYR L 248 -59.37 -53.00 96.43
N ASP L 249 -59.46 -54.06 95.62
CA ASP L 249 -60.73 -54.49 95.05
C ASP L 249 -61.49 -55.47 95.94
N ARG L 250 -60.88 -55.92 97.04
CA ARG L 250 -61.50 -56.87 97.95
C ARG L 250 -61.69 -56.21 99.30
N TYR L 251 -62.90 -56.34 99.86
CA TYR L 251 -63.21 -55.72 101.14
C TYR L 251 -63.77 -56.74 102.12
N THR L 252 -64.25 -56.27 103.27
CA THR L 252 -64.90 -57.12 104.25
C THR L 252 -66.13 -56.40 104.80
N ILE L 253 -67.08 -57.17 105.28
CA ILE L 253 -68.34 -56.66 105.80
C ILE L 253 -68.43 -57.01 107.28
N THR L 254 -68.72 -56.01 108.11
CA THR L 254 -68.78 -56.19 109.56
C THR L 254 -70.09 -55.63 110.09
N ASN L 255 -70.71 -56.37 111.01
CA ASN L 255 -71.94 -55.91 111.63
C ASN L 255 -71.68 -54.72 112.53
N LEU L 256 -72.60 -53.76 112.52
CA LEU L 256 -72.43 -52.55 113.33
C LEU L 256 -72.50 -52.88 114.81
N ARG L 257 -73.54 -53.61 115.23
CA ARG L 257 -73.70 -53.99 116.62
C ARG L 257 -72.72 -55.12 116.95
N ASP L 258 -71.94 -54.93 118.02
CA ASP L 258 -70.91 -55.89 118.42
C ASP L 258 -69.93 -56.13 117.27
N LYS L 259 -69.18 -55.08 116.94
CA LYS L 259 -68.28 -55.08 115.78
C LYS L 259 -67.02 -55.89 116.10
N THR L 260 -67.21 -57.22 116.16
CA THR L 260 -66.10 -58.15 116.30
C THR L 260 -66.26 -59.36 115.40
N LYS L 261 -67.34 -59.46 114.64
CA LYS L 261 -67.62 -60.58 113.76
C LYS L 261 -67.69 -60.11 112.32
N VAL L 262 -67.11 -60.90 111.41
CA VAL L 262 -67.10 -60.58 110.00
C VAL L 262 -67.88 -61.65 109.25
N LEU L 263 -68.37 -61.29 108.07
CA LEU L 263 -69.11 -62.23 107.23
C LEU L 263 -68.14 -63.23 106.62
N ASP L 264 -68.43 -64.51 106.80
CA ASP L 264 -67.56 -65.57 106.30
C ASP L 264 -68.43 -66.73 105.84
N LEU L 265 -67.81 -67.87 105.58
CA LEU L 265 -68.49 -69.07 105.13
C LEU L 265 -68.17 -70.23 106.07
N TYR L 266 -69.14 -71.14 106.23
CA TYR L 266 -69.00 -72.28 107.12
C TYR L 266 -68.11 -73.32 106.43
N GLY L 267 -66.82 -73.33 106.80
CA GLY L 267 -65.86 -74.27 106.28
C GLY L 267 -65.02 -73.72 105.14
N GLY L 268 -65.52 -72.72 104.42
CA GLY L 268 -64.79 -72.11 103.34
C GLY L 268 -64.83 -72.87 102.02
N GLN L 269 -65.50 -74.01 101.97
CA GLN L 269 -65.57 -74.77 100.73
C GLN L 269 -66.48 -74.10 99.73
N THR L 270 -66.02 -74.03 98.48
CA THR L 270 -66.78 -73.40 97.39
C THR L 270 -67.72 -74.46 96.80
N ALA L 271 -68.89 -74.59 97.41
CA ALA L 271 -69.87 -75.58 96.97
C ALA L 271 -71.25 -74.92 96.91
N ASP L 272 -72.12 -75.50 96.08
CA ASP L 272 -73.49 -75.01 95.93
C ASP L 272 -74.29 -75.40 97.16
N GLY L 273 -74.56 -74.43 98.02
CA GLY L 273 -75.31 -74.68 99.23
C GLY L 273 -74.59 -74.30 100.50
N THR L 274 -73.43 -73.66 100.36
CA THR L 274 -72.64 -73.25 101.51
C THR L 274 -73.38 -72.17 102.29
N THR L 275 -73.47 -72.35 103.61
CA THR L 275 -74.16 -71.41 104.47
C THR L 275 -73.20 -70.32 104.95
N ILE L 276 -73.67 -69.09 104.91
CA ILE L 276 -72.87 -67.95 105.34
C ILE L 276 -72.85 -67.90 106.86
N GLN L 277 -71.65 -67.89 107.44
CA GLN L 277 -71.47 -67.90 108.88
C GLN L 277 -70.97 -66.53 109.35
N VAL L 278 -70.91 -66.38 110.68
CA VAL L 278 -70.45 -65.16 111.31
C VAL L 278 -69.28 -65.49 112.23
N PHE L 279 -68.79 -64.49 112.94
CA PHE L 279 -67.66 -64.62 113.88
C PHE L 279 -66.42 -65.01 113.07
N ASN L 280 -65.55 -65.83 113.67
CA ASN L 280 -64.31 -66.27 113.02
C ASN L 280 -63.46 -65.08 112.59
N SER L 281 -63.04 -64.29 113.58
CA SER L 281 -62.24 -63.08 113.33
C SER L 281 -60.77 -63.47 113.18
N ASN L 282 -60.48 -64.18 112.09
CA ASN L 282 -59.13 -64.60 111.77
C ASN L 282 -58.57 -63.94 110.53
N GLY L 283 -59.39 -63.23 109.76
CA GLY L 283 -58.92 -62.59 108.54
C GLY L 283 -58.50 -63.56 107.45
N GLY L 284 -59.24 -64.65 107.29
CA GLY L 284 -58.92 -65.63 106.28
C GLY L 284 -59.45 -65.26 104.91
N ASP L 285 -59.16 -66.12 103.94
CA ASP L 285 -59.61 -65.88 102.57
C ASP L 285 -61.11 -66.04 102.41
N ASN L 286 -61.77 -66.74 103.34
CA ASN L 286 -63.22 -66.92 103.27
C ASN L 286 -63.99 -65.72 103.80
N GLN L 287 -63.34 -64.80 104.52
CA GLN L 287 -64.00 -63.64 105.08
C GLN L 287 -63.95 -62.41 104.17
N ILE L 288 -63.21 -62.48 103.07
CA ILE L 288 -63.11 -61.36 102.15
C ILE L 288 -64.22 -61.49 101.10
N TRP L 289 -64.58 -60.36 100.50
CA TRP L 289 -65.63 -60.33 99.49
C TRP L 289 -65.24 -59.35 98.39
N THR L 290 -65.83 -59.56 97.22
CA THR L 290 -65.64 -58.68 96.07
C THR L 290 -67.01 -58.27 95.54
N MET L 291 -67.15 -56.99 95.21
CA MET L 291 -68.39 -56.43 94.70
C MET L 291 -68.20 -56.02 93.25
N SER L 292 -69.09 -56.50 92.39
CA SER L 292 -69.07 -56.19 90.97
C SER L 292 -70.34 -55.44 90.58
N ASN L 293 -70.48 -55.17 89.28
CA ASN L 293 -71.62 -54.41 88.76
C ASN L 293 -72.91 -55.23 88.72
N PRO L 294 -72.90 -56.47 88.19
CA PRO L 294 -74.18 -57.18 88.16
C PRO L 294 -74.69 -57.58 89.53
N LEU M 11 -72.93 -82.45 -77.91
CA LEU M 11 -73.86 -81.77 -78.81
C LEU M 11 -73.11 -81.01 -79.90
N ASN M 12 -72.79 -81.69 -81.00
CA ASN M 12 -72.08 -81.10 -82.11
C ASN M 12 -73.00 -81.04 -83.32
N ASP M 13 -73.17 -79.84 -83.87
CA ASP M 13 -74.02 -79.60 -85.04
C ASP M 13 -75.44 -80.11 -84.82
N LYS M 14 -76.10 -79.50 -83.83
CA LYS M 14 -77.46 -79.89 -83.44
C LYS M 14 -78.36 -78.67 -83.45
N ILE M 15 -79.64 -78.91 -83.72
CA ILE M 15 -80.64 -77.84 -83.76
C ILE M 15 -81.32 -77.76 -82.41
N VAL M 16 -81.28 -76.58 -81.79
CA VAL M 16 -81.84 -76.34 -80.47
C VAL M 16 -82.58 -75.01 -80.50
N THR M 17 -83.12 -74.63 -79.34
CA THR M 17 -83.87 -73.39 -79.17
C THR M 17 -83.47 -72.76 -77.85
N ILE M 18 -83.34 -71.44 -77.85
CA ILE M 18 -82.96 -70.67 -76.67
C ILE M 18 -84.16 -69.84 -76.24
N SER M 19 -84.45 -69.87 -74.94
CA SER M 19 -85.55 -69.11 -74.37
C SER M 19 -85.06 -68.38 -73.11
N CYS M 20 -85.79 -67.34 -72.74
CA CYS M 20 -85.47 -66.59 -71.53
C CYS M 20 -85.89 -67.40 -70.31
N LYS M 21 -84.96 -67.55 -69.35
CA LYS M 21 -85.27 -68.30 -68.13
C LYS M 21 -86.31 -67.57 -67.30
N ALA M 22 -86.21 -66.23 -67.20
CA ALA M 22 -87.16 -65.47 -66.41
C ALA M 22 -88.57 -65.54 -66.97
N ASN M 23 -88.70 -65.44 -68.29
CA ASN M 23 -90.00 -65.46 -68.97
C ASN M 23 -90.02 -66.63 -69.95
N THR M 24 -90.76 -67.68 -69.61
CA THR M 24 -90.83 -68.86 -70.46
C THR M 24 -91.63 -68.63 -71.73
N ASP M 25 -92.37 -67.52 -71.83
CA ASP M 25 -93.16 -67.21 -73.01
C ASP M 25 -92.40 -66.35 -74.01
N LEU M 26 -91.14 -66.00 -73.73
CA LEU M 26 -90.34 -65.15 -74.60
C LEU M 26 -89.26 -66.01 -75.25
N PHE M 27 -89.21 -65.99 -76.57
CA PHE M 27 -88.28 -66.81 -77.33
C PHE M 27 -87.53 -65.97 -78.34
N PHE M 28 -86.37 -66.46 -78.77
CA PHE M 28 -85.59 -65.79 -79.80
C PHE M 28 -86.35 -65.80 -81.12
N TYR M 29 -86.28 -64.70 -81.85
CA TYR M 29 -86.98 -64.57 -83.11
C TYR M 29 -86.17 -63.72 -84.07
N GLN M 30 -86.09 -64.17 -85.32
CA GLN M 30 -85.39 -63.46 -86.38
C GLN M 30 -86.44 -62.75 -87.24
N VAL M 31 -86.34 -61.42 -87.31
CA VAL M 31 -87.33 -60.62 -88.04
C VAL M 31 -87.15 -60.83 -89.53
N PRO M 32 -88.19 -61.24 -90.25
CA PRO M 32 -88.06 -61.39 -91.70
C PRO M 32 -87.85 -60.05 -92.38
N GLY M 33 -87.03 -60.06 -93.44
CA GLY M 33 -86.72 -58.86 -94.18
C GLY M 33 -85.69 -57.94 -93.54
N ASN M 34 -85.25 -58.24 -92.33
CA ASN M 34 -84.27 -57.44 -91.62
C ASN M 34 -83.27 -58.37 -90.95
N GLY M 35 -82.08 -57.85 -90.68
CA GLY M 35 -81.01 -58.66 -90.14
C GLY M 35 -80.80 -58.54 -88.64
N ASN M 36 -81.88 -58.49 -87.87
CA ASN M 36 -81.80 -58.37 -86.43
C ASN M 36 -82.56 -59.52 -85.76
N VAL M 37 -82.13 -59.86 -84.54
CA VAL M 37 -82.72 -60.91 -83.74
C VAL M 37 -83.20 -60.29 -82.42
N SER M 38 -84.43 -60.60 -82.03
CA SER M 38 -85.02 -60.01 -80.84
C SER M 38 -85.82 -61.09 -80.11
N LEU M 39 -86.64 -60.65 -79.15
CA LEU M 39 -87.51 -61.53 -78.41
C LEU M 39 -88.95 -61.41 -78.90
N PHE M 40 -89.66 -62.53 -78.90
CA PHE M 40 -91.03 -62.56 -79.39
C PHE M 40 -91.81 -63.62 -78.61
N GLN M 41 -93.08 -63.75 -78.93
CA GLN M 41 -93.92 -64.77 -78.30
C GLN M 41 -93.52 -66.16 -78.77
N GLN M 42 -93.84 -67.15 -77.95
CA GLN M 42 -93.52 -68.54 -78.25
C GLN M 42 -94.35 -69.00 -79.44
N THR M 43 -93.70 -69.23 -80.57
CA THR M 43 -94.35 -69.68 -81.79
C THR M 43 -93.78 -71.04 -82.21
N ARG M 44 -94.30 -71.55 -83.33
CA ARG M 44 -93.87 -72.84 -83.86
C ARG M 44 -93.16 -72.70 -85.20
N ASN M 45 -92.75 -71.48 -85.56
CA ASN M 45 -92.10 -71.24 -86.84
C ASN M 45 -90.68 -71.80 -86.83
N TYR M 46 -90.04 -71.75 -88.00
CA TYR M 46 -88.67 -72.25 -88.15
C TYR M 46 -87.63 -71.22 -87.78
N LEU M 47 -88.02 -69.97 -87.53
CA LEU M 47 -87.06 -68.94 -87.15
C LEU M 47 -86.58 -69.07 -85.71
N GLU M 48 -87.32 -69.80 -84.87
CA GLU M 48 -86.92 -70.00 -83.49
C GLU M 48 -85.90 -71.12 -83.32
N ARG M 49 -85.58 -71.86 -84.37
CA ARG M 49 -84.63 -72.95 -84.31
C ARG M 49 -83.25 -72.47 -84.75
N TRP M 50 -82.24 -72.78 -83.95
CA TRP M 50 -80.87 -72.36 -84.22
C TRP M 50 -79.95 -73.57 -84.15
N ARG M 51 -79.02 -73.65 -85.10
CA ARG M 51 -78.09 -74.78 -85.19
C ARG M 51 -76.76 -74.39 -84.57
N ILE M 52 -76.28 -75.20 -83.63
CA ILE M 52 -75.02 -74.97 -82.94
C ILE M 52 -74.02 -76.01 -83.44
N ILE M 53 -72.82 -75.55 -83.78
CA ILE M 53 -71.75 -76.41 -84.28
C ILE M 53 -70.51 -76.16 -83.42
N TYR M 54 -70.00 -77.21 -82.79
CA TYR M 54 -68.82 -77.11 -81.93
C TYR M 54 -67.57 -77.36 -82.76
N ASP M 55 -66.65 -76.40 -82.76
CA ASP M 55 -65.37 -76.57 -83.41
C ASP M 55 -64.26 -76.58 -82.36
N SER M 56 -63.40 -77.58 -82.43
CA SER M 56 -62.32 -77.77 -81.47
C SER M 56 -61.01 -77.10 -81.89
N ASN M 57 -61.01 -76.41 -83.03
CA ASN M 57 -59.81 -75.67 -83.43
C ASN M 57 -59.52 -74.57 -82.41
N LYS M 58 -60.55 -73.93 -81.88
CA LYS M 58 -60.39 -72.94 -80.82
C LYS M 58 -61.42 -73.15 -79.70
N ALA M 59 -62.08 -74.30 -79.68
CA ALA M 59 -63.10 -74.62 -78.68
C ALA M 59 -64.20 -73.55 -78.65
N ALA M 60 -64.90 -73.43 -79.78
CA ALA M 60 -65.94 -72.43 -79.95
C ALA M 60 -67.21 -73.07 -80.47
N TYR M 61 -68.28 -72.29 -80.48
CA TYR M 61 -69.60 -72.76 -80.92
C TYR M 61 -70.17 -71.76 -81.92
N LYS M 62 -70.22 -72.16 -83.19
CA LYS M 62 -70.89 -71.36 -84.20
C LYS M 62 -72.39 -71.54 -84.08
N ILE M 63 -73.13 -70.44 -84.24
CA ILE M 63 -74.58 -70.44 -84.18
C ILE M 63 -75.11 -69.96 -85.52
N LYS M 64 -75.99 -70.75 -86.14
CA LYS M 64 -76.57 -70.44 -87.44
C LYS M 64 -78.09 -70.40 -87.33
N SER M 65 -78.69 -69.48 -88.06
CA SER M 65 -80.14 -69.32 -88.07
C SER M 65 -80.76 -70.21 -89.14
N MET M 66 -81.82 -70.94 -88.78
CA MET M 66 -82.51 -71.83 -89.71
C MET M 66 -83.53 -71.01 -90.49
N ASN M 67 -83.04 -70.35 -91.54
CA ASN M 67 -83.86 -69.53 -92.41
C ASN M 67 -83.81 -70.09 -93.82
N ILE M 68 -84.98 -70.22 -94.46
CA ILE M 68 -85.03 -70.78 -95.80
C ILE M 68 -84.57 -69.75 -96.84
N TYR M 69 -84.82 -68.46 -96.60
CA TYR M 69 -84.37 -67.44 -97.53
C TYR M 69 -82.86 -67.29 -97.50
N ASN M 70 -82.25 -67.39 -96.33
CA ASN M 70 -80.80 -67.22 -96.19
C ASN M 70 -80.33 -68.20 -95.12
N THR M 71 -79.79 -69.33 -95.54
CA THR M 71 -79.28 -70.34 -94.62
C THR M 71 -77.85 -70.04 -94.15
N ASN M 72 -77.20 -69.03 -94.71
CA ASN M 72 -75.84 -68.66 -94.33
C ASN M 72 -75.80 -67.49 -93.37
N LEU M 73 -76.80 -67.37 -92.51
CA LEU M 73 -76.89 -66.29 -91.53
C LEU M 73 -76.46 -66.80 -90.16
N VAL M 74 -75.54 -66.07 -89.52
CA VAL M 74 -75.02 -66.43 -88.22
C VAL M 74 -75.15 -65.24 -87.28
N LEU M 75 -75.30 -65.53 -86.00
CA LEU M 75 -75.45 -64.49 -84.99
C LEU M 75 -74.15 -63.72 -84.83
N THR M 76 -74.26 -62.41 -84.68
CA THR M 76 -73.10 -61.53 -84.61
C THR M 76 -73.35 -60.43 -83.59
N TRP M 77 -72.30 -60.07 -82.85
CA TRP M 77 -72.31 -58.95 -81.92
C TRP M 77 -71.34 -57.90 -82.48
N ASN M 78 -71.89 -56.91 -83.17
CA ASN M 78 -71.07 -55.82 -83.68
C ASN M 78 -70.52 -54.99 -82.53
N ALA M 79 -69.23 -54.67 -82.62
CA ALA M 79 -68.56 -53.93 -81.56
C ALA M 79 -68.42 -52.46 -81.92
N PRO M 80 -68.43 -51.56 -80.93
CA PRO M 80 -68.58 -51.80 -79.49
C PRO M 80 -70.04 -51.72 -79.03
N THR M 81 -70.98 -51.60 -79.96
CA THR M 81 -72.37 -51.43 -79.59
C THR M 81 -72.95 -52.71 -78.98
N HIS M 82 -74.00 -52.54 -78.19
CA HIS M 82 -74.69 -53.66 -77.56
C HIS M 82 -75.86 -54.11 -78.43
N ASN M 83 -75.54 -54.50 -79.67
CA ASN M 83 -76.53 -54.89 -80.65
C ASN M 83 -76.24 -56.30 -81.14
N ILE M 84 -77.29 -57.10 -81.28
CA ILE M 84 -77.20 -58.48 -81.77
C ILE M 84 -77.89 -58.52 -83.13
N SER M 85 -77.17 -59.03 -84.13
CA SER M 85 -77.69 -59.05 -85.50
C SER M 85 -77.34 -60.40 -86.14
N ALA M 86 -77.69 -60.54 -87.41
CA ALA M 86 -77.35 -61.72 -88.19
C ALA M 86 -76.59 -61.29 -89.43
N GLN M 87 -75.43 -61.92 -89.65
CA GLN M 87 -74.57 -61.54 -90.78
C GLN M 87 -73.97 -62.82 -91.37
N GLN M 88 -73.00 -62.65 -92.26
CA GLN M 88 -72.33 -63.78 -92.88
C GLN M 88 -71.21 -64.30 -91.99
N ASP M 89 -70.86 -65.56 -92.21
CA ASP M 89 -69.80 -66.24 -91.44
C ASP M 89 -68.53 -66.23 -92.27
N SER M 90 -67.61 -65.33 -91.92
CA SER M 90 -66.32 -65.26 -92.60
C SER M 90 -65.33 -64.61 -91.63
N ASN M 91 -64.40 -65.42 -91.12
CA ASN M 91 -63.46 -65.00 -90.07
C ASN M 91 -64.31 -64.49 -88.91
N ALA M 92 -64.21 -63.22 -88.50
CA ALA M 92 -65.13 -62.61 -87.55
C ALA M 92 -65.13 -63.37 -86.22
N ASP M 93 -63.99 -63.29 -85.52
CA ASP M 93 -63.83 -63.94 -84.23
C ASP M 93 -64.88 -63.53 -83.21
N ASN M 94 -65.60 -62.43 -83.46
CA ASN M 94 -66.70 -62.00 -82.60
C ASN M 94 -67.97 -62.82 -82.80
N GLN M 95 -68.00 -63.71 -83.80
CA GLN M 95 -69.18 -64.50 -84.12
C GLN M 95 -69.18 -65.86 -83.43
N TYR M 96 -68.45 -66.00 -82.33
CA TYR M 96 -68.35 -67.25 -81.60
C TYR M 96 -68.77 -67.03 -80.15
N TRP M 97 -69.37 -68.07 -79.56
CA TRP M 97 -69.89 -67.97 -78.21
C TRP M 97 -69.62 -69.26 -77.45
N LEU M 98 -69.60 -69.16 -76.13
CA LEU M 98 -69.36 -70.28 -75.24
C LEU M 98 -70.61 -70.52 -74.39
N LEU M 99 -71.02 -71.77 -74.29
CA LEU M 99 -72.18 -72.15 -73.47
C LEU M 99 -71.69 -72.71 -72.15
N LEU M 100 -72.20 -72.18 -71.05
CA LEU M 100 -71.86 -72.64 -69.71
C LEU M 100 -73.16 -73.07 -69.03
N LYS M 101 -73.27 -74.36 -68.74
CA LYS M 101 -74.47 -74.92 -68.11
C LYS M 101 -74.25 -74.96 -66.60
N ASP M 102 -75.13 -74.31 -65.85
CA ASP M 102 -75.06 -74.35 -64.40
C ASP M 102 -75.50 -75.72 -63.91
N ILE M 103 -74.65 -76.37 -63.11
CA ILE M 103 -74.99 -77.69 -62.59
C ILE M 103 -75.97 -77.64 -61.45
N GLY M 104 -76.24 -76.45 -60.90
CA GLY M 104 -77.19 -76.31 -59.81
C GLY M 104 -78.62 -76.17 -60.30
N ASN M 105 -78.83 -75.27 -61.26
CA ASN M 105 -80.15 -75.05 -61.84
C ASN M 105 -80.04 -75.12 -63.35
N ASN M 106 -81.16 -75.49 -63.99
CA ASN M 106 -81.20 -75.64 -65.44
C ASN M 106 -81.09 -74.26 -66.09
N SER M 107 -79.89 -73.91 -66.54
CA SER M 107 -79.66 -72.63 -67.18
C SER M 107 -78.43 -72.74 -68.07
N PHE M 108 -78.34 -71.82 -69.02
CA PHE M 108 -77.22 -71.77 -69.96
C PHE M 108 -76.81 -70.32 -70.12
N ILE M 109 -75.60 -69.99 -69.65
CA ILE M 109 -75.05 -68.66 -69.82
C ILE M 109 -74.18 -68.65 -71.06
N ILE M 110 -74.45 -67.72 -71.97
CA ILE M 110 -73.74 -67.63 -73.24
C ILE M 110 -72.79 -66.45 -73.17
N ALA M 111 -71.49 -66.72 -73.29
CA ALA M 111 -70.45 -65.70 -73.18
C ALA M 111 -69.81 -65.46 -74.54
N SER M 112 -69.59 -64.19 -74.86
CA SER M 112 -68.95 -63.84 -76.13
C SER M 112 -67.50 -64.31 -76.14
N TYR M 113 -67.07 -64.90 -77.25
CA TYR M 113 -65.70 -65.37 -77.35
C TYR M 113 -64.71 -64.20 -77.40
N LYS M 114 -65.09 -63.11 -78.06
CA LYS M 114 -64.21 -61.95 -78.16
C LYS M 114 -63.96 -61.33 -76.79
N ASN M 115 -64.94 -61.36 -75.90
CA ASN M 115 -64.80 -60.82 -74.55
C ASN M 115 -65.52 -61.76 -73.59
N PRO M 116 -64.79 -62.62 -72.89
CA PRO M 116 -65.44 -63.55 -71.95
C PRO M 116 -66.18 -62.86 -70.81
N ASN M 117 -65.84 -61.61 -70.50
CA ASN M 117 -66.52 -60.89 -69.44
C ASN M 117 -67.90 -60.41 -69.82
N LEU M 118 -68.28 -60.53 -71.10
CA LEU M 118 -69.56 -60.04 -71.60
C LEU M 118 -70.43 -61.22 -71.98
N VAL M 119 -71.68 -61.22 -71.49
CA VAL M 119 -72.64 -62.26 -71.80
C VAL M 119 -73.92 -61.60 -72.30
N LEU M 120 -74.75 -62.40 -72.98
CA LEU M 120 -76.01 -61.89 -73.50
C LEU M 120 -76.98 -61.53 -72.38
N TYR M 121 -77.73 -60.47 -72.60
CA TYR M 121 -78.72 -59.93 -71.68
C TYR M 121 -80.01 -59.68 -72.44
N ALA M 122 -81.13 -60.03 -71.82
CA ALA M 122 -82.44 -59.88 -72.44
C ALA M 122 -83.15 -58.70 -71.82
N ASP M 123 -83.55 -57.73 -72.65
CA ASP M 123 -84.29 -56.56 -72.22
C ASP M 123 -85.76 -56.78 -72.52
N THR M 124 -86.59 -56.78 -71.48
CA THR M 124 -88.02 -57.06 -71.60
C THR M 124 -88.86 -55.80 -71.78
N VAL M 125 -88.47 -54.70 -71.13
CA VAL M 125 -89.18 -53.44 -71.32
C VAL M 125 -89.10 -53.01 -72.78
N ALA M 126 -87.90 -53.08 -73.34
CA ALA M 126 -87.67 -52.95 -74.78
C ALA M 126 -87.07 -54.27 -75.22
N ARG M 127 -87.93 -55.23 -75.58
CA ARG M 127 -87.53 -56.61 -75.82
C ARG M 127 -86.44 -56.69 -76.88
N ASN M 128 -85.23 -57.06 -76.47
CA ASN M 128 -84.08 -57.13 -77.36
C ASN M 128 -82.96 -57.88 -76.65
N LEU M 129 -81.87 -58.11 -77.38
CA LEU M 129 -80.69 -58.78 -76.84
C LEU M 129 -79.51 -57.81 -76.89
N LYS M 130 -78.80 -57.71 -75.78
CA LYS M 130 -77.64 -56.83 -75.69
C LYS M 130 -76.53 -57.60 -74.97
N LEU M 131 -75.43 -56.92 -74.67
CA LEU M 131 -74.31 -57.51 -73.94
C LEU M 131 -74.13 -56.79 -72.62
N SER M 132 -73.86 -57.56 -71.57
CA SER M 132 -73.67 -57.01 -70.24
C SER M 132 -72.59 -57.81 -69.51
N THR M 133 -71.97 -57.16 -68.53
CA THR M 133 -70.98 -57.84 -67.71
C THR M 133 -71.63 -58.99 -66.95
N LEU M 134 -70.87 -60.07 -66.78
CA LEU M 134 -71.41 -61.26 -66.14
C LEU M 134 -71.69 -60.96 -64.67
N ASN M 135 -72.88 -61.33 -64.21
CA ASN M 135 -73.31 -61.09 -62.84
C ASN M 135 -74.28 -62.21 -62.45
N ASN M 136 -75.03 -62.00 -61.37
CA ASN M 136 -75.98 -62.99 -60.86
C ASN M 136 -77.40 -62.45 -60.93
N SER M 137 -77.76 -61.82 -62.04
CA SER M 137 -79.12 -61.35 -62.25
C SER M 137 -79.96 -62.45 -62.88
N SER M 138 -81.27 -62.20 -62.95
CA SER M 138 -82.23 -63.16 -63.49
C SER M 138 -82.41 -63.02 -64.99
N TYR M 139 -81.68 -62.11 -65.63
CA TYR M 139 -81.81 -61.90 -67.07
C TYR M 139 -80.61 -62.38 -67.87
N ILE M 140 -79.47 -62.65 -67.22
CA ILE M 140 -78.28 -63.10 -67.94
C ILE M 140 -78.26 -64.61 -68.15
N LYS M 141 -79.20 -65.34 -67.56
CA LYS M 141 -79.28 -66.78 -67.72
C LYS M 141 -80.43 -67.14 -68.65
N PHE M 142 -80.13 -67.98 -69.63
CA PHE M 142 -81.11 -68.45 -70.60
C PHE M 142 -81.33 -69.96 -70.42
N ILE M 143 -82.13 -70.54 -71.30
CA ILE M 143 -82.36 -71.98 -71.32
C ILE M 143 -82.27 -72.46 -72.76
N ILE M 144 -81.30 -73.32 -73.05
CA ILE M 144 -81.11 -73.88 -74.38
C ILE M 144 -81.50 -75.34 -74.33
N GLU M 145 -82.43 -75.75 -75.18
CA GLU M 145 -82.92 -77.12 -75.15
C GLU M 145 -83.25 -77.56 -76.58
N ASP M 146 -83.25 -78.88 -76.77
CA ASP M 146 -83.52 -79.44 -78.09
C ASP M 146 -84.89 -78.99 -78.59
N TYR M 147 -84.94 -78.60 -79.87
CA TYR M 147 -86.16 -78.04 -80.43
C TYR M 147 -87.29 -79.06 -80.46
N VAL M 148 -86.96 -80.36 -80.61
CA VAL M 148 -87.99 -81.38 -80.58
C VAL M 148 -88.71 -81.39 -79.25
N ILE M 149 -87.96 -81.29 -78.15
CA ILE M 149 -88.57 -81.15 -76.84
C ILE M 149 -89.29 -79.81 -76.72
N SER M 150 -88.73 -78.76 -77.33
CA SER M 150 -89.30 -77.43 -77.21
C SER M 150 -90.70 -77.35 -77.78
N ASP M 151 -90.91 -77.93 -78.97
CA ASP M 151 -92.23 -77.86 -79.61
C ASP M 151 -93.28 -78.69 -78.90
N PHE M 152 -92.87 -79.62 -78.02
CA PHE M 152 -93.81 -80.47 -77.29
C PHE M 152 -93.40 -80.51 -75.82
N LYS M 153 -93.90 -79.55 -75.04
CA LYS M 153 -93.74 -79.56 -73.59
C LYS M 153 -95.09 -79.74 -72.90
N ASN M 154 -96.03 -78.84 -73.18
CA ASN M 154 -97.42 -78.98 -72.74
C ASN M 154 -98.26 -78.13 -73.69
N PHE M 155 -98.87 -78.76 -74.68
CA PHE M 155 -99.56 -77.97 -75.71
C PHE M 155 -100.62 -78.82 -76.39
N THR M 156 -101.80 -78.24 -76.58
CA THR M 156 -102.86 -78.92 -77.32
C THR M 156 -102.77 -78.56 -78.79
N CYS M 157 -103.09 -79.53 -79.64
CA CYS M 157 -102.99 -79.36 -81.09
C CYS M 157 -103.79 -80.49 -81.75
N ARG M 158 -103.71 -80.56 -83.07
CA ARG M 158 -104.39 -81.57 -83.86
C ARG M 158 -103.39 -82.35 -84.69
N ILE M 159 -103.57 -83.67 -84.73
CA ILE M 159 -102.69 -84.55 -85.49
C ILE M 159 -103.36 -84.85 -86.83
N SER M 160 -102.63 -84.62 -87.92
CA SER M 160 -103.16 -84.79 -89.25
C SER M 160 -102.24 -85.64 -90.10
N PRO M 161 -102.79 -86.46 -91.00
CA PRO M 161 -101.95 -87.25 -91.91
C PRO M 161 -101.54 -86.46 -93.13
N ILE M 162 -100.86 -87.11 -94.07
CA ILE M 162 -100.43 -86.48 -95.32
C ILE M 162 -101.53 -86.64 -96.35
N LEU M 163 -101.55 -85.71 -97.31
CA LEU M 163 -102.51 -85.71 -98.42
C LEU M 163 -103.95 -85.61 -97.94
N ALA M 164 -104.17 -85.09 -96.73
CA ALA M 164 -105.52 -84.93 -96.20
C ALA M 164 -105.51 -83.71 -95.27
N GLY M 165 -105.89 -82.56 -95.81
CA GLY M 165 -105.91 -81.36 -95.00
C GLY M 165 -107.11 -81.25 -94.09
N GLY M 166 -108.24 -81.84 -94.48
CA GLY M 166 -109.46 -81.82 -93.69
C GLY M 166 -109.72 -83.06 -92.86
N LYS M 167 -108.73 -83.92 -92.69
CA LYS M 167 -108.89 -85.16 -91.92
C LYS M 167 -107.99 -85.10 -90.68
N VAL M 168 -108.58 -85.41 -89.53
CA VAL M 168 -107.88 -85.41 -88.26
C VAL M 168 -108.20 -86.70 -87.51
N VAL M 169 -107.65 -86.83 -86.32
CA VAL M 169 -107.84 -88.01 -85.48
C VAL M 169 -108.88 -87.66 -84.41
N GLN M 170 -109.93 -88.48 -84.34
CA GLN M 170 -110.98 -88.28 -83.35
C GLN M 170 -111.19 -89.53 -82.51
N VAL M 172 -114.08 -90.59 -81.19
CA VAL M 172 -115.42 -90.92 -81.65
C VAL M 172 -116.46 -90.34 -80.70
N SER M 173 -116.56 -90.96 -79.52
CA SER M 173 -117.51 -90.51 -78.51
C SER M 173 -116.97 -90.89 -77.14
N MET M 174 -117.43 -90.16 -76.12
CA MET M 174 -116.99 -90.43 -74.76
C MET M 174 -117.48 -91.79 -74.26
N THR M 175 -118.58 -92.29 -74.83
CA THR M 175 -119.10 -93.60 -74.42
C THR M 175 -118.12 -94.71 -74.76
N ASN M 176 -117.54 -94.67 -75.95
CA ASN M 176 -116.59 -95.68 -76.39
C ASN M 176 -115.17 -95.21 -76.12
N LEU M 177 -114.22 -96.12 -76.35
CA LEU M 177 -112.80 -95.86 -76.09
C LEU M 177 -111.94 -95.93 -77.33
N ALA M 178 -112.51 -96.20 -78.50
CA ALA M 178 -111.74 -96.32 -79.73
C ALA M 178 -111.68 -94.99 -80.45
N VAL M 179 -110.64 -94.83 -81.27
CA VAL M 179 -110.44 -93.62 -82.06
C VAL M 179 -110.20 -94.01 -83.50
N ASN M 180 -110.47 -93.06 -84.40
CA ASN M 180 -110.33 -93.27 -85.83
C ASN M 180 -110.05 -91.93 -86.49
N LEU M 181 -110.20 -91.88 -87.82
CA LEU M 181 -110.04 -90.65 -88.58
C LEU M 181 -111.40 -90.03 -88.85
N TYR M 182 -111.52 -88.74 -88.58
CA TYR M 182 -112.76 -88.00 -88.80
C TYR M 182 -112.42 -86.67 -89.45
N ILE M 183 -113.41 -85.79 -89.55
CA ILE M 183 -113.24 -84.49 -90.17
C ILE M 183 -113.05 -83.44 -89.08
N TRP M 184 -112.49 -82.31 -89.47
CA TRP M 184 -112.24 -81.22 -88.53
C TRP M 184 -113.54 -80.51 -88.18
N ASN M 185 -113.77 -80.29 -86.88
CA ASN M 185 -114.97 -79.62 -86.42
C ASN M 185 -114.73 -78.63 -85.30
N ASN M 186 -113.48 -78.40 -84.88
CA ASN M 186 -113.15 -77.49 -83.79
C ASN M 186 -113.91 -77.84 -82.51
N ASP M 187 -114.01 -79.14 -82.24
CA ASP M 187 -114.69 -79.63 -81.05
C ASP M 187 -113.70 -79.82 -79.90
N LEU M 188 -114.25 -79.87 -78.69
CA LEU M 188 -113.40 -80.05 -77.51
C LEU M 188 -112.71 -81.41 -77.52
N ASN M 189 -113.45 -82.46 -77.86
CA ASN M 189 -112.89 -83.81 -77.93
C ASN M 189 -112.40 -84.14 -79.34
N GLN M 190 -111.59 -83.25 -79.90
CA GLN M 190 -110.98 -83.48 -81.21
C GLN M 190 -109.48 -83.21 -81.21
N LYS M 191 -109.03 -82.20 -80.47
CA LYS M 191 -107.62 -81.85 -80.39
C LYS M 191 -107.01 -82.45 -79.13
N TRP M 192 -105.86 -83.09 -79.28
CA TRP M 192 -105.19 -83.75 -78.16
C TRP M 192 -104.04 -82.90 -77.66
N THR M 193 -103.72 -83.05 -76.38
CA THR M 193 -102.66 -82.29 -75.74
C THR M 193 -101.43 -83.17 -75.58
N ILE M 194 -100.32 -82.78 -76.20
CA ILE M 194 -99.05 -83.48 -76.07
C ILE M 194 -98.28 -82.85 -74.90
N ILE M 195 -97.81 -83.69 -73.99
CA ILE M 195 -97.05 -83.26 -72.84
C ILE M 195 -95.80 -84.12 -72.73
N TYR M 196 -94.81 -83.60 -72.02
CA TYR M 196 -93.54 -84.31 -71.82
C TYR M 196 -93.71 -85.44 -70.82
N GLU M 198 -90.58 -86.45 -67.59
CA GLU M 198 -89.29 -85.92 -67.99
C GLU M 198 -88.15 -86.85 -67.58
N GLU M 199 -88.36 -87.59 -66.48
CA GLU M 199 -87.35 -88.54 -66.02
C GLU M 199 -87.14 -89.65 -67.03
N LYS M 200 -88.22 -90.16 -67.62
CA LYS M 200 -88.13 -91.23 -68.62
C LYS M 200 -87.90 -90.70 -70.03
N ALA M 201 -87.91 -89.39 -70.22
CA ALA M 201 -87.71 -88.77 -71.54
C ALA M 201 -88.72 -89.31 -72.56
N ALA M 202 -89.98 -89.34 -72.15
CA ALA M 202 -91.07 -89.85 -72.99
C ALA M 202 -92.14 -88.77 -73.13
N TYR M 203 -93.15 -89.07 -73.94
CA TYR M 203 -94.24 -88.14 -74.21
C TYR M 203 -95.58 -88.81 -73.93
N GLN M 204 -96.57 -87.99 -73.59
CA GLN M 204 -97.90 -88.47 -73.29
C GLN M 204 -98.94 -87.63 -74.02
N PHE M 205 -100.07 -88.26 -74.32
CA PHE M 205 -101.19 -87.62 -75.02
C PHE M 205 -102.40 -87.62 -74.11
N PHE M 206 -103.00 -86.44 -73.92
CA PHE M 206 -104.15 -86.25 -73.06
C PHE M 206 -105.34 -85.78 -73.88
N ASN M 207 -106.53 -86.18 -73.43
CA ASN M 207 -107.77 -85.77 -74.08
C ASN M 207 -108.25 -84.46 -73.47
N LYS M 208 -108.59 -83.49 -74.32
CA LYS M 208 -109.03 -82.19 -73.84
C LYS M 208 -110.37 -82.28 -73.11
N ILE M 209 -111.22 -83.23 -73.50
CA ILE M 209 -112.53 -83.40 -72.89
C ILE M 209 -112.51 -84.47 -71.80
N LEU M 210 -111.93 -85.63 -72.09
CA LEU M 210 -111.87 -86.72 -71.13
C LEU M 210 -110.62 -86.56 -70.27
N SER M 211 -110.81 -86.17 -69.02
CA SER M 211 -109.68 -85.99 -68.10
C SER M 211 -109.04 -87.33 -67.76
N ASN M 212 -107.75 -87.27 -67.44
CA ASN M 212 -106.95 -88.46 -67.10
C ASN M 212 -107.00 -89.50 -68.22
N GLY M 213 -106.86 -89.04 -69.45
CA GLY M 213 -106.87 -89.92 -70.59
C GLY M 213 -105.51 -90.03 -71.27
N VAL M 214 -105.06 -91.25 -71.51
CA VAL M 214 -103.77 -91.51 -72.14
C VAL M 214 -103.97 -92.50 -73.28
N LEU M 215 -103.32 -92.24 -74.41
CA LEU M 215 -103.41 -93.14 -75.56
C LEU M 215 -102.64 -94.42 -75.26
N THR M 216 -103.35 -95.55 -75.28
CA THR M 216 -102.77 -96.84 -74.94
C THR M 216 -102.86 -97.80 -76.11
N TRP M 217 -101.89 -98.69 -76.20
CA TRP M 217 -101.77 -99.68 -77.25
C TRP M 217 -102.11 -101.07 -76.72
N ILE M 218 -102.76 -101.87 -77.56
CA ILE M 218 -103.21 -103.21 -77.19
C ILE M 218 -102.04 -104.18 -77.39
N PHE M 219 -101.46 -104.64 -76.29
CA PHE M 219 -100.38 -105.63 -76.37
C PHE M 219 -100.90 -106.97 -76.87
N SER M 220 -102.07 -107.40 -76.38
CA SER M 220 -102.59 -108.70 -76.76
C SER M 220 -103.15 -108.70 -78.18
N ASP M 221 -103.86 -107.63 -78.56
CA ASP M 221 -104.51 -107.58 -79.86
C ASP M 221 -103.50 -107.30 -80.96
N GLY M 222 -103.98 -107.29 -82.21
CA GLY M 222 -103.11 -107.11 -83.35
C GLY M 222 -102.93 -105.67 -83.77
N ASN M 223 -104.04 -104.95 -84.00
CA ASN M 223 -103.97 -103.55 -84.43
C ASN M 223 -105.21 -102.83 -83.89
N THR M 224 -105.04 -102.22 -82.71
CA THR M 224 -106.12 -101.50 -82.03
C THR M 224 -105.54 -100.63 -80.92
N VAL M 225 -105.95 -99.35 -80.86
CA VAL M 225 -105.51 -98.42 -79.84
C VAL M 225 -106.72 -97.87 -79.11
N ARG M 226 -106.60 -97.69 -77.78
CA ARG M 226 -107.69 -97.05 -77.05
C ARG M 226 -107.18 -95.86 -76.24
N VAL M 227 -108.05 -95.32 -75.39
CA VAL M 227 -107.69 -94.30 -74.41
C VAL M 227 -108.04 -94.85 -73.02
N SER M 228 -107.05 -94.82 -72.12
CA SER M 228 -107.26 -95.35 -70.78
C SER M 228 -106.90 -94.32 -69.71
N SER M 229 -106.86 -94.76 -68.46
CA SER M 229 -106.54 -93.89 -67.34
C SER M 229 -105.09 -94.13 -66.91
N SER M 230 -104.69 -93.48 -65.82
CA SER M 230 -103.33 -93.63 -65.30
C SER M 230 -103.16 -95.01 -64.69
N ALA M 231 -102.37 -95.86 -65.34
CA ALA M 231 -102.11 -97.23 -64.89
C ALA M 231 -100.75 -97.37 -64.23
N GLN M 232 -100.28 -96.31 -63.58
CA GLN M 232 -98.98 -96.28 -62.89
C GLN M 232 -97.89 -96.57 -63.92
N ASN M 233 -97.15 -97.67 -63.82
CA ASN M 233 -96.09 -97.99 -64.76
C ASN M 233 -96.69 -98.76 -65.93
N ASN M 234 -96.97 -98.07 -67.02
CA ASN M 234 -97.52 -98.68 -68.23
C ASN M 234 -96.66 -98.28 -69.42
N ASP M 235 -96.18 -99.27 -70.16
CA ASP M 235 -95.34 -98.99 -71.33
C ASP M 235 -96.15 -98.37 -72.46
N ALA M 236 -97.42 -98.75 -72.60
CA ALA M 236 -98.23 -98.24 -73.69
C ALA M 236 -98.52 -96.75 -73.57
N GLN M 237 -98.34 -96.17 -72.38
CA GLN M 237 -98.61 -94.75 -72.15
C GLN M 237 -97.43 -93.86 -72.53
N TYR M 238 -96.29 -94.44 -72.92
CA TYR M 238 -95.10 -93.68 -73.26
C TYR M 238 -94.83 -93.82 -74.76
N TRP M 239 -94.58 -92.69 -75.42
CA TRP M 239 -94.31 -92.65 -76.84
C TRP M 239 -93.13 -91.73 -77.10
N LEU M 240 -92.64 -91.76 -78.35
CA LEU M 240 -91.53 -90.92 -78.78
C LEU M 240 -91.85 -90.34 -80.15
N ILE M 241 -91.23 -89.19 -80.44
CA ILE M 241 -91.42 -88.49 -81.70
C ILE M 241 -90.05 -88.28 -82.34
N ASN M 242 -89.93 -88.64 -83.61
CA ASN M 242 -88.65 -88.58 -84.31
C ASN M 242 -88.81 -87.74 -85.58
N PRO M 243 -87.93 -86.78 -85.81
CA PRO M 243 -87.99 -86.02 -87.06
C PRO M 243 -87.62 -86.86 -88.27
N VAL M 244 -88.13 -86.47 -89.43
CA VAL M 244 -87.85 -87.18 -90.66
C VAL M 244 -86.82 -86.41 -91.48
N ASN M 247 -89.48 -83.17 -94.24
CA ASN M 247 -88.47 -82.18 -93.90
C ASN M 247 -88.46 -81.91 -92.40
N TYR M 248 -88.49 -80.62 -92.03
CA TYR M 248 -88.48 -80.22 -90.63
C TYR M 248 -89.89 -80.10 -90.05
N ASP M 249 -90.93 -80.31 -90.85
CA ASP M 249 -92.30 -80.23 -90.38
C ASP M 249 -92.98 -81.58 -90.26
N ARG M 250 -92.36 -82.64 -90.73
CA ARG M 250 -92.93 -83.98 -90.68
C ARG M 250 -92.22 -84.82 -89.63
N TYR M 251 -92.99 -85.57 -88.84
CA TYR M 251 -92.45 -86.37 -87.76
C TYR M 251 -93.10 -87.74 -87.78
N THR M 252 -92.48 -88.68 -87.05
CA THR M 252 -92.99 -90.03 -86.91
C THR M 252 -93.15 -90.35 -85.43
N ILE M 253 -94.26 -90.99 -85.08
CA ILE M 253 -94.56 -91.37 -83.71
C ILE M 253 -94.27 -92.84 -83.54
N THR M 254 -93.51 -93.19 -82.49
CA THR M 254 -93.11 -94.55 -82.23
C THR M 254 -93.40 -94.91 -80.78
N ASN M 255 -93.54 -96.21 -80.53
CA ASN M 255 -93.79 -96.73 -79.19
C ASN M 255 -92.47 -97.17 -78.55
N LEU M 256 -92.50 -97.27 -77.22
CA LEU M 256 -91.33 -97.68 -76.44
C LEU M 256 -91.27 -99.18 -76.21
N ARG M 257 -91.87 -99.98 -77.10
CA ARG M 257 -91.86 -101.42 -76.98
C ARG M 257 -91.17 -102.14 -78.12
N ASP M 258 -91.02 -101.50 -79.28
CA ASP M 258 -90.36 -102.12 -80.42
C ASP M 258 -89.36 -101.21 -81.11
N LYS M 259 -89.10 -100.02 -80.59
CA LYS M 259 -88.16 -99.06 -81.16
C LYS M 259 -88.50 -98.74 -82.62
N VAL M 262 -94.68 -97.17 -84.80
CA VAL M 262 -94.79 -96.49 -86.07
C VAL M 262 -96.25 -96.42 -86.51
N LEU M 263 -96.90 -95.30 -86.21
CA LEU M 263 -98.31 -95.14 -86.55
C LEU M 263 -98.50 -95.04 -88.05
N ASP M 264 -99.46 -95.80 -88.58
CA ASP M 264 -99.85 -95.73 -89.98
C ASP M 264 -101.34 -95.49 -90.08
N LEU M 265 -101.75 -94.73 -91.10
CA LEU M 265 -103.15 -94.32 -91.19
C LEU M 265 -104.04 -95.46 -91.69
N TYR M 266 -103.85 -95.87 -92.94
CA TYR M 266 -104.65 -96.96 -93.50
C TYR M 266 -103.87 -97.94 -94.35
N GLY M 267 -102.65 -97.63 -94.79
CA GLY M 267 -101.94 -98.46 -95.73
C GLY M 267 -102.36 -98.29 -97.17
N GLY M 268 -103.28 -97.37 -97.46
CA GLY M 268 -103.74 -97.14 -98.82
C GLY M 268 -105.02 -96.31 -98.88
N ALA M 271 -110.28 -91.02 -96.23
CA ALA M 271 -111.21 -92.11 -95.93
C ALA M 271 -111.60 -92.10 -94.46
N ASP M 272 -112.72 -91.46 -94.15
CA ASP M 272 -113.20 -91.38 -92.78
C ASP M 272 -113.76 -92.73 -92.33
N GLY M 273 -113.36 -93.15 -91.13
CA GLY M 273 -113.87 -94.40 -90.58
C GLY M 273 -112.76 -95.36 -90.18
N THR M 274 -111.65 -95.35 -90.91
CA THR M 274 -110.55 -96.25 -90.62
C THR M 274 -109.83 -95.82 -89.35
N THR M 275 -109.38 -96.81 -88.57
CA THR M 275 -108.62 -96.54 -87.36
C THR M 275 -107.16 -96.25 -87.74
N ILE M 276 -106.28 -96.19 -86.75
CA ILE M 276 -104.86 -95.91 -86.97
C ILE M 276 -104.00 -97.11 -86.61
N GLN M 277 -103.94 -97.48 -85.33
CA GLN M 277 -103.15 -98.61 -84.85
C GLN M 277 -101.72 -98.57 -85.35
N VAL M 278 -101.07 -99.73 -85.41
CA VAL M 278 -99.75 -99.87 -86.02
C VAL M 278 -99.76 -101.10 -86.91
N PHE M 279 -99.25 -100.96 -88.13
CA PHE M 279 -99.24 -102.05 -89.09
C PHE M 279 -97.88 -102.71 -89.25
N ASN M 280 -96.80 -101.92 -89.30
CA ASN M 280 -95.47 -102.46 -89.45
C ASN M 280 -94.48 -101.52 -88.75
N SER M 281 -93.21 -101.88 -88.83
CA SER M 281 -92.15 -101.08 -88.21
C SER M 281 -91.78 -99.93 -89.14
N ASN M 282 -90.69 -99.23 -88.81
CA ASN M 282 -90.25 -98.11 -89.63
C ASN M 282 -89.77 -98.60 -90.99
N GLY M 283 -90.14 -97.87 -92.03
CA GLY M 283 -89.76 -98.21 -93.38
C GLY M 283 -90.92 -98.18 -94.36
N ASN M 286 -95.72 -93.52 -96.46
CA ASN M 286 -96.72 -93.04 -95.51
C ASN M 286 -96.20 -93.15 -94.08
N GLN M 287 -97.11 -93.43 -93.14
CA GLN M 287 -96.78 -93.55 -91.72
C GLN M 287 -96.10 -92.29 -91.19
N ILE M 288 -96.57 -91.14 -91.65
CA ILE M 288 -96.03 -89.84 -91.25
C ILE M 288 -97.19 -88.93 -90.89
N TRP M 289 -97.05 -88.20 -89.77
CA TRP M 289 -98.09 -87.33 -89.26
C TRP M 289 -97.51 -85.97 -88.95
N THR M 290 -98.39 -84.97 -88.83
CA THR M 290 -97.99 -83.62 -88.51
C THR M 290 -98.91 -83.05 -87.44
N MET M 291 -98.42 -82.04 -86.74
CA MET M 291 -99.16 -81.37 -85.68
C MET M 291 -99.48 -79.95 -86.12
N SER M 292 -100.74 -79.55 -85.98
CA SER M 292 -101.20 -78.23 -86.40
C SER M 292 -102.00 -77.58 -85.29
N ASN M 293 -101.91 -76.25 -85.24
CA ASN M 293 -102.67 -75.50 -84.24
C ASN M 293 -104.14 -75.48 -84.61
N PRO M 294 -105.05 -75.84 -83.68
CA PRO M 294 -106.49 -75.83 -83.94
C PRO M 294 -107.03 -74.45 -84.30
N SER N 10 -77.17 -83.64 -60.34
CA SER N 10 -76.37 -84.85 -60.29
C SER N 10 -75.14 -84.66 -59.43
N LEU N 11 -74.53 -83.47 -59.52
CA LEU N 11 -73.33 -83.15 -58.76
C LEU N 11 -73.75 -82.52 -57.43
N ASN N 12 -74.18 -83.39 -56.52
CA ASN N 12 -74.65 -82.97 -55.21
C ASN N 12 -74.11 -83.92 -54.16
N ASP N 13 -73.41 -83.37 -53.17
CA ASP N 13 -72.89 -84.13 -52.03
C ASP N 13 -72.01 -85.29 -52.49
N LYS N 14 -70.92 -84.95 -53.15
CA LYS N 14 -69.98 -85.94 -53.65
C LYS N 14 -68.56 -85.45 -53.46
N ILE N 15 -67.62 -86.40 -53.43
CA ILE N 15 -66.21 -86.11 -53.26
C ILE N 15 -65.56 -86.00 -54.63
N VAL N 16 -64.82 -84.92 -54.87
CA VAL N 16 -64.27 -84.62 -56.18
C VAL N 16 -62.90 -83.97 -56.02
N THR N 17 -62.01 -84.27 -56.97
CA THR N 17 -60.70 -83.65 -57.04
C THR N 17 -60.63 -82.76 -58.27
N ILE N 18 -59.89 -81.67 -58.16
CA ILE N 18 -59.82 -80.63 -59.19
C ILE N 18 -58.43 -80.61 -59.79
N SER N 19 -58.35 -80.60 -61.11
CA SER N 19 -57.09 -80.55 -61.84
C SER N 19 -57.07 -79.34 -62.76
N CYS N 20 -55.87 -78.80 -62.96
CA CYS N 20 -55.70 -77.64 -63.83
C CYS N 20 -55.74 -78.04 -65.29
N LYS N 21 -56.38 -77.19 -66.11
CA LYS N 21 -56.45 -77.46 -67.53
C LYS N 21 -55.09 -77.34 -68.19
N ALA N 22 -54.31 -76.32 -67.82
CA ALA N 22 -52.99 -76.12 -68.42
C ALA N 22 -52.06 -77.29 -68.13
N ASN N 23 -52.05 -77.79 -66.90
CA ASN N 23 -51.23 -78.94 -66.54
C ASN N 23 -52.09 -79.90 -65.73
N THR N 24 -52.25 -81.11 -66.24
CA THR N 24 -53.06 -82.14 -65.58
C THR N 24 -52.29 -82.87 -64.48
N ASP N 25 -51.15 -82.34 -64.04
CA ASP N 25 -50.35 -82.94 -63.00
C ASP N 25 -50.66 -82.36 -61.62
N LEU N 26 -50.70 -81.04 -61.50
CA LEU N 26 -50.93 -80.38 -60.22
C LEU N 26 -52.42 -80.31 -59.92
N PHE N 27 -52.79 -80.63 -58.69
CA PHE N 27 -54.18 -80.58 -58.23
C PHE N 27 -54.27 -79.70 -56.99
N PHE N 28 -55.49 -79.48 -56.53
CA PHE N 28 -55.71 -78.71 -55.31
C PHE N 28 -55.18 -79.50 -54.11
N TYR N 29 -54.40 -78.84 -53.26
CA TYR N 29 -53.82 -79.47 -52.10
C TYR N 29 -54.04 -78.58 -50.88
N GLN N 30 -54.46 -79.18 -49.77
CA GLN N 30 -54.67 -78.47 -48.52
C GLN N 30 -53.49 -78.75 -47.60
N VAL N 31 -52.78 -77.71 -47.21
CA VAL N 31 -51.62 -77.86 -46.33
C VAL N 31 -52.12 -77.99 -44.89
N PRO N 32 -51.73 -79.03 -44.17
CA PRO N 32 -52.20 -79.20 -42.79
C PRO N 32 -51.68 -78.10 -41.88
N GLY N 33 -52.44 -77.83 -40.82
CA GLY N 33 -52.09 -76.79 -39.88
C GLY N 33 -52.70 -75.44 -40.24
N ASN N 34 -52.24 -74.86 -41.33
CA ASN N 34 -52.76 -73.58 -41.82
C ASN N 34 -54.00 -73.85 -42.67
N GLY N 35 -54.49 -72.81 -43.36
CA GLY N 35 -55.68 -72.96 -44.17
C GLY N 35 -55.50 -72.53 -45.61
N ASN N 36 -54.26 -72.52 -46.09
CA ASN N 36 -53.98 -72.13 -47.46
C ASN N 36 -54.10 -73.33 -48.40
N VAL N 37 -54.29 -73.03 -49.68
CA VAL N 37 -54.46 -74.02 -50.73
C VAL N 37 -53.35 -73.85 -51.74
N SER N 38 -52.78 -74.96 -52.19
CA SER N 38 -51.63 -74.95 -53.09
C SER N 38 -51.91 -75.78 -54.34
N LEU N 39 -51.24 -75.42 -55.42
CA LEU N 39 -51.29 -76.18 -56.67
C LEU N 39 -50.04 -77.04 -56.79
N PHE N 40 -49.94 -78.01 -55.90
CA PHE N 40 -48.80 -78.94 -55.86
C PHE N 40 -49.23 -80.20 -55.13
N GLN N 41 -48.25 -81.04 -54.78
CA GLN N 41 -48.48 -82.27 -54.03
C GLN N 41 -49.48 -83.17 -54.76
N GLN N 42 -49.03 -83.65 -55.93
CA GLN N 42 -49.87 -84.53 -56.75
C GLN N 42 -49.86 -85.96 -56.25
N THR N 43 -50.23 -86.16 -54.98
CA THR N 43 -50.32 -87.48 -54.39
C THR N 43 -51.80 -87.85 -54.20
N ARG N 44 -52.05 -88.98 -53.56
CA ARG N 44 -53.41 -89.49 -53.36
C ARG N 44 -53.66 -89.62 -51.87
N ASN N 45 -54.33 -88.62 -51.29
CA ASN N 45 -54.64 -88.63 -49.87
C ASN N 45 -55.87 -87.76 -49.63
N TYR N 46 -56.32 -87.74 -48.37
CA TYR N 46 -57.52 -87.02 -47.99
C TYR N 46 -57.38 -85.50 -48.07
N LEU N 47 -56.15 -84.97 -48.06
CA LEU N 47 -55.95 -83.53 -48.08
C LEU N 47 -56.36 -82.88 -49.40
N GLU N 48 -56.44 -83.65 -50.49
CA GLU N 48 -56.76 -83.11 -51.79
C GLU N 48 -58.21 -83.35 -52.21
N ARG N 49 -58.99 -84.02 -51.38
CA ARG N 49 -60.38 -84.30 -51.70
C ARG N 49 -61.28 -83.22 -51.12
N TRP N 50 -62.27 -82.80 -51.92
CA TRP N 50 -63.18 -81.74 -51.52
C TRP N 50 -64.61 -82.20 -51.70
N ARG N 51 -65.48 -81.77 -50.80
CA ARG N 51 -66.89 -82.14 -50.81
C ARG N 51 -67.70 -80.97 -51.36
N ILE N 52 -68.61 -81.27 -52.29
CA ILE N 52 -69.48 -80.27 -52.89
C ILE N 52 -70.79 -80.26 -52.11
N ILE N 53 -71.12 -79.12 -51.53
CA ILE N 53 -72.38 -78.93 -50.80
C ILE N 53 -73.18 -77.86 -51.53
N TYR N 54 -74.39 -78.20 -51.94
CA TYR N 54 -75.24 -77.29 -52.69
C TYR N 54 -76.30 -76.70 -51.77
N ASP N 55 -76.56 -75.41 -51.94
CA ASP N 55 -77.57 -74.69 -51.16
C ASP N 55 -78.57 -74.08 -52.14
N SER N 56 -79.72 -74.74 -52.29
CA SER N 56 -80.73 -74.24 -53.22
C SER N 56 -81.31 -72.91 -52.80
N ASN N 57 -81.22 -72.56 -51.51
CA ASN N 57 -81.72 -71.26 -51.07
C ASN N 57 -80.95 -70.11 -51.72
N LYS N 58 -79.63 -70.24 -51.79
CA LYS N 58 -78.79 -69.22 -52.41
C LYS N 58 -78.50 -69.52 -53.87
N ALA N 59 -78.96 -70.66 -54.39
CA ALA N 59 -78.75 -71.06 -55.78
C ALA N 59 -77.25 -71.06 -56.13
N ALA N 60 -76.44 -71.52 -55.19
CA ALA N 60 -75.00 -71.55 -55.37
C ALA N 60 -74.42 -72.72 -54.59
N TYR N 61 -73.21 -73.12 -54.98
CA TYR N 61 -72.52 -74.24 -54.38
C TYR N 61 -71.56 -73.76 -53.30
N LYS N 62 -70.83 -74.72 -52.72
CA LYS N 62 -69.81 -74.43 -51.73
C LYS N 62 -68.82 -75.59 -51.72
N ILE N 63 -67.64 -75.32 -51.18
CA ILE N 63 -66.55 -76.29 -51.13
C ILE N 63 -66.28 -76.64 -49.67
N LYS N 64 -66.13 -77.94 -49.40
CA LYS N 64 -65.92 -78.44 -48.04
C LYS N 64 -64.62 -79.24 -48.01
N SER N 65 -64.29 -79.71 -46.81
CA SER N 65 -63.13 -80.58 -46.60
C SER N 65 -63.41 -81.51 -45.44
N MET N 66 -62.74 -82.66 -45.44
CA MET N 66 -62.89 -83.68 -44.42
C MET N 66 -61.58 -83.92 -43.68
N ASN N 67 -60.83 -82.84 -43.43
CA ASN N 67 -59.62 -82.95 -42.63
C ASN N 67 -59.95 -83.41 -41.22
N ILE N 68 -59.22 -84.43 -40.75
CA ILE N 68 -59.46 -84.95 -39.40
C ILE N 68 -59.08 -83.93 -38.35
N TYR N 69 -57.98 -83.20 -38.57
CA TYR N 69 -57.56 -82.19 -37.61
C TYR N 69 -58.59 -81.07 -37.49
N ASN N 70 -59.14 -80.63 -38.61
CA ASN N 70 -60.14 -79.56 -38.62
C ASN N 70 -61.22 -79.93 -39.62
N THR N 71 -62.37 -80.39 -39.11
CA THR N 71 -63.47 -80.78 -39.99
C THR N 71 -64.09 -79.57 -40.67
N ASN N 72 -64.30 -78.48 -39.92
CA ASN N 72 -64.93 -77.28 -40.45
C ASN N 72 -63.88 -76.46 -41.20
N LEU N 73 -63.71 -76.76 -42.48
CA LEU N 73 -62.76 -76.06 -43.34
C LEU N 73 -63.38 -75.92 -44.72
N VAL N 74 -64.03 -74.80 -44.97
CA VAL N 74 -64.63 -74.50 -46.26
C VAL N 74 -63.72 -73.54 -47.01
N LEU N 75 -63.89 -73.51 -48.34
CA LEU N 75 -63.08 -72.66 -49.21
C LEU N 75 -63.82 -71.33 -49.31
N THR N 76 -63.27 -70.30 -48.68
CA THR N 76 -63.83 -68.96 -48.75
C THR N 76 -62.86 -68.03 -49.44
N TRP N 77 -63.19 -66.74 -49.50
CA TRP N 77 -62.35 -65.72 -50.13
C TRP N 77 -62.19 -64.51 -49.21
N ASN N 78 -61.10 -64.50 -48.43
CA ASN N 78 -60.87 -63.44 -47.46
C ASN N 78 -60.48 -62.15 -48.17
N ALA N 79 -61.09 -61.04 -47.74
CA ALA N 79 -60.74 -59.68 -48.14
C ALA N 79 -61.05 -59.42 -49.61
N PRO N 80 -61.23 -58.15 -50.01
CA PRO N 80 -61.40 -57.85 -51.44
C PRO N 80 -60.17 -58.14 -52.29
N THR N 81 -59.01 -58.39 -51.68
CA THR N 81 -57.81 -58.71 -52.41
C THR N 81 -57.89 -60.13 -52.95
N HIS N 82 -56.98 -60.48 -53.86
CA HIS N 82 -56.98 -61.78 -54.53
C HIS N 82 -56.30 -62.78 -53.61
N ASN N 83 -57.10 -63.60 -52.92
CA ASN N 83 -56.57 -64.65 -52.05
C ASN N 83 -57.58 -65.79 -52.00
N ILE N 84 -57.08 -66.97 -51.61
CA ILE N 84 -57.89 -68.18 -51.61
C ILE N 84 -57.83 -68.86 -50.25
N SER N 85 -57.65 -68.07 -49.19
CA SER N 85 -57.57 -68.63 -47.85
C SER N 85 -58.86 -69.35 -47.49
N ALA N 86 -58.72 -70.53 -46.87
CA ALA N 86 -59.84 -71.35 -46.48
C ALA N 86 -59.95 -71.39 -44.96
N GLN N 87 -61.08 -71.16 -44.43
CA GLN N 87 -61.25 -71.24 -42.97
C GLN N 87 -62.56 -71.91 -42.64
N GLN N 88 -63.06 -71.70 -41.42
CA GLN N 88 -64.21 -72.46 -40.96
C GLN N 88 -65.49 -71.92 -41.61
N ASP N 89 -66.51 -72.77 -41.61
CA ASP N 89 -67.79 -72.42 -42.21
C ASP N 89 -68.52 -71.37 -41.38
N SER N 90 -69.19 -70.44 -42.07
CA SER N 90 -69.98 -69.42 -41.41
C SER N 90 -71.34 -69.19 -42.08
N ASN N 91 -71.64 -69.88 -43.17
CA ASN N 91 -72.92 -69.76 -43.88
C ASN N 91 -73.17 -68.31 -44.32
N ALA N 92 -72.25 -67.81 -45.16
CA ALA N 92 -72.37 -66.46 -45.69
C ALA N 92 -72.22 -66.46 -47.20
N ASP N 93 -72.31 -65.27 -47.81
CA ASP N 93 -72.18 -65.15 -49.26
C ASP N 93 -70.73 -65.12 -49.72
N ASN N 94 -69.77 -65.07 -48.81
CA ASN N 94 -68.36 -65.04 -49.16
C ASN N 94 -67.85 -66.42 -49.59
N GLN N 95 -68.20 -67.47 -48.84
CA GLN N 95 -67.66 -68.80 -49.10
C GLN N 95 -68.45 -69.56 -50.17
N TYR N 96 -69.56 -69.02 -50.64
CA TYR N 96 -70.33 -69.68 -51.69
C TYR N 96 -69.67 -69.46 -53.05
N TRP N 97 -69.67 -70.50 -53.87
CA TRP N 97 -69.08 -70.43 -55.21
C TRP N 97 -70.07 -70.98 -56.22
N LEU N 98 -70.13 -70.35 -57.39
CA LEU N 98 -71.00 -70.76 -58.47
C LEU N 98 -70.18 -71.54 -59.50
N LEU N 99 -70.70 -72.69 -59.90
CA LEU N 99 -70.02 -73.59 -60.82
C LEU N 99 -70.70 -73.54 -62.18
N LEU N 100 -69.90 -73.38 -63.23
CA LEU N 100 -70.39 -73.33 -64.60
C LEU N 100 -69.70 -74.42 -65.40
N LYS N 101 -70.46 -75.39 -65.87
CA LYS N 101 -69.91 -76.49 -66.66
C LYS N 101 -69.93 -76.10 -68.13
N ASP N 102 -68.75 -75.95 -68.72
CA ASP N 102 -68.62 -75.64 -70.13
C ASP N 102 -68.56 -76.96 -70.91
N ILE N 103 -69.58 -77.19 -71.74
CA ILE N 103 -69.65 -78.41 -72.53
C ILE N 103 -68.51 -78.54 -73.52
N GLY N 104 -67.86 -77.45 -73.88
CA GLY N 104 -66.68 -77.51 -74.70
C GLY N 104 -65.54 -78.19 -73.94
N ASN N 105 -65.08 -79.33 -74.46
CA ASN N 105 -64.04 -80.16 -73.86
C ASN N 105 -64.27 -80.43 -72.37
N ASN N 106 -65.54 -80.35 -71.94
CA ASN N 106 -65.96 -80.74 -70.60
C ASN N 106 -65.11 -80.07 -69.51
N SER N 107 -65.19 -78.75 -69.45
CA SER N 107 -64.43 -77.98 -68.48
C SER N 107 -65.38 -77.38 -67.43
N PHE N 108 -64.79 -76.82 -66.38
CA PHE N 108 -65.55 -76.17 -65.33
C PHE N 108 -64.92 -74.83 -64.97
N ILE N 109 -65.78 -73.87 -64.62
CA ILE N 109 -65.35 -72.54 -64.23
C ILE N 109 -66.04 -72.20 -62.91
N ILE N 110 -65.25 -71.80 -61.92
CA ILE N 110 -65.75 -71.48 -60.59
C ILE N 110 -65.65 -69.98 -60.38
N ALA N 111 -66.77 -69.36 -59.97
CA ALA N 111 -66.82 -67.93 -59.75
C ALA N 111 -67.32 -67.63 -58.34
N SER N 112 -66.98 -66.45 -57.84
CA SER N 112 -67.42 -66.04 -56.52
C SER N 112 -68.90 -65.69 -56.53
N TYR N 113 -69.57 -65.98 -55.41
CA TYR N 113 -70.99 -65.65 -55.28
C TYR N 113 -71.22 -64.25 -54.74
N LYS N 114 -70.37 -63.80 -53.81
CA LYS N 114 -70.51 -62.45 -53.29
C LYS N 114 -70.32 -61.40 -54.38
N ASN N 115 -69.32 -61.58 -55.23
CA ASN N 115 -69.08 -60.71 -56.38
C ASN N 115 -68.94 -61.61 -57.60
N PRO N 116 -70.05 -61.88 -58.29
CA PRO N 116 -70.02 -62.76 -59.47
C PRO N 116 -69.48 -62.05 -60.71
N ASN N 117 -68.19 -61.68 -60.65
CA ASN N 117 -67.50 -61.10 -61.79
C ASN N 117 -66.10 -61.66 -61.99
N LEU N 118 -65.57 -62.44 -61.05
CA LEU N 118 -64.23 -62.99 -61.14
C LEU N 118 -64.28 -64.51 -61.02
N VAL N 119 -63.25 -65.16 -61.55
CA VAL N 119 -63.13 -66.61 -61.51
C VAL N 119 -61.75 -66.97 -60.98
N LEU N 120 -61.61 -68.24 -60.57
CA LEU N 120 -60.34 -68.73 -60.06
C LEU N 120 -59.29 -68.74 -61.16
N TYR N 121 -58.09 -68.24 -60.84
CA TYR N 121 -56.98 -68.14 -61.77
C TYR N 121 -55.75 -68.77 -61.15
N ALA N 122 -55.01 -69.51 -61.97
CA ALA N 122 -53.81 -70.21 -61.53
C ALA N 122 -52.58 -69.57 -62.16
N ASP N 123 -51.58 -69.28 -61.34
CA ASP N 123 -50.33 -68.71 -61.83
C ASP N 123 -49.30 -69.78 -62.19
N THR N 124 -49.38 -70.95 -61.56
CA THR N 124 -48.51 -72.10 -61.87
C THR N 124 -47.03 -71.74 -61.78
N VAL N 125 -46.69 -70.75 -60.96
CA VAL N 125 -45.31 -70.37 -60.75
C VAL N 125 -45.04 -70.31 -59.25
N ALA N 126 -46.11 -70.33 -58.46
CA ALA N 126 -45.99 -70.34 -57.01
C ALA N 126 -46.97 -71.31 -56.35
N ARG N 127 -47.71 -72.09 -57.14
CA ARG N 127 -48.65 -73.09 -56.62
C ARG N 127 -49.69 -72.46 -55.69
N ASN N 128 -50.50 -71.58 -56.26
CA ASN N 128 -51.58 -70.94 -55.52
C ASN N 128 -52.64 -70.47 -56.52
N LEU N 129 -53.76 -69.99 -55.97
CA LEU N 129 -54.88 -69.51 -56.77
C LEU N 129 -55.18 -68.07 -56.41
N LYS N 130 -55.80 -67.36 -57.35
CA LYS N 130 -56.23 -65.99 -57.13
C LYS N 130 -57.57 -65.79 -57.83
N LEU N 131 -58.08 -64.56 -57.78
CA LEU N 131 -59.31 -64.20 -58.47
C LEU N 131 -58.98 -63.24 -59.60
N SER N 132 -59.43 -63.58 -60.81
CA SER N 132 -59.12 -62.78 -61.98
C SER N 132 -60.35 -62.71 -62.89
N THR N 133 -60.38 -61.66 -63.72
CA THR N 133 -61.45 -61.52 -64.69
C THR N 133 -61.36 -62.62 -65.74
N LEU N 134 -62.51 -62.93 -66.35
CA LEU N 134 -62.58 -64.00 -67.33
C LEU N 134 -61.71 -63.67 -68.53
N ASN N 135 -60.92 -64.66 -68.97
CA ASN N 135 -60.02 -64.51 -70.10
C ASN N 135 -60.14 -65.73 -71.01
N ASN N 136 -59.25 -65.81 -71.99
CA ASN N 136 -59.25 -66.90 -72.96
C ASN N 136 -58.20 -67.96 -72.67
N SER N 137 -57.40 -67.80 -71.62
CA SER N 137 -56.37 -68.78 -71.31
C SER N 137 -56.97 -69.98 -70.57
N SER N 138 -56.17 -71.03 -70.44
CA SER N 138 -56.60 -72.26 -69.80
C SER N 138 -56.50 -72.21 -68.28
N TYR N 139 -55.92 -71.14 -67.72
CA TYR N 139 -55.77 -71.04 -66.27
C TYR N 139 -57.10 -70.81 -65.56
N ILE N 140 -58.15 -70.41 -66.28
CA ILE N 140 -59.45 -70.17 -65.65
C ILE N 140 -60.35 -71.39 -65.68
N LYS N 141 -60.01 -72.41 -66.45
CA LYS N 141 -60.82 -73.62 -66.56
C LYS N 141 -60.16 -74.75 -65.78
N PHE N 142 -60.96 -75.46 -65.00
CA PHE N 142 -60.48 -76.58 -64.19
C PHE N 142 -61.37 -77.79 -64.45
N ILE N 143 -60.77 -78.98 -64.38
CA ILE N 143 -61.49 -80.23 -64.61
C ILE N 143 -61.74 -80.88 -63.27
N ILE N 144 -63.01 -81.12 -62.94
CA ILE N 144 -63.40 -81.78 -61.70
C ILE N 144 -63.71 -83.23 -62.02
N GLU N 145 -63.20 -84.14 -61.20
CA GLU N 145 -63.39 -85.56 -61.43
C GLU N 145 -63.66 -86.28 -60.12
N ASP N 146 -64.52 -87.30 -60.17
CA ASP N 146 -64.84 -88.07 -58.98
C ASP N 146 -63.56 -88.64 -58.38
N TYR N 147 -63.46 -88.58 -57.05
CA TYR N 147 -62.24 -88.98 -56.36
C TYR N 147 -61.95 -90.47 -56.55
N VAL N 148 -62.96 -91.29 -56.86
CA VAL N 148 -62.75 -92.71 -57.08
C VAL N 148 -62.28 -92.99 -58.50
N ILE N 149 -62.23 -91.99 -59.37
CA ILE N 149 -61.84 -92.17 -60.76
C ILE N 149 -60.51 -91.49 -61.07
N SER N 150 -60.29 -90.29 -60.53
CA SER N 150 -59.11 -89.52 -60.91
C SER N 150 -57.82 -90.22 -60.49
N ASP N 151 -57.78 -90.77 -59.28
CA ASP N 151 -56.57 -91.41 -58.80
C ASP N 151 -56.30 -92.77 -59.44
N PHE N 152 -57.33 -93.46 -59.91
CA PHE N 152 -57.17 -94.76 -60.55
C PHE N 152 -57.10 -94.67 -62.06
N LYS N 153 -57.05 -93.46 -62.62
CA LYS N 153 -56.98 -93.32 -64.07
C LYS N 153 -55.68 -93.90 -64.62
N ASN N 154 -54.55 -93.62 -63.95
CA ASN N 154 -53.25 -94.14 -64.37
C ASN N 154 -52.45 -94.59 -63.16
N PHE N 155 -53.11 -95.24 -62.21
CA PHE N 155 -52.44 -95.71 -61.01
C PHE N 155 -51.55 -96.92 -61.32
N THR N 156 -50.52 -97.10 -60.50
CA THR N 156 -49.60 -98.22 -60.65
C THR N 156 -49.35 -98.90 -59.32
N ARG N 158 -50.28 -101.28 -56.34
CA ARG N 158 -50.27 -102.59 -55.69
C ARG N 158 -51.51 -102.77 -54.82
N ILE N 159 -51.97 -104.01 -54.70
CA ILE N 159 -53.15 -104.35 -53.93
C ILE N 159 -52.72 -105.21 -52.73
N SER N 160 -53.16 -104.81 -51.55
CA SER N 160 -52.82 -105.47 -50.29
C SER N 160 -54.09 -105.75 -49.51
N PRO N 161 -54.09 -106.78 -48.66
CA PRO N 161 -55.28 -107.13 -47.88
C PRO N 161 -55.37 -106.28 -46.61
N ILE N 162 -56.40 -106.58 -45.82
CA ILE N 162 -56.64 -105.87 -44.56
C ILE N 162 -55.91 -106.57 -43.43
N GLY N 165 -52.18 -108.08 -44.44
CA GLY N 165 -51.93 -106.67 -44.63
C GLY N 165 -50.71 -106.39 -45.50
N GLY N 166 -49.62 -107.08 -45.20
CA GLY N 166 -48.38 -106.94 -45.93
C GLY N 166 -48.29 -107.76 -47.20
N LYS N 167 -49.34 -108.47 -47.56
CA LYS N 167 -49.33 -109.32 -48.74
C LYS N 167 -49.68 -108.51 -49.99
N VAL N 168 -49.50 -109.15 -51.15
CA VAL N 168 -49.80 -108.54 -52.44
C VAL N 168 -50.12 -109.66 -53.42
N VAL N 169 -51.08 -109.40 -54.30
CA VAL N 169 -51.51 -110.38 -55.30
C VAL N 169 -50.66 -110.23 -56.54
N GLN N 170 -50.45 -111.34 -57.24
CA GLN N 170 -49.63 -111.36 -58.44
C GLN N 170 -50.07 -112.52 -59.33
N GLN N 171 -49.68 -112.44 -60.61
CA GLN N 171 -50.06 -113.42 -61.61
C GLN N 171 -48.92 -114.42 -61.79
N VAL N 172 -48.81 -115.33 -60.82
CA VAL N 172 -47.80 -116.38 -60.69
C VAL N 172 -46.46 -116.01 -61.34
N SER N 173 -46.32 -116.28 -62.64
CA SER N 173 -45.10 -115.97 -63.37
C SER N 173 -45.48 -115.57 -64.79
N MET N 174 -44.47 -115.40 -65.64
CA MET N 174 -44.70 -115.03 -67.04
C MET N 174 -45.10 -116.21 -67.90
N THR N 175 -44.93 -117.44 -67.43
CA THR N 175 -45.28 -118.61 -68.22
C THR N 175 -46.79 -118.84 -68.23
N ASN N 176 -47.38 -119.01 -67.05
CA ASN N 176 -48.81 -119.22 -66.91
C ASN N 176 -49.48 -117.98 -66.34
N LEU N 177 -50.78 -117.85 -66.57
CA LEU N 177 -51.56 -116.72 -66.10
C LEU N 177 -52.55 -117.22 -65.05
N ALA N 178 -52.37 -116.76 -63.82
CA ALA N 178 -53.24 -117.14 -62.71
C ALA N 178 -53.25 -115.98 -61.71
N VAL N 179 -53.70 -116.25 -60.49
CA VAL N 179 -53.68 -115.26 -59.42
C VAL N 179 -53.23 -115.95 -58.14
N ASN N 180 -52.44 -115.24 -57.34
CA ASN N 180 -51.91 -115.78 -56.09
C ASN N 180 -51.76 -114.64 -55.09
N LEU N 181 -51.02 -114.89 -54.02
CA LEU N 181 -50.84 -113.90 -52.96
C LEU N 181 -49.51 -114.17 -52.27
N TYR N 182 -48.51 -113.34 -52.56
CA TYR N 182 -47.17 -113.48 -52.01
C TYR N 182 -46.80 -112.23 -51.21
N ILE N 183 -45.54 -112.17 -50.79
CA ILE N 183 -45.04 -111.04 -50.00
C ILE N 183 -44.59 -109.93 -50.94
N TRP N 184 -44.37 -108.73 -50.39
CA TRP N 184 -43.83 -107.62 -51.17
C TRP N 184 -42.39 -107.94 -51.56
N ASN N 185 -42.13 -107.96 -52.87
CA ASN N 185 -40.78 -108.25 -53.35
C ASN N 185 -40.37 -107.38 -54.52
N ASN N 186 -41.20 -106.43 -54.95
CA ASN N 186 -40.90 -105.50 -56.02
C ASN N 186 -40.50 -106.24 -57.30
N ASP N 187 -41.43 -107.02 -57.82
CA ASP N 187 -41.23 -107.78 -59.04
C ASP N 187 -42.17 -107.25 -60.14
N LEU N 188 -41.90 -107.69 -61.37
CA LEU N 188 -42.72 -107.25 -62.50
C LEU N 188 -44.14 -107.78 -62.40
N ASN N 189 -44.33 -108.97 -61.82
CA ASN N 189 -45.66 -109.53 -61.63
C ASN N 189 -46.44 -108.85 -60.52
N GLN N 190 -45.80 -108.05 -59.68
CA GLN N 190 -46.45 -107.34 -58.59
C GLN N 190 -46.89 -105.94 -58.97
N LYS N 191 -46.65 -105.50 -60.20
CA LYS N 191 -47.03 -104.17 -60.66
C LYS N 191 -48.29 -104.26 -61.50
N TRP N 192 -49.31 -103.49 -61.12
CA TRP N 192 -50.58 -103.47 -61.82
C TRP N 192 -50.91 -102.04 -62.22
N THR N 193 -51.25 -101.86 -63.49
CA THR N 193 -51.64 -100.55 -64.02
C THR N 193 -53.14 -100.54 -64.26
N ILE N 194 -53.84 -99.58 -63.66
CA ILE N 194 -55.29 -99.46 -63.75
C ILE N 194 -55.62 -98.27 -64.64
N ILE N 195 -56.45 -98.51 -65.66
CA ILE N 195 -56.88 -97.48 -66.59
C ILE N 195 -58.40 -97.50 -66.68
N TYR N 196 -59.00 -96.31 -66.71
CA TYR N 196 -60.45 -96.17 -66.79
C TYR N 196 -60.83 -95.83 -68.22
N ASN N 197 -61.81 -96.57 -68.75
CA ASN N 197 -62.36 -96.33 -70.08
C ASN N 197 -63.75 -95.75 -69.93
N GLU N 198 -64.00 -94.63 -70.61
CA GLU N 198 -65.31 -93.98 -70.59
C GLU N 198 -66.26 -94.56 -71.62
N GLU N 199 -65.75 -95.30 -72.60
CA GLU N 199 -66.64 -95.95 -73.57
C GLU N 199 -67.55 -96.98 -72.89
N LYS N 200 -66.98 -97.77 -71.98
CA LYS N 200 -67.75 -98.69 -71.16
C LYS N 200 -67.91 -98.19 -69.73
N ALA N 201 -67.29 -97.07 -69.38
CA ALA N 201 -67.35 -96.48 -68.04
C ALA N 201 -66.94 -97.49 -66.97
N ALA N 202 -65.74 -98.05 -67.14
CA ALA N 202 -65.26 -99.07 -66.22
C ALA N 202 -63.74 -99.03 -66.15
N TYR N 203 -63.21 -99.56 -65.05
CA TYR N 203 -61.78 -99.59 -64.82
C TYR N 203 -61.24 -101.00 -65.06
N GLN N 204 -60.08 -101.08 -65.71
CA GLN N 204 -59.43 -102.35 -65.99
C GLN N 204 -57.97 -102.27 -65.58
N PHE N 205 -57.49 -103.32 -64.92
CA PHE N 205 -56.11 -103.39 -64.45
C PHE N 205 -55.36 -104.49 -65.19
N PHE N 206 -54.14 -104.19 -65.60
CA PHE N 206 -53.28 -105.13 -66.30
C PHE N 206 -51.97 -105.30 -65.54
N ASN N 207 -51.50 -106.54 -65.46
CA ASN N 207 -50.22 -106.84 -64.83
C ASN N 207 -49.07 -106.46 -65.74
N LYS N 208 -48.01 -105.94 -65.14
CA LYS N 208 -46.82 -105.51 -65.88
C LYS N 208 -45.87 -106.70 -66.10
N ILE N 209 -46.39 -107.71 -66.78
CA ILE N 209 -45.62 -108.92 -67.07
C ILE N 209 -45.72 -109.23 -68.56
N LEU N 210 -46.64 -108.57 -69.24
CA LEU N 210 -46.83 -108.76 -70.68
C LEU N 210 -47.55 -107.54 -71.23
N SER N 211 -47.81 -107.56 -72.54
CA SER N 211 -48.50 -106.46 -73.20
C SER N 211 -49.99 -106.45 -72.84
N VAL N 214 -55.74 -108.15 -68.92
CA VAL N 214 -57.14 -107.92 -68.57
C VAL N 214 -57.68 -109.09 -67.74
N LEU N 215 -57.91 -108.84 -66.46
CA LEU N 215 -58.42 -109.86 -65.57
C LEU N 215 -59.88 -110.18 -65.91
N THR N 216 -60.18 -111.47 -66.08
CA THR N 216 -61.52 -111.93 -66.42
C THR N 216 -61.97 -112.96 -65.39
N TRP N 217 -63.20 -112.81 -64.92
CA TRP N 217 -63.77 -113.75 -63.96
C TRP N 217 -65.29 -113.72 -64.08
N ILE N 218 -65.92 -114.77 -63.55
CA ILE N 218 -67.37 -114.93 -63.56
C ILE N 218 -67.89 -114.82 -64.99
N PHE N 219 -67.64 -115.85 -65.79
CA PHE N 219 -68.07 -115.86 -67.18
C PHE N 219 -68.22 -117.30 -67.69
N ASP N 221 -66.37 -120.88 -65.59
CA ASP N 221 -66.37 -122.10 -64.80
C ASP N 221 -66.12 -121.80 -63.32
N GLY N 222 -66.90 -120.87 -62.78
CA GLY N 222 -66.76 -120.47 -61.39
C GLY N 222 -65.99 -119.16 -61.27
N ASN N 223 -64.93 -119.17 -60.47
CA ASN N 223 -64.10 -117.97 -60.32
C ASN N 223 -63.22 -117.76 -61.54
N THR N 224 -62.33 -118.71 -61.81
CA THR N 224 -61.44 -118.68 -62.98
C THR N 224 -60.74 -117.34 -63.13
N VAL N 225 -60.25 -116.81 -62.02
CA VAL N 225 -59.60 -115.49 -62.02
C VAL N 225 -58.23 -115.63 -62.66
N ARG N 226 -58.04 -115.00 -63.81
CA ARG N 226 -56.78 -115.04 -64.53
C ARG N 226 -56.70 -113.83 -65.45
N VAL N 227 -55.54 -113.65 -66.07
CA VAL N 227 -55.28 -112.53 -66.96
C VAL N 227 -55.36 -113.04 -68.40
N SER N 228 -56.18 -112.38 -69.21
CA SER N 228 -56.34 -112.76 -70.61
C SER N 228 -55.42 -111.95 -71.51
N GLN N 232 -60.51 -107.90 -76.30
CA GLN N 232 -61.40 -108.91 -75.77
C GLN N 232 -62.86 -108.48 -75.91
N ASN N 233 -63.13 -107.24 -75.49
CA ASN N 233 -64.48 -106.65 -75.54
C ASN N 233 -65.48 -107.53 -74.80
N ASN N 234 -65.07 -108.03 -73.63
CA ASN N 234 -65.91 -108.88 -72.80
C ASN N 234 -66.27 -108.17 -71.51
N ASP N 235 -67.51 -108.39 -71.05
CA ASP N 235 -67.96 -107.75 -69.82
C ASP N 235 -67.27 -108.31 -68.58
N ALA N 236 -66.61 -109.46 -68.70
CA ALA N 236 -65.87 -110.03 -67.57
C ALA N 236 -64.52 -109.36 -67.35
N GLN N 237 -64.07 -108.54 -68.30
CA GLN N 237 -62.79 -107.85 -68.19
C GLN N 237 -62.95 -106.43 -67.65
N TYR N 238 -64.14 -106.06 -67.20
CA TYR N 238 -64.42 -104.74 -66.66
C TYR N 238 -64.80 -104.86 -65.20
N TRP N 239 -64.22 -103.99 -64.37
CA TRP N 239 -64.45 -103.99 -62.93
C TRP N 239 -64.73 -102.57 -62.46
N LEU N 240 -65.49 -102.47 -61.36
CA LEU N 240 -65.84 -101.19 -60.77
C LEU N 240 -65.42 -101.20 -59.31
N ILE N 241 -64.75 -100.14 -58.87
CA ILE N 241 -64.30 -99.98 -57.50
C ILE N 241 -65.29 -99.06 -56.79
N ASN N 242 -65.91 -99.57 -55.72
CA ASN N 242 -66.92 -98.85 -54.98
C ASN N 242 -66.51 -98.72 -53.52
N PRO N 243 -66.54 -97.52 -52.95
CA PRO N 243 -66.17 -97.35 -51.54
C PRO N 243 -67.14 -98.06 -50.62
N VAL N 244 -66.62 -98.50 -49.48
CA VAL N 244 -67.44 -99.18 -48.47
C VAL N 244 -68.13 -98.17 -47.58
N ASN N 247 -64.33 -96.44 -43.21
CA ASN N 247 -63.37 -95.45 -43.67
C ASN N 247 -63.48 -95.23 -45.17
N TYR N 248 -62.80 -94.21 -45.67
CA TYR N 248 -62.81 -93.86 -47.08
C TYR N 248 -61.56 -94.35 -47.81
N ASP N 249 -60.74 -95.17 -47.17
CA ASP N 249 -59.53 -95.71 -47.78
C ASP N 249 -59.66 -97.17 -48.18
N ARG N 250 -60.80 -97.80 -47.90
CA ARG N 250 -61.04 -99.20 -48.24
C ARG N 250 -62.26 -99.29 -49.14
N TYR N 251 -62.11 -99.97 -50.28
CA TYR N 251 -63.20 -100.14 -51.23
C TYR N 251 -63.31 -101.61 -51.61
N THR N 252 -64.29 -101.91 -52.46
CA THR N 252 -64.52 -103.26 -52.95
C THR N 252 -64.61 -103.24 -54.48
N ILE N 253 -64.39 -104.40 -55.08
CA ILE N 253 -64.36 -104.54 -56.54
C ILE N 253 -65.53 -105.42 -56.97
N THR N 254 -66.29 -104.95 -57.96
CA THR N 254 -67.44 -105.68 -58.48
C THR N 254 -67.34 -105.80 -59.99
N ASN N 255 -67.65 -106.98 -60.51
CA ASN N 255 -67.63 -107.20 -61.94
C ASN N 255 -68.77 -106.47 -62.61
N LEU N 256 -68.53 -106.04 -63.85
CA LEU N 256 -69.55 -105.31 -64.61
C LEU N 256 -70.76 -106.19 -64.90
N ARG N 257 -70.52 -107.38 -65.43
CA ARG N 257 -71.61 -108.32 -65.69
C ARG N 257 -71.99 -109.05 -64.41
N ASP N 258 -73.29 -109.16 -64.15
CA ASP N 258 -73.80 -109.79 -62.94
C ASP N 258 -73.24 -109.09 -61.69
N LYS N 259 -73.66 -107.84 -61.51
CA LYS N 259 -73.14 -106.97 -60.45
C LYS N 259 -73.78 -107.33 -59.11
N THR N 260 -73.53 -108.57 -58.68
CA THR N 260 -73.91 -109.03 -57.36
C THR N 260 -72.80 -109.84 -56.70
N LYS N 261 -71.69 -110.08 -57.39
CA LYS N 261 -70.56 -110.84 -56.87
C LYS N 261 -69.37 -109.91 -56.70
N VAL N 262 -68.80 -109.89 -55.50
CA VAL N 262 -67.66 -109.05 -55.20
C VAL N 262 -66.42 -109.93 -55.09
N LEU N 263 -65.25 -109.30 -55.09
CA LEU N 263 -63.98 -110.00 -54.95
C LEU N 263 -63.74 -110.32 -53.49
N ASP N 264 -63.77 -111.62 -53.16
CA ASP N 264 -63.58 -112.08 -51.79
C ASP N 264 -62.52 -113.17 -51.77
N LEU N 265 -62.30 -113.75 -50.60
CA LEU N 265 -61.30 -114.79 -50.40
C LEU N 265 -62.00 -116.10 -50.03
N TYR N 266 -61.46 -117.20 -50.53
CA TYR N 266 -61.99 -118.53 -50.22
C TYR N 266 -61.45 -118.97 -48.88
N GLY N 267 -62.24 -118.77 -47.83
CA GLY N 267 -61.86 -119.12 -46.47
C GLY N 267 -61.32 -117.96 -45.66
N GLY N 268 -60.90 -116.87 -46.31
CA GLY N 268 -60.38 -115.73 -45.58
C GLY N 268 -59.11 -116.00 -44.80
N GLN N 269 -58.18 -116.72 -45.39
CA GLN N 269 -56.91 -117.06 -44.76
C GLN N 269 -55.75 -116.44 -45.53
N THR N 270 -54.64 -116.25 -44.84
CA THR N 270 -53.43 -115.65 -45.42
C THR N 270 -52.35 -116.73 -45.52
N ALA N 271 -51.81 -116.90 -46.72
CA ALA N 271 -50.76 -117.88 -46.97
C ALA N 271 -50.00 -117.45 -48.22
N ASP N 272 -49.03 -118.27 -48.63
CA ASP N 272 -48.23 -118.01 -49.83
C ASP N 272 -48.88 -118.76 -50.99
N GLY N 273 -49.74 -118.06 -51.73
CA GLY N 273 -50.43 -118.66 -52.85
C GLY N 273 -51.91 -118.87 -52.60
N THR N 274 -52.49 -118.03 -51.74
CA THR N 274 -53.91 -118.13 -51.42
C THR N 274 -54.75 -117.85 -52.67
N THR N 275 -55.73 -118.72 -52.92
CA THR N 275 -56.60 -118.58 -54.08
C THR N 275 -57.68 -117.55 -53.79
N ILE N 276 -57.86 -116.61 -54.70
CA ILE N 276 -58.88 -115.57 -54.56
C ILE N 276 -60.10 -115.97 -55.37
N GLN N 277 -61.24 -116.07 -54.69
CA GLN N 277 -62.49 -116.50 -55.30
C GLN N 277 -63.37 -115.29 -55.58
N VAL N 278 -64.63 -115.55 -55.97
CA VAL N 278 -65.59 -114.52 -56.29
C VAL N 278 -66.85 -114.76 -55.47
N PHE N 279 -67.87 -113.96 -55.73
CA PHE N 279 -69.17 -114.02 -55.04
C PHE N 279 -68.93 -113.70 -53.56
N ASN N 280 -69.69 -114.35 -52.67
CA ASN N 280 -69.64 -114.09 -51.23
C ASN N 280 -69.92 -112.63 -50.93
N SER N 281 -71.13 -112.20 -51.29
CA SER N 281 -71.56 -110.81 -51.12
C SER N 281 -72.10 -110.63 -49.70
N ASN N 282 -71.18 -110.70 -48.74
CA ASN N 282 -71.51 -110.52 -47.33
C ASN N 282 -70.86 -109.30 -46.70
N GLY N 283 -69.93 -108.65 -47.40
CA GLY N 283 -69.28 -107.47 -46.85
C GLY N 283 -68.26 -107.76 -45.77
N GLY N 284 -67.73 -108.98 -45.72
CA GLY N 284 -66.76 -109.34 -44.71
C GLY N 284 -65.37 -108.79 -45.01
N ASP N 285 -64.49 -108.97 -44.02
CA ASP N 285 -63.12 -108.49 -44.15
C ASP N 285 -62.38 -109.19 -45.29
N ASN N 286 -62.71 -110.44 -45.56
CA ASN N 286 -62.08 -111.16 -46.66
C ASN N 286 -62.44 -110.58 -48.02
N GLN N 287 -63.56 -109.85 -48.12
CA GLN N 287 -63.97 -109.23 -49.36
C GLN N 287 -63.49 -107.78 -49.49
N ILE N 288 -62.81 -107.26 -48.47
CA ILE N 288 -62.31 -105.88 -48.50
C ILE N 288 -60.88 -105.88 -49.03
N TRP N 289 -60.61 -104.98 -49.98
CA TRP N 289 -59.31 -104.89 -50.63
C TRP N 289 -58.77 -103.48 -50.41
N THR N 290 -57.46 -103.39 -50.13
CA THR N 290 -56.80 -102.10 -50.00
C THR N 290 -55.79 -101.95 -51.12
N MET N 291 -55.48 -100.70 -51.45
CA MET N 291 -54.55 -100.39 -52.53
C MET N 291 -53.54 -99.35 -52.06
N SER N 292 -52.27 -99.57 -52.40
CA SER N 292 -51.19 -98.67 -52.03
C SER N 292 -50.05 -98.87 -53.01
N ASN N 293 -48.87 -98.32 -52.67
CA ASN N 293 -47.63 -98.41 -53.43
C ASN N 293 -47.73 -97.63 -54.74
N PRO N 294 -46.76 -96.76 -55.04
CA PRO N 294 -46.76 -95.97 -56.28
C PRO N 294 -46.49 -96.83 -57.51
#